data_6YFR
#
_entry.id   6YFR
#
_cell.length_a   161.917
_cell.length_b   162.066
_cell.length_c   162.976
_cell.angle_alpha   71.160
_cell.angle_beta   66.670
_cell.angle_gamma   66.830
#
_symmetry.space_group_name_H-M   'P 1'
#
_entity_poly.entity_id   1
_entity_poly.type   'polypeptide(L)'
_entity_poly.pdbx_seq_one_letter_code
;ASLPVTQYSPPVTPLGKSTWNVTGSTNPPGLVPQVVQTESINARKSNIMSKISVYYYIPSTNSVSCCTEWDTIRCEFSLT
LLQLSSNTDVAARTVDVLDTMISFLAKRRNSILAGNLLLPDNP
;
_entity_poly.pdbx_strand_id   AA,AB,AC,AD,AE,AF,AG,AH,AI,AJ,AK,AL,AM,AN,AO,AP,AQ,AR,AS,AT,AU,AV,AW,AX,AY,AZ,BA,BB,BC,BD,BE,BF,BG,BH,BI,BJ,BK,BL,BM,BN,BO,BP,BQ,BR,BS,BT,BU,BV,BW,BX,BY,BZ,CA,CB,CC,CD,CE,CF,CG,CH
#
# COMPACT_ATOMS: atom_id res chain seq x y z
N ALA A 1 19.02 82.33 15.66
CA ALA A 1 19.05 82.68 17.07
C ALA A 1 19.13 81.43 17.94
N SER A 2 20.16 81.36 18.77
CA SER A 2 20.27 80.27 19.73
C SER A 2 19.04 80.25 20.62
N LEU A 3 18.44 79.07 20.77
CA LEU A 3 17.22 78.96 21.56
C LEU A 3 17.56 78.97 23.05
N PRO A 4 16.71 79.58 23.89
CA PRO A 4 16.94 79.55 25.33
C PRO A 4 16.56 78.20 25.92
N VAL A 5 17.41 77.69 26.81
CA VAL A 5 17.24 76.35 27.36
C VAL A 5 17.45 76.38 28.86
N THR A 6 16.78 75.44 29.54
CA THR A 6 17.07 75.13 30.94
C THR A 6 17.22 73.62 31.06
N GLN A 7 18.16 73.19 31.91
CA GLN A 7 18.45 71.78 32.06
C GLN A 7 17.27 71.07 32.74
N TYR A 8 16.65 70.14 32.02
CA TYR A 8 15.53 69.36 32.52
C TYR A 8 15.98 68.09 33.22
N SER A 9 16.72 67.22 32.53
CA SER A 9 17.30 66.05 33.17
C SER A 9 18.81 66.23 33.27
N PRO A 10 19.36 66.40 34.47
CA PRO A 10 20.78 66.75 34.59
C PRO A 10 21.66 65.54 34.41
N PRO A 11 22.95 65.73 34.17
CA PRO A 11 23.85 64.58 34.01
C PRO A 11 24.01 63.83 35.32
N VAL A 12 24.03 62.52 35.21
CA VAL A 12 24.06 61.62 36.35
C VAL A 12 25.41 60.92 36.47
N THR A 13 25.86 60.31 35.38
CA THR A 13 27.13 59.62 35.27
C THR A 13 27.84 60.11 34.02
N PRO A 14 29.16 59.89 33.92
CA PRO A 14 29.88 60.31 32.70
C PRO A 14 29.26 59.80 31.41
N LEU A 15 28.73 58.58 31.41
CA LEU A 15 28.02 58.05 30.26
C LEU A 15 26.52 58.15 30.50
N GLY A 16 25.77 58.21 29.40
CA GLY A 16 24.32 58.32 29.48
C GLY A 16 23.77 59.48 28.68
N LYS A 17 22.70 60.09 29.20
CA LYS A 17 22.01 61.18 28.51
C LYS A 17 21.77 62.34 29.48
N SER A 18 21.84 63.56 28.93
CA SER A 18 21.44 64.77 29.62
C SER A 18 20.54 65.55 28.68
N THR A 19 19.49 66.17 29.21
CA THR A 19 18.51 66.87 28.37
C THR A 19 18.23 68.26 28.89
N TRP A 20 18.15 69.21 27.95
CA TRP A 20 17.70 70.56 28.18
C TRP A 20 16.38 70.78 27.45
N ASN A 21 15.48 71.54 28.07
CA ASN A 21 14.23 71.94 27.43
C ASN A 21 14.33 73.38 26.96
N VAL A 22 13.75 73.65 25.80
CA VAL A 22 13.65 74.99 25.27
C VAL A 22 12.54 75.73 26.01
N THR A 23 12.87 76.87 26.60
CA THR A 23 11.92 77.61 27.41
C THR A 23 11.04 78.50 26.53
N GLY A 24 9.84 78.78 27.02
CA GLY A 24 8.93 79.68 26.33
C GLY A 24 8.19 79.06 25.17
N SER A 25 8.13 77.74 25.07
CA SER A 25 7.45 77.10 23.96
C SER A 25 5.94 77.13 24.18
N THR A 26 5.20 77.19 23.08
CA THR A 26 3.74 77.26 23.14
C THR A 26 3.06 75.92 22.96
N ASN A 27 3.75 74.92 22.40
CA ASN A 27 3.15 73.62 22.15
C ASN A 27 3.02 72.84 23.45
N PRO A 28 2.22 71.78 23.47
CA PRO A 28 2.03 71.00 24.71
C PRO A 28 3.34 70.48 25.25
N PRO A 29 3.39 70.13 26.54
CA PRO A 29 4.69 69.81 27.16
C PRO A 29 5.40 68.63 26.53
N GLY A 30 4.67 67.58 26.17
CA GLY A 30 5.29 66.43 25.52
C GLY A 30 5.95 66.77 24.20
N LEU A 31 5.64 67.94 23.63
CA LEU A 31 6.24 68.41 22.40
C LEU A 31 7.15 69.61 22.62
N VAL A 32 7.64 69.81 23.84
CA VAL A 32 8.59 70.90 24.09
C VAL A 32 9.89 70.59 23.35
N PRO A 33 10.45 71.53 22.59
CA PRO A 33 11.73 71.27 21.91
C PRO A 33 12.81 70.91 22.91
N GLN A 34 13.66 69.96 22.53
CA GLN A 34 14.66 69.42 23.44
C GLN A 34 16.04 69.42 22.80
N VAL A 35 17.06 69.51 23.66
CA VAL A 35 18.45 69.27 23.29
C VAL A 35 18.98 68.15 24.18
N VAL A 36 19.53 67.12 23.56
CA VAL A 36 19.98 65.92 24.27
C VAL A 36 21.46 65.71 23.97
N GLN A 37 22.26 65.62 25.02
CA GLN A 37 23.65 65.21 24.89
C GLN A 37 23.80 63.77 25.36
N THR A 38 24.47 62.95 24.56
CA THR A 38 24.64 61.53 24.82
C THR A 38 26.13 61.20 24.83
N GLU A 39 26.55 60.40 25.81
CA GLU A 39 27.91 59.88 25.85
C GLU A 39 27.82 58.37 26.02
N SER A 40 28.11 57.63 24.96
CA SER A 40 27.86 56.19 24.98
C SER A 40 29.10 55.41 24.54
N ILE A 41 29.28 54.22 25.11
CA ILE A 41 30.43 53.38 24.76
C ILE A 41 30.02 52.40 23.67
N ASN A 42 30.97 52.08 22.81
CA ASN A 42 30.76 51.08 21.78
C ASN A 42 30.70 49.69 22.40
N ALA A 43 30.19 48.74 21.63
CA ALA A 43 30.12 47.35 22.10
C ALA A 43 31.50 46.81 22.42
N ARG A 44 32.44 46.92 21.48
CA ARG A 44 33.80 46.48 21.71
C ARG A 44 34.60 47.45 22.58
N LYS A 45 33.97 48.52 23.07
CA LYS A 45 34.63 49.52 23.92
C LYS A 45 35.83 50.16 23.23
N SER A 46 35.76 50.28 21.91
CA SER A 46 36.82 50.97 21.17
C SER A 46 36.58 52.46 21.06
N ASN A 47 35.32 52.88 20.93
CA ASN A 47 34.97 54.28 20.78
C ASN A 47 34.01 54.71 21.87
N ILE A 48 34.11 55.98 22.25
CA ILE A 48 33.02 56.66 22.96
C ILE A 48 32.41 57.65 21.98
N MET A 49 31.10 57.55 21.79
CA MET A 49 30.37 58.46 20.92
C MET A 49 29.85 59.62 21.77
N SER A 50 30.23 60.85 21.39
CA SER A 50 29.68 62.07 21.96
C SER A 50 28.68 62.62 20.95
N LYS A 51 27.42 62.75 21.37
CA LYS A 51 26.36 63.18 20.48
C LYS A 51 25.61 64.37 21.07
N ILE A 52 25.18 65.27 20.19
CA ILE A 52 24.25 66.34 20.52
C ILE A 52 23.09 66.27 19.53
N SER A 53 21.87 66.37 20.03
CA SER A 53 20.68 66.25 19.20
C SER A 53 19.69 67.35 19.57
N VAL A 54 19.23 68.09 18.57
CA VAL A 54 18.23 69.13 18.76
C VAL A 54 16.97 68.67 18.04
N TYR A 55 15.91 68.44 18.80
CA TYR A 55 14.59 68.08 18.28
C TYR A 55 13.67 69.27 18.50
N TYR A 56 13.25 69.91 17.42
CA TYR A 56 12.30 71.02 17.48
C TYR A 56 11.00 70.57 16.84
N TYR A 57 9.95 70.43 17.64
CA TYR A 57 8.66 69.97 17.16
C TYR A 57 7.84 71.17 16.72
N ILE A 58 7.43 71.17 15.45
CA ILE A 58 6.76 72.32 14.84
C ILE A 58 5.48 71.83 14.16
N PRO A 59 4.37 72.53 14.32
CA PRO A 59 3.13 72.08 13.65
C PRO A 59 3.20 72.29 12.15
N SER A 60 2.53 71.38 11.42
CA SER A 60 2.58 71.40 9.97
C SER A 60 1.88 72.61 9.37
N THR A 61 1.03 73.29 10.14
CA THR A 61 0.30 74.45 9.67
C THR A 61 0.54 75.62 10.62
N ASN A 62 0.24 76.83 10.13
CA ASN A 62 0.45 78.03 10.93
C ASN A 62 -0.54 78.13 12.07
N SER A 63 -1.76 77.63 11.89
CA SER A 63 -2.81 77.69 12.90
C SER A 63 -3.27 76.29 13.25
N VAL A 64 -4.09 76.20 14.30
CA VAL A 64 -4.60 74.91 14.75
C VAL A 64 -5.69 74.44 13.79
N SER A 65 -5.59 73.19 13.36
CA SER A 65 -6.60 72.60 12.48
C SER A 65 -6.68 71.11 12.78
N CYS A 66 -7.66 70.46 12.15
CA CYS A 66 -7.87 69.04 12.41
C CYS A 66 -6.83 68.17 11.73
N CYS A 67 -6.30 68.62 10.59
CA CYS A 67 -5.24 67.91 9.89
C CYS A 67 -3.85 68.34 10.34
N THR A 68 -3.76 69.11 11.42
CA THR A 68 -2.47 69.58 11.90
C THR A 68 -1.62 68.41 12.39
N GLU A 69 -0.51 68.16 11.72
CA GLU A 69 0.47 67.17 12.14
C GLU A 69 1.64 67.87 12.80
N TRP A 70 2.55 67.07 13.34
CA TRP A 70 3.72 67.59 14.04
C TRP A 70 4.97 67.10 13.32
N ASP A 71 5.61 68.02 12.59
CA ASP A 71 6.89 67.71 11.99
C ASP A 71 8.01 67.96 13.00
N THR A 72 9.16 67.36 12.75
CA THR A 72 10.32 67.49 13.64
C THR A 72 11.49 68.02 12.83
N ILE A 73 12.01 69.18 13.23
CA ILE A 73 13.30 69.66 12.74
C ILE A 73 14.37 69.01 13.60
N ARG A 74 15.17 68.13 12.99
CA ARG A 74 16.20 67.37 13.69
C ARG A 74 17.57 67.85 13.25
N CYS A 75 18.43 68.12 14.24
CA CYS A 75 19.82 68.46 13.98
C CYS A 75 20.70 67.58 14.86
N GLU A 76 21.53 66.75 14.24
CA GLU A 76 22.35 65.75 14.92
C GLU A 76 23.83 66.04 14.74
N PHE A 77 24.59 65.71 15.77
CA PHE A 77 26.05 65.81 15.78
C PHE A 77 26.61 64.63 16.55
N SER A 78 27.68 64.04 16.01
CA SER A 78 28.36 62.94 16.68
C SER A 78 29.86 63.07 16.47
N LEU A 79 30.62 62.59 17.45
CA LEU A 79 32.08 62.62 17.41
C LEU A 79 32.61 61.35 18.07
N THR A 80 33.60 60.72 17.43
CA THR A 80 34.19 59.49 17.94
C THR A 80 35.46 59.80 18.75
N LEU A 81 35.46 59.38 20.01
CA LEU A 81 36.63 59.47 20.87
C LEU A 81 37.25 58.08 20.97
N LEU A 82 38.40 57.89 20.33
CA LEU A 82 39.08 56.60 20.38
C LEU A 82 39.58 56.32 21.78
N GLN A 83 39.30 55.10 22.27
CA GLN A 83 39.61 54.74 23.65
C GLN A 83 40.76 53.74 23.78
N LEU A 84 41.19 53.11 22.71
CA LEU A 84 42.19 52.05 22.78
C LEU A 84 43.34 52.28 21.83
N SER A 85 43.58 53.54 21.46
CA SER A 85 44.66 53.87 20.54
C SER A 85 45.91 54.24 21.31
N SER A 86 47.06 53.73 20.87
CA SER A 86 48.35 54.08 21.45
C SER A 86 48.94 55.34 20.84
N ASN A 87 48.33 55.88 19.79
CA ASN A 87 48.83 57.09 19.16
C ASN A 87 48.50 58.29 20.04
N THR A 88 49.52 59.05 20.42
CA THR A 88 49.33 60.21 21.27
C THR A 88 48.75 61.41 20.53
N ASP A 89 48.66 61.34 19.20
CA ASP A 89 48.05 62.43 18.42
C ASP A 89 46.53 62.44 18.53
N VAL A 90 45.92 61.42 19.14
CA VAL A 90 44.48 61.27 19.06
C VAL A 90 43.75 62.48 19.66
N ALA A 91 44.24 62.99 20.79
CA ALA A 91 43.54 64.09 21.45
C ALA A 91 43.59 65.35 20.59
N ALA A 92 44.80 65.76 20.17
CA ALA A 92 44.93 66.97 19.36
C ALA A 92 44.19 66.82 18.05
N ARG A 93 44.18 65.63 17.45
CA ARG A 93 43.50 65.46 16.18
C ARG A 93 41.99 65.44 16.33
N THR A 94 41.47 64.89 17.44
CA THR A 94 40.03 65.02 17.69
C THR A 94 39.65 66.48 17.88
N VAL A 95 40.49 67.25 18.57
CA VAL A 95 40.25 68.68 18.69
C VAL A 95 40.23 69.34 17.31
N ASP A 96 41.21 68.99 16.47
CA ASP A 96 41.26 69.56 15.12
C ASP A 96 40.03 69.18 14.32
N VAL A 97 39.54 67.95 14.48
CA VAL A 97 38.36 67.51 13.75
C VAL A 97 37.13 68.29 14.18
N LEU A 98 36.96 68.47 15.49
CA LEU A 98 35.84 69.27 15.99
C LEU A 98 35.91 70.71 15.48
N ASP A 99 37.11 71.28 15.46
CA ASP A 99 37.26 72.64 14.97
C ASP A 99 36.96 72.72 13.48
N THR A 100 37.36 71.70 12.72
CA THR A 100 37.03 71.66 11.30
C THR A 100 35.52 71.59 11.10
N MET A 101 34.84 70.81 11.96
CA MET A 101 33.38 70.73 11.90
C MET A 101 32.75 72.11 12.11
N ILE A 102 33.19 72.82 13.15
CA ILE A 102 32.63 74.14 13.43
C ILE A 102 32.95 75.11 12.29
N SER A 103 34.17 75.06 11.78
CA SER A 103 34.56 75.92 10.67
C SER A 103 33.70 75.67 9.45
N PHE A 104 33.37 74.39 9.18
CA PHE A 104 32.55 74.09 8.02
C PHE A 104 31.10 74.49 8.23
N LEU A 105 30.60 74.37 9.47
CA LEU A 105 29.26 74.88 9.76
C LEU A 105 29.19 76.38 9.51
N ALA A 106 30.28 77.11 9.77
CA ALA A 106 30.31 78.52 9.42
C ALA A 106 30.44 78.71 7.91
N LYS A 107 31.35 77.97 7.29
CA LYS A 107 31.71 78.17 5.90
C LYS A 107 30.54 77.87 4.96
N ARG A 108 29.75 76.84 5.27
CA ARG A 108 28.69 76.38 4.39
C ARG A 108 27.30 76.61 4.98
N ARG A 109 27.13 77.68 5.76
CA ARG A 109 25.85 77.89 6.45
C ARG A 109 24.71 78.06 5.46
N ASN A 110 24.90 78.88 4.43
CA ASN A 110 23.82 79.10 3.46
C ASN A 110 23.50 77.82 2.71
N SER A 111 24.54 77.08 2.28
CA SER A 111 24.30 75.83 1.57
C SER A 111 23.55 74.83 2.44
N ILE A 112 23.95 74.73 3.71
CA ILE A 112 23.30 73.80 4.64
C ILE A 112 21.83 74.18 4.85
N LEU A 113 21.57 75.48 5.00
CA LEU A 113 20.21 75.93 5.29
C LEU A 113 19.31 75.89 4.06
N ALA A 114 19.89 75.95 2.86
CA ALA A 114 19.10 75.97 1.64
C ALA A 114 19.00 74.60 0.95
N GLY A 115 19.84 73.65 1.34
CA GLY A 115 19.83 72.36 0.65
C GLY A 115 20.34 72.45 -0.76
N ASN A 116 21.40 73.24 -0.99
CA ASN A 116 21.94 73.47 -2.32
C ASN A 116 23.47 73.51 -2.20
N LEU A 117 24.13 72.49 -2.77
CA LEU A 117 25.59 72.42 -2.71
C LEU A 117 26.27 73.52 -3.49
N LEU A 118 25.58 74.14 -4.45
CA LEU A 118 26.22 75.07 -5.36
C LEU A 118 26.40 76.48 -4.77
N LEU A 119 25.76 76.78 -3.65
CA LEU A 119 25.90 78.11 -3.07
C LEU A 119 27.34 78.34 -2.63
N PRO A 120 27.89 79.52 -2.87
CA PRO A 120 29.26 79.80 -2.44
C PRO A 120 29.38 79.81 -0.92
N ASP A 121 30.61 79.75 -0.45
CA ASP A 121 30.87 79.83 0.97
C ASP A 121 30.27 81.11 1.54
N ASN A 122 29.83 81.03 2.80
CA ASN A 122 29.37 82.22 3.48
C ASN A 122 30.52 83.22 3.60
N PRO A 123 30.25 84.52 3.45
CA PRO A 123 31.29 85.54 3.63
C PRO A 123 31.79 85.60 5.07
N ALA B 1 8.34 -53.53 67.04
CA ALA B 1 8.57 -54.92 66.67
C ALA B 1 8.98 -55.06 65.22
N SER B 2 10.14 -55.66 64.99
CA SER B 2 10.57 -55.95 63.64
C SER B 2 9.52 -56.81 62.94
N LEU B 3 9.14 -56.41 61.72
CA LEU B 3 8.12 -57.14 61.00
C LEU B 3 8.70 -58.41 60.39
N PRO B 4 7.93 -59.50 60.35
CA PRO B 4 8.41 -60.72 59.69
C PRO B 4 8.34 -60.59 58.18
N VAL B 5 9.40 -61.06 57.51
CA VAL B 5 9.52 -60.88 56.06
C VAL B 5 9.99 -62.18 55.42
N THR B 6 9.59 -62.37 54.16
CA THR B 6 10.16 -63.40 53.30
C THR B 6 10.56 -62.76 51.98
N GLN B 7 11.68 -63.21 51.43
CA GLN B 7 12.19 -62.61 50.21
C GLN B 7 11.27 -62.96 49.04
N TYR B 8 10.68 -61.92 48.44
CA TYR B 8 9.78 -62.06 47.29
C TYR B 8 10.54 -62.01 45.97
N SER B 9 11.26 -60.93 45.70
CA SER B 9 12.12 -60.86 44.52
C SER B 9 13.58 -60.91 44.95
N PRO B 10 14.30 -61.98 44.66
CA PRO B 10 15.65 -62.16 45.20
C PRO B 10 16.65 -61.33 44.44
N PRO B 11 17.85 -61.12 45.00
CA PRO B 11 18.86 -60.35 44.27
C PRO B 11 19.35 -61.11 43.06
N VAL B 12 19.55 -60.36 41.98
CA VAL B 12 19.91 -60.90 40.68
C VAL B 12 21.35 -60.56 40.32
N THR B 13 21.68 -59.28 40.40
CA THR B 13 23.00 -58.74 40.13
C THR B 13 23.41 -57.85 41.29
N PRO B 14 24.70 -57.54 41.42
CA PRO B 14 25.13 -56.63 42.51
C PRO B 14 24.39 -55.30 42.54
N LEU B 15 24.05 -54.76 41.38
CA LEU B 15 23.23 -53.56 41.30
C LEU B 15 21.80 -53.93 40.95
N GLY B 16 20.87 -53.06 41.37
CA GLY B 16 19.46 -53.31 41.11
C GLY B 16 18.62 -53.23 42.35
N LYS B 17 17.58 -54.06 42.42
CA LYS B 17 16.62 -54.06 43.52
C LYS B 17 16.38 -55.48 44.02
N SER B 18 16.17 -55.59 45.32
CA SER B 18 15.72 -56.82 45.97
C SER B 18 14.56 -56.46 46.88
N THR B 19 13.53 -57.31 46.94
CA THR B 19 12.35 -57.00 47.72
C THR B 19 11.95 -58.16 48.61
N TRP B 20 11.58 -57.81 49.84
CA TRP B 20 10.97 -58.72 50.82
C TRP B 20 9.53 -58.30 51.06
N ASN B 21 8.64 -59.27 51.22
CA ASN B 21 7.26 -59.02 51.59
C ASN B 21 7.06 -59.31 53.07
N VAL B 22 6.25 -58.48 53.72
CA VAL B 22 5.87 -58.69 55.11
C VAL B 22 4.80 -59.78 55.16
N THR B 23 5.06 -60.82 55.93
CA THR B 23 4.16 -61.97 55.98
C THR B 23 3.03 -61.71 56.98
N GLY B 24 1.89 -62.37 56.73
CA GLY B 24 0.75 -62.28 57.62
C GLY B 24 -0.08 -61.03 57.48
N SER B 25 0.06 -60.31 56.37
CA SER B 25 -0.71 -59.09 56.20
C SER B 25 -2.14 -59.41 55.80
N THR B 26 -3.07 -58.55 56.20
CA THR B 26 -4.48 -58.75 55.92
C THR B 26 -4.98 -57.98 54.71
N ASN B 27 -4.25 -56.96 54.26
CA ASN B 27 -4.70 -56.15 53.14
C ASN B 27 -4.47 -56.91 51.83
N PRO B 28 -5.10 -56.46 50.74
CA PRO B 28 -4.96 -57.17 49.46
C PRO B 28 -3.50 -57.28 49.03
N PRO B 29 -3.18 -58.23 48.15
CA PRO B 29 -1.75 -58.50 47.86
C PRO B 29 -1.01 -57.31 47.29
N GLY B 30 -1.62 -56.55 46.39
CA GLY B 30 -0.97 -55.37 45.84
C GLY B 30 -0.60 -54.35 46.90
N LEU B 31 -1.17 -54.44 48.10
CA LEU B 31 -0.87 -53.55 49.21
C LEU B 31 -0.12 -54.26 50.33
N VAL B 32 0.53 -55.38 50.04
CA VAL B 32 1.35 -56.05 51.05
C VAL B 32 2.54 -55.16 51.41
N PRO B 33 2.79 -54.92 52.69
CA PRO B 33 3.96 -54.10 53.07
C PRO B 33 5.24 -54.71 52.52
N GLN B 34 6.15 -53.84 52.06
CA GLN B 34 7.36 -54.29 51.39
C GLN B 34 8.60 -53.61 51.97
N VAL B 35 9.72 -54.32 51.87
CA VAL B 35 11.04 -53.78 52.14
C VAL B 35 11.88 -53.95 50.88
N VAL B 36 12.47 -52.86 50.40
CA VAL B 36 13.20 -52.86 49.14
C VAL B 36 14.62 -52.38 49.41
N GLN B 37 15.60 -53.18 49.03
CA GLN B 37 17.00 -52.76 49.02
C GLN B 37 17.43 -52.45 47.59
N THR B 38 18.06 -51.30 47.42
CA THR B 38 18.48 -50.81 46.11
C THR B 38 19.98 -50.54 46.13
N GLU B 39 20.69 -50.97 45.09
CA GLU B 39 22.09 -50.63 44.91
C GLU B 39 22.26 -50.05 43.52
N SER B 40 22.45 -48.74 43.43
CA SER B 40 22.45 -48.07 42.14
C SER B 40 23.68 -47.21 41.95
N ILE B 41 24.13 -47.10 40.69
CA ILE B 41 25.31 -46.30 40.38
C ILE B 41 24.87 -44.90 39.96
N ASN B 42 25.71 -43.92 40.29
CA ASN B 42 25.47 -42.56 39.87
C ASN B 42 25.72 -42.42 38.37
N ALA B 43 25.23 -41.32 37.80
CA ALA B 43 25.45 -41.06 36.38
C ALA B 43 26.94 -40.96 36.06
N ARG B 44 27.66 -40.11 36.80
CA ARG B 44 29.10 -39.99 36.61
C ARG B 44 29.88 -41.16 37.19
N LYS B 45 29.19 -42.16 37.76
CA LYS B 45 29.84 -43.33 38.35
C LYS B 45 30.78 -42.96 39.48
N SER B 46 30.48 -41.88 40.19
CA SER B 46 31.28 -41.49 41.35
C SER B 46 30.80 -42.15 42.63
N ASN B 47 29.49 -42.34 42.78
CA ASN B 47 28.92 -42.92 43.99
C ASN B 47 28.10 -44.16 43.63
N ILE B 48 28.08 -45.12 44.56
CA ILE B 48 27.04 -46.14 44.60
C ILE B 48 26.13 -45.82 45.77
N MET B 49 24.83 -45.71 45.49
CA MET B 49 23.84 -45.47 46.51
C MET B 49 23.30 -46.81 47.01
N SER B 50 23.45 -47.05 48.31
CA SER B 50 22.82 -48.19 48.98
C SER B 50 21.58 -47.67 49.72
N LYS B 51 20.41 -48.20 49.36
CA LYS B 51 19.16 -47.72 49.91
C LYS B 51 18.35 -48.88 50.50
N ILE B 52 17.65 -48.59 51.59
CA ILE B 52 16.64 -49.47 52.16
C ILE B 52 15.36 -48.67 52.31
N SER B 53 14.24 -49.26 51.90
CA SER B 53 12.96 -48.58 51.93
C SER B 53 11.90 -49.51 52.49
N VAL B 54 11.17 -49.04 53.49
CA VAL B 54 10.06 -49.79 54.08
C VAL B 54 8.78 -49.04 53.76
N TYR B 55 7.92 -49.68 52.97
CA TYR B 55 6.60 -49.15 52.63
C TYR B 55 5.56 -50.00 53.35
N TYR B 56 4.87 -49.41 54.32
CA TYR B 56 3.80 -50.09 55.03
C TYR B 56 2.48 -49.41 54.68
N TYR B 57 1.62 -50.13 53.95
CA TYR B 57 0.35 -49.58 53.51
C TYR B 57 -0.71 -49.86 54.57
N ILE B 58 -1.33 -48.79 55.08
CA ILE B 58 -2.26 -48.88 56.19
C ILE B 58 -3.54 -48.15 55.83
N PRO B 59 -4.71 -48.72 56.11
CA PRO B 59 -5.97 -48.02 55.78
C PRO B 59 -6.18 -46.81 56.67
N SER B 60 -6.82 -45.79 56.09
CA SER B 60 -7.03 -44.53 56.78
C SER B 60 -7.99 -44.67 57.95
N THR B 61 -8.80 -45.73 57.99
CA THR B 61 -9.75 -45.96 59.07
C THR B 61 -9.53 -47.33 59.68
N ASN B 62 -10.10 -47.53 60.87
CA ASN B 62 -9.92 -48.79 61.57
C ASN B 62 -10.71 -49.92 60.91
N SER B 63 -11.85 -49.60 60.32
CA SER B 63 -12.70 -50.59 59.67
C SER B 63 -12.88 -50.24 58.20
N VAL B 64 -13.49 -51.18 57.47
CA VAL B 64 -13.72 -50.97 56.04
C VAL B 64 -14.87 -50.01 55.85
N SER B 65 -14.68 -49.00 55.00
CA SER B 65 -15.71 -48.04 54.69
C SER B 65 -15.52 -47.56 53.25
N CYS B 66 -16.48 -46.78 52.77
CA CYS B 66 -16.43 -46.33 51.39
C CYS B 66 -15.41 -45.23 51.18
N CYS B 67 -15.16 -44.42 52.21
CA CYS B 67 -14.14 -43.37 52.16
C CYS B 67 -12.77 -43.86 52.62
N THR B 68 -12.61 -45.17 52.80
CA THR B 68 -11.35 -45.72 53.25
C THR B 68 -10.26 -45.51 52.19
N GLU B 69 -9.27 -44.71 52.53
CA GLU B 69 -8.09 -44.51 51.69
C GLU B 69 -6.93 -45.33 52.24
N TRP B 70 -5.83 -45.34 51.49
CA TRP B 70 -4.65 -46.11 51.87
C TRP B 70 -3.49 -45.14 52.06
N ASP B 71 -3.13 -44.90 53.31
CA ASP B 71 -1.93 -44.14 53.60
C ASP B 71 -0.71 -45.05 53.58
N THR B 72 0.46 -44.44 53.43
CA THR B 72 1.71 -45.18 53.38
C THR B 72 2.64 -44.64 54.46
N ILE B 73 3.05 -45.52 55.37
CA ILE B 73 4.14 -45.23 56.29
C ILE B 73 5.43 -45.57 55.57
N ARG B 74 6.23 -44.55 55.27
CA ARG B 74 7.47 -44.70 54.52
C ARG B 74 8.65 -44.45 55.42
N CYS B 75 9.63 -45.36 55.37
CA CYS B 75 10.90 -45.21 56.07
C CYS B 75 12.03 -45.45 55.10
N GLU B 76 12.85 -44.43 54.86
CA GLU B 76 13.90 -44.48 53.85
C GLU B 76 15.28 -44.35 54.50
N PHE B 77 16.26 -45.02 53.90
CA PHE B 77 17.65 -44.96 54.30
C PHE B 77 18.51 -45.01 53.05
N SER B 78 19.54 -44.17 53.02
CA SER B 78 20.48 -44.15 51.91
C SER B 78 21.89 -43.91 52.44
N LEU B 79 22.87 -44.47 51.73
CA LEU B 79 24.28 -44.32 52.09
C LEU B 79 25.09 -44.23 50.80
N THR B 80 26.05 -43.29 50.77
CA THR B 80 26.90 -43.08 49.61
C THR B 80 28.22 -43.83 49.76
N LEU B 81 28.50 -44.71 48.82
CA LEU B 81 29.79 -45.42 48.75
C LEU B 81 30.61 -44.78 47.64
N LEU B 82 31.65 -44.04 48.02
CA LEU B 82 32.51 -43.38 47.05
C LEU B 82 33.28 -44.43 46.25
N GLN B 83 33.27 -44.28 44.92
CA GLN B 83 33.87 -45.26 44.03
C GLN B 83 35.15 -44.81 43.36
N LEU B 84 35.48 -43.51 43.40
CA LEU B 84 36.62 -43.00 42.67
C LEU B 84 37.55 -42.19 43.56
N SER B 85 37.54 -42.46 44.87
CA SER B 85 38.38 -41.73 45.80
C SER B 85 39.67 -42.49 46.04
N SER B 86 40.78 -41.77 46.04
CA SER B 86 42.08 -42.34 46.35
C SER B 86 42.38 -42.38 47.84
N ASN B 87 41.52 -41.78 48.67
CA ASN B 87 41.71 -41.79 50.11
C ASN B 87 41.37 -43.17 50.66
N THR B 88 42.32 -43.79 51.35
CA THR B 88 42.10 -45.12 51.90
C THR B 88 41.23 -45.11 53.17
N ASP B 89 40.93 -43.93 53.71
CA ASP B 89 40.04 -43.84 54.86
C ASP B 89 38.58 -44.06 54.51
N VAL B 90 38.23 -44.14 53.22
CA VAL B 90 36.83 -44.11 52.81
C VAL B 90 36.05 -45.27 53.42
N ALA B 91 36.65 -46.47 53.42
CA ALA B 91 35.93 -47.63 53.93
C ALA B 91 35.64 -47.51 55.41
N ALA B 92 36.67 -47.25 56.21
CA ALA B 92 36.48 -47.13 57.65
C ALA B 92 35.55 -45.97 57.99
N ARG B 93 35.62 -44.87 57.24
CA ARG B 93 34.77 -43.74 57.54
C ARG B 93 33.32 -43.99 57.12
N THR B 94 33.08 -44.72 56.04
CA THR B 94 31.72 -45.12 55.71
C THR B 94 31.16 -46.03 56.80
N VAL B 95 31.98 -46.94 57.32
CA VAL B 95 31.56 -47.77 58.44
C VAL B 95 31.20 -46.89 59.64
N ASP B 96 32.06 -45.91 59.94
CA ASP B 96 31.80 -45.03 61.07
C ASP B 96 30.51 -44.23 60.86
N VAL B 97 30.25 -43.81 59.63
CA VAL B 97 29.04 -43.05 59.34
C VAL B 97 27.80 -43.91 59.54
N LEU B 98 27.84 -45.15 59.06
CA LEU B 98 26.71 -46.06 59.26
C LEU B 98 26.48 -46.32 60.75
N ASP B 99 27.56 -46.49 61.51
CA ASP B 99 27.42 -46.72 62.94
C ASP B 99 26.86 -45.49 63.65
N THR B 100 27.26 -44.30 63.21
CA THR B 100 26.70 -43.07 63.76
C THR B 100 25.21 -42.98 63.46
N MET B 101 24.81 -43.39 62.26
CA MET B 101 23.39 -43.43 61.91
C MET B 101 22.61 -44.33 62.85
N ILE B 102 23.11 -45.55 63.07
CA ILE B 102 22.42 -46.49 63.95
C ILE B 102 22.38 -45.96 65.39
N SER B 103 23.50 -45.39 65.84
CA SER B 103 23.55 -44.82 67.18
C SER B 103 22.54 -43.70 67.34
N PHE B 104 22.36 -42.87 66.32
CA PHE B 104 21.41 -41.77 66.42
C PHE B 104 19.98 -42.27 66.35
N LEU B 105 19.72 -43.33 65.56
CA LEU B 105 18.39 -43.95 65.58
C LEU B 105 18.06 -44.47 66.97
N ALA B 106 19.06 -44.96 67.70
CA ALA B 106 18.82 -45.35 69.09
C ALA B 106 18.65 -44.13 69.98
N LYS B 107 19.54 -43.15 69.84
CA LYS B 107 19.62 -42.00 70.73
C LYS B 107 18.37 -41.14 70.66
N ARG B 108 17.80 -40.97 69.47
CA ARG B 108 16.69 -40.06 69.24
C ARG B 108 15.39 -40.80 68.88
N ARG B 109 15.21 -42.01 69.39
CA ARG B 109 14.06 -42.81 68.98
C ARG B 109 12.74 -42.13 69.33
N ASN B 110 12.63 -41.63 70.57
CA ASN B 110 11.38 -40.98 70.97
C ASN B 110 11.12 -39.72 70.15
N SER B 111 12.16 -38.91 69.95
CA SER B 111 12.00 -37.69 69.15
C SER B 111 11.57 -38.02 67.73
N ILE B 112 12.20 -39.05 67.13
CA ILE B 112 11.85 -39.44 65.77
C ILE B 112 10.41 -39.92 65.69
N LEU B 113 9.99 -40.71 66.67
CA LEU B 113 8.65 -41.29 66.63
C LEU B 113 7.57 -40.28 66.98
N ALA B 114 7.91 -39.22 67.72
CA ALA B 114 6.92 -38.24 68.12
C ALA B 114 6.92 -36.99 67.25
N GLY B 115 7.94 -36.77 66.43
CA GLY B 115 8.00 -35.55 65.64
C GLY B 115 8.24 -34.33 66.50
N ASN B 116 9.11 -34.44 67.50
CA ASN B 116 9.38 -33.35 68.44
C ASN B 116 10.87 -33.35 68.74
N LEU B 117 11.58 -32.31 68.28
CA LEU B 117 13.01 -32.20 68.49
C LEU B 117 13.39 -32.02 69.95
N LEU B 118 12.46 -31.54 70.79
CA LEU B 118 12.78 -31.16 72.15
C LEU B 118 12.84 -32.34 73.11
N LEU B 119 12.38 -33.52 72.72
CA LEU B 119 12.41 -34.66 73.61
C LEU B 119 13.86 -35.03 73.91
N PRO B 120 14.17 -35.37 75.17
CA PRO B 120 15.55 -35.77 75.50
C PRO B 120 15.92 -37.08 74.82
N ASP B 121 17.22 -37.35 74.81
CA ASP B 121 17.71 -38.62 74.27
C ASP B 121 17.03 -39.78 74.98
N ASN B 122 16.83 -40.87 74.23
CA ASN B 122 16.32 -42.09 74.83
C ASN B 122 17.31 -42.59 75.88
N PRO B 123 16.83 -43.13 77.01
CA PRO B 123 17.73 -43.69 78.02
C PRO B 123 18.46 -44.93 77.50
N ALA C 1 28.03 -30.57 -75.41
CA ALA C 1 28.37 -29.53 -76.37
C ALA C 1 28.55 -28.19 -75.68
N SER C 2 29.72 -27.59 -75.83
CA SER C 2 29.95 -26.25 -75.31
C SER C 2 28.93 -25.29 -75.91
N LEU C 3 28.30 -24.50 -75.05
CA LEU C 3 27.27 -23.58 -75.52
C LEU C 3 27.91 -22.35 -76.17
N PRO C 4 27.29 -21.82 -77.22
CA PRO C 4 27.81 -20.59 -77.84
C PRO C 4 27.48 -19.37 -77.00
N VAL C 5 28.45 -18.48 -76.83
CA VAL C 5 28.31 -17.33 -75.96
C VAL C 5 28.83 -16.07 -76.64
N THR C 6 28.25 -14.93 -76.25
CA THR C 6 28.79 -13.63 -76.58
C THR C 6 28.87 -12.81 -75.30
N GLN C 7 29.93 -12.01 -75.18
CA GLN C 7 30.13 -11.23 -73.96
C GLN C 7 29.09 -10.13 -73.86
N TYR C 8 28.27 -10.20 -72.82
CA TYR C 8 27.21 -9.23 -72.55
C TYR C 8 27.71 -8.07 -71.70
N SER C 9 28.22 -8.34 -70.50
CA SER C 9 28.85 -7.31 -69.69
C SER C 9 30.36 -7.53 -69.64
N PRO C 10 31.16 -6.68 -70.26
CA PRO C 10 32.59 -6.94 -70.40
C PRO C 10 33.32 -6.63 -69.11
N PRO C 11 34.56 -7.14 -68.96
CA PRO C 11 35.32 -6.84 -67.75
C PRO C 11 35.69 -5.36 -67.68
N VAL C 12 35.60 -4.82 -66.48
CA VAL C 12 35.80 -3.41 -66.22
C VAL C 12 37.09 -3.18 -65.45
N THR C 13 37.26 -3.88 -64.34
CA THR C 13 38.42 -3.82 -63.48
C THR C 13 38.89 -5.24 -63.23
N PRO C 14 40.14 -5.41 -62.76
CA PRO C 14 40.62 -6.77 -62.45
C PRO C 14 39.72 -7.55 -61.50
N LEU C 15 39.12 -6.87 -60.53
CA LEU C 15 38.14 -7.49 -59.64
C LEU C 15 36.73 -7.12 -60.08
N GLY C 16 35.78 -7.98 -59.74
CA GLY C 16 34.40 -7.74 -60.12
C GLY C 16 33.78 -8.92 -60.84
N LYS C 17 32.88 -8.62 -61.78
CA LYS C 17 32.14 -9.63 -62.52
C LYS C 17 32.18 -9.34 -64.02
N SER C 18 32.22 -10.41 -64.80
CA SER C 18 32.06 -10.35 -66.25
C SER C 18 31.04 -11.41 -66.64
N THR C 19 30.16 -11.09 -67.60
CA THR C 19 29.10 -12.01 -67.96
C THR C 19 29.03 -12.21 -69.47
N TRP C 20 28.82 -13.46 -69.87
CA TRP C 20 28.52 -13.87 -71.23
C TRP C 20 27.10 -14.40 -71.29
N ASN C 21 26.40 -14.11 -72.38
CA ASN C 21 25.07 -14.67 -72.63
C ASN C 21 25.18 -15.79 -73.65
N VAL C 22 24.38 -16.83 -73.43
CA VAL C 22 24.26 -17.94 -74.38
C VAL C 22 23.39 -17.50 -75.54
N THR C 23 23.92 -17.59 -76.75
CA THR C 23 23.20 -17.11 -77.93
C THR C 23 22.24 -18.17 -78.44
N GLY C 24 21.19 -17.71 -79.10
CA GLY C 24 20.21 -18.60 -79.70
C GLY C 24 19.20 -19.20 -78.75
N SER C 25 19.04 -18.62 -77.56
CA SER C 25 18.10 -19.16 -76.60
C SER C 25 16.67 -18.76 -76.97
N THR C 26 15.72 -19.62 -76.63
CA THR C 26 14.33 -19.40 -76.96
C THR C 26 13.53 -18.80 -75.81
N ASN C 27 14.02 -18.89 -74.58
CA ASN C 27 13.28 -18.39 -73.43
C ASN C 27 13.38 -16.87 -73.38
N PRO C 28 12.52 -16.21 -72.59
CA PRO C 28 12.54 -14.74 -72.52
C PRO C 28 13.89 -14.21 -72.11
N PRO C 29 14.19 -12.94 -72.41
CA PRO C 29 15.57 -12.45 -72.20
C PRO C 29 16.04 -12.52 -70.76
N GLY C 30 15.18 -12.19 -69.79
CA GLY C 30 15.56 -12.29 -68.40
C GLY C 30 15.96 -13.69 -67.97
N LEU C 31 15.62 -14.70 -68.77
CA LEU C 31 15.99 -16.09 -68.51
C LEU C 31 17.01 -16.62 -69.51
N VAL C 32 17.74 -15.74 -70.17
CA VAL C 32 18.80 -16.20 -71.08
C VAL C 32 19.90 -16.86 -70.25
N PRO C 33 20.35 -18.07 -70.63
CA PRO C 33 21.44 -18.71 -69.88
C PRO C 33 22.67 -17.83 -69.86
N GLN C 34 23.36 -17.83 -68.72
CA GLN C 34 24.49 -16.93 -68.51
C GLN C 34 25.70 -17.69 -67.99
N VAL C 35 26.88 -17.14 -68.30
CA VAL C 35 28.14 -17.55 -67.70
C VAL C 35 28.76 -16.32 -67.05
N VAL C 36 29.11 -16.43 -65.78
CA VAL C 36 29.60 -15.30 -64.99
C VAL C 36 30.97 -15.67 -64.43
N GLN C 37 31.97 -14.85 -64.72
CA GLN C 37 33.27 -14.97 -64.07
C GLN C 37 33.40 -13.88 -63.02
N THR C 38 33.84 -14.26 -61.82
CA THR C 38 33.96 -13.37 -60.68
C THR C 38 35.38 -13.42 -60.16
N GLU C 39 35.96 -12.25 -59.85
CA GLU C 39 37.25 -12.16 -59.20
C GLU C 39 37.10 -11.26 -57.98
N SER C 40 37.10 -11.86 -56.79
CA SER C 40 36.76 -11.10 -55.58
C SER C 40 37.82 -11.29 -54.51
N ILE C 41 38.04 -10.24 -53.70
CA ILE C 41 39.01 -10.30 -52.62
C ILE C 41 38.33 -10.70 -51.33
N ASN C 42 39.07 -11.42 -50.50
CA ASN C 42 38.57 -11.79 -49.19
C ASN C 42 38.55 -10.56 -48.28
N ALA C 43 37.82 -10.69 -47.16
CA ALA C 43 37.75 -9.60 -46.19
C ALA C 43 39.13 -9.26 -45.65
N ARG C 44 39.85 -10.26 -45.15
CA ARG C 44 41.20 -10.06 -44.66
C ARG C 44 42.22 -9.90 -45.77
N LYS C 45 41.79 -9.92 -47.04
CA LYS C 45 42.67 -9.76 -48.20
C LYS C 45 43.74 -10.84 -48.24
N SER C 46 43.42 -12.03 -47.75
CA SER C 46 44.35 -13.16 -47.82
C SER C 46 44.18 -13.94 -49.11
N ASN C 47 42.96 -14.08 -49.62
CA ASN C 47 42.70 -14.84 -50.82
C ASN C 47 42.01 -13.97 -51.86
N ILE C 48 42.27 -14.27 -53.13
CA ILE C 48 41.42 -13.84 -54.23
C ILE C 48 40.68 -15.07 -54.72
N MET C 49 39.36 -15.00 -54.76
CA MET C 49 38.52 -16.07 -55.27
C MET C 49 38.27 -15.83 -56.75
N SER C 50 38.66 -16.81 -57.58
CA SER C 50 38.32 -16.85 -59.00
C SER C 50 37.18 -17.82 -59.17
N LYS C 51 36.04 -17.34 -59.68
CA LYS C 51 34.84 -18.16 -59.81
C LYS C 51 34.32 -18.12 -61.24
N ILE C 52 33.79 -19.26 -61.69
CA ILE C 52 33.02 -19.36 -62.92
C ILE C 52 31.68 -20.01 -62.58
N SER C 53 30.59 -19.44 -63.11
CA SER C 53 29.25 -19.92 -62.81
C SER C 53 28.45 -20.00 -64.09
N VAL C 54 27.84 -21.14 -64.35
CA VAL C 54 26.98 -21.34 -65.50
C VAL C 54 25.57 -21.56 -64.96
N TYR C 55 24.67 -20.62 -65.29
CA TYR C 55 23.26 -20.70 -64.95
C TYR C 55 22.48 -20.96 -66.23
N TYR C 56 21.90 -22.14 -66.36
CA TYR C 56 21.06 -22.49 -67.51
C TYR C 56 19.62 -22.63 -67.02
N TYR C 57 18.76 -21.71 -67.46
CA TYR C 57 17.37 -21.71 -67.02
C TYR C 57 16.56 -22.56 -68.01
N ILE C 58 15.90 -23.59 -67.48
CA ILE C 58 15.19 -24.56 -68.31
C ILE C 58 13.78 -24.74 -67.76
N PRO C 59 12.76 -24.77 -68.63
CA PRO C 59 11.39 -24.94 -68.14
C PRO C 59 11.16 -26.34 -67.59
N SER C 60 10.29 -26.42 -66.58
CA SER C 60 10.04 -27.70 -65.91
C SER C 60 9.32 -28.70 -66.80
N THR C 61 8.69 -28.23 -67.87
CA THR C 61 7.97 -29.10 -68.79
C THR C 61 8.48 -28.90 -70.22
N ASN C 62 8.17 -29.86 -71.08
CA ASN C 62 8.63 -29.78 -72.46
C ASN C 62 7.90 -28.70 -73.25
N SER C 63 6.64 -28.44 -72.92
CA SER C 63 5.84 -27.45 -73.62
C SER C 63 5.36 -26.39 -72.63
N VAL C 64 4.77 -25.33 -73.18
CA VAL C 64 4.28 -24.23 -72.35
C VAL C 64 2.98 -24.66 -71.68
N SER C 65 2.89 -24.44 -70.37
CA SER C 65 1.70 -24.76 -69.61
C SER C 65 1.57 -23.77 -68.47
N CYS C 66 0.44 -23.84 -67.77
CA CYS C 66 0.18 -22.89 -66.69
C CYS C 66 0.99 -23.21 -65.44
N CYS C 67 1.31 -24.47 -65.21
CA CYS C 67 2.15 -24.90 -64.10
C CYS C 67 3.63 -24.93 -64.45
N THR C 68 3.99 -24.39 -65.62
CA THR C 68 5.39 -24.40 -66.05
C THR C 68 6.23 -23.52 -65.12
N GLU C 69 7.16 -24.15 -64.41
CA GLU C 69 8.12 -23.44 -63.58
C GLU C 69 9.47 -23.40 -64.31
N TRP C 70 10.41 -22.68 -63.72
CA TRP C 70 11.74 -22.50 -64.32
C TRP C 70 12.78 -23.07 -63.35
N ASP C 71 13.30 -24.23 -63.70
CA ASP C 71 14.41 -24.79 -62.95
C ASP C 71 15.73 -24.20 -63.46
N THR C 72 16.76 -24.30 -62.63
CA THR C 72 18.07 -23.78 -62.97
C THR C 72 19.09 -24.90 -62.86
N ILE C 73 19.76 -25.19 -63.97
CA ILE C 73 20.95 -26.05 -63.95
C ILE C 73 22.13 -25.15 -63.61
N ARG C 74 22.72 -25.36 -62.44
CA ARG C 74 23.82 -24.55 -61.93
C ARG C 74 25.10 -25.36 -61.94
N CYS C 75 26.17 -24.77 -62.48
CA CYS C 75 27.50 -25.35 -62.43
C CYS C 75 28.47 -24.30 -61.93
N GLU C 76 29.10 -24.57 -60.78
CA GLU C 76 29.95 -23.61 -60.10
C GLU C 76 31.39 -24.12 -60.03
N PHE C 77 32.33 -23.17 -60.11
CA PHE C 77 33.75 -23.44 -59.96
C PHE C 77 34.38 -22.29 -59.20
N SER C 78 35.27 -22.61 -58.27
CA SER C 78 36.00 -21.61 -57.51
C SER C 78 37.43 -22.08 -57.28
N LEU C 79 38.34 -21.10 -57.20
CA LEU C 79 39.75 -21.37 -56.97
C LEU C 79 40.32 -20.26 -56.09
N THR C 80 41.11 -20.66 -55.08
CA THR C 80 41.71 -19.71 -54.15
C THR C 80 43.12 -19.35 -54.59
N LEU C 81 43.37 -18.07 -54.81
CA LEU C 81 44.70 -17.54 -55.11
C LEU C 81 45.22 -16.86 -53.84
N LEU C 82 46.20 -17.49 -53.20
CA LEU C 82 46.78 -16.93 -51.99
C LEU C 82 47.54 -15.65 -52.32
N GLN C 83 47.29 -14.60 -51.53
CA GLN C 83 47.84 -13.28 -51.80
C GLN C 83 48.93 -12.85 -50.82
N LEU C 84 49.08 -13.54 -49.69
CA LEU C 84 49.99 -13.09 -48.65
C LEU C 84 50.94 -14.20 -48.22
N SER C 85 51.18 -15.18 -49.09
CA SER C 85 52.07 -16.28 -48.78
C SER C 85 53.48 -15.98 -49.27
N SER C 86 54.47 -16.28 -48.42
CA SER C 86 55.87 -16.15 -48.79
C SER C 86 56.41 -17.37 -49.51
N ASN C 87 55.64 -18.45 -49.59
CA ASN C 87 56.07 -19.66 -50.27
C ASN C 87 56.01 -19.45 -51.78
N THR C 88 57.15 -19.62 -52.44
CA THR C 88 57.22 -19.44 -53.89
C THR C 88 56.58 -20.58 -54.67
N ASP C 89 56.21 -21.68 -54.01
CA ASP C 89 55.53 -22.78 -54.69
C ASP C 89 54.08 -22.47 -55.00
N VAL C 90 53.54 -21.36 -54.50
CA VAL C 90 52.10 -21.14 -54.56
C VAL C 90 51.60 -21.11 -56.00
N ALA C 91 52.34 -20.45 -56.89
CA ALA C 91 51.88 -20.33 -58.27
C ALA C 91 51.84 -21.69 -58.97
N ALA C 92 52.96 -22.42 -58.94
CA ALA C 92 53.00 -23.73 -59.58
C ALA C 92 51.98 -24.69 -58.96
N ARG C 93 51.78 -24.61 -57.65
CA ARG C 93 50.85 -25.52 -57.01
C ARG C 93 49.40 -25.14 -57.31
N THR C 94 49.07 -23.86 -57.45
CA THR C 94 47.74 -23.49 -57.91
C THR C 94 47.51 -23.98 -59.33
N VAL C 95 48.52 -23.89 -60.18
CA VAL C 95 48.41 -24.45 -61.53
C VAL C 95 48.15 -25.95 -61.46
N ASP C 96 48.90 -26.65 -60.60
CA ASP C 96 48.72 -28.09 -60.46
C ASP C 96 47.32 -28.42 -59.95
N VAL C 97 46.80 -27.61 -59.04
CA VAL C 97 45.47 -27.85 -58.49
C VAL C 97 44.41 -27.68 -59.59
N LEU C 98 44.53 -26.60 -60.39
CA LEU C 98 43.59 -26.40 -61.49
C LEU C 98 43.65 -27.55 -62.48
N ASP C 99 44.86 -28.03 -62.79
CA ASP C 99 45.00 -29.14 -63.72
C ASP C 99 44.42 -30.42 -63.14
N THR C 100 44.57 -30.63 -61.83
CA THR C 100 43.94 -31.78 -61.19
C THR C 100 42.42 -31.69 -61.27
N MET C 101 41.88 -30.48 -61.11
CA MET C 101 40.45 -30.27 -61.25
C MET C 101 39.97 -30.67 -62.64
N ILE C 102 40.67 -30.19 -63.68
CA ILE C 102 40.27 -30.51 -65.05
C ILE C 102 40.41 -32.01 -65.32
N SER C 103 41.50 -32.60 -64.83
CA SER C 103 41.70 -34.04 -65.00
C SER C 103 40.58 -34.84 -64.35
N PHE C 104 40.13 -34.40 -63.17
CA PHE C 104 39.06 -35.12 -62.49
C PHE C 104 37.72 -34.92 -63.18
N LEU C 105 37.48 -33.73 -63.73
CA LEU C 105 36.28 -33.52 -64.54
C LEU C 105 36.25 -34.47 -65.72
N ALA C 106 37.43 -34.75 -66.30
CA ALA C 106 37.48 -35.75 -67.36
C ALA C 106 37.30 -37.16 -66.81
N LYS C 107 38.01 -37.47 -65.73
CA LYS C 107 38.08 -38.82 -65.19
C LYS C 107 36.73 -39.31 -64.68
N ARG C 108 35.95 -38.43 -64.07
CA ARG C 108 34.70 -38.79 -63.41
C ARG C 108 33.48 -38.20 -64.12
N ARG C 109 33.56 -38.02 -65.44
CA ARG C 109 32.47 -37.35 -66.16
C ARG C 109 31.16 -38.10 -66.01
N ASN C 110 31.18 -39.42 -66.23
CA ASN C 110 29.95 -40.19 -66.13
C ASN C 110 29.39 -40.17 -64.73
N SER C 111 30.26 -40.33 -63.72
CA SER C 111 29.80 -40.30 -62.34
C SER C 111 29.18 -38.95 -62.00
N ILE C 112 29.82 -37.87 -62.43
CA ILE C 112 29.31 -36.52 -62.16
C ILE C 112 27.96 -36.32 -62.83
N LEU C 113 27.82 -36.78 -64.08
CA LEU C 113 26.58 -36.54 -64.82
C LEU C 113 25.45 -37.45 -64.36
N ALA C 114 25.77 -38.60 -63.76
CA ALA C 114 24.74 -39.53 -63.33
C ALA C 114 24.41 -39.44 -61.84
N GLY C 115 25.24 -38.77 -61.05
CA GLY C 115 25.00 -38.73 -59.61
C GLY C 115 25.21 -40.07 -58.95
N ASN C 116 26.25 -40.80 -59.37
CA ASN C 116 26.52 -42.15 -58.86
C ASN C 116 28.03 -42.28 -58.69
N LEU C 117 28.49 -42.38 -57.44
CA LEU C 117 29.92 -42.50 -57.17
C LEU C 117 30.51 -43.82 -57.66
N LEU C 118 29.68 -44.84 -57.86
CA LEU C 118 30.18 -46.17 -58.15
C LEU C 118 30.57 -46.37 -59.61
N LEU C 119 30.20 -45.46 -60.49
CA LEU C 119 30.54 -45.64 -61.90
C LEU C 119 32.07 -45.59 -62.07
N PRO C 120 32.63 -46.46 -62.90
CA PRO C 120 34.08 -46.43 -63.12
C PRO C 120 34.51 -45.14 -63.82
N ASP C 121 35.82 -44.89 -63.78
CA ASP C 121 36.37 -43.74 -64.48
C ASP C 121 35.98 -43.79 -65.95
N ASN C 122 35.82 -42.61 -66.53
CA ASN C 122 35.58 -42.53 -67.97
C ASN C 122 36.81 -43.08 -68.71
N PRO C 123 36.60 -43.81 -69.82
CA PRO C 123 37.73 -44.31 -70.61
C PRO C 123 38.52 -43.17 -71.25
N ALA D 1 43.45 -69.74 -25.50
CA ALA D 1 43.19 -70.15 -26.88
C ALA D 1 42.54 -69.04 -27.68
N SER D 2 43.20 -68.63 -28.77
CA SER D 2 42.61 -67.66 -29.67
C SER D 2 41.25 -68.16 -30.15
N LEU D 3 40.25 -67.30 -30.07
CA LEU D 3 38.91 -67.71 -30.47
C LEU D 3 38.78 -67.70 -32.00
N PRO D 4 38.02 -68.64 -32.56
CA PRO D 4 37.80 -68.63 -34.01
C PRO D 4 36.79 -67.56 -34.40
N VAL D 5 37.10 -66.84 -35.49
CA VAL D 5 36.28 -65.71 -35.91
C VAL D 5 36.05 -65.75 -37.41
N THR D 6 34.91 -65.19 -37.82
CA THR D 6 34.64 -64.88 -39.21
C THR D 6 34.18 -63.45 -39.33
N GLN D 7 34.61 -62.77 -40.39
CA GLN D 7 34.28 -61.36 -40.55
C GLN D 7 32.79 -61.19 -40.82
N TYR D 8 32.09 -60.51 -39.92
CA TYR D 8 30.66 -60.24 -40.02
C TYR D 8 30.38 -58.94 -40.78
N SER D 9 30.91 -57.82 -40.30
CA SER D 9 30.80 -56.56 -41.04
C SER D 9 32.16 -56.17 -41.57
N PRO D 10 32.37 -56.21 -42.89
CA PRO D 10 33.71 -56.02 -43.43
C PRO D 10 34.09 -54.55 -43.46
N PRO D 11 35.38 -54.24 -43.62
CA PRO D 11 35.78 -52.83 -43.68
C PRO D 11 35.27 -52.18 -44.95
N VAL D 12 34.82 -50.93 -44.79
CA VAL D 12 34.18 -50.18 -45.85
C VAL D 12 35.08 -49.04 -46.32
N THR D 13 35.56 -48.23 -45.40
CA THR D 13 36.44 -47.11 -45.62
C THR D 13 37.62 -47.22 -44.67
N PRO D 14 38.72 -46.51 -44.94
CA PRO D 14 39.86 -46.55 -44.01
C PRO D 14 39.50 -46.20 -42.57
N LEU D 15 38.58 -45.27 -42.37
CA LEU D 15 38.08 -44.97 -41.04
C LEU D 15 36.72 -45.64 -40.83
N GLY D 16 36.40 -45.89 -39.56
CA GLY D 16 35.15 -46.53 -39.23
C GLY D 16 35.32 -47.76 -38.35
N LYS D 17 34.47 -48.76 -38.55
CA LYS D 17 34.45 -49.97 -37.75
C LYS D 17 34.40 -51.20 -38.64
N SER D 18 35.07 -52.26 -38.20
CA SER D 18 34.98 -53.58 -38.79
C SER D 18 34.75 -54.58 -37.66
N THR D 19 33.90 -55.58 -37.89
CA THR D 19 33.55 -56.52 -36.83
C THR D 19 33.68 -57.96 -37.31
N TRP D 20 34.23 -58.80 -36.43
CA TRP D 20 34.27 -60.24 -36.58
C TRP D 20 33.40 -60.87 -35.49
N ASN D 21 32.72 -61.95 -35.86
CA ASN D 21 31.95 -62.74 -34.91
C ASN D 21 32.71 -64.01 -34.54
N VAL D 22 32.63 -64.38 -33.27
CA VAL D 22 33.20 -65.63 -32.79
C VAL D 22 32.29 -66.78 -33.21
N THR D 23 32.85 -67.75 -33.92
CA THR D 23 32.04 -68.85 -34.44
C THR D 23 31.86 -69.93 -33.39
N GLY D 24 30.77 -70.68 -33.52
CA GLY D 24 30.49 -71.79 -32.63
C GLY D 24 29.95 -71.42 -31.27
N SER D 25 29.43 -70.21 -31.12
CA SER D 25 28.90 -69.79 -29.83
C SER D 25 27.52 -70.39 -29.60
N THR D 26 27.20 -70.64 -28.33
CA THR D 26 25.93 -71.25 -27.97
C THR D 26 24.87 -70.25 -27.54
N ASN D 27 25.28 -69.04 -27.17
CA ASN D 27 24.33 -68.04 -26.69
C ASN D 27 23.55 -67.45 -27.87
N PRO D 28 22.44 -66.76 -27.61
CA PRO D 28 21.62 -66.21 -28.70
C PRO D 28 22.43 -65.28 -29.58
N PRO D 29 21.98 -65.03 -30.81
CA PRO D 29 22.82 -64.29 -31.76
C PRO D 29 23.19 -62.89 -31.31
N GLY D 30 22.24 -62.16 -30.72
CA GLY D 30 22.54 -60.82 -30.22
C GLY D 30 23.64 -60.79 -29.18
N LEU D 31 23.97 -61.95 -28.59
CA LEU D 31 25.03 -62.08 -27.61
C LEU D 31 26.21 -62.87 -28.13
N VAL D 32 26.37 -62.96 -29.44
CA VAL D 32 27.54 -63.62 -30.01
C VAL D 32 28.78 -62.80 -29.68
N PRO D 33 29.85 -63.41 -29.16
CA PRO D 33 31.07 -62.65 -28.87
C PRO D 33 31.61 -62.00 -30.13
N GLN D 34 32.10 -60.77 -29.97
CA GLN D 34 32.53 -59.96 -31.11
C GLN D 34 33.92 -59.40 -30.90
N VAL D 35 34.61 -59.17 -32.02
CA VAL D 35 35.85 -58.40 -32.06
C VAL D 35 35.64 -57.24 -33.02
N VAL D 36 35.92 -56.03 -32.54
CA VAL D 36 35.66 -54.81 -33.29
C VAL D 36 36.97 -54.04 -33.43
N GLN D 37 37.35 -53.74 -34.67
CA GLN D 37 38.46 -52.83 -34.93
C GLN D 37 37.90 -51.48 -35.37
N THR D 38 38.42 -50.42 -34.77
CA THR D 38 37.96 -49.06 -35.01
C THR D 38 39.14 -48.19 -35.43
N GLU D 39 38.94 -47.38 -36.46
CA GLU D 39 39.94 -46.39 -36.87
C GLU D 39 39.23 -45.04 -36.95
N SER D 40 39.51 -44.16 -35.98
CA SER D 40 38.75 -42.92 -35.87
C SER D 40 39.68 -41.72 -35.77
N ILE D 41 39.23 -40.59 -36.32
CA ILE D 41 40.02 -39.36 -36.28
C ILE D 41 39.61 -38.53 -35.08
N ASN D 42 40.57 -37.81 -34.53
CA ASN D 42 40.31 -36.89 -33.44
C ASN D 42 39.55 -35.67 -33.96
N ALA D 43 38.97 -34.92 -33.02
CA ALA D 43 38.25 -33.71 -33.39
C ALA D 43 39.17 -32.71 -34.08
N ARG D 44 40.30 -32.39 -33.46
CA ARG D 44 41.28 -31.50 -34.06
C ARG D 44 42.09 -32.16 -35.17
N LYS D 45 41.81 -33.42 -35.49
CA LYS D 45 42.51 -34.16 -36.55
C LYS D 45 44.01 -34.26 -36.27
N SER D 46 44.38 -34.30 -34.99
CA SER D 46 45.77 -34.49 -34.63
C SER D 46 46.15 -35.96 -34.51
N ASN D 47 45.24 -36.80 -34.03
CA ASN D 47 45.51 -38.22 -33.85
C ASN D 47 44.50 -39.06 -34.63
N ILE D 48 44.95 -40.22 -35.08
CA ILE D 48 44.06 -41.31 -35.46
C ILE D 48 44.17 -42.38 -34.39
N MET D 49 43.04 -42.76 -33.82
CA MET D 49 42.98 -43.81 -32.82
C MET D 49 42.71 -45.14 -33.53
N SER D 50 43.62 -46.10 -33.33
CA SER D 50 43.43 -47.47 -33.76
C SER D 50 43.04 -48.29 -32.54
N LYS D 51 41.86 -48.90 -32.57
CA LYS D 51 41.34 -49.64 -31.43
C LYS D 51 40.95 -51.06 -31.82
N ILE D 52 41.17 -51.98 -30.90
CA ILE D 52 40.65 -53.34 -30.98
C ILE D 52 39.89 -53.64 -29.70
N SER D 53 38.71 -54.23 -29.82
CA SER D 53 37.85 -54.49 -28.68
C SER D 53 37.29 -55.90 -28.79
N VAL D 54 37.45 -56.68 -27.73
CA VAL D 54 36.90 -58.03 -27.67
C VAL D 54 35.83 -58.02 -26.59
N TYR D 55 34.58 -58.25 -27.00
CA TYR D 55 33.44 -58.37 -26.10
C TYR D 55 33.01 -59.83 -26.08
N TYR D 56 33.20 -60.51 -24.95
CA TYR D 56 32.76 -61.89 -24.80
C TYR D 56 31.62 -61.91 -23.78
N TYR D 57 30.41 -62.23 -24.24
CA TYR D 57 29.25 -62.24 -23.37
C TYR D 57 29.10 -63.63 -22.76
N ILE D 58 29.11 -63.69 -21.43
CA ILE D 58 29.11 -64.96 -20.71
C ILE D 58 28.01 -64.93 -19.66
N PRO D 59 27.23 -66.01 -19.51
CA PRO D 59 26.17 -66.01 -18.50
C PRO D 59 26.74 -66.06 -17.09
N SER D 60 26.02 -65.41 -16.17
CA SER D 60 26.48 -65.31 -14.79
C SER D 60 26.50 -66.65 -14.07
N THR D 61 25.77 -67.64 -14.58
CA THR D 61 25.71 -68.96 -13.97
C THR D 61 26.09 -70.03 -15.00
N ASN D 62 26.41 -71.22 -14.49
CA ASN D 62 26.82 -72.30 -15.37
C ASN D 62 25.66 -72.85 -16.18
N SER D 63 24.45 -72.82 -15.62
CA SER D 63 23.26 -73.34 -16.29
C SER D 63 22.21 -72.24 -16.43
N VAL D 64 21.16 -72.55 -17.18
CA VAL D 64 20.11 -71.57 -17.41
C VAL D 64 19.24 -71.47 -16.16
N SER D 65 18.98 -70.25 -15.72
CA SER D 65 18.12 -70.02 -14.56
C SER D 65 17.41 -68.68 -14.76
N CYS D 66 16.48 -68.40 -13.84
CA CYS D 66 15.68 -67.19 -13.97
C CYS D 66 16.47 -65.94 -13.58
N CYS D 67 17.43 -66.07 -12.67
CA CYS D 67 18.30 -64.98 -12.27
C CYS D 67 19.56 -64.89 -13.13
N THR D 68 19.62 -65.65 -14.22
CA THR D 68 20.79 -65.64 -15.08
C THR D 68 20.95 -64.28 -15.75
N GLU D 69 22.03 -63.59 -15.42
CA GLU D 69 22.40 -62.34 -16.07
C GLU D 69 23.52 -62.60 -17.07
N TRP D 70 23.86 -61.56 -17.82
CA TRP D 70 24.89 -61.65 -18.86
C TRP D 70 26.02 -60.70 -18.51
N ASP D 71 27.13 -61.24 -18.03
CA ASP D 71 28.33 -60.44 -17.82
C ASP D 71 29.11 -60.34 -19.13
N THR D 72 29.97 -59.33 -19.20
CA THR D 72 30.78 -59.09 -20.39
C THR D 72 32.25 -59.08 -19.98
N ILE D 73 33.03 -59.99 -20.57
CA ILE D 73 34.48 -59.92 -20.49
C ILE D 73 34.94 -58.98 -21.60
N ARG D 74 35.49 -57.84 -21.21
CA ARG D 74 35.91 -56.80 -22.15
C ARG D 74 37.42 -56.71 -22.15
N CYS D 75 38.00 -56.70 -23.36
CA CYS D 75 39.43 -56.48 -23.54
C CYS D 75 39.61 -55.39 -24.60
N GLU D 76 40.22 -54.28 -24.20
CA GLU D 76 40.36 -53.10 -25.05
C GLU D 76 41.82 -52.81 -25.33
N PHE D 77 42.08 -52.29 -26.53
CA PHE D 77 43.40 -51.84 -26.96
C PHE D 77 43.23 -50.60 -27.81
N SER D 78 44.11 -49.61 -27.59
CA SER D 78 44.11 -48.39 -28.37
C SER D 78 45.53 -47.94 -28.62
N LEU D 79 45.75 -47.29 -29.76
CA LEU D 79 47.05 -46.77 -30.14
C LEU D 79 46.85 -45.44 -30.88
N THR D 80 47.67 -44.45 -30.53
CA THR D 80 47.58 -43.12 -31.13
C THR D 80 48.58 -43.00 -32.29
N LEU D 81 48.08 -42.69 -33.48
CA LEU D 81 48.89 -42.41 -34.64
C LEU D 81 48.89 -40.91 -34.87
N LEU D 82 50.01 -40.25 -34.58
CA LEU D 82 50.12 -38.81 -34.76
C LEU D 82 50.04 -38.47 -36.24
N GLN D 83 49.21 -37.47 -36.57
CA GLN D 83 48.94 -37.13 -37.96
C GLN D 83 49.55 -35.80 -38.39
N LEU D 84 49.99 -34.96 -37.45
CA LEU D 84 50.45 -33.62 -37.78
C LEU D 84 51.84 -33.34 -37.22
N SER D 85 52.62 -34.38 -36.98
CA SER D 85 53.96 -34.21 -36.43
C SER D 85 54.99 -34.16 -37.55
N SER D 86 55.92 -33.23 -37.44
CA SER D 86 57.03 -33.11 -38.38
C SER D 86 58.20 -34.02 -38.04
N ASN D 87 58.16 -34.66 -36.87
CA ASN D 87 59.24 -35.56 -36.47
C ASN D 87 59.14 -36.86 -37.27
N THR D 88 60.22 -37.20 -37.97
CA THR D 88 60.24 -38.42 -38.77
C THR D 88 60.40 -39.68 -37.95
N ASP D 89 60.68 -39.56 -36.63
CA ASP D 89 60.77 -40.73 -35.78
C ASP D 89 59.41 -41.32 -35.43
N VAL D 90 58.31 -40.65 -35.79
CA VAL D 90 57.00 -41.04 -35.29
C VAL D 90 56.64 -42.46 -35.69
N ALA D 91 56.94 -42.83 -36.94
CA ALA D 91 56.56 -44.17 -37.41
C ALA D 91 57.32 -45.26 -36.67
N ALA D 92 58.65 -45.15 -36.64
CA ALA D 92 59.45 -46.15 -35.95
C ALA D 92 59.12 -46.22 -34.47
N ARG D 93 58.85 -45.07 -33.85
CA ARG D 93 58.54 -45.07 -32.42
C ARG D 93 57.15 -45.62 -32.13
N THR D 94 56.17 -45.40 -33.01
CA THR D 94 54.88 -46.06 -32.85
C THR D 94 55.03 -47.57 -32.97
N VAL D 95 55.88 -48.02 -33.91
CA VAL D 95 56.16 -49.45 -34.02
C VAL D 95 56.78 -49.96 -32.72
N ASP D 96 57.76 -49.21 -32.19
CA ASP D 96 58.41 -49.62 -30.94
C ASP D 96 57.41 -49.67 -29.79
N VAL D 97 56.47 -48.73 -29.75
CA VAL D 97 55.47 -48.70 -28.68
C VAL D 97 54.56 -49.92 -28.78
N LEU D 98 54.10 -50.24 -29.99
CA LEU D 98 53.27 -51.42 -30.18
C LEU D 98 54.02 -52.70 -29.77
N ASP D 99 55.29 -52.78 -30.13
CA ASP D 99 56.08 -53.95 -29.76
C ASP D 99 56.28 -54.03 -28.26
N THR D 100 56.46 -52.88 -27.60
CA THR D 100 56.56 -52.86 -26.14
C THR D 100 55.26 -53.33 -25.51
N MET D 101 54.12 -52.94 -26.09
CA MET D 101 52.83 -53.41 -25.61
C MET D 101 52.72 -54.92 -25.69
N ILE D 102 53.08 -55.49 -26.84
CA ILE D 102 53.01 -56.94 -27.00
C ILE D 102 53.97 -57.65 -26.05
N SER D 103 55.19 -57.11 -25.91
CA SER D 103 56.16 -57.69 -25.01
C SER D 103 55.65 -57.68 -23.57
N PHE D 104 54.98 -56.60 -23.17
CA PHE D 104 54.46 -56.53 -21.80
C PHE D 104 53.28 -57.47 -21.60
N LEU D 105 52.44 -57.63 -22.62
CA LEU D 105 51.37 -58.62 -22.55
C LEU D 105 51.94 -60.02 -22.35
N ALA D 106 53.10 -60.30 -22.95
CA ALA D 106 53.76 -61.57 -22.68
C ALA D 106 54.38 -61.60 -21.29
N LYS D 107 55.08 -60.53 -20.93
CA LYS D 107 55.87 -60.47 -19.70
C LYS D 107 55.00 -60.57 -18.46
N ARG D 108 53.83 -59.94 -18.48
CA ARG D 108 52.97 -59.82 -17.31
C ARG D 108 51.66 -60.61 -17.47
N ARG D 109 51.68 -61.71 -18.22
CA ARG D 109 50.45 -62.43 -18.51
C ARG D 109 49.78 -62.94 -17.24
N ASN D 110 50.55 -63.57 -16.34
CA ASN D 110 49.96 -64.10 -15.12
C ASN D 110 49.41 -62.97 -14.25
N SER D 111 50.16 -61.88 -14.11
CA SER D 111 49.70 -60.75 -13.31
C SER D 111 48.41 -60.17 -13.88
N ILE D 112 48.35 -60.02 -15.21
CA ILE D 112 47.17 -59.46 -15.86
C ILE D 112 45.97 -60.38 -15.64
N LEU D 113 46.18 -61.69 -15.77
CA LEU D 113 45.07 -62.63 -15.67
C LEU D 113 44.61 -62.84 -14.23
N ALA D 114 45.49 -62.59 -13.26
CA ALA D 114 45.14 -62.82 -11.86
C ALA D 114 44.74 -61.55 -11.12
N GLY D 115 45.01 -60.37 -11.68
CA GLY D 115 44.71 -59.13 -10.97
C GLY D 115 45.61 -58.93 -9.77
N ASN D 116 46.89 -59.25 -9.90
CA ASN D 116 47.85 -59.16 -8.80
C ASN D 116 49.17 -58.64 -9.36
N LEU D 117 49.54 -57.42 -8.97
CA LEU D 117 50.78 -56.81 -9.45
C LEU D 117 52.02 -57.52 -8.95
N LEU D 118 51.92 -58.28 -7.86
CA LEU D 118 53.09 -58.85 -7.22
C LEU D 118 53.61 -60.12 -7.89
N LEU D 119 52.83 -60.71 -8.79
CA LEU D 119 53.29 -61.94 -9.44
C LEU D 119 54.52 -61.65 -10.29
N PRO D 120 55.52 -62.52 -10.27
CA PRO D 120 56.71 -62.29 -11.09
C PRO D 120 56.38 -62.37 -12.58
N ASP D 121 57.31 -61.89 -13.39
CA ASP D 121 57.17 -61.98 -14.84
C ASP D 121 56.95 -63.42 -15.25
N ASN D 122 56.18 -63.59 -16.31
CA ASN D 122 56.02 -64.92 -16.89
C ASN D 122 57.38 -65.43 -17.38
N PRO D 123 57.67 -66.73 -17.22
CA PRO D 123 58.92 -67.30 -17.73
C PRO D 123 58.97 -67.26 -19.26
N ALA E 1 49.17 59.93 -37.64
CA ALA E 1 48.76 61.30 -37.39
C ALA E 1 47.78 61.39 -36.24
N SER E 2 48.12 62.15 -35.22
CA SER E 2 47.20 62.39 -34.12
C SER E 2 45.91 62.99 -34.66
N LEU E 3 44.78 62.43 -34.24
CA LEU E 3 43.49 62.90 -34.75
C LEU E 3 43.09 64.20 -34.04
N PRO E 4 42.45 65.13 -34.74
CA PRO E 4 41.98 66.35 -34.10
C PRO E 4 40.72 66.08 -33.28
N VAL E 5 40.67 66.65 -32.08
CA VAL E 5 39.58 66.39 -31.15
C VAL E 5 39.09 67.68 -30.52
N THR E 6 37.81 67.68 -30.15
CA THR E 6 37.24 68.71 -29.29
C THR E 6 36.49 68.03 -28.16
N GLN E 7 36.57 68.63 -26.97
CA GLN E 7 35.95 68.02 -25.80
C GLN E 7 34.43 68.08 -25.92
N TYR E 8 33.79 66.92 -25.97
CA TYR E 8 32.34 66.80 -26.08
C TYR E 8 31.67 66.76 -24.71
N SER E 9 32.03 65.80 -23.86
CA SER E 9 31.55 65.78 -22.48
C SER E 9 32.69 66.11 -21.53
N PRO E 10 32.67 67.27 -20.88
CA PRO E 10 33.82 67.72 -20.10
C PRO E 10 33.88 67.01 -18.76
N PRO E 11 35.03 67.05 -18.08
CA PRO E 11 35.12 66.41 -16.77
C PRO E 11 34.27 67.12 -15.74
N VAL E 12 33.62 66.33 -14.91
CA VAL E 12 32.66 66.81 -13.93
C VAL E 12 33.21 66.69 -12.52
N THR E 13 33.68 65.49 -12.16
CA THR E 13 34.26 65.17 -10.88
C THR E 13 35.59 64.46 -11.13
N PRO E 14 36.46 64.39 -10.11
CA PRO E 14 37.74 63.67 -10.30
C PRO E 14 37.58 62.25 -10.80
N LEU E 15 36.54 61.54 -10.36
CA LEU E 15 36.23 60.22 -10.88
C LEU E 15 35.10 60.31 -11.90
N GLY E 16 35.07 59.34 -12.81
CA GLY E 16 34.05 59.32 -13.84
C GLY E 16 34.63 59.20 -15.24
N LYS E 17 33.97 59.85 -16.20
CA LYS E 17 34.34 59.78 -17.61
C LYS E 17 34.38 61.17 -18.21
N SER E 18 35.32 61.37 -19.13
CA SER E 18 35.39 62.55 -19.98
C SER E 18 35.56 62.09 -21.42
N THR E 19 34.90 62.75 -22.37
CA THR E 19 34.95 62.31 -23.75
C THR E 19 35.27 63.47 -24.69
N TRP E 20 36.13 63.17 -25.67
CA TRP E 20 36.43 64.05 -26.79
C TRP E 20 35.92 63.40 -28.07
N ASN E 21 35.41 64.22 -28.98
CA ASN E 21 35.00 63.77 -30.29
C ASN E 21 36.05 64.15 -31.32
N VAL E 22 36.28 63.24 -32.28
CA VAL E 22 37.17 63.51 -33.39
C VAL E 22 36.45 64.40 -34.40
N THR E 23 37.04 65.55 -34.72
CA THR E 23 36.39 66.51 -35.58
C THR E 23 36.64 66.16 -37.05
N GLY E 24 35.70 66.60 -37.90
CA GLY E 24 35.82 66.39 -39.34
C GLY E 24 35.46 65.01 -39.82
N SER E 25 34.75 64.22 -39.02
CA SER E 25 34.39 62.88 -39.43
C SER E 25 33.23 62.92 -40.41
N THR E 26 33.20 61.94 -41.32
CA THR E 26 32.17 61.88 -42.35
C THR E 26 31.03 60.93 -42.00
N ASN E 27 31.23 60.02 -41.06
CA ASN E 27 30.21 59.05 -40.70
C ASN E 27 29.13 59.72 -39.85
N PRO E 28 27.97 59.07 -39.70
CA PRO E 28 26.87 59.68 -38.92
C PRO E 28 27.30 60.00 -37.50
N PRO E 29 26.59 60.90 -36.83
CA PRO E 29 27.10 61.38 -35.53
C PRO E 29 27.23 60.30 -34.47
N GLY E 30 26.29 59.36 -34.40
CA GLY E 30 26.40 58.27 -33.45
C GLY E 30 27.64 57.42 -33.65
N LEU E 31 28.29 57.53 -34.81
CA LEU E 31 29.52 56.80 -35.10
C LEU E 31 30.73 57.72 -35.20
N VAL E 32 30.66 58.91 -34.60
CA VAL E 32 31.82 59.80 -34.56
C VAL E 32 32.91 59.16 -33.71
N PRO E 33 34.15 59.07 -34.20
CA PRO E 33 35.22 58.51 -33.38
C PRO E 33 35.38 59.27 -32.08
N GLN E 34 35.65 58.54 -31.00
CA GLN E 34 35.68 59.12 -29.67
C GLN E 34 36.96 58.73 -28.93
N VAL E 35 37.36 59.61 -28.01
CA VAL E 35 38.40 59.32 -27.03
C VAL E 35 37.79 59.53 -25.64
N VAL E 36 37.91 58.51 -24.79
CA VAL E 36 37.27 58.52 -23.48
C VAL E 36 38.36 58.32 -22.42
N GLN E 37 38.44 59.23 -21.48
CA GLN E 37 39.28 59.06 -20.29
C GLN E 37 38.40 58.70 -19.10
N THR E 38 38.79 57.67 -18.37
CA THR E 38 38.03 57.15 -17.24
C THR E 38 38.92 57.14 -16.01
N GLU E 39 38.38 57.59 -14.88
CA GLU E 39 39.06 57.48 -13.59
C GLU E 39 38.11 56.81 -12.61
N SER E 40 38.37 55.55 -12.28
CA SER E 40 37.41 54.78 -11.50
C SER E 40 38.08 54.13 -10.30
N ILE E 41 37.32 53.98 -9.21
CA ILE E 41 37.85 53.37 -8.00
C ILE E 41 37.49 51.89 -7.99
N ASN E 42 38.39 51.10 -7.40
CA ASN E 42 38.14 49.68 -7.23
C ASN E 42 37.08 49.46 -6.16
N ALA E 43 36.53 48.24 -6.15
CA ALA E 43 35.53 47.90 -5.14
C ALA E 43 36.09 48.02 -3.73
N ARG E 44 37.23 47.39 -3.47
CA ARG E 44 37.89 47.50 -2.18
C ARG E 44 38.60 48.83 -1.99
N LYS E 45 38.52 49.74 -2.95
CA LYS E 45 39.16 51.06 -2.87
C LYS E 45 40.66 50.95 -2.70
N SER E 46 41.27 49.90 -3.25
CA SER E 46 42.71 49.76 -3.21
C SER E 46 43.39 50.44 -4.39
N ASN E 47 42.77 50.42 -5.57
CA ASN E 47 43.34 51.00 -6.77
C ASN E 47 42.40 52.04 -7.36
N ILE E 48 42.99 53.05 -7.99
CA ILE E 48 42.28 53.89 -8.95
C ILE E 48 42.79 53.51 -10.33
N MET E 49 41.86 53.17 -11.22
CA MET E 49 42.21 52.86 -12.61
C MET E 49 42.09 54.13 -13.44
N SER E 50 43.20 54.50 -14.09
CA SER E 50 43.21 55.56 -15.09
C SER E 50 43.22 54.91 -16.46
N LYS E 51 42.20 55.19 -17.27
CA LYS E 51 42.04 54.57 -18.56
C LYS E 51 41.89 55.61 -19.66
N ILE E 52 42.46 55.30 -20.83
CA ILE E 52 42.21 56.05 -22.06
C ILE E 52 41.77 55.07 -23.12
N SER E 53 40.72 55.41 -23.87
CA SER E 53 40.16 54.52 -24.87
C SER E 53 39.87 55.31 -26.13
N VAL E 54 40.38 54.82 -27.26
CA VAL E 54 40.13 55.41 -28.56
C VAL E 54 39.30 54.44 -29.36
N TYR E 55 38.06 54.84 -29.68
CA TYR E 55 37.15 54.06 -30.52
C TYR E 55 37.03 54.78 -31.86
N TYR E 56 37.55 54.18 -32.92
CA TYR E 56 37.43 54.72 -34.27
C TYR E 56 36.53 53.80 -35.08
N TYR E 57 35.36 54.28 -35.44
CA TYR E 57 34.38 53.49 -36.17
C TYR E 57 34.63 53.67 -37.67
N ILE E 58 34.88 52.57 -38.36
CA ILE E 58 35.28 52.61 -39.77
C ILE E 58 34.40 51.63 -40.55
N PRO E 59 33.89 52.01 -41.72
CA PRO E 59 33.05 51.09 -42.49
C PRO E 59 33.86 49.94 -43.06
N SER E 60 33.20 48.78 -43.17
CA SER E 60 33.88 47.57 -43.62
C SER E 60 34.29 47.64 -45.08
N THR E 61 33.70 48.55 -45.85
CA THR E 61 34.01 48.71 -47.26
C THR E 61 34.41 50.15 -47.56
N ASN E 62 35.05 50.35 -48.71
CA ASN E 62 35.50 51.68 -49.08
C ASN E 62 34.35 52.59 -49.45
N SER E 63 33.28 52.04 -50.03
CA SER E 63 32.12 52.81 -50.45
C SER E 63 30.87 52.30 -49.74
N VAL E 64 29.78 53.05 -49.90
CA VAL E 64 28.53 52.68 -49.26
C VAL E 64 27.90 51.52 -50.02
N SER E 65 27.48 50.50 -49.27
CA SER E 65 26.81 49.34 -49.87
C SER E 65 25.83 48.79 -48.85
N CYS E 66 25.04 47.80 -49.30
CA CYS E 66 24.00 47.26 -48.43
C CYS E 66 24.59 46.32 -47.37
N CYS E 67 25.71 45.66 -47.68
CA CYS E 67 26.40 44.81 -46.73
C CYS E 67 27.44 45.56 -45.90
N THR E 68 27.44 46.88 -45.99
CA THR E 68 28.42 47.69 -45.25
C THR E 68 28.18 47.57 -43.75
N GLU E 69 29.14 46.98 -43.05
CA GLU E 69 29.13 46.92 -41.61
C GLU E 69 30.07 47.97 -41.04
N TRP E 70 30.07 48.11 -39.72
CA TRP E 70 30.89 49.09 -39.03
C TRP E 70 31.84 48.37 -38.09
N ASP E 71 33.11 48.30 -38.48
CA ASP E 71 34.13 47.76 -37.61
C ASP E 71 34.63 48.88 -36.67
N THR E 72 35.25 48.47 -35.58
CA THR E 72 35.77 49.40 -34.59
C THR E 72 37.25 49.12 -34.39
N ILE E 73 38.08 50.15 -34.65
CA ILE E 73 39.48 50.12 -34.25
C ILE E 73 39.54 50.61 -32.81
N ARG E 74 39.89 49.71 -31.89
CA ARG E 74 39.93 50.00 -30.47
C ARG E 74 41.37 50.05 -29.99
N CYS E 75 41.70 51.10 -29.25
CA CYS E 75 43.00 51.22 -28.59
C CYS E 75 42.77 51.58 -27.13
N GLU E 76 43.20 50.71 -26.23
CA GLU E 76 42.96 50.83 -24.80
C GLU E 76 44.25 50.99 -24.03
N PHE E 77 44.18 51.77 -22.96
CA PHE E 77 45.28 51.99 -22.03
C PHE E 77 44.72 52.06 -20.62
N SER E 78 45.40 51.42 -19.68
CA SER E 78 45.01 51.46 -18.28
C SER E 78 46.25 51.51 -17.41
N LEU E 79 46.13 52.17 -16.25
CA LEU E 79 47.20 52.30 -15.28
C LEU E 79 46.62 52.24 -13.88
N THR E 80 47.28 51.47 -13.01
CA THR E 80 46.81 51.30 -11.62
C THR E 80 47.54 52.27 -10.70
N LEU E 81 46.77 53.11 -10.01
CA LEU E 81 47.29 54.02 -8.99
C LEU E 81 46.95 53.43 -7.62
N LEU E 82 47.95 52.92 -6.92
CA LEU E 82 47.73 52.33 -5.61
C LEU E 82 47.33 53.42 -4.62
N GLN E 83 46.26 53.15 -3.85
CA GLN E 83 45.68 54.14 -2.97
C GLN E 83 45.92 53.86 -1.48
N LEU E 84 46.36 52.65 -1.13
CA LEU E 84 46.47 52.27 0.28
C LEU E 84 47.85 51.71 0.60
N SER E 85 48.86 52.08 -0.17
CA SER E 85 50.21 51.61 0.05
C SER E 85 50.98 52.60 0.91
N SER E 86 51.72 52.07 1.88
CA SER E 86 52.59 52.88 2.73
C SER E 86 53.96 53.11 2.12
N ASN E 87 54.27 52.44 1.01
CA ASN E 87 55.56 52.62 0.34
C ASN E 87 55.59 53.96 -0.38
N THR E 88 56.56 54.80 -0.04
CA THR E 88 56.68 56.11 -0.66
C THR E 88 57.24 56.05 -2.08
N ASP E 89 57.71 54.89 -2.54
CA ASP E 89 58.19 54.76 -3.91
C ASP E 89 57.06 54.70 -4.92
N VAL E 90 55.81 54.60 -4.48
CA VAL E 90 54.71 54.29 -5.39
C VAL E 90 54.58 55.35 -6.48
N ALA E 91 54.70 56.63 -6.11
CA ALA E 91 54.52 57.69 -7.10
C ALA E 91 55.61 57.66 -8.16
N ALA E 92 56.88 57.66 -7.73
CA ALA E 92 57.98 57.62 -8.70
C ALA E 92 57.94 56.37 -9.55
N ARG E 93 57.55 55.24 -8.96
CA ARG E 93 57.52 53.99 -9.73
C ARG E 93 56.35 53.96 -10.71
N THR E 94 55.19 54.54 -10.35
CA THR E 94 54.12 54.68 -11.32
C THR E 94 54.54 55.56 -12.48
N VAL E 95 55.27 56.64 -12.18
CA VAL E 95 55.82 57.48 -13.24
C VAL E 95 56.75 56.67 -14.13
N ASP E 96 57.64 55.88 -13.51
CA ASP E 96 58.56 55.06 -14.28
C ASP E 96 57.83 54.05 -15.15
N VAL E 97 56.74 53.48 -14.62
CA VAL E 97 55.97 52.50 -15.37
C VAL E 97 55.32 53.15 -16.59
N LEU E 98 54.72 54.34 -16.39
CA LEU E 98 54.12 55.05 -17.52
C LEU E 98 55.16 55.40 -18.57
N ASP E 99 56.35 55.82 -18.13
CA ASP E 99 57.42 56.15 -19.08
C ASP E 99 57.89 54.90 -19.82
N THR E 100 57.96 53.77 -19.13
CA THR E 100 58.30 52.51 -19.80
C THR E 100 57.26 52.15 -20.84
N MET E 101 55.99 52.39 -20.53
CA MET E 101 54.91 52.14 -21.49
C MET E 101 55.11 52.97 -22.75
N ILE E 102 55.35 54.28 -22.57
CA ILE E 102 55.55 55.16 -23.73
C ILE E 102 56.79 54.75 -24.52
N SER E 103 57.87 54.43 -23.81
CA SER E 103 59.10 54.00 -24.48
C SER E 103 58.86 52.73 -25.30
N PHE E 104 58.07 51.81 -24.77
CA PHE E 104 57.80 50.57 -25.51
C PHE E 104 56.88 50.81 -26.70
N LEU E 105 55.92 51.73 -26.57
CA LEU E 105 55.11 52.11 -27.71
C LEU E 105 55.97 52.69 -28.83
N ALA E 106 57.03 53.41 -28.46
CA ALA E 106 57.97 53.88 -29.48
C ALA E 106 58.82 52.73 -30.01
N LYS E 107 59.35 51.91 -29.11
CA LYS E 107 60.33 50.88 -29.44
C LYS E 107 59.73 49.81 -30.36
N ARG E 108 58.47 49.44 -30.13
CA ARG E 108 57.83 48.34 -30.83
C ARG E 108 56.70 48.81 -31.75
N ARG E 109 56.80 50.02 -32.30
CA ARG E 109 55.71 50.57 -33.09
C ARG E 109 55.40 49.70 -34.31
N ASN E 110 56.43 49.30 -35.05
CA ASN E 110 56.18 48.49 -36.24
C ASN E 110 55.60 47.14 -35.87
N SER E 111 56.13 46.50 -34.84
CA SER E 111 55.60 45.21 -34.40
C SER E 111 54.14 45.33 -33.98
N ILE E 112 53.81 46.39 -33.22
CA ILE E 112 52.45 46.59 -32.76
C ILE E 112 51.50 46.82 -33.94
N LEU E 113 51.95 47.61 -34.92
CA LEU E 113 51.08 47.94 -36.05
C LEU E 113 50.95 46.80 -37.03
N ALA E 114 51.91 45.88 -37.08
CA ALA E 114 51.88 44.79 -38.03
C ALA E 114 51.38 43.48 -37.43
N GLY E 115 51.29 43.37 -36.11
CA GLY E 115 50.90 42.12 -35.50
C GLY E 115 51.93 41.02 -35.68
N ASN E 116 53.21 41.37 -35.54
CA ASN E 116 54.32 40.44 -35.75
C ASN E 116 55.37 40.72 -34.69
N LEU E 117 55.56 39.77 -33.76
CA LEU E 117 56.55 39.93 -32.70
C LEU E 117 57.97 39.95 -33.21
N LEU E 118 58.22 39.40 -34.39
CA LEU E 118 59.58 39.20 -34.86
C LEU E 118 60.21 40.45 -35.46
N LEU E 119 59.43 41.49 -35.73
CA LEU E 119 59.99 42.70 -36.31
C LEU E 119 60.97 43.34 -35.34
N PRO E 120 62.10 43.83 -35.81
CA PRO E 120 63.06 44.49 -34.91
C PRO E 120 62.48 45.78 -34.34
N ASP E 121 63.14 46.27 -33.30
CA ASP E 121 62.76 47.55 -32.71
C ASP E 121 62.76 48.64 -33.77
N ASN E 122 61.86 49.60 -33.61
CA ASN E 122 61.87 50.77 -34.47
C ASN E 122 63.19 51.51 -34.31
N PRO E 123 63.76 52.05 -35.39
CA PRO E 123 64.99 52.86 -35.28
C PRO E 123 64.75 54.15 -34.50
N ALA F 1 31.45 5.76 80.02
CA ALA F 1 30.86 4.82 80.96
C ALA F 1 30.12 3.70 80.24
N SER F 2 30.53 2.47 80.48
CA SER F 2 29.81 1.32 79.94
C SER F 2 28.35 1.38 80.38
N LEU F 3 27.45 1.21 79.43
CA LEU F 3 26.03 1.29 79.74
C LEU F 3 25.56 0.00 80.40
N PRO F 4 24.64 0.08 81.36
CA PRO F 4 24.09 -1.14 81.96
C PRO F 4 23.09 -1.81 81.04
N VAL F 5 23.18 -3.14 80.94
CA VAL F 5 22.37 -3.89 80.00
C VAL F 5 21.79 -5.13 80.68
N THR F 6 20.64 -5.56 80.18
CA THR F 6 20.07 -6.86 80.50
C THR F 6 19.69 -7.56 79.21
N GLN F 7 19.90 -8.88 79.16
CA GLN F 7 19.64 -9.62 77.94
C GLN F 7 18.15 -9.69 77.68
N TYR F 8 17.72 -9.11 76.56
CA TYR F 8 16.32 -9.08 76.14
C TYR F 8 15.95 -10.30 75.30
N SER F 9 16.64 -10.50 74.18
CA SER F 9 16.46 -11.72 73.39
C SER F 9 17.68 -12.61 73.51
N PRO F 10 17.59 -13.76 74.17
CA PRO F 10 18.78 -14.55 74.46
C PRO F 10 19.22 -15.34 73.25
N PRO F 11 20.46 -15.84 73.26
CA PRO F 11 20.93 -16.64 72.12
C PRO F 11 20.18 -17.96 72.03
N VAL F 12 19.85 -18.33 70.80
CA VAL F 12 19.04 -19.49 70.50
C VAL F 12 19.88 -20.59 69.87
N THR F 13 20.61 -20.26 68.81
CA THR F 13 21.49 -21.15 68.08
C THR F 13 22.84 -20.47 67.93
N PRO F 14 23.89 -21.23 67.61
CA PRO F 14 25.21 -20.60 67.41
C PRO F 14 25.21 -19.46 66.41
N LEU F 15 24.42 -19.56 65.35
CA LEU F 15 24.26 -18.48 64.39
C LEU F 15 22.95 -17.75 64.66
N GLY F 16 22.91 -16.48 64.27
CA GLY F 16 21.72 -15.67 64.48
C GLY F 16 22.02 -14.37 65.18
N LYS F 17 21.08 -13.92 66.02
CA LYS F 17 21.18 -12.64 66.72
C LYS F 17 20.84 -12.82 68.19
N SER F 18 21.52 -12.05 69.03
CA SER F 18 21.22 -11.92 70.44
C SER F 18 21.19 -10.43 70.77
N THR F 19 20.24 -10.01 71.61
CA THR F 19 20.08 -8.59 71.91
C THR F 19 20.01 -8.34 73.41
N TRP F 20 20.69 -7.28 73.84
CA TRP F 20 20.62 -6.73 75.18
C TRP F 20 19.98 -5.35 75.11
N ASN F 21 19.15 -5.03 76.10
CA ASN F 21 18.57 -3.70 76.24
C ASN F 21 19.32 -2.91 77.31
N VAL F 22 19.51 -1.62 77.05
CA VAL F 22 20.10 -0.71 78.03
C VAL F 22 19.04 -0.37 79.07
N THR F 23 19.35 -0.62 80.34
CA THR F 23 18.38 -0.42 81.41
C THR F 23 18.38 1.04 81.86
N GLY F 24 17.25 1.47 82.39
CA GLY F 24 17.10 2.81 82.93
C GLY F 24 16.91 3.90 81.89
N SER F 25 16.52 3.54 80.68
CA SER F 25 16.33 4.55 79.64
C SER F 25 15.00 5.27 79.84
N THR F 26 14.97 6.54 79.44
CA THR F 26 13.77 7.36 79.61
C THR F 26 12.91 7.45 78.36
N ASN F 27 13.46 7.12 77.19
CA ASN F 27 12.71 7.22 75.95
C ASN F 27 11.73 6.06 75.83
N PRO F 28 10.75 6.15 74.93
CA PRO F 28 9.74 5.08 74.80
C PRO F 28 10.38 3.75 74.51
N PRO F 29 9.68 2.64 74.78
CA PRO F 29 10.33 1.31 74.70
C PRO F 29 10.87 0.98 73.32
N GLY F 30 10.14 1.31 72.26
CA GLY F 30 10.63 1.05 70.91
C GLY F 30 11.93 1.76 70.59
N LEU F 31 12.30 2.75 71.40
CA LEU F 31 13.56 3.48 71.24
C LEU F 31 14.55 3.19 72.36
N VAL F 32 14.39 2.08 73.06
CA VAL F 32 15.35 1.70 74.09
C VAL F 32 16.69 1.38 73.42
N PRO F 33 17.80 1.94 73.89
CA PRO F 33 19.10 1.62 73.30
C PRO F 33 19.38 0.14 73.37
N GLN F 34 19.98 -0.40 72.31
CA GLN F 34 20.18 -1.83 72.18
C GLN F 34 21.63 -2.17 71.82
N VAL F 35 22.04 -3.36 72.23
CA VAL F 35 23.29 -3.96 71.79
C VAL F 35 22.95 -5.31 71.16
N VAL F 36 23.40 -5.52 69.93
CA VAL F 36 23.05 -6.71 69.15
C VAL F 36 24.34 -7.41 68.76
N GLN F 37 24.45 -8.69 69.11
CA GLN F 37 25.53 -9.54 68.62
C GLN F 37 24.97 -10.46 67.53
N THR F 38 25.68 -10.53 66.42
CA THR F 38 25.27 -11.31 65.25
C THR F 38 26.37 -12.29 64.88
N GLU F 39 25.99 -13.53 64.59
CA GLU F 39 26.93 -14.53 64.07
C GLU F 39 26.32 -15.11 62.81
N SER F 40 26.86 -14.74 61.65
CA SER F 40 26.23 -15.10 60.38
C SER F 40 27.23 -15.75 59.43
N ILE F 41 26.73 -16.68 58.61
CA ILE F 41 27.59 -17.37 57.64
C ILE F 41 27.52 -16.66 56.31
N ASN F 42 28.63 -16.69 55.59
CA ASN F 42 28.67 -16.13 54.25
C ASN F 42 27.90 -17.04 53.28
N ALA F 43 27.59 -16.48 52.11
CA ALA F 43 26.89 -17.26 51.09
C ALA F 43 27.69 -18.48 50.68
N ARG F 44 28.96 -18.28 50.31
CA ARG F 44 29.82 -19.40 49.95
C ARG F 44 30.32 -20.18 51.17
N LYS F 45 29.89 -19.81 52.38
CA LYS F 45 30.28 -20.48 53.61
C LYS F 45 31.79 -20.45 53.82
N SER F 46 32.44 -19.40 53.34
CA SER F 46 33.87 -19.23 53.56
C SER F 46 34.16 -18.51 54.87
N ASN F 47 33.34 -17.54 55.24
CA ASN F 47 33.55 -16.75 56.45
C ASN F 47 32.34 -16.86 57.37
N ILE F 48 32.60 -16.77 58.67
CA ILE F 48 31.58 -16.43 59.65
C ILE F 48 31.86 -15.01 60.12
N MET F 49 30.87 -14.15 60.01
CA MET F 49 30.97 -12.78 60.48
C MET F 49 30.46 -12.71 61.91
N SER F 50 31.34 -12.24 62.82
CA SER F 50 30.97 -11.92 64.19
C SER F 50 30.81 -10.41 64.30
N LYS F 51 29.62 -9.95 64.66
CA LYS F 51 29.33 -8.53 64.70
C LYS F 51 28.77 -8.13 66.06
N ILE F 52 29.13 -6.92 66.49
CA ILE F 52 28.53 -6.27 67.64
C ILE F 52 28.06 -4.89 67.19
N SER F 53 26.85 -4.51 67.58
CA SER F 53 26.26 -3.26 67.16
C SER F 53 25.60 -2.58 68.35
N VAL F 54 25.95 -1.33 68.59
CA VAL F 54 25.34 -0.54 69.65
C VAL F 54 24.55 0.58 68.98
N TYR F 55 23.22 0.55 69.17
CA TYR F 55 22.32 1.58 68.68
C TYR F 55 21.81 2.35 69.88
N TYR F 56 22.20 3.62 70.00
CA TYR F 56 21.72 4.49 71.08
C TYR F 56 20.85 5.57 70.45
N TYR F 57 19.56 5.53 70.73
CA TYR F 57 18.62 6.49 70.17
C TYR F 57 18.52 7.70 71.09
N ILE F 58 18.83 8.88 70.55
CA ILE F 58 18.91 10.10 71.34
C ILE F 58 18.09 11.19 70.66
N PRO F 59 17.29 11.95 71.40
CA PRO F 59 16.50 13.02 70.78
C PRO F 59 17.37 14.14 70.28
N SER F 60 16.92 14.77 69.18
CA SER F 60 17.69 15.83 68.55
C SER F 60 17.78 17.08 69.39
N THR F 61 16.90 17.24 70.38
CA THR F 61 16.90 18.40 71.26
C THR F 61 16.96 17.96 72.72
N ASN F 62 17.32 18.90 73.58
CA ASN F 62 17.45 18.58 75.00
C ASN F 62 16.09 18.35 75.65
N SER F 63 15.05 19.02 75.19
CA SER F 63 13.71 18.90 75.75
C SER F 63 12.74 18.44 74.67
N VAL F 64 11.52 18.11 75.11
CA VAL F 64 10.50 17.64 74.18
C VAL F 64 9.95 18.82 73.40
N SER F 65 9.88 18.66 72.07
CA SER F 65 9.33 19.69 71.22
C SER F 65 8.67 19.02 70.01
N CYS F 66 7.99 19.82 69.20
CA CYS F 66 7.26 19.27 68.06
C CYS F 66 8.20 18.88 66.92
N CYS F 67 9.33 19.57 66.79
CA CYS F 67 10.35 19.24 65.78
C CYS F 67 11.37 18.25 66.30
N THR F 68 11.14 17.65 67.46
CA THR F 68 12.08 16.71 68.04
C THR F 68 12.17 15.46 67.17
N GLU F 69 13.34 15.23 66.59
CA GLU F 69 13.63 14.01 65.84
C GLU F 69 14.47 13.08 66.71
N TRP F 70 14.69 11.88 66.19
CA TRP F 70 15.46 10.86 66.90
C TRP F 70 16.68 10.51 66.10
N ASP F 71 17.84 10.98 66.54
CA ASP F 71 19.10 10.58 65.94
C ASP F 71 19.57 9.27 66.56
N THR F 72 20.45 8.58 65.85
CA THR F 72 20.99 7.31 66.31
C THR F 72 22.51 7.41 66.35
N ILE F 73 23.07 7.19 67.54
CA ILE F 73 24.51 6.97 67.69
C ILE F 73 24.76 5.49 67.44
N ARG F 74 25.44 5.19 66.34
CA ARG F 74 25.71 3.82 65.93
C ARG F 74 27.19 3.50 66.10
N CYS F 75 27.48 2.36 66.73
CA CYS F 75 28.84 1.85 66.84
C CYS F 75 28.85 0.40 66.40
N GLU F 76 29.59 0.11 65.35
CA GLU F 76 29.61 -1.21 64.71
C GLU F 76 30.98 -1.84 64.82
N PHE F 77 31.00 -3.17 64.94
CA PHE F 77 32.21 -3.98 64.96
C PHE F 77 31.94 -5.28 64.22
N SER F 78 32.89 -5.69 63.41
CA SER F 78 32.79 -6.95 62.68
C SER F 78 34.15 -7.63 62.63
N LEU F 79 34.14 -8.96 62.61
CA LEU F 79 35.35 -9.77 62.53
C LEU F 79 35.08 -10.99 61.67
N THR F 80 36.02 -11.30 60.77
CA THR F 80 35.88 -12.44 59.87
C THR F 80 36.59 -13.66 60.44
N LEU F 81 35.84 -14.74 60.63
CA LEU F 81 36.39 -16.03 61.04
C LEU F 81 36.43 -16.93 59.81
N LEU F 82 37.63 -17.19 59.30
CA LEU F 82 37.79 -18.05 58.13
C LEU F 82 37.39 -19.48 58.48
N GLN F 83 36.57 -20.09 57.63
CA GLN F 83 36.02 -21.41 57.90
C GLN F 83 36.59 -22.52 57.02
N LEU F 84 37.30 -22.18 55.94
CA LEU F 84 37.75 -23.18 54.99
C LEU F 84 39.24 -23.06 54.71
N SER F 85 39.99 -22.50 55.65
CA SER F 85 41.43 -22.33 55.48
C SER F 85 42.16 -23.50 56.11
N SER F 86 43.16 -24.01 55.38
CA SER F 86 44.03 -25.07 55.89
C SER F 86 45.19 -24.54 56.71
N ASN F 87 45.38 -23.23 56.76
CA ASN F 87 46.46 -22.63 57.54
C ASN F 87 46.10 -22.69 59.02
N THR F 88 46.97 -23.31 59.81
CA THR F 88 46.73 -23.45 61.24
C THR F 88 46.99 -22.15 62.01
N ASP F 89 47.56 -21.13 61.36
CA ASP F 89 47.77 -19.84 62.02
C ASP F 89 46.50 -19.03 62.15
N VAL F 90 45.39 -19.47 61.55
CA VAL F 90 44.21 -18.63 61.44
C VAL F 90 43.68 -18.24 62.82
N ALA F 91 43.65 -19.18 63.75
CA ALA F 91 43.09 -18.90 65.08
C ALA F 91 43.93 -17.87 65.82
N ALA F 92 45.24 -18.12 65.93
CA ALA F 92 46.11 -17.19 66.64
C ALA F 92 46.13 -15.83 65.97
N ARG F 93 46.06 -15.79 64.64
CA ARG F 93 46.10 -14.51 63.94
C ARG F 93 44.79 -13.75 64.07
N THR F 94 43.64 -14.45 64.11
CA THR F 94 42.38 -13.77 64.41
C THR F 94 42.41 -13.19 65.82
N VAL F 95 42.98 -13.94 66.77
CA VAL F 95 43.16 -13.40 68.12
C VAL F 95 44.01 -12.14 68.09
N ASP F 96 45.13 -12.20 67.35
CA ASP F 96 46.01 -11.05 67.25
C ASP F 96 45.31 -9.86 66.62
N VAL F 97 44.47 -10.11 65.62
CA VAL F 97 43.74 -9.03 64.95
C VAL F 97 42.77 -8.38 65.92
N LEU F 98 42.01 -9.19 66.67
CA LEU F 98 41.09 -8.64 67.65
C LEU F 98 41.83 -7.82 68.70
N ASP F 99 42.99 -8.31 69.16
CA ASP F 99 43.76 -7.57 70.15
C ASP F 99 44.29 -6.27 69.57
N THR F 100 44.68 -6.28 68.29
CA THR F 100 45.11 -5.04 67.64
C THR F 100 43.96 -4.04 67.56
N MET F 101 42.76 -4.54 67.29
CA MET F 101 41.57 -3.70 67.26
C MET F 101 41.36 -3.02 68.62
N ILE F 102 41.41 -3.81 69.69
CA ILE F 102 41.21 -3.24 71.03
C ILE F 102 42.32 -2.25 71.37
N SER F 103 43.57 -2.60 71.03
CA SER F 103 44.68 -1.71 71.29
C SER F 103 44.52 -0.38 70.56
N PHE F 104 44.01 -0.43 69.33
CA PHE F 104 43.83 0.81 68.56
C PHE F 104 42.66 1.62 69.10
N LEU F 105 41.61 0.96 69.57
CA LEU F 105 40.53 1.68 70.23
C LEU F 105 41.04 2.43 71.45
N ALA F 106 42.01 1.83 72.16
CA ALA F 106 42.63 2.56 73.27
C ALA F 106 43.54 3.67 72.76
N LYS F 107 44.38 3.35 71.78
CA LYS F 107 45.43 4.24 71.31
C LYS F 107 44.86 5.51 70.69
N ARG F 108 43.75 5.40 69.95
CA ARG F 108 43.19 6.50 69.19
C ARG F 108 41.84 6.96 69.73
N ARG F 109 41.62 6.83 71.04
CA ARG F 109 40.31 7.13 71.60
C ARG F 109 39.92 8.59 71.36
N ASN F 110 40.83 9.53 71.64
CA ASN F 110 40.50 10.94 71.45
C ASN F 110 40.24 11.25 69.99
N SER F 111 41.07 10.72 69.09
CA SER F 111 40.88 10.95 67.66
C SER F 111 39.53 10.41 67.21
N ILE F 112 39.19 9.20 67.65
CA ILE F 112 37.92 8.58 67.26
C ILE F 112 36.74 9.40 67.78
N LEU F 113 36.83 9.88 69.03
CA LEU F 113 35.72 10.60 69.62
C LEU F 113 35.59 12.02 69.08
N ALA F 114 36.68 12.60 68.57
CA ALA F 114 36.64 13.97 68.08
C ALA F 114 36.51 14.07 66.57
N GLY F 115 36.71 12.98 65.84
CA GLY F 115 36.67 13.06 64.39
C GLY F 115 37.83 13.85 63.80
N ASN F 116 39.03 13.67 64.35
CA ASN F 116 40.20 14.41 63.94
C ASN F 116 41.40 13.45 63.95
N LEU F 117 41.92 13.15 62.75
CA LEU F 117 43.05 12.23 62.64
C LEU F 117 44.33 12.79 63.25
N LEU F 118 44.44 14.10 63.40
CA LEU F 118 45.69 14.72 63.80
C LEU F 118 45.95 14.66 65.31
N LEU F 119 44.96 14.30 66.11
CA LEU F 119 45.18 14.24 67.55
C LEU F 119 46.20 13.16 67.87
N PRO F 120 47.11 13.42 68.80
CA PRO F 120 48.09 12.40 69.18
C PRO F 120 47.43 11.21 69.85
N ASP F 121 48.18 10.12 69.93
CA ASP F 121 47.71 8.94 70.64
C ASP F 121 47.30 9.30 72.06
N ASN F 122 46.30 8.60 72.57
CA ASN F 122 45.94 8.76 73.97
C ASN F 122 47.11 8.34 74.86
N PRO F 123 47.35 9.05 75.98
CA PRO F 123 48.41 8.66 76.91
C PRO F 123 48.10 7.32 77.57
N ALA G 1 -51.22 62.01 -30.41
CA ALA G 1 -52.45 62.21 -29.64
C ALA G 1 -52.36 61.54 -28.28
N SER G 2 -52.53 62.33 -27.22
CA SER G 2 -52.59 61.78 -25.88
C SER G 2 -53.69 60.73 -25.80
N LEU G 3 -53.37 59.57 -25.26
CA LEU G 3 -54.35 58.49 -25.17
C LEU G 3 -55.32 58.75 -24.02
N PRO G 4 -56.60 58.39 -24.19
CA PRO G 4 -57.55 58.54 -23.09
C PRO G 4 -57.37 57.44 -22.06
N VAL G 5 -57.42 57.83 -20.78
CA VAL G 5 -57.13 56.91 -19.70
C VAL G 5 -58.17 57.07 -18.59
N THR G 6 -58.40 55.97 -17.86
CA THR G 6 -59.14 55.99 -16.61
C THR G 6 -58.32 55.26 -15.56
N GLN G 7 -58.35 55.77 -14.33
CA GLN G 7 -57.55 55.19 -13.26
C GLN G 7 -58.10 53.81 -12.89
N TYR G 8 -57.29 52.78 -13.10
CA TYR G 8 -57.64 51.39 -12.78
C TYR G 8 -57.27 51.02 -11.35
N SER G 9 -55.99 51.13 -10.99
CA SER G 9 -55.58 50.93 -9.60
C SER G 9 -55.18 52.26 -8.98
N PRO G 10 -55.94 52.80 -8.04
CA PRO G 10 -55.70 54.15 -7.55
C PRO G 10 -54.55 54.18 -6.57
N PRO G 11 -53.99 55.35 -6.29
CA PRO G 11 -52.88 55.43 -5.33
C PRO G 11 -53.37 55.10 -3.92
N VAL G 12 -52.53 54.36 -3.21
CA VAL G 12 -52.85 53.85 -1.90
C VAL G 12 -52.04 54.55 -0.82
N THR G 13 -50.73 54.59 -0.99
CA THR G 13 -49.78 55.23 -0.11
C THR G 13 -48.87 56.13 -0.94
N PRO G 14 -48.16 57.06 -0.31
CA PRO G 14 -47.24 57.92 -1.07
C PRO G 14 -46.23 57.15 -1.91
N LEU G 15 -45.74 56.01 -1.41
CA LEU G 15 -44.88 55.14 -2.19
C LEU G 15 -45.67 53.96 -2.74
N GLY G 16 -45.19 53.41 -3.85
CA GLY G 16 -45.86 52.29 -4.47
C GLY G 16 -46.13 52.52 -5.95
N LYS G 17 -47.26 51.99 -6.43
CA LYS G 17 -47.64 52.06 -7.84
C LYS G 17 -49.08 52.52 -7.98
N SER G 18 -49.34 53.28 -9.03
CA SER G 18 -50.68 53.64 -9.46
C SER G 18 -50.78 53.37 -10.96
N THR G 19 -51.91 52.85 -11.42
CA THR G 19 -52.05 52.47 -12.81
C THR G 19 -53.33 53.04 -13.42
N TRP G 20 -53.20 53.54 -14.65
CA TRP G 20 -54.31 53.94 -15.50
C TRP G 20 -54.39 52.99 -16.69
N ASN G 21 -55.61 52.69 -17.11
CA ASN G 21 -55.85 51.91 -18.31
C ASN G 21 -56.27 52.82 -19.45
N VAL G 22 -55.79 52.52 -20.65
CA VAL G 22 -56.20 53.22 -21.86
C VAL G 22 -57.57 52.73 -22.27
N THR G 23 -58.52 53.64 -22.40
CA THR G 23 -59.89 53.28 -22.71
C THR G 23 -60.09 53.09 -24.21
N GLY G 24 -61.06 52.26 -24.57
CA GLY G 24 -61.40 52.04 -25.96
C GLY G 24 -60.48 51.10 -26.71
N SER G 25 -59.69 50.30 -26.00
CA SER G 25 -58.77 49.39 -26.67
C SER G 25 -59.53 48.16 -27.19
N THR G 26 -59.03 47.61 -28.29
CA THR G 26 -59.67 46.47 -28.93
C THR G 26 -59.04 45.13 -28.55
N ASN G 27 -57.82 45.15 -28.03
CA ASN G 27 -57.12 43.91 -27.70
C ASN G 27 -57.69 43.33 -26.40
N PRO G 28 -57.41 42.06 -26.11
CA PRO G 28 -57.95 41.43 -24.89
C PRO G 28 -57.56 42.20 -23.65
N PRO G 29 -58.30 42.03 -22.54
CA PRO G 29 -58.07 42.90 -21.37
C PRO G 29 -56.67 42.80 -20.79
N GLY G 30 -56.10 41.60 -20.72
CA GLY G 30 -54.74 41.45 -20.22
C GLY G 30 -53.71 42.22 -21.02
N LEU G 31 -54.07 42.65 -22.23
CA LEU G 31 -53.19 43.43 -23.09
C LEU G 31 -53.68 44.87 -23.27
N VAL G 32 -54.51 45.35 -22.35
CA VAL G 32 -54.94 46.76 -22.41
C VAL G 32 -53.73 47.65 -22.15
N PRO G 33 -53.49 48.66 -23.00
CA PRO G 33 -52.37 49.57 -22.75
C PRO G 33 -52.48 50.23 -21.39
N GLN G 34 -51.35 50.38 -20.72
CA GLN G 34 -51.33 50.88 -19.35
C GLN G 34 -50.33 52.02 -19.18
N VAL G 35 -50.63 52.89 -18.21
CA VAL G 35 -49.70 53.89 -17.73
C VAL G 35 -49.51 53.67 -16.23
N VAL G 36 -48.27 53.54 -15.79
CA VAL G 36 -47.95 53.20 -14.41
C VAL G 36 -47.05 54.29 -13.85
N GLN G 37 -47.47 54.89 -12.73
CA GLN G 37 -46.62 55.79 -11.97
C GLN G 37 -46.10 55.07 -10.74
N THR G 38 -44.80 55.17 -10.51
CA THR G 38 -44.12 54.48 -9.41
C THR G 38 -43.37 55.50 -8.56
N GLU G 39 -43.49 55.38 -7.24
CA GLU G 39 -42.70 56.19 -6.32
C GLU G 39 -42.02 55.24 -5.34
N SER G 40 -40.71 55.06 -5.50
CA SER G 40 -40.00 54.04 -4.73
C SER G 40 -38.78 54.62 -4.04
N ILE G 41 -38.45 54.06 -2.86
CA ILE G 41 -37.29 54.52 -2.11
C ILE G 41 -36.10 53.64 -2.44
N ASN G 42 -34.92 54.27 -2.43
CA ASN G 42 -33.68 53.53 -2.61
C ASN G 42 -33.39 52.67 -1.39
N ALA G 43 -32.47 51.72 -1.58
CA ALA G 43 -32.07 50.86 -0.47
C ALA G 43 -31.47 51.67 0.67
N ARG G 44 -30.49 52.51 0.37
CA ARG G 44 -29.89 53.37 1.38
C ARG G 44 -30.77 54.56 1.74
N LYS G 45 -31.97 54.66 1.15
CA LYS G 45 -32.91 55.75 1.43
C LYS G 45 -32.31 57.12 1.10
N SER G 46 -31.43 57.16 0.11
CA SER G 46 -30.87 58.43 -0.35
C SER G 46 -31.73 59.09 -1.41
N ASN G 47 -32.34 58.31 -2.30
CA ASN G 47 -33.15 58.84 -3.39
C ASN G 47 -34.56 58.27 -3.31
N ILE G 48 -35.52 59.07 -3.76
CA ILE G 48 -36.83 58.57 -4.17
C ILE G 48 -36.89 58.65 -5.68
N MET G 49 -37.20 57.53 -6.31
CA MET G 49 -37.36 57.47 -7.76
C MET G 49 -38.82 57.69 -8.10
N SER G 50 -39.09 58.72 -8.91
CA SER G 50 -40.40 58.96 -9.50
C SER G 50 -40.36 58.48 -10.93
N LYS G 51 -41.21 57.51 -11.27
CA LYS G 51 -41.21 56.91 -12.59
C LYS G 51 -42.60 56.96 -13.22
N ILE G 52 -42.61 57.16 -14.54
CA ILE G 52 -43.82 57.00 -15.35
C ILE G 52 -43.48 56.03 -16.49
N SER G 53 -44.39 55.08 -16.73
CA SER G 53 -44.15 54.06 -17.74
C SER G 53 -45.42 53.87 -18.57
N VAL G 54 -45.28 53.94 -19.88
CA VAL G 54 -46.38 53.71 -20.80
C VAL G 54 -46.06 52.43 -21.57
N TYR G 55 -46.91 51.41 -21.37
CA TYR G 55 -46.81 50.14 -22.07
C TYR G 55 -48.00 50.07 -23.04
N TYR G 56 -47.72 50.12 -24.34
CA TYR G 56 -48.76 49.98 -25.35
C TYR G 56 -48.52 48.66 -26.09
N TYR G 57 -49.43 47.72 -25.92
CA TYR G 57 -49.30 46.40 -26.53
C TYR G 57 -49.97 46.42 -27.90
N ILE G 58 -49.20 46.12 -28.93
CA ILE G 58 -49.66 46.24 -30.32
C ILE G 58 -49.36 44.93 -31.05
N PRO G 59 -50.29 44.41 -31.84
CA PRO G 59 -50.02 43.16 -32.56
C PRO G 59 -49.00 43.36 -33.66
N SER G 60 -48.21 42.30 -33.91
CA SER G 60 -47.14 42.38 -34.89
C SER G 60 -47.65 42.51 -36.31
N THR G 61 -48.91 42.19 -36.56
CA THR G 61 -49.50 42.28 -37.89
C THR G 61 -50.77 43.13 -37.84
N ASN G 62 -51.20 43.58 -39.02
CA ASN G 62 -52.38 44.44 -39.09
C ASN G 62 -53.66 43.66 -38.81
N SER G 63 -53.70 42.38 -39.16
CA SER G 63 -54.87 41.54 -38.96
C SER G 63 -54.52 40.34 -38.09
N VAL G 64 -55.56 39.61 -37.69
CA VAL G 64 -55.35 38.45 -36.84
C VAL G 64 -54.80 37.29 -37.67
N SER G 65 -53.74 36.66 -37.19
CA SER G 65 -53.15 35.52 -37.86
C SER G 65 -52.55 34.59 -36.82
N CYS G 66 -52.10 33.42 -37.28
CA CYS G 66 -51.58 32.43 -36.34
C CYS G 66 -50.19 32.79 -35.84
N CYS G 67 -49.40 33.50 -36.65
CA CYS G 67 -48.09 33.98 -36.26
C CYS G 67 -48.14 35.36 -35.60
N THR G 68 -49.33 35.85 -35.28
CA THR G 68 -49.45 37.17 -34.68
C THR G 68 -48.84 37.18 -33.28
N GLU G 69 -47.78 37.95 -33.12
CA GLU G 69 -47.15 38.17 -31.82
C GLU G 69 -47.59 39.53 -31.28
N TRP G 70 -47.20 39.81 -30.04
CA TRP G 70 -47.55 41.05 -29.37
C TRP G 70 -46.28 41.81 -29.03
N ASP G 71 -46.01 42.87 -29.78
CA ASP G 71 -44.91 43.76 -29.46
C ASP G 71 -45.38 44.78 -28.44
N THR G 72 -44.42 45.39 -27.75
CA THR G 72 -44.70 46.39 -26.74
C THR G 72 -43.96 47.67 -27.08
N ILE G 73 -44.71 48.76 -27.27
CA ILE G 73 -44.12 50.09 -27.34
C ILE G 73 -43.98 50.59 -25.91
N ARG G 74 -42.74 50.74 -25.46
CA ARG G 74 -42.44 51.14 -24.08
C ARG G 74 -41.87 52.55 -24.07
N CYS G 75 -42.41 53.38 -23.19
CA CYS G 75 -41.89 54.72 -22.95
C CYS G 75 -41.70 54.91 -21.46
N GLU G 76 -40.46 55.13 -21.04
CA GLU G 76 -40.09 55.21 -19.63
C GLU G 76 -39.56 56.58 -19.28
N PHE G 77 -39.85 57.01 -18.05
CA PHE G 77 -39.36 58.26 -17.48
C PHE G 77 -39.04 58.02 -16.00
N SER G 78 -37.91 58.57 -15.56
CA SER G 78 -37.52 58.48 -14.17
C SER G 78 -36.87 59.78 -13.73
N LEU G 79 -37.04 60.11 -12.45
CA LEU G 79 -36.46 61.32 -11.87
C LEU G 79 -36.04 61.01 -10.44
N THR G 80 -34.84 61.47 -10.07
CA THR G 80 -34.29 61.24 -8.73
C THR G 80 -34.57 62.43 -7.83
N LEU G 81 -35.27 62.18 -6.71
CA LEU G 81 -35.50 63.18 -5.67
C LEU G 81 -34.57 62.88 -4.52
N LEU G 82 -33.55 63.73 -4.34
CA LEU G 82 -32.60 63.54 -3.26
C LEU G 82 -33.29 63.75 -1.91
N GLN G 83 -33.06 62.82 -0.98
CA GLN G 83 -33.75 62.83 0.30
C GLN G 83 -32.87 63.21 1.48
N LEU G 84 -31.54 63.21 1.31
CA LEU G 84 -30.63 63.41 2.43
C LEU G 84 -29.62 64.51 2.14
N SER G 85 -29.96 65.44 1.25
CA SER G 85 -29.06 66.52 0.89
C SER G 85 -29.36 67.75 1.74
N SER G 86 -28.31 68.40 2.24
CA SER G 86 -28.44 69.64 2.98
C SER G 86 -28.48 70.87 2.08
N ASN G 87 -28.24 70.70 0.78
CA ASN G 87 -28.29 71.81 -0.16
C ASN G 87 -29.73 72.21 -0.42
N THR G 88 -30.05 73.48 -0.16
CA THR G 88 -31.40 73.98 -0.36
C THR G 88 -31.74 74.21 -1.82
N ASP G 89 -30.76 74.12 -2.73
CA ASP G 89 -31.04 74.25 -4.15
C ASP G 89 -31.70 73.02 -4.76
N VAL G 90 -31.81 71.92 -4.00
CA VAL G 90 -32.21 70.65 -4.59
C VAL G 90 -33.60 70.74 -5.21
N ALA G 91 -34.54 71.41 -4.54
CA ALA G 91 -35.90 71.47 -5.05
C ALA G 91 -35.97 72.26 -6.36
N ALA G 92 -35.43 73.48 -6.36
CA ALA G 92 -35.46 74.29 -7.56
C ALA G 92 -34.70 73.63 -8.70
N ARG G 93 -33.60 72.95 -8.40
CA ARG G 93 -32.82 72.32 -9.45
C ARG G 93 -33.50 71.07 -9.99
N THR G 94 -34.20 70.31 -9.15
CA THR G 94 -35.00 69.20 -9.66
C THR G 94 -36.11 69.72 -10.57
N VAL G 95 -36.73 70.85 -10.19
CA VAL G 95 -37.72 71.47 -11.07
C VAL G 95 -37.08 71.85 -12.40
N ASP G 96 -35.89 72.47 -12.34
CA ASP G 96 -35.20 72.86 -13.56
C ASP G 96 -34.87 71.65 -14.43
N VAL G 97 -34.48 70.54 -13.79
CA VAL G 97 -34.14 69.34 -14.54
C VAL G 97 -35.37 68.78 -15.24
N LEU G 98 -36.50 68.72 -14.53
CA LEU G 98 -37.74 68.25 -15.15
C LEU G 98 -38.14 69.14 -16.32
N ASP G 99 -37.99 70.45 -16.16
CA ASP G 99 -38.35 71.38 -17.24
C ASP G 99 -37.41 71.21 -18.42
N THR G 100 -36.12 70.94 -18.16
CA THR G 100 -35.18 70.67 -19.25
C THR G 100 -35.57 69.40 -19.99
N MET G 101 -36.02 68.39 -19.25
CA MET G 101 -36.49 67.16 -19.86
C MET G 101 -37.66 67.42 -20.81
N ILE G 102 -38.65 68.18 -20.34
CA ILE G 102 -39.82 68.47 -21.17
C ILE G 102 -39.41 69.31 -22.39
N SER G 103 -38.53 70.29 -22.17
CA SER G 103 -38.06 71.12 -23.27
C SER G 103 -37.34 70.28 -24.32
N PHE G 104 -36.56 69.30 -23.89
CA PHE G 104 -35.84 68.46 -24.85
C PHE G 104 -36.78 67.51 -25.57
N LEU G 105 -37.81 67.01 -24.88
CA LEU G 105 -38.82 66.21 -25.56
C LEU G 105 -39.50 67.02 -26.65
N ALA G 106 -39.69 68.32 -26.42
CA ALA G 106 -40.22 69.17 -27.50
C ALA G 106 -39.18 69.41 -28.57
N LYS G 107 -37.95 69.74 -28.16
CA LYS G 107 -36.90 70.17 -29.08
C LYS G 107 -36.49 69.06 -30.04
N ARG G 108 -36.44 67.82 -29.56
CA ARG G 108 -35.93 66.70 -30.33
C ARG G 108 -37.02 65.69 -30.68
N ARG G 109 -38.26 66.14 -30.85
CA ARG G 109 -39.37 65.21 -31.06
C ARG G 109 -39.17 64.38 -32.33
N ASN G 110 -38.81 65.03 -33.44
CA ASN G 110 -38.63 64.30 -34.68
C ASN G 110 -37.48 63.31 -34.57
N SER G 111 -36.36 63.73 -33.99
CA SER G 111 -35.22 62.84 -33.82
C SER G 111 -35.59 61.64 -32.97
N ILE G 112 -36.31 61.88 -31.86
CA ILE G 112 -36.71 60.80 -30.97
C ILE G 112 -37.63 59.82 -31.69
N LEU G 113 -38.58 60.35 -32.48
CA LEU G 113 -39.56 59.48 -33.13
C LEU G 113 -38.98 58.75 -34.32
N ALA G 114 -37.92 59.28 -34.93
CA ALA G 114 -37.32 58.66 -36.11
C ALA G 114 -36.10 57.81 -35.81
N GLY G 115 -35.51 57.94 -34.61
CA GLY G 115 -34.29 57.21 -34.32
C GLY G 115 -33.11 57.70 -35.11
N ASN G 116 -32.99 59.02 -35.28
CA ASN G 116 -31.93 59.62 -36.09
C ASN G 116 -31.46 60.88 -35.36
N LEU G 117 -30.22 60.86 -34.86
CA LEU G 117 -29.67 62.00 -34.14
C LEU G 117 -29.46 63.22 -35.04
N LEU G 118 -29.36 63.02 -36.35
CA LEU G 118 -28.98 64.11 -37.25
C LEU G 118 -30.12 65.04 -37.60
N LEU G 119 -31.36 64.67 -37.30
CA LEU G 119 -32.48 65.55 -37.64
C LEU G 119 -32.39 66.85 -36.85
N PRO G 120 -32.67 67.98 -37.48
CA PRO G 120 -32.63 69.26 -36.76
C PRO G 120 -33.70 69.33 -35.69
N ASP G 121 -33.53 70.30 -34.79
CA ASP G 121 -34.54 70.53 -33.76
C ASP G 121 -35.90 70.75 -34.40
N ASN G 122 -36.95 70.34 -33.69
CA ASN G 122 -38.29 70.63 -34.13
C ASN G 122 -38.50 72.15 -34.15
N PRO G 123 -39.24 72.67 -35.14
CA PRO G 123 -39.54 74.10 -35.17
C PRO G 123 -40.43 74.53 -34.01
N ALA H 1 -64.95 -8.15 55.90
CA ALA H 1 -66.06 -8.99 55.43
C ALA H 1 -65.65 -9.84 54.25
N SER H 2 -65.78 -11.15 54.41
CA SER H 2 -65.53 -12.05 53.28
C SER H 2 -66.42 -11.68 52.11
N LEU H 3 -65.83 -11.57 50.93
CA LEU H 3 -66.59 -11.17 49.76
C LEU H 3 -67.40 -12.34 49.23
N PRO H 4 -68.61 -12.10 48.71
CA PRO H 4 -69.39 -13.18 48.11
C PRO H 4 -68.86 -13.54 46.73
N VAL H 5 -68.78 -14.85 46.46
CA VAL H 5 -68.18 -15.33 45.22
C VAL H 5 -69.04 -16.42 44.62
N THR H 6 -68.96 -16.54 43.30
CA THR H 6 -69.49 -17.68 42.57
C THR H 6 -68.40 -18.19 41.62
N GLN H 7 -68.32 -19.51 41.48
CA GLN H 7 -67.29 -20.10 40.66
C GLN H 7 -67.53 -19.79 39.18
N TYR H 8 -66.60 -19.06 38.57
CA TYR H 8 -66.67 -18.67 37.17
C TYR H 8 -66.02 -19.72 36.27
N SER H 9 -64.74 -20.02 36.47
CA SER H 9 -64.08 -21.10 35.74
C SER H 9 -63.82 -22.27 36.69
N PRO H 10 -64.50 -23.39 36.53
CA PRO H 10 -64.41 -24.47 37.52
C PRO H 10 -63.13 -25.26 37.34
N PRO H 11 -62.74 -26.05 38.34
CA PRO H 11 -61.53 -26.86 38.20
C PRO H 11 -61.72 -27.96 37.16
N VAL H 12 -60.68 -28.17 36.38
CA VAL H 12 -60.70 -29.09 35.26
C VAL H 12 -59.85 -30.32 35.54
N THR H 13 -58.61 -30.11 35.94
CA THR H 13 -57.64 -31.13 36.29
C THR H 13 -57.04 -30.79 37.64
N PRO H 14 -56.41 -31.75 38.31
CA PRO H 14 -55.78 -31.46 39.61
C PRO H 14 -54.80 -30.29 39.56
N LEU H 15 -54.06 -30.15 38.46
CA LEU H 15 -53.20 -29.00 38.27
C LEU H 15 -53.86 -27.99 37.34
N GLY H 16 -53.47 -26.73 37.49
CA GLY H 16 -54.04 -25.67 36.68
C GLY H 16 -54.57 -24.51 37.49
N LYS H 17 -55.67 -23.91 37.01
CA LYS H 17 -56.25 -22.73 37.64
C LYS H 17 -57.76 -22.92 37.79
N SER H 18 -58.31 -22.38 38.87
CA SER H 18 -59.74 -22.26 39.08
C SER H 18 -60.02 -20.84 39.53
N THR H 19 -61.12 -20.25 39.04
CA THR H 19 -61.41 -18.86 39.34
C THR H 19 -62.85 -18.68 39.83
N TRP H 20 -62.99 -17.84 40.85
CA TRP H 20 -64.27 -17.36 41.35
C TRP H 20 -64.38 -15.87 41.08
N ASN H 21 -65.59 -15.42 40.74
CA ASN H 21 -65.87 -14.00 40.58
C ASN H 21 -66.62 -13.49 41.81
N VAL H 22 -66.29 -12.26 42.21
CA VAL H 22 -67.00 -11.59 43.28
C VAL H 22 -68.31 -11.07 42.75
N THR H 23 -69.41 -11.46 43.39
CA THR H 23 -70.73 -11.08 42.90
C THR H 23 -71.13 -9.70 43.41
N GLY H 24 -72.00 -9.04 42.65
CA GLY H 24 -72.51 -7.74 43.03
C GLY H 24 -71.58 -6.58 42.78
N SER H 25 -70.57 -6.76 41.94
CA SER H 25 -69.64 -5.67 41.67
C SER H 25 -70.24 -4.67 40.71
N THR H 26 -69.84 -3.41 40.85
CA THR H 26 -70.38 -2.34 40.03
C THR H 26 -69.48 -1.98 38.85
N ASN H 27 -68.20 -2.35 38.88
CA ASN H 27 -67.27 -2.01 37.83
C ASN H 27 -67.53 -2.89 36.60
N PRO H 28 -67.00 -2.50 35.44
CA PRO H 28 -67.23 -3.29 34.20
C PRO H 28 -66.77 -4.72 34.37
N PRO H 29 -67.29 -5.64 33.55
CA PRO H 29 -67.03 -7.07 33.79
C PRO H 29 -65.56 -7.46 33.76
N GLY H 30 -64.79 -6.90 32.81
CA GLY H 30 -63.37 -7.18 32.76
C GLY H 30 -62.62 -6.80 34.02
N LEU H 31 -63.23 -5.96 34.87
CA LEU H 31 -62.64 -5.56 36.14
C LEU H 31 -63.39 -6.14 37.34
N VAL H 32 -64.13 -7.22 37.14
CA VAL H 32 -64.78 -7.87 38.28
C VAL H 32 -63.72 -8.46 39.20
N PRO H 33 -63.79 -8.21 40.51
CA PRO H 33 -62.80 -8.80 41.42
C PRO H 33 -62.82 -10.31 41.33
N GLN H 34 -61.62 -10.92 41.40
CA GLN H 34 -61.48 -12.34 41.18
C GLN H 34 -60.67 -12.99 42.31
N VAL H 35 -60.95 -14.27 42.52
CA VAL H 35 -60.13 -15.14 43.37
C VAL H 35 -59.68 -16.32 42.51
N VAL H 36 -58.37 -16.56 42.48
CA VAL H 36 -57.79 -17.58 41.62
C VAL H 36 -57.01 -18.55 42.49
N GLN H 37 -57.33 -19.84 42.39
CA GLN H 37 -56.53 -20.90 43.00
C GLN H 37 -55.72 -21.59 41.91
N THR H 38 -54.43 -21.76 42.18
CA THR H 38 -53.48 -22.34 41.23
C THR H 38 -52.80 -23.54 41.88
N GLU H 39 -52.68 -24.63 41.14
CA GLU H 39 -51.90 -25.78 41.57
C GLU H 39 -50.93 -26.14 40.46
N SER H 40 -49.64 -25.83 40.67
CA SER H 40 -48.67 -25.96 39.59
C SER H 40 -47.47 -26.77 40.02
N ILE H 41 -46.87 -27.50 39.08
CA ILE H 41 -45.69 -28.32 39.38
C ILE H 41 -44.44 -27.54 39.05
N ASN H 42 -43.39 -27.78 39.82
CA ASN H 42 -42.10 -27.19 39.57
C ASN H 42 -41.47 -27.82 38.32
N ALA H 43 -40.45 -27.14 37.79
CA ALA H 43 -39.74 -27.65 36.63
C ALA H 43 -39.12 -29.02 36.92
N ARG H 44 -38.35 -29.10 38.00
CA ARG H 44 -37.74 -30.37 38.40
C ARG H 44 -38.75 -31.31 39.06
N LYS H 45 -40.02 -30.93 39.16
CA LYS H 45 -41.07 -31.76 39.75
C LYS H 45 -40.77 -32.09 41.20
N SER H 46 -40.08 -31.20 41.90
CA SER H 46 -39.81 -31.39 43.32
C SER H 46 -40.93 -30.84 44.19
N ASN H 47 -41.53 -29.72 43.80
CA ASN H 47 -42.58 -29.08 44.58
C ASN H 47 -43.84 -28.95 43.76
N ILE H 48 -44.98 -29.01 44.44
CA ILE H 48 -46.24 -28.48 43.91
C ILE H 48 -46.56 -27.21 44.67
N MET H 49 -46.77 -26.13 43.93
CA MET H 49 -47.14 -24.85 44.52
C MET H 49 -48.66 -24.75 44.54
N SER H 50 -49.21 -24.56 45.75
CA SER H 50 -50.62 -24.24 45.94
C SER H 50 -50.73 -22.74 46.20
N LYS H 51 -51.45 -22.04 45.34
CA LYS H 51 -51.55 -20.58 45.44
C LYS H 51 -53.02 -20.15 45.47
N ILE H 52 -53.27 -19.09 46.25
CA ILE H 52 -54.54 -18.38 46.23
C ILE H 52 -54.24 -16.91 46.00
N SER H 53 -54.99 -16.27 45.10
CA SER H 53 -54.76 -14.88 44.74
C SER H 53 -56.09 -14.15 44.69
N VAL H 54 -56.16 -13.03 45.39
CA VAL H 54 -57.35 -12.18 45.38
C VAL H 54 -56.95 -10.86 44.71
N TYR H 55 -57.57 -10.59 43.57
CA TYR H 55 -57.38 -9.35 42.83
C TYR H 55 -58.67 -8.54 42.94
N TYR H 56 -58.62 -7.42 43.66
CA TYR H 56 -59.76 -6.52 43.78
C TYR H 56 -59.43 -5.22 43.06
N TYR H 57 -60.13 -4.97 41.95
CA TYR H 57 -59.89 -3.79 41.14
C TYR H 57 -60.76 -2.65 41.66
N ILE H 58 -60.11 -1.55 42.04
CA ILE H 58 -60.80 -0.43 42.69
C ILE H 58 -60.41 0.86 41.97
N PRO H 59 -61.35 1.75 41.70
CA PRO H 59 -61.00 3.00 41.01
C PRO H 59 -60.22 3.92 41.93
N SER H 60 -59.32 4.70 41.31
CA SER H 60 -58.44 5.58 42.07
C SER H 60 -59.18 6.72 42.74
N THR H 61 -60.39 7.03 42.29
CA THR H 61 -61.19 8.10 42.86
C THR H 61 -62.55 7.57 43.29
N ASN H 62 -63.23 8.35 44.12
CA ASN H 62 -64.54 7.93 44.63
C ASN H 62 -65.61 7.98 43.55
N SER H 63 -65.50 8.92 42.61
CA SER H 63 -66.47 9.08 41.54
C SER H 63 -65.79 8.93 40.19
N VAL H 64 -66.60 8.88 39.15
CA VAL H 64 -66.08 8.72 37.80
C VAL H 64 -65.50 10.04 37.32
N SER H 65 -64.27 9.99 36.79
CA SER H 65 -63.62 11.18 36.25
C SER H 65 -62.73 10.75 35.10
N CYS H 66 -62.16 11.74 34.42
CA CYS H 66 -61.34 11.45 33.25
C CYS H 66 -59.96 10.91 33.62
N CYS H 67 -59.45 11.32 34.78
CA CYS H 67 -58.18 10.82 35.30
C CYS H 67 -58.35 9.57 36.17
N THR H 68 -59.54 8.99 36.18
CA THR H 68 -59.79 7.80 37.00
C THR H 68 -58.97 6.62 36.49
N GLU H 69 -58.05 6.16 37.31
CA GLU H 69 -57.27 4.96 37.04
C GLU H 69 -57.83 3.81 37.85
N TRP H 70 -57.30 2.61 37.59
CA TRP H 70 -57.75 1.40 38.27
C TRP H 70 -56.58 0.80 39.04
N ASP H 71 -56.61 0.96 40.36
CA ASP H 71 -55.64 0.32 41.21
C ASP H 71 -56.11 -1.11 41.52
N THR H 72 -55.16 -1.95 41.92
CA THR H 72 -55.44 -3.33 42.25
C THR H 72 -54.98 -3.61 43.68
N ILE H 73 -55.92 -4.03 44.52
CA ILE H 73 -55.59 -4.58 45.83
C ILE H 73 -55.31 -6.07 45.61
N ARG H 74 -54.06 -6.46 45.81
CA ARG H 74 -53.60 -7.83 45.58
C ARG H 74 -53.28 -8.50 46.91
N CYS H 75 -53.81 -9.70 47.09
CA CYS H 75 -53.49 -10.53 48.25
C CYS H 75 -53.10 -11.92 47.75
N GLU H 76 -51.86 -12.33 48.02
CA GLU H 76 -51.30 -13.56 47.50
C GLU H 76 -50.96 -14.51 48.64
N PHE H 77 -51.11 -15.81 48.37
CA PHE H 77 -50.74 -16.88 49.27
C PHE H 77 -50.16 -18.03 48.47
N SER H 78 -49.08 -18.62 48.97
CA SER H 78 -48.46 -19.78 48.33
C SER H 78 -47.99 -20.75 49.40
N LEU H 79 -48.00 -22.04 49.04
CA LEU H 79 -47.55 -23.10 49.93
C LEU H 79 -46.86 -24.17 49.10
N THR H 80 -45.71 -24.64 49.58
CA THR H 80 -44.93 -25.66 48.88
C THR H 80 -45.26 -27.05 49.41
N LEU H 81 -45.71 -27.94 48.53
CA LEU H 81 -45.95 -29.34 48.85
C LEU H 81 -44.80 -30.15 48.26
N LEU H 82 -43.92 -30.65 49.13
CA LEU H 82 -42.80 -31.45 48.67
C LEU H 82 -43.29 -32.77 48.07
N GLN H 83 -42.78 -33.12 46.90
CA GLN H 83 -43.25 -34.27 46.16
C GLN H 83 -42.25 -35.43 46.12
N LEU H 84 -40.99 -35.21 46.50
CA LEU H 84 -39.96 -36.23 46.35
C LEU H 84 -39.21 -36.46 47.65
N SER H 85 -39.83 -36.15 48.78
CA SER H 85 -39.19 -36.32 50.08
C SER H 85 -39.56 -37.67 50.66
N SER H 86 -38.57 -38.36 51.23
CA SER H 86 -38.78 -39.63 51.91
C SER H 86 -39.16 -39.44 53.38
N ASN H 87 -39.11 -38.21 53.88
CA ASN H 87 -39.47 -37.94 55.27
C ASN H 87 -40.99 -38.00 55.42
N THR H 88 -41.47 -38.86 56.31
CA THR H 88 -42.90 -39.01 56.53
C THR H 88 -43.50 -37.86 57.32
N ASP H 89 -42.68 -36.98 57.89
CA ASP H 89 -43.20 -35.82 58.62
C ASP H 89 -43.73 -34.73 57.69
N VAL H 90 -43.54 -34.86 56.37
CA VAL H 90 -43.81 -33.75 55.48
C VAL H 90 -45.27 -33.34 55.54
N ALA H 91 -46.19 -34.30 55.58
CA ALA H 91 -47.61 -33.95 55.58
C ALA H 91 -48.01 -33.21 56.84
N ALA H 92 -47.69 -33.77 58.00
CA ALA H 92 -48.05 -33.13 59.26
C ALA H 92 -47.37 -31.76 59.39
N ARG H 93 -46.13 -31.64 58.91
CA ARG H 93 -45.44 -30.37 59.03
C ARG H 93 -45.98 -29.33 58.06
N THR H 94 -46.40 -29.73 56.86
CA THR H 94 -47.09 -28.79 55.97
C THR H 94 -48.39 -28.31 56.60
N VAL H 95 -49.12 -29.22 57.25
CA VAL H 95 -50.33 -28.82 57.98
C VAL H 95 -49.98 -27.81 59.07
N ASP H 96 -48.92 -28.09 59.83
CA ASP H 96 -48.50 -27.19 60.89
C ASP H 96 -48.11 -25.83 60.33
N VAL H 97 -47.45 -25.81 59.17
CA VAL H 97 -47.04 -24.55 58.56
C VAL H 97 -48.25 -23.74 58.13
N LEU H 98 -49.23 -24.40 57.50
CA LEU H 98 -50.45 -23.69 57.11
C LEU H 98 -51.18 -23.14 58.34
N ASP H 99 -51.23 -23.92 59.42
CA ASP H 99 -51.89 -23.44 60.63
C ASP H 99 -51.14 -22.28 61.24
N THR H 100 -49.80 -22.30 61.19
CA THR H 100 -49.01 -21.17 61.67
C THR H 100 -49.30 -19.93 60.83
N MET H 101 -49.45 -20.11 59.52
CA MET H 101 -49.80 -18.99 58.64
C MET H 101 -51.13 -18.37 59.06
N ILE H 102 -52.15 -19.20 59.26
CA ILE H 102 -53.47 -18.69 59.66
C ILE H 102 -53.39 -18.01 61.02
N SER H 103 -52.67 -18.64 61.96
CA SER H 103 -52.52 -18.05 63.29
C SER H 103 -51.86 -16.69 63.23
N PHE H 104 -50.85 -16.54 62.35
CA PHE H 104 -50.18 -15.26 62.24
C PHE H 104 -51.04 -14.21 61.55
N LEU H 105 -51.85 -14.63 60.57
CA LEU H 105 -52.81 -13.70 59.98
C LEU H 105 -53.78 -13.19 61.03
N ALA H 106 -54.14 -14.03 62.00
CA ALA H 106 -54.97 -13.54 63.10
C ALA H 106 -54.16 -12.66 64.04
N LYS H 107 -52.96 -13.10 64.40
CA LYS H 107 -52.15 -12.47 65.44
C LYS H 107 -51.72 -11.06 65.02
N ARG H 108 -51.39 -10.86 63.75
CA ARG H 108 -50.83 -9.62 63.26
C ARG H 108 -51.77 -8.88 62.31
N ARG H 109 -53.09 -9.03 62.51
CA ARG H 109 -54.05 -8.46 61.57
C ARG H 109 -53.92 -6.94 61.49
N ASN H 110 -53.86 -6.27 62.65
CA ASN H 110 -53.75 -4.81 62.63
C ASN H 110 -52.45 -4.35 61.99
N SER H 111 -51.33 -5.01 62.33
CA SER H 111 -50.05 -4.65 61.74
C SER H 111 -50.07 -4.84 60.23
N ILE H 112 -50.64 -5.95 59.76
CA ILE H 112 -50.72 -6.23 58.33
C ILE H 112 -51.56 -5.18 57.63
N LEU H 113 -52.69 -4.81 58.23
CA LEU H 113 -53.61 -3.87 57.58
C LEU H 113 -53.11 -2.43 57.64
N ALA H 114 -52.26 -2.11 58.62
CA ALA H 114 -51.77 -0.74 58.76
C ALA H 114 -50.38 -0.52 58.16
N GLY H 115 -49.64 -1.59 57.84
CA GLY H 115 -48.30 -1.42 57.35
C GLY H 115 -47.35 -0.89 58.41
N ASN H 116 -47.47 -1.39 59.64
CA ASN H 116 -46.67 -0.93 60.77
C ASN H 116 -46.31 -2.14 61.62
N LEU H 117 -45.02 -2.49 61.63
CA LEU H 117 -44.56 -3.65 62.40
C LEU H 117 -44.70 -3.46 63.90
N LEU H 118 -44.78 -2.21 64.37
CA LEU H 118 -44.72 -1.93 65.80
C LEU H 118 -46.06 -2.14 66.51
N LEU H 119 -47.15 -2.31 65.78
CA LEU H 119 -48.44 -2.50 66.43
C LEU H 119 -48.43 -3.81 67.22
N PRO H 120 -49.00 -3.84 68.42
CA PRO H 120 -49.05 -5.08 69.18
C PRO H 120 -49.94 -6.11 68.50
N ASP H 121 -49.80 -7.36 68.95
CA ASP H 121 -50.65 -8.43 68.45
C ASP H 121 -52.11 -8.06 68.64
N ASN H 122 -52.95 -8.53 67.71
CA ASN H 122 -54.38 -8.37 67.88
C ASN H 122 -54.84 -9.11 69.13
N PRO H 123 -55.80 -8.55 69.89
CA PRO H 123 -56.33 -9.24 71.07
C PRO H 123 -57.09 -10.50 70.68
N ALA I 1 -51.90 -48.36 -47.54
CA ALA I 1 -52.91 -47.61 -48.28
C ALA I 1 -52.57 -46.13 -48.32
N SER I 2 -52.45 -45.60 -49.54
CA SER I 2 -52.24 -44.16 -49.69
C SER I 2 -53.38 -43.40 -49.02
N LEU I 3 -53.02 -42.41 -48.21
CA LEU I 3 -54.04 -41.66 -47.48
C LEU I 3 -54.72 -40.65 -48.41
N PRO I 4 -56.01 -40.42 -48.23
CA PRO I 4 -56.69 -39.39 -49.03
C PRO I 4 -56.36 -37.99 -48.55
N VAL I 5 -56.10 -37.10 -49.49
CA VAL I 5 -55.65 -35.75 -49.15
C VAL I 5 -56.41 -34.72 -49.98
N THR I 6 -56.54 -33.52 -49.42
CA THR I 6 -56.98 -32.34 -50.15
C THR I 6 -56.01 -31.21 -49.87
N GLN I 7 -55.74 -30.41 -50.89
CA GLN I 7 -54.76 -29.33 -50.74
C GLN I 7 -55.31 -28.25 -49.82
N TYR I 8 -54.64 -28.04 -48.69
CA TYR I 8 -55.01 -27.03 -47.70
C TYR I 8 -54.36 -25.69 -47.99
N SER I 9 -53.02 -25.63 -48.05
CA SER I 9 -52.34 -24.41 -48.45
C SER I 9 -51.71 -24.60 -49.83
N PRO I 10 -52.21 -23.94 -50.86
CA PRO I 10 -51.78 -24.23 -52.23
C PRO I 10 -50.43 -23.59 -52.51
N PRO I 11 -49.74 -24.02 -53.57
CA PRO I 11 -48.46 -23.41 -53.91
C PRO I 11 -48.64 -21.97 -54.37
N VAL I 12 -47.73 -21.13 -53.91
CA VAL I 12 -47.79 -19.69 -54.14
C VAL I 12 -46.70 -19.26 -55.13
N THR I 13 -45.46 -19.63 -54.85
CA THR I 13 -44.30 -19.34 -55.65
C THR I 13 -43.53 -20.64 -55.89
N PRO I 14 -42.64 -20.68 -56.88
CA PRO I 14 -41.85 -21.90 -57.11
C PRO I 14 -41.11 -22.39 -55.88
N LEU I 15 -40.61 -21.48 -55.04
CA LEU I 15 -39.99 -21.85 -53.78
C LEU I 15 -40.97 -21.61 -52.64
N GLY I 16 -40.78 -22.36 -51.56
CA GLY I 16 -41.65 -22.24 -50.40
C GLY I 16 -42.23 -23.56 -49.95
N LYS I 17 -43.47 -23.54 -49.47
CA LYS I 17 -44.14 -24.71 -48.92
C LYS I 17 -45.54 -24.83 -49.50
N SER I 18 -45.97 -26.07 -49.69
CA SER I 18 -47.35 -26.40 -50.04
C SER I 18 -47.79 -27.54 -49.12
N THR I 19 -49.04 -27.49 -48.64
CA THR I 19 -49.51 -28.48 -47.69
C THR I 19 -50.84 -29.07 -48.11
N TRP I 20 -50.95 -30.39 -47.93
CA TRP I 20 -52.18 -31.15 -48.08
C TRP I 20 -52.59 -31.68 -46.72
N ASN I 21 -53.89 -31.70 -46.45
CA ASN I 21 -54.45 -32.30 -45.24
C ASN I 21 -55.04 -33.66 -45.58
N VAL I 22 -54.86 -34.61 -44.67
CA VAL I 22 -55.47 -35.93 -44.78
C VAL I 22 -56.94 -35.82 -44.39
N THR I 23 -57.83 -36.23 -45.29
CA THR I 23 -59.25 -36.09 -45.05
C THR I 23 -59.78 -37.26 -44.22
N GLY I 24 -60.87 -36.99 -43.50
CA GLY I 24 -61.52 -38.02 -42.70
C GLY I 24 -60.86 -38.35 -41.39
N SER I 25 -59.99 -37.47 -40.89
CA SER I 25 -59.31 -37.74 -39.63
C SER I 25 -60.24 -37.46 -38.46
N THR I 26 -60.04 -38.21 -37.38
CA THR I 26 -60.88 -38.08 -36.20
C THR I 26 -60.27 -37.19 -35.11
N ASN I 27 -58.97 -36.96 -35.15
CA ASN I 27 -58.32 -36.16 -34.12
C ASN I 27 -58.62 -34.69 -34.33
N PRO I 28 -58.37 -33.85 -33.32
CA PRO I 28 -58.68 -32.41 -33.44
C PRO I 28 -57.97 -31.79 -34.62
N PRO I 29 -58.45 -30.64 -35.12
CA PRO I 29 -57.91 -30.11 -36.38
C PRO I 29 -56.42 -29.79 -36.33
N GLY I 30 -55.94 -29.22 -35.23
CA GLY I 30 -54.52 -28.93 -35.11
C GLY I 30 -53.64 -30.17 -35.22
N LEU I 31 -54.23 -31.36 -35.08
CA LEU I 31 -53.50 -32.61 -35.21
C LEU I 31 -53.92 -33.39 -36.46
N VAL I 32 -54.49 -32.72 -37.45
CA VAL I 32 -54.82 -33.39 -38.70
C VAL I 32 -53.54 -33.81 -39.41
N PRO I 33 -53.41 -35.07 -39.84
CA PRO I 33 -52.20 -35.48 -40.55
C PRO I 33 -51.97 -34.64 -41.78
N GLN I 34 -50.71 -34.32 -42.04
CA GLN I 34 -50.36 -33.40 -43.11
C GLN I 34 -49.27 -33.97 -44.01
N VAL I 35 -49.28 -33.52 -45.26
CA VAL I 35 -48.19 -33.74 -46.21
C VAL I 35 -47.71 -32.38 -46.69
N VAL I 36 -46.41 -32.15 -46.57
CA VAL I 36 -45.81 -30.85 -46.87
C VAL I 36 -44.74 -31.05 -47.93
N GLN I 37 -44.85 -30.33 -49.04
CA GLN I 37 -43.80 -30.26 -50.03
C GLN I 37 -43.07 -28.93 -49.91
N THR I 38 -41.74 -28.98 -49.88
CA THR I 38 -40.90 -27.81 -49.69
C THR I 38 -39.92 -27.71 -50.85
N GLU I 39 -39.74 -26.50 -51.38
CA GLU I 39 -38.71 -26.24 -52.39
C GLU I 39 -37.90 -25.05 -51.91
N SER I 40 -36.67 -25.29 -51.45
CA SER I 40 -35.90 -24.25 -50.81
C SER I 40 -34.51 -24.13 -51.43
N ILE I 41 -33.98 -22.91 -51.44
CA ILE I 41 -32.64 -22.68 -52.00
C ILE I 41 -31.61 -22.71 -50.88
N ASN I 42 -30.43 -23.18 -51.23
CA ASN I 42 -29.31 -23.19 -50.30
C ASN I 42 -28.82 -21.76 -50.08
N ALA I 43 -28.03 -21.60 -49.01
CA ALA I 43 -27.45 -20.28 -48.72
C ALA I 43 -26.57 -19.80 -49.85
N ARG I 44 -25.62 -20.64 -50.28
CA ARG I 44 -24.76 -20.29 -51.40
C ARG I 44 -25.44 -20.43 -52.75
N LYS I 45 -26.73 -20.79 -52.76
CA LYS I 45 -27.51 -20.94 -53.99
C LYS I 45 -26.91 -21.99 -54.92
N SER I 46 -26.27 -23.01 -54.33
CA SER I 46 -25.74 -24.11 -55.13
C SER I 46 -26.76 -25.21 -55.35
N ASN I 47 -27.60 -25.49 -54.35
CA ASN I 47 -28.59 -26.55 -54.44
C ASN I 47 -29.98 -25.99 -54.22
N ILE I 48 -30.96 -26.61 -54.87
CA ILE I 48 -32.37 -26.50 -54.47
C ILE I 48 -32.75 -27.82 -53.84
N MET I 49 -33.27 -27.77 -52.62
CA MET I 49 -33.74 -28.95 -51.91
C MET I 49 -35.23 -29.12 -52.19
N SER I 50 -35.59 -30.27 -52.75
CA SER I 50 -36.98 -30.69 -52.90
C SER I 50 -37.29 -31.68 -51.80
N LYS I 51 -38.26 -31.37 -50.95
CA LYS I 51 -38.59 -32.19 -49.80
C LYS I 51 -40.08 -32.54 -49.79
N ILE I 52 -40.37 -33.75 -49.34
CA ILE I 52 -41.74 -34.19 -49.02
C ILE I 52 -41.72 -34.73 -47.60
N SER I 53 -42.72 -34.34 -46.81
CA SER I 53 -42.80 -34.72 -45.41
C SER I 53 -44.22 -35.13 -45.07
N VAL I 54 -44.36 -36.31 -44.49
CA VAL I 54 -45.65 -36.81 -44.05
C VAL I 54 -45.61 -36.89 -42.52
N TYR I 55 -46.45 -36.08 -41.88
CA TYR I 55 -46.60 -36.07 -40.42
C TYR I 55 -47.97 -36.66 -40.11
N TYR I 56 -47.99 -37.85 -39.49
CA TYR I 56 -49.23 -38.49 -39.07
C TYR I 56 -49.26 -38.50 -37.55
N TYR I 57 -50.17 -37.74 -36.96
CA TYR I 57 -50.27 -37.63 -35.51
C TYR I 57 -51.22 -38.71 -35.00
N ILE I 58 -50.72 -39.57 -34.12
CA ILE I 58 -51.46 -40.73 -33.65
C ILE I 58 -51.42 -40.76 -32.12
N PRO I 59 -52.54 -41.03 -31.46
CA PRO I 59 -52.53 -41.07 -29.99
C PRO I 59 -51.76 -42.27 -29.47
N SER I 60 -51.13 -42.09 -28.31
CA SER I 60 -50.29 -43.13 -27.73
C SER I 60 -51.09 -44.34 -27.27
N THR I 61 -52.40 -44.19 -27.08
CA THR I 61 -53.25 -45.27 -26.64
C THR I 61 -54.41 -45.45 -27.61
N ASN I 62 -55.06 -46.62 -27.52
CA ASN I 62 -56.17 -46.91 -28.43
C ASN I 62 -57.41 -46.08 -28.10
N SER I 63 -57.62 -45.75 -26.84
CA SER I 63 -58.77 -44.98 -26.40
C SER I 63 -58.32 -43.70 -25.71
N VAL I 64 -59.29 -42.83 -25.44
CA VAL I 64 -58.98 -41.56 -24.80
C VAL I 64 -58.72 -41.79 -23.32
N SER I 65 -57.62 -41.23 -22.81
CA SER I 65 -57.27 -41.34 -21.41
C SER I 65 -56.53 -40.08 -21.00
N CYS I 66 -56.27 -39.96 -19.69
CA CYS I 66 -55.63 -38.76 -19.18
C CYS I 66 -54.13 -38.73 -19.49
N CYS I 67 -53.50 -39.89 -19.60
CA CYS I 67 -52.09 -39.99 -19.98
C CYS I 67 -51.90 -40.12 -21.48
N THR I 68 -52.95 -39.90 -22.27
CA THR I 68 -52.86 -40.01 -23.71
C THR I 68 -51.95 -38.92 -24.27
N GLU I 69 -50.83 -39.32 -24.84
CA GLU I 69 -49.93 -38.43 -25.54
C GLU I 69 -50.13 -38.56 -27.04
N TRP I 70 -49.46 -37.70 -27.79
CA TRP I 70 -49.57 -37.69 -29.24
C TRP I 70 -48.21 -37.98 -29.86
N ASP I 71 -48.03 -39.19 -30.36
CA ASP I 71 -46.83 -39.52 -31.10
C ASP I 71 -46.98 -39.08 -32.55
N THR I 72 -45.85 -38.95 -33.24
CA THR I 72 -45.84 -38.53 -34.63
C THR I 72 -45.10 -39.58 -35.45
N ILE I 73 -45.80 -40.16 -36.43
CA ILE I 73 -45.16 -40.97 -37.46
C ILE I 73 -44.66 -40.01 -38.54
N ARG I 74 -43.35 -39.90 -38.67
CA ARG I 74 -42.72 -38.97 -39.61
C ARG I 74 -42.07 -39.75 -40.74
N CYS I 75 -42.34 -39.31 -41.97
CA CYS I 75 -41.69 -39.86 -43.15
C CYS I 75 -41.17 -38.70 -43.99
N GLU I 76 -39.85 -38.65 -44.17
CA GLU I 76 -39.17 -37.54 -44.82
C GLU I 76 -38.48 -38.01 -46.10
N PHE I 77 -38.46 -37.12 -47.09
CA PHE I 77 -37.77 -37.32 -48.36
C PHE I 77 -37.16 -36.01 -48.80
N SER I 78 -35.92 -36.07 -49.29
CA SER I 78 -35.24 -34.90 -49.80
C SER I 78 -34.43 -35.27 -51.02
N LEU I 79 -34.28 -34.32 -51.94
CA LEU I 79 -33.50 -34.50 -53.16
C LEU I 79 -32.79 -33.20 -53.49
N THR I 80 -31.52 -33.30 -53.87
CA THR I 80 -30.71 -32.13 -54.20
C THR I 80 -30.70 -31.90 -55.71
N LEU I 81 -31.14 -30.71 -56.13
CA LEU I 81 -31.08 -30.28 -57.52
C LEU I 81 -29.93 -29.29 -57.65
N LEU I 82 -28.85 -29.72 -58.29
CA LEU I 82 -27.69 -28.85 -58.48
C LEU I 82 -28.05 -27.71 -59.41
N GLN I 83 -27.70 -26.48 -59.01
CA GLN I 83 -28.08 -25.28 -59.74
C GLN I 83 -26.93 -24.60 -60.46
N LEU I 84 -25.68 -24.95 -60.16
CA LEU I 84 -24.54 -24.24 -60.71
C LEU I 84 -23.54 -25.19 -61.36
N SER I 85 -24.00 -26.36 -61.79
CA SER I 85 -23.13 -27.34 -62.43
C SER I 85 -23.15 -27.18 -63.93
N SER I 86 -21.98 -27.23 -64.55
CA SER I 86 -21.86 -27.19 -66.00
C SER I 86 -22.00 -28.57 -66.64
N ASN I 87 -22.07 -29.62 -65.84
CA ASN I 87 -22.24 -30.97 -66.38
C ASN I 87 -23.67 -31.17 -66.85
N THR I 88 -23.83 -31.52 -68.12
CA THR I 88 -25.17 -31.72 -68.68
C THR I 88 -25.80 -33.03 -68.25
N ASP I 89 -25.06 -33.92 -67.59
CA ASP I 89 -25.63 -35.17 -67.08
C ASP I 89 -26.49 -34.96 -65.84
N VAL I 90 -26.51 -33.75 -65.27
CA VAL I 90 -27.11 -33.57 -63.95
C VAL I 90 -28.59 -33.93 -63.97
N ALA I 91 -29.32 -33.53 -65.03
CA ALA I 91 -30.74 -33.78 -65.06
C ALA I 91 -31.05 -35.28 -65.14
N ALA I 92 -30.44 -35.97 -66.12
CA ALA I 92 -30.68 -37.40 -66.25
C ALA I 92 -30.23 -38.16 -65.02
N ARG I 93 -29.13 -37.74 -64.40
CA ARG I 93 -28.66 -38.45 -63.22
C ARG I 93 -29.52 -38.19 -61.99
N THR I 94 -30.07 -36.98 -61.84
CA THR I 94 -31.05 -36.74 -60.79
C THR I 94 -32.29 -37.60 -60.99
N VAL I 95 -32.73 -37.74 -62.25
CA VAL I 95 -33.85 -38.64 -62.55
C VAL I 95 -33.48 -40.07 -62.14
N ASP I 96 -32.28 -40.51 -62.50
CA ASP I 96 -31.85 -41.86 -62.16
C ASP I 96 -31.80 -42.05 -60.65
N VAL I 97 -31.36 -41.03 -59.92
CA VAL I 97 -31.27 -41.12 -58.46
C VAL I 97 -32.66 -41.24 -57.86
N LEU I 98 -33.61 -40.43 -58.33
CA LEU I 98 -34.99 -40.53 -57.83
C LEU I 98 -35.58 -41.91 -58.13
N ASP I 99 -35.31 -42.45 -59.32
CA ASP I 99 -35.81 -43.76 -59.67
C ASP I 99 -35.18 -44.84 -58.80
N THR I 100 -33.89 -44.69 -58.49
CA THR I 100 -33.24 -45.64 -57.59
C THR I 100 -33.86 -45.58 -56.20
N MET I 101 -34.21 -44.37 -55.75
CA MET I 101 -34.89 -44.22 -54.46
C MET I 101 -36.21 -44.97 -54.45
N ILE I 102 -37.03 -44.79 -55.49
CA ILE I 102 -38.32 -45.46 -55.55
C ILE I 102 -38.13 -46.98 -55.63
N SER I 103 -37.16 -47.42 -56.44
CA SER I 103 -36.89 -48.84 -56.57
C SER I 103 -36.48 -49.44 -55.23
N PHE I 104 -35.68 -48.70 -54.45
CA PHE I 104 -35.26 -49.23 -53.16
C PHE I 104 -36.40 -49.23 -52.14
N LEU I 105 -37.28 -48.23 -52.21
CA LEU I 105 -38.47 -48.25 -51.36
C LEU I 105 -39.33 -49.48 -51.66
N ALA I 106 -39.36 -49.90 -52.93
CA ALA I 106 -40.05 -51.15 -53.25
C ALA I 106 -39.26 -52.36 -52.77
N LYS I 107 -37.95 -52.36 -53.05
CA LYS I 107 -37.10 -53.52 -52.81
C LYS I 107 -36.99 -53.87 -51.34
N ARG I 108 -36.93 -52.85 -50.48
CA ARG I 108 -36.68 -53.03 -49.05
C ARG I 108 -37.88 -52.65 -48.20
N ARG I 109 -39.10 -52.83 -48.73
CA ARG I 109 -40.29 -52.39 -48.00
C ARG I 109 -40.43 -53.08 -46.66
N ASN I 110 -40.28 -54.41 -46.64
CA ASN I 110 -40.43 -55.14 -45.38
C ASN I 110 -39.35 -54.74 -44.39
N SER I 111 -38.10 -54.62 -44.85
CA SER I 111 -37.02 -54.22 -43.95
C SER I 111 -37.27 -52.84 -43.38
N ILE I 112 -37.72 -51.89 -44.22
CA ILE I 112 -37.99 -50.53 -43.78
C ILE I 112 -39.11 -50.52 -42.75
N LEU I 113 -40.17 -51.30 -42.99
CA LEU I 113 -41.33 -51.28 -42.11
C LEU I 113 -41.07 -52.03 -40.81
N ALA I 114 -40.14 -52.99 -40.80
CA ALA I 114 -39.87 -53.78 -39.61
C ALA I 114 -38.67 -53.29 -38.82
N GLY I 115 -37.83 -52.43 -39.38
CA GLY I 115 -36.63 -52.01 -38.68
C GLY I 115 -35.61 -53.12 -38.54
N ASN I 116 -35.44 -53.93 -39.58
CA ASN I 116 -34.55 -55.08 -39.55
C ASN I 116 -33.84 -55.17 -40.90
N LEU I 117 -32.53 -54.93 -40.91
CA LEU I 117 -31.76 -54.96 -42.14
C LEU I 117 -31.67 -56.36 -42.74
N LEU I 118 -31.88 -57.40 -41.93
CA LEU I 118 -31.62 -58.76 -42.39
C LEU I 118 -32.75 -59.34 -43.22
N LEU I 119 -33.92 -58.70 -43.27
CA LEU I 119 -35.02 -59.25 -44.04
C LEU I 119 -34.65 -59.24 -45.53
N PRO I 120 -34.99 -60.29 -46.26
CA PRO I 120 -34.70 -60.31 -47.70
C PRO I 120 -35.50 -59.26 -48.43
N ASP I 121 -35.08 -59.00 -49.67
CA ASP I 121 -35.82 -58.07 -50.53
C ASP I 121 -37.26 -58.52 -50.65
N ASN I 122 -38.15 -57.54 -50.79
CA ASN I 122 -39.54 -57.84 -51.08
C ASN I 122 -39.64 -58.58 -52.42
N PRO I 123 -40.53 -59.57 -52.53
CA PRO I 123 -40.74 -60.26 -53.81
C PRO I 123 -41.32 -59.33 -54.87
N ALA J 1 -12.59 -74.87 40.48
CA ALA J 1 -13.81 -75.56 40.09
C ALA J 1 -14.39 -74.98 38.81
N SER J 2 -14.55 -75.83 37.79
CA SER J 2 -15.21 -75.41 36.57
C SER J 2 -16.60 -74.88 36.89
N LEU J 3 -16.92 -73.70 36.35
CA LEU J 3 -18.21 -73.09 36.64
C LEU J 3 -19.31 -73.75 35.81
N PRO J 4 -20.51 -73.91 36.36
CA PRO J 4 -21.62 -74.46 35.58
C PRO J 4 -22.18 -73.44 34.62
N VAL J 5 -22.46 -73.87 33.39
CA VAL J 5 -22.88 -72.97 32.33
C VAL J 5 -24.05 -73.57 31.57
N THR J 6 -24.89 -72.69 31.02
CA THR J 6 -25.89 -73.05 30.04
C THR J 6 -25.77 -72.12 28.85
N GLN J 7 -25.96 -72.66 27.65
CA GLN J 7 -25.80 -71.87 26.44
C GLN J 7 -26.92 -70.83 26.34
N TYR J 8 -26.53 -69.55 26.36
CA TYR J 8 -27.46 -68.43 26.26
C TYR J 8 -27.70 -68.02 24.81
N SER J 9 -26.65 -67.66 24.08
CA SER J 9 -26.77 -67.39 22.66
C SER J 9 -26.10 -68.49 21.86
N PRO J 10 -26.85 -69.32 21.14
CA PRO J 10 -26.26 -70.50 20.52
C PRO J 10 -25.53 -70.14 19.24
N PRO J 11 -24.68 -71.03 18.73
CA PRO J 11 -23.98 -70.72 17.48
C PRO J 11 -24.93 -70.68 16.31
N VAL J 12 -24.69 -69.71 15.44
CA VAL J 12 -25.56 -69.43 14.31
C VAL J 12 -24.89 -69.83 12.99
N THR J 13 -23.68 -69.35 12.77
CA THR J 13 -22.86 -69.62 11.61
C THR J 13 -21.49 -70.06 12.08
N PRO J 14 -20.70 -70.69 11.20
CA PRO J 14 -19.33 -71.09 11.61
C PRO J 14 -18.50 -69.95 12.16
N LEU J 15 -18.64 -68.74 11.62
CA LEU J 15 -17.99 -67.57 12.16
C LEU J 15 -18.97 -66.75 13.00
N GLY J 16 -18.43 -66.00 13.95
CA GLY J 16 -19.24 -65.20 14.83
C GLY J 16 -18.97 -65.43 16.29
N LYS J 17 -20.02 -65.35 17.12
CA LYS J 17 -19.90 -65.49 18.56
C LYS J 17 -20.95 -66.45 19.09
N SER J 18 -20.58 -67.20 20.13
CA SER J 18 -21.49 -68.01 20.90
C SER J 18 -21.23 -67.73 22.37
N THR J 19 -22.30 -67.67 23.18
CA THR J 19 -22.14 -67.29 24.59
C THR J 19 -22.86 -68.28 25.50
N TRP J 20 -22.21 -68.62 26.60
CA TRP J 20 -22.77 -69.37 27.71
C TRP J 20 -22.84 -68.47 28.93
N ASN J 21 -23.90 -68.63 29.71
CA ASN J 21 -24.05 -67.93 30.98
C ASN J 21 -23.74 -68.88 32.12
N VAL J 22 -23.08 -68.35 33.15
CA VAL J 22 -22.81 -69.11 34.37
C VAL J 22 -24.08 -69.15 35.20
N THR J 23 -24.52 -70.35 35.54
CA THR J 23 -25.79 -70.51 36.26
C THR J 23 -25.58 -70.35 37.76
N GLY J 24 -26.63 -69.93 38.44
CA GLY J 24 -26.61 -69.78 39.89
C GLY J 24 -25.94 -68.53 40.40
N SER J 25 -25.75 -67.52 39.55
CA SER J 25 -25.10 -66.30 39.98
C SER J 25 -26.07 -65.43 40.77
N THR J 26 -25.52 -64.67 41.72
CA THR J 26 -26.32 -63.83 42.59
C THR J 26 -26.39 -62.38 42.13
N ASN J 27 -25.46 -61.94 41.29
CA ASN J 27 -25.42 -60.56 40.84
C ASN J 27 -26.52 -60.31 39.81
N PRO J 28 -26.84 -59.04 39.53
CA PRO J 28 -27.93 -58.74 38.57
C PRO J 28 -27.65 -59.36 37.22
N PRO J 29 -28.69 -59.53 36.40
CA PRO J 29 -28.51 -60.31 35.15
C PRO J 29 -27.49 -59.71 34.20
N GLY J 30 -27.47 -58.39 34.04
CA GLY J 30 -26.48 -57.77 33.17
C GLY J 30 -25.05 -58.04 33.59
N LEU J 31 -24.84 -58.51 34.82
CA LEU J 31 -23.52 -58.85 35.33
C LEU J 31 -23.36 -60.36 35.55
N VAL J 32 -24.17 -61.17 34.88
CA VAL J 32 -24.00 -62.62 34.97
C VAL J 32 -22.67 -63.01 34.32
N PRO J 33 -21.83 -63.79 34.97
CA PRO J 33 -20.58 -64.22 34.35
C PRO J 33 -20.83 -64.95 33.04
N GLN J 34 -19.97 -64.70 32.06
CA GLN J 34 -20.17 -65.21 30.71
C GLN J 34 -18.92 -65.90 30.18
N VAL J 35 -19.14 -66.86 29.29
CA VAL J 35 -18.08 -67.45 28.48
C VAL J 35 -18.46 -67.25 27.02
N VAL J 36 -17.54 -66.68 26.25
CA VAL J 36 -17.80 -66.32 24.86
C VAL J 36 -16.76 -67.01 23.99
N GLN J 37 -17.23 -67.78 23.00
CA GLN J 37 -16.37 -68.32 21.96
C GLN J 37 -16.55 -67.53 20.69
N THR J 38 -15.44 -67.13 20.07
CA THR J 38 -15.44 -66.29 18.88
C THR J 38 -14.65 -67.00 17.79
N GLU J 39 -15.18 -67.00 16.57
CA GLU J 39 -14.46 -67.50 15.40
C GLU J 39 -14.51 -66.41 14.32
N SER J 40 -13.39 -65.73 14.11
CA SER J 40 -13.38 -64.56 13.24
C SER J 40 -12.29 -64.66 12.18
N ILE J 41 -12.56 -64.08 11.00
CA ILE J 41 -11.59 -64.10 9.91
C ILE J 41 -10.78 -62.82 9.93
N ASN J 42 -9.53 -62.95 9.53
CA ASN J 42 -8.66 -61.79 9.41
C ASN J 42 -9.08 -60.94 8.21
N ALA J 43 -8.59 -59.70 8.18
CA ALA J 43 -8.90 -58.81 7.07
C ALA J 43 -8.40 -59.39 5.74
N ARG J 44 -7.12 -59.78 5.69
CA ARG J 44 -6.58 -60.40 4.50
C ARG J 44 -7.01 -61.85 4.33
N LYS J 45 -7.84 -62.37 5.23
CA LYS J 45 -8.33 -63.75 5.16
C LYS J 45 -7.20 -64.76 5.22
N SER J 46 -6.11 -64.41 5.91
CA SER J 46 -5.01 -65.36 6.08
C SER J 46 -5.20 -66.24 7.30
N ASN J 47 -5.77 -65.69 8.38
CA ASN J 47 -5.95 -66.44 9.61
C ASN J 47 -7.43 -66.46 10.00
N ILE J 48 -7.83 -67.54 10.66
CA ILE J 48 -9.05 -67.56 11.46
C ILE J 48 -8.62 -67.58 12.92
N MET J 49 -9.14 -66.63 13.69
CA MET J 49 -8.87 -66.56 15.12
C MET J 49 -9.97 -67.30 15.86
N SER J 50 -9.57 -68.32 16.64
CA SER J 50 -10.45 -69.00 17.56
C SER J 50 -10.18 -68.47 18.96
N LYS J 51 -11.19 -67.89 19.60
CA LYS J 51 -11.02 -67.26 20.90
C LYS J 51 -12.03 -67.81 21.90
N ILE J 52 -11.59 -67.92 23.14
CA ILE J 52 -12.45 -68.20 24.28
C ILE J 52 -12.19 -67.12 25.33
N SER J 53 -13.26 -66.57 25.90
CA SER J 53 -13.17 -65.49 26.86
C SER J 53 -14.09 -65.76 28.03
N VAL J 54 -13.55 -65.70 29.24
CA VAL J 54 -14.34 -65.86 30.46
C VAL J 54 -14.31 -64.52 31.18
N TYR J 55 -15.49 -63.91 31.30
CA TYR J 55 -15.69 -62.67 32.04
C TYR J 55 -16.46 -63.00 33.31
N TYR J 56 -15.82 -62.87 34.46
CA TYR J 56 -16.48 -63.09 35.75
C TYR J 56 -16.55 -61.75 36.47
N TYR J 57 -17.76 -61.23 36.64
CA TYR J 57 -17.97 -59.94 37.27
C TYR J 57 -18.13 -60.14 38.77
N ILE J 58 -17.27 -59.50 39.55
CA ILE J 58 -17.22 -59.72 41.00
C ILE J 58 -17.24 -58.36 41.69
N PRO J 59 -18.02 -58.20 42.76
CA PRO J 59 -18.05 -56.91 43.45
C PRO J 59 -16.74 -56.64 44.19
N SER J 60 -16.38 -55.35 44.27
CA SER J 60 -15.12 -54.96 44.88
C SER J 60 -15.09 -55.21 46.38
N THR J 61 -16.25 -55.37 47.01
CA THR J 61 -16.35 -55.62 48.44
C THR J 61 -17.14 -56.89 48.70
N ASN J 62 -17.00 -57.41 49.92
CA ASN J 62 -17.69 -58.65 50.28
C ASN J 62 -19.20 -58.43 50.44
N SER J 63 -19.61 -57.25 50.88
CA SER J 63 -21.01 -56.94 51.09
C SER J 63 -21.41 -55.74 50.24
N VAL J 64 -22.72 -55.47 50.20
CA VAL J 64 -23.23 -54.37 49.41
C VAL J 64 -22.94 -53.06 50.13
N SER J 65 -22.40 -52.09 49.40
CA SER J 65 -22.11 -50.78 49.95
C SER J 65 -22.25 -49.74 48.84
N CYS J 66 -22.16 -48.47 49.22
CA CYS J 66 -22.35 -47.40 48.25
C CYS J 66 -21.14 -47.22 47.34
N CYS J 67 -19.95 -47.55 47.83
CA CYS J 67 -18.73 -47.51 47.03
C CYS J 67 -18.44 -48.83 46.32
N THR J 68 -19.40 -49.75 46.34
CA THR J 68 -19.19 -51.05 45.71
C THR J 68 -19.06 -50.90 44.20
N GLU J 69 -17.88 -51.21 43.67
CA GLU J 69 -17.64 -51.25 42.24
C GLU J 69 -17.66 -52.69 41.77
N TRP J 70 -17.58 -52.86 40.45
CA TRP J 70 -17.63 -54.19 39.83
C TRP J 70 -16.32 -54.41 39.08
N ASP J 71 -15.45 -55.25 39.65
CA ASP J 71 -14.26 -55.66 38.96
C ASP J 71 -14.58 -56.85 38.05
N THR J 72 -13.71 -57.07 37.08
CA THR J 72 -13.88 -58.16 36.12
C THR J 72 -12.64 -59.04 36.15
N ILE J 73 -12.83 -60.31 36.47
CA ILE J 73 -11.79 -61.33 36.28
C ILE J 73 -11.91 -61.80 34.83
N ARG J 74 -10.89 -61.49 34.03
CA ARG J 74 -10.87 -61.80 32.61
C ARG J 74 -9.85 -62.90 32.33
N CYS J 75 -10.27 -63.91 31.59
CA CYS J 75 -9.37 -64.96 31.13
C CYS J 75 -9.59 -65.15 29.62
N GLU J 76 -8.54 -64.90 28.85
CA GLU J 76 -8.61 -64.89 27.39
C GLU J 76 -7.72 -65.98 26.81
N PHE J 77 -8.17 -66.55 25.69
CA PHE J 77 -7.44 -67.55 24.92
C PHE J 77 -7.69 -67.29 23.44
N SER J 78 -6.62 -67.38 22.65
CA SER J 78 -6.72 -67.22 21.20
C SER J 78 -5.79 -68.20 20.52
N LEU J 79 -6.19 -68.63 19.32
CA LEU J 79 -5.40 -69.56 18.51
C LEU J 79 -5.57 -69.18 17.04
N THR J 80 -4.45 -69.17 16.31
CA THR J 80 -4.46 -68.81 14.89
C THR J 80 -4.52 -70.07 14.03
N LEU J 81 -5.55 -70.16 13.19
CA LEU J 81 -5.70 -71.22 12.20
C LEU J 81 -5.33 -70.65 10.84
N LEU J 82 -4.17 -71.05 10.32
CA LEU J 82 -3.72 -70.58 9.02
C LEU J 82 -4.64 -71.09 7.93
N GLN J 83 -5.08 -70.21 7.03
CA GLN J 83 -6.06 -70.55 6.01
C GLN J 83 -5.48 -70.61 4.61
N LEU J 84 -4.27 -70.10 4.38
CA LEU J 84 -3.73 -70.00 3.03
C LEU J 84 -2.35 -70.62 2.93
N SER J 85 -2.02 -71.55 3.83
CA SER J 85 -0.71 -72.19 3.82
C SER J 85 -0.77 -73.48 3.02
N SER J 86 0.25 -73.71 2.19
CA SER J 86 0.38 -74.95 1.44
C SER J 86 1.08 -76.04 2.23
N ASN J 87 1.61 -75.73 3.41
CA ASN J 87 2.28 -76.72 4.24
C ASN J 87 1.24 -77.63 4.88
N THR J 88 1.37 -78.93 4.64
CA THR J 88 0.42 -79.90 5.19
C THR J 88 0.65 -80.16 6.68
N ASP J 89 1.74 -79.66 7.26
CA ASP J 89 1.98 -79.83 8.69
C ASP J 89 1.10 -78.91 9.54
N VAL J 90 0.37 -77.97 8.92
CA VAL J 90 -0.29 -76.92 9.69
C VAL J 90 -1.29 -77.51 10.68
N ALA J 91 -2.06 -78.51 10.27
CA ALA J 91 -3.08 -79.06 11.16
C ALA J 91 -2.46 -79.74 12.38
N ALA J 92 -1.52 -80.67 12.13
CA ALA J 92 -0.88 -81.37 13.24
C ALA J 92 -0.12 -80.41 14.14
N ARG J 93 0.50 -79.38 13.57
CA ARG J 93 1.25 -78.44 14.39
C ARG J 93 0.34 -77.52 15.19
N THR J 94 -0.82 -77.13 14.64
CA THR J 94 -1.79 -76.39 15.45
C THR J 94 -2.29 -77.24 16.60
N VAL J 95 -2.52 -78.53 16.35
CA VAL J 95 -2.89 -79.45 17.43
C VAL J 95 -1.80 -79.48 18.49
N ASP J 96 -0.54 -79.60 18.04
CA ASP J 96 0.58 -79.64 18.98
C ASP J 96 0.67 -78.36 19.78
N VAL J 97 0.40 -77.21 19.14
CA VAL J 97 0.46 -75.93 19.84
C VAL J 97 -0.61 -75.84 20.91
N LEU J 98 -1.84 -76.26 20.56
CA LEU J 98 -2.92 -76.26 21.55
C LEU J 98 -2.59 -77.18 22.73
N ASP J 99 -2.01 -78.35 22.43
CA ASP J 99 -1.65 -79.28 23.50
C ASP J 99 -0.54 -78.70 24.37
N THR J 100 0.41 -77.98 23.76
CA THR J 100 1.45 -77.32 24.54
C THR J 100 0.86 -76.26 25.44
N MET J 101 -0.15 -75.53 24.94
CA MET J 101 -0.85 -74.54 25.75
C MET J 101 -1.49 -75.18 26.98
N ILE J 102 -2.21 -76.28 26.77
CA ILE J 102 -2.87 -76.96 27.89
C ILE J 102 -1.84 -77.51 28.87
N SER J 103 -0.76 -78.10 28.34
CA SER J 103 0.29 -78.63 29.19
C SER J 103 0.91 -77.53 30.04
N PHE J 104 1.10 -76.34 29.46
CA PHE J 104 1.70 -75.25 30.23
C PHE J 104 0.73 -74.68 31.26
N LEU J 105 -0.57 -74.65 30.93
CA LEU J 105 -1.56 -74.27 31.93
C LEU J 105 -1.53 -75.22 33.12
N ALA J 106 -1.26 -76.50 32.87
CA ALA J 106 -1.09 -77.42 33.99
C ALA J 106 0.24 -77.19 34.70
N LYS J 107 1.31 -77.05 33.92
CA LYS J 107 2.67 -77.00 34.45
C LYS J 107 2.90 -75.78 35.32
N ARG J 108 2.33 -74.63 34.94
CA ARG J 108 2.58 -73.36 35.61
C ARG J 108 1.34 -72.82 36.32
N ARG J 109 0.48 -73.72 36.82
CA ARG J 109 -0.79 -73.27 37.41
C ARG J 109 -0.55 -72.36 38.61
N ASN J 110 0.34 -72.76 39.53
CA ASN J 110 0.59 -71.95 40.71
C ASN J 110 1.19 -70.61 40.34
N SER J 111 2.16 -70.60 39.42
CA SER J 111 2.77 -69.35 38.98
C SER J 111 1.74 -68.43 38.35
N ILE J 112 0.87 -68.98 37.51
CA ILE J 112 -0.16 -68.18 36.84
C ILE J 112 -1.12 -67.60 37.87
N LEU J 113 -1.52 -68.40 38.85
CA LEU J 113 -2.51 -67.95 39.82
C LEU J 113 -1.93 -66.99 40.85
N ALA J 114 -0.61 -67.04 41.07
CA ALA J 114 0.02 -66.18 42.07
C ALA J 114 0.69 -64.95 41.47
N GLY J 115 0.89 -64.90 40.16
CA GLY J 115 1.60 -63.77 39.57
C GLY J 115 3.06 -63.74 39.95
N ASN J 116 3.71 -64.90 39.98
CA ASN J 116 5.10 -65.02 40.40
C ASN J 116 5.79 -66.03 39.49
N LEU J 117 6.72 -65.56 38.65
CA LEU J 117 7.42 -66.45 37.73
C LEU J 117 8.32 -67.44 38.44
N LEU J 118 8.72 -67.15 39.67
CA LEU J 118 9.73 -67.96 40.34
C LEU J 118 9.19 -69.25 40.95
N LEU J 119 7.87 -69.40 41.05
CA LEU J 119 7.31 -70.61 41.64
C LEU J 119 7.67 -71.81 40.77
N PRO J 120 8.03 -72.94 41.38
CA PRO J 120 8.35 -74.14 40.59
C PRO J 120 7.12 -74.66 39.88
N ASP J 121 7.35 -75.54 38.90
CA ASP J 121 6.26 -76.19 38.20
C ASP J 121 5.34 -76.89 39.19
N ASN J 122 4.06 -76.94 38.86
CA ASN J 122 3.12 -77.70 39.65
C ASN J 122 3.51 -79.18 39.63
N PRO J 123 3.37 -79.89 40.75
CA PRO J 123 3.66 -81.33 40.77
C PRO J 123 2.68 -82.12 39.90
N ALA K 1 6.48 1.43 -85.68
CA ALA K 1 5.32 2.01 -86.36
C ALA K 1 4.46 2.81 -85.40
N SER K 2 4.27 4.10 -85.71
CA SER K 2 3.37 4.92 -84.92
C SER K 2 1.98 4.28 -84.91
N LEU K 3 1.40 4.18 -83.72
CA LEU K 3 0.10 3.54 -83.59
C LEU K 3 -1.00 4.50 -84.03
N PRO K 4 -2.06 4.00 -84.66
CA PRO K 4 -3.19 4.87 -85.02
C PRO K 4 -4.05 5.18 -83.82
N VAL K 5 -4.45 6.45 -83.70
CA VAL K 5 -5.17 6.91 -82.53
C VAL K 5 -6.35 7.79 -82.95
N THR K 6 -7.38 7.79 -82.11
CA THR K 6 -8.47 8.75 -82.20
C THR K 6 -8.69 9.35 -80.82
N GLN K 7 -9.00 10.65 -80.79
CA GLN K 7 -9.16 11.34 -79.51
C GLN K 7 -10.42 10.86 -78.81
N TYR K 8 -10.24 10.25 -77.64
CA TYR K 8 -11.33 9.73 -76.82
C TYR K 8 -11.87 10.79 -75.86
N SER K 9 -11.02 11.33 -74.99
CA SER K 9 -11.41 12.44 -74.13
C SER K 9 -10.71 13.71 -74.58
N PRO K 10 -11.44 14.68 -75.13
CA PRO K 10 -10.79 15.84 -75.75
C PRO K 10 -10.34 16.83 -74.70
N PRO K 11 -9.46 17.77 -75.05
CA PRO K 11 -9.01 18.76 -74.07
C PRO K 11 -10.15 19.71 -73.71
N VAL K 12 -10.22 20.03 -72.42
CA VAL K 12 -11.28 20.81 -71.85
C VAL K 12 -10.79 22.20 -71.45
N THR K 13 -9.72 22.24 -70.67
CA THR K 13 -9.07 23.46 -70.21
C THR K 13 -7.58 23.36 -70.51
N PRO K 14 -6.86 24.47 -70.49
CA PRO K 14 -5.40 24.42 -70.72
C PRO K 14 -4.67 23.44 -69.81
N LEU K 15 -5.10 23.33 -68.56
CA LEU K 15 -4.54 22.34 -67.64
C LEU K 15 -5.49 21.15 -67.54
N GLY K 16 -4.92 20.00 -67.20
CA GLY K 16 -5.71 18.78 -67.07
C GLY K 16 -5.16 17.64 -67.88
N LYS K 17 -6.05 16.80 -68.42
CA LYS K 17 -5.69 15.60 -69.16
C LYS K 17 -6.48 15.53 -70.46
N SER K 18 -5.82 15.01 -71.50
CA SER K 18 -6.46 14.65 -72.76
C SER K 18 -6.01 13.24 -73.12
N THR K 19 -6.92 12.43 -73.65
CA THR K 19 -6.60 11.04 -73.94
C THR K 19 -7.01 10.66 -75.36
N TRP K 20 -6.14 9.91 -76.02
CA TRP K 20 -6.38 9.26 -77.29
C TRP K 20 -6.40 7.75 -77.08
N ASN K 21 -7.28 7.06 -77.80
CA ASN K 21 -7.32 5.61 -77.80
C ASN K 21 -6.69 5.08 -79.09
N VAL K 22 -5.94 3.98 -78.95
CA VAL K 22 -5.37 3.29 -80.10
C VAL K 22 -6.47 2.49 -80.79
N THR K 23 -6.66 2.74 -82.07
CA THR K 23 -7.74 2.10 -82.81
C THR K 23 -7.32 0.72 -83.29
N GLY K 24 -8.31 -0.15 -83.48
CA GLY K 24 -8.07 -1.49 -84.00
C GLY K 24 -7.52 -2.48 -83.01
N SER K 25 -7.64 -2.20 -81.71
CA SER K 25 -7.12 -3.13 -80.71
C SER K 25 -8.07 -4.31 -80.53
N THR K 26 -7.49 -5.45 -80.19
CA THR K 26 -8.27 -6.67 -80.02
C THR K 26 -8.62 -6.98 -78.58
N ASN K 27 -7.93 -6.37 -77.61
CA ASN K 27 -8.18 -6.65 -76.21
C ASN K 27 -9.45 -5.94 -75.75
N PRO K 28 -10.01 -6.33 -74.61
CA PRO K 28 -11.27 -5.71 -74.14
C PRO K 28 -11.13 -4.21 -74.00
N PRO K 29 -12.25 -3.47 -74.00
CA PRO K 29 -12.16 -2.01 -74.07
C PRO K 29 -11.41 -1.38 -72.90
N GLY K 30 -11.62 -1.87 -71.68
CA GLY K 30 -10.89 -1.35 -70.54
C GLY K 30 -9.39 -1.48 -70.65
N LEU K 31 -8.91 -2.32 -71.57
CA LEU K 31 -7.49 -2.50 -71.83
C LEU K 31 -7.07 -1.96 -73.18
N VAL K 32 -7.84 -1.04 -73.76
CA VAL K 32 -7.43 -0.42 -75.02
C VAL K 32 -6.19 0.43 -74.77
N PRO K 33 -5.14 0.29 -75.58
CA PRO K 33 -3.95 1.13 -75.39
C PRO K 33 -4.31 2.61 -75.47
N GLN K 34 -3.67 3.41 -74.62
CA GLN K 34 -4.01 4.81 -74.50
C GLN K 34 -2.77 5.70 -74.59
N VAL K 35 -2.98 6.92 -75.05
CA VAL K 35 -1.99 7.99 -74.99
C VAL K 35 -2.62 9.16 -74.22
N VAL K 36 -1.94 9.62 -73.19
CA VAL K 36 -2.48 10.64 -72.29
C VAL K 36 -1.50 11.81 -72.27
N GLN K 37 -2.01 13.01 -72.59
CA GLN K 37 -1.24 14.24 -72.41
C GLN K 37 -1.76 14.96 -71.17
N THR K 38 -0.85 15.39 -70.31
CA THR K 38 -1.16 16.03 -69.05
C THR K 38 -0.46 17.38 -69.00
N GLU K 39 -1.18 18.41 -68.55
CA GLU K 39 -0.59 19.73 -68.29
C GLU K 39 -0.98 20.14 -66.88
N SER K 40 -0.03 20.09 -65.96
CA SER K 40 -0.35 20.29 -64.55
C SER K 40 0.56 21.34 -63.92
N ILE K 41 0.01 22.07 -62.95
CA ILE K 41 0.77 23.11 -62.26
C ILE K 41 1.38 22.53 -60.99
N ASN K 42 2.55 23.04 -60.64
CA ASN K 42 3.20 22.66 -59.40
C ASN K 42 2.46 23.27 -58.21
N ALA K 43 2.74 22.74 -57.02
CA ALA K 43 2.12 23.27 -55.81
C ALA K 43 2.49 24.73 -55.61
N ARG K 44 3.77 25.06 -55.64
CA ARG K 44 4.21 26.45 -55.52
C ARG K 44 3.99 27.25 -56.79
N LYS K 45 3.40 26.65 -57.83
CA LYS K 45 3.13 27.33 -59.10
C LYS K 45 4.39 27.85 -59.76
N SER K 46 5.51 27.16 -59.54
CA SER K 46 6.76 27.53 -60.19
C SER K 46 6.91 26.86 -61.55
N ASN K 47 6.45 25.62 -61.70
CA ASN K 47 6.59 24.89 -62.94
C ASN K 47 5.22 24.46 -63.45
N ILE K 48 5.10 24.37 -64.77
CA ILE K 48 4.05 23.59 -65.41
C ILE K 48 4.70 22.36 -66.00
N MET K 49 4.18 21.19 -65.63
CA MET K 49 4.67 19.92 -66.16
C MET K 49 3.83 19.55 -67.39
N SER K 50 4.51 19.39 -68.52
CA SER K 50 3.91 18.84 -69.73
C SER K 50 4.32 17.38 -69.85
N LYS K 51 3.34 16.48 -69.85
CA LYS K 51 3.62 15.05 -69.86
C LYS K 51 2.89 14.36 -71.00
N ILE K 52 3.54 13.35 -71.58
CA ILE K 52 2.93 12.42 -72.51
C ILE K 52 3.18 11.01 -72.00
N SER K 53 2.15 10.18 -72.01
CA SER K 53 2.24 8.82 -71.49
C SER K 53 1.57 7.86 -72.46
N VAL K 54 2.28 6.81 -72.84
CA VAL K 54 1.75 5.77 -73.69
C VAL K 54 1.68 4.49 -72.87
N TYR K 55 0.45 4.01 -72.65
CA TYR K 55 0.19 2.76 -71.95
C TYR K 55 -0.31 1.76 -72.97
N TYR K 56 0.49 0.73 -73.25
CA TYR K 56 0.09 -0.35 -74.17
C TYR K 56 -0.06 -1.62 -73.36
N TYR K 57 -1.31 -2.10 -73.24
CA TYR K 57 -1.60 -3.29 -72.45
C TYR K 57 -1.49 -4.51 -73.35
N ILE K 58 -0.61 -5.44 -72.97
CA ILE K 58 -0.29 -6.60 -73.80
C ILE K 58 -0.40 -7.86 -72.95
N PRO K 59 -1.01 -8.92 -73.45
CA PRO K 59 -1.13 -10.16 -72.66
C PRO K 59 0.22 -10.83 -72.49
N SER K 60 0.38 -11.49 -71.33
CA SER K 60 1.66 -12.12 -71.01
C SER K 60 1.96 -13.31 -71.89
N THR K 61 0.96 -13.88 -72.57
CA THR K 61 1.14 -15.02 -73.45
C THR K 61 0.61 -14.69 -74.84
N ASN K 62 1.03 -15.51 -75.82
CA ASN K 62 0.61 -15.28 -77.19
C ASN K 62 -0.86 -15.62 -77.40
N SER K 63 -1.39 -16.60 -76.67
CA SER K 63 -2.76 -17.03 -76.79
C SER K 63 -3.48 -16.89 -75.46
N VAL K 64 -4.79 -17.08 -75.49
CA VAL K 64 -5.60 -16.95 -74.28
C VAL K 64 -5.40 -18.19 -73.42
N SER K 65 -5.14 -17.97 -72.13
CA SER K 65 -4.97 -19.06 -71.18
C SER K 65 -5.45 -18.59 -69.81
N CYS K 66 -5.49 -19.52 -68.86
CA CYS K 66 -6.01 -19.20 -67.54
C CYS K 66 -5.01 -18.39 -66.72
N CYS K 67 -3.72 -18.59 -66.96
CA CYS K 67 -2.66 -17.82 -66.30
C CYS K 67 -2.29 -16.56 -67.06
N THR K 68 -3.07 -16.20 -68.08
CA THR K 68 -2.78 -15.01 -68.87
C THR K 68 -2.92 -13.76 -68.02
N GLU K 69 -1.82 -13.06 -67.80
CA GLU K 69 -1.81 -11.77 -67.14
C GLU K 69 -1.68 -10.66 -68.17
N TRP K 70 -1.79 -9.42 -67.70
CA TRP K 70 -1.73 -8.25 -68.57
C TRP K 70 -0.55 -7.39 -68.15
N ASP K 71 0.51 -7.43 -68.94
CA ASP K 71 1.64 -6.54 -68.73
C ASP K 71 1.36 -5.20 -69.41
N THR K 72 2.08 -4.18 -68.98
CA THR K 72 1.93 -2.84 -69.51
C THR K 72 3.28 -2.36 -70.03
N ILE K 73 3.34 -2.05 -71.32
CA ILE K 73 4.47 -1.31 -71.88
C ILE K 73 4.21 0.17 -71.66
N ARG K 74 5.01 0.80 -70.81
CA ARG K 74 4.84 2.19 -70.44
C ARG K 74 5.96 3.02 -71.03
N CYS K 75 5.59 4.14 -71.67
CA CYS K 75 6.54 5.11 -72.17
C CYS K 75 6.13 6.49 -71.69
N GLU K 76 6.99 7.13 -70.90
CA GLU K 76 6.68 8.40 -70.25
C GLU K 76 7.61 9.50 -70.74
N PHE K 77 7.07 10.71 -70.82
CA PHE K 77 7.81 11.91 -71.17
C PHE K 77 7.30 13.06 -70.33
N SER K 78 8.21 13.88 -69.82
CA SER K 78 7.85 15.06 -69.05
C SER K 78 8.81 16.20 -69.38
N LEU K 79 8.28 17.42 -69.30
CA LEU K 79 9.06 18.63 -69.56
C LEU K 79 8.60 19.73 -68.60
N THR K 80 9.57 20.44 -68.02
CA THR K 80 9.28 21.51 -67.07
C THR K 80 9.27 22.87 -67.78
N LEU K 81 8.14 23.57 -67.69
CA LEU K 81 8.00 24.93 -68.20
C LEU K 81 8.05 25.87 -67.00
N LEU K 82 9.16 26.61 -66.87
CA LEU K 82 9.30 27.55 -65.77
C LEU K 82 8.31 28.69 -65.92
N GLN K 83 7.60 29.01 -64.84
CA GLN K 83 6.53 30.00 -64.87
C GLN K 83 6.87 31.31 -64.17
N LEU K 84 7.93 31.34 -63.36
CA LEU K 84 8.23 32.52 -62.55
C LEU K 84 9.65 32.99 -62.74
N SER K 85 10.26 32.69 -63.88
CA SER K 85 11.63 33.08 -64.16
C SER K 85 11.64 34.40 -64.93
N SER K 86 12.53 35.31 -64.52
CA SER K 86 12.74 36.56 -65.22
C SER K 86 13.72 36.45 -66.38
N ASN K 87 14.38 35.30 -66.54
CA ASN K 87 15.32 35.10 -67.63
C ASN K 87 14.55 34.90 -68.93
N THR K 88 14.84 35.74 -69.92
CA THR K 88 14.16 35.65 -71.20
C THR K 88 14.66 34.49 -72.06
N ASP K 89 15.74 33.82 -71.66
CA ASP K 89 16.22 32.66 -72.40
C ASP K 89 15.38 31.41 -72.18
N VAL K 90 14.41 31.46 -71.25
CA VAL K 90 13.74 30.24 -70.82
C VAL K 90 13.03 29.57 -72.00
N ALA K 91 12.35 30.36 -72.85
CA ALA K 91 11.59 29.77 -73.94
C ALA K 91 12.50 29.09 -74.95
N ALA K 92 13.52 29.80 -75.44
CA ALA K 92 14.44 29.21 -76.41
C ALA K 92 15.16 28.02 -75.83
N ARG K 93 15.51 28.07 -74.54
CA ARG K 93 16.24 26.96 -73.94
C ARG K 93 15.34 25.76 -73.71
N THR K 94 14.06 25.96 -73.37
CA THR K 94 13.14 24.84 -73.30
C THR K 94 12.97 24.20 -74.68
N VAL K 95 12.90 25.02 -75.72
CA VAL K 95 12.86 24.49 -77.08
C VAL K 95 14.11 23.66 -77.36
N ASP K 96 15.28 24.19 -77.00
CA ASP K 96 16.52 23.47 -77.22
C ASP K 96 16.55 22.15 -76.45
N VAL K 97 16.01 22.15 -75.23
CA VAL K 97 15.99 20.93 -74.42
C VAL K 97 15.09 19.88 -75.07
N LEU K 98 13.91 20.29 -75.53
CA LEU K 98 13.02 19.35 -76.21
C LEU K 98 13.67 18.79 -77.47
N ASP K 99 14.36 19.65 -78.23
CA ASP K 99 15.03 19.17 -79.43
C ASP K 99 16.17 18.22 -79.09
N THR K 100 16.89 18.47 -78.00
CA THR K 100 17.93 17.55 -77.55
C THR K 100 17.32 16.21 -77.16
N MET K 101 16.15 16.23 -76.53
CA MET K 101 15.46 15.00 -76.18
C MET K 101 15.13 14.19 -77.44
N ILE K 102 14.56 14.84 -78.45
CA ILE K 102 14.20 14.14 -79.69
C ILE K 102 15.46 13.62 -80.38
N SER K 103 16.51 14.44 -80.43
CA SER K 103 17.76 14.02 -81.04
C SER K 103 18.33 12.80 -80.35
N PHE K 104 18.24 12.74 -79.01
CA PHE K 104 18.78 11.60 -78.29
C PHE K 104 17.92 10.36 -78.48
N LEU K 105 16.60 10.54 -78.58
CA LEU K 105 15.73 9.41 -78.91
C LEU K 105 16.10 8.83 -80.26
N ALA K 106 16.52 9.67 -81.21
CA ALA K 106 17.01 9.15 -82.48
C ALA K 106 18.39 8.51 -82.32
N LYS K 107 19.29 9.20 -81.61
CA LYS K 107 20.69 8.81 -81.53
C LYS K 107 20.86 7.47 -80.81
N ARG K 108 20.06 7.23 -79.77
CA ARG K 108 20.22 6.05 -78.92
C ARG K 108 19.05 5.08 -79.05
N ARG K 109 18.43 5.01 -80.23
CA ARG K 109 17.23 4.19 -80.38
C ARG K 109 17.52 2.72 -80.09
N ASN K 110 18.59 2.17 -80.67
CA ASN K 110 18.90 0.77 -80.45
C ASN K 110 19.22 0.49 -78.98
N SER K 111 20.01 1.37 -78.35
CA SER K 111 20.35 1.19 -76.95
C SER K 111 19.10 1.23 -76.08
N ILE K 112 18.20 2.17 -76.36
CA ILE K 112 16.96 2.30 -75.59
C ILE K 112 16.09 1.06 -75.76
N LEU K 113 15.99 0.55 -76.99
CA LEU K 113 15.12 -0.59 -77.24
C LEU K 113 15.71 -1.90 -76.75
N ALA K 114 17.04 -1.99 -76.62
CA ALA K 114 17.68 -3.22 -76.19
C ALA K 114 18.04 -3.24 -74.71
N GLY K 115 18.01 -2.10 -74.03
CA GLY K 115 18.43 -2.07 -72.64
C GLY K 115 19.91 -2.31 -72.47
N ASN K 116 20.74 -1.74 -73.35
CA ASN K 116 22.17 -1.95 -73.34
C ASN K 116 22.85 -0.62 -73.66
N LEU K 117 23.55 -0.04 -72.67
CA LEU K 117 24.22 1.24 -72.87
C LEU K 117 25.36 1.16 -73.86
N LEU K 118 25.91 -0.03 -74.09
CA LEU K 118 27.14 -0.16 -74.88
C LEU K 118 26.90 -0.12 -76.37
N LEU K 119 25.66 -0.22 -76.84
CA LEU K 119 25.41 -0.21 -78.26
C LEU K 119 25.80 1.15 -78.84
N PRO K 120 26.42 1.18 -80.01
CA PRO K 120 26.78 2.47 -80.62
C PRO K 120 25.54 3.26 -81.01
N ASP K 121 25.76 4.54 -81.28
CA ASP K 121 24.68 5.39 -81.76
C ASP K 121 24.05 4.79 -83.01
N ASN K 122 22.75 5.02 -83.16
CA ASN K 122 22.08 4.63 -84.39
C ASN K 122 22.69 5.38 -85.58
N PRO K 123 22.84 4.73 -86.74
CA PRO K 123 23.35 5.42 -87.93
C PRO K 123 22.39 6.49 -88.42
N ALA L 1 -8.63 73.83 43.18
CA ALA L 1 -9.95 74.04 43.76
C ALA L 1 -10.76 72.76 43.79
N SER L 2 -11.19 72.37 44.99
CA SER L 2 -12.07 71.22 45.12
C SER L 2 -13.32 71.43 44.29
N LEU L 3 -13.67 70.43 43.49
CA LEU L 3 -14.84 70.55 42.62
C LEU L 3 -16.12 70.37 43.41
N PRO L 4 -17.18 71.10 43.07
CA PRO L 4 -18.47 70.91 43.75
C PRO L 4 -19.16 69.64 43.25
N VAL L 5 -19.72 68.88 44.19
CA VAL L 5 -20.31 67.59 43.86
C VAL L 5 -21.66 67.44 44.55
N THR L 6 -22.53 66.65 43.92
CA THR L 6 -23.75 66.17 44.56
C THR L 6 -23.84 64.66 44.36
N GLN L 7 -24.32 63.96 45.39
CA GLN L 7 -24.38 62.51 45.33
C GLN L 7 -25.41 62.06 44.31
N TYR L 8 -24.96 61.37 43.27
CA TYR L 8 -25.81 60.85 42.20
C TYR L 8 -26.33 59.45 42.52
N SER L 9 -25.45 58.49 42.75
CA SER L 9 -25.87 57.16 43.19
C SER L 9 -25.45 56.96 44.63
N PRO L 10 -26.40 56.90 45.57
CA PRO L 10 -26.03 56.89 46.99
C PRO L 10 -25.57 55.51 47.42
N PRO L 11 -24.91 55.40 48.58
CA PRO L 11 -24.47 54.08 49.05
C PRO L 11 -25.66 53.22 49.44
N VAL L 12 -25.57 51.95 49.07
CA VAL L 12 -26.63 50.99 49.24
C VAL L 12 -26.30 49.98 50.33
N THR L 13 -25.13 49.36 50.24
CA THR L 13 -24.61 48.39 51.17
C THR L 13 -23.19 48.79 51.54
N PRO L 14 -22.65 48.26 52.64
CA PRO L 14 -21.26 48.59 53.01
C PRO L 14 -20.25 48.34 51.90
N LEU L 15 -20.44 47.29 51.11
CA LEU L 15 -19.61 47.04 49.94
C LEU L 15 -20.33 47.48 48.68
N GLY L 16 -19.55 47.81 47.66
CA GLY L 16 -20.11 48.26 46.40
C GLY L 16 -19.53 49.58 45.93
N LYS L 17 -20.37 50.40 45.28
CA LYS L 17 -19.94 51.67 44.71
C LYS L 17 -20.92 52.77 45.10
N SER L 18 -20.37 53.97 45.29
CA SER L 18 -21.14 55.19 45.46
C SER L 18 -20.55 56.25 44.54
N THR L 19 -21.41 57.06 43.91
CA THR L 19 -20.93 58.02 42.93
C THR L 19 -21.50 59.41 43.20
N TRP L 20 -20.63 60.41 43.06
CA TRP L 20 -20.99 61.82 43.07
C TRP L 20 -20.74 62.40 41.69
N ASN L 21 -21.62 63.30 41.26
CA ASN L 21 -21.43 64.04 40.02
C ASN L 21 -20.95 65.45 40.32
N VAL L 22 -20.04 65.94 39.48
CA VAL L 22 -19.56 67.31 39.56
C VAL L 22 -20.62 68.24 38.98
N THR L 23 -21.06 69.21 39.77
CA THR L 23 -22.13 70.09 39.35
C THR L 23 -21.59 71.24 38.51
N GLY L 24 -22.45 71.76 37.63
CA GLY L 24 -22.10 72.90 36.80
C GLY L 24 -21.26 72.59 35.60
N SER L 25 -21.20 71.32 35.19
CA SER L 25 -20.39 70.95 34.03
C SER L 25 -21.11 71.34 32.74
N THR L 26 -20.31 71.65 31.72
CA THR L 26 -20.87 72.08 30.44
C THR L 26 -20.93 70.96 29.41
N ASN L 27 -20.19 69.87 29.60
CA ASN L 27 -20.16 68.78 28.64
C ASN L 27 -21.44 67.96 28.75
N PRO L 28 -21.74 67.12 27.75
CA PRO L 28 -22.98 66.32 27.78
C PRO L 28 -23.05 65.46 29.03
N PRO L 29 -24.26 65.01 29.41
CA PRO L 29 -24.40 64.34 30.71
C PRO L 29 -23.57 63.07 30.85
N GLY L 30 -23.50 62.25 29.80
CA GLY L 30 -22.69 61.05 29.85
C GLY L 30 -21.22 61.32 30.11
N LEU L 31 -20.78 62.57 29.94
CA LEU L 31 -19.40 62.97 30.21
C LEU L 31 -19.29 63.89 31.42
N VAL L 32 -20.28 63.87 32.30
CA VAL L 32 -20.19 64.67 33.53
C VAL L 32 -19.06 64.11 34.39
N PRO L 33 -18.15 64.94 34.89
CA PRO L 33 -17.08 64.43 35.76
C PRO L 33 -17.67 63.75 36.98
N GLN L 34 -17.03 62.64 37.39
CA GLN L 34 -17.55 61.82 38.46
C GLN L 34 -16.48 61.52 39.51
N VAL L 35 -16.96 61.29 40.74
CA VAL L 35 -16.14 60.76 41.82
C VAL L 35 -16.81 59.47 42.31
N VAL L 36 -16.05 58.39 42.34
CA VAL L 36 -16.58 57.07 42.68
C VAL L 36 -15.81 56.53 43.87
N GLN L 37 -16.52 56.17 44.92
CA GLN L 37 -15.94 55.44 46.05
C GLN L 37 -16.35 53.98 45.97
N THR L 38 -15.38 53.09 46.10
CA THR L 38 -15.58 51.65 45.98
C THR L 38 -15.10 50.96 47.25
N GLU L 39 -15.88 50.02 47.75
CA GLU L 39 -15.47 49.18 48.87
C GLU L 39 -15.68 47.73 48.46
N SER L 40 -14.59 47.01 48.18
CA SER L 40 -14.71 45.68 47.60
C SER L 40 -13.88 44.67 48.39
N ILE L 41 -14.37 43.42 48.42
CA ILE L 41 -13.66 42.37 49.14
C ILE L 41 -12.79 41.60 48.16
N ASN L 42 -11.66 41.12 48.68
CA ASN L 42 -10.76 40.29 47.89
C ASN L 42 -11.39 38.91 47.68
N ALA L 43 -10.84 38.17 46.73
CA ALA L 43 -11.32 36.82 46.46
C ALA L 43 -11.16 35.93 47.68
N ARG L 44 -9.96 35.88 48.24
CA ARG L 44 -9.73 35.10 49.46
C ARG L 44 -10.26 35.78 50.71
N LYS L 45 -10.92 36.94 50.58
CA LYS L 45 -11.50 37.67 51.70
C LYS L 45 -10.44 38.05 52.74
N SER L 46 -9.22 38.29 52.27
CA SER L 46 -8.16 38.75 53.17
C SER L 46 -8.13 40.26 53.30
N ASN L 47 -8.42 40.98 52.21
CA ASN L 47 -8.38 42.43 52.21
C ASN L 47 -9.73 43.00 51.80
N ILE L 48 -10.05 44.18 52.33
CA ILE L 48 -11.06 45.04 51.76
C ILE L 48 -10.33 46.22 51.12
N MET L 49 -10.60 46.46 49.85
CA MET L 49 -10.02 47.58 49.13
C MET L 49 -10.98 48.77 49.23
N SER L 50 -10.48 49.88 49.77
CA SER L 50 -11.19 51.16 49.77
C SER L 50 -10.57 52.02 48.66
N LYS L 51 -11.39 52.41 47.70
CA LYS L 51 -10.91 53.16 46.55
C LYS L 51 -11.70 54.44 46.35
N ILE L 52 -11.00 55.48 45.91
CA ILE L 52 -11.61 56.72 45.44
C ILE L 52 -11.07 57.01 44.06
N SER L 53 -11.95 57.38 43.12
CA SER L 53 -11.58 57.61 41.75
C SER L 53 -12.24 58.89 41.25
N VAL L 54 -11.45 59.78 40.69
CA VAL L 54 -11.95 61.01 40.10
C VAL L 54 -11.69 60.93 38.60
N TYR L 55 -12.78 60.91 37.83
CA TYR L 55 -12.73 60.93 36.37
C TYR L 55 -13.23 62.28 35.90
N TYR L 56 -12.35 63.09 35.33
CA TYR L 56 -12.72 64.40 34.78
C TYR L 56 -12.55 64.33 33.27
N TYR L 57 -13.66 64.38 32.54
CA TYR L 57 -13.64 64.28 31.09
C TYR L 57 -13.49 65.68 30.51
N ILE L 58 -12.44 65.88 29.72
CA ILE L 58 -12.09 67.21 29.20
C ILE L 58 -11.86 67.09 27.70
N PRO L 59 -12.38 68.03 26.90
CA PRO L 59 -12.18 67.96 25.45
C PRO L 59 -10.74 68.24 25.08
N SER L 60 -10.29 67.59 24.00
CA SER L 60 -8.90 67.70 23.58
C SER L 60 -8.56 69.09 23.05
N THR L 61 -9.57 69.89 22.69
CA THR L 61 -9.35 71.24 22.19
C THR L 61 -10.15 72.24 23.01
N ASN L 62 -9.78 73.51 22.88
CA ASN L 62 -10.45 74.55 23.65
C ASN L 62 -11.87 74.81 23.14
N SER L 63 -12.10 74.64 21.84
CA SER L 63 -13.40 74.87 21.24
C SER L 63 -13.91 73.60 20.56
N VAL L 64 -15.16 73.64 20.15
CA VAL L 64 -15.77 72.48 19.50
C VAL L 64 -15.25 72.37 18.07
N SER L 65 -14.82 71.17 17.70
CA SER L 65 -14.34 70.91 16.35
C SER L 65 -14.65 69.46 15.99
N CYS L 66 -14.40 69.13 14.73
CA CYS L 66 -14.73 67.78 14.26
C CYS L 66 -13.75 66.74 14.76
N CYS L 67 -12.50 67.13 14.99
CA CYS L 67 -11.48 66.24 15.54
C CYS L 67 -11.43 66.29 17.06
N THR L 68 -12.41 66.92 17.70
CA THR L 68 -12.43 67.03 19.15
C THR L 68 -12.63 65.66 19.78
N GLU L 69 -11.61 65.20 20.50
CA GLU L 69 -11.70 63.96 21.27
C GLU L 69 -11.91 64.30 22.74
N TRP L 70 -12.13 63.27 23.55
CA TRP L 70 -12.39 63.43 24.97
C TRP L 70 -11.30 62.72 25.75
N ASP L 71 -10.39 63.49 26.32
CA ASP L 71 -9.39 62.93 27.22
C ASP L 71 -9.97 62.82 28.62
N THR L 72 -9.35 61.99 29.44
CA THR L 72 -9.80 61.76 30.80
C THR L 72 -8.63 62.04 31.75
N ILE L 73 -8.83 63.01 32.66
CA ILE L 73 -7.93 63.19 33.78
C ILE L 73 -8.38 62.24 34.88
N ARG L 74 -7.55 61.25 35.18
CA ARG L 74 -7.86 60.21 36.15
C ARG L 74 -6.99 60.38 37.38
N CYS L 75 -7.63 60.34 38.55
CA CYS L 75 -6.93 60.35 39.83
C CYS L 75 -7.47 59.21 40.69
N GLU L 76 -6.60 58.26 41.02
CA GLU L 76 -6.98 57.04 41.73
C GLU L 76 -6.32 56.98 43.10
N PHE L 77 -7.03 56.39 44.05
CA PHE L 77 -6.55 56.13 45.40
C PHE L 77 -7.10 54.79 45.86
N SER L 78 -6.24 54.01 46.51
CA SER L 78 -6.65 52.72 47.07
C SER L 78 -5.95 52.50 48.39
N LEU L 79 -6.63 51.77 49.29
CA LEU L 79 -6.10 51.44 50.60
C LEU L 79 -6.55 50.04 50.98
N THR L 80 -5.62 49.25 51.51
CA THR L 80 -5.92 47.87 51.90
C THR L 80 -6.25 47.80 53.38
N LEU L 81 -7.44 47.29 53.70
CA LEU L 81 -7.86 47.03 55.07
C LEU L 81 -7.76 45.53 55.32
N LEU L 82 -6.77 45.11 56.10
CA LEU L 82 -6.59 43.71 56.40
C LEU L 82 -7.76 43.20 57.25
N GLN L 83 -8.33 42.05 56.85
CA GLN L 83 -9.52 41.52 57.48
C GLN L 83 -9.27 40.28 58.32
N LEU L 84 -8.12 39.63 58.19
CA LEU L 84 -7.87 38.36 58.86
C LEU L 84 -6.58 38.38 59.66
N SER L 85 -6.13 39.56 60.07
CA SER L 85 -4.91 39.69 60.84
C SER L 85 -5.21 39.68 62.33
N SER L 86 -4.41 38.94 63.09
CA SER L 86 -4.52 38.93 64.55
C SER L 86 -3.73 40.04 65.21
N ASN L 87 -2.95 40.79 64.45
CA ASN L 87 -2.17 41.90 65.00
C ASN L 87 -3.11 43.07 65.30
N THR L 88 -3.11 43.51 66.55
CA THR L 88 -3.97 44.62 66.94
C THR L 88 -3.44 45.98 66.48
N ASP L 89 -2.22 46.04 65.95
CA ASP L 89 -1.69 47.30 65.42
C ASP L 89 -2.29 47.68 64.08
N VAL L 90 -3.09 46.80 63.46
CA VAL L 90 -3.50 47.00 62.07
C VAL L 90 -4.29 48.29 61.92
N ALA L 91 -5.19 48.58 62.86
CA ALA L 91 -6.03 49.77 62.72
C ALA L 91 -5.20 51.05 62.82
N ALA L 92 -4.40 51.18 63.88
CA ALA L 92 -3.57 52.37 64.04
C ALA L 92 -2.58 52.53 62.90
N ARG L 93 -2.04 51.41 62.40
CA ARG L 93 -1.07 51.50 61.32
C ARG L 93 -1.72 51.85 59.99
N THR L 94 -2.94 51.37 59.74
CA THR L 94 -3.67 51.82 58.55
C THR L 94 -3.96 53.31 58.63
N VAL L 95 -4.32 53.79 59.82
CA VAL L 95 -4.50 55.23 60.01
C VAL L 95 -3.21 55.97 59.70
N ASP L 96 -2.09 55.46 60.23
CA ASP L 96 -0.79 56.10 59.98
C ASP L 96 -0.44 56.10 58.50
N VAL L 97 -0.78 55.02 57.79
CA VAL L 97 -0.49 54.93 56.37
C VAL L 97 -1.31 55.95 55.59
N LEU L 98 -2.60 56.07 55.92
CA LEU L 98 -3.43 57.08 55.26
C LEU L 98 -2.90 58.48 55.52
N ASP L 99 -2.49 58.75 56.76
CA ASP L 99 -1.95 60.07 57.08
C ASP L 99 -0.65 60.34 56.34
N THR L 100 0.19 59.30 56.19
CA THR L 100 1.41 59.46 55.42
C THR L 100 1.10 59.77 53.96
N MET L 101 0.06 59.13 53.42
CA MET L 101 -0.39 59.41 52.06
C MET L 101 -0.78 60.87 51.90
N ILE L 102 -1.61 61.38 52.82
CA ILE L 102 -2.05 62.77 52.75
C ILE L 102 -0.86 63.71 52.91
N SER L 103 0.04 63.40 53.84
CA SER L 103 1.22 64.23 54.05
C SER L 103 2.08 64.28 52.80
N PHE L 104 2.21 63.16 52.10
CA PHE L 104 3.02 63.15 50.89
C PHE L 104 2.34 63.87 49.74
N LEU L 105 1.01 63.79 49.66
CA LEU L 105 0.29 64.59 48.68
C LEU L 105 0.52 66.07 48.91
N ALA L 106 0.64 66.48 50.17
CA ALA L 106 1.00 67.87 50.44
C ALA L 106 2.46 68.15 50.12
N LYS L 107 3.34 67.25 50.55
CA LYS L 107 4.79 67.46 50.47
C LYS L 107 5.27 67.54 49.03
N ARG L 108 4.70 66.71 48.15
CA ARG L 108 5.17 66.58 46.78
C ARG L 108 4.15 67.10 45.76
N ARG L 109 3.36 68.11 46.14
CA ARG L 109 2.30 68.58 45.26
C ARG L 109 2.84 69.09 43.93
N ASN L 110 3.88 69.93 43.98
CA ASN L 110 4.43 70.47 42.74
C ASN L 110 5.02 69.37 41.87
N SER L 111 5.76 68.44 42.48
CA SER L 111 6.35 67.34 41.72
C SER L 111 5.26 66.50 41.07
N ILE L 112 4.19 66.19 41.82
CA ILE L 112 3.10 65.38 41.29
C ILE L 112 2.41 66.10 40.13
N LEU L 113 2.19 67.40 40.27
CA LEU L 113 1.47 68.15 39.24
C LEU L 113 2.33 68.43 38.02
N ALA L 114 3.65 68.43 38.16
CA ALA L 114 4.54 68.73 37.04
C ALA L 114 5.14 67.49 36.39
N GLY L 115 5.05 66.33 37.03
CA GLY L 115 5.68 65.14 36.47
C GLY L 115 7.18 65.22 36.49
N ASN L 116 7.75 65.74 37.58
CA ASN L 116 9.19 65.93 37.71
C ASN L 116 9.60 65.59 39.13
N LEU L 117 10.35 64.49 39.29
CA LEU L 117 10.77 64.05 40.62
C LEU L 117 11.74 65.02 41.27
N LEU L 118 12.42 65.86 40.49
CA LEU L 118 13.51 66.68 41.02
C LEU L 118 13.03 67.94 41.72
N LEU L 119 11.77 68.30 41.58
CA LEU L 119 11.28 69.51 42.24
C LEU L 119 11.35 69.35 43.76
N PRO L 120 11.77 70.37 44.48
CA PRO L 120 11.83 70.28 45.94
C PRO L 120 10.44 70.14 46.54
N ASP L 121 10.41 69.74 47.80
CA ASP L 121 9.16 69.66 48.53
C ASP L 121 8.43 71.00 48.49
N ASN L 122 7.10 70.92 48.48
CA ASN L 122 6.31 72.13 48.59
C ASN L 122 6.60 72.82 49.93
N PRO L 123 6.66 74.15 49.98
CA PRO L 123 6.85 74.86 51.23
C PRO L 123 5.66 74.68 52.18
N ALA M 1 -32.39 -6.77 -79.38
CA ALA M 1 -33.52 -7.68 -79.48
C ALA M 1 -34.10 -7.99 -78.12
N SER M 2 -35.39 -7.70 -77.94
CA SER M 2 -36.06 -8.06 -76.71
C SER M 2 -35.95 -9.56 -76.48
N LEU M 3 -35.56 -9.95 -75.27
CA LEU M 3 -35.38 -11.36 -74.97
C LEU M 3 -36.72 -12.03 -74.73
N PRO M 4 -36.88 -13.29 -75.16
CA PRO M 4 -38.14 -14.01 -74.89
C PRO M 4 -38.19 -14.47 -73.44
N VAL M 5 -39.36 -14.30 -72.82
CA VAL M 5 -39.52 -14.59 -71.40
C VAL M 5 -40.81 -15.37 -71.16
N THR M 6 -40.80 -16.17 -70.10
CA THR M 6 -42.00 -16.78 -69.56
C THR M 6 -42.03 -16.52 -68.06
N GLN M 7 -43.23 -16.27 -67.54
CA GLN M 7 -43.37 -15.94 -66.12
C GLN M 7 -43.07 -17.16 -65.27
N TYR M 8 -42.02 -17.06 -64.45
CA TYR M 8 -41.59 -18.13 -63.55
C TYR M 8 -42.28 -18.04 -62.20
N SER M 9 -42.13 -16.92 -61.48
CA SER M 9 -42.87 -16.70 -60.25
C SER M 9 -43.92 -15.64 -60.46
N PRO M 10 -45.20 -15.97 -60.45
CA PRO M 10 -46.24 -15.02 -60.82
C PRO M 10 -46.52 -14.05 -59.70
N PRO M 11 -47.19 -12.93 -59.98
CA PRO M 11 -47.52 -11.98 -58.91
C PRO M 11 -48.54 -12.57 -57.96
N VAL M 12 -48.32 -12.30 -56.68
CA VAL M 12 -49.11 -12.86 -55.60
C VAL M 12 -49.98 -11.79 -54.95
N THR M 13 -49.37 -10.68 -54.55
CA THR M 13 -50.03 -9.54 -53.94
C THR M 13 -49.58 -8.29 -54.68
N PRO M 14 -50.31 -7.17 -54.52
CA PRO M 14 -49.89 -5.93 -55.19
C PRO M 14 -48.46 -5.52 -54.88
N LEU M 15 -47.99 -5.75 -53.66
CA LEU M 15 -46.60 -5.52 -53.31
C LEU M 15 -45.83 -6.83 -53.30
N GLY M 16 -44.53 -6.73 -53.53
CA GLY M 16 -43.69 -7.91 -53.57
C GLY M 16 -42.85 -8.00 -54.82
N LYS M 17 -42.62 -9.23 -55.30
CA LYS M 17 -41.78 -9.49 -56.45
C LYS M 17 -42.49 -10.43 -57.42
N SER M 18 -42.24 -10.21 -58.71
CA SER M 18 -42.65 -11.12 -59.77
C SER M 18 -41.45 -11.35 -60.67
N THR M 19 -41.25 -12.58 -61.15
CA THR M 19 -40.07 -12.90 -61.94
C THR M 19 -40.43 -13.63 -63.22
N TRP M 20 -39.78 -13.25 -64.30
CA TRP M 20 -39.80 -13.93 -65.58
C TRP M 20 -38.43 -14.52 -65.86
N ASN M 21 -38.41 -15.70 -66.47
CA ASN M 21 -37.17 -16.32 -66.91
C ASN M 21 -37.03 -16.17 -68.42
N VAL M 22 -35.80 -15.91 -68.86
CA VAL M 22 -35.49 -15.86 -70.28
C VAL M 22 -35.42 -17.28 -70.83
N THR M 23 -36.21 -17.55 -71.86
CA THR M 23 -36.30 -18.89 -72.41
C THR M 23 -35.18 -19.14 -73.41
N GLY M 24 -34.81 -20.41 -73.56
CA GLY M 24 -33.80 -20.81 -74.51
C GLY M 24 -32.37 -20.57 -74.08
N SER M 25 -32.12 -20.37 -72.80
CA SER M 25 -30.77 -20.11 -72.34
C SER M 25 -29.97 -21.41 -72.27
N THR M 26 -28.67 -21.31 -72.48
CA THR M 26 -27.80 -22.47 -72.49
C THR M 26 -27.07 -22.69 -71.17
N ASN M 27 -26.98 -21.67 -70.32
CA ASN M 27 -26.26 -21.79 -69.07
C ASN M 27 -27.09 -22.59 -68.06
N PRO M 28 -26.47 -23.07 -66.98
CA PRO M 28 -27.21 -23.88 -65.99
C PRO M 28 -28.41 -23.13 -65.43
N PRO M 29 -29.39 -23.85 -64.87
CA PRO M 29 -30.65 -23.19 -64.50
C PRO M 29 -30.48 -22.08 -63.47
N GLY M 30 -29.64 -22.28 -62.46
CA GLY M 30 -29.40 -21.23 -61.48
C GLY M 30 -28.86 -19.95 -62.07
N LEU M 31 -28.36 -20.00 -63.31
CA LEU M 31 -27.85 -18.82 -64.00
C LEU M 31 -28.73 -18.44 -65.19
N VAL M 32 -29.99 -18.85 -65.19
CA VAL M 32 -30.91 -18.43 -66.25
C VAL M 32 -31.15 -16.93 -66.13
N PRO M 33 -31.02 -16.16 -67.21
CA PRO M 33 -31.29 -14.72 -67.13
C PRO M 33 -32.71 -14.45 -66.64
N GLN M 34 -32.86 -13.43 -65.80
CA GLN M 34 -34.13 -13.15 -65.16
C GLN M 34 -34.52 -11.69 -65.31
N VAL M 35 -35.83 -11.46 -65.29
CA VAL M 35 -36.41 -10.13 -65.18
C VAL M 35 -37.30 -10.10 -63.95
N VAL M 36 -37.07 -9.15 -63.06
CA VAL M 36 -37.76 -9.08 -61.78
C VAL M 36 -38.45 -7.73 -61.69
N GLN M 37 -39.76 -7.74 -61.44
CA GLN M 37 -40.51 -6.53 -61.12
C GLN M 37 -40.81 -6.52 -59.62
N THR M 38 -40.53 -5.39 -59.00
CA THR M 38 -40.68 -5.22 -57.55
C THR M 38 -41.59 -4.04 -57.29
N GLU M 39 -42.53 -4.20 -56.35
CA GLU M 39 -43.37 -3.10 -55.88
C GLU M 39 -43.28 -3.07 -54.36
N SER M 40 -42.57 -2.09 -53.82
CA SER M 40 -42.28 -2.08 -52.39
C SER M 40 -42.64 -0.74 -51.76
N ILE M 41 -43.05 -0.79 -50.49
CA ILE M 41 -43.42 0.43 -49.78
C ILE M 41 -42.24 0.93 -48.99
N ASN M 42 -42.16 2.25 -48.85
CA ASN M 42 -41.12 2.87 -48.05
C ASN M 42 -41.41 2.63 -46.57
N ALA M 43 -40.39 2.86 -45.74
CA ALA M 43 -40.55 2.70 -44.30
C ALA M 43 -41.62 3.64 -43.76
N ARG M 44 -41.50 4.93 -44.07
CA ARG M 44 -42.50 5.91 -43.65
C ARG M 44 -43.77 5.84 -44.48
N LYS M 45 -43.87 4.91 -45.43
CA LYS M 45 -45.04 4.73 -46.28
C LYS M 45 -45.36 5.99 -47.09
N SER M 46 -44.32 6.75 -47.44
CA SER M 46 -44.51 7.92 -48.28
C SER M 46 -44.43 7.59 -49.76
N ASN M 47 -43.57 6.64 -50.15
CA ASN M 47 -43.40 6.28 -51.54
C ASN M 47 -43.66 4.80 -51.73
N ILE M 48 -44.15 4.45 -52.92
CA ILE M 48 -44.07 3.09 -53.43
C ILE M 48 -43.03 3.08 -54.54
N MET M 49 -42.05 2.21 -54.42
CA MET M 49 -41.02 2.06 -55.44
C MET M 49 -41.46 0.97 -56.42
N SER M 50 -41.56 1.33 -57.69
CA SER M 50 -41.76 0.37 -58.78
C SER M 50 -40.42 0.15 -59.46
N LYS M 51 -39.96 -1.10 -59.46
CA LYS M 51 -38.65 -1.43 -60.00
C LYS M 51 -38.75 -2.54 -61.04
N ILE M 52 -37.91 -2.45 -62.06
CA ILE M 52 -37.68 -3.52 -63.02
C ILE M 52 -36.18 -3.78 -63.07
N SER M 53 -35.79 -5.05 -63.04
CA SER M 53 -34.39 -5.43 -63.02
C SER M 53 -34.16 -6.58 -63.99
N VAL M 54 -33.18 -6.41 -64.88
CA VAL M 54 -32.80 -7.45 -65.83
C VAL M 54 -31.39 -7.90 -65.46
N TYR M 55 -31.28 -9.16 -65.05
CA TYR M 55 -30.00 -9.79 -64.73
C TYR M 55 -29.71 -10.81 -65.83
N TYR M 56 -28.68 -10.55 -66.64
CA TYR M 56 -28.25 -11.48 -67.68
C TYR M 56 -26.88 -12.01 -67.30
N TYR M 57 -26.82 -13.30 -66.97
CA TYR M 57 -25.57 -13.93 -66.55
C TYR M 57 -24.84 -14.45 -67.78
N ILE M 58 -23.62 -13.97 -67.99
CA ILE M 58 -22.85 -14.29 -69.19
C ILE M 58 -21.46 -14.76 -68.79
N PRO M 59 -20.94 -15.83 -69.40
CA PRO M 59 -19.61 -16.30 -69.03
C PRO M 59 -18.52 -15.33 -69.49
N SER M 60 -17.45 -15.28 -68.70
CA SER M 60 -16.37 -14.33 -68.97
C SER M 60 -15.60 -14.67 -70.24
N THR M 61 -15.71 -15.90 -70.73
CA THR M 61 -15.02 -16.33 -71.94
C THR M 61 -16.03 -16.89 -72.93
N ASN M 62 -15.59 -17.00 -74.20
CA ASN M 62 -16.47 -17.50 -75.25
C ASN M 62 -16.72 -18.99 -75.10
N SER M 63 -15.74 -19.74 -74.60
CA SER M 63 -15.86 -21.18 -74.44
C SER M 63 -15.67 -21.57 -72.97
N VAL M 64 -15.94 -22.83 -72.68
CA VAL M 64 -15.81 -23.32 -71.31
C VAL M 64 -14.35 -23.51 -70.98
N SER M 65 -13.93 -22.99 -69.82
CA SER M 65 -12.57 -23.13 -69.36
C SER M 65 -12.57 -23.15 -67.84
N CYS M 66 -11.40 -23.43 -67.27
CA CYS M 66 -11.31 -23.56 -65.81
C CYS M 66 -11.36 -22.20 -65.11
N CYS M 67 -10.87 -21.15 -65.77
CA CYS M 67 -10.94 -19.79 -65.25
C CYS M 67 -12.20 -19.07 -65.65
N THR M 68 -13.18 -19.78 -66.22
CA THR M 68 -14.42 -19.16 -66.65
C THR M 68 -15.21 -18.66 -65.45
N GLU M 69 -15.38 -17.33 -65.36
CA GLU M 69 -16.21 -16.71 -64.35
C GLU M 69 -17.54 -16.31 -64.97
N TRP M 70 -18.45 -15.84 -64.13
CA TRP M 70 -19.78 -15.44 -64.57
C TRP M 70 -19.98 -13.97 -64.26
N ASP M 71 -19.93 -13.15 -65.31
CA ASP M 71 -20.26 -11.74 -65.17
C ASP M 71 -21.77 -11.56 -65.28
N THR M 72 -22.24 -10.43 -64.78
CA THR M 72 -23.66 -10.11 -64.80
C THR M 72 -23.86 -8.77 -65.50
N ILE M 73 -24.63 -8.79 -66.59
CA ILE M 73 -25.13 -7.56 -67.21
C ILE M 73 -26.40 -7.18 -66.46
N ARG M 74 -26.34 -6.06 -65.74
CA ARG M 74 -27.44 -5.60 -64.91
C ARG M 74 -28.05 -4.34 -65.52
N CYS M 75 -29.37 -4.33 -65.63
CA CYS M 75 -30.11 -3.15 -66.06
C CYS M 75 -31.23 -2.90 -65.08
N GLU M 76 -31.20 -1.75 -64.41
CA GLU M 76 -32.13 -1.41 -63.33
C GLU M 76 -32.97 -0.20 -63.72
N PHE M 77 -34.21 -0.20 -63.24
CA PHE M 77 -35.16 0.89 -63.40
C PHE M 77 -35.97 1.02 -62.12
N SER M 78 -36.18 2.25 -61.68
CA SER M 78 -36.99 2.53 -60.51
C SER M 78 -37.81 3.79 -60.73
N LEU M 79 -38.99 3.82 -60.12
CA LEU M 79 -39.89 4.98 -60.20
C LEU M 79 -40.59 5.15 -58.87
N THR M 80 -40.67 6.40 -58.40
CA THR M 80 -41.30 6.72 -57.12
C THR M 80 -42.75 7.13 -57.33
N LEU M 81 -43.68 6.41 -56.70
CA LEU M 81 -45.09 6.76 -56.69
C LEU M 81 -45.42 7.37 -55.33
N LEU M 82 -45.64 8.69 -55.30
CA LEU M 82 -45.96 9.37 -54.06
C LEU M 82 -47.32 8.90 -53.55
N GLN M 83 -47.38 8.56 -52.26
CA GLN M 83 -48.58 7.99 -51.67
C GLN M 83 -49.31 8.93 -50.72
N LEU M 84 -48.69 10.03 -50.29
CA LEU M 84 -49.28 10.89 -49.28
C LEU M 84 -49.31 12.34 -49.72
N SER M 85 -49.32 12.59 -51.02
CA SER M 85 -49.34 13.95 -51.56
C SER M 85 -50.77 14.37 -51.85
N SER M 86 -51.11 15.60 -51.45
CA SER M 86 -52.41 16.18 -51.75
C SER M 86 -52.46 16.84 -53.12
N ASN M 87 -51.34 16.95 -53.81
CA ASN M 87 -51.30 17.54 -55.14
C ASN M 87 -51.89 16.58 -56.14
N THR M 88 -52.93 17.02 -56.87
CA THR M 88 -53.58 16.17 -57.85
C THR M 88 -52.77 16.02 -59.14
N ASP M 89 -51.69 16.80 -59.30
CA ASP M 89 -50.84 16.65 -60.48
C ASP M 89 -49.94 15.42 -60.42
N VAL M 90 -49.91 14.71 -59.29
CA VAL M 90 -48.91 13.67 -59.08
C VAL M 90 -49.03 12.58 -60.14
N ALA M 91 -50.26 12.16 -60.46
CA ALA M 91 -50.44 11.07 -61.41
C ALA M 91 -49.96 11.46 -62.80
N ALA M 92 -50.45 12.59 -63.33
CA ALA M 92 -50.05 13.03 -64.65
C ALA M 92 -48.56 13.29 -64.72
N ARG M 93 -47.98 13.83 -63.65
CA ARG M 93 -46.55 14.13 -63.67
C ARG M 93 -45.70 12.86 -63.57
N THR M 94 -46.15 11.85 -62.82
CA THR M 94 -45.45 10.57 -62.84
C THR M 94 -45.50 9.95 -64.23
N VAL M 95 -46.65 10.06 -64.90
CA VAL M 95 -46.74 9.59 -66.28
C VAL M 95 -45.75 10.35 -67.16
N ASP M 96 -45.69 11.67 -67.00
CA ASP M 96 -44.77 12.48 -67.80
C ASP M 96 -43.33 12.08 -67.53
N VAL M 97 -43.00 11.78 -66.27
CA VAL M 97 -41.64 11.40 -65.92
C VAL M 97 -41.28 10.07 -66.56
N LEU M 98 -42.18 9.09 -66.50
CA LEU M 98 -41.93 7.81 -67.15
C LEU M 98 -41.75 7.97 -68.66
N ASP M 99 -42.57 8.82 -69.27
CA ASP M 99 -42.44 9.06 -70.71
C ASP M 99 -41.13 9.75 -71.03
N THR M 100 -40.68 10.67 -70.17
CA THR M 100 -39.38 11.31 -70.37
C THR M 100 -38.26 10.29 -70.27
N MET M 101 -38.39 9.34 -69.34
CA MET M 101 -37.41 8.25 -69.21
C MET M 101 -37.32 7.44 -70.50
N ILE M 102 -38.47 7.04 -71.03
CA ILE M 102 -38.47 6.24 -72.27
C ILE M 102 -37.92 7.05 -73.43
N SER M 103 -38.30 8.32 -73.52
CA SER M 103 -37.79 9.19 -74.58
C SER M 103 -36.28 9.32 -74.50
N PHE M 104 -35.74 9.42 -73.28
CA PHE M 104 -34.29 9.56 -73.15
C PHE M 104 -33.57 8.25 -73.45
N LEU M 105 -34.18 7.11 -73.10
CA LEU M 105 -33.61 5.83 -73.51
C LEU M 105 -33.54 5.72 -75.02
N ALA M 106 -34.51 6.30 -75.72
CA ALA M 106 -34.41 6.33 -77.19
C ALA M 106 -33.37 7.34 -77.64
N LYS M 107 -33.40 8.54 -77.06
CA LYS M 107 -32.58 9.66 -77.51
C LYS M 107 -31.09 9.39 -77.33
N ARG M 108 -30.72 8.72 -76.24
CA ARG M 108 -29.32 8.53 -75.88
C ARG M 108 -28.89 7.06 -75.96
N ARG M 109 -29.51 6.29 -76.86
CA ARG M 109 -29.24 4.85 -76.91
C ARG M 109 -27.77 4.56 -77.19
N ASN M 110 -27.20 5.22 -78.20
CA ASN M 110 -25.80 4.97 -78.54
C ASN M 110 -24.88 5.38 -77.39
N SER M 111 -25.13 6.54 -76.78
CA SER M 111 -24.30 6.99 -75.67
C SER M 111 -24.38 6.01 -74.50
N ILE M 112 -25.59 5.53 -74.19
CA ILE M 112 -25.78 4.58 -73.09
C ILE M 112 -25.05 3.28 -73.37
N LEU M 113 -25.14 2.79 -74.62
CA LEU M 113 -24.54 1.51 -74.95
C LEU M 113 -23.03 1.59 -75.09
N ALA M 114 -22.49 2.76 -75.38
CA ALA M 114 -21.05 2.92 -75.58
C ALA M 114 -20.33 3.46 -74.36
N GLY M 115 -21.04 4.00 -73.38
CA GLY M 115 -20.37 4.61 -72.23
C GLY M 115 -19.62 5.87 -72.60
N ASN M 116 -20.22 6.71 -73.45
CA ASN M 116 -19.58 7.93 -73.94
C ASN M 116 -20.64 9.02 -74.01
N LEU M 117 -20.52 10.03 -73.14
CA LEU M 117 -21.48 11.12 -73.11
C LEU M 117 -21.45 11.98 -74.36
N LEU M 118 -20.34 11.96 -75.11
CA LEU M 118 -20.17 12.89 -76.22
C LEU M 118 -20.87 12.45 -77.49
N LEU M 119 -21.36 11.22 -77.57
CA LEU M 119 -22.04 10.79 -78.78
C LEU M 119 -23.31 11.59 -79.00
N PRO M 120 -23.61 11.99 -80.22
CA PRO M 120 -24.85 12.75 -80.47
C PRO M 120 -26.07 11.88 -80.22
N ASP M 121 -27.22 12.55 -80.12
CA ASP M 121 -28.49 11.85 -79.97
C ASP M 121 -28.67 10.84 -81.10
N ASN M 122 -29.33 9.74 -80.79
CA ASN M 122 -29.70 8.79 -81.83
C ASN M 122 -30.63 9.46 -82.83
N PRO M 123 -30.49 9.16 -84.13
CA PRO M 123 -31.40 9.70 -85.14
C PRO M 123 -32.82 9.19 -84.96
N ALA N 1 -43.88 69.81 24.61
CA ALA N 1 -44.84 70.28 23.61
C ALA N 1 -45.13 69.21 22.58
N SER N 2 -46.41 68.84 22.45
CA SER N 2 -46.81 67.92 21.41
C SER N 2 -46.40 68.46 20.04
N LEU N 3 -45.77 67.63 19.24
CA LEU N 3 -45.30 68.07 17.94
C LEU N 3 -46.47 68.12 16.94
N PRO N 4 -46.47 69.10 16.03
CA PRO N 4 -47.52 69.15 15.01
C PRO N 4 -47.27 68.12 13.93
N VAL N 5 -48.33 67.44 13.51
CA VAL N 5 -48.22 66.35 12.56
C VAL N 5 -49.30 66.45 11.50
N THR N 6 -48.98 65.93 10.32
CA THR N 6 -49.97 65.68 9.27
C THR N 6 -49.81 64.26 8.77
N GLN N 7 -50.93 63.61 8.47
CA GLN N 7 -50.89 62.21 8.06
C GLN N 7 -50.27 62.09 6.68
N TYR N 8 -49.13 61.39 6.62
CA TYR N 8 -48.38 61.16 5.39
C TYR N 8 -48.87 59.90 4.67
N SER N 9 -48.79 58.74 5.33
CA SER N 9 -49.35 57.52 4.76
C SER N 9 -50.60 57.12 5.53
N PRO N 10 -51.78 57.20 4.95
CA PRO N 10 -53.01 57.01 5.71
C PRO N 10 -53.28 55.53 5.94
N PRO N 11 -54.17 55.19 6.88
CA PRO N 11 -54.47 53.78 7.11
C PRO N 11 -55.21 53.18 5.93
N VAL N 12 -54.84 51.95 5.61
CA VAL N 12 -55.35 51.25 4.45
C VAL N 12 -56.28 50.11 4.85
N THR N 13 -55.81 49.26 5.75
CA THR N 13 -56.54 48.12 6.29
C THR N 13 -56.44 48.17 7.80
N PRO N 14 -57.32 47.45 8.52
CA PRO N 14 -57.23 47.43 9.98
C PRO N 14 -55.86 47.04 10.51
N LEU N 15 -55.17 46.12 9.84
CA LEU N 15 -53.81 45.78 10.20
C LEU N 15 -52.83 46.46 9.25
N GLY N 16 -51.61 46.67 9.73
CA GLY N 16 -50.59 47.33 8.93
C GLY N 16 -49.96 48.52 9.63
N LYS N 17 -49.61 49.55 8.87
CA LYS N 17 -48.93 50.73 9.37
C LYS N 17 -49.60 51.99 8.86
N SER N 18 -49.62 53.02 9.71
CA SER N 18 -50.02 54.36 9.35
C SER N 18 -48.95 55.32 9.85
N THR N 19 -48.63 56.35 9.07
CA THR N 19 -47.54 57.26 9.44
C THR N 19 -47.98 58.71 9.32
N TRP N 20 -47.58 59.50 10.32
CA TRP N 20 -47.70 60.95 10.32
C TRP N 20 -46.30 61.56 10.27
N ASN N 21 -46.17 62.66 9.55
CA ASN N 21 -44.94 63.43 9.50
C ASN N 21 -45.06 64.67 10.39
N VAL N 22 -43.97 64.99 11.07
CA VAL N 22 -43.90 66.22 11.87
C VAL N 22 -43.68 67.40 10.94
N THR N 23 -44.57 68.38 11.01
CA THR N 23 -44.51 69.51 10.10
C THR N 23 -43.53 70.57 10.61
N GLY N 24 -42.98 71.35 9.68
CA GLY N 24 -42.08 72.43 10.01
C GLY N 24 -40.66 72.01 10.34
N SER N 25 -40.26 70.81 9.96
CA SER N 25 -38.91 70.35 10.27
C SER N 25 -37.92 70.97 9.30
N THR N 26 -36.69 71.18 9.80
CA THR N 26 -35.65 71.81 9.00
C THR N 26 -34.69 70.82 8.35
N ASN N 27 -34.65 69.58 8.84
CA ASN N 27 -33.73 68.59 8.32
C ASN N 27 -34.23 68.06 6.97
N PRO N 28 -33.38 67.39 6.20
CA PRO N 28 -33.81 66.90 4.87
C PRO N 28 -35.01 65.98 4.98
N PRO N 29 -35.75 65.79 3.88
CA PRO N 29 -37.04 65.07 3.99
C PRO N 29 -36.90 63.65 4.48
N GLY N 30 -35.88 62.92 4.03
CA GLY N 30 -35.68 61.56 4.52
C GLY N 30 -35.47 61.47 6.01
N LEU N 31 -35.16 62.59 6.66
CA LEU N 31 -34.98 62.65 8.11
C LEU N 31 -36.09 63.44 8.80
N VAL N 32 -37.24 63.57 8.16
CA VAL N 32 -38.38 64.23 8.81
C VAL N 32 -38.84 63.37 9.98
N PRO N 33 -39.02 63.94 11.17
CA PRO N 33 -39.52 63.14 12.30
C PRO N 33 -40.86 62.52 11.98
N GLN N 34 -41.05 61.28 12.43
CA GLN N 34 -42.23 60.50 12.08
C GLN N 34 -42.89 59.91 13.31
N VAL N 35 -44.20 59.70 13.20
CA VAL N 35 -44.98 58.91 14.16
C VAL N 35 -45.64 57.79 13.39
N VAL N 36 -45.45 56.55 13.84
CA VAL N 36 -45.93 55.37 13.14
C VAL N 36 -46.82 54.58 14.09
N GLN N 37 -48.05 54.31 13.67
CA GLN N 37 -48.93 53.39 14.37
C GLN N 37 -48.98 52.07 13.63
N THR N 38 -48.81 50.97 14.35
CA THR N 38 -48.76 49.64 13.78
C THR N 38 -49.81 48.77 14.46
N GLU N 39 -50.55 47.99 13.67
CA GLU N 39 -51.48 46.99 14.19
C GLU N 39 -51.15 45.66 13.53
N SER N 40 -50.54 44.75 14.27
CA SER N 40 -50.04 43.52 13.68
C SER N 40 -50.52 42.29 14.44
N ILE N 41 -50.71 41.19 13.71
CA ILE N 41 -51.17 39.95 14.32
C ILE N 41 -49.97 39.08 14.65
N ASN N 42 -50.10 38.32 15.73
CA ASN N 42 -49.08 37.37 16.11
C ASN N 42 -49.08 36.19 15.14
N ALA N 43 -47.99 35.41 15.18
CA ALA N 43 -47.89 34.23 14.34
C ALA N 43 -49.01 33.24 14.64
N ARG N 44 -49.17 32.88 15.92
CA ARG N 44 -50.24 31.98 16.33
C ARG N 44 -51.59 32.67 16.36
N LYS N 45 -51.67 33.95 16.00
CA LYS N 45 -52.92 34.71 15.99
C LYS N 45 -53.57 34.77 17.36
N SER N 46 -52.74 34.75 18.41
CA SER N 46 -53.26 34.89 19.77
C SER N 46 -53.37 36.35 20.20
N ASN N 47 -52.43 37.19 19.77
CA ASN N 47 -52.41 38.60 20.15
C ASN N 47 -52.45 39.48 18.92
N ILE N 48 -53.05 40.65 19.06
CA ILE N 48 -52.82 41.77 18.16
C ILE N 48 -52.00 42.80 18.92
N MET N 49 -50.86 43.18 18.34
CA MET N 49 -50.00 44.20 18.92
C MET N 49 -50.40 45.55 18.35
N SER N 50 -50.76 46.48 19.23
CA SER N 50 -50.97 47.88 18.89
C SER N 50 -49.73 48.67 19.31
N LYS N 51 -49.06 49.30 18.35
CA LYS N 51 -47.81 50.00 18.63
C LYS N 51 -47.88 51.44 18.14
N ILE N 52 -47.24 52.33 18.90
CA ILE N 52 -46.99 53.71 18.48
C ILE N 52 -45.49 53.97 18.62
N SER N 53 -44.90 54.58 17.62
CA SER N 53 -43.47 54.83 17.59
C SER N 53 -43.20 56.25 17.13
N VAL N 54 -42.42 56.99 17.90
CA VAL N 54 -42.02 58.35 17.55
C VAL N 54 -40.52 58.32 17.31
N TYR N 55 -40.13 58.60 16.06
CA TYR N 55 -38.72 58.71 15.67
C TYR N 55 -38.44 60.17 15.38
N TYR N 56 -37.62 60.80 16.22
CA TYR N 56 -37.21 62.19 16.01
C TYR N 56 -35.72 62.19 15.69
N TYR N 57 -35.38 62.56 14.45
CA TYR N 57 -34.00 62.57 14.00
C TYR N 57 -33.39 63.93 14.29
N ILE N 58 -32.31 63.94 15.07
CA ILE N 58 -31.71 65.18 15.55
C ILE N 58 -30.21 65.14 15.27
N PRO N 59 -29.62 66.22 14.77
CA PRO N 59 -28.18 66.21 14.49
C PRO N 59 -27.37 66.19 15.77
N SER N 60 -26.21 65.54 15.70
CA SER N 60 -25.36 65.36 16.88
C SER N 60 -24.76 66.67 17.36
N THR N 61 -24.74 67.70 16.51
CA THR N 61 -24.18 68.99 16.87
C THR N 61 -25.21 70.09 16.62
N ASN N 62 -24.98 71.26 17.23
CA ASN N 62 -25.92 72.37 17.09
C ASN N 62 -25.88 72.97 15.70
N SER N 63 -24.72 72.96 15.04
CA SER N 63 -24.56 73.52 13.71
C SER N 63 -24.08 72.45 12.74
N VAL N 64 -24.08 72.80 11.46
CA VAL N 64 -23.66 71.86 10.43
C VAL N 64 -22.15 71.75 10.44
N SER N 65 -21.65 70.50 10.45
CA SER N 65 -20.22 70.25 10.41
C SER N 65 -19.98 68.94 9.66
N CYS N 66 -18.71 68.64 9.43
CA CYS N 66 -18.37 67.45 8.65
C CYS N 66 -18.54 66.17 9.47
N CYS N 67 -18.35 66.25 10.79
CA CYS N 67 -18.56 65.12 11.68
C CYS N 67 -19.98 65.04 12.20
N THR N 68 -20.89 65.83 11.65
CA THR N 68 -22.28 65.83 12.10
C THR N 68 -22.94 64.51 11.79
N GLU N 69 -23.31 63.77 12.83
CA GLU N 69 -24.07 62.54 12.70
C GLU N 69 -25.54 62.81 13.04
N TRP N 70 -26.36 61.79 12.83
CA TRP N 70 -27.80 61.91 13.07
C TRP N 70 -28.20 60.90 14.15
N ASP N 71 -28.45 61.41 15.35
CA ASP N 71 -28.99 60.57 16.41
C ASP N 71 -30.51 60.50 16.28
N THR N 72 -31.08 59.48 16.90
CA THR N 72 -32.52 59.26 16.86
C THR N 72 -33.05 59.21 18.28
N ILE N 73 -33.96 60.12 18.61
CA ILE N 73 -34.75 60.02 19.83
C ILE N 73 -35.94 59.11 19.53
N ARG N 74 -35.96 57.94 20.15
CA ARG N 74 -36.99 56.93 19.91
C ARG N 74 -37.87 56.81 21.13
N CYS N 75 -39.19 56.82 20.90
CA CYS N 75 -40.17 56.58 21.94
C CYS N 75 -41.16 55.54 21.43
N GLU N 76 -41.21 54.39 22.12
CA GLU N 76 -42.00 53.25 21.69
C GLU N 76 -43.09 52.92 22.70
N PHE N 77 -44.22 52.45 22.19
CA PHE N 77 -45.35 51.99 22.99
C PHE N 77 -45.97 50.78 22.31
N SER N 78 -46.30 49.78 23.12
CA SER N 78 -46.96 48.58 22.61
C SER N 78 -48.01 48.11 23.61
N LEU N 79 -49.07 47.49 23.08
CA LEU N 79 -50.15 46.95 23.90
C LEU N 79 -50.65 45.67 23.26
N THR N 80 -50.86 44.65 24.09
CA THR N 80 -51.33 43.35 23.62
C THR N 80 -52.84 43.24 23.75
N LEU N 81 -53.52 42.99 22.63
CA LEU N 81 -54.96 42.74 22.60
C LEU N 81 -55.16 41.24 22.40
N LEU N 82 -55.60 40.56 23.46
CA LEU N 82 -55.83 39.12 23.38
C LEU N 82 -56.99 38.83 22.45
N GLN N 83 -56.80 37.87 21.54
CA GLN N 83 -57.78 37.58 20.50
C GLN N 83 -58.50 36.25 20.69
N LEU N 84 -58.02 35.38 21.56
CA LEU N 84 -58.56 34.04 21.69
C LEU N 84 -58.92 33.71 23.13
N SER N 85 -59.17 34.72 23.96
CA SER N 85 -59.51 34.51 25.36
C SER N 85 -61.01 34.47 25.52
N SER N 86 -61.49 33.51 26.32
CA SER N 86 -62.91 33.40 26.66
C SER N 86 -63.29 34.26 27.85
N ASN N 87 -62.31 34.87 28.52
CA ASN N 87 -62.59 35.73 29.67
C ASN N 87 -63.16 37.06 29.19
N THR N 88 -64.36 37.40 29.66
CA THR N 88 -65.00 38.65 29.26
C THR N 88 -64.39 39.88 29.92
N ASP N 89 -63.49 39.70 30.90
CA ASP N 89 -62.82 40.84 31.52
C ASP N 89 -61.74 41.45 30.65
N VAL N 90 -61.40 40.81 29.51
CA VAL N 90 -60.22 41.20 28.76
C VAL N 90 -60.33 42.65 28.30
N ALA N 91 -61.50 43.07 27.81
CA ALA N 91 -61.64 44.42 27.29
C ALA N 91 -61.45 45.47 28.38
N ALA N 92 -62.22 45.34 29.48
CA ALA N 92 -62.10 46.30 30.57
C ALA N 92 -60.70 46.30 31.17
N ARG N 93 -60.06 45.14 31.25
CA ARG N 93 -58.73 45.09 31.84
C ARG N 93 -57.68 45.67 30.90
N THR N 94 -57.82 45.50 29.59
CA THR N 94 -56.93 46.18 28.66
C THR N 94 -57.09 47.69 28.78
N VAL N 95 -58.33 48.15 28.92
CA VAL N 95 -58.56 49.58 29.16
C VAL N 95 -57.86 50.03 30.43
N ASP N 96 -58.01 49.25 31.51
CA ASP N 96 -57.37 49.58 32.77
C ASP N 96 -55.86 49.62 32.64
N VAL N 97 -55.29 48.69 31.86
CA VAL N 97 -53.84 48.65 31.67
C VAL N 97 -53.37 49.88 30.93
N LEU N 98 -54.08 50.27 29.86
CA LEU N 98 -53.72 51.48 29.12
C LEU N 98 -53.80 52.71 30.02
N ASP N 99 -54.84 52.78 30.85
CA ASP N 99 -54.98 53.93 31.76
C ASP N 99 -53.86 53.94 32.79
N THR N 100 -53.46 52.76 33.28
CA THR N 100 -52.33 52.69 34.20
C THR N 100 -51.05 53.16 33.53
N MET N 101 -50.87 52.82 32.26
CA MET N 101 -49.72 53.29 31.50
C MET N 101 -49.69 54.81 31.43
N ILE N 102 -50.83 55.42 31.07
CA ILE N 102 -50.89 56.88 30.98
C ILE N 102 -50.67 57.52 32.35
N SER N 103 -51.28 56.95 33.39
CA SER N 103 -51.09 57.47 34.74
C SER N 103 -49.64 57.42 35.15
N PHE N 104 -48.93 56.35 34.79
CA PHE N 104 -47.52 56.25 35.17
C PHE N 104 -46.66 57.19 34.35
N LEU N 105 -46.99 57.41 33.09
CA LEU N 105 -46.28 58.42 32.31
C LEU N 105 -46.43 59.79 32.94
N ALA N 106 -47.59 60.07 33.54
CA ALA N 106 -47.74 61.32 34.29
C ALA N 106 -46.96 61.28 35.59
N LYS N 107 -47.10 60.18 36.34
CA LYS N 107 -46.57 60.06 37.69
C LYS N 107 -45.05 60.13 37.71
N ARG N 108 -44.39 59.53 36.72
CA ARG N 108 -42.94 59.39 36.70
C ARG N 108 -42.30 60.21 35.58
N ARG N 109 -42.91 61.33 35.20
CA ARG N 109 -42.40 62.09 34.06
C ARG N 109 -40.96 62.56 34.28
N ASN N 110 -40.69 63.14 35.44
CA ASN N 110 -39.33 63.63 35.70
C ASN N 110 -38.33 62.49 35.72
N SER N 111 -38.67 61.38 36.38
CA SER N 111 -37.77 60.23 36.42
C SER N 111 -37.50 59.70 35.01
N ILE N 112 -38.54 59.60 34.19
CA ILE N 112 -38.39 59.11 32.82
C ILE N 112 -37.50 60.04 32.01
N LEU N 113 -37.70 61.35 32.16
CA LEU N 113 -36.96 62.30 31.35
C LEU N 113 -35.52 62.47 31.83
N ALA N 114 -35.24 62.17 33.10
CA ALA N 114 -33.89 62.35 33.63
C ALA N 114 -33.09 61.05 33.70
N GLY N 115 -33.72 59.89 33.53
CA GLY N 115 -33.00 58.64 33.66
C GLY N 115 -32.54 58.37 35.08
N ASN N 116 -33.40 58.66 36.06
CA ASN N 116 -33.06 58.52 37.47
C ASN N 116 -34.29 57.98 38.20
N LEU N 117 -34.21 56.74 38.68
CA LEU N 117 -35.34 56.12 39.38
C LEU N 117 -35.64 56.80 40.70
N LEU N 118 -34.69 57.51 41.28
CA LEU N 118 -34.84 58.03 42.64
C LEU N 118 -35.66 59.31 42.71
N LEU N 119 -35.93 59.96 41.59
CA LEU N 119 -36.70 61.20 41.63
C LEU N 119 -38.11 60.90 42.13
N PRO N 120 -38.67 61.76 42.98
CA PRO N 120 -40.04 61.54 43.46
C PRO N 120 -41.04 61.67 42.33
N ASP N 121 -42.26 61.20 42.60
CA ASP N 121 -43.35 61.35 41.64
C ASP N 121 -43.53 62.81 41.28
N ASN N 122 -43.94 63.05 40.04
CA ASN N 122 -44.29 64.40 39.63
C ASN N 122 -45.47 64.89 40.47
N PRO N 123 -45.49 66.18 40.85
CA PRO N 123 -46.63 66.73 41.59
C PRO N 123 -47.89 66.75 40.74
N ALA O 1 -49.76 -59.42 38.02
CA ALA O 1 -50.96 -58.88 38.65
C ALA O 1 -51.23 -57.47 38.19
N SER O 2 -52.42 -57.25 37.63
CA SER O 2 -52.83 -55.91 37.26
C SER O 2 -52.79 -55.00 38.49
N LEU O 3 -52.17 -53.84 38.34
CA LEU O 3 -52.04 -52.94 39.47
C LEU O 3 -53.35 -52.19 39.71
N PRO O 4 -53.71 -51.92 40.97
CA PRO O 4 -54.91 -51.14 41.25
C PRO O 4 -54.68 -49.66 40.98
N VAL O 5 -55.66 -49.02 40.35
CA VAL O 5 -55.52 -47.64 39.92
C VAL O 5 -56.78 -46.85 40.26
N THR O 6 -56.60 -45.54 40.49
CA THR O 6 -57.69 -44.59 40.55
C THR O 6 -57.37 -43.42 39.63
N GLN O 7 -58.39 -42.90 38.96
CA GLN O 7 -58.17 -41.83 38.01
C GLN O 7 -57.79 -40.55 38.75
N TYR O 8 -56.58 -40.05 38.47
CA TYR O 8 -56.04 -38.84 39.07
C TYR O 8 -56.40 -37.60 38.25
N SER O 9 -56.00 -37.56 36.98
CA SER O 9 -56.42 -36.47 36.08
C SER O 9 -57.40 -37.01 35.06
N PRO O 10 -58.68 -36.63 35.13
CA PRO O 10 -59.69 -37.25 34.28
C PRO O 10 -59.64 -36.70 32.87
N PRO O 11 -60.26 -37.38 31.90
CA PRO O 11 -60.25 -36.87 30.53
C PRO O 11 -61.08 -35.59 30.43
N VAL O 12 -60.55 -34.66 29.64
CA VAL O 12 -61.12 -33.33 29.50
C VAL O 12 -61.74 -33.15 28.12
N THR O 13 -60.97 -33.43 27.08
CA THR O 13 -61.36 -33.35 25.69
C THR O 13 -61.01 -34.67 25.01
N PRO O 14 -61.59 -34.95 23.85
CA PRO O 14 -61.22 -36.19 23.13
C PRO O 14 -59.73 -36.36 22.89
N LEU O 15 -59.02 -35.26 22.62
CA LEU O 15 -57.57 -35.30 22.50
C LEU O 15 -56.94 -34.79 23.79
N GLY O 16 -55.71 -35.24 24.04
CA GLY O 16 -55.00 -34.83 25.23
C GLY O 16 -54.48 -36.00 26.04
N LYS O 17 -54.47 -35.86 27.36
CA LYS O 17 -53.93 -36.86 28.26
C LYS O 17 -54.91 -37.12 29.40
N SER O 18 -54.95 -38.38 29.84
CA SER O 18 -55.66 -38.79 31.04
C SER O 18 -54.71 -39.65 31.87
N THR O 19 -54.73 -39.50 33.19
CA THR O 19 -53.78 -40.21 34.04
C THR O 19 -54.48 -40.90 35.20
N TRP O 20 -54.05 -42.12 35.48
CA TRP O 20 -54.43 -42.89 36.65
C TRP O 20 -53.20 -43.07 37.53
N ASN O 21 -53.42 -43.03 38.84
CA ASN O 21 -52.37 -43.31 39.81
C ASN O 21 -52.56 -44.71 40.39
N VAL O 22 -51.45 -45.40 40.59
CA VAL O 22 -51.45 -46.71 41.25
C VAL O 22 -51.63 -46.51 42.74
N THR O 23 -52.66 -47.13 43.30
CA THR O 23 -52.97 -46.94 44.71
C THR O 23 -52.13 -47.87 45.59
N GLY O 24 -51.90 -47.43 46.82
CA GLY O 24 -51.17 -48.23 47.80
C GLY O 24 -49.67 -48.21 47.65
N SER O 25 -49.12 -47.24 46.92
CA SER O 25 -47.68 -47.17 46.74
C SER O 25 -47.01 -46.61 47.98
N THR O 26 -45.77 -47.06 48.21
CA THR O 26 -45.03 -46.64 49.39
C THR O 26 -44.05 -45.51 49.12
N ASN O 27 -43.68 -45.28 47.85
CA ASN O 27 -42.71 -44.27 47.52
C ASN O 27 -43.36 -42.88 47.60
N PRO O 28 -42.55 -41.82 47.65
CA PRO O 28 -43.10 -40.45 47.77
C PRO O 28 -44.08 -40.15 46.65
N PRO O 29 -44.97 -39.16 46.85
CA PRO O 29 -46.05 -38.96 45.87
C PRO O 29 -45.58 -38.63 44.47
N GLY O 30 -44.53 -37.81 44.33
CA GLY O 30 -44.00 -37.50 43.01
C GLY O 30 -43.50 -38.71 42.26
N LEU O 31 -43.30 -39.84 42.95
CA LEU O 31 -42.87 -41.08 42.35
C LEU O 31 -43.96 -42.15 42.38
N VAL O 32 -45.21 -41.75 42.52
CA VAL O 32 -46.31 -42.72 42.47
C VAL O 32 -46.40 -43.30 41.06
N PRO O 33 -46.45 -44.62 40.90
CA PRO O 33 -46.58 -45.20 39.56
C PRO O 33 -47.82 -44.68 38.86
N GLN O 34 -47.69 -44.44 37.56
CA GLN O 34 -48.76 -43.82 36.79
C GLN O 34 -49.06 -44.60 35.52
N VAL O 35 -50.30 -44.47 35.07
CA VAL O 35 -50.73 -44.93 33.75
C VAL O 35 -51.32 -43.73 33.02
N VAL O 36 -50.82 -43.47 31.82
CA VAL O 36 -51.19 -42.29 31.05
C VAL O 36 -51.73 -42.75 29.70
N GLN O 37 -52.95 -42.33 29.37
CA GLN O 37 -53.50 -42.50 28.04
C GLN O 37 -53.45 -41.19 27.29
N THR O 38 -52.96 -41.22 26.07
CA THR O 38 -52.76 -40.04 25.24
C THR O 38 -53.49 -40.23 23.92
N GLU O 39 -54.20 -39.20 23.47
CA GLU O 39 -54.82 -39.20 22.15
C GLU O 39 -54.39 -37.92 21.45
N SER O 40 -53.50 -38.04 20.47
CA SER O 40 -52.89 -36.86 19.86
C SER O 40 -52.99 -36.90 18.34
N ILE O 41 -53.11 -35.72 17.73
CA ILE O 41 -53.21 -35.63 16.28
C ILE O 41 -51.84 -35.38 15.69
N ASN O 42 -51.62 -35.92 14.50
CA ASN O 42 -50.38 -35.69 13.77
C ASN O 42 -50.36 -34.25 13.26
N ALA O 43 -49.15 -33.82 12.87
CA ALA O 43 -49.00 -32.47 12.32
C ALA O 43 -49.83 -32.29 11.06
N ARG O 44 -49.69 -33.20 10.10
CA ARG O 44 -50.49 -33.14 8.89
C ARG O 44 -51.92 -33.62 9.09
N LYS O 45 -52.29 -33.98 10.32
CA LYS O 45 -53.64 -34.44 10.65
C LYS O 45 -54.02 -35.69 9.86
N SER O 46 -53.04 -36.53 9.54
CA SER O 46 -53.31 -37.78 8.87
C SER O 46 -53.61 -38.91 9.85
N ASN O 47 -52.93 -38.92 11.00
CA ASN O 47 -53.10 -39.98 11.99
C ASN O 47 -53.52 -39.38 13.32
N ILE O 48 -54.30 -40.16 14.08
CA ILE O 48 -54.44 -39.96 15.51
C ILE O 48 -53.69 -41.08 16.20
N MET O 49 -52.78 -40.71 17.09
CA MET O 49 -52.03 -41.68 17.88
C MET O 49 -52.76 -41.92 19.19
N SER O 50 -53.11 -43.18 19.44
CA SER O 50 -53.64 -43.62 20.73
C SER O 50 -52.51 -44.32 21.47
N LYS O 51 -52.16 -43.79 22.65
CA LYS O 51 -51.02 -44.30 23.41
C LYS O 51 -51.46 -44.64 24.84
N ILE O 52 -50.85 -45.71 25.36
CA ILE O 52 -50.94 -46.05 26.78
C ILE O 52 -49.52 -46.21 27.31
N SER O 53 -49.23 -45.63 28.47
CA SER O 53 -47.90 -45.65 29.04
C SER O 53 -48.00 -45.97 30.52
N VAL O 54 -47.23 -46.98 30.95
CA VAL O 54 -47.16 -47.35 32.36
C VAL O 54 -45.75 -47.04 32.84
N TYR O 55 -45.64 -46.09 33.77
CA TYR O 55 -44.39 -45.72 34.40
C TYR O 55 -44.43 -46.22 35.84
N TYR O 56 -43.60 -47.22 36.17
CA TYR O 56 -43.50 -47.73 37.53
C TYR O 56 -42.12 -47.36 38.07
N TYR O 57 -42.09 -46.48 39.06
CA TYR O 57 -40.83 -46.00 39.64
C TYR O 57 -40.44 -46.92 40.78
N ILE O 58 -39.26 -47.53 40.69
CA ILE O 58 -38.82 -48.54 41.64
C ILE O 58 -37.41 -48.19 42.12
N PRO O 59 -37.14 -48.28 43.42
CA PRO O 59 -35.78 -47.95 43.90
C PRO O 59 -34.76 -48.98 43.45
N SER O 60 -33.54 -48.51 43.24
CA SER O 60 -32.47 -49.37 42.74
C SER O 60 -32.04 -50.41 43.75
N THR O 61 -32.36 -50.24 45.02
CA THR O 61 -32.00 -51.17 46.07
C THR O 61 -33.25 -51.59 46.84
N ASN O 62 -33.11 -52.70 47.58
CA ASN O 62 -34.25 -53.22 48.34
C ASN O 62 -34.58 -52.34 49.54
N SER O 63 -33.58 -51.69 50.12
CA SER O 63 -33.77 -50.85 51.29
C SER O 63 -33.30 -49.43 50.99
N VAL O 64 -33.59 -48.52 51.91
CA VAL O 64 -33.20 -47.13 51.74
C VAL O 64 -31.70 -46.99 52.02
N SER O 65 -31.01 -46.32 51.11
CA SER O 65 -29.58 -46.06 51.26
C SER O 65 -29.25 -44.73 50.60
N CYS O 66 -28.00 -44.29 50.78
CA CYS O 66 -27.60 -43.00 50.25
C CYS O 66 -27.38 -43.04 48.74
N CYS O 67 -26.97 -44.20 48.22
CA CYS O 67 -26.81 -44.38 46.77
C CYS O 67 -28.08 -44.87 46.10
N THR O 68 -29.20 -44.87 46.81
CA THR O 68 -30.46 -45.35 46.24
C THR O 68 -30.91 -44.43 45.11
N GLU O 69 -30.94 -44.96 43.89
CA GLU O 69 -31.48 -44.26 42.74
C GLU O 69 -32.87 -44.79 42.43
N TRP O 70 -33.53 -44.13 41.48
CA TRP O 70 -34.88 -44.49 41.09
C TRP O 70 -34.89 -44.91 39.63
N ASP O 71 -35.01 -46.21 39.40
CA ASP O 71 -35.18 -46.72 38.05
C ASP O 71 -36.66 -46.66 37.67
N THR O 72 -36.91 -46.69 36.37
CA THR O 72 -38.27 -46.65 35.85
C THR O 72 -38.52 -47.86 34.98
N ILE O 73 -39.51 -48.67 35.34
CA ILE O 73 -40.03 -49.72 34.46
C ILE O 73 -41.06 -49.05 33.57
N ARG O 74 -40.75 -48.97 32.27
CA ARG O 74 -41.60 -48.31 31.29
C ARG O 74 -42.22 -49.35 30.36
N CYS O 75 -43.53 -49.24 30.17
CA CYS O 75 -44.24 -50.06 29.20
C CYS O 75 -45.10 -49.15 28.33
N GLU O 76 -44.82 -49.14 27.03
CA GLU O 76 -45.45 -48.23 26.08
C GLU O 76 -46.26 -49.00 25.05
N PHE O 77 -47.35 -48.39 24.62
CA PHE O 77 -48.21 -48.91 23.56
C PHE O 77 -48.71 -47.74 22.72
N SER O 78 -48.71 -47.92 21.41
CA SER O 78 -49.21 -46.91 20.49
C SER O 78 -49.96 -47.58 19.34
N LEU O 79 -50.97 -46.88 18.82
CA LEU O 79 -51.76 -47.37 17.70
C LEU O 79 -52.12 -46.19 16.81
N THR O 80 -52.00 -46.37 15.50
CA THR O 80 -52.29 -45.33 14.53
C THR O 80 -53.71 -45.48 14.00
N LEU O 81 -54.53 -44.44 14.17
CA LEU O 81 -55.87 -44.38 13.60
C LEU O 81 -55.82 -43.44 12.40
N LEU O 82 -55.93 -44.02 11.20
CA LEU O 82 -55.91 -43.22 9.98
C LEU O 82 -57.15 -42.34 9.90
N GLN O 83 -56.94 -41.06 9.61
CA GLN O 83 -58.03 -40.08 9.62
C GLN O 83 -58.45 -39.60 8.24
N LEU O 84 -57.66 -39.87 7.20
CA LEU O 84 -57.93 -39.31 5.88
C LEU O 84 -57.94 -40.39 4.81
N SER O 85 -58.22 -41.63 5.19
CA SER O 85 -58.25 -42.74 4.24
C SER O 85 -59.67 -42.96 3.74
N SER O 86 -59.81 -43.16 2.43
CA SER O 86 -61.10 -43.50 1.83
C SER O 86 -61.41 -44.98 1.88
N ASN O 87 -60.45 -45.82 2.29
CA ASN O 87 -60.67 -47.25 2.38
C ASN O 87 -61.55 -47.56 3.59
N THR O 88 -62.68 -48.22 3.34
CA THR O 88 -63.61 -48.56 4.41
C THR O 88 -63.12 -49.72 5.27
N ASP O 89 -62.05 -50.41 4.87
CA ASP O 89 -61.50 -51.49 5.68
C ASP O 89 -60.72 -50.99 6.89
N VAL O 90 -60.49 -49.68 6.99
CA VAL O 90 -59.55 -49.16 7.99
C VAL O 90 -60.00 -49.52 9.40
N ALA O 91 -61.30 -49.41 9.68
CA ALA O 91 -61.77 -49.67 11.04
C ALA O 91 -61.60 -51.13 11.42
N ALA O 92 -62.10 -52.04 10.59
CA ALA O 92 -61.97 -53.46 10.88
C ALA O 92 -60.51 -53.89 10.95
N ARG O 93 -59.66 -53.32 10.09
CA ARG O 93 -58.26 -53.71 10.11
C ARG O 93 -57.51 -53.14 11.30
N THR O 94 -57.86 -51.94 11.78
CA THR O 94 -57.30 -51.45 13.02
C THR O 94 -57.71 -52.34 14.19
N VAL O 95 -58.96 -52.79 14.18
CA VAL O 95 -59.41 -53.74 15.21
C VAL O 95 -58.58 -55.02 15.13
N ASP O 96 -58.38 -55.53 13.92
CA ASP O 96 -57.60 -56.75 13.74
C ASP O 96 -56.16 -56.56 14.22
N VAL O 97 -55.60 -55.38 13.96
CA VAL O 97 -54.22 -55.11 14.38
C VAL O 97 -54.13 -55.08 15.90
N LEU O 98 -55.07 -54.41 16.57
CA LEU O 98 -55.08 -54.39 18.03
C LEU O 98 -55.23 -55.80 18.59
N ASP O 99 -56.09 -56.61 17.99
CA ASP O 99 -56.27 -57.98 18.46
C ASP O 99 -55.00 -58.80 18.25
N THR O 100 -54.31 -58.58 17.13
CA THR O 100 -53.04 -59.26 16.89
C THR O 100 -52.01 -58.86 17.94
N MET O 101 -52.01 -57.58 18.32
CA MET O 101 -51.12 -57.10 19.38
C MET O 101 -51.38 -57.84 20.69
N ILE O 102 -52.66 -57.92 21.09
CA ILE O 102 -53.00 -58.60 22.34
C ILE O 102 -52.66 -60.08 22.26
N SER O 103 -52.94 -60.70 21.12
CA SER O 103 -52.62 -62.12 20.94
C SER O 103 -51.12 -62.36 21.05
N PHE O 104 -50.31 -61.45 20.52
CA PHE O 104 -48.86 -61.63 20.60
C PHE O 104 -48.34 -61.37 22.01
N LEU O 105 -48.95 -60.43 22.73
CA LEU O 105 -48.59 -60.24 24.13
C LEU O 105 -48.87 -61.50 24.93
N ALA O 106 -49.94 -62.23 24.57
CA ALA O 106 -50.16 -63.52 25.22
C ALA O 106 -49.17 -64.57 24.74
N LYS O 107 -48.97 -64.64 23.42
CA LYS O 107 -48.18 -65.70 22.80
C LYS O 107 -46.72 -65.66 23.23
N ARG O 108 -46.16 -64.45 23.37
CA ARG O 108 -44.74 -64.28 23.63
C ARG O 108 -44.47 -63.70 25.02
N ARG O 109 -45.33 -64.01 25.99
CA ARG O 109 -45.19 -63.40 27.31
C ARG O 109 -43.86 -63.74 27.96
N ASN O 110 -43.47 -65.01 27.94
CA ASN O 110 -42.22 -65.40 28.56
C ASN O 110 -41.03 -64.76 27.85
N SER O 111 -41.04 -64.77 26.52
CA SER O 111 -39.95 -64.14 25.77
C SER O 111 -39.84 -62.66 26.08
N ILE O 112 -40.99 -61.97 26.14
CA ILE O 112 -41.00 -60.53 26.43
C ILE O 112 -40.46 -60.27 27.83
N LEU O 113 -40.87 -61.08 28.80
CA LEU O 113 -40.47 -60.85 30.18
C LEU O 113 -39.03 -61.25 30.45
N ALA O 114 -38.47 -62.16 29.65
CA ALA O 114 -37.11 -62.62 29.87
C ALA O 114 -36.08 -61.95 28.96
N GLY O 115 -36.50 -61.26 27.91
CA GLY O 115 -35.55 -60.67 26.99
C GLY O 115 -34.81 -61.71 26.18
N ASN O 116 -35.51 -62.76 25.73
CA ASN O 116 -34.89 -63.86 25.01
C ASN O 116 -35.84 -64.28 23.90
N LEU O 117 -35.45 -64.04 22.64
CA LEU O 117 -36.30 -64.38 21.50
C LEU O 117 -36.48 -65.88 21.34
N LEU O 118 -35.58 -66.70 21.89
CA LEU O 118 -35.58 -68.12 21.62
C LEU O 118 -36.59 -68.90 22.44
N LEU O 119 -37.18 -68.30 23.47
CA LEU O 119 -38.14 -69.03 24.29
C LEU O 119 -39.36 -69.39 23.44
N PRO O 120 -39.90 -70.59 23.60
CA PRO O 120 -41.10 -70.97 22.85
C PRO O 120 -42.29 -70.15 23.26
N ASP O 121 -43.33 -70.20 22.43
CA ASP O 121 -44.58 -69.53 22.74
C ASP O 121 -45.10 -69.99 24.11
N ASN O 122 -45.76 -69.08 24.80
CA ASN O 122 -46.42 -69.46 26.04
C ASN O 122 -47.50 -70.50 25.74
N PRO O 123 -47.69 -71.49 26.63
CA PRO O 123 -48.75 -72.48 26.45
C PRO O 123 -50.13 -71.85 26.55
N ALA P 1 -7.27 -0.98 85.23
CA ALA P 1 -8.57 -0.54 85.71
C ALA P 1 -9.61 -0.57 84.61
N SER P 2 -10.68 -1.33 84.83
CA SER P 2 -11.79 -1.33 83.89
C SER P 2 -12.32 0.09 83.71
N LEU P 3 -12.49 0.50 82.47
CA LEU P 3 -12.95 1.86 82.19
C LEU P 3 -14.45 1.96 82.42
N PRO P 4 -14.92 3.11 82.94
CA PRO P 4 -16.37 3.30 83.10
C PRO P 4 -17.04 3.60 81.76
N VAL P 5 -18.19 2.97 81.54
CA VAL P 5 -18.88 3.07 80.26
C VAL P 5 -20.37 3.30 80.48
N THR P 6 -20.98 3.97 79.50
CA THR P 6 -22.43 4.06 79.39
C THR P 6 -22.83 3.69 77.97
N GLN P 7 -23.95 2.98 77.84
CA GLN P 7 -24.38 2.52 76.52
C GLN P 7 -24.83 3.71 75.68
N TYR P 8 -24.12 3.94 74.57
CA TYR P 8 -24.42 5.02 73.63
C TYR P 8 -25.42 4.58 72.56
N SER P 9 -25.08 3.55 71.79
CA SER P 9 -26.03 2.98 70.84
C SER P 9 -26.49 1.61 71.32
N PRO P 10 -27.75 1.46 71.72
CA PRO P 10 -28.18 0.22 72.36
C PRO P 10 -28.43 -0.87 71.34
N PRO P 11 -28.50 -2.13 71.77
CA PRO P 11 -28.78 -3.21 70.81
C PRO P 11 -30.18 -3.11 70.24
N VAL P 12 -30.29 -3.37 68.96
CA VAL P 12 -31.51 -3.21 68.20
C VAL P 12 -32.09 -4.58 67.81
N THR P 13 -31.27 -5.41 67.19
CA THR P 13 -31.60 -6.75 66.76
C THR P 13 -30.52 -7.70 67.26
N PRO P 14 -30.80 -9.01 67.29
CA PRO P 14 -29.77 -9.96 67.72
C PRO P 14 -28.45 -9.84 66.97
N LEU P 15 -28.50 -9.54 65.68
CA LEU P 15 -27.31 -9.29 64.89
C LEU P 15 -27.12 -7.79 64.71
N GLY P 16 -25.87 -7.38 64.52
CA GLY P 16 -25.56 -5.98 64.33
C GLY P 16 -24.47 -5.50 65.27
N LYS P 17 -24.58 -4.24 65.71
CA LYS P 17 -23.59 -3.60 66.55
C LYS P 17 -24.25 -2.91 67.73
N SER P 18 -23.56 -2.93 68.87
CA SER P 18 -23.93 -2.15 70.05
C SER P 18 -22.67 -1.44 70.54
N THR P 19 -22.81 -0.19 70.98
CA THR P 19 -21.65 0.60 71.37
C THR P 19 -21.84 1.24 72.74
N TRP P 20 -20.79 1.20 73.54
CA TRP P 20 -20.68 1.92 74.80
C TRP P 20 -19.61 2.99 74.66
N ASN P 21 -19.84 4.14 75.28
CA ASN P 21 -18.85 5.20 75.36
C ASN P 21 -18.19 5.22 76.73
N VAL P 22 -16.89 5.47 76.75
CA VAL P 22 -16.16 5.64 77.99
C VAL P 22 -16.45 7.02 78.56
N THR P 23 -16.92 7.06 79.80
CA THR P 23 -17.33 8.32 80.41
C THR P 23 -16.13 9.03 81.02
N GLY P 24 -16.23 10.35 81.10
CA GLY P 24 -15.20 11.17 81.71
C GLY P 24 -13.99 11.44 80.84
N SER P 25 -14.10 11.24 79.54
CA SER P 25 -12.96 11.46 78.66
C SER P 25 -12.77 12.95 78.41
N THR P 26 -11.52 13.35 78.20
CA THR P 26 -11.18 14.75 77.99
C THR P 26 -11.04 15.12 76.52
N ASN P 27 -10.85 14.15 75.64
CA ASN P 27 -10.65 14.42 74.23
C ASN P 27 -11.98 14.79 73.57
N PRO P 28 -11.94 15.38 72.38
CA PRO P 28 -13.20 15.80 71.70
C PRO P 28 -14.13 14.62 71.52
N PRO P 29 -15.44 14.88 71.33
CA PRO P 29 -16.42 13.78 71.34
C PRO P 29 -16.18 12.74 70.27
N GLY P 30 -15.82 13.15 69.05
CA GLY P 30 -15.53 12.19 67.99
C GLY P 30 -14.40 11.24 68.32
N LEU P 31 -13.59 11.57 69.34
CA LEU P 31 -12.50 10.72 69.79
C LEU P 31 -12.76 10.12 71.17
N VAL P 32 -14.02 10.05 71.59
CA VAL P 32 -14.35 9.40 72.86
C VAL P 32 -14.04 7.91 72.75
N PRO P 33 -13.30 7.32 73.69
CA PRO P 33 -13.03 5.88 73.63
C PRO P 33 -14.33 5.08 73.60
N GLN P 34 -14.33 4.01 72.80
CA GLN P 34 -15.54 3.24 72.57
C GLN P 34 -15.30 1.75 72.79
N VAL P 35 -16.37 1.06 73.16
CA VAL P 35 -16.41 -0.41 73.17
C VAL P 35 -17.57 -0.83 72.28
N VAL P 36 -17.29 -1.71 71.32
CA VAL P 36 -18.26 -2.12 70.32
C VAL P 36 -18.40 -3.64 70.38
N GLN P 37 -19.63 -4.11 70.57
CA GLN P 37 -19.94 -5.53 70.43
C GLN P 37 -20.64 -5.77 69.11
N THR P 38 -20.19 -6.76 68.37
CA THR P 38 -20.70 -7.08 67.04
C THR P 38 -21.14 -8.53 67.02
N GLU P 39 -22.31 -8.79 66.44
CA GLU P 39 -22.79 -10.15 66.20
C GLU P 39 -23.17 -10.26 64.73
N SER P 40 -22.34 -10.96 63.95
CA SER P 40 -22.52 -10.95 62.50
C SER P 40 -22.54 -12.38 61.96
N ILE P 41 -23.33 -12.58 60.89
CA ILE P 41 -23.42 -13.90 60.26
C ILE P 41 -22.43 -13.99 59.12
N ASN P 42 -21.91 -15.19 58.91
CA ASN P 42 -21.03 -15.46 57.79
C ASN P 42 -21.83 -15.44 56.49
N ALA P 43 -21.10 -15.34 55.37
CA ALA P 43 -21.74 -15.36 54.06
C ALA P 43 -22.50 -16.67 53.84
N ARG P 44 -21.82 -17.81 54.04
CA ARG P 44 -22.47 -19.10 53.91
C ARG P 44 -23.36 -19.45 55.10
N LYS P 45 -23.48 -18.54 56.07
CA LYS P 45 -24.32 -18.75 57.26
C LYS P 45 -23.88 -19.97 58.05
N SER P 46 -22.59 -20.26 58.03
CA SER P 46 -22.05 -21.36 58.83
C SER P 46 -21.65 -20.91 60.22
N ASN P 47 -21.13 -19.70 60.37
CA ASN P 47 -20.67 -19.19 61.64
C ASN P 47 -21.39 -17.89 61.98
N ILE P 48 -21.60 -17.66 63.28
CA ILE P 48 -21.88 -16.33 63.80
C ILE P 48 -20.62 -15.87 64.53
N MET P 49 -20.12 -14.70 64.16
CA MET P 49 -18.96 -14.11 64.81
C MET P 49 -19.44 -13.19 65.91
N SER P 50 -19.01 -13.46 67.15
CA SER P 50 -19.20 -12.57 68.29
C SER P 50 -17.91 -11.82 68.52
N LYS P 51 -17.95 -10.49 68.44
CA LYS P 51 -16.76 -9.67 68.55
C LYS P 51 -16.94 -8.59 69.61
N ILE P 52 -15.85 -8.31 70.32
CA ILE P 52 -15.75 -7.15 71.20
C ILE P 52 -14.52 -6.36 70.80
N SER P 53 -14.66 -5.04 70.70
CA SER P 53 -13.58 -4.17 70.26
C SER P 53 -13.50 -2.95 71.17
N VAL P 54 -12.32 -2.69 71.70
CA VAL P 54 -12.07 -1.51 72.52
C VAL P 54 -11.12 -0.62 71.75
N TYR P 55 -11.61 0.58 71.39
CA TYR P 55 -10.82 1.61 70.72
C TYR P 55 -10.60 2.74 71.71
N TYR P 56 -9.35 2.92 72.15
CA TYR P 56 -9.00 4.03 73.04
C TYR P 56 -8.12 4.99 72.28
N TYR P 57 -8.63 6.19 72.02
CA TYR P 57 -7.90 7.19 71.25
C TYR P 57 -7.08 8.05 72.21
N ILE P 58 -5.77 8.06 72.00
CA ILE P 58 -4.84 8.72 72.92
C ILE P 58 -3.92 9.64 72.12
N PRO P 59 -3.67 10.86 72.59
CA PRO P 59 -2.78 11.77 71.84
C PRO P 59 -1.35 11.30 71.89
N SER P 60 -0.61 11.57 70.80
CA SER P 60 0.76 11.11 70.68
C SER P 60 1.69 11.80 71.66
N THR P 61 1.30 12.94 72.21
CA THR P 61 2.11 13.68 73.17
C THR P 61 1.33 13.91 74.45
N ASN P 62 2.06 14.26 75.51
CA ASN P 62 1.42 14.48 76.80
C ASN P 62 0.61 15.77 76.83
N SER P 63 1.03 16.78 76.07
CA SER P 63 0.36 18.06 76.03
C SER P 63 -0.08 18.38 74.60
N VAL P 64 -0.88 19.44 74.47
CA VAL P 64 -1.36 19.83 73.16
C VAL P 64 -0.25 20.52 72.38
N SER P 65 -0.05 20.09 71.13
CA SER P 65 0.95 20.70 70.27
C SER P 65 0.47 20.61 68.84
N CYS P 66 1.22 21.24 67.93
CA CYS P 66 0.80 21.29 66.53
C CYS P 66 1.05 19.96 65.82
N CYS P 67 2.06 19.21 66.24
CA CYS P 67 2.35 17.89 65.70
C CYS P 67 1.62 16.78 66.45
N THR P 68 0.69 17.13 67.32
CA THR P 68 -0.04 16.13 68.09
C THR P 68 -0.91 15.29 67.18
N GLU P 69 -0.60 14.00 67.08
CA GLU P 69 -1.41 13.04 66.36
C GLU P 69 -2.24 12.23 67.35
N TRP P 70 -3.12 11.39 66.81
CA TRP P 70 -4.01 10.57 67.63
C TRP P 70 -3.73 9.11 67.34
N ASP P 71 -3.06 8.44 68.26
CA ASP P 71 -2.87 7.01 68.17
C ASP P 71 -4.09 6.29 68.74
N THR P 72 -4.24 5.04 68.35
CA THR P 72 -5.36 4.22 68.81
C THR P 72 -4.82 2.96 69.48
N ILE P 73 -5.17 2.77 70.75
CA ILE P 73 -4.96 1.50 71.43
C ILE P 73 -6.16 0.63 71.11
N ARG P 74 -5.92 -0.45 70.35
CA ARG P 74 -6.97 -1.34 69.89
C ARG P 74 -6.84 -2.68 70.59
N CYS P 75 -7.97 -3.17 71.12
CA CYS P 75 -8.04 -4.50 71.70
C CYS P 75 -9.24 -5.22 71.11
N GLU P 76 -8.98 -6.32 70.40
CA GLU P 76 -10.00 -7.05 69.67
C GLU P 76 -10.18 -8.46 70.22
N PHE P 77 -11.42 -8.94 70.17
CA PHE P 77 -11.78 -10.29 70.56
C PHE P 77 -12.86 -10.80 69.60
N SER P 78 -12.72 -12.05 69.19
CA SER P 78 -13.70 -12.69 68.32
C SER P 78 -13.87 -14.15 68.74
N LEU P 79 -15.09 -14.66 68.52
CA LEU P 79 -15.42 -16.05 68.82
C LEU P 79 -16.39 -16.57 67.77
N THR P 80 -16.13 -17.79 67.29
CA THR P 80 -16.96 -18.40 66.26
C THR P 80 -18.01 -19.31 66.90
N LEU P 81 -19.28 -19.03 66.62
CA LEU P 81 -20.41 -19.87 67.04
C LEU P 81 -20.87 -20.65 65.82
N LEU P 82 -20.60 -21.96 65.81
CA LEU P 82 -21.01 -22.80 64.69
C LEU P 82 -22.53 -22.90 64.66
N GLN P 83 -23.11 -22.72 63.47
CA GLN P 83 -24.55 -22.66 63.32
C GLN P 83 -25.14 -23.87 62.60
N LEU P 84 -24.32 -24.69 61.95
CA LEU P 84 -24.83 -25.78 61.13
C LEU P 84 -24.18 -27.11 61.50
N SER P 85 -23.69 -27.24 62.72
CA SER P 85 -23.06 -28.47 63.17
C SER P 85 -24.06 -29.37 63.86
N SER P 86 -24.01 -30.66 63.54
CA SER P 86 -24.85 -31.65 64.20
C SER P 86 -24.24 -32.18 65.50
N ASN P 87 -22.99 -31.82 65.78
CA ASN P 87 -22.32 -32.26 67.00
C ASN P 87 -22.89 -31.50 68.19
N THR P 88 -23.42 -32.24 69.17
CA THR P 88 -24.00 -31.62 70.36
C THR P 88 -22.94 -31.09 71.33
N ASP P 89 -21.66 -31.40 71.11
CA ASP P 89 -20.60 -30.87 71.97
C ASP P 89 -20.30 -29.40 71.69
N VAL P 90 -20.88 -28.81 70.64
CA VAL P 90 -20.44 -27.49 70.18
C VAL P 90 -20.64 -26.45 71.27
N ALA P 91 -21.76 -26.49 71.98
CA ALA P 91 -22.03 -25.47 73.00
C ALA P 91 -21.04 -25.55 74.14
N ALA P 92 -20.89 -26.74 74.74
CA ALA P 92 -19.96 -26.90 75.85
C ALA P 92 -18.53 -26.59 75.43
N ARG P 93 -18.16 -26.96 74.20
CA ARG P 93 -16.80 -26.72 73.77
C ARG P 93 -16.55 -25.24 73.46
N THR P 94 -17.54 -24.52 72.95
CA THR P 94 -17.40 -23.07 72.80
C THR P 94 -17.25 -22.42 74.16
N VAL P 95 -18.01 -22.89 75.16
CA VAL P 95 -17.84 -22.39 76.52
C VAL P 95 -16.42 -22.66 77.01
N ASP P 96 -15.92 -23.88 76.77
CA ASP P 96 -14.57 -24.22 77.20
C ASP P 96 -13.53 -23.36 76.50
N VAL P 97 -13.75 -23.05 75.23
CA VAL P 97 -12.82 -22.23 74.48
C VAL P 97 -12.79 -20.81 75.05
N LEU P 98 -13.97 -20.24 75.32
CA LEU P 98 -14.02 -18.91 75.92
C LEU P 98 -13.33 -18.88 77.28
N ASP P 99 -13.53 -19.93 78.08
CA ASP P 99 -12.90 -19.99 79.39
C ASP P 99 -11.39 -20.12 79.26
N THR P 100 -10.92 -20.88 78.26
CA THR P 100 -9.49 -20.98 78.00
C THR P 100 -8.92 -19.62 77.61
N MET P 101 -9.68 -18.87 76.80
CA MET P 101 -9.25 -17.51 76.44
C MET P 101 -9.08 -16.63 77.66
N ILE P 102 -10.07 -16.63 78.55
CA ILE P 102 -9.99 -15.81 79.76
C ILE P 102 -8.83 -16.27 80.65
N SER P 103 -8.68 -17.59 80.79
CA SER P 103 -7.58 -18.13 81.60
C SER P 103 -6.22 -17.70 81.04
N PHE P 104 -6.09 -17.69 79.72
CA PHE P 104 -4.81 -17.29 79.12
C PHE P 104 -4.58 -15.80 79.25
N LEU P 105 -5.64 -14.99 79.16
CA LEU P 105 -5.49 -13.56 79.42
C LEU P 105 -5.00 -13.32 80.84
N ALA P 106 -5.43 -14.15 81.79
CA ALA P 106 -4.88 -14.05 83.14
C ALA P 106 -3.44 -14.57 83.20
N LYS P 107 -3.21 -15.73 82.60
CA LYS P 107 -1.93 -16.44 82.72
C LYS P 107 -0.78 -15.64 82.10
N ARG P 108 -1.04 -14.98 80.97
CA ARG P 108 0.01 -14.31 80.21
C ARG P 108 -0.14 -12.80 80.21
N ARG P 109 -0.69 -12.23 81.30
CA ARG P 109 -0.97 -10.80 81.32
C ARG P 109 0.29 -9.97 81.15
N ASN P 110 1.35 -10.30 81.89
CA ASN P 110 2.59 -9.54 81.78
C ASN P 110 3.19 -9.65 80.39
N SER P 111 3.21 -10.87 79.84
CA SER P 111 3.76 -11.07 78.50
C SER P 111 2.97 -10.27 77.47
N ILE P 112 1.63 -10.30 77.57
CA ILE P 112 0.78 -9.57 76.63
C ILE P 112 1.03 -8.07 76.74
N LEU P 113 1.16 -7.56 77.97
CA LEU P 113 1.30 -6.12 78.16
C LEU P 113 2.70 -5.63 77.82
N ALA P 114 3.70 -6.51 77.87
CA ALA P 114 5.08 -6.11 77.59
C ALA P 114 5.54 -6.44 76.18
N GLY P 115 4.81 -7.28 75.45
CA GLY P 115 5.26 -7.68 74.12
C GLY P 115 6.49 -8.55 74.17
N ASN P 116 6.55 -9.48 75.12
CA ASN P 116 7.72 -10.34 75.32
C ASN P 116 7.21 -11.74 75.68
N LEU P 117 7.43 -12.69 74.77
CA LEU P 117 6.97 -14.06 74.99
C LEU P 117 7.70 -14.75 76.13
N LEU P 118 8.89 -14.27 76.49
CA LEU P 118 9.74 -14.99 77.45
C LEU P 118 9.35 -14.76 78.89
N LEU P 119 8.49 -13.78 79.18
CA LEU P 119 8.11 -13.52 80.57
C LEU P 119 7.36 -14.72 81.12
N PRO P 120 7.62 -15.11 82.36
CA PRO P 120 6.90 -16.25 82.95
C PRO P 120 5.42 -15.91 83.13
N ASP P 121 4.63 -16.96 83.37
CA ASP P 121 3.23 -16.78 83.66
C ASP P 121 3.05 -15.84 84.84
N ASN P 122 1.95 -15.08 84.81
CA ASN P 122 1.60 -14.26 85.94
C ASN P 122 1.35 -15.14 87.16
N PRO P 123 1.76 -14.71 88.36
CA PRO P 123 1.47 -15.48 89.58
C PRO P 123 -0.02 -15.53 89.87
N ALA Q 1 7.74 -73.86 -43.02
CA ALA Q 1 6.47 -74.59 -43.15
C ALA Q 1 5.30 -73.68 -42.86
N SER Q 2 4.40 -73.55 -43.84
CA SER Q 2 3.16 -72.81 -43.62
C SER Q 2 2.40 -73.41 -42.45
N LEU Q 3 1.98 -72.55 -41.53
CA LEU Q 3 1.29 -73.03 -40.34
C LEU Q 3 -0.16 -73.37 -40.67
N PRO Q 4 -0.71 -74.42 -40.05
CA PRO Q 4 -2.13 -74.75 -40.28
C PRO Q 4 -3.04 -73.79 -39.52
N VAL Q 5 -4.10 -73.35 -40.19
CA VAL Q 5 -4.99 -72.34 -39.62
C VAL Q 5 -6.44 -72.73 -39.84
N THR Q 6 -7.30 -72.27 -38.93
CA THR Q 6 -8.75 -72.31 -39.11
C THR Q 6 -9.30 -70.93 -38.82
N GLN Q 7 -10.31 -70.52 -39.59
CA GLN Q 7 -10.86 -69.18 -39.44
C GLN Q 7 -11.62 -69.09 -38.12
N TYR Q 8 -11.14 -68.21 -37.24
CA TYR Q 8 -11.74 -67.96 -35.93
C TYR Q 8 -12.82 -66.87 -35.99
N SER Q 9 -12.46 -65.67 -36.42
CA SER Q 9 -13.44 -64.62 -36.64
C SER Q 9 -13.61 -64.37 -38.14
N PRO Q 10 -14.75 -64.71 -38.72
CA PRO Q 10 -14.88 -64.67 -40.18
C PRO Q 10 -15.12 -63.25 -40.66
N PRO Q 11 -14.94 -62.99 -41.95
CA PRO Q 11 -15.18 -61.63 -42.46
C PRO Q 11 -16.66 -61.29 -42.40
N VAL Q 12 -16.93 -60.05 -42.02
CA VAL Q 12 -18.27 -59.55 -41.79
C VAL Q 12 -18.68 -58.57 -42.87
N THR Q 13 -17.85 -57.56 -43.11
CA THR Q 13 -18.04 -56.54 -44.11
C THR Q 13 -16.77 -56.42 -44.93
N PRO Q 14 -16.83 -55.80 -46.12
CA PRO Q 14 -15.61 -55.63 -46.92
C PRO Q 14 -14.47 -54.95 -46.17
N LEU Q 15 -14.77 -54.00 -45.31
CA LEU Q 15 -13.76 -53.39 -44.46
C LEU Q 15 -13.84 -53.97 -43.06
N GLY Q 16 -12.71 -53.93 -42.34
CA GLY Q 16 -12.65 -54.47 -41.01
C GLY Q 16 -11.51 -55.45 -40.82
N LYS Q 17 -11.75 -56.48 -39.99
CA LYS Q 17 -10.73 -57.46 -39.65
C LYS Q 17 -11.30 -58.87 -39.77
N SER Q 18 -10.45 -59.79 -40.19
CA SER Q 18 -10.73 -61.22 -40.18
C SER Q 18 -9.54 -61.92 -39.55
N THR Q 19 -9.80 -62.95 -38.73
CA THR Q 19 -8.72 -63.61 -38.01
C THR Q 19 -8.81 -65.12 -38.17
N TRP Q 20 -7.64 -65.74 -38.35
CA TRP Q 20 -7.44 -67.17 -38.34
C TRP Q 20 -6.57 -67.52 -37.14
N ASN Q 21 -6.88 -68.66 -36.51
CA ASN Q 21 -6.06 -69.20 -35.43
C ASN Q 21 -5.21 -70.35 -35.94
N VAL Q 22 -3.98 -70.42 -35.47
CA VAL Q 22 -3.08 -71.52 -35.77
C VAL Q 22 -3.49 -72.74 -34.94
N THR Q 23 -3.76 -73.84 -35.60
CA THR Q 23 -4.25 -75.03 -34.91
C THR Q 23 -3.09 -75.84 -34.35
N GLY Q 24 -3.38 -76.59 -33.28
CA GLY Q 24 -2.40 -77.47 -32.67
C GLY Q 24 -1.40 -76.78 -31.77
N SER Q 25 -1.68 -75.56 -31.33
CA SER Q 25 -0.75 -74.86 -30.47
C SER Q 25 -0.83 -75.38 -29.04
N THR Q 26 0.30 -75.32 -28.35
CA THR Q 26 0.38 -75.83 -26.98
C THR Q 26 0.24 -74.75 -25.93
N ASN Q 27 0.43 -73.48 -26.28
CA ASN Q 27 0.35 -72.39 -25.32
C ASN Q 27 -1.10 -72.10 -24.97
N PRO Q 28 -1.35 -71.36 -23.89
CA PRO Q 28 -2.73 -71.07 -23.48
C PRO Q 28 -3.51 -70.37 -24.58
N PRO Q 29 -4.85 -70.42 -24.54
CA PRO Q 29 -5.63 -69.93 -25.70
C PRO Q 29 -5.41 -68.46 -26.01
N GLY Q 30 -5.32 -67.60 -24.99
CA GLY Q 30 -5.05 -66.20 -25.23
C GLY Q 30 -3.75 -65.93 -25.96
N LEU Q 31 -2.86 -66.92 -26.01
CA LEU Q 31 -1.59 -66.81 -26.71
C LEU Q 31 -1.53 -67.71 -27.94
N VAL Q 32 -2.68 -68.11 -28.47
CA VAL Q 32 -2.70 -68.90 -29.71
C VAL Q 32 -2.19 -68.03 -30.86
N PRO Q 33 -1.23 -68.50 -31.66
CA PRO Q 33 -0.76 -67.70 -32.80
C PRO Q 33 -1.91 -67.36 -33.73
N GLN Q 34 -1.88 -66.13 -34.26
CA GLN Q 34 -2.97 -65.62 -35.05
C GLN Q 34 -2.48 -65.03 -36.36
N VAL Q 35 -3.36 -65.06 -37.37
CA VAL Q 35 -3.18 -64.35 -38.62
C VAL Q 35 -4.39 -63.42 -38.80
N VAL Q 36 -4.13 -62.14 -39.02
CA VAL Q 36 -5.18 -61.13 -39.08
C VAL Q 36 -5.06 -60.43 -40.43
N GLN Q 37 -6.16 -60.42 -41.19
CA GLN Q 37 -6.27 -59.61 -42.39
C GLN Q 37 -7.13 -58.39 -42.10
N THR Q 38 -6.65 -57.23 -42.49
CA THR Q 38 -7.31 -55.94 -42.23
C THR Q 38 -7.53 -55.22 -43.55
N GLU Q 39 -8.72 -54.66 -43.73
CA GLU Q 39 -9.02 -53.80 -44.88
C GLU Q 39 -9.60 -52.50 -44.33
N SER Q 40 -8.82 -51.43 -44.37
CA SER Q 40 -9.22 -50.19 -43.71
C SER Q 40 -9.11 -49.00 -44.66
N ILE Q 41 -10.00 -48.02 -44.47
CA ILE Q 41 -10.00 -46.83 -45.31
C ILE Q 41 -9.21 -45.74 -44.63
N ASN Q 42 -8.55 -44.91 -45.44
CA ASN Q 42 -7.83 -43.77 -44.93
C ASN Q 42 -8.81 -42.70 -44.46
N ALA Q 43 -8.28 -41.75 -43.67
CA ALA Q 43 -9.12 -40.64 -43.20
C ALA Q 43 -9.69 -39.84 -44.36
N ARG Q 44 -8.83 -39.40 -45.28
CA ARG Q 44 -9.29 -38.67 -46.45
C ARG Q 44 -9.92 -39.58 -47.51
N LYS Q 45 -10.03 -40.88 -47.23
CA LYS Q 45 -10.62 -41.85 -48.16
C LYS Q 45 -9.88 -41.89 -49.50
N SER Q 46 -8.57 -41.64 -49.46
CA SER Q 46 -7.76 -41.74 -50.66
C SER Q 46 -7.22 -43.15 -50.87
N ASN Q 47 -6.87 -43.85 -49.81
CA ASN Q 47 -6.31 -45.18 -49.90
C ASN Q 47 -7.15 -46.17 -49.11
N ILE Q 48 -7.17 -47.41 -49.59
CA ILE Q 48 -7.56 -48.55 -48.76
C ILE Q 48 -6.29 -49.33 -48.46
N MET Q 49 -6.04 -49.58 -47.18
CA MET Q 49 -4.90 -50.36 -46.75
C MET Q 49 -5.34 -51.82 -46.60
N SER Q 50 -4.68 -52.71 -47.34
CA SER Q 50 -4.83 -54.15 -47.18
C SER Q 50 -3.63 -54.65 -46.37
N LYS Q 51 -3.89 -55.26 -45.23
CA LYS Q 51 -2.84 -55.70 -44.33
C LYS Q 51 -3.00 -57.16 -43.96
N ILE Q 52 -1.88 -57.85 -43.84
CA ILE Q 52 -1.81 -59.19 -43.26
C ILE Q 52 -0.79 -59.17 -42.13
N SER Q 53 -1.15 -59.77 -41.00
CA SER Q 53 -0.30 -59.76 -39.82
C SER Q 53 -0.26 -61.15 -39.21
N VAL Q 54 0.94 -61.67 -38.98
CA VAL Q 54 1.13 -62.95 -38.33
C VAL Q 54 1.79 -62.69 -37.00
N TYR Q 55 1.08 -63.01 -35.91
CA TYR Q 55 1.59 -62.90 -34.56
C TYR Q 55 1.78 -64.31 -34.03
N TYR Q 56 3.04 -64.71 -33.82
CA TYR Q 56 3.35 -66.02 -33.24
C TYR Q 56 3.96 -65.79 -31.85
N TYR Q 57 3.22 -66.20 -30.82
CA TYR Q 57 3.67 -66.01 -29.45
C TYR Q 57 4.49 -67.22 -29.02
N ILE Q 58 5.74 -66.97 -28.62
CA ILE Q 58 6.69 -68.03 -28.32
C ILE Q 58 7.32 -67.76 -26.96
N PRO Q 59 7.45 -68.76 -26.08
CA PRO Q 59 8.05 -68.52 -24.77
C PRO Q 59 9.55 -68.23 -24.90
N SER Q 60 10.03 -67.40 -23.98
CA SER Q 60 11.43 -66.97 -24.01
C SER Q 60 12.40 -68.10 -23.70
N THR Q 61 11.92 -69.18 -23.10
CA THR Q 61 12.75 -70.33 -22.76
C THR Q 61 12.16 -71.61 -23.34
N ASN Q 62 12.98 -72.65 -23.41
CA ASN Q 62 12.53 -73.91 -23.98
C ASN Q 62 11.55 -74.62 -23.07
N SER Q 63 11.69 -74.47 -21.76
CA SER Q 63 10.82 -75.12 -20.79
C SER Q 63 10.13 -74.08 -19.92
N VAL Q 64 9.18 -74.54 -19.12
CA VAL Q 64 8.42 -73.64 -18.25
C VAL Q 64 9.29 -73.25 -17.06
N SER Q 65 9.35 -71.95 -16.77
CA SER Q 65 10.10 -71.45 -15.64
C SER Q 65 9.40 -70.20 -15.12
N CYS Q 66 9.90 -69.70 -13.99
CA CYS Q 66 9.27 -68.55 -13.36
C CYS Q 66 9.59 -67.25 -14.08
N CYS Q 67 10.76 -67.17 -14.71
CA CYS Q 67 11.16 -66.02 -15.51
C CYS Q 67 10.74 -66.14 -16.97
N THR Q 68 9.91 -67.14 -17.29
CA THR Q 68 9.47 -67.34 -18.67
C THR Q 68 8.60 -66.17 -19.13
N GLU Q 69 9.10 -65.42 -20.11
CA GLU Q 69 8.34 -64.36 -20.74
C GLU Q 69 7.82 -64.85 -22.08
N TRP Q 70 6.99 -64.02 -22.72
CA TRP Q 70 6.37 -64.36 -24.00
C TRP Q 70 6.82 -63.35 -25.04
N ASP Q 71 7.73 -63.78 -25.92
CA ASP Q 71 8.12 -62.96 -27.05
C ASP Q 71 7.12 -63.16 -28.19
N THR Q 72 7.11 -62.21 -29.11
CA THR Q 72 6.22 -62.25 -30.25
C THR Q 72 7.04 -62.16 -31.53
N ILE Q 73 6.93 -63.18 -32.38
CA ILE Q 73 7.44 -63.11 -33.74
C ILE Q 73 6.35 -62.45 -34.58
N ARG Q 74 6.62 -61.25 -35.08
CA ARG Q 74 5.66 -60.46 -35.84
C ARG Q 74 6.10 -60.39 -37.29
N CYS Q 75 5.16 -60.66 -38.20
CA CYS Q 75 5.38 -60.49 -39.62
C CYS Q 75 4.22 -59.69 -40.20
N GLU Q 76 4.53 -58.52 -40.75
CA GLU Q 76 3.53 -57.57 -41.22
C GLU Q 76 3.66 -57.36 -42.73
N PHE Q 77 2.52 -57.13 -43.36
CA PHE Q 77 2.42 -56.81 -44.78
C PHE Q 77 1.31 -55.79 -44.98
N SER Q 78 1.57 -54.80 -45.81
CA SER Q 78 0.58 -53.79 -46.14
C SER Q 78 0.69 -53.41 -47.61
N LEU Q 79 -0.45 -53.04 -48.19
CA LEU Q 79 -0.51 -52.63 -49.59
C LEU Q 79 -1.54 -51.52 -49.73
N THR Q 80 -1.19 -50.47 -50.48
CA THR Q 80 -2.06 -49.33 -50.68
C THR Q 80 -2.85 -49.48 -51.99
N LEU Q 81 -4.18 -49.46 -51.88
CA LEU Q 81 -5.07 -49.46 -53.03
C LEU Q 81 -5.60 -48.05 -53.20
N LEU Q 82 -5.14 -47.35 -54.24
CA LEU Q 82 -5.59 -45.99 -54.51
C LEU Q 82 -7.07 -46.00 -54.90
N GLN Q 83 -7.85 -45.12 -54.28
CA GLN Q 83 -9.29 -45.10 -54.47
C GLN Q 83 -9.79 -43.90 -55.28
N LEU Q 84 -8.96 -42.88 -55.49
CA LEU Q 84 -9.43 -41.65 -56.12
C LEU Q 84 -8.54 -41.25 -57.29
N SER Q 85 -7.85 -42.21 -57.89
CA SER Q 85 -6.97 -41.94 -59.02
C SER Q 85 -7.71 -42.15 -60.33
N SER Q 86 -7.51 -41.22 -61.26
CA SER Q 86 -8.07 -41.33 -62.60
C SER Q 86 -7.18 -42.14 -63.54
N ASN Q 87 -5.98 -42.49 -63.11
CA ASN Q 87 -5.07 -43.28 -63.94
C ASN Q 87 -5.56 -44.73 -63.99
N THR Q 88 -5.80 -45.22 -65.20
CA THR Q 88 -6.27 -46.60 -65.37
C THR Q 88 -5.17 -47.63 -65.17
N ASP Q 89 -3.91 -47.21 -65.05
CA ASP Q 89 -2.82 -48.15 -64.79
C ASP Q 89 -2.79 -48.63 -63.35
N VAL Q 90 -3.61 -48.07 -62.46
CA VAL Q 90 -3.46 -48.31 -61.04
C VAL Q 90 -3.63 -49.79 -60.71
N ALA Q 91 -4.62 -50.45 -61.33
CA ALA Q 91 -4.88 -51.85 -61.01
C ALA Q 91 -3.71 -52.74 -61.42
N ALA Q 92 -3.29 -52.64 -62.69
CA ALA Q 92 -2.19 -53.46 -63.17
C ALA Q 92 -0.91 -53.17 -62.41
N ARG Q 93 -0.68 -51.91 -62.04
CA ARG Q 93 0.55 -51.57 -61.33
C ARG Q 93 0.51 -52.04 -59.89
N THR Q 94 -0.65 -52.02 -59.23
CA THR Q 94 -0.75 -52.62 -57.90
C THR Q 94 -0.49 -54.11 -57.97
N VAL Q 95 -0.99 -54.77 -59.02
CA VAL Q 95 -0.70 -56.19 -59.22
C VAL Q 95 0.81 -56.39 -59.38
N ASP Q 96 1.44 -55.54 -60.20
CA ASP Q 96 2.88 -55.65 -60.42
C ASP Q 96 3.65 -55.43 -59.13
N VAL Q 97 3.19 -54.50 -58.29
CA VAL Q 97 3.86 -54.21 -57.02
C VAL Q 97 3.76 -55.41 -56.09
N LEU Q 98 2.57 -56.01 -55.99
CA LEU Q 98 2.41 -57.20 -55.16
C LEU Q 98 3.30 -58.34 -55.66
N ASP Q 99 3.38 -58.51 -56.98
CA ASP Q 99 4.22 -59.58 -57.53
C ASP Q 99 5.69 -59.30 -57.25
N THR Q 100 6.10 -58.03 -57.31
CA THR Q 100 7.48 -57.67 -56.97
C THR Q 100 7.76 -57.98 -55.51
N MET Q 101 6.78 -57.72 -54.64
CA MET Q 101 6.93 -58.05 -53.22
C MET Q 101 7.17 -59.55 -53.04
N ILE Q 102 6.34 -60.38 -53.68
CA ILE Q 102 6.48 -61.83 -53.54
C ILE Q 102 7.82 -62.29 -54.12
N SER Q 103 8.19 -61.73 -55.27
CA SER Q 103 9.47 -62.10 -55.89
C SER Q 103 10.63 -61.75 -54.98
N PHE Q 104 10.56 -60.61 -54.29
CA PHE Q 104 11.65 -60.23 -53.40
C PHE Q 104 11.67 -61.07 -52.14
N LEU Q 105 10.50 -61.47 -51.63
CA LEU Q 105 10.47 -62.41 -50.51
C LEU Q 105 11.14 -63.72 -50.90
N ALA Q 106 11.00 -64.14 -52.15
CA ALA Q 106 11.73 -65.32 -52.60
C ALA Q 106 13.21 -65.02 -52.77
N LYS Q 107 13.53 -63.90 -53.42
CA LYS Q 107 14.90 -63.57 -53.80
C LYS Q 107 15.79 -63.36 -52.59
N ARG Q 108 15.28 -62.75 -51.53
CA ARG Q 108 16.07 -62.36 -50.38
C ARG Q 108 15.69 -63.15 -49.12
N ARG Q 109 15.24 -64.40 -49.29
CA ARG Q 109 14.75 -65.16 -48.14
C ARG Q 109 15.84 -65.35 -47.09
N ASN Q 110 17.04 -65.76 -47.51
CA ASN Q 110 18.10 -65.98 -46.53
C ASN Q 110 18.49 -64.68 -45.84
N SER Q 111 18.61 -63.59 -46.60
CA SER Q 111 18.97 -62.32 -46.00
C SER Q 111 17.91 -61.87 -45.00
N ILE Q 112 16.63 -62.03 -45.35
CA ILE Q 112 15.54 -61.64 -44.46
C ILE Q 112 15.57 -62.47 -43.19
N LEU Q 113 15.81 -63.78 -43.32
CA LEU Q 113 15.77 -64.66 -42.16
C LEU Q 113 17.00 -64.52 -41.28
N ALA Q 114 18.12 -64.06 -41.84
CA ALA Q 114 19.36 -63.96 -41.08
C ALA Q 114 19.63 -62.54 -40.58
N GLY Q 115 18.93 -61.54 -41.08
CA GLY Q 115 19.23 -60.17 -40.69
C GLY Q 115 20.57 -59.69 -41.19
N ASN Q 116 20.92 -60.04 -42.43
CA ASN Q 116 22.21 -59.70 -43.02
C ASN Q 116 21.99 -59.33 -44.48
N LEU Q 117 22.20 -58.05 -44.81
CA LEU Q 117 22.00 -57.58 -46.18
C LEU Q 117 23.00 -58.17 -47.15
N LEU Q 118 24.15 -58.65 -46.67
CA LEU Q 118 25.23 -59.05 -47.56
C LEU Q 118 25.04 -60.45 -48.15
N LEU Q 119 24.11 -61.23 -47.64
CA LEU Q 119 23.92 -62.58 -48.17
C LEU Q 119 23.45 -62.49 -49.62
N PRO Q 120 23.97 -63.34 -50.50
CA PRO Q 120 23.52 -63.33 -51.90
C PRO Q 120 22.06 -63.75 -52.01
N ASP Q 121 21.49 -63.47 -53.19
CA ASP Q 121 20.13 -63.90 -53.47
C ASP Q 121 20.00 -65.39 -53.27
N ASN Q 122 18.81 -65.81 -52.85
CA ASN Q 122 18.52 -67.24 -52.77
C ASN Q 122 18.60 -67.85 -54.16
N PRO Q 123 19.13 -69.08 -54.30
CA PRO Q 123 19.16 -69.76 -55.59
C PRO Q 123 17.75 -70.07 -56.10
N ALA R 1 11.61 75.03 -41.03
CA ALA R 1 10.47 75.45 -41.84
C ALA R 1 9.23 74.66 -41.49
N SER R 2 8.17 75.37 -41.09
CA SER R 2 6.89 74.73 -40.86
C SER R 2 6.44 73.99 -42.11
N LEU R 3 6.04 72.74 -41.94
CA LEU R 3 5.63 71.94 -43.09
C LEU R 3 4.23 72.32 -43.53
N PRO R 4 3.95 72.31 -44.83
CA PRO R 4 2.59 72.58 -45.31
C PRO R 4 1.69 71.38 -45.08
N VAL R 5 0.46 71.66 -44.61
CA VAL R 5 -0.46 70.60 -44.25
C VAL R 5 -1.86 70.91 -44.79
N THR R 6 -2.61 69.84 -45.04
CA THR R 6 -4.05 69.94 -45.29
C THR R 6 -4.76 68.93 -44.41
N GLN R 7 -5.92 69.32 -43.90
CA GLN R 7 -6.65 68.46 -42.98
C GLN R 7 -7.19 67.24 -43.71
N TYR R 8 -6.72 66.06 -43.32
CA TYR R 8 -7.13 64.78 -43.89
C TYR R 8 -8.35 64.21 -43.19
N SER R 9 -8.27 63.96 -41.88
CA SER R 9 -9.43 63.54 -41.11
C SER R 9 -9.87 64.67 -40.20
N PRO R 10 -11.03 65.30 -40.44
CA PRO R 10 -11.41 66.50 -39.70
C PRO R 10 -11.94 66.16 -38.33
N PRO R 11 -12.01 67.13 -37.42
CA PRO R 11 -12.55 66.84 -36.09
C PRO R 11 -14.03 66.53 -36.15
N VAL R 12 -14.42 65.54 -35.36
CA VAL R 12 -15.77 65.01 -35.36
C VAL R 12 -16.51 65.39 -34.08
N THR R 13 -15.90 65.12 -32.93
CA THR R 13 -16.40 65.42 -31.61
C THR R 13 -15.31 66.13 -30.83
N PRO R 14 -15.67 66.81 -29.74
CA PRO R 14 -14.65 67.48 -28.92
C PRO R 14 -13.51 66.57 -28.48
N LEU R 15 -13.82 65.31 -28.17
CA LEU R 15 -12.80 64.32 -27.86
C LEU R 15 -12.55 63.42 -29.08
N GLY R 16 -11.34 62.87 -29.14
CA GLY R 16 -10.97 62.01 -30.25
C GLY R 16 -9.68 62.44 -30.91
N LYS R 17 -9.61 62.25 -32.23
CA LYS R 17 -8.42 62.52 -33.02
C LYS R 17 -8.77 63.34 -34.25
N SER R 18 -7.85 64.23 -34.64
CA SER R 18 -7.90 64.94 -35.90
C SER R 18 -6.54 64.84 -36.54
N THR R 19 -6.49 64.66 -37.86
CA THR R 19 -5.21 64.46 -38.55
C THR R 19 -5.09 65.38 -39.75
N TRP R 20 -3.88 65.92 -39.91
CA TRP R 20 -3.46 66.67 -41.09
C TRP R 20 -2.36 65.88 -41.80
N ASN R 21 -2.37 65.92 -43.13
CA ASN R 21 -1.32 65.33 -43.93
C ASN R 21 -0.40 66.42 -44.45
N VAL R 22 0.89 66.12 -44.48
CA VAL R 22 1.90 67.01 -45.06
C VAL R 22 1.81 66.90 -46.57
N THR R 23 1.62 68.03 -47.24
CA THR R 23 1.44 68.04 -48.68
C THR R 23 2.79 68.05 -49.39
N GLY R 24 2.80 67.52 -50.61
CA GLY R 24 4.00 67.50 -51.44
C GLY R 24 5.01 66.44 -51.09
N SER R 25 4.62 65.41 -50.35
CA SER R 25 5.55 64.37 -49.98
C SER R 25 5.79 63.43 -51.15
N THR R 26 7.00 62.86 -51.20
CA THR R 26 7.37 61.98 -52.29
C THR R 26 7.24 60.49 -51.94
N ASN R 27 7.17 60.15 -50.65
CA ASN R 27 7.08 58.77 -50.25
C ASN R 27 5.67 58.24 -50.48
N PRO R 28 5.49 56.91 -50.47
CA PRO R 28 4.16 56.33 -50.73
C PRO R 28 3.13 56.86 -49.76
N PRO R 29 1.83 56.77 -50.12
CA PRO R 29 0.80 57.45 -49.31
C PRO R 29 0.74 56.97 -47.87
N GLY R 30 0.87 55.66 -47.64
CA GLY R 30 0.85 55.15 -46.29
C GLY R 30 1.96 55.71 -45.41
N LEU R 31 2.98 56.31 -46.02
CA LEU R 31 4.08 56.93 -45.29
C LEU R 31 4.07 58.45 -45.42
N VAL R 32 2.93 59.04 -45.75
CA VAL R 32 2.84 60.50 -45.79
C VAL R 32 3.01 61.06 -44.38
N PRO R 33 3.88 62.04 -44.17
CA PRO R 33 4.04 62.61 -42.83
C PRO R 33 2.71 63.17 -42.33
N GLN R 34 2.46 62.98 -41.02
CA GLN R 34 1.18 63.32 -40.44
C GLN R 34 1.36 64.17 -39.19
N VAL R 35 0.35 64.98 -38.90
CA VAL R 35 0.20 65.68 -37.64
C VAL R 35 -1.15 65.29 -37.04
N VAL R 36 -1.14 64.82 -35.80
CA VAL R 36 -2.33 64.29 -35.14
C VAL R 36 -2.56 65.08 -33.86
N GLN R 37 -3.75 65.65 -33.72
CA GLN R 37 -4.17 66.24 -32.46
C GLN R 37 -5.17 65.31 -31.78
N THR R 38 -4.94 65.06 -30.50
CA THR R 38 -5.75 64.14 -29.70
C THR R 38 -6.29 64.86 -28.49
N GLU R 39 -7.57 64.65 -28.19
CA GLU R 39 -8.18 65.17 -26.96
C GLU R 39 -8.86 63.99 -26.27
N SER R 40 -8.27 63.51 -25.18
CA SER R 40 -8.76 62.29 -24.56
C SER R 40 -8.99 62.48 -23.06
N ILE R 41 -9.99 61.76 -22.53
CA ILE R 41 -10.31 61.85 -21.11
C ILE R 41 -9.59 60.74 -20.36
N ASN R 42 -9.21 61.04 -19.13
CA ASN R 42 -8.61 60.05 -18.25
C ASN R 42 -9.66 59.04 -17.81
N ALA R 43 -9.18 57.91 -17.29
CA ALA R 43 -10.09 56.88 -16.79
C ALA R 43 -10.95 57.42 -15.67
N ARG R 44 -10.34 58.01 -14.65
CA ARG R 44 -11.09 58.61 -13.55
C ARG R 44 -11.73 59.94 -13.92
N LYS R 45 -11.58 60.38 -15.18
CA LYS R 45 -12.16 61.64 -15.65
C LYS R 45 -11.65 62.84 -14.86
N SER R 46 -10.42 62.76 -14.37
CA SER R 46 -9.81 63.88 -13.68
C SER R 46 -9.09 64.83 -14.64
N ASN R 47 -8.45 64.30 -15.69
CA ASN R 47 -7.71 65.10 -16.64
C ASN R 47 -8.26 64.91 -18.04
N ILE R 48 -8.16 65.95 -18.85
CA ILE R 48 -8.22 65.83 -20.31
C ILE R 48 -6.82 66.06 -20.83
N MET R 49 -6.32 65.11 -21.62
CA MET R 49 -5.01 65.21 -22.24
C MET R 49 -5.19 65.82 -23.62
N SER R 50 -4.52 66.95 -23.87
CA SER R 50 -4.41 67.56 -25.18
C SER R 50 -3.04 67.21 -25.74
N LYS R 51 -3.01 66.52 -26.88
CA LYS R 51 -1.77 66.05 -27.46
C LYS R 51 -1.64 66.50 -28.91
N ILE R 52 -0.41 66.81 -29.32
CA ILE R 52 -0.05 67.02 -30.71
C ILE R 52 1.12 66.11 -31.03
N SER R 53 1.06 65.43 -32.17
CA SER R 53 2.08 64.48 -32.56
C SER R 53 2.44 64.69 -34.03
N VAL R 54 3.73 64.84 -34.31
CA VAL R 54 4.22 64.97 -35.68
C VAL R 54 5.04 63.73 -35.97
N TYR R 55 4.58 62.93 -36.93
CA TYR R 55 5.27 61.74 -37.41
C TYR R 55 5.78 62.04 -38.81
N TYR R 56 7.10 62.15 -38.98
CA TYR R 56 7.70 62.36 -40.29
C TYR R 56 8.48 61.10 -40.67
N TYR R 57 8.00 60.39 -41.68
CA TYR R 57 8.62 59.15 -42.11
C TYR R 57 9.69 59.45 -43.14
N ILE R 58 10.92 59.05 -42.87
CA ILE R 58 12.07 59.41 -43.71
C ILE R 58 12.86 58.15 -44.01
N PRO R 59 13.30 57.94 -45.26
CA PRO R 59 14.06 56.73 -45.58
C PRO R 59 15.45 56.77 -44.95
N SER R 60 15.94 55.59 -44.59
CA SER R 60 17.23 55.48 -43.91
C SER R 60 18.39 55.86 -44.81
N THR R 61 18.21 55.88 -46.12
CA THR R 61 19.25 56.23 -47.07
C THR R 61 18.77 57.36 -47.97
N ASN R 62 19.74 58.01 -48.63
CA ASN R 62 19.41 59.12 -49.50
C ASN R 62 18.71 58.66 -50.78
N SER R 63 19.03 57.47 -51.27
CA SER R 63 18.45 56.93 -52.49
C SER R 63 17.75 55.62 -52.20
N VAL R 64 17.02 55.12 -53.20
CA VAL R 64 16.29 53.87 -53.04
C VAL R 64 17.27 52.71 -53.13
N SER R 65 17.17 51.79 -52.17
CA SER R 65 18.00 50.60 -52.15
C SER R 65 17.22 49.47 -51.50
N CYS R 66 17.81 48.27 -51.54
CA CYS R 66 17.11 47.10 -51.03
C CYS R 66 17.11 47.06 -49.50
N CYS R 67 18.14 47.62 -48.86
CA CYS R 67 18.20 47.72 -47.42
C CYS R 67 17.57 49.00 -46.88
N THR R 68 16.87 49.75 -47.73
CA THR R 68 16.25 51.00 -47.31
C THR R 68 15.15 50.73 -46.30
N GLU R 69 15.35 51.20 -45.08
CA GLU R 69 14.34 51.15 -44.04
C GLU R 69 13.68 52.52 -43.90
N TRP R 70 12.65 52.57 -43.07
CA TRP R 70 11.90 53.81 -42.85
C TRP R 70 12.00 54.19 -41.37
N ASP R 71 12.81 55.21 -41.10
CA ASP R 71 12.87 55.77 -39.76
C ASP R 71 11.75 56.79 -39.58
N THR R 72 11.43 57.08 -38.33
CA THR R 72 10.38 58.02 -38.00
C THR R 72 10.96 59.10 -37.09
N ILE R 73 10.88 60.35 -37.55
CA ILE R 73 11.14 61.51 -36.71
C ILE R 73 9.84 61.82 -35.97
N ARG R 74 9.83 61.63 -34.66
CA ARG R 74 8.65 61.81 -33.83
C ARG R 74 8.82 63.03 -32.94
N CYS R 75 7.80 63.89 -32.93
CA CYS R 75 7.76 65.03 -32.03
C CYS R 75 6.42 65.04 -31.32
N GLU R 76 6.44 64.90 -30.00
CA GLU R 76 5.23 64.75 -29.18
C GLU R 76 5.08 65.93 -28.23
N PHE R 77 3.83 66.30 -27.97
CA PHE R 77 3.45 67.33 -27.02
C PHE R 77 2.18 66.89 -26.31
N SER R 78 2.14 67.10 -25.01
CA SER R 78 0.96 66.79 -24.21
C SER R 78 0.77 67.86 -23.14
N LEU R 79 -0.49 68.10 -22.78
CA LEU R 79 -0.85 69.07 -21.76
C LEU R 79 -2.05 68.55 -20.98
N THR R 80 -1.99 68.66 -19.65
CA THR R 80 -3.07 68.19 -18.78
C THR R 80 -4.02 69.32 -18.44
N LEU R 81 -5.29 69.15 -18.76
CA LEU R 81 -6.36 70.08 -18.39
C LEU R 81 -7.13 69.45 -17.23
N LEU R 82 -6.95 70.01 -16.04
CA LEU R 82 -7.65 69.50 -14.86
C LEU R 82 -9.14 69.75 -15.00
N GLN R 83 -9.94 68.72 -14.73
CA GLN R 83 -11.39 68.78 -14.93
C GLN R 83 -12.20 68.81 -13.64
N LEU R 84 -11.59 68.51 -12.50
CA LEU R 84 -12.34 68.38 -11.26
C LEU R 84 -11.72 69.23 -10.14
N SER R 85 -11.00 70.28 -10.50
CA SER R 85 -10.36 71.14 -9.51
C SER R 85 -11.26 72.33 -9.20
N SER R 86 -11.38 72.64 -7.90
CA SER R 86 -12.12 73.81 -7.46
C SER R 86 -11.29 75.08 -7.47
N ASN R 87 -9.98 74.97 -7.73
CA ASN R 87 -9.11 76.14 -7.77
C ASN R 87 -9.36 76.91 -9.06
N THR R 88 -9.72 78.19 -8.93
CA THR R 88 -9.99 79.02 -10.10
C THR R 88 -8.72 79.45 -10.82
N ASP R 89 -7.54 79.21 -10.25
CA ASP R 89 -6.29 79.54 -10.93
C ASP R 89 -5.95 78.57 -12.06
N VAL R 90 -6.69 77.47 -12.19
CA VAL R 90 -6.27 76.39 -13.08
C VAL R 90 -6.15 76.87 -14.52
N ALA R 91 -7.11 77.69 -14.98
CA ALA R 91 -7.08 78.13 -16.37
C ALA R 91 -5.88 79.02 -16.65
N ALA R 92 -5.70 80.06 -15.85
CA ALA R 92 -4.57 80.97 -16.05
C ALA R 92 -3.25 80.24 -15.90
N ARG R 93 -3.17 79.29 -14.97
CA ARG R 93 -1.91 78.58 -14.78
C ARG R 93 -1.62 77.59 -15.91
N THR R 94 -2.66 76.95 -16.46
CA THR R 94 -2.44 76.12 -17.65
C THR R 94 -1.96 76.98 -18.82
N VAL R 95 -2.52 78.18 -18.97
CA VAL R 95 -2.03 79.11 -19.98
C VAL R 95 -0.57 79.44 -19.74
N ASP R 96 -0.22 79.74 -18.48
CA ASP R 96 1.16 80.06 -18.15
C ASP R 96 2.09 78.89 -18.44
N VAL R 97 1.62 77.67 -18.17
CA VAL R 97 2.44 76.48 -18.43
C VAL R 97 2.69 76.30 -19.92
N LEU R 98 1.64 76.46 -20.72
CA LEU R 98 1.81 76.37 -22.17
C LEU R 98 2.77 77.43 -22.69
N ASP R 99 2.66 78.65 -22.16
CA ASP R 99 3.56 79.72 -22.58
C ASP R 99 4.99 79.43 -22.17
N THR R 100 5.18 78.84 -20.98
CA THR R 100 6.51 78.45 -20.56
C THR R 100 7.09 77.39 -21.48
N MET R 101 6.23 76.45 -21.92
CA MET R 101 6.66 75.43 -22.87
C MET R 101 7.15 76.05 -24.16
N ILE R 102 6.37 76.98 -24.72
CA ILE R 102 6.77 77.63 -25.97
C ILE R 102 8.04 78.45 -25.77
N SER R 103 8.14 79.16 -24.65
CA SER R 103 9.34 79.95 -24.36
C SER R 103 10.56 79.06 -24.27
N PHE R 104 10.42 77.87 -23.68
CA PHE R 104 11.56 76.98 -23.55
C PHE R 104 11.93 76.36 -24.89
N LEU R 105 10.93 76.07 -25.73
CA LEU R 105 11.24 75.60 -27.08
C LEU R 105 12.03 76.64 -27.85
N ALA R 106 11.76 77.92 -27.60
CA ALA R 106 12.59 78.97 -28.21
C ALA R 106 13.96 79.04 -27.55
N LYS R 107 13.98 79.03 -26.22
CA LYS R 107 15.20 79.26 -25.45
C LYS R 107 16.24 78.17 -25.67
N ARG R 108 15.80 76.92 -25.81
CA ARG R 108 16.71 75.78 -25.89
C ARG R 108 16.67 75.11 -27.25
N ARG R 109 16.40 75.87 -28.32
CA ARG R 109 16.24 75.27 -29.64
C ARG R 109 17.49 74.53 -30.08
N ASN R 110 18.65 75.16 -29.95
CA ASN R 110 19.90 74.52 -30.39
C ASN R 110 20.18 73.27 -29.56
N SER R 111 20.00 73.36 -28.24
CA SER R 111 20.23 72.20 -27.38
C SER R 111 19.30 71.05 -27.76
N ILE R 112 18.03 71.36 -27.99
CA ILE R 112 17.05 70.34 -28.35
C ILE R 112 17.41 69.69 -29.68
N LEU R 113 17.84 70.50 -30.65
CA LEU R 113 18.12 69.97 -31.98
C LEU R 113 19.44 69.23 -32.04
N ALA R 114 20.38 69.52 -31.13
CA ALA R 114 21.67 68.88 -31.14
C ALA R 114 21.81 67.74 -30.14
N GLY R 115 20.89 67.61 -29.19
CA GLY R 115 21.02 66.57 -28.18
C GLY R 115 22.17 66.84 -27.24
N ASN R 116 22.36 68.09 -26.83
CA ASN R 116 23.48 68.49 -25.98
C ASN R 116 22.96 69.53 -24.98
N LEU R 117 22.91 69.15 -23.70
CA LEU R 117 22.42 70.06 -22.67
C LEU R 117 23.32 71.26 -22.45
N LEU R 118 24.59 71.16 -22.84
CA LEU R 118 25.56 72.19 -22.51
C LEU R 118 25.51 73.40 -23.41
N LEU R 119 24.81 73.33 -24.54
CA LEU R 119 24.75 74.47 -25.44
C LEU R 119 24.04 75.64 -24.75
N PRO R 120 24.53 76.86 -24.92
CA PRO R 120 23.87 78.02 -24.31
C PRO R 120 22.50 78.25 -24.91
N ASP R 121 21.71 79.07 -24.22
CA ASP R 121 20.40 79.45 -24.74
C ASP R 121 20.54 80.06 -26.13
N ASN R 122 19.52 79.84 -26.95
CA ASN R 122 19.48 80.50 -28.24
C ASN R 122 19.42 82.02 -28.04
N PRO R 123 20.10 82.80 -28.88
CA PRO R 123 20.03 84.26 -28.80
C PRO R 123 18.64 84.78 -29.13
N ALA S 1 50.34 -29.05 -63.88
CA ALA S 1 50.53 -30.50 -63.90
C ALA S 1 49.50 -31.20 -63.03
N SER S 2 48.73 -32.10 -63.63
CA SER S 2 47.81 -32.91 -62.86
C SER S 2 48.57 -33.68 -61.78
N LEU S 3 48.05 -33.61 -60.55
CA LEU S 3 48.74 -34.27 -59.45
C LEU S 3 48.47 -35.77 -59.48
N PRO S 4 49.45 -36.60 -59.10
CA PRO S 4 49.22 -38.05 -59.03
C PRO S 4 48.43 -38.41 -57.80
N VAL S 5 47.46 -39.31 -57.96
CA VAL S 5 46.53 -39.66 -56.89
C VAL S 5 46.35 -41.17 -56.82
N THR S 6 46.06 -41.65 -55.62
CA THR S 6 45.58 -43.01 -55.41
C THR S 6 44.33 -42.95 -54.54
N GLN S 7 43.37 -43.82 -54.84
CA GLN S 7 42.10 -43.79 -54.11
C GLN S 7 42.31 -44.27 -52.68
N TYR S 8 42.06 -43.38 -51.72
CA TYR S 8 42.18 -43.66 -50.30
C TYR S 8 40.90 -44.24 -49.71
N SER S 9 39.79 -43.50 -49.81
CA SER S 9 38.50 -44.03 -49.39
C SER S 9 37.63 -44.30 -50.61
N PRO S 10 37.35 -45.55 -50.96
CA PRO S 10 36.69 -45.85 -52.23
C PRO S 10 35.20 -45.58 -52.14
N PRO S 11 34.50 -45.49 -53.27
CA PRO S 11 33.06 -45.27 -53.23
C PRO S 11 32.34 -46.47 -52.66
N VAL S 12 31.34 -46.20 -51.84
CA VAL S 12 30.59 -47.20 -51.11
C VAL S 12 29.18 -47.34 -51.65
N THR S 13 28.46 -46.23 -51.77
CA THR S 13 27.12 -46.15 -52.28
C THR S 13 27.08 -45.05 -53.33
N PRO S 14 26.04 -45.03 -54.18
CA PRO S 14 25.95 -43.96 -55.18
C PRO S 14 26.01 -42.55 -54.59
N LEU S 15 25.44 -42.35 -53.42
CA LEU S 15 25.55 -41.08 -52.71
C LEU S 15 26.61 -41.19 -51.61
N GLY S 16 27.19 -40.04 -51.26
CA GLY S 16 28.22 -40.01 -50.24
C GLY S 16 29.48 -39.33 -50.70
N LYS S 17 30.63 -39.82 -50.21
CA LYS S 17 31.92 -39.22 -50.50
C LYS S 17 32.92 -40.30 -50.92
N SER S 18 33.81 -39.93 -51.83
CA SER S 18 34.96 -40.73 -52.21
C SER S 18 36.18 -39.82 -52.19
N THR S 19 37.32 -40.35 -51.72
CA THR S 19 38.51 -39.52 -51.57
C THR S 19 39.73 -40.19 -52.18
N TRP S 20 40.53 -39.38 -52.88
CA TRP S 20 41.84 -39.75 -53.38
C TRP S 20 42.89 -38.93 -52.64
N ASN S 21 44.04 -39.56 -52.36
CA ASN S 21 45.18 -38.88 -51.78
C ASN S 21 46.22 -38.61 -52.85
N VAL S 22 46.85 -37.44 -52.77
CA VAL S 22 47.96 -37.08 -53.64
C VAL S 22 49.21 -37.81 -53.17
N THR S 23 49.82 -38.58 -54.07
CA THR S 23 50.97 -39.38 -53.70
C THR S 23 52.25 -38.56 -53.76
N GLY S 24 53.24 -38.97 -52.97
CA GLY S 24 54.54 -38.33 -52.96
C GLY S 24 54.61 -37.03 -52.19
N SER S 25 53.65 -36.76 -51.32
CA SER S 25 53.66 -35.51 -50.56
C SER S 25 54.66 -35.61 -49.41
N THR S 26 55.24 -34.45 -49.06
CA THR S 26 56.25 -34.39 -48.02
C THR S 26 55.69 -33.97 -46.66
N ASN S 27 54.52 -33.35 -46.63
CA ASN S 27 53.94 -32.88 -45.39
C ASN S 27 53.38 -34.05 -44.58
N PRO S 28 53.11 -33.85 -43.29
CA PRO S 28 52.60 -34.96 -42.45
C PRO S 28 51.32 -35.54 -43.02
N PRO S 29 50.98 -36.78 -42.63
CA PRO S 29 49.85 -37.46 -43.31
C PRO S 29 48.52 -36.74 -43.17
N GLY S 30 48.22 -36.19 -41.99
CA GLY S 30 46.99 -35.45 -41.83
C GLY S 30 46.86 -34.25 -42.75
N LEU S 31 47.96 -33.82 -43.36
CA LEU S 31 47.97 -32.71 -44.30
C LEU S 31 48.27 -33.17 -45.72
N VAL S 32 48.06 -34.44 -46.03
CA VAL S 32 48.23 -34.93 -47.40
C VAL S 32 47.17 -34.28 -48.29
N PRO S 33 47.55 -33.70 -49.42
CA PRO S 33 46.54 -33.10 -50.32
C PRO S 33 45.52 -34.14 -50.75
N GLN S 34 44.26 -33.72 -50.83
CA GLN S 34 43.17 -34.63 -51.09
C GLN S 34 42.28 -34.13 -52.22
N VAL S 35 41.64 -35.08 -52.91
CA VAL S 35 40.57 -34.81 -53.85
C VAL S 35 39.34 -35.59 -53.39
N VAL S 36 38.22 -34.89 -53.24
CA VAL S 36 37.00 -35.47 -52.68
C VAL S 36 35.89 -35.28 -53.71
N GLN S 37 35.25 -36.38 -54.10
CA GLN S 37 34.03 -36.32 -54.90
C GLN S 37 32.83 -36.62 -53.99
N THR S 38 31.81 -35.78 -54.10
CA THR S 38 30.62 -35.86 -53.27
C THR S 38 29.39 -35.96 -54.16
N GLU S 39 28.47 -36.87 -53.82
CA GLU S 39 27.18 -36.95 -54.49
C GLU S 39 26.09 -36.93 -53.43
N SER S 40 25.39 -35.80 -53.33
CA SER S 40 24.47 -35.61 -52.22
C SER S 40 23.09 -35.18 -52.71
N ILE S 41 22.05 -35.60 -51.99
CA ILE S 41 20.69 -35.25 -52.36
C ILE S 41 20.25 -34.01 -51.59
N ASN S 42 19.42 -33.20 -52.24
CA ASN S 42 18.84 -32.04 -51.59
C ASN S 42 17.81 -32.47 -50.55
N ALA S 43 17.46 -31.52 -49.67
CA ALA S 43 16.45 -31.81 -48.66
C ALA S 43 15.12 -32.18 -49.29
N ARG S 44 14.63 -31.34 -50.20
CA ARG S 44 13.39 -31.63 -50.91
C ARG S 44 13.56 -32.69 -52.00
N LYS S 45 14.77 -33.25 -52.14
CA LYS S 45 15.05 -34.29 -53.14
C LYS S 45 14.77 -33.80 -54.56
N SER S 46 14.96 -32.51 -54.80
CA SER S 46 14.81 -31.97 -56.15
C SER S 46 16.10 -32.04 -56.94
N ASN S 47 17.25 -31.84 -56.29
CA ASN S 47 18.54 -31.85 -56.97
C ASN S 47 19.45 -32.90 -56.34
N ILE S 48 20.32 -33.46 -57.18
CA ILE S 48 21.53 -34.14 -56.70
C ILE S 48 22.71 -33.24 -57.03
N MET S 49 23.50 -32.93 -56.01
CA MET S 49 24.70 -32.12 -56.18
C MET S 49 25.88 -33.07 -56.40
N SER S 50 26.56 -32.89 -57.54
CA SER S 50 27.83 -33.56 -57.83
C SER S 50 28.95 -32.56 -57.59
N LYS S 51 29.84 -32.87 -56.67
CA LYS S 51 30.90 -31.95 -56.28
C LYS S 51 32.27 -32.62 -56.39
N ILE S 52 33.27 -31.83 -56.80
CA ILE S 52 34.67 -32.22 -56.73
C ILE S 52 35.42 -31.12 -55.98
N SER S 53 36.27 -31.53 -55.05
CA SER S 53 37.00 -30.58 -54.21
C SER S 53 38.46 -31.00 -54.12
N VAL S 54 39.36 -30.07 -54.41
CA VAL S 54 40.79 -30.30 -54.29
C VAL S 54 41.30 -29.41 -53.18
N TYR S 55 41.79 -30.04 -52.11
CA TYR S 55 42.40 -29.36 -50.98
C TYR S 55 43.90 -29.65 -51.02
N TYR S 56 44.70 -28.62 -51.29
CA TYR S 56 46.16 -28.75 -51.28
C TYR S 56 46.70 -27.94 -50.12
N TYR S 57 47.25 -28.63 -49.11
CA TYR S 57 47.77 -27.96 -47.93
C TYR S 57 49.23 -27.61 -48.15
N ILE S 58 49.55 -26.33 -48.04
CA ILE S 58 50.89 -25.83 -48.37
C ILE S 58 51.38 -24.96 -47.22
N PRO S 59 52.64 -25.11 -46.79
CA PRO S 59 53.14 -24.28 -45.69
C PRO S 59 53.30 -22.83 -46.10
N SER S 60 53.09 -21.94 -45.14
CA SER S 60 53.13 -20.50 -45.41
C SER S 60 54.53 -20.02 -45.75
N THR S 61 55.57 -20.78 -45.42
CA THR S 61 56.94 -20.41 -45.71
C THR S 61 57.62 -21.52 -46.50
N ASN S 62 58.75 -21.17 -47.12
CA ASN S 62 59.48 -22.13 -47.94
C ASN S 62 60.16 -23.19 -47.08
N SER S 63 60.60 -22.83 -45.88
CA SER S 63 61.29 -23.75 -44.98
C SER S 63 60.52 -23.86 -43.66
N VAL S 64 60.95 -24.81 -42.83
CA VAL S 64 60.30 -25.03 -41.56
C VAL S 64 60.70 -23.94 -40.58
N SER S 65 59.71 -23.35 -39.91
CA SER S 65 59.97 -22.32 -38.92
C SER S 65 58.88 -22.40 -37.85
N CYS S 66 59.06 -21.61 -36.80
CA CYS S 66 58.11 -21.66 -35.68
C CYS S 66 56.80 -20.97 -36.01
N CYS S 67 56.84 -19.95 -36.87
CA CYS S 67 55.64 -19.26 -37.32
C CYS S 67 55.04 -19.88 -38.56
N THR S 68 55.51 -21.06 -38.96
CA THR S 68 55.00 -21.72 -40.15
C THR S 68 53.54 -22.13 -39.95
N GLU S 69 52.65 -21.52 -40.73
CA GLU S 69 51.24 -21.90 -40.75
C GLU S 69 50.98 -22.75 -41.99
N TRP S 70 49.76 -23.26 -42.08
CA TRP S 70 49.36 -24.13 -43.18
C TRP S 70 48.19 -23.47 -43.92
N ASP S 71 48.49 -22.92 -45.10
CA ASP S 71 47.44 -22.41 -45.95
C ASP S 71 46.86 -23.55 -46.78
N THR S 72 45.66 -23.32 -47.30
CA THR S 72 44.97 -24.31 -48.12
C THR S 72 44.62 -23.69 -49.46
N ILE S 73 45.13 -24.29 -50.53
CA ILE S 73 44.68 -23.98 -51.88
C ILE S 73 43.44 -24.84 -52.13
N ARG S 74 42.28 -24.20 -52.26
CA ARG S 74 41.01 -24.88 -52.44
C ARG S 74 40.49 -24.64 -53.84
N CYS S 75 40.08 -25.72 -54.50
CA CYS S 75 39.43 -25.64 -55.81
C CYS S 75 38.16 -26.47 -55.75
N GLU S 76 37.01 -25.82 -55.94
CA GLU S 76 35.70 -26.43 -55.79
C GLU S 76 34.95 -26.44 -57.12
N PHE S 77 34.15 -27.48 -57.32
CA PHE S 77 33.29 -27.63 -58.48
C PHE S 77 31.98 -28.28 -58.02
N SER S 78 30.87 -27.78 -58.52
CA SER S 78 29.56 -28.35 -58.22
C SER S 78 28.69 -28.30 -59.46
N LEU S 79 27.79 -29.27 -59.57
CA LEU S 79 26.85 -29.37 -60.68
C LEU S 79 25.52 -29.90 -60.15
N THR S 80 24.42 -29.27 -60.60
CA THR S 80 23.08 -29.66 -60.17
C THR S 80 22.45 -30.61 -61.18
N LEU S 81 22.08 -31.80 -60.73
CA LEU S 81 21.35 -32.78 -61.53
C LEU S 81 19.89 -32.75 -61.08
N LEU S 82 19.02 -32.19 -61.92
CA LEU S 82 17.60 -32.12 -61.60
C LEU S 82 17.01 -33.52 -61.56
N GLN S 83 16.25 -33.82 -60.49
CA GLN S 83 15.72 -35.16 -60.27
C GLN S 83 14.22 -35.27 -60.48
N LEU S 84 13.49 -34.15 -60.56
CA LEU S 84 12.03 -34.19 -60.61
C LEU S 84 11.49 -33.38 -61.78
N SER S 85 12.29 -33.20 -62.82
CA SER S 85 11.87 -32.43 -63.98
C SER S 85 11.30 -33.36 -65.05
N SER S 86 10.18 -32.95 -65.64
CA SER S 86 9.57 -33.69 -66.74
C SER S 86 10.16 -33.32 -68.09
N ASN S 87 11.00 -32.29 -68.14
CA ASN S 87 11.62 -31.87 -69.39
C ASN S 87 12.71 -32.87 -69.79
N THR S 88 12.58 -33.44 -70.98
CA THR S 88 13.55 -34.42 -71.45
C THR S 88 14.86 -33.79 -71.91
N ASP S 89 14.93 -32.46 -72.00
CA ASP S 89 16.17 -31.78 -72.36
C ASP S 89 17.18 -31.75 -71.23
N VAL S 90 16.79 -32.17 -70.02
CA VAL S 90 17.63 -31.93 -68.84
C VAL S 90 18.98 -32.61 -68.99
N ALA S 91 19.01 -33.84 -69.50
CA ALA S 91 20.28 -34.57 -69.59
C ALA S 91 21.22 -33.90 -70.57
N ALA S 92 20.75 -33.65 -71.81
CA ALA S 92 21.60 -33.02 -72.80
C ALA S 92 22.04 -31.63 -72.37
N ARG S 93 21.17 -30.90 -71.68
CA ARG S 93 21.53 -29.55 -71.26
C ARG S 93 22.51 -29.57 -70.09
N THR S 94 22.40 -30.54 -69.18
CA THR S 94 23.42 -30.68 -68.14
C THR S 94 24.77 -31.02 -68.77
N VAL S 95 24.77 -31.88 -69.79
CA VAL S 95 26.01 -32.16 -70.52
C VAL S 95 26.56 -30.89 -71.13
N ASP S 96 25.69 -30.10 -71.77
CA ASP S 96 26.13 -28.85 -72.39
C ASP S 96 26.70 -27.89 -71.34
N VAL S 97 26.09 -27.84 -70.16
CA VAL S 97 26.55 -26.96 -69.11
C VAL S 97 27.94 -27.38 -68.63
N LEU S 98 28.14 -28.69 -68.41
CA LEU S 98 29.44 -29.17 -68.01
C LEU S 98 30.50 -28.87 -69.06
N ASP S 99 30.15 -29.05 -70.34
CA ASP S 99 31.09 -28.74 -71.41
C ASP S 99 31.41 -27.26 -71.46
N THR S 100 30.41 -26.40 -71.22
CA THR S 100 30.66 -24.97 -71.16
C THR S 100 31.60 -24.63 -70.01
N MET S 101 31.43 -25.31 -68.87
CA MET S 101 32.33 -25.11 -67.74
C MET S 101 33.77 -25.45 -68.12
N ILE S 102 33.98 -26.60 -68.75
CA ILE S 102 35.33 -27.00 -69.14
C ILE S 102 35.90 -26.04 -70.17
N SER S 103 35.08 -25.64 -71.14
CA SER S 103 35.52 -24.69 -72.16
C SER S 103 35.93 -23.37 -71.53
N PHE S 104 35.21 -22.91 -70.51
CA PHE S 104 35.56 -21.65 -69.88
C PHE S 104 36.81 -21.79 -69.02
N LEU S 105 37.00 -22.93 -68.39
CA LEU S 105 38.25 -23.18 -67.67
C LEU S 105 39.43 -23.12 -68.62
N ALA S 106 39.24 -23.57 -69.86
CA ALA S 106 40.32 -23.42 -70.85
C ALA S 106 40.43 -21.97 -71.30
N LYS S 107 39.30 -21.33 -71.61
CA LYS S 107 39.27 -20.01 -72.21
C LYS S 107 39.85 -18.94 -71.29
N ARG S 108 39.59 -19.05 -69.99
CA ARG S 108 39.96 -18.02 -69.03
C ARG S 108 41.03 -18.50 -68.05
N ARG S 109 41.91 -19.40 -68.49
CA ARG S 109 42.88 -19.99 -67.57
C ARG S 109 43.79 -18.93 -66.96
N ASN S 110 44.35 -18.04 -67.80
CA ASN S 110 45.25 -17.02 -67.28
C ASN S 110 44.53 -16.08 -66.32
N SER S 111 43.32 -15.65 -66.70
CA SER S 111 42.54 -14.76 -65.83
C SER S 111 42.26 -15.43 -64.49
N ILE S 112 41.86 -16.71 -64.51
CA ILE S 112 41.55 -17.43 -63.29
C ILE S 112 42.79 -17.55 -62.41
N LEU S 113 43.94 -17.86 -63.02
CA LEU S 113 45.16 -18.08 -62.25
C LEU S 113 45.77 -16.78 -61.75
N ALA S 114 45.49 -15.66 -62.40
CA ALA S 114 46.07 -14.38 -62.01
C ALA S 114 45.13 -13.52 -61.17
N GLY S 115 43.85 -13.84 -61.11
CA GLY S 115 42.91 -13.00 -60.38
C GLY S 115 42.71 -11.65 -61.04
N ASN S 116 42.61 -11.63 -62.38
CA ASN S 116 42.48 -10.41 -63.14
C ASN S 116 41.50 -10.66 -64.28
N LEU S 117 40.33 -10.02 -64.22
CA LEU S 117 39.31 -10.21 -65.25
C LEU S 117 39.72 -9.64 -66.60
N LEU S 118 40.68 -8.72 -66.63
CA LEU S 118 41.01 -8.00 -67.85
C LEU S 118 41.91 -8.78 -68.79
N LEU S 119 42.52 -9.87 -68.34
CA LEU S 119 43.40 -10.63 -69.20
C LEU S 119 42.62 -11.22 -70.37
N PRO S 120 43.16 -11.19 -71.59
CA PRO S 120 42.44 -11.77 -72.72
C PRO S 120 42.31 -13.28 -72.57
N ASP S 121 41.44 -13.85 -73.39
CA ASP S 121 41.27 -15.30 -73.42
C ASP S 121 42.61 -15.97 -73.70
N ASN S 122 42.78 -17.15 -73.13
CA ASN S 122 43.96 -17.95 -73.45
C ASN S 122 43.95 -18.30 -74.93
N PRO S 123 45.11 -18.31 -75.60
CA PRO S 123 45.19 -18.70 -77.00
C PRO S 123 44.84 -20.18 -77.19
N ALA T 1 42.41 73.13 16.24
CA ALA T 1 42.80 73.86 15.04
C ALA T 1 42.04 73.37 13.82
N SER T 2 41.33 74.27 13.16
CA SER T 2 40.67 73.93 11.91
C SER T 2 41.69 73.41 10.92
N LEU T 3 41.39 72.28 10.30
CA LEU T 3 42.32 71.68 9.36
C LEU T 3 42.27 72.41 8.01
N PRO T 4 43.41 72.55 7.34
CA PRO T 4 43.41 73.17 6.01
C PRO T 4 42.89 72.21 4.97
N VAL T 5 42.04 72.72 4.06
CA VAL T 5 41.37 71.88 3.08
C VAL T 5 41.42 72.55 1.72
N THR T 6 41.40 71.71 0.68
CA THR T 6 41.17 72.16 -0.69
C THR T 6 40.08 71.28 -1.30
N GLN T 7 39.23 71.89 -2.11
CA GLN T 7 38.10 71.17 -2.69
C GLN T 7 38.60 70.16 -3.71
N TYR T 8 38.37 68.88 -3.44
CA TYR T 8 38.77 67.78 -4.31
C TYR T 8 37.69 67.45 -5.35
N SER T 9 36.48 67.11 -4.90
CA SER T 9 35.36 66.92 -5.82
C SER T 9 34.37 68.05 -5.65
N PRO T 10 34.22 68.94 -6.63
CA PRO T 10 33.41 70.14 -6.45
C PRO T 10 31.93 69.83 -6.57
N PRO T 11 31.07 70.72 -6.10
CA PRO T 11 29.63 70.48 -6.23
C PRO T 11 29.19 70.53 -7.68
N VAL T 12 28.30 69.60 -8.02
CA VAL T 12 27.84 69.39 -9.38
C VAL T 12 26.40 69.84 -9.55
N THR T 13 25.52 69.36 -8.68
CA THR T 13 24.11 69.68 -8.65
C THR T 13 23.73 70.05 -7.22
N PRO T 14 22.59 70.72 -7.02
CA PRO T 14 22.17 71.07 -5.65
C PRO T 14 22.12 69.87 -4.70
N LEU T 15 21.72 68.71 -5.19
CA LEU T 15 21.77 67.49 -4.40
C LEU T 15 22.97 66.66 -4.78
N GLY T 16 23.43 65.84 -3.84
CA GLY T 16 24.60 65.00 -4.07
C GLY T 16 25.66 65.16 -3.00
N LYS T 17 26.92 65.06 -3.41
CA LYS T 17 28.07 65.11 -2.50
C LYS T 17 29.13 66.06 -3.03
N SER T 18 29.79 66.74 -2.11
CA SER T 18 30.97 67.53 -2.39
C SER T 18 32.03 67.17 -1.37
N THR T 19 33.30 67.08 -1.80
CA THR T 19 34.36 66.63 -0.91
C THR T 19 35.56 67.57 -0.95
N TRP T 20 36.10 67.84 0.22
CA TRP T 20 37.36 68.55 0.41
C TRP T 20 38.39 67.58 1.00
N ASN T 21 39.64 67.71 0.56
CA ASN T 21 40.74 66.96 1.12
C ASN T 21 41.55 67.84 2.06
N VAL T 22 42.01 67.24 3.15
CA VAL T 22 42.89 67.92 4.09
C VAL T 22 44.29 67.94 3.51
N THR T 23 44.86 69.13 3.38
CA THR T 23 46.17 69.28 2.75
C THR T 23 47.29 69.03 3.76
N GLY T 24 48.44 68.60 3.24
CA GLY T 24 49.61 68.37 4.06
C GLY T 24 49.62 67.08 4.84
N SER T 25 48.77 66.12 4.47
CA SER T 25 48.72 64.86 5.20
C SER T 25 49.89 63.97 4.79
N THR T 26 50.34 63.15 5.75
CA THR T 26 51.49 62.28 5.52
C THR T 26 51.09 60.85 5.15
N ASN T 27 49.86 60.45 5.42
CA ASN T 27 49.43 59.09 5.14
C ASN T 27 49.18 58.92 3.65
N PRO T 28 49.09 57.68 3.16
CA PRO T 28 48.89 57.44 1.71
C PRO T 28 47.63 58.13 1.21
N PRO T 29 47.55 58.37 -0.10
CA PRO T 29 46.44 59.21 -0.62
C PRO T 29 45.06 58.66 -0.33
N GLY T 30 44.87 57.33 -0.46
CA GLY T 30 43.58 56.74 -0.15
C GLY T 30 43.13 56.96 1.27
N LEU T 31 44.05 57.36 2.16
CA LEU T 31 43.74 57.65 3.55
C LEU T 31 43.88 59.14 3.88
N VAL T 32 43.81 60.00 2.87
CA VAL T 32 43.83 61.44 3.12
C VAL T 32 42.57 61.84 3.88
N PRO T 33 42.67 62.57 4.99
CA PRO T 33 41.46 62.99 5.70
C PRO T 33 40.54 63.80 4.79
N GLN T 34 39.24 63.58 4.93
CA GLN T 34 38.26 64.18 4.04
C GLN T 34 37.15 64.86 4.81
N VAL T 35 36.56 65.87 4.18
CA VAL T 35 35.32 66.49 4.63
C VAL T 35 34.30 66.38 3.50
N VAL T 36 33.13 65.83 3.80
CA VAL T 36 32.11 65.54 2.79
C VAL T 36 30.83 66.27 3.19
N GLN T 37 30.31 67.10 2.29
CA GLN T 37 28.99 67.68 2.46
C GLN T 37 28.00 66.95 1.55
N THR T 38 26.86 66.57 2.11
CA THR T 38 25.84 65.81 1.41
C THR T 38 24.52 66.55 1.48
N GLU T 39 23.82 66.63 0.36
CA GLU T 39 22.46 67.16 0.32
C GLU T 39 21.57 66.15 -0.36
N SER T 40 20.73 65.46 0.42
CA SER T 40 19.97 64.33 -0.12
C SER T 40 18.48 64.47 0.19
N ILE T 41 17.65 63.97 -0.72
CA ILE T 41 16.20 64.03 -0.53
C ILE T 41 15.72 62.72 0.10
N ASN T 42 14.68 62.84 0.92
CA ASN T 42 14.06 61.68 1.51
C ASN T 42 13.28 60.91 0.44
N ALA T 43 12.93 59.66 0.79
CA ALA T 43 12.15 58.84 -0.14
C ALA T 43 10.81 59.49 -0.44
N ARG T 44 10.06 59.84 0.60
CA ARG T 44 8.78 60.51 0.42
C ARG T 44 8.93 61.98 0.05
N LYS T 45 10.16 62.47 -0.12
CA LYS T 45 10.43 63.86 -0.49
C LYS T 45 9.87 64.84 0.52
N SER T 46 9.82 64.44 1.78
CA SER T 46 9.38 65.34 2.84
C SER T 46 10.53 66.16 3.42
N ASN T 47 11.72 65.58 3.52
CA ASN T 47 12.88 66.26 4.09
C ASN T 47 14.02 66.29 3.09
N ILE T 48 14.83 67.34 3.17
CA ILE T 48 16.17 67.34 2.61
C ILE T 48 17.14 67.27 3.78
N MET T 49 18.03 66.29 3.74
CA MET T 49 19.06 66.14 4.75
C MET T 49 20.31 66.86 4.29
N SER T 50 20.77 67.82 5.11
CA SER T 50 22.06 68.48 4.93
C SER T 50 23.04 67.86 5.91
N LYS T 51 24.11 67.27 5.39
CA LYS T 51 25.07 66.57 6.23
C LYS T 51 26.48 67.08 5.99
N ILE T 52 27.28 67.12 7.06
CA ILE T 52 28.72 67.35 6.98
C ILE T 52 29.40 66.21 7.74
N SER T 53 30.45 65.66 7.14
CA SER T 53 31.15 64.51 7.71
C SER T 53 32.65 64.73 7.60
N VAL T 54 33.35 64.60 8.73
CA VAL T 54 34.79 64.71 8.77
C VAL T 54 35.34 63.34 9.12
N TYR T 55 36.08 62.75 8.19
CA TYR T 55 36.75 61.47 8.38
C TYR T 55 38.25 61.75 8.45
N TYR T 56 38.84 61.54 9.63
CA TYR T 56 40.28 61.70 9.82
C TYR T 56 40.88 60.33 10.10
N TYR T 57 41.67 59.82 9.15
CA TYR T 57 42.28 58.50 9.28
C TYR T 57 43.61 58.63 10.00
N ILE T 58 43.75 57.93 11.12
CA ILE T 58 44.92 58.07 11.97
C ILE T 58 45.47 56.68 12.29
N PRO T 59 46.78 56.47 12.23
CA PRO T 59 47.33 55.15 12.53
C PRO T 59 47.21 54.82 14.01
N SER T 60 47.02 53.52 14.28
CA SER T 60 46.81 53.07 15.66
C SER T 60 48.04 53.23 16.53
N THR T 61 49.22 53.39 15.93
CA THR T 61 50.46 53.55 16.66
C THR T 61 51.17 54.83 16.21
N ASN T 62 52.11 55.27 17.03
CA ASN T 62 52.84 56.50 16.72
C ASN T 62 53.81 56.31 15.55
N SER T 63 54.36 55.12 15.40
CA SER T 63 55.31 54.82 14.34
C SER T 63 54.79 53.68 13.47
N VAL T 64 55.48 53.45 12.37
CA VAL T 64 55.09 52.39 11.44
C VAL T 64 55.47 51.04 12.02
N SER T 65 54.53 50.11 12.02
CA SER T 65 54.77 48.75 12.51
C SER T 65 53.90 47.79 11.72
N CYS T 66 54.12 46.49 11.95
CA CYS T 66 53.39 45.49 11.19
C CYS T 66 51.95 45.34 11.67
N CYS T 67 51.70 45.60 12.95
CA CYS T 67 50.36 45.58 13.52
C CYS T 67 49.66 46.93 13.42
N THR T 68 50.23 47.87 12.69
CA THR T 68 49.64 49.21 12.57
C THR T 68 48.32 49.12 11.82
N GLU T 69 47.23 49.45 12.52
CA GLU T 69 45.91 49.56 11.92
C GLU T 69 45.58 51.02 11.70
N TRP T 70 44.45 51.26 11.04
CA TRP T 70 44.00 52.61 10.72
C TRP T 70 42.66 52.86 11.39
N ASP T 71 42.67 53.64 12.47
CA ASP T 71 41.45 54.07 13.09
C ASP T 71 40.91 55.31 12.38
N THR T 72 39.63 55.56 12.56
CA THR T 72 38.97 56.71 11.95
C THR T 72 38.33 57.56 13.03
N ILE T 73 38.74 58.82 13.11
CA ILE T 73 38.03 59.81 13.91
C ILE T 73 36.91 60.37 13.03
N ARG T 74 35.68 60.09 13.41
CA ARG T 74 34.50 60.48 12.63
C ARG T 74 33.74 61.56 13.39
N CYS T 75 33.39 62.63 12.67
CA CYS T 75 32.54 63.68 13.21
C CYS T 75 31.42 63.95 12.20
N GLU T 76 30.18 63.72 12.62
CA GLU T 76 29.01 63.80 11.76
C GLU T 76 28.07 64.91 12.21
N PHE T 77 27.42 65.54 11.24
CA PHE T 77 26.41 66.55 11.46
C PHE T 77 25.31 66.38 10.42
N SER T 78 24.06 66.50 10.86
CA SER T 78 22.92 66.41 9.97
C SER T 78 21.86 67.42 10.39
N LEU T 79 21.10 67.92 9.42
CA LEU T 79 20.03 68.86 9.66
C LEU T 79 18.89 68.59 8.69
N THR T 80 17.66 68.58 9.21
CA THR T 80 16.48 68.31 8.39
C THR T 80 15.84 69.61 7.91
N LEU T 81 15.73 69.76 6.60
CA LEU T 81 15.03 70.88 5.97
C LEU T 81 13.67 70.37 5.49
N LEU T 82 12.60 70.78 6.17
CA LEU T 82 11.26 70.37 5.80
C LEU T 82 10.89 70.97 4.45
N GLN T 83 10.38 70.14 3.55
CA GLN T 83 10.09 70.55 2.19
C GLN T 83 8.60 70.68 1.87
N LEU T 84 7.72 70.15 2.72
CA LEU T 84 6.29 70.12 2.41
C LEU T 84 5.46 70.71 3.54
N SER T 85 6.05 71.59 4.35
CA SER T 85 5.33 72.20 5.46
C SER T 85 4.75 73.54 5.03
N SER T 86 3.50 73.78 5.42
CA SER T 86 2.84 75.06 5.17
C SER T 86 3.14 76.10 6.24
N ASN T 87 3.81 75.71 7.32
CA ASN T 87 4.15 76.64 8.38
C ASN T 87 5.29 77.53 7.93
N THR T 88 5.07 78.84 7.97
CA THR T 88 6.08 79.80 7.54
C THR T 88 7.20 79.97 8.57
N ASP T 89 7.05 79.42 9.77
CA ASP T 89 8.11 79.50 10.77
C ASP T 89 9.27 78.56 10.48
N VAL T 90 9.14 77.68 9.48
CA VAL T 90 10.12 76.59 9.31
C VAL T 90 11.52 77.14 9.08
N ALA T 91 11.63 78.19 8.25
CA ALA T 91 12.96 78.71 7.93
C ALA T 91 13.63 79.31 9.16
N ALA T 92 12.94 80.23 9.84
CA ALA T 92 13.52 80.86 11.02
C ALA T 92 13.82 79.83 12.11
N ARG T 93 12.96 78.81 12.25
CA ARG T 93 13.19 77.83 13.29
C ARG T 93 14.33 76.88 12.94
N THR T 94 14.51 76.55 11.66
CA THR T 94 15.69 75.79 11.26
C THR T 94 16.97 76.58 11.54
N VAL T 95 16.92 77.89 11.27
CA VAL T 95 18.06 78.75 11.61
C VAL T 95 18.31 78.71 13.11
N ASP T 96 17.25 78.82 13.91
CA ASP T 96 17.40 78.78 15.36
C ASP T 96 17.97 77.46 15.82
N VAL T 97 17.56 76.35 15.20
CA VAL T 97 18.05 75.04 15.57
C VAL T 97 19.54 74.91 15.27
N LEU T 98 19.95 75.37 14.08
CA LEU T 98 21.38 75.35 13.74
C LEU T 98 22.19 76.20 14.71
N ASP T 99 21.67 77.37 15.08
CA ASP T 99 22.38 78.23 16.02
C ASP T 99 22.46 77.58 17.40
N THR T 100 21.40 76.88 17.81
CA THR T 100 21.43 76.15 19.08
C THR T 100 22.49 75.05 19.03
N MET T 101 22.60 74.38 17.89
CA MET T 101 23.63 73.36 17.72
C MET T 101 25.02 73.94 17.90
N ILE T 102 25.30 75.07 17.23
CA ILE T 102 26.62 75.69 17.35
C ILE T 102 26.86 76.17 18.78
N SER T 103 25.84 76.76 19.40
CA SER T 103 25.98 77.22 20.78
C SER T 103 26.30 76.07 21.71
N PHE T 104 25.67 74.91 21.49
CA PHE T 104 25.93 73.76 22.36
C PHE T 104 27.31 73.17 22.10
N LEU T 105 27.76 73.18 20.85
CA LEU T 105 29.13 72.75 20.57
C LEU T 105 30.13 73.64 21.31
N ALA T 106 29.82 74.93 21.45
CA ALA T 106 30.68 75.79 22.26
C ALA T 106 30.51 75.49 23.74
N LYS T 107 29.26 75.37 24.19
CA LYS T 107 28.94 75.26 25.61
C LYS T 107 29.50 73.98 26.22
N ARG T 108 29.47 72.88 25.48
CA ARG T 108 29.83 71.57 26.00
C ARG T 108 31.10 71.02 25.35
N ARG T 109 32.02 71.91 24.96
CA ARG T 109 33.20 71.46 24.22
C ARG T 109 34.04 70.47 25.05
N ASN T 110 34.31 70.81 26.31
CA ASN T 110 35.12 69.93 27.14
C ASN T 110 34.43 68.59 27.37
N SER T 111 33.12 68.62 27.65
CA SER T 111 32.38 67.39 27.86
C SER T 111 32.41 66.51 26.61
N ILE T 112 32.21 67.13 25.44
CA ILE T 112 32.21 66.39 24.18
C ILE T 112 33.58 65.78 23.92
N LEU T 113 34.65 66.53 24.19
CA LEU T 113 35.98 66.04 23.89
C LEU T 113 36.47 65.02 24.90
N ALA T 114 35.93 65.03 26.12
CA ALA T 114 36.37 64.11 27.15
C ALA T 114 35.46 62.89 27.31
N GLY T 115 34.25 62.91 26.75
CA GLY T 115 33.34 61.80 26.94
C GLY T 115 32.84 61.72 28.37
N ASN T 116 32.53 62.86 28.98
CA ASN T 116 32.10 62.93 30.37
C ASN T 116 31.00 63.98 30.48
N LEU T 117 29.77 63.53 30.76
CA LEU T 117 28.64 64.45 30.86
C LEU T 117 28.75 65.39 32.05
N LEU T 118 29.54 65.03 33.06
CA LEU T 118 29.55 65.78 34.31
C LEU T 118 30.41 67.03 34.27
N LEU T 119 31.23 67.21 33.24
CA LEU T 119 32.07 68.39 33.17
C LEU T 119 31.20 69.64 33.03
N PRO T 120 31.53 70.72 33.72
CA PRO T 120 30.75 71.95 33.61
C PRO T 120 30.86 72.54 32.21
N ASP T 121 29.96 73.46 31.91
CA ASP T 121 30.00 74.18 30.64
C ASP T 121 31.37 74.84 30.47
N ASN T 122 31.80 74.93 29.22
CA ASN T 122 33.01 75.67 28.92
C ASN T 122 32.82 77.13 29.30
N PRO T 123 33.85 77.80 29.85
CA PRO T 123 33.76 79.22 30.16
C PRO T 123 33.61 80.08 28.91
N ALA U 1 32.43 -47.76 63.84
CA ALA U 1 32.50 -47.07 65.12
C ALA U 1 31.64 -45.82 65.12
N SER U 2 30.69 -45.76 66.05
CA SER U 2 29.88 -44.56 66.21
C SER U 2 30.79 -43.36 66.46
N LEU U 3 30.56 -42.28 65.73
CA LEU U 3 31.42 -41.10 65.87
C LEU U 3 31.02 -40.32 67.12
N PRO U 4 32.00 -39.72 67.82
CA PRO U 4 31.68 -38.89 68.98
C PRO U 4 31.13 -37.54 68.55
N VAL U 5 30.08 -37.09 69.23
CA VAL U 5 29.39 -35.87 68.84
C VAL U 5 29.11 -35.01 70.07
N THR U 6 29.04 -33.70 69.85
CA THR U 6 28.51 -32.76 70.83
C THR U 6 27.48 -31.87 70.13
N GLN U 7 26.42 -31.55 70.85
CA GLN U 7 25.34 -30.76 70.26
C GLN U 7 25.81 -29.33 70.01
N TYR U 8 25.83 -28.94 68.74
CA TYR U 8 26.24 -27.61 68.30
C TYR U 8 25.07 -26.64 68.29
N SER U 9 24.02 -26.93 67.51
CA SER U 9 22.81 -26.12 67.54
C SER U 9 21.69 -26.90 68.21
N PRO U 10 21.24 -26.51 69.40
CA PRO U 10 20.31 -27.33 70.15
C PRO U 10 18.89 -27.18 69.63
N PRO U 11 17.98 -28.09 69.98
CA PRO U 11 16.60 -27.96 69.52
C PRO U 11 15.92 -26.76 70.15
N VAL U 12 15.15 -26.06 69.33
CA VAL U 12 14.50 -24.82 69.71
C VAL U 12 12.99 -25.01 69.85
N THR U 13 12.36 -25.57 68.84
CA THR U 13 10.95 -25.86 68.78
C THR U 13 10.76 -27.30 68.34
N PRO U 14 9.58 -27.89 68.56
CA PRO U 14 9.35 -29.27 68.12
C PRO U 14 9.65 -29.50 66.64
N LEU U 15 9.35 -28.52 65.79
CA LEU U 15 9.72 -28.59 64.38
C LEU U 15 10.97 -27.75 64.13
N GLY U 16 11.69 -28.12 63.08
CA GLY U 16 12.91 -27.43 62.73
C GLY U 16 14.11 -28.34 62.58
N LYS U 17 15.29 -27.85 62.97
CA LYS U 17 16.54 -28.58 62.82
C LYS U 17 17.34 -28.54 64.12
N SER U 18 18.04 -29.62 64.40
CA SER U 18 19.01 -29.70 65.48
C SER U 18 20.28 -30.31 64.90
N THR U 19 21.45 -29.81 65.31
CA THR U 19 22.70 -30.28 64.74
C THR U 19 23.71 -30.63 65.83
N TRP U 20 24.41 -31.74 65.60
CA TRP U 20 25.56 -32.17 66.40
C TRP U 20 26.80 -32.12 65.52
N ASN U 21 27.92 -31.72 66.11
CA ASN U 21 29.21 -31.74 65.45
C ASN U 21 30.02 -32.93 65.92
N VAL U 22 30.74 -33.56 64.99
CA VAL U 22 31.66 -34.64 65.31
C VAL U 22 32.92 -34.05 65.92
N THR U 23 33.27 -34.50 67.11
CA THR U 23 34.41 -33.94 67.82
C THR U 23 35.71 -34.60 67.37
N GLY U 24 36.81 -33.86 67.51
CA GLY U 24 38.12 -34.37 67.17
C GLY U 24 38.45 -34.39 65.70
N SER U 25 37.72 -33.65 64.88
CA SER U 25 38.00 -33.64 63.45
C SER U 25 39.21 -32.78 63.14
N THR U 26 39.92 -33.15 62.08
CA THR U 26 41.14 -32.44 61.71
C THR U 26 40.91 -31.43 60.59
N ASN U 27 39.82 -31.54 59.84
CA ASN U 27 39.56 -30.65 58.72
C ASN U 27 39.09 -29.30 59.24
N PRO U 28 39.12 -28.26 58.39
CA PRO U 28 38.72 -26.91 58.84
C PRO U 28 37.31 -26.90 59.39
N PRO U 29 36.95 -25.90 60.21
CA PRO U 29 35.66 -25.96 60.92
C PRO U 29 34.45 -26.02 60.01
N GLY U 30 34.45 -25.27 58.91
CA GLY U 30 33.34 -25.32 57.97
C GLY U 30 33.10 -26.69 57.38
N LEU U 31 34.10 -27.59 57.50
CA LEU U 31 33.98 -28.96 57.01
C LEU U 31 33.94 -29.98 58.14
N VAL U 32 33.57 -29.55 59.35
CA VAL U 32 33.41 -30.49 60.46
C VAL U 32 32.25 -31.42 60.16
N PRO U 33 32.41 -32.74 60.28
CA PRO U 33 31.29 -33.66 60.04
C PRO U 33 30.13 -33.33 60.96
N GLN U 34 28.91 -33.45 60.41
CA GLN U 34 27.72 -33.05 61.13
C GLN U 34 26.66 -34.13 61.11
N VAL U 35 25.81 -34.13 62.13
CA VAL U 35 24.60 -34.92 62.18
C VAL U 35 23.44 -33.96 62.40
N VAL U 36 22.43 -34.02 61.54
CA VAL U 36 21.31 -33.08 61.56
C VAL U 36 20.03 -33.88 61.70
N GLN U 37 19.24 -33.56 62.72
CA GLN U 37 17.89 -34.09 62.85
C GLN U 37 16.89 -33.00 62.45
N THR U 38 15.93 -33.38 61.61
CA THR U 38 14.94 -32.45 61.07
C THR U 38 13.55 -32.99 61.38
N GLU U 39 12.66 -32.11 61.83
CA GLU U 39 11.25 -32.45 62.01
C GLU U 39 10.42 -31.41 61.27
N SER U 40 9.84 -31.79 60.14
CA SER U 40 9.19 -30.81 59.27
C SER U 40 7.78 -31.26 58.90
N ILE U 41 6.88 -30.28 58.73
CA ILE U 41 5.50 -30.58 58.37
C ILE U 41 5.34 -30.50 56.86
N ASN U 42 4.45 -31.34 56.35
CA ASN U 42 4.12 -31.31 54.94
C ASN U 42 3.30 -30.06 54.61
N ALA U 43 3.21 -29.75 53.32
CA ALA U 43 2.42 -28.60 52.89
C ALA U 43 0.96 -28.76 53.28
N ARG U 44 0.36 -29.90 52.93
CA ARG U 44 -1.02 -30.16 53.31
C ARG U 44 -1.17 -30.56 54.77
N LYS U 45 -0.07 -30.57 55.54
CA LYS U 45 -0.08 -30.92 56.96
C LYS U 45 -0.61 -32.34 57.19
N SER U 46 -0.38 -33.23 56.23
CA SER U 46 -0.77 -34.62 56.40
C SER U 46 0.32 -35.45 57.07
N ASN U 47 1.58 -35.16 56.78
CA ASN U 47 2.70 -35.91 57.34
C ASN U 47 3.64 -34.98 58.09
N ILE U 48 4.27 -35.53 59.13
CA ILE U 48 5.49 -34.95 59.68
C ILE U 48 6.65 -35.85 59.29
N MET U 49 7.65 -35.27 58.66
CA MET U 49 8.85 -35.99 58.27
C MET U 49 9.88 -35.87 59.39
N SER U 50 10.31 -37.02 59.91
CA SER U 50 11.43 -37.11 60.83
C SER U 50 12.65 -37.58 60.06
N LYS U 51 13.70 -36.76 60.03
CA LYS U 51 14.89 -37.06 59.24
C LYS U 51 16.14 -37.00 60.11
N ILE U 52 17.08 -37.90 59.80
CA ILE U 52 18.43 -37.84 60.34
C ILE U 52 19.40 -37.87 59.17
N SER U 53 20.41 -37.00 59.21
CA SER U 53 21.36 -36.88 58.12
C SER U 53 22.77 -36.79 58.68
N VAL U 54 23.66 -37.64 58.19
CA VAL U 54 25.06 -37.63 58.58
C VAL U 54 25.87 -37.21 57.36
N TYR U 55 26.52 -36.05 57.46
CA TYR U 55 27.41 -35.53 56.43
C TYR U 55 28.83 -35.63 56.95
N TYR U 56 29.64 -36.51 56.36
CA TYR U 56 31.05 -36.64 56.72
C TYR U 56 31.88 -36.15 55.54
N TYR U 57 32.59 -35.04 55.73
CA TYR U 57 33.39 -34.44 54.68
C TYR U 57 34.79 -35.02 54.75
N ILE U 58 35.23 -35.63 53.65
CA ILE U 58 36.50 -36.35 53.62
C ILE U 58 37.29 -35.89 52.39
N PRO U 59 38.59 -35.64 52.53
CA PRO U 59 39.39 -35.19 51.38
C PRO U 59 39.56 -36.31 50.36
N SER U 60 39.63 -35.91 49.09
CA SER U 60 39.72 -36.89 48.01
C SER U 60 41.05 -37.63 48.00
N THR U 61 42.07 -37.11 48.68
CA THR U 61 43.38 -37.74 48.74
C THR U 61 43.79 -37.94 50.19
N ASN U 62 44.78 -38.81 50.38
CA ASN U 62 45.24 -39.11 51.74
C ASN U 62 46.01 -37.93 52.34
N SER U 63 46.71 -37.16 51.52
CA SER U 63 47.51 -36.03 51.98
C SER U 63 47.03 -34.75 51.31
N VAL U 64 47.56 -33.63 51.80
CA VAL U 64 47.17 -32.34 51.25
C VAL U 64 47.86 -32.12 49.91
N SER U 65 47.08 -31.72 48.91
CA SER U 65 47.61 -31.44 47.58
C SER U 65 46.78 -30.34 46.94
N CYS U 66 47.23 -29.88 45.79
CA CYS U 66 46.56 -28.77 45.12
C CYS U 66 45.26 -29.21 44.45
N CYS U 67 45.19 -30.47 44.01
CA CYS U 67 43.98 -31.03 43.43
C CYS U 67 43.07 -31.68 44.47
N THR U 68 43.36 -31.48 45.75
CA THR U 68 42.56 -32.08 46.80
C THR U 68 41.16 -31.50 46.81
N GLU U 69 40.17 -32.33 46.52
CA GLU U 69 38.76 -31.96 46.61
C GLU U 69 38.17 -32.54 47.88
N TRP U 70 36.92 -32.17 48.16
CA TRP U 70 36.23 -32.60 49.36
C TRP U 70 35.00 -33.39 48.96
N ASP U 71 35.07 -34.72 49.11
CA ASP U 71 33.91 -35.56 48.91
C ASP U 71 33.08 -35.60 50.19
N THR U 72 31.83 -35.97 50.04
CA THR U 72 30.90 -36.06 51.16
C THR U 72 30.33 -37.47 51.23
N ILE U 73 30.55 -38.14 52.35
CA ILE U 73 29.85 -39.38 52.67
C ILE U 73 28.52 -38.98 53.32
N ARG U 74 27.42 -39.25 52.62
CA ARG U 74 26.09 -38.87 53.07
C ARG U 74 25.31 -40.11 53.46
N CYS U 75 24.69 -40.05 54.64
CA CYS U 75 23.77 -41.10 55.10
C CYS U 75 22.48 -40.45 55.56
N GLU U 76 21.38 -40.78 54.88
CA GLU U 76 20.09 -40.16 55.11
C GLU U 76 19.07 -41.17 55.63
N PHE U 77 18.18 -40.69 56.49
CA PHE U 77 17.07 -41.46 57.02
C PHE U 77 15.85 -40.56 57.14
N SER U 78 14.69 -41.08 56.76
CA SER U 78 13.44 -40.34 56.87
C SER U 78 12.33 -41.31 57.28
N LEU U 79 11.35 -40.77 58.01
CA LEU U 79 10.20 -41.53 58.47
C LEU U 79 8.98 -40.62 58.44
N THR U 80 7.86 -41.16 57.92
CA THR U 80 6.62 -40.40 57.82
C THR U 80 5.71 -40.68 59.02
N LEU U 81 5.35 -39.64 59.76
CA LEU U 81 4.40 -39.71 60.85
C LEU U 81 3.08 -39.14 60.36
N LEU U 82 2.09 -40.00 60.14
CA LEU U 82 0.78 -39.56 59.67
C LEU U 82 0.10 -38.73 60.75
N GLN U 83 -0.43 -37.57 60.36
CA GLN U 83 -1.01 -36.63 61.30
C GLN U 83 -2.52 -36.52 61.23
N LEU U 84 -3.16 -37.06 60.19
CA LEU U 84 -4.59 -36.88 59.99
C LEU U 84 -5.30 -38.20 59.77
N SER U 85 -4.73 -39.29 60.27
CA SER U 85 -5.33 -40.61 60.10
C SER U 85 -6.18 -40.94 61.32
N SER U 86 -7.36 -41.49 61.07
CA SER U 86 -8.25 -41.96 62.13
C SER U 86 -7.94 -43.39 62.56
N ASN U 87 -7.04 -44.08 61.86
CA ASN U 87 -6.67 -45.44 62.22
C ASN U 87 -5.77 -45.41 63.45
N THR U 88 -6.19 -46.12 64.51
CA THR U 88 -5.42 -46.16 65.74
C THR U 88 -4.19 -47.05 65.65
N ASP U 89 -4.04 -47.82 64.57
CA ASP U 89 -2.86 -48.65 64.39
C ASP U 89 -1.63 -47.86 63.98
N VAL U 90 -1.79 -46.56 63.67
CA VAL U 90 -0.71 -45.80 63.04
C VAL U 90 0.53 -45.77 63.93
N ALA U 91 0.35 -45.58 65.24
CA ALA U 91 1.51 -45.47 66.13
C ALA U 91 2.27 -46.78 66.20
N ALA U 92 1.58 -47.88 66.50
CA ALA U 92 2.25 -49.17 66.60
C ALA U 92 2.88 -49.57 65.27
N ARG U 93 2.22 -49.25 64.16
CA ARG U 93 2.77 -49.62 62.87
C ARG U 93 3.97 -48.77 62.48
N THR U 94 3.98 -47.48 62.85
CA THR U 94 5.19 -46.68 62.64
C THR U 94 6.34 -47.23 63.47
N VAL U 95 6.06 -47.66 64.70
CA VAL U 95 7.08 -48.30 65.52
C VAL U 95 7.60 -49.55 64.82
N ASP U 96 6.68 -50.37 64.31
CA ASP U 96 7.08 -51.60 63.61
C ASP U 96 7.92 -51.29 62.38
N VAL U 97 7.57 -50.23 61.67
CA VAL U 97 8.31 -49.86 60.46
C VAL U 97 9.73 -49.43 60.84
N LEU U 98 9.87 -48.61 61.88
CA LEU U 98 11.20 -48.20 62.33
C LEU U 98 12.03 -49.40 62.77
N ASP U 99 11.40 -50.34 63.47
CA ASP U 99 12.12 -51.53 63.91
C ASP U 99 12.53 -52.40 62.72
N THR U 100 11.68 -52.48 61.70
CA THR U 100 12.04 -53.20 60.48
C THR U 100 13.22 -52.54 59.79
N MET U 101 13.25 -51.20 59.79
CA MET U 101 14.38 -50.47 59.22
C MET U 101 15.68 -50.82 59.95
N ILE U 102 15.65 -50.79 61.28
CA ILE U 102 16.86 -51.11 62.05
C ILE U 102 17.26 -52.56 61.83
N SER U 103 16.29 -53.47 61.81
CA SER U 103 16.58 -54.89 61.57
C SER U 103 17.22 -55.09 60.21
N PHE U 104 16.76 -54.36 59.20
CA PHE U 104 17.35 -54.51 57.87
C PHE U 104 18.72 -53.90 57.78
N LEU U 105 18.96 -52.79 58.49
CA LEU U 105 20.30 -52.24 58.56
C LEU U 105 21.27 -53.25 59.18
N ALA U 106 20.79 -54.03 60.14
CA ALA U 106 21.63 -55.11 60.67
C ALA U 106 21.77 -56.25 59.68
N LYS U 107 20.65 -56.67 59.09
CA LYS U 107 20.59 -57.86 58.24
C LYS U 107 21.43 -57.71 56.98
N ARG U 108 21.45 -56.52 56.39
CA ARG U 108 22.09 -56.28 55.11
C ARG U 108 23.30 -55.36 55.23
N ARG U 109 23.99 -55.39 56.36
CA ARG U 109 25.09 -54.45 56.59
C ARG U 109 26.19 -54.61 55.55
N ASN U 110 26.62 -55.85 55.29
CA ASN U 110 27.69 -56.07 54.33
C ASN U 110 27.25 -55.64 52.93
N SER U 111 26.03 -56.00 52.54
CA SER U 111 25.54 -55.60 51.22
C SER U 111 25.49 -54.09 51.08
N ILE U 112 24.99 -53.41 52.11
CA ILE U 112 24.90 -51.95 52.08
C ILE U 112 26.28 -51.32 51.99
N LEU U 113 27.24 -51.85 52.74
CA LEU U 113 28.58 -51.25 52.76
C LEU U 113 29.39 -51.58 51.51
N ALA U 114 29.06 -52.67 50.82
CA ALA U 114 29.80 -53.06 49.64
C ALA U 114 29.14 -52.66 48.33
N GLY U 115 27.87 -52.27 48.35
CA GLY U 115 27.17 -51.95 47.11
C GLY U 115 26.93 -53.17 46.25
N ASN U 116 26.57 -54.29 46.87
CA ASN U 116 26.37 -55.56 46.16
C ASN U 116 25.16 -56.25 46.77
N LEU U 117 24.08 -56.35 45.99
CA LEU U 117 22.86 -56.99 46.47
C LEU U 117 23.02 -58.48 46.72
N LEU U 118 24.01 -59.11 46.11
CA LEU U 118 24.13 -60.56 46.14
C LEU U 118 24.75 -61.09 47.43
N LEU U 119 25.35 -60.23 48.25
CA LEU U 119 25.98 -60.71 49.48
C LEU U 119 24.91 -61.28 50.41
N PRO U 120 25.19 -62.39 51.07
CA PRO U 120 24.21 -62.96 52.01
C PRO U 120 24.00 -62.05 53.20
N ASP U 121 22.92 -62.31 53.93
CA ASP U 121 22.65 -61.58 55.15
C ASP U 121 23.84 -61.66 56.09
N ASN U 122 24.04 -60.60 56.87
CA ASN U 122 25.05 -60.62 57.91
C ASN U 122 24.70 -61.71 58.93
N PRO U 123 25.70 -62.44 59.46
CA PRO U 123 25.44 -63.43 60.50
C PRO U 123 24.95 -62.78 61.79
N ALA V 1 51.58 49.22 47.49
CA ALA V 1 51.20 50.62 47.53
C ALA V 1 49.79 50.82 47.03
N SER V 2 48.95 51.41 47.88
CA SER V 2 47.60 51.75 47.46
C SER V 2 47.65 52.66 46.24
N LEU V 3 46.86 52.33 45.22
CA LEU V 3 46.88 53.10 43.99
C LEU V 3 46.09 54.40 44.17
N PRO V 4 46.52 55.50 43.56
CA PRO V 4 45.74 56.74 43.63
C PRO V 4 44.54 56.68 42.70
N VAL V 5 43.40 57.15 43.20
CA VAL V 5 42.15 57.05 42.46
C VAL V 5 41.38 58.37 42.53
N THR V 6 40.59 58.61 41.49
CA THR V 6 39.59 59.67 41.50
C THR V 6 38.26 59.08 41.05
N GLN V 7 37.18 59.54 41.66
CA GLN V 7 35.86 59.00 41.35
C GLN V 7 35.44 59.41 39.95
N TYR V 8 35.27 58.42 39.07
CA TYR V 8 34.85 58.62 37.69
C TYR V 8 33.33 58.62 37.54
N SER V 9 32.67 57.54 37.93
CA SER V 9 31.21 57.50 37.96
C SER V 9 30.72 57.52 39.40
N PRO V 10 30.10 58.59 39.86
CA PRO V 10 29.78 58.71 41.29
C PRO V 10 28.54 57.89 41.64
N PRO V 11 28.30 57.63 42.92
CA PRO V 11 27.11 56.88 43.30
C PRO V 11 25.85 57.68 43.04
N VAL V 12 24.85 56.98 42.55
CA VAL V 12 23.59 57.58 42.12
C VAL V 12 22.46 57.22 43.08
N THR V 13 22.29 55.93 43.34
CA THR V 13 21.29 55.38 44.24
C THR V 13 21.99 54.42 45.20
N PRO V 14 21.34 54.09 46.32
CA PRO V 14 21.97 53.13 47.26
C PRO V 14 22.38 51.81 46.62
N LEU V 15 21.61 51.32 45.65
CA LEU V 15 21.99 50.15 44.89
C LEU V 15 22.55 50.55 43.53
N GLY V 16 23.39 49.70 42.96
CA GLY V 16 23.99 49.98 41.68
C GLY V 16 25.50 49.86 41.71
N LYS V 17 26.18 50.71 40.92
CA LYS V 17 27.62 50.67 40.77
C LYS V 17 28.21 52.06 40.93
N SER V 18 29.40 52.13 41.51
CA SER V 18 30.21 53.34 41.56
C SER V 18 31.62 52.96 41.13
N THR V 19 32.28 53.83 40.36
CA THR V 19 33.59 53.50 39.82
C THR V 19 34.59 54.62 40.06
N TRP V 20 35.79 54.23 40.44
CA TRP V 20 36.96 55.11 40.54
C TRP V 20 37.98 54.69 39.49
N ASN V 21 38.65 55.68 38.90
CA ASN V 21 39.74 55.44 37.97
C ASN V 21 41.08 55.66 38.67
N VAL V 22 42.04 54.81 38.35
CA VAL V 22 43.41 54.97 38.83
C VAL V 22 44.09 56.08 38.04
N THR V 23 44.60 57.08 38.74
CA THR V 23 45.19 58.24 38.08
C THR V 23 46.64 57.96 37.72
N GLY V 24 47.11 58.65 36.68
CA GLY V 24 48.50 58.54 36.25
C GLY V 24 48.83 57.31 35.44
N SER V 25 47.83 56.64 34.88
CA SER V 25 48.09 55.44 34.10
C SER V 25 48.59 55.81 32.71
N THR V 26 49.43 54.95 32.16
CA THR V 26 50.03 55.19 30.85
C THR V 26 49.30 54.50 29.71
N ASN V 27 48.49 53.48 30.01
CA ASN V 27 47.81 52.73 28.97
C ASN V 27 46.63 53.54 28.42
N PRO V 28 46.09 53.16 27.26
CA PRO V 28 44.97 53.92 26.67
C PRO V 28 43.80 54.02 27.62
N PRO V 29 42.91 55.01 27.42
CA PRO V 29 41.86 55.27 28.44
C PRO V 29 40.94 54.09 28.67
N GLY V 30 40.53 53.37 27.61
CA GLY V 30 39.68 52.21 27.79
C GLY V 30 40.29 51.13 28.65
N LEU V 31 41.62 51.19 28.87
CA LEU V 31 42.32 50.25 29.73
C LEU V 31 42.84 50.88 31.02
N VAL V 32 42.25 52.00 31.42
CA VAL V 32 42.62 52.61 32.70
C VAL V 32 42.21 51.69 33.84
N PRO V 33 43.10 51.38 34.78
CA PRO V 33 42.71 50.52 35.91
C PRO V 33 41.55 51.13 36.67
N GLN V 34 40.62 50.26 37.11
CA GLN V 34 39.39 50.72 37.73
C GLN V 34 39.14 50.00 39.06
N VAL V 35 38.43 50.69 39.94
CA VAL V 35 37.87 50.11 41.16
C VAL V 35 36.36 50.32 41.12
N VAL V 36 35.60 49.25 41.28
CA VAL V 36 34.15 49.28 41.15
C VAL V 36 33.54 48.76 42.44
N GLN V 37 32.68 49.56 43.06
CA GLN V 37 31.88 49.11 44.19
C GLN V 37 30.45 48.87 43.70
N THR V 38 29.90 47.71 44.08
CA THR V 38 28.58 47.28 43.65
C THR V 38 27.73 46.97 44.88
N GLU V 39 26.48 47.44 44.87
CA GLU V 39 25.52 47.08 45.91
C GLU V 39 24.26 46.57 45.22
N SER V 40 24.05 45.25 45.27
CA SER V 40 22.98 44.64 44.48
C SER V 40 22.08 43.76 45.36
N ILE V 41 20.80 43.71 45.01
CA ILE V 41 19.84 42.90 45.75
C ILE V 41 19.71 41.53 45.09
N ASN V 42 19.48 40.53 45.92
CA ASN V 42 19.23 39.18 45.43
C ASN V 42 17.86 39.11 44.77
N ALA V 43 17.65 38.04 43.99
CA ALA V 43 16.36 37.84 43.34
C ALA V 43 15.24 37.73 44.37
N ARG V 44 15.39 36.84 45.35
CA ARG V 44 14.41 36.70 46.41
C ARG V 44 14.48 37.83 47.44
N LYS V 45 15.36 38.81 47.25
CA LYS V 45 15.51 39.95 48.15
C LYS V 45 15.87 39.50 49.56
N SER V 46 16.60 38.39 49.68
CA SER V 46 17.07 37.94 50.98
C SER V 46 18.42 38.55 51.35
N ASN V 47 19.30 38.75 50.38
CA ASN V 47 20.62 39.30 50.63
C ASN V 47 20.84 40.56 49.81
N ILE V 48 21.64 41.47 50.36
CA ILE V 48 22.29 42.51 49.58
C ILE V 48 23.76 42.15 49.49
N MET V 49 24.28 42.09 48.28
CA MET V 49 25.69 41.82 48.03
C MET V 49 26.43 43.14 47.93
N SER V 50 27.42 43.32 48.81
CA SER V 50 28.36 44.44 48.73
C SER V 50 29.65 43.92 48.12
N LYS V 51 30.05 44.48 46.98
CA LYS V 51 31.21 44.01 46.25
C LYS V 51 32.19 45.14 45.98
N ILE V 52 33.48 44.82 46.03
CA ILE V 52 34.55 45.70 45.56
C ILE V 52 35.39 44.91 44.56
N SER V 53 35.72 45.54 43.44
CA SER V 53 36.46 44.88 42.38
C SER V 53 37.55 45.81 41.87
N VAL V 54 38.78 45.32 41.84
CA VAL V 54 39.92 46.06 41.30
C VAL V 54 40.37 45.35 40.04
N TYR V 55 40.24 46.03 38.90
CA TYR V 55 40.71 45.54 37.61
C TYR V 55 41.91 46.38 37.21
N TYR V 56 43.09 45.75 37.17
CA TYR V 56 44.31 46.43 36.74
C TYR V 56 44.76 45.79 35.43
N TYR V 57 44.68 46.55 34.34
CA TYR V 57 45.03 46.06 33.02
C TYR V 57 46.52 46.30 32.77
N ILE V 58 47.25 45.23 32.52
CA ILE V 58 48.71 45.29 32.40
C ILE V 58 49.13 44.58 31.12
N PRO V 59 50.05 45.17 30.35
CA PRO V 59 50.48 44.51 29.10
C PRO V 59 51.29 43.27 29.38
N SER V 60 51.16 42.29 28.48
CA SER V 60 51.83 41.01 28.66
C SER V 60 53.33 41.10 28.55
N THR V 61 53.86 42.18 27.96
CA THR V 61 55.28 42.37 27.80
C THR V 61 55.70 43.71 28.39
N ASN V 62 57.00 43.86 28.63
CA ASN V 62 57.50 45.09 29.23
C ASN V 62 57.46 46.26 28.25
N SER V 63 57.61 46.00 26.96
CA SER V 63 57.60 47.03 25.94
C SER V 63 56.50 46.76 24.93
N VAL V 64 56.27 47.74 24.05
CA VAL V 64 55.24 47.60 23.04
C VAL V 64 55.72 46.66 21.94
N SER V 65 54.88 45.69 21.58
CA SER V 65 55.20 44.77 20.51
C SER V 65 53.90 44.35 19.82
N CYS V 66 54.05 43.62 18.72
CA CYS V 66 52.87 43.23 17.95
C CYS V 66 52.08 42.11 18.62
N CYS V 67 52.76 41.25 19.38
CA CYS V 67 52.10 40.19 20.14
C CYS V 67 51.70 40.63 21.54
N THR V 68 51.79 41.93 21.83
CA THR V 68 51.44 42.44 23.15
C THR V 68 49.96 42.25 23.41
N GLU V 69 49.63 41.41 24.39
CA GLU V 69 48.27 41.24 24.86
C GLU V 69 48.08 42.01 26.16
N TRP V 70 46.83 42.03 26.63
CA TRP V 70 46.48 42.75 27.84
C TRP V 70 45.93 41.77 28.87
N ASP V 71 46.75 41.46 29.87
CA ASP V 71 46.28 40.65 30.99
C ASP V 71 45.59 41.55 32.01
N THR V 72 44.76 40.92 32.84
CA THR V 72 44.03 41.64 33.88
C THR V 72 44.36 41.03 35.23
N ILE V 73 44.89 41.86 36.12
CA ILE V 73 45.02 41.50 37.53
C ILE V 73 43.67 41.85 38.19
N ARG V 74 42.95 40.83 38.63
CA ARG V 74 41.62 41.00 39.21
C ARG V 74 41.67 40.68 40.70
N CYS V 75 41.11 41.57 41.50
CA CYS V 75 40.94 41.36 42.93
C CYS V 75 39.50 41.64 43.31
N GLU V 76 38.80 40.61 43.81
CA GLU V 76 37.37 40.68 44.09
C GLU V 76 37.11 40.49 45.58
N PHE V 77 36.07 41.17 46.05
CA PHE V 77 35.59 41.06 47.42
C PHE V 77 34.07 41.15 47.41
N SER V 78 33.43 40.30 48.21
CA SER V 78 31.99 40.31 48.34
C SER V 78 31.60 40.02 49.78
N LEU V 79 30.48 40.59 50.20
CA LEU V 79 29.94 40.41 51.55
C LEU V 79 28.43 40.36 51.48
N THR V 80 27.84 39.40 52.19
CA THR V 80 26.38 39.23 52.21
C THR V 80 25.78 39.94 53.41
N LEU V 81 24.86 40.87 53.14
CA LEU V 81 24.09 41.56 54.17
C LEU V 81 22.68 40.95 54.19
N LEU V 82 22.39 40.17 55.22
CA LEU V 82 21.07 39.54 55.34
C LEU V 82 20.00 40.61 55.55
N GLN V 83 18.91 40.52 54.78
CA GLN V 83 17.88 41.54 54.79
C GLN V 83 16.58 41.08 55.44
N LEU V 84 16.39 39.79 55.68
CA LEU V 84 15.11 39.28 56.17
C LEU V 84 15.30 38.41 57.41
N SER V 85 16.38 38.62 58.16
CA SER V 85 16.64 37.84 59.36
C SER V 85 16.10 38.56 60.58
N SER V 86 15.44 37.81 61.46
CA SER V 86 14.96 38.34 62.73
C SER V 86 16.02 38.31 63.82
N ASN V 87 17.17 37.70 63.57
CA ASN V 87 18.24 37.63 64.55
C ASN V 87 18.93 38.99 64.65
N THR V 88 18.95 39.57 65.85
CA THR V 88 19.57 40.88 66.04
C THR V 88 21.09 40.81 66.05
N ASP V 89 21.69 39.62 66.06
CA ASP V 89 23.14 39.50 66.01
C ASP V 89 23.70 39.75 64.61
N VAL V 90 22.84 39.90 63.60
CA VAL V 90 23.31 39.92 62.21
C VAL V 90 24.28 41.06 61.98
N ALA V 91 23.99 42.25 62.52
CA ALA V 91 24.85 43.40 62.26
C ALA V 91 26.22 43.22 62.88
N ALA V 92 26.27 42.91 64.17
CA ALA V 92 27.55 42.72 64.84
C ALA V 92 28.33 41.57 64.22
N ARG V 93 27.65 40.50 63.81
CA ARG V 93 28.36 39.37 63.23
C ARG V 93 28.86 39.67 61.82
N THR V 94 28.13 40.45 61.03
CA THR V 94 28.66 40.89 59.75
C THR V 94 29.90 41.77 59.95
N VAL V 95 29.86 42.63 60.97
CA VAL V 95 31.06 43.41 61.29
C VAL V 95 32.21 42.49 61.65
N ASP V 96 31.94 41.48 62.49
CA ASP V 96 32.99 40.54 62.88
C ASP V 96 33.54 39.79 61.68
N VAL V 97 32.68 39.43 60.74
CA VAL V 97 33.11 38.71 59.54
C VAL V 97 34.01 39.59 58.69
N LEU V 98 33.62 40.84 58.49
CA LEU V 98 34.47 41.77 57.73
C LEU V 98 35.82 41.96 58.40
N ASP V 99 35.82 42.08 59.73
CA ASP V 99 37.08 42.24 60.44
C ASP V 99 37.94 40.99 60.34
N THR V 100 37.32 39.81 60.37
CA THR V 100 38.07 38.57 60.17
C THR V 100 38.68 38.53 58.78
N MET V 101 37.94 39.01 57.77
CA MET V 101 38.46 39.08 56.42
C MET V 101 39.71 39.96 56.36
N ILE V 102 39.63 41.15 56.95
CA ILE V 102 40.78 42.06 56.93
C ILE V 102 41.95 41.46 57.70
N SER V 103 41.67 40.85 58.86
CA SER V 103 42.73 40.22 59.64
C SER V 103 43.41 39.12 58.86
N PHE V 104 42.64 38.33 58.09
CA PHE V 104 43.25 37.26 57.31
C PHE V 104 44.03 37.79 56.13
N LEU V 105 43.57 38.88 55.52
CA LEU V 105 44.36 39.52 54.47
C LEU V 105 45.71 39.98 55.01
N ALA V 106 45.74 40.42 56.27
CA ALA V 106 47.02 40.76 56.89
C ALA V 106 47.81 39.49 57.21
N LYS V 107 47.15 38.51 57.81
CA LYS V 107 47.81 37.32 58.34
C LYS V 107 48.46 36.49 57.24
N ARG V 108 47.80 36.39 56.08
CA ARG V 108 48.24 35.50 55.01
C ARG V 108 48.70 36.28 53.78
N ARG V 109 49.26 37.47 53.97
CA ARG V 109 49.60 38.32 52.83
C ARG V 109 50.64 37.64 51.93
N ASN V 110 51.70 37.09 52.52
CA ASN V 110 52.72 36.45 51.71
C ASN V 110 52.17 35.23 50.97
N SER V 111 51.38 34.41 51.67
CA SER V 111 50.79 33.24 51.03
C SER V 111 49.89 33.64 49.87
N ILE V 112 49.06 34.67 50.08
CA ILE V 112 48.16 35.14 49.04
C ILE V 112 48.93 35.65 47.84
N LEU V 113 50.01 36.41 48.09
CA LEU V 113 50.76 37.01 47.00
C LEU V 113 51.63 36.00 46.27
N ALA V 114 52.02 34.91 46.92
CA ALA V 114 52.89 33.92 46.32
C ALA V 114 52.15 32.71 45.76
N GLY V 115 50.89 32.52 46.11
CA GLY V 115 50.17 31.34 45.65
C GLY V 115 50.70 30.07 46.29
N ASN V 116 51.02 30.11 47.58
CA ASN V 116 51.61 28.98 48.30
C ASN V 116 50.98 28.94 49.69
N LEU V 117 50.19 27.90 49.95
CA LEU V 117 49.53 27.76 51.25
C LEU V 117 50.50 27.51 52.38
N LEU V 118 51.70 27.01 52.07
CA LEU V 118 52.62 26.56 53.12
C LEU V 118 53.39 27.70 53.78
N LEU V 119 53.38 28.90 53.21
CA LEU V 119 54.12 30.00 53.80
C LEU V 119 53.55 30.33 55.18
N PRO V 120 54.39 30.60 56.17
CA PRO V 120 53.89 30.95 57.50
C PRO V 120 53.15 32.29 57.45
N ASP V 121 52.40 32.54 58.53
CA ASP V 121 51.73 33.81 58.67
C ASP V 121 52.72 34.97 58.57
N ASN V 122 52.25 36.08 58.02
CA ASN V 122 53.06 37.28 58.01
C ASN V 122 53.36 37.72 59.45
N PRO V 123 54.58 38.20 59.72
CA PRO V 123 54.90 38.71 61.06
C PRO V 123 54.09 39.95 61.41
N ALA W 1 50.74 -62.25 30.96
CA ALA W 1 50.16 -63.03 32.05
C ALA W 1 48.66 -62.80 32.14
N SER W 2 47.89 -63.89 32.03
CA SER W 2 46.45 -63.81 32.22
C SER W 2 46.15 -63.22 33.60
N LEU W 3 45.26 -62.23 33.63
CA LEU W 3 44.95 -61.58 34.90
C LEU W 3 43.99 -62.44 35.73
N PRO W 4 44.15 -62.46 37.05
CA PRO W 4 43.20 -63.21 37.89
C PRO W 4 41.88 -62.47 38.02
N VAL W 5 40.79 -63.22 37.92
CA VAL W 5 39.45 -62.63 37.92
C VAL W 5 38.52 -63.41 38.83
N THR W 6 37.52 -62.70 39.37
CA THR W 6 36.39 -63.32 40.03
C THR W 6 35.11 -62.73 39.46
N GLN W 7 34.09 -63.57 39.30
CA GLN W 7 32.84 -63.11 38.69
C GLN W 7 32.13 -62.15 39.63
N TYR W 8 31.97 -60.90 39.18
CA TYR W 8 31.29 -59.85 39.94
C TYR W 8 29.79 -59.84 39.67
N SER W 9 29.38 -59.66 38.42
CA SER W 9 27.98 -59.77 38.05
C SER W 9 27.74 -61.04 37.24
N PRO W 10 27.05 -62.03 37.79
CA PRO W 10 26.96 -63.33 37.13
C PRO W 10 25.96 -63.31 36.00
N PRO W 11 25.99 -64.29 35.09
CA PRO W 11 25.02 -64.31 34.01
C PRO W 11 23.61 -64.58 34.53
N VAL W 12 22.66 -63.88 33.95
CA VAL W 12 21.27 -63.90 34.38
C VAL W 12 20.40 -64.62 33.36
N THR W 13 20.48 -64.20 32.11
CA THR W 13 19.76 -64.76 30.99
C THR W 13 20.74 -65.04 29.87
N PRO W 14 20.37 -65.88 28.89
CA PRO W 14 21.29 -66.14 27.77
C PRO W 14 21.78 -64.89 27.07
N LEU W 15 20.94 -63.87 26.94
CA LEU W 15 21.36 -62.58 26.40
C LEU W 15 21.60 -61.60 27.54
N GLY W 16 22.46 -60.61 27.27
CA GLY W 16 22.78 -59.62 28.27
C GLY W 16 24.26 -59.46 28.49
N LYS W 17 24.66 -59.19 29.74
CA LYS W 17 26.04 -58.93 30.11
C LYS W 17 26.42 -59.74 31.34
N SER W 18 27.67 -60.18 31.38
CA SER W 18 28.27 -60.79 32.56
C SER W 18 29.63 -60.13 32.76
N THR W 19 30.00 -59.86 34.02
CA THR W 19 31.24 -59.14 34.29
C THR W 19 32.06 -59.86 35.35
N TRP W 20 33.37 -59.90 35.11
CA TRP W 20 34.38 -60.35 36.05
C TRP W 20 35.25 -59.16 36.45
N ASN W 21 35.65 -59.12 37.71
CA ASN W 21 36.59 -58.12 38.20
C ASN W 21 37.97 -58.74 38.36
N VAL W 22 39.00 -57.96 38.01
CA VAL W 22 40.37 -58.37 38.21
C VAL W 22 40.72 -58.20 39.68
N THR W 23 41.18 -59.27 40.30
CA THR W 23 41.46 -59.26 41.73
C THR W 23 42.86 -58.71 42.00
N GLY W 24 43.03 -58.13 43.19
CA GLY W 24 44.32 -57.62 43.62
C GLY W 24 44.69 -56.27 43.05
N SER W 25 43.72 -55.51 42.53
CA SER W 25 44.03 -54.22 41.96
C SER W 25 44.23 -53.19 43.06
N THR W 26 45.08 -52.20 42.78
CA THR W 26 45.39 -51.17 43.76
C THR W 26 44.60 -49.88 43.56
N ASN W 27 44.02 -49.68 42.38
CA ASN W 27 43.29 -48.45 42.09
C ASN W 27 41.93 -48.48 42.78
N PRO W 28 41.26 -47.34 42.90
CA PRO W 28 39.95 -47.30 43.59
C PRO W 28 38.96 -48.25 42.95
N PRO W 29 37.90 -48.65 43.68
CA PRO W 29 37.02 -49.72 43.17
C PRO W 29 36.35 -49.38 41.86
N GLY W 30 35.88 -48.14 41.68
CA GLY W 30 35.27 -47.76 40.42
C GLY W 30 36.19 -47.89 39.22
N LEU W 31 37.49 -48.03 39.46
CA LEU W 31 38.48 -48.22 38.41
C LEU W 31 39.10 -49.61 38.43
N VAL W 32 38.43 -50.57 39.05
CA VAL W 32 38.92 -51.96 39.02
C VAL W 32 38.86 -52.49 37.60
N PRO W 33 39.93 -53.07 37.08
CA PRO W 33 39.89 -53.63 35.72
C PRO W 33 38.79 -54.68 35.60
N GLN W 34 38.11 -54.67 34.45
CA GLN W 34 36.95 -55.52 34.25
C GLN W 34 37.05 -56.30 32.95
N VAL W 35 36.40 -57.47 32.94
CA VAL W 35 36.16 -58.25 31.74
C VAL W 35 34.65 -58.44 31.60
N VAL W 36 34.11 -58.08 30.44
CA VAL W 36 32.67 -58.09 30.20
C VAL W 36 32.39 -58.98 29.00
N GLN W 37 31.53 -59.97 29.19
CA GLN W 37 31.01 -60.77 28.08
C GLN W 37 29.59 -60.33 27.79
N THR W 38 29.30 -60.08 26.51
CA THR W 38 28.00 -59.59 26.05
C THR W 38 27.44 -60.54 25.02
N GLU W 39 26.15 -60.86 25.13
CA GLU W 39 25.45 -61.64 24.11
C GLU W 39 24.19 -60.87 23.73
N SER W 40 24.20 -60.27 22.54
CA SER W 40 23.12 -59.36 22.17
C SER W 40 22.53 -59.72 20.81
N ILE W 41 21.24 -59.47 20.64
CA ILE W 41 20.56 -59.76 19.38
C ILE W 41 20.54 -58.51 18.52
N ASN W 42 20.61 -58.73 17.21
CA ASN W 42 20.50 -57.63 16.26
C ASN W 42 19.06 -57.13 16.22
N ALA W 43 18.89 -55.94 15.65
CA ALA W 43 17.55 -55.36 15.51
C ALA W 43 16.66 -56.27 14.67
N ARG W 44 17.13 -56.64 13.47
CA ARG W 44 16.37 -57.55 12.62
C ARG W 44 16.44 -59.00 13.09
N LYS W 45 17.10 -59.27 14.20
CA LYS W 45 17.22 -60.62 14.75
C LYS W 45 17.89 -61.57 13.77
N SER W 46 18.80 -61.05 12.94
CA SER W 46 19.55 -61.90 12.03
C SER W 46 20.83 -62.44 12.67
N ASN W 47 21.49 -61.65 13.51
CA ASN W 47 22.74 -62.04 14.14
C ASN W 47 22.61 -61.97 15.65
N ILE W 48 23.34 -62.86 16.34
CA ILE W 48 23.67 -62.68 17.74
C ILE W 48 25.15 -62.31 17.81
N MET W 49 25.44 -61.20 18.46
CA MET W 49 26.81 -60.76 18.67
C MET W 49 27.31 -61.30 20.00
N SER W 50 28.40 -62.07 19.95
CA SER W 50 29.12 -62.51 21.14
C SER W 50 30.36 -61.62 21.28
N LYS W 51 30.45 -60.92 22.40
CA LYS W 51 31.53 -59.96 22.62
C LYS W 51 32.25 -60.24 23.93
N ILE W 52 33.56 -60.02 23.92
CA ILE W 52 34.38 -60.00 25.12
C ILE W 52 35.15 -58.69 25.13
N SER W 53 35.18 -58.02 26.29
CA SER W 53 35.83 -56.72 26.41
C SER W 53 36.65 -56.69 27.68
N VAL W 54 37.91 -56.31 27.56
CA VAL W 54 38.81 -56.16 28.70
C VAL W 54 39.14 -54.68 28.81
N TYR W 55 38.71 -54.08 29.92
CA TYR W 55 39.02 -52.68 30.24
C TYR W 55 39.99 -52.68 31.41
N TYR W 56 41.22 -52.25 31.16
CA TYR W 56 42.23 -52.13 32.22
C TYR W 56 42.54 -50.65 32.41
N TYR W 57 42.15 -50.12 33.57
CA TYR W 57 42.35 -48.71 33.87
C TYR W 57 43.70 -48.52 34.52
N ILE W 58 44.54 -47.69 33.91
CA ILE W 58 45.93 -47.53 34.34
C ILE W 58 46.22 -46.03 34.47
N PRO W 59 46.89 -45.60 35.54
CA PRO W 59 47.20 -44.18 35.69
C PRO W 59 48.23 -43.72 34.68
N SER W 60 48.11 -42.45 34.27
CA SER W 60 48.98 -41.90 33.24
C SER W 60 50.41 -41.76 33.71
N THR W 61 50.65 -41.76 35.03
CA THR W 61 51.99 -41.63 35.59
C THR W 61 52.28 -42.80 36.52
N ASN W 62 53.56 -42.98 36.82
CA ASN W 62 53.97 -44.08 37.68
C ASN W 62 53.56 -43.85 39.13
N SER W 63 53.53 -42.59 39.57
CA SER W 63 53.18 -42.26 40.95
C SER W 63 51.98 -41.32 40.95
N VAL W 64 51.45 -41.10 42.16
CA VAL W 64 50.28 -40.23 42.30
C VAL W 64 50.71 -38.77 42.16
N SER W 65 49.98 -38.03 41.34
CA SER W 65 50.25 -36.61 41.14
C SER W 65 48.93 -35.91 40.83
N CYS W 66 49.01 -34.58 40.77
CA CYS W 66 47.78 -33.80 40.57
C CYS W 66 47.31 -33.85 39.12
N CYS W 67 48.24 -34.02 38.17
CA CYS W 67 47.90 -34.17 36.76
C CYS W 67 47.68 -35.63 36.36
N THR W 68 47.61 -36.53 37.33
CA THR W 68 47.43 -37.95 37.04
C THR W 68 46.06 -38.19 36.43
N GLU W 69 46.05 -38.62 35.17
CA GLU W 69 44.83 -39.03 34.48
C GLU W 69 44.74 -40.54 34.46
N TRP W 70 43.61 -41.05 33.98
CA TRP W 70 43.36 -42.49 33.92
C TRP W 70 43.17 -42.89 32.46
N ASP W 71 44.18 -43.54 31.90
CA ASP W 71 44.05 -44.11 30.58
C ASP W 71 43.41 -45.49 30.67
N THR W 72 42.86 -45.95 29.56
CA THR W 72 42.20 -47.25 29.49
C THR W 72 42.86 -48.08 28.40
N ILE W 73 43.41 -49.24 28.78
CA ILE W 73 43.82 -50.25 27.83
C ILE W 73 42.59 -51.08 27.50
N ARG W 74 42.11 -50.98 26.27
CA ARG W 74 40.90 -51.66 25.82
C ARG W 74 41.26 -52.76 24.84
N CYS W 75 40.70 -53.95 25.08
CA CYS W 75 40.83 -55.07 24.17
C CYS W 75 39.44 -55.65 23.89
N GLU W 76 39.02 -55.60 22.64
CA GLU W 76 37.67 -55.97 22.23
C GLU W 76 37.70 -57.17 21.30
N PHE W 77 36.67 -58.00 21.41
CA PHE W 77 36.45 -59.16 20.55
C PHE W 77 34.96 -59.29 20.28
N SER W 78 34.61 -59.58 19.04
CA SER W 78 33.22 -59.80 18.66
C SER W 78 33.15 -60.92 17.63
N LEU W 79 32.04 -61.65 17.65
CA LEU W 79 31.79 -62.75 16.72
C LEU W 79 30.30 -62.77 16.37
N THR W 80 30.00 -62.93 15.08
CA THR W 80 28.63 -62.96 14.61
C THR W 80 28.13 -64.39 14.48
N LEU W 81 27.04 -64.71 15.20
CA LEU W 81 26.36 -65.99 15.09
C LEU W 81 25.10 -65.79 14.26
N LEU W 82 25.11 -66.30 13.04
CA LEU W 82 23.95 -66.17 12.16
C LEU W 82 22.79 -66.97 12.72
N GLN W 83 21.61 -66.34 12.78
CA GLN W 83 20.44 -66.95 13.40
C GLN W 83 19.36 -67.37 12.41
N LEU W 84 19.43 -66.92 11.15
CA LEU W 84 18.35 -67.17 10.21
C LEU W 84 18.88 -67.77 8.91
N SER W 85 20.03 -68.44 8.96
CA SER W 85 20.61 -69.05 7.78
C SER W 85 20.19 -70.51 7.68
N SER W 86 19.82 -70.93 6.47
CA SER W 86 19.49 -72.32 6.19
C SER W 86 20.71 -73.16 5.87
N ASN W 87 21.88 -72.55 5.72
CA ASN W 87 23.10 -73.29 5.44
C ASN W 87 23.57 -74.01 6.69
N THR W 88 23.72 -75.33 6.60
CA THR W 88 24.15 -76.13 7.74
C THR W 88 25.63 -76.00 8.03
N ASP W 89 26.41 -75.35 7.15
CA ASP W 89 27.82 -75.13 7.40
C ASP W 89 28.08 -74.04 8.42
N VAL W 90 27.05 -73.30 8.84
CA VAL W 90 27.26 -72.09 9.63
C VAL W 90 27.99 -72.41 10.93
N ALA W 91 27.61 -73.50 11.61
CA ALA W 91 28.21 -73.80 12.90
C ALA W 91 29.70 -74.15 12.75
N ALA W 92 30.02 -75.09 11.86
CA ALA W 92 31.41 -75.48 11.66
C ALA W 92 32.24 -74.30 11.17
N ARG W 93 31.67 -73.45 10.32
CA ARG W 93 32.44 -72.33 9.80
C ARG W 93 32.63 -71.24 10.84
N THR W 94 31.66 -71.02 11.73
CA THR W 94 31.88 -70.10 12.86
C THR W 94 32.98 -70.64 13.76
N VAL W 95 33.00 -71.94 13.99
CA VAL W 95 34.09 -72.55 14.77
C VAL W 95 35.42 -72.30 14.07
N ASP W 96 35.46 -72.51 12.75
CA ASP W 96 36.69 -72.30 12.00
C ASP W 96 37.14 -70.85 12.07
N VAL W 97 36.18 -69.91 12.03
CA VAL W 97 36.52 -68.50 12.09
C VAL W 97 37.11 -68.15 13.46
N LEU W 98 36.49 -68.65 14.53
CA LEU W 98 37.04 -68.41 15.86
C LEU W 98 38.45 -68.98 16.01
N ASP W 99 38.66 -70.19 15.46
CA ASP W 99 39.98 -70.80 15.53
C ASP W 99 40.99 -70.01 14.71
N THR W 100 40.58 -69.47 13.57
CA THR W 100 41.47 -68.61 12.78
C THR W 100 41.83 -67.36 13.56
N MET W 101 40.86 -66.80 14.29
CA MET W 101 41.12 -65.64 15.13
C MET W 101 42.19 -65.94 16.18
N ILE W 102 42.03 -67.07 16.88
CA ILE W 102 43.00 -67.44 17.91
C ILE W 102 44.36 -67.71 17.30
N SER W 103 44.39 -68.40 16.16
CA SER W 103 45.64 -68.68 15.47
C SER W 103 46.35 -67.40 15.07
N PHE W 104 45.59 -66.40 14.62
CA PHE W 104 46.21 -65.14 14.22
C PHE W 104 46.69 -64.33 15.42
N LEU W 105 45.96 -64.40 16.54
CA LEU W 105 46.45 -63.77 17.77
C LEU W 105 47.78 -64.38 18.19
N ALA W 106 47.95 -65.68 17.96
CA ALA W 106 49.26 -66.29 18.23
C ALA W 106 50.28 -65.87 17.18
N LYS W 107 49.90 -65.92 15.91
CA LYS W 107 50.82 -65.72 14.79
C LYS W 107 51.38 -64.31 14.76
N ARG W 108 50.56 -63.32 15.09
CA ARG W 108 50.94 -61.91 14.98
C ARG W 108 51.05 -61.22 16.33
N ARG W 109 51.44 -61.96 17.37
CA ARG W 109 51.45 -61.38 18.72
C ARG W 109 52.40 -60.19 18.81
N ASN W 110 53.63 -60.35 18.30
CA ASN W 110 54.58 -59.24 18.39
C ASN W 110 54.10 -58.04 17.59
N SER W 111 53.58 -58.26 16.38
CA SER W 111 53.09 -57.17 15.57
C SER W 111 51.94 -56.44 16.26
N ILE W 112 51.02 -57.20 16.86
CA ILE W 112 49.88 -56.62 17.55
C ILE W 112 50.34 -55.79 18.74
N LEU W 113 51.32 -56.32 19.50
CA LEU W 113 51.76 -55.64 20.72
C LEU W 113 52.65 -54.44 20.41
N ALA W 114 53.30 -54.41 19.25
CA ALA W 114 54.19 -53.32 18.92
C ALA W 114 53.57 -52.29 17.99
N GLY W 115 52.43 -52.58 17.38
CA GLY W 115 51.85 -51.64 16.44
C GLY W 115 52.67 -51.49 15.18
N ASN W 116 53.20 -52.60 14.66
CA ASN W 116 54.06 -52.59 13.48
C ASN W 116 53.72 -53.79 12.63
N LEU W 117 53.14 -53.55 11.45
CA LEU W 117 52.75 -54.64 10.55
C LEU W 117 53.94 -55.41 10.00
N LEU W 118 55.13 -54.81 10.00
CA LEU W 118 56.28 -55.40 9.32
C LEU W 118 56.96 -56.49 10.14
N LEU W 119 56.65 -56.63 11.42
CA LEU W 119 57.32 -57.63 12.22
C LEU W 119 56.94 -59.03 11.71
N PRO W 120 57.90 -59.96 11.64
CA PRO W 120 57.58 -61.31 11.18
C PRO W 120 56.65 -62.02 12.16
N ASP W 121 56.06 -63.11 11.69
CA ASP W 121 55.22 -63.94 12.55
C ASP W 121 56.00 -64.36 13.79
N ASN W 122 55.27 -64.51 14.89
CA ASN W 122 55.88 -65.05 16.09
C ASN W 122 56.35 -66.48 15.83
N PRO W 123 57.50 -66.88 16.38
CA PRO W 123 57.97 -68.26 16.23
C PRO W 123 57.05 -69.25 16.92
N ALA X 1 64.54 7.69 -56.54
CA ALA X 1 64.29 7.08 -57.84
C ALA X 1 62.81 6.79 -58.04
N SER X 2 62.24 7.36 -59.09
CA SER X 2 60.86 7.05 -59.45
C SER X 2 60.70 5.56 -59.65
N LEU X 3 59.69 4.98 -59.03
CA LEU X 3 59.48 3.54 -59.11
C LEU X 3 58.85 3.18 -60.46
N PRO X 4 59.21 2.05 -61.05
CA PRO X 4 58.58 1.62 -62.30
C PRO X 4 57.19 1.05 -62.04
N VAL X 5 56.24 1.43 -62.89
CA VAL X 5 54.84 1.05 -62.68
C VAL X 5 54.22 0.58 -63.99
N THR X 6 53.23 -0.30 -63.87
CA THR X 6 52.35 -0.65 -64.96
C THR X 6 50.91 -0.54 -64.48
N GLN X 7 50.04 -0.06 -65.36
CA GLN X 7 48.65 0.16 -64.98
C GLN X 7 47.95 -1.18 -64.75
N TYR X 8 47.50 -1.40 -63.52
CA TYR X 8 46.80 -2.62 -63.13
C TYR X 8 45.29 -2.49 -63.33
N SER X 9 44.65 -1.52 -62.70
CA SER X 9 43.24 -1.25 -62.95
C SER X 9 43.09 0.06 -63.72
N PRO X 10 42.68 0.03 -64.98
CA PRO X 10 42.71 1.23 -65.81
C PRO X 10 41.53 2.13 -65.49
N PRO X 11 41.58 3.40 -65.91
CA PRO X 11 40.44 4.29 -65.66
C PRO X 11 39.22 3.87 -66.45
N VAL X 12 38.08 3.96 -65.80
CA VAL X 12 36.81 3.51 -66.34
C VAL X 12 35.91 4.69 -66.68
N THR X 13 35.70 5.58 -65.73
CA THR X 13 34.90 6.78 -65.85
C THR X 13 35.71 7.96 -65.35
N PRO X 14 35.33 9.19 -65.70
CA PRO X 14 36.06 10.36 -65.20
C PRO X 14 36.22 10.40 -63.69
N LEU X 15 35.21 9.94 -62.94
CA LEU X 15 35.31 9.81 -61.51
C LEU X 15 35.56 8.36 -61.13
N GLY X 16 36.18 8.18 -59.96
CA GLY X 16 36.50 6.83 -59.50
C GLY X 16 37.95 6.67 -59.12
N LYS X 17 38.50 5.48 -59.37
CA LYS X 17 39.87 5.12 -59.01
C LYS X 17 40.57 4.47 -60.18
N SER X 18 41.87 4.75 -60.29
CA SER X 18 42.76 4.06 -61.21
C SER X 18 44.00 3.65 -60.43
N THR X 19 44.54 2.45 -60.70
CA THR X 19 45.66 1.94 -59.92
C THR X 19 46.77 1.43 -60.83
N TRP X 20 48.00 1.75 -60.46
CA TRP X 20 49.22 1.22 -61.04
C TRP X 20 49.92 0.35 -60.00
N ASN X 21 50.52 -0.74 -60.46
CA ASN X 21 51.34 -1.59 -59.62
C ASN X 21 52.82 -1.33 -59.90
N VAL X 22 53.62 -1.34 -58.83
CA VAL X 22 55.07 -1.22 -58.95
C VAL X 22 55.63 -2.56 -59.41
N THR X 23 56.37 -2.54 -60.51
CA THR X 23 56.88 -3.77 -61.10
C THR X 23 58.18 -4.18 -60.42
N GLY X 24 58.45 -5.49 -60.44
CA GLY X 24 59.69 -6.02 -59.90
C GLY X 24 59.73 -6.16 -58.40
N SER X 25 58.57 -6.14 -57.74
CA SER X 25 58.56 -6.25 -56.29
C SER X 25 58.76 -7.70 -55.87
N THR X 26 59.37 -7.88 -54.70
CA THR X 26 59.66 -9.22 -54.20
C THR X 26 58.65 -9.73 -53.19
N ASN X 27 57.84 -8.84 -52.60
CA ASN X 27 56.88 -9.24 -51.59
C ASN X 27 55.68 -9.92 -52.25
N PRO X 28 54.86 -10.62 -51.47
CA PRO X 28 53.70 -11.32 -52.07
C PRO X 28 52.79 -10.37 -52.81
N PRO X 29 51.96 -10.89 -53.73
CA PRO X 29 51.20 -9.99 -54.61
C PRO X 29 50.26 -9.05 -53.88
N GLY X 30 49.57 -9.54 -52.84
CA GLY X 30 48.69 -8.67 -52.07
C GLY X 30 49.40 -7.50 -51.43
N LEU X 31 50.73 -7.55 -51.35
CA LEU X 31 51.54 -6.47 -50.80
C LEU X 31 52.38 -5.78 -51.85
N VAL X 32 51.99 -5.88 -53.13
CA VAL X 32 52.71 -5.16 -54.18
C VAL X 32 52.49 -3.66 -53.99
N PRO X 33 53.55 -2.84 -54.00
CA PRO X 33 53.36 -1.40 -53.86
C PRO X 33 52.45 -0.86 -54.95
N GLN X 34 51.60 0.09 -54.58
CA GLN X 34 50.58 0.61 -55.48
C GLN X 34 50.59 2.12 -55.53
N VAL X 35 50.16 2.65 -56.66
CA VAL X 35 49.84 4.07 -56.83
C VAL X 35 48.39 4.18 -57.28
N VAL X 36 47.61 4.97 -56.57
CA VAL X 36 46.17 5.09 -56.80
C VAL X 36 45.85 6.55 -57.06
N GLN X 37 45.21 6.81 -58.20
CA GLN X 37 44.65 8.12 -58.49
C GLN X 37 43.13 8.07 -58.31
N THR X 38 42.61 9.04 -57.59
CA THR X 38 41.18 9.11 -57.25
C THR X 38 40.63 10.44 -57.72
N GLU X 39 39.45 10.41 -58.34
CA GLU X 39 38.72 11.63 -58.69
C GLU X 39 37.31 11.50 -58.14
N SER X 40 37.00 12.24 -57.08
CA SER X 40 35.74 12.04 -56.39
C SER X 40 35.00 13.36 -56.19
N ILE X 41 33.67 13.30 -56.21
CA ILE X 41 32.85 14.49 -56.03
C ILE X 41 32.47 14.62 -54.57
N ASN X 42 32.35 15.87 -54.13
CA ASN X 42 31.89 16.16 -52.78
C ASN X 42 30.40 15.85 -52.66
N ALA X 43 29.93 15.76 -51.41
CA ALA X 43 28.52 15.50 -51.17
C ALA X 43 27.66 16.62 -51.76
N ARG X 44 27.98 17.87 -51.41
CA ARG X 44 27.24 19.01 -51.97
C ARG X 44 27.64 19.32 -53.42
N LYS X 45 28.53 18.52 -54.01
CA LYS X 45 28.96 18.71 -55.39
C LYS X 45 29.61 20.07 -55.61
N SER X 46 30.26 20.60 -54.57
CA SER X 46 30.97 21.86 -54.69
C SER X 46 32.42 21.66 -55.15
N ASN X 47 33.06 20.58 -54.71
CA ASN X 47 34.45 20.32 -55.06
C ASN X 47 34.58 18.95 -55.73
N ILE X 48 35.54 18.84 -56.62
CA ILE X 48 36.08 17.55 -57.05
C ILE X 48 37.46 17.41 -56.43
N MET X 49 37.67 16.33 -55.71
CA MET X 49 38.96 16.03 -55.11
C MET X 49 39.76 15.17 -56.08
N SER X 50 40.95 15.66 -56.46
CA SER X 50 41.93 14.89 -57.21
C SER X 50 43.00 14.42 -56.24
N LYS X 51 43.16 13.10 -56.12
CA LYS X 51 44.09 12.52 -55.15
C LYS X 51 45.05 11.56 -55.84
N ILE X 52 46.29 11.57 -55.34
CA ILE X 52 47.29 10.56 -55.69
C ILE X 52 47.81 9.96 -54.40
N SER X 53 47.92 8.63 -54.35
CA SER X 53 48.35 7.94 -53.15
C SER X 53 49.36 6.87 -53.51
N VAL X 54 50.51 6.88 -52.84
CA VAL X 54 51.54 5.86 -53.03
C VAL X 54 51.64 5.08 -51.74
N TYR X 55 51.30 3.79 -51.83
CA TYR X 55 51.41 2.85 -50.72
C TYR X 55 52.56 1.89 -51.03
N TYR X 56 53.65 1.98 -50.27
CA TYR X 56 54.78 1.09 -50.42
C TYR X 56 54.86 0.21 -49.17
N TYR X 57 54.60 -1.08 -49.33
CA TYR X 57 54.59 -2.02 -48.22
C TYR X 57 56.00 -2.59 -48.05
N ILE X 58 56.57 -2.40 -46.86
CA ILE X 58 57.96 -2.76 -46.60
C ILE X 58 58.01 -3.58 -45.32
N PRO X 59 58.77 -4.68 -45.29
CA PRO X 59 58.85 -5.48 -44.07
C PRO X 59 59.61 -4.76 -42.97
N SER X 60 59.19 -5.02 -41.73
CA SER X 60 59.78 -4.34 -40.58
C SER X 60 61.23 -4.73 -40.34
N THR X 61 61.68 -5.84 -40.89
CA THR X 61 63.04 -6.31 -40.73
C THR X 61 63.69 -6.54 -42.10
N ASN X 62 65.02 -6.62 -42.09
CA ASN X 62 65.74 -6.80 -43.35
C ASN X 62 65.56 -8.21 -43.91
N SER X 63 65.39 -9.20 -43.05
CA SER X 63 65.24 -10.58 -43.47
C SER X 63 63.91 -11.14 -42.95
N VAL X 64 63.56 -12.33 -43.43
CA VAL X 64 62.32 -12.96 -43.03
C VAL X 64 62.45 -13.52 -41.62
N SER X 65 61.48 -13.21 -40.77
CA SER X 65 61.47 -13.72 -39.40
C SER X 65 60.02 -13.88 -38.96
N CYS X 66 59.84 -14.47 -37.78
CA CYS X 66 58.51 -14.75 -37.30
C CYS X 66 57.80 -13.50 -36.79
N CYS X 67 58.57 -12.53 -36.28
CA CYS X 67 58.02 -11.25 -35.83
C CYS X 67 57.99 -10.21 -36.94
N THR X 68 58.24 -10.62 -38.19
CA THR X 68 58.25 -9.69 -39.31
C THR X 68 56.86 -9.13 -39.54
N GLU X 69 56.70 -7.83 -39.34
CA GLU X 69 55.48 -7.12 -39.65
C GLU X 69 55.65 -6.35 -40.96
N TRP X 70 54.55 -5.77 -41.43
CA TRP X 70 54.54 -5.04 -42.69
C TRP X 70 54.17 -3.59 -42.41
N ASP X 71 55.16 -2.71 -42.47
CA ASP X 71 54.91 -1.29 -42.36
C ASP X 71 54.55 -0.74 -43.74
N THR X 72 53.90 0.42 -43.75
CA THR X 72 53.47 1.07 -44.99
C THR X 72 54.06 2.46 -45.04
N ILE X 73 54.85 2.72 -46.08
CA ILE X 73 55.26 4.09 -46.41
C ILE X 73 54.15 4.70 -47.26
N ARG X 74 53.45 5.69 -46.71
CA ARG X 74 52.33 6.32 -47.36
C ARG X 74 52.69 7.74 -47.78
N CYS X 75 52.38 8.07 -49.03
CA CYS X 75 52.54 9.42 -49.54
C CYS X 75 51.25 9.84 -50.23
N GLU X 76 50.61 10.88 -49.70
CA GLU X 76 49.30 11.32 -50.15
C GLU X 76 49.37 12.73 -50.73
N PHE X 77 48.53 12.96 -51.74
CA PHE X 77 48.36 14.27 -52.38
C PHE X 77 46.90 14.47 -52.71
N SER X 78 46.40 15.66 -52.46
CA SER X 78 45.02 16.01 -52.80
C SER X 78 44.96 17.44 -53.30
N LEU X 79 44.01 17.70 -54.19
CA LEU X 79 43.79 19.03 -54.75
C LEU X 79 42.29 19.24 -54.96
N THR X 80 41.81 20.42 -54.57
CA THR X 80 40.39 20.75 -54.69
C THR X 80 40.14 21.53 -55.98
N LEU X 81 39.26 20.99 -56.83
CA LEU X 81 38.80 21.65 -58.04
C LEU X 81 37.39 22.19 -57.77
N LEU X 82 37.28 23.51 -57.64
CA LEU X 82 35.99 24.13 -57.40
C LEU X 82 35.08 23.96 -58.61
N GLN X 83 33.85 23.52 -58.37
CA GLN X 83 32.91 23.20 -59.44
C GLN X 83 31.77 24.19 -59.60
N LEU X 84 31.55 25.06 -58.62
CA LEU X 84 30.39 25.94 -58.64
C LEU X 84 30.78 27.40 -58.44
N SER X 85 32.01 27.75 -58.76
CA SER X 85 32.48 29.12 -58.61
C SER X 85 32.30 29.90 -59.90
N SER X 86 31.81 31.13 -59.79
CA SER X 86 31.68 32.03 -60.93
C SER X 86 32.95 32.80 -61.22
N ASN X 87 33.96 32.70 -60.36
CA ASN X 87 35.22 33.41 -60.58
C ASN X 87 36.01 32.69 -61.67
N THR X 88 36.36 33.44 -62.73
CA THR X 88 37.10 32.86 -63.84
C THR X 88 38.58 32.65 -63.51
N ASP X 89 39.07 33.15 -62.37
CA ASP X 89 40.45 32.92 -61.98
C ASP X 89 40.69 31.51 -61.45
N VAL X 90 39.64 30.71 -61.25
CA VAL X 90 39.78 29.46 -60.53
C VAL X 90 40.76 28.52 -61.24
N ALA X 91 40.69 28.44 -62.57
CA ALA X 91 41.55 27.51 -63.29
C ALA X 91 43.01 27.91 -63.17
N ALA X 92 43.33 29.16 -63.49
CA ALA X 92 44.72 29.62 -63.41
C ALA X 92 45.24 29.53 -61.99
N ARG X 93 44.40 29.82 -60.99
CA ARG X 93 44.86 29.77 -59.62
C ARG X 93 45.04 28.34 -59.12
N THR X 94 44.21 27.40 -59.57
CA THR X 94 44.47 25.99 -59.25
C THR X 94 45.79 25.53 -59.87
N VAL X 95 46.06 25.98 -61.10
CA VAL X 95 47.35 25.67 -61.72
C VAL X 95 48.48 26.25 -60.87
N ASP X 96 48.33 27.50 -60.45
CA ASP X 96 49.37 28.14 -59.63
C ASP X 96 49.56 27.40 -58.31
N VAL X 97 48.47 26.91 -57.72
CA VAL X 97 48.56 26.19 -56.45
C VAL X 97 49.32 24.87 -56.65
N LEU X 98 48.98 24.14 -57.71
CA LEU X 98 49.71 22.90 -58.00
C LEU X 98 51.19 23.16 -58.24
N ASP X 99 51.51 24.23 -58.96
CA ASP X 99 52.91 24.55 -59.21
C ASP X 99 53.62 24.95 -57.92
N THR X 100 52.93 25.66 -57.02
CA THR X 100 53.51 25.98 -55.73
C THR X 100 53.78 24.72 -54.92
N MET X 101 52.87 23.74 -55.00
CA MET X 101 53.07 22.46 -54.33
C MET X 101 54.33 21.78 -54.84
N ILE X 102 54.49 21.70 -56.17
CA ILE X 102 55.67 21.04 -56.74
C ILE X 102 56.94 21.81 -56.37
N SER X 103 56.88 23.15 -56.43
CA SER X 103 58.04 23.96 -56.06
C SER X 103 58.43 23.73 -54.61
N PHE X 104 57.45 23.58 -53.72
CA PHE X 104 57.77 23.36 -52.31
C PHE X 104 58.30 21.96 -52.07
N LEU X 105 57.79 20.97 -52.82
CA LEU X 105 58.38 19.63 -52.73
C LEU X 105 59.84 19.64 -53.15
N ALA X 106 60.19 20.50 -54.11
CA ALA X 106 61.61 20.65 -54.45
C ALA X 106 62.35 21.42 -53.37
N LYS X 107 61.77 22.53 -52.92
CA LYS X 107 62.44 23.46 -52.02
C LYS X 107 62.75 22.83 -50.66
N ARG X 108 61.83 22.01 -50.15
CA ARG X 108 61.93 21.45 -48.81
C ARG X 108 62.16 19.95 -48.82
N ARG X 109 62.84 19.42 -49.85
CA ARG X 109 62.99 17.97 -49.97
C ARG X 109 63.72 17.37 -48.78
N ASN X 110 64.85 17.98 -48.39
CA ASN X 110 65.61 17.44 -47.26
C ASN X 110 64.81 17.50 -45.98
N SER X 111 64.13 18.63 -45.73
CA SER X 111 63.32 18.77 -44.52
C SER X 111 62.21 17.72 -44.49
N ILE X 112 61.54 17.53 -45.63
CA ILE X 112 60.46 16.55 -45.71
C ILE X 112 60.98 15.14 -45.46
N LEU X 113 62.13 14.81 -46.03
CA LEU X 113 62.66 13.46 -45.91
C LEU X 113 63.26 13.19 -44.53
N ALA X 114 63.69 14.24 -43.82
CA ALA X 114 64.32 14.06 -42.52
C ALA X 114 63.38 14.30 -41.35
N GLY X 115 62.22 14.90 -41.58
CA GLY X 115 61.34 15.22 -40.48
C GLY X 115 61.89 16.31 -39.58
N ASN X 116 62.50 17.33 -40.17
CA ASN X 116 63.14 18.41 -39.42
C ASN X 116 62.86 19.73 -40.14
N LEU X 117 62.06 20.59 -39.52
CA LEU X 117 61.71 21.88 -40.12
C LEU X 117 62.90 22.81 -40.26
N LEU X 118 63.95 22.60 -39.46
CA LEU X 118 65.04 23.56 -39.40
C LEU X 118 66.04 23.43 -40.54
N LEU X 119 65.98 22.36 -41.32
CA LEU X 119 66.93 22.20 -42.41
C LEU X 119 66.72 23.30 -43.45
N PRO X 120 67.78 23.87 -43.99
CA PRO X 120 67.63 24.92 -45.01
C PRO X 120 67.02 24.34 -46.28
N ASP X 121 66.56 25.25 -47.14
CA ASP X 121 66.03 24.85 -48.44
C ASP X 121 67.07 24.02 -49.20
N ASN X 122 66.57 23.09 -49.99
CA ASN X 122 67.46 22.35 -50.87
C ASN X 122 68.11 23.31 -51.87
N PRO X 123 69.39 23.11 -52.20
CA PRO X 123 70.06 23.94 -53.20
C PRO X 123 69.45 23.75 -54.59
N ALA Y 1 81.77 25.95 -4.75
CA ALA Y 1 82.68 25.30 -3.82
C ALA Y 1 82.07 24.05 -3.24
N SER Y 2 82.74 22.91 -3.43
CA SER Y 2 82.30 21.68 -2.81
C SER Y 2 82.23 21.85 -1.30
N LEU Y 3 81.10 21.43 -0.73
CA LEU Y 3 80.91 21.60 0.71
C LEU Y 3 81.69 20.54 1.47
N PRO Y 4 82.24 20.88 2.64
CA PRO Y 4 82.94 19.88 3.46
C PRO Y 4 81.94 18.98 4.18
N VAL Y 5 82.22 17.68 4.18
CA VAL Y 5 81.30 16.71 4.74
C VAL Y 5 82.05 15.71 5.60
N THR Y 6 81.34 15.16 6.59
CA THR Y 6 81.79 13.99 7.34
C THR Y 6 80.66 12.98 7.37
N GLN Y 7 81.03 11.70 7.27
CA GLN Y 7 80.03 10.64 7.21
C GLN Y 7 79.32 10.52 8.55
N TYR Y 8 78.02 10.76 8.55
CA TYR Y 8 77.17 10.68 9.75
C TYR Y 8 76.61 9.28 9.94
N SER Y 9 75.86 8.77 8.96
CA SER Y 9 75.39 7.38 9.01
C SER Y 9 76.13 6.56 7.97
N PRO Y 10 76.99 5.64 8.37
CA PRO Y 10 77.86 4.95 7.41
C PRO Y 10 77.10 3.86 6.68
N PRO Y 11 77.63 3.37 5.57
CA PRO Y 11 76.95 2.29 4.84
C PRO Y 11 76.97 1.00 5.64
N VAL Y 12 75.85 0.31 5.60
CA VAL Y 12 75.61 -0.89 6.39
C VAL Y 12 75.59 -2.13 5.50
N THR Y 13 74.77 -2.10 4.45
CA THR Y 13 74.62 -3.16 3.48
C THR Y 13 74.75 -2.55 2.09
N PRO Y 14 75.00 -3.37 1.06
CA PRO Y 14 75.08 -2.83 -0.31
C PRO Y 14 73.87 -2.01 -0.73
N LEU Y 15 72.67 -2.40 -0.30
CA LEU Y 15 71.47 -1.61 -0.53
C LEU Y 15 71.10 -0.83 0.73
N GLY Y 16 70.40 0.28 0.52
CA GLY Y 16 70.00 1.12 1.63
C GLY Y 16 70.41 2.57 1.45
N LYS Y 17 70.75 3.24 2.56
CA LYS Y 17 71.09 4.65 2.57
C LYS Y 17 72.37 4.88 3.35
N SER Y 18 73.15 5.85 2.88
CA SER Y 18 74.31 6.37 3.60
C SER Y 18 74.21 7.89 3.59
N THR Y 19 74.56 8.53 4.71
CA THR Y 19 74.41 9.98 4.82
C THR Y 19 75.68 10.63 5.34
N TRP Y 20 76.03 11.76 4.72
CA TRP Y 20 77.07 12.66 5.16
C TRP Y 20 76.45 13.97 5.62
N ASN Y 21 77.01 14.55 6.67
CA ASN Y 21 76.60 15.88 7.13
C ASN Y 21 77.62 16.92 6.70
N VAL Y 22 77.11 18.09 6.31
CA VAL Y 22 77.96 19.22 5.98
C VAL Y 22 78.48 19.85 7.27
N THR Y 23 79.79 19.95 7.39
CA THR Y 23 80.40 20.45 8.61
C THR Y 23 80.44 21.97 8.62
N GLY Y 24 80.44 22.54 9.83
CA GLY Y 24 80.53 23.97 9.99
C GLY Y 24 79.25 24.74 9.76
N SER Y 25 78.10 24.07 9.78
CA SER Y 25 76.85 24.75 9.55
C SER Y 25 76.42 25.50 10.81
N THR Y 26 75.70 26.62 10.60
CA THR Y 26 75.27 27.45 11.70
C THR Y 26 73.82 27.19 12.12
N ASN Y 27 73.02 26.55 11.27
CA ASN Y 27 71.63 26.32 11.59
C ASN Y 27 71.50 25.17 12.59
N PRO Y 28 70.34 25.03 13.23
CA PRO Y 28 70.17 23.97 14.25
C PRO Y 28 70.46 22.59 13.66
N PRO Y 29 70.76 21.61 14.52
CA PRO Y 29 71.25 20.31 14.00
C PRO Y 29 70.25 19.61 13.09
N GLY Y 30 68.97 19.63 13.43
CA GLY Y 30 67.96 19.02 12.57
C GLY Y 30 67.91 19.60 11.17
N LEU Y 31 68.51 20.78 10.97
CA LEU Y 31 68.58 21.42 9.67
C LEU Y 31 69.99 21.46 9.11
N VAL Y 32 70.86 20.58 9.58
CA VAL Y 32 72.22 20.49 9.02
C VAL Y 32 72.13 20.00 7.57
N PRO Y 33 72.77 20.67 6.62
CA PRO Y 33 72.73 20.18 5.24
C PRO Y 33 73.26 18.77 5.13
N GLN Y 34 72.63 17.96 4.28
CA GLN Y 34 72.95 16.55 4.19
C GLN Y 34 73.17 16.12 2.74
N VAL Y 35 73.99 15.09 2.58
CA VAL Y 35 74.15 14.37 1.33
C VAL Y 35 73.80 12.91 1.58
N VAL Y 36 72.90 12.37 0.79
CA VAL Y 36 72.38 11.01 0.99
C VAL Y 36 72.62 10.22 -0.29
N GLN Y 37 73.31 9.09 -0.17
CA GLN Y 37 73.42 8.13 -1.25
C GLN Y 37 72.49 6.95 -0.99
N THR Y 38 71.72 6.57 -1.99
CA THR Y 38 70.73 5.51 -1.89
C THR Y 38 71.01 4.46 -2.96
N GLU Y 39 70.94 3.19 -2.57
CA GLU Y 39 71.02 2.08 -3.52
C GLU Y 39 69.82 1.18 -3.29
N SER Y 40 68.84 1.21 -4.19
CA SER Y 40 67.59 0.53 -3.95
C SER Y 40 67.22 -0.37 -5.14
N ILE Y 41 66.54 -1.48 -4.84
CA ILE Y 41 66.12 -2.41 -5.87
C ILE Y 41 64.69 -2.09 -6.28
N ASN Y 42 64.41 -2.33 -7.57
CA ASN Y 42 63.06 -2.16 -8.07
C ASN Y 42 62.17 -3.28 -7.55
N ALA Y 43 60.86 -3.08 -7.67
CA ALA Y 43 59.90 -4.09 -7.25
C ALA Y 43 60.10 -5.39 -8.03
N ARG Y 44 60.12 -5.31 -9.36
CA ARG Y 44 60.36 -6.48 -10.19
C ARG Y 44 61.83 -6.90 -10.20
N LYS Y 45 62.69 -6.21 -9.46
CA LYS Y 45 64.12 -6.54 -9.38
C LYS Y 45 64.79 -6.45 -10.75
N SER Y 46 64.30 -5.57 -11.62
CA SER Y 46 64.92 -5.35 -12.91
C SER Y 46 66.02 -4.30 -12.86
N ASN Y 47 65.84 -3.25 -12.05
CA ASN Y 47 66.80 -2.17 -11.95
C ASN Y 47 67.27 -2.01 -10.51
N ILE Y 48 68.52 -1.57 -10.36
CA ILE Y 48 68.99 -0.98 -9.12
C ILE Y 48 69.14 0.51 -9.38
N MET Y 49 68.50 1.32 -8.55
CA MET Y 49 68.61 2.76 -8.62
C MET Y 49 69.73 3.23 -7.72
N SER Y 50 70.72 3.91 -8.30
CA SER Y 50 71.76 4.60 -7.55
C SER Y 50 71.42 6.09 -7.51
N LYS Y 51 71.24 6.63 -6.31
CA LYS Y 51 70.82 8.01 -6.16
C LYS Y 51 71.77 8.77 -5.25
N ILE Y 52 71.98 10.05 -5.57
CA ILE Y 52 72.66 11.00 -4.70
C ILE Y 52 71.75 12.21 -4.53
N SER Y 53 71.60 12.67 -3.29
CA SER Y 53 70.70 13.78 -2.98
C SER Y 53 71.40 14.75 -2.05
N VAL Y 54 71.42 16.02 -2.42
CA VAL Y 54 71.97 17.08 -1.59
C VAL Y 54 70.83 17.97 -1.15
N TYR Y 55 70.58 18.00 0.16
CA TYR Y 55 69.57 18.85 0.77
C TYR Y 55 70.30 19.93 1.55
N TYR Y 56 70.21 21.18 1.09
CA TYR Y 56 70.81 22.31 1.81
C TYR Y 56 69.68 23.19 2.33
N TYR Y 57 69.53 23.24 3.65
CA TYR Y 57 68.46 24.00 4.28
C TYR Y 57 68.96 25.42 4.54
N ILE Y 58 68.25 26.40 3.97
CA ILE Y 58 68.69 27.79 4.02
C ILE Y 58 67.52 28.66 4.49
N PRO Y 59 67.75 29.61 5.40
CA PRO Y 59 66.65 30.46 5.87
C PRO Y 59 66.18 31.40 4.78
N SER Y 60 64.88 31.71 4.81
CA SER Y 60 64.27 32.54 3.78
C SER Y 60 64.75 33.99 3.85
N THR Y 61 65.32 34.41 4.97
CA THR Y 61 65.81 35.76 5.13
C THR Y 61 67.28 35.74 5.57
N ASN Y 62 67.95 36.88 5.41
CA ASN Y 62 69.36 36.97 5.76
C ASN Y 62 69.58 36.93 7.27
N SER Y 63 68.64 37.46 8.05
CA SER Y 63 68.75 37.49 9.49
C SER Y 63 67.57 36.75 10.13
N VAL Y 64 67.66 36.56 11.44
CA VAL Y 64 66.61 35.86 12.16
C VAL Y 64 65.41 36.78 12.33
N SER Y 65 64.23 36.27 12.00
CA SER Y 65 63.00 37.03 12.17
C SER Y 65 61.86 36.05 12.48
N CYS Y 66 60.70 36.61 12.79
CA CYS Y 66 59.57 35.77 13.18
C CYS Y 66 58.94 35.09 11.98
N CYS Y 67 59.01 35.70 10.79
CA CYS Y 67 58.51 35.10 9.57
C CYS Y 67 59.57 34.28 8.84
N THR Y 68 60.70 34.04 9.48
CA THR Y 68 61.77 33.28 8.86
C THR Y 68 61.34 31.84 8.62
N GLU Y 69 61.24 31.45 7.35
CA GLU Y 69 60.97 30.08 6.96
C GLU Y 69 62.27 29.42 6.51
N TRP Y 70 62.18 28.12 6.25
CA TRP Y 70 63.34 27.33 5.86
C TRP Y 70 63.09 26.76 4.46
N ASP Y 71 63.75 27.34 3.46
CA ASP Y 71 63.71 26.78 2.14
C ASP Y 71 64.76 25.69 2.00
N THR Y 72 64.58 24.82 1.01
CA THR Y 72 65.49 23.72 0.75
C THR Y 72 66.01 23.81 -0.67
N ILE Y 73 67.33 23.94 -0.82
CA ILE Y 73 67.98 23.76 -2.11
C ILE Y 73 68.22 22.27 -2.28
N ARG Y 74 67.52 21.68 -3.25
CA ARG Y 74 67.58 20.24 -3.50
C ARG Y 74 68.29 19.98 -4.82
N CYS Y 75 69.25 19.05 -4.79
CA CYS Y 75 69.93 18.59 -5.99
C CYS Y 75 69.91 17.07 -6.00
N GLU Y 76 69.26 16.49 -7.02
CA GLU Y 76 69.03 15.06 -7.10
C GLU Y 76 69.74 14.47 -8.32
N PHE Y 77 70.20 13.23 -8.17
CA PHE Y 77 70.82 12.45 -9.23
C PHE Y 77 70.39 11.00 -9.08
N SER Y 78 70.06 10.37 -10.19
CA SER Y 78 69.70 8.97 -10.21
C SER Y 78 70.27 8.29 -11.45
N LEU Y 79 70.59 7.00 -11.32
CA LEU Y 79 71.12 6.20 -12.42
C LEU Y 79 70.56 4.79 -12.31
N THR Y 80 70.12 4.24 -13.44
CA THR Y 80 69.55 2.90 -13.49
C THR Y 80 70.61 1.89 -13.87
N LEU Y 81 70.82 0.89 -13.01
CA LEU Y 81 71.71 -0.24 -13.28
C LEU Y 81 70.84 -1.44 -13.62
N LEU Y 82 70.83 -1.83 -14.88
CA LEU Y 82 70.03 -2.98 -15.31
C LEU Y 82 70.59 -4.26 -14.70
N GLN Y 83 69.71 -5.07 -14.12
CA GLN Y 83 70.12 -6.26 -13.40
C GLN Y 83 69.79 -7.57 -14.11
N LEU Y 84 68.95 -7.55 -15.14
CA LEU Y 84 68.48 -8.78 -15.77
C LEU Y 84 68.68 -8.74 -17.28
N SER Y 85 69.63 -7.95 -17.75
CA SER Y 85 69.90 -7.84 -19.19
C SER Y 85 71.01 -8.80 -19.58
N SER Y 86 70.81 -9.49 -20.70
CA SER Y 86 71.82 -10.38 -21.27
C SER Y 86 72.82 -9.64 -22.16
N ASN Y 87 72.57 -8.37 -22.45
CA ASN Y 87 73.48 -7.59 -23.28
C ASN Y 87 74.73 -7.24 -22.48
N THR Y 88 75.89 -7.62 -23.00
CA THR Y 88 77.15 -7.35 -22.32
C THR Y 88 77.59 -5.91 -22.44
N ASP Y 89 76.93 -5.10 -23.29
CA ASP Y 89 77.26 -3.69 -23.40
C ASP Y 89 76.76 -2.86 -22.22
N VAL Y 90 75.97 -3.44 -21.32
CA VAL Y 90 75.27 -2.65 -20.31
C VAL Y 90 76.26 -1.91 -19.43
N ALA Y 91 77.35 -2.56 -19.02
CA ALA Y 91 78.29 -1.91 -18.11
C ALA Y 91 78.97 -0.73 -18.77
N ALA Y 92 79.56 -0.94 -19.94
CA ALA Y 92 80.25 0.14 -20.64
C ALA Y 92 79.29 1.27 -20.98
N ARG Y 93 78.05 0.94 -21.35
CA ARG Y 93 77.10 1.98 -21.71
C ARG Y 93 76.59 2.75 -20.50
N THR Y 94 76.45 2.09 -19.35
CA THR Y 94 76.13 2.83 -18.12
C THR Y 94 77.27 3.78 -17.77
N VAL Y 95 78.51 3.32 -17.94
CA VAL Y 95 79.66 4.20 -17.73
C VAL Y 95 79.58 5.40 -18.67
N ASP Y 96 79.29 5.14 -19.95
CA ASP Y 96 79.19 6.22 -20.93
C ASP Y 96 78.08 7.19 -20.57
N VAL Y 97 76.96 6.68 -20.06
CA VAL Y 97 75.84 7.53 -19.68
C VAL Y 97 76.23 8.43 -18.51
N LEU Y 98 76.89 7.86 -17.50
CA LEU Y 98 77.34 8.67 -16.36
C LEU Y 98 78.32 9.74 -16.82
N ASP Y 99 79.24 9.38 -17.72
CA ASP Y 99 80.19 10.36 -18.22
C ASP Y 99 79.50 11.46 -19.03
N THR Y 100 78.47 11.10 -19.80
CA THR Y 100 77.69 12.10 -20.51
C THR Y 100 77.00 13.04 -19.54
N MET Y 101 76.49 12.49 -18.44
CA MET Y 101 75.86 13.32 -17.41
C MET Y 101 76.85 14.34 -16.85
N ILE Y 102 78.05 13.88 -16.49
CA ILE Y 102 79.06 14.79 -15.93
C ILE Y 102 79.48 15.83 -16.97
N SER Y 103 79.65 15.39 -18.21
CA SER Y 103 80.02 16.32 -19.29
C SER Y 103 78.96 17.38 -19.48
N PHE Y 104 77.69 17.01 -19.38
CA PHE Y 104 76.62 17.99 -19.56
C PHE Y 104 76.51 18.92 -18.37
N LEU Y 105 76.78 18.42 -17.16
CA LEU Y 105 76.84 19.30 -15.99
C LEU Y 105 77.93 20.34 -16.17
N ALA Y 106 79.03 19.97 -16.81
CA ALA Y 106 80.06 20.97 -17.12
C ALA Y 106 79.61 21.90 -18.24
N LYS Y 107 79.06 21.31 -19.31
CA LYS Y 107 78.74 22.04 -20.53
C LYS Y 107 77.67 23.09 -20.30
N ARG Y 108 76.67 22.78 -19.48
CA ARG Y 108 75.51 23.64 -19.29
C ARG Y 108 75.45 24.23 -17.88
N ARG Y 109 76.60 24.47 -17.26
CA ARG Y 109 76.61 24.93 -15.86
C ARG Y 109 75.89 26.26 -15.71
N ASN Y 110 76.20 27.23 -16.57
CA ASN Y 110 75.56 28.54 -16.45
C ASN Y 110 74.05 28.43 -16.68
N SER Y 111 73.64 27.68 -17.71
CA SER Y 111 72.23 27.51 -17.98
C SER Y 111 71.51 26.86 -16.80
N ILE Y 112 72.12 25.83 -16.22
CA ILE Y 112 71.52 25.14 -15.08
C ILE Y 112 71.40 26.07 -13.88
N LEU Y 113 72.43 26.87 -13.63
CA LEU Y 113 72.42 27.73 -12.46
C LEU Y 113 71.53 28.95 -12.63
N ALA Y 114 71.27 29.37 -13.88
CA ALA Y 114 70.45 30.55 -14.12
C ALA Y 114 69.00 30.23 -14.48
N GLY Y 115 68.68 28.97 -14.79
CA GLY Y 115 67.33 28.65 -15.21
C GLY Y 115 66.97 29.25 -16.55
N ASN Y 116 67.91 29.22 -17.50
CA ASN Y 116 67.73 29.82 -18.82
C ASN Y 116 68.36 28.89 -19.86
N LEU Y 117 67.52 28.27 -20.70
CA LEU Y 117 68.03 27.35 -21.72
C LEU Y 117 68.84 28.05 -22.78
N LEU Y 118 68.68 29.36 -22.95
CA LEU Y 118 69.29 30.06 -24.08
C LEU Y 118 70.76 30.41 -23.86
N LEU Y 119 71.26 30.29 -22.63
CA LEU Y 119 72.65 30.62 -22.39
C LEU Y 119 73.56 29.67 -23.16
N PRO Y 120 74.64 30.17 -23.75
CA PRO Y 120 75.56 29.28 -24.48
C PRO Y 120 76.26 28.33 -23.53
N ASP Y 121 76.87 27.29 -24.11
CA ASP Y 121 77.66 26.36 -23.33
C ASP Y 121 78.73 27.10 -22.55
N ASN Y 122 79.06 26.57 -21.37
CA ASN Y 122 80.17 27.11 -20.61
C ASN Y 122 81.46 26.95 -21.40
N PRO Y 123 82.37 27.93 -21.36
CA PRO Y 123 83.66 27.80 -22.03
C PRO Y 123 84.52 26.69 -21.42
N ALA Z 1 74.69 -3.36 42.85
CA ALA Z 1 75.84 -3.76 42.04
C ALA Z 1 75.53 -3.67 40.56
N SER Z 2 76.33 -2.89 39.85
CA SER Z 2 76.20 -2.82 38.39
C SER Z 2 76.35 -4.21 37.80
N LEU Z 3 75.42 -4.58 36.92
CA LEU Z 3 75.46 -5.91 36.34
C LEU Z 3 76.51 -5.98 35.24
N PRO Z 4 77.20 -7.12 35.09
CA PRO Z 4 78.16 -7.26 34.00
C PRO Z 4 77.46 -7.50 32.68
N VAL Z 5 77.93 -6.83 31.62
CA VAL Z 5 77.27 -6.87 30.33
C VAL Z 5 78.31 -7.06 29.22
N THR Z 6 77.87 -7.68 28.13
CA THR Z 6 78.61 -7.72 26.89
C THR Z 6 77.68 -7.29 25.75
N GLN Z 7 78.21 -6.54 24.80
CA GLN Z 7 77.38 -6.04 23.72
C GLN Z 7 76.96 -7.18 22.81
N TYR Z 8 75.64 -7.40 22.74
CA TYR Z 8 75.04 -8.45 21.91
C TYR Z 8 74.73 -7.95 20.50
N SER Z 9 73.91 -6.90 20.37
CA SER Z 9 73.67 -6.28 19.08
C SER Z 9 74.33 -4.91 19.04
N PRO Z 10 75.39 -4.73 18.24
CA PRO Z 10 76.17 -3.50 18.31
C PRO Z 10 75.47 -2.37 17.57
N PRO Z 11 75.87 -1.12 17.81
CA PRO Z 11 75.24 0.00 17.08
C PRO Z 11 75.59 -0.04 15.61
N VAL Z 12 74.59 0.26 14.79
CA VAL Z 12 74.68 0.17 13.35
C VAL Z 12 74.70 1.55 12.72
N THR Z 13 73.72 2.38 13.08
CA THR Z 13 73.57 3.74 12.61
C THR Z 13 73.35 4.64 13.82
N PRO Z 14 73.54 5.96 13.67
CA PRO Z 14 73.31 6.86 14.81
C PRO Z 14 71.93 6.72 15.44
N LEU Z 15 70.91 6.46 14.63
CA LEU Z 15 69.57 6.18 15.16
C LEU Z 15 69.31 4.68 15.14
N GLY Z 16 68.43 4.24 16.03
CA GLY Z 16 68.11 2.83 16.13
C GLY Z 16 68.25 2.28 17.53
N LYS Z 17 68.67 1.03 17.64
CA LYS Z 17 68.78 0.33 18.91
C LYS Z 17 70.13 -0.38 19.02
N SER Z 18 70.66 -0.41 20.23
CA SER Z 18 71.84 -1.20 20.57
C SER Z 18 71.51 -1.97 21.84
N THR Z 19 71.96 -3.23 21.93
CA THR Z 19 71.61 -4.06 23.07
C THR Z 19 72.84 -4.74 23.66
N TRP Z 20 72.89 -4.76 24.99
CA TRP Z 20 73.85 -5.51 25.77
C TRP Z 20 73.12 -6.61 26.53
N ASN Z 21 73.76 -7.77 26.64
CA ASN Z 21 73.24 -8.87 27.44
C ASN Z 21 74.00 -8.94 28.77
N VAL Z 22 73.26 -9.24 29.83
CA VAL Z 22 73.86 -9.47 31.15
C VAL Z 22 74.49 -10.85 31.17
N THR Z 23 75.77 -10.91 31.48
CA THR Z 23 76.51 -12.17 31.45
C THR Z 23 76.31 -12.94 32.75
N GLY Z 24 76.44 -14.27 32.65
CA GLY Z 24 76.34 -15.13 33.81
C GLY Z 24 74.94 -15.41 34.30
N SER Z 25 73.93 -15.17 33.47
CA SER Z 25 72.56 -15.42 33.89
C SER Z 25 72.23 -16.91 33.83
N THR Z 26 71.34 -17.34 34.72
CA THR Z 26 70.97 -18.74 34.80
C THR Z 26 69.68 -19.08 34.07
N ASN Z 27 68.86 -18.09 33.75
CA ASN Z 27 67.59 -18.34 33.10
C ASN Z 27 67.82 -18.63 31.62
N PRO Z 28 66.82 -19.20 30.93
CA PRO Z 28 66.99 -19.54 29.51
C PRO Z 28 67.38 -18.34 28.68
N PRO Z 29 67.97 -18.55 27.49
CA PRO Z 29 68.54 -17.41 26.76
C PRO Z 29 67.53 -16.35 26.37
N GLY Z 30 66.33 -16.75 25.96
CA GLY Z 30 65.30 -15.77 25.63
C GLY Z 30 64.92 -14.87 26.78
N LEU Z 31 65.29 -15.25 28.01
CA LEU Z 31 65.03 -14.44 29.20
C LEU Z 31 66.30 -13.88 29.81
N VAL Z 32 67.37 -13.78 29.02
CA VAL Z 32 68.60 -13.15 29.52
C VAL Z 32 68.34 -11.67 29.77
N PRO Z 33 68.69 -11.13 30.93
CA PRO Z 33 68.49 -9.70 31.19
C PRO Z 33 69.21 -8.86 30.14
N GLN Z 34 68.57 -7.77 29.73
CA GLN Z 34 69.08 -6.95 28.64
C GLN Z 34 69.11 -5.48 29.03
N VAL Z 35 70.03 -4.75 28.40
CA VAL Z 35 70.08 -3.30 28.43
C VAL Z 35 70.01 -2.81 26.99
N VAL Z 36 69.07 -1.91 26.71
CA VAL Z 36 68.80 -1.44 25.36
C VAL Z 36 68.94 0.08 25.35
N GLN Z 37 69.80 0.59 24.47
CA GLN Z 37 69.87 2.02 24.21
C GLN Z 37 69.19 2.32 22.87
N THR Z 38 68.32 3.31 22.87
CA THR Z 38 67.54 3.69 21.71
C THR Z 38 67.78 5.16 21.39
N GLU Z 39 67.97 5.47 20.11
CA GLU Z 39 68.05 6.85 19.64
C GLU Z 39 67.07 7.01 18.49
N SER Z 40 65.95 7.70 18.75
CA SER Z 40 64.88 7.75 17.77
C SER Z 40 64.44 9.19 17.51
N ILE Z 41 64.01 9.45 16.27
CA ILE Z 41 63.56 10.78 15.89
C ILE Z 41 62.05 10.87 16.04
N ASN Z 42 61.59 12.06 16.40
CA ASN Z 42 60.17 12.32 16.48
C ASN Z 42 59.56 12.37 15.08
N ALA Z 43 58.23 12.28 15.04
CA ALA Z 43 57.52 12.36 13.77
C ALA Z 43 57.78 13.69 13.08
N ARG Z 44 57.56 14.79 13.80
CA ARG Z 44 57.83 16.11 13.24
C ARG Z 44 59.32 16.45 13.22
N LYS Z 45 60.18 15.53 13.63
CA LYS Z 45 61.63 15.73 13.63
C LYS Z 45 62.03 16.92 14.51
N SER Z 46 61.26 17.18 15.57
CA SER Z 46 61.62 18.22 16.51
C SER Z 46 62.53 17.72 17.62
N ASN Z 47 62.34 16.49 18.07
CA ASN Z 47 63.13 15.93 19.16
C ASN Z 47 63.82 14.65 18.71
N ILE Z 48 65.00 14.39 19.27
CA ILE Z 48 65.58 13.05 19.29
C ILE Z 48 65.46 12.53 20.71
N MET Z 49 64.85 11.37 20.86
CA MET Z 49 64.72 10.71 22.15
C MET Z 49 65.91 9.77 22.35
N SER Z 50 66.66 10.01 23.43
CA SER Z 50 67.71 9.09 23.88
C SER Z 50 67.15 8.29 25.04
N LYS Z 51 67.10 6.97 24.89
CA LYS Z 51 66.51 6.10 25.90
C LYS Z 51 67.48 5.00 26.32
N ILE Z 52 67.43 4.66 27.60
CA ILE Z 52 68.10 3.47 28.13
C ILE Z 52 67.05 2.65 28.88
N SER Z 53 67.06 1.35 28.66
CA SER Z 53 66.08 0.45 29.24
C SER Z 53 66.77 -0.79 29.78
N VAL Z 54 66.52 -1.11 31.04
CA VAL Z 54 67.05 -2.32 31.66
C VAL Z 54 65.87 -3.23 31.96
N TYR Z 55 65.85 -4.39 31.29
CA TYR Z 55 64.84 -5.42 31.51
C TYR Z 55 65.53 -6.60 32.21
N TYR Z 56 65.17 -6.84 33.47
CA TYR Z 56 65.71 -7.97 34.22
C TYR Z 56 64.57 -8.95 34.47
N TYR Z 57 64.65 -10.12 33.84
CA TYR Z 57 63.60 -11.12 33.96
C TYR Z 57 63.91 -12.03 35.14
N ILE Z 58 62.98 -12.09 36.10
CA ILE Z 58 63.20 -12.80 37.36
C ILE Z 58 62.01 -13.73 37.61
N PRO Z 59 62.25 -14.98 38.02
CA PRO Z 59 61.13 -15.88 38.29
C PRO Z 59 60.34 -15.46 39.51
N SER Z 60 59.03 -15.74 39.47
CA SER Z 60 58.15 -15.31 40.55
C SER Z 60 58.40 -16.07 41.84
N THR Z 61 59.09 -17.20 41.79
CA THR Z 61 59.40 -18.00 42.96
C THR Z 61 60.90 -18.25 43.05
N ASN Z 62 61.34 -18.64 44.24
CA ASN Z 62 62.76 -18.88 44.46
C ASN Z 62 63.24 -20.13 43.74
N SER Z 63 62.39 -21.14 43.61
CA SER Z 63 62.74 -22.40 42.97
C SER Z 63 61.82 -22.66 41.79
N VAL Z 64 62.15 -23.69 41.02
CA VAL Z 64 61.36 -24.03 39.84
C VAL Z 64 60.09 -24.73 40.28
N SER Z 65 58.96 -24.28 39.75
CA SER Z 65 57.67 -24.89 40.05
C SER Z 65 56.78 -24.74 38.82
N CYS Z 66 55.60 -25.38 38.89
CA CYS Z 66 54.70 -25.38 37.75
C CYS Z 66 53.98 -24.05 37.60
N CYS Z 67 53.75 -23.34 38.71
CA CYS Z 67 53.14 -22.01 38.68
C CYS Z 67 54.17 -20.90 38.58
N THR Z 68 55.43 -21.24 38.29
CA THR Z 68 56.48 -20.23 38.19
C THR Z 68 56.23 -19.34 36.98
N GLU Z 69 55.97 -18.06 37.24
CA GLU Z 69 55.85 -17.05 36.21
C GLU Z 69 57.13 -16.24 36.13
N TRP Z 70 57.20 -15.36 35.14
CA TRP Z 70 58.38 -14.54 34.91
C TRP Z 70 57.98 -13.07 35.04
N ASP Z 71 58.37 -12.46 36.15
CA ASP Z 71 58.18 -11.03 36.32
C ASP Z 71 59.36 -10.29 35.68
N THR Z 72 59.14 -9.01 35.39
CA THR Z 72 60.15 -8.17 34.76
C THR Z 72 60.39 -6.95 35.65
N ILE Z 73 61.63 -6.79 36.10
CA ILE Z 73 62.06 -5.55 36.72
C ILE Z 73 62.49 -4.62 35.59
N ARG Z 74 61.74 -3.54 35.40
CA ARG Z 74 61.96 -2.59 34.31
C ARG Z 74 62.47 -1.27 34.88
N CYS Z 75 63.54 -0.77 34.28
CA CYS Z 75 64.07 0.55 34.62
C CYS Z 75 64.28 1.32 33.32
N GLU Z 76 63.56 2.44 33.18
CA GLU Z 76 63.54 3.22 31.96
C GLU Z 76 64.11 4.62 32.19
N PHE Z 77 64.77 5.14 31.16
CA PHE Z 77 65.31 6.50 31.15
C PHE Z 77 65.13 7.07 29.75
N SER Z 78 64.72 8.33 29.68
CA SER Z 78 64.57 9.03 28.40
C SER Z 78 65.02 10.47 28.56
N LEU Z 79 65.53 11.03 27.47
CA LEU Z 79 65.99 12.42 27.44
C LEU Z 79 65.67 13.00 26.06
N THR Z 80 65.14 14.22 26.05
CA THR Z 80 64.77 14.90 24.81
C THR Z 80 65.90 15.83 24.36
N LEU Z 81 66.40 15.60 23.14
CA LEU Z 81 67.39 16.46 22.50
C LEU Z 81 66.67 17.30 21.46
N LEU Z 82 66.50 18.58 21.73
CA LEU Z 82 65.82 19.47 20.79
C LEU Z 82 66.67 19.63 19.53
N GLN Z 83 66.03 19.49 18.37
CA GLN Z 83 66.73 19.50 17.10
C GLN Z 83 66.48 20.74 16.26
N LEU Z 84 65.49 21.55 16.60
CA LEU Z 84 65.11 22.68 15.75
C LEU Z 84 65.04 23.97 16.55
N SER Z 85 65.76 24.05 17.65
CA SER Z 85 65.77 25.25 18.49
C SER Z 85 66.92 26.16 18.11
N SER Z 86 66.63 27.45 18.02
CA SER Z 86 67.65 28.46 17.75
C SER Z 86 68.35 28.93 19.02
N ASN Z 87 67.88 28.51 20.19
CA ASN Z 87 68.50 28.91 21.45
C ASN Z 87 69.80 28.13 21.64
N THR Z 88 70.91 28.86 21.81
CA THR Z 88 72.20 28.23 21.99
C THR Z 88 72.39 27.64 23.38
N ASP Z 89 71.48 27.91 24.31
CA ASP Z 89 71.57 27.32 25.65
C ASP Z 89 71.16 25.85 25.67
N VAL Z 90 70.63 25.32 24.57
CA VAL Z 90 70.01 23.99 24.60
C VAL Z 90 71.01 22.93 25.03
N ALA Z 91 72.23 22.98 24.51
CA ALA Z 91 73.21 21.94 24.84
C ALA Z 91 73.59 21.96 26.31
N ALA Z 92 73.99 23.13 26.82
CA ALA Z 92 74.37 23.23 28.22
C ALA Z 92 73.21 22.88 29.14
N ARG Z 93 71.99 23.27 28.76
CA ARG Z 93 70.85 22.99 29.61
C ARG Z 93 70.45 21.52 29.57
N THR Z 94 70.60 20.84 28.42
CA THR Z 94 70.39 19.40 28.40
C THR Z 94 71.42 18.70 29.28
N VAL Z 95 72.67 19.17 29.25
CA VAL Z 95 73.69 18.63 30.15
C VAL Z 95 73.27 18.84 31.60
N ASP Z 96 72.81 20.05 31.92
CA ASP Z 96 72.37 20.33 33.29
C ASP Z 96 71.21 19.45 33.70
N VAL Z 97 70.28 19.18 32.78
CA VAL Z 97 69.13 18.34 33.08
C VAL Z 97 69.58 16.91 33.36
N LEU Z 98 70.48 16.38 32.54
CA LEU Z 98 70.99 15.04 32.77
C LEU Z 98 71.71 14.95 34.12
N ASP Z 99 72.49 15.97 34.45
CA ASP Z 99 73.19 15.99 35.73
C ASP Z 99 72.21 16.07 36.90
N THR Z 100 71.14 16.83 36.73
CA THR Z 100 70.11 16.89 37.77
C THR Z 100 69.44 15.53 37.95
N MET Z 101 69.22 14.81 36.84
CA MET Z 101 68.67 13.47 36.91
C MET Z 101 69.58 12.55 37.72
N ILE Z 102 70.88 12.56 37.41
CA ILE Z 102 71.81 11.70 38.14
C ILE Z 102 71.88 12.10 39.61
N SER Z 103 71.91 13.40 39.88
CA SER Z 103 71.95 13.88 41.26
C SER Z 103 70.71 13.43 42.03
N PHE Z 104 69.54 13.43 41.39
CA PHE Z 104 68.33 13.02 42.07
C PHE Z 104 68.29 11.51 42.27
N LEU Z 105 68.83 10.74 41.32
CA LEU Z 105 68.96 9.30 41.53
C LEU Z 105 69.84 9.00 42.73
N ALA Z 106 70.85 9.83 42.96
CA ALA Z 106 71.65 9.66 44.18
C ALA Z 106 70.87 10.13 45.41
N LYS Z 107 70.24 11.31 45.31
CA LYS Z 107 69.61 11.97 46.45
C LYS Z 107 68.45 11.16 47.00
N ARG Z 108 67.67 10.53 46.12
CA ARG Z 108 66.44 9.84 46.50
C ARG Z 108 66.54 8.34 46.32
N ARG Z 109 67.73 7.76 46.46
CA ARG Z 109 67.91 6.34 46.19
C ARG Z 109 67.04 5.47 47.09
N ASN Z 110 67.03 5.75 48.39
CA ASN Z 110 66.23 4.94 49.31
C ASN Z 110 64.75 5.08 49.02
N SER Z 111 64.29 6.31 48.76
CA SER Z 111 62.88 6.52 48.45
C SER Z 111 62.49 5.78 47.18
N ILE Z 112 63.34 5.85 46.15
CA ILE Z 112 63.06 5.18 44.89
C ILE Z 112 62.99 3.67 45.07
N LEU Z 113 63.93 3.12 45.87
CA LEU Z 113 64.00 1.68 46.03
C LEU Z 113 62.91 1.15 46.96
N ALA Z 114 62.38 1.99 47.85
CA ALA Z 114 61.36 1.54 48.80
C ALA Z 114 59.94 1.90 48.38
N GLY Z 115 59.77 2.78 47.40
CA GLY Z 115 58.43 3.20 47.02
C GLY Z 115 57.76 4.03 48.10
N ASN Z 116 58.51 4.93 48.74
CA ASN Z 116 58.00 5.75 49.83
C ASN Z 116 58.59 7.15 49.69
N LEU Z 117 57.73 8.13 49.38
CA LEU Z 117 58.17 9.50 49.20
C LEU Z 117 58.68 10.13 50.48
N LEU Z 118 58.29 9.60 51.64
CA LEU Z 118 58.59 10.25 52.90
C LEU Z 118 60.00 10.00 53.42
N LEU Z 119 60.73 9.06 52.83
CA LEU Z 119 62.07 8.78 53.31
C LEU Z 119 62.97 9.98 53.06
N PRO Z 120 63.83 10.33 54.00
CA PRO Z 120 64.74 11.47 53.80
C PRO Z 120 65.73 11.18 52.69
N ASP Z 121 66.37 12.25 52.23
CA ASP Z 121 67.42 12.10 51.23
C ASP Z 121 68.49 11.14 51.72
N ASN Z 122 69.09 10.42 50.77
CA ASN Z 122 70.22 9.58 51.10
C ASN Z 122 71.37 10.44 51.62
N PRO Z 123 72.11 9.97 52.63
CA PRO Z 123 73.27 10.70 53.14
C PRO Z 123 74.38 10.80 52.08
N ALA AA 1 80.74 -30.32 -6.25
CA ALA AA 1 81.78 -29.34 -5.97
C ALA AA 1 81.21 -28.12 -5.27
N SER AA 2 81.73 -27.83 -4.08
CA SER AA 2 81.34 -26.62 -3.38
C SER AA 2 81.61 -25.40 -4.26
N LEU AA 3 80.62 -24.54 -4.37
CA LEU AA 3 80.77 -23.37 -5.22
C LEU AA 3 81.61 -22.30 -4.53
N PRO AA 4 82.44 -21.57 -5.28
CA PRO AA 4 83.21 -20.48 -4.67
C PRO AA 4 82.34 -19.26 -4.43
N VAL AA 5 82.50 -18.65 -3.25
CA VAL AA 5 81.65 -17.55 -2.83
C VAL AA 5 82.49 -16.42 -2.24
N THR AA 6 81.98 -15.20 -2.36
CA THR AA 6 82.48 -14.05 -1.64
C THR AA 6 81.32 -13.34 -0.97
N GLN AA 7 81.55 -12.85 0.25
CA GLN AA 7 80.47 -12.22 1.00
C GLN AA 7 80.07 -10.90 0.35
N TYR AA 8 78.82 -10.82 -0.11
CA TYR AA 8 78.26 -9.64 -0.75
C TYR AA 8 77.64 -8.68 0.27
N SER AA 9 76.66 -9.15 1.03
CA SER AA 9 76.10 -8.34 2.12
C SER AA 9 76.51 -8.94 3.46
N PRO AA 10 77.37 -8.27 4.21
CA PRO AA 10 77.94 -8.88 5.42
C PRO AA 10 76.95 -8.84 6.57
N PRO AA 11 77.18 -9.63 7.62
CA PRO AA 11 76.27 -9.60 8.77
C PRO AA 11 76.36 -8.27 9.50
N VAL AA 12 75.19 -7.80 9.92
CA VAL AA 12 75.04 -6.49 10.54
C VAL AA 12 74.72 -6.62 12.02
N THR AA 13 73.70 -7.41 12.34
CA THR AA 13 73.25 -7.68 13.69
C THR AA 13 73.12 -9.19 13.84
N PRO AA 14 73.05 -9.69 15.08
CA PRO AA 14 72.88 -11.15 15.27
C PRO AA 14 71.68 -11.72 14.54
N LEU AA 15 70.58 -10.98 14.46
CA LEU AA 15 69.43 -11.39 13.68
C LEU AA 15 69.42 -10.65 12.34
N GLY AA 16 68.78 -11.27 11.36
CA GLY AA 16 68.71 -10.68 10.03
C GLY AA 16 69.17 -11.62 8.93
N LYS AA 17 69.80 -11.06 7.91
CA LYS AA 17 70.25 -11.81 6.74
C LYS AA 17 71.69 -11.46 6.40
N SER AA 18 72.43 -12.46 5.92
CA SER AA 18 73.75 -12.28 5.35
C SER AA 18 73.78 -13.03 4.02
N THR AA 19 74.43 -12.45 3.01
CA THR AA 19 74.43 -13.05 1.68
C THR AA 19 75.83 -13.14 1.10
N TRP AA 20 76.11 -14.29 0.48
CA TRP AA 20 77.31 -14.52 -0.32
C TRP AA 20 76.90 -14.68 -1.77
N ASN AA 21 77.73 -14.16 -2.67
CA ASN AA 21 77.55 -14.36 -4.10
C ASN AA 21 78.52 -15.41 -4.61
N VAL AA 22 78.05 -16.24 -5.54
CA VAL AA 22 78.89 -17.22 -6.20
C VAL AA 22 79.72 -16.52 -7.25
N THR AA 23 81.04 -16.67 -7.16
CA THR AA 23 81.94 -15.97 -8.06
C THR AA 23 82.11 -16.73 -9.37
N GLY AA 24 82.43 -15.98 -10.42
CA GLY AA 24 82.67 -16.57 -11.73
C GLY AA 24 81.44 -16.95 -12.51
N SER AA 25 80.28 -16.42 -12.15
CA SER AA 25 79.06 -16.76 -12.86
C SER AA 25 78.98 -16.00 -14.18
N THR AA 26 78.34 -16.62 -15.16
CA THR AA 26 78.22 -16.03 -16.49
C THR AA 26 76.90 -15.32 -16.73
N ASN AA 27 75.87 -15.60 -15.92
CA ASN AA 27 74.57 -15.01 -16.12
C ASN AA 27 74.58 -13.56 -15.63
N PRO AA 28 73.58 -12.76 -16.01
CA PRO AA 28 73.55 -11.34 -15.60
C PRO AA 28 73.60 -11.19 -14.09
N PRO AA 29 74.00 -10.02 -13.59
CA PRO AA 29 74.25 -9.89 -12.14
C PRO AA 29 73.02 -10.16 -11.29
N GLY AA 30 71.84 -9.69 -11.70
CA GLY AA 30 70.63 -9.96 -10.95
C GLY AA 30 70.32 -11.43 -10.80
N LEU AA 31 70.95 -12.28 -11.61
CA LEU AA 31 70.78 -13.73 -11.54
C LEU AA 31 72.03 -14.44 -11.05
N VAL AA 32 72.92 -13.73 -10.36
CA VAL AA 32 74.09 -14.38 -9.77
C VAL AA 32 73.63 -15.35 -8.68
N PRO AA 33 74.11 -16.60 -8.70
CA PRO AA 33 73.72 -17.54 -7.63
C PRO AA 33 74.10 -17.00 -6.26
N GLN AA 34 73.23 -17.22 -5.28
CA GLN AA 34 73.40 -16.65 -3.95
C GLN AA 34 73.26 -17.70 -2.87
N VAL AA 35 73.94 -17.45 -1.75
CA VAL AA 35 73.74 -18.19 -0.52
C VAL AA 35 73.35 -17.19 0.56
N VAL AA 36 72.24 -17.46 1.24
CA VAL AA 36 71.68 -16.53 2.23
C VAL AA 36 71.56 -17.26 3.55
N GLN AA 37 72.16 -16.70 4.60
CA GLN AA 37 71.95 -17.16 5.96
C GLN AA 37 71.02 -16.21 6.68
N THR AA 38 70.01 -16.76 7.34
CA THR AA 38 68.98 -15.99 8.03
C THR AA 38 68.92 -16.41 9.49
N GLU AA 39 68.84 -15.44 10.40
CA GLU AA 39 68.62 -15.72 11.81
C GLU AA 39 67.43 -14.87 12.27
N SER AA 40 66.29 -15.51 12.48
CA SER AA 40 65.06 -14.78 12.74
C SER AA 40 64.36 -15.27 13.99
N ILE AA 41 63.68 -14.36 14.69
CA ILE AA 41 62.97 -14.73 15.91
C ILE AA 41 61.52 -15.01 15.58
N ASN AA 42 60.93 -15.94 16.33
CA ASN AA 42 59.53 -16.25 16.19
C ASN AA 42 58.68 -15.11 16.74
N ALA AA 43 57.40 -15.12 16.38
CA ALA AA 43 56.48 -14.10 16.89
C ALA AA 43 56.39 -14.14 18.41
N ARG AA 44 56.12 -15.32 18.97
CA ARG AA 44 56.07 -15.48 20.42
C ARG AA 44 57.46 -15.52 21.05
N LYS AA 45 58.53 -15.35 20.27
CA LYS AA 45 59.90 -15.36 20.76
C LYS AA 45 60.25 -16.66 21.46
N SER AA 46 59.65 -17.77 21.02
CA SER AA 46 59.98 -19.07 21.55
C SER AA 46 61.15 -19.72 20.81
N ASN AA 47 61.24 -19.53 19.50
CA ASN AA 47 62.29 -20.13 18.69
C ASN AA 47 63.08 -19.06 17.97
N ILE AA 48 64.36 -19.33 17.74
CA ILE AA 48 65.15 -18.65 16.73
C ILE AA 48 65.36 -19.64 15.59
N MET AA 49 64.99 -19.23 14.38
CA MET AA 49 65.19 -20.03 13.19
C MET AA 49 66.53 -19.66 12.57
N SER AA 50 67.41 -20.65 12.43
CA SER AA 50 68.65 -20.52 11.67
C SER AA 50 68.44 -21.18 10.31
N LYS AA 51 68.59 -20.40 9.24
CA LYS AA 51 68.32 -20.89 7.90
C LYS AA 51 69.52 -20.64 6.99
N ILE AA 52 69.74 -21.58 6.08
CA ILE AA 52 70.68 -21.42 4.97
C ILE AA 52 69.93 -21.73 3.69
N SER AA 53 70.10 -20.89 2.67
CA SER AA 53 69.39 -21.04 1.41
C SER AA 53 70.36 -20.83 0.26
N VAL AA 54 70.38 -21.78 -0.67
CA VAL AA 54 71.21 -21.69 -1.87
C VAL AA 54 70.26 -21.59 -3.05
N TYR AA 55 70.32 -20.44 -3.73
CA TYR AA 55 69.54 -20.19 -4.95
C TYR AA 55 70.52 -20.17 -6.11
N TYR AA 56 70.43 -21.18 -7.00
CA TYR AA 56 71.26 -21.23 -8.20
C TYR AA 56 70.34 -21.04 -9.40
N TYR AA 57 70.50 -19.92 -10.09
CA TYR AA 57 69.67 -19.60 -11.25
C TYR AA 57 70.32 -20.16 -12.50
N ILE AA 58 69.60 -21.02 -13.21
CA ILE AA 58 70.15 -21.74 -14.36
C ILE AA 58 69.19 -21.59 -15.53
N PRO AA 59 69.69 -21.33 -16.74
CA PRO AA 59 68.79 -21.18 -17.89
C PRO AA 59 68.17 -22.51 -18.29
N SER AA 60 66.94 -22.43 -18.79
CA SER AA 60 66.19 -23.63 -19.14
C SER AA 60 66.79 -24.37 -20.33
N THR AA 61 67.63 -23.71 -21.12
CA THR AA 61 68.26 -24.32 -22.28
C THR AA 61 69.77 -24.16 -22.19
N ASN AA 62 70.48 -24.97 -22.98
CA ASN AA 62 71.94 -24.93 -22.97
C ASN AA 62 72.48 -23.66 -23.60
N SER AA 63 71.79 -23.12 -24.59
CA SER AA 63 72.23 -21.92 -25.29
C SER AA 63 71.16 -20.83 -25.17
N VAL AA 64 71.52 -19.63 -25.61
CA VAL AA 64 70.61 -18.50 -25.53
C VAL AA 64 69.56 -18.63 -26.62
N SER AA 65 68.29 -18.46 -26.25
CA SER AA 65 67.19 -18.52 -27.19
C SER AA 65 66.09 -17.59 -26.71
N CYS AA 66 65.07 -17.42 -27.55
CA CYS AA 66 63.99 -16.50 -27.22
C CYS AA 66 63.05 -17.08 -26.17
N CYS AA 67 62.90 -18.41 -26.13
CA CYS AA 67 62.09 -19.09 -25.13
C CYS AA 67 62.90 -19.46 -23.89
N THR AA 68 64.12 -18.96 -23.76
CA THR AA 68 64.96 -19.29 -22.62
C THR AA 68 64.36 -18.70 -21.34
N GLU AA 69 63.96 -19.57 -20.44
CA GLU AA 69 63.49 -19.18 -19.12
C GLU AA 69 64.59 -19.43 -18.10
N TRP AA 70 64.35 -19.00 -16.87
CA TRP AA 70 65.33 -19.12 -15.78
C TRP AA 70 64.73 -19.98 -14.69
N ASP AA 71 65.19 -21.22 -14.59
CA ASP AA 71 64.80 -22.08 -13.49
C ASP AA 71 65.71 -21.80 -12.30
N THR AA 72 65.25 -22.20 -11.12
CA THR AA 72 65.98 -22.00 -9.88
C THR AA 72 66.17 -23.35 -9.20
N ILE AA 73 67.43 -23.73 -8.99
CA ILE AA 73 67.76 -24.85 -8.12
C ILE AA 73 67.83 -24.30 -6.69
N ARG AA 74 66.89 -24.71 -5.86
CA ARG AA 74 66.77 -24.23 -4.48
C ARG AA 74 67.15 -25.32 -3.52
N CYS AA 75 68.01 -24.98 -2.56
CA CYS AA 75 68.36 -25.88 -1.46
C CYS AA 75 68.21 -25.13 -0.15
N GLU AA 76 67.31 -25.61 0.71
CA GLU AA 76 66.94 -24.93 1.94
C GLU AA 76 67.32 -25.78 3.15
N PHE AA 77 67.70 -25.10 4.24
CA PHE AA 77 68.00 -25.72 5.52
C PHE AA 77 67.50 -24.80 6.62
N SER AA 78 66.88 -25.39 7.64
CA SER AA 78 66.40 -24.64 8.79
C SER AA 78 66.62 -25.46 10.05
N LEU AA 79 66.85 -24.75 11.16
CA LEU AA 79 67.06 -25.37 12.47
C LEU AA 79 66.42 -24.49 13.53
N THR AA 80 65.70 -25.12 14.47
CA THR AA 80 65.03 -24.40 15.54
C THR AA 80 65.89 -24.38 16.80
N LEU AA 81 66.21 -23.18 17.28
CA LEU AA 81 66.92 -22.99 18.54
C LEU AA 81 65.89 -22.54 19.59
N LEU AA 82 65.57 -23.43 20.51
CA LEU AA 82 64.61 -23.09 21.56
C LEU AA 82 65.19 -22.02 22.48
N GLN AA 83 64.38 -20.99 22.76
CA GLN AA 83 64.85 -19.83 23.52
C GLN AA 83 64.26 -19.74 24.92
N LEU AA 84 63.22 -20.51 25.23
CA LEU AA 84 62.53 -20.35 26.50
C LEU AA 84 62.38 -21.69 27.22
N SER AA 85 63.26 -22.64 26.93
CA SER AA 85 63.22 -23.96 27.56
C SER AA 85 64.12 -23.98 28.78
N SER AA 86 63.62 -24.56 29.86
CA SER AA 86 64.41 -24.77 31.08
C SER AA 86 65.23 -26.04 31.05
N ASN AA 87 65.04 -26.88 30.03
CA ASN AA 87 65.80 -28.13 29.93
C ASN AA 87 67.21 -27.81 29.47
N THR AA 88 68.20 -28.24 30.26
CA THR AA 88 69.60 -27.99 29.93
C THR AA 88 70.12 -28.89 28.82
N ASP AA 89 69.34 -29.90 28.40
CA ASP AA 89 69.76 -30.75 27.29
C ASP AA 89 69.61 -30.08 25.93
N VAL AA 90 68.99 -28.90 25.87
CA VAL AA 90 68.61 -28.33 24.59
C VAL AA 90 69.82 -28.10 23.70
N ALA AA 91 70.92 -27.60 24.27
CA ALA AA 91 72.09 -27.29 23.46
C ALA AA 91 72.70 -28.54 22.87
N ALA AA 92 72.99 -29.53 23.72
CA ALA AA 92 73.60 -30.77 23.23
C ALA AA 92 72.68 -31.47 22.25
N ARG AA 93 71.37 -31.43 22.49
CA ARG AA 93 70.44 -32.11 21.59
C ARG AA 93 70.29 -31.38 20.25
N THR AA 94 70.35 -30.05 20.25
CA THR AA 94 70.37 -29.33 18.98
C THR AA 94 71.65 -29.67 18.20
N VAL AA 95 72.77 -29.79 18.90
CA VAL AA 95 74.01 -30.23 18.25
C VAL AA 95 73.82 -31.62 17.65
N ASP AA 96 73.23 -32.52 18.42
CA ASP AA 96 73.00 -33.88 17.93
C ASP AA 96 72.08 -33.89 16.72
N VAL AA 97 71.07 -33.03 16.73
CA VAL AA 97 70.13 -32.96 15.60
C VAL AA 97 70.84 -32.47 14.34
N LEU AA 98 71.66 -31.42 14.48
CA LEU AA 98 72.42 -30.92 13.34
C LEU AA 98 73.37 -31.99 12.80
N ASP AA 99 74.02 -32.74 13.70
CA ASP AA 99 74.92 -33.80 13.26
C ASP AA 99 74.16 -34.92 12.58
N THR AA 100 72.96 -35.23 13.06
CA THR AA 100 72.13 -36.24 12.39
C THR AA 100 71.74 -35.76 11.00
N MET AA 101 71.44 -34.47 10.85
CA MET AA 101 71.14 -33.90 9.55
C MET AA 101 72.31 -34.09 8.58
N ILE AA 102 73.52 -33.73 9.02
CA ILE AA 102 74.69 -33.87 8.16
C ILE AA 102 74.95 -35.34 7.83
N SER AA 103 74.81 -36.22 8.82
CA SER AA 103 75.00 -37.65 8.60
C SER AA 103 74.02 -38.18 7.57
N PHE AA 104 72.77 -37.71 7.62
CA PHE AA 104 71.78 -38.18 6.67
C PHE AA 104 72.01 -37.62 5.27
N LEU AA 105 72.49 -36.38 5.19
CA LEU AA 105 72.89 -35.83 3.89
C LEU AA 105 74.00 -36.67 3.27
N ALA AA 106 74.90 -37.21 4.10
CA ALA AA 106 75.90 -38.13 3.56
C ALA AA 106 75.29 -39.48 3.22
N LYS AA 107 74.47 -40.01 4.13
CA LYS AA 107 73.95 -41.37 4.02
C LYS AA 107 73.04 -41.53 2.81
N ARG AA 108 72.24 -40.52 2.50
CA ARG AA 108 71.22 -40.60 1.46
C ARG AA 108 71.52 -39.69 0.28
N ARG AA 109 72.80 -39.45 -0.02
CA ARG AA 109 73.17 -38.50 -1.06
C ARG AA 109 72.60 -38.91 -2.41
N ASN AA 110 72.79 -40.18 -2.79
CA ASN AA 110 72.30 -40.64 -4.09
C ASN AA 110 70.78 -40.55 -4.17
N SER AA 111 70.10 -40.98 -3.10
CA SER AA 111 68.63 -40.91 -3.09
C SER AA 111 68.15 -39.47 -3.22
N ILE AA 112 68.79 -38.55 -2.49
CA ILE AA 112 68.41 -37.15 -2.53
C ILE AA 112 68.63 -36.57 -3.93
N LEU AA 113 69.76 -36.92 -4.55
CA LEU AA 113 70.08 -36.34 -5.86
C LEU AA 113 69.27 -36.96 -6.99
N ALA AA 114 68.78 -38.19 -6.80
CA ALA AA 114 68.04 -38.86 -7.85
C ALA AA 114 66.51 -38.78 -7.67
N GLY AA 115 66.04 -38.38 -6.50
CA GLY AA 115 64.60 -38.37 -6.27
C GLY AA 115 64.01 -39.75 -6.22
N ASN AA 116 64.70 -40.68 -5.57
CA ASN AA 116 64.27 -42.08 -5.50
C ASN AA 116 64.57 -42.60 -4.10
N LEU AA 117 63.53 -42.87 -3.32
CA LEU AA 117 63.71 -43.37 -1.96
C LEU AA 117 64.33 -44.76 -1.91
N LEU AA 118 64.24 -45.53 -2.98
CA LEU AA 118 64.63 -46.92 -2.94
C LEU AA 118 66.13 -47.14 -3.08
N LEU AA 119 66.89 -46.12 -3.46
CA LEU AA 119 68.32 -46.29 -3.62
C LEU AA 119 68.96 -46.61 -2.27
N PRO AA 120 69.91 -47.53 -2.22
CA PRO AA 120 70.57 -47.85 -0.95
C PRO AA 120 71.39 -46.68 -0.45
N ASP AA 121 71.76 -46.76 0.82
CA ASP AA 121 72.63 -45.75 1.41
C ASP AA 121 73.91 -45.61 0.60
N ASN AA 122 74.44 -44.40 0.56
CA ASN AA 122 75.73 -44.18 -0.06
C ASN AA 122 76.80 -44.97 0.69
N PRO AA 123 77.77 -45.57 -0.02
CA PRO AA 123 78.87 -46.28 0.64
C PRO AA 123 79.74 -45.33 1.47
N ALA BA 1 83.09 7.13 -21.12
CA ALA BA 1 83.32 8.02 -22.24
C ALA BA 1 82.11 8.89 -22.51
N SER BA 2 82.30 10.21 -22.45
CA SER BA 2 81.23 11.13 -22.81
C SER BA 2 80.76 10.84 -24.23
N LEU BA 3 79.44 10.73 -24.40
CA LEU BA 3 78.89 10.40 -25.71
C LEU BA 3 78.90 11.64 -26.61
N PRO BA 4 79.14 11.47 -27.91
CA PRO BA 4 79.08 12.62 -28.83
C PRO BA 4 77.63 12.98 -29.13
N VAL BA 5 77.36 14.29 -29.13
CA VAL BA 5 76.00 14.78 -29.30
C VAL BA 5 75.96 15.93 -30.28
N THR BA 6 74.83 16.08 -30.96
CA THR BA 6 74.50 17.28 -31.72
C THR BA 6 73.12 17.76 -31.33
N GLN BA 7 72.96 19.07 -31.26
CA GLN BA 7 71.69 19.63 -30.81
C GLN BA 7 70.61 19.38 -31.85
N TYR BA 8 69.58 18.62 -31.47
CA TYR BA 8 68.45 18.28 -32.32
C TYR BA 8 67.34 19.32 -32.23
N SER BA 9 66.80 19.55 -31.04
CA SER BA 9 65.82 20.62 -30.84
C SER BA 9 66.46 21.74 -30.02
N PRO BA 10 66.70 22.90 -30.61
CA PRO BA 10 67.46 23.94 -29.92
C PRO BA 10 66.61 24.67 -28.92
N PRO BA 11 67.22 25.41 -27.98
CA PRO BA 11 66.42 26.17 -27.01
C PRO BA 11 65.67 27.30 -27.68
N VAL BA 12 64.43 27.48 -27.25
CA VAL BA 12 63.51 28.43 -27.82
C VAL BA 12 63.27 29.61 -26.89
N THR BA 13 62.90 29.32 -25.65
CA THR BA 13 62.66 30.29 -24.60
C THR BA 13 63.45 29.87 -23.37
N PRO BA 14 63.65 30.79 -22.42
CA PRO BA 14 64.37 30.42 -21.19
C PRO BA 14 63.79 29.20 -20.47
N LEU BA 15 62.47 29.05 -20.48
CA LEU BA 15 61.83 27.86 -19.94
C LEU BA 15 61.43 26.92 -21.07
N GLY BA 16 61.34 25.64 -20.73
CA GLY BA 16 60.98 24.64 -21.71
C GLY BA 16 61.97 23.49 -21.78
N LYS BA 17 62.18 22.95 -22.98
CA LYS BA 17 63.04 21.79 -23.19
C LYS BA 17 63.99 22.05 -24.35
N SER BA 18 65.20 21.51 -24.23
CA SER BA 18 66.18 21.45 -25.30
C SER BA 18 66.71 20.03 -25.38
N THR BA 19 66.92 19.51 -26.59
CA THR BA 19 67.34 18.12 -26.75
C THR BA 19 68.54 18.02 -27.68
N TRP BA 20 69.48 17.16 -27.28
CA TRP BA 20 70.60 16.72 -28.10
C TRP BA 20 70.45 15.26 -28.43
N ASN BA 21 70.83 14.87 -29.64
CA ASN BA 21 70.86 13.48 -30.05
C ASN BA 21 72.30 12.97 -30.02
N VAL BA 22 72.45 11.72 -29.59
CA VAL BA 22 73.75 11.04 -29.61
C VAL BA 22 74.04 10.60 -31.04
N THR BA 23 75.17 11.03 -31.57
CA THR BA 23 75.51 10.74 -32.96
C THR BA 23 76.15 9.37 -33.09
N GLY BA 24 76.01 8.77 -34.27
CA GLY BA 24 76.61 7.49 -34.56
C GLY BA 24 75.89 6.30 -34.00
N SER BA 25 74.63 6.44 -33.61
CA SER BA 25 73.89 5.32 -33.06
C SER BA 25 73.43 4.38 -34.15
N THR BA 26 73.33 3.09 -33.82
CA THR BA 26 72.94 2.08 -34.78
C THR BA 26 71.46 1.71 -34.71
N ASN BA 27 70.79 2.02 -33.61
CA ASN BA 27 69.39 1.65 -33.46
C ASN BA 27 68.51 2.59 -34.29
N PRO BA 28 67.25 2.21 -34.53
CA PRO BA 28 66.36 3.04 -35.36
C PRO BA 28 66.24 4.45 -34.80
N PRO BA 29 65.83 5.43 -35.63
CA PRO BA 29 65.90 6.83 -35.20
C PRO BA 29 65.03 7.12 -33.97
N GLY BA 30 63.83 6.57 -33.89
CA GLY BA 30 62.99 6.78 -32.73
C GLY BA 30 63.63 6.32 -31.44
N LEU BA 31 64.67 5.49 -31.51
CA LEU BA 31 65.40 5.01 -30.35
C LEU BA 31 66.81 5.59 -30.26
N VAL BA 32 67.06 6.71 -30.92
CA VAL BA 32 68.37 7.37 -30.79
C VAL BA 32 68.53 7.88 -29.37
N PRO BA 33 69.66 7.59 -28.71
CA PRO BA 33 69.87 8.10 -27.34
C PRO BA 33 69.79 9.62 -27.32
N GLN BA 34 69.19 10.15 -26.26
CA GLN BA 34 68.92 11.57 -26.17
C GLN BA 34 69.39 12.15 -24.84
N VAL BA 35 69.73 13.44 -24.86
CA VAL BA 35 69.97 14.24 -23.67
C VAL BA 35 69.01 15.42 -23.70
N VAL BA 36 68.26 15.59 -22.63
CA VAL BA 36 67.20 16.60 -22.56
C VAL BA 36 67.49 17.51 -21.37
N GLN BA 37 67.59 18.81 -21.62
CA GLN BA 37 67.64 19.80 -20.56
C GLN BA 37 66.29 20.49 -20.43
N THR BA 38 65.79 20.59 -19.21
CA THR BA 38 64.47 21.15 -18.92
C THR BA 38 64.62 22.28 -17.93
N GLU BA 39 63.94 23.39 -18.18
CA GLU BA 39 63.86 24.49 -17.22
C GLU BA 39 62.39 24.83 -17.01
N SER BA 40 61.85 24.46 -15.85
CA SER BA 40 60.41 24.56 -15.64
C SER BA 40 60.11 25.30 -14.33
N ILE BA 41 58.98 26.03 -14.33
CA ILE BA 41 58.58 26.78 -13.15
C ILE BA 41 57.61 25.94 -12.33
N ASN BA 42 57.67 26.12 -11.02
CA ASN BA 42 56.74 25.46 -10.12
C ASN BA 42 55.35 26.08 -10.26
N ALA BA 43 54.34 25.37 -9.74
CA ALA BA 43 52.98 25.89 -9.78
C ALA BA 43 52.88 27.21 -9.01
N ARG BA 44 53.34 27.22 -7.76
CA ARG BA 44 53.33 28.45 -6.98
C ARG BA 44 54.43 29.42 -7.38
N LYS BA 45 55.22 29.09 -8.41
CA LYS BA 45 56.30 29.95 -8.90
C LYS BA 45 57.34 30.23 -7.82
N SER BA 46 57.54 29.29 -6.91
CA SER BA 46 58.56 29.42 -5.89
C SER BA 46 59.91 28.90 -6.36
N ASN BA 47 59.92 27.83 -7.14
CA ASN BA 47 61.16 27.21 -7.62
C ASN BA 47 61.17 27.18 -9.14
N ILE BA 48 62.38 27.26 -9.70
CA ILE BA 48 62.64 26.83 -11.07
C ILE BA 48 63.45 25.55 -10.99
N MET BA 49 62.96 24.51 -11.63
CA MET BA 49 63.66 23.23 -11.69
C MET BA 49 64.53 23.20 -12.94
N SER BA 50 65.83 23.01 -12.73
CA SER BA 50 66.78 22.75 -13.82
C SER BA 50 67.06 21.26 -13.85
N LYS BA 51 66.76 20.61 -14.97
CA LYS BA 51 66.90 19.17 -15.09
C LYS BA 51 67.74 18.81 -16.30
N ILE BA 52 68.53 17.74 -16.15
CA ILE BA 52 69.22 17.10 -17.26
C ILE BA 52 68.87 15.61 -17.22
N SER BA 53 68.55 15.05 -18.38
CA SER BA 53 68.13 13.66 -18.47
C SER BA 53 68.83 12.99 -19.65
N VAL BA 54 69.46 11.86 -19.39
CA VAL BA 54 70.10 11.07 -20.42
C VAL BA 54 69.34 9.77 -20.54
N TYR BA 55 68.73 9.55 -21.71
CA TYR BA 55 68.01 8.33 -22.03
C TYR BA 55 68.83 7.59 -23.09
N TYR BA 56 69.39 6.44 -22.71
CA TYR BA 56 70.14 5.60 -23.65
C TYR BA 56 69.36 4.31 -23.85
N TYR BA 57 68.84 4.12 -25.07
CA TYR BA 57 68.03 2.96 -25.38
C TYR BA 57 68.95 1.85 -25.88
N ILE BA 58 68.92 0.71 -25.20
CA ILE BA 58 69.84 -0.39 -25.48
C ILE BA 58 69.03 -1.68 -25.63
N PRO BA 59 69.32 -2.52 -26.63
CA PRO BA 59 68.57 -3.76 -26.78
C PRO BA 59 68.89 -4.75 -25.67
N SER BA 60 67.88 -5.55 -25.32
CA SER BA 60 68.02 -6.49 -24.22
C SER BA 60 69.00 -7.63 -24.53
N THR BA 61 69.30 -7.85 -25.81
CA THR BA 61 70.22 -8.90 -26.21
C THR BA 61 71.33 -8.31 -27.07
N ASN BA 62 72.41 -9.08 -27.22
CA ASN BA 62 73.55 -8.61 -27.99
C ASN BA 62 73.25 -8.57 -29.48
N SER BA 63 72.41 -9.49 -29.96
CA SER BA 63 72.07 -9.57 -31.38
C SER BA 63 70.57 -9.41 -31.55
N VAL BA 64 70.15 -9.28 -32.82
CA VAL BA 64 68.73 -9.12 -33.12
C VAL BA 64 68.02 -10.45 -32.98
N SER BA 65 66.90 -10.44 -32.26
CA SER BA 65 66.10 -11.64 -32.08
C SER BA 65 64.64 -11.23 -31.95
N CYS BA 66 63.76 -12.23 -31.92
CA CYS BA 66 62.33 -11.95 -31.88
C CYS BA 66 61.88 -11.49 -30.50
N CYS BA 67 62.56 -11.95 -29.45
CA CYS BA 67 62.28 -11.53 -28.08
C CYS BA 67 63.08 -10.31 -27.67
N THR BA 68 63.76 -9.66 -28.61
CA THR BA 68 64.57 -8.50 -28.30
C THR BA 68 63.70 -7.35 -27.83
N GLU BA 69 63.85 -6.96 -26.57
CA GLU BA 69 63.19 -5.78 -26.01
C GLU BA 69 64.18 -4.63 -25.95
N TRP BA 70 63.67 -3.46 -25.59
CA TRP BA 70 64.47 -2.24 -25.52
C TRP BA 70 64.45 -1.73 -24.08
N ASP BA 71 65.57 -1.93 -23.38
CA ASP BA 71 65.73 -1.35 -22.06
C ASP BA 71 66.24 0.08 -22.20
N THR BA 72 66.05 0.86 -21.13
CA THR BA 72 66.48 2.24 -21.10
C THR BA 72 67.40 2.45 -19.92
N ILE BA 73 68.63 2.89 -20.19
CA ILE BA 73 69.53 3.40 -19.17
C ILE BA 73 69.18 4.86 -18.96
N ARG BA 74 68.65 5.19 -17.79
CA ARG BA 74 68.20 6.53 -17.46
C ARG BA 74 69.13 7.15 -16.42
N CYS BA 75 69.56 8.38 -16.68
CA CYS BA 75 70.33 9.15 -15.72
C CYS BA 75 69.71 10.53 -15.60
N GLU BA 76 69.24 10.86 -14.39
CA GLU BA 76 68.50 12.08 -14.14
C GLU BA 76 69.24 12.98 -13.16
N PHE BA 77 69.10 14.29 -13.37
CA PHE BA 77 69.65 15.31 -12.50
C PHE BA 77 68.64 16.45 -12.41
N SER BA 78 68.46 16.97 -11.19
CA SER BA 78 67.58 18.11 -10.97
C SER BA 78 68.20 19.04 -9.92
N LEU BA 79 67.91 20.32 -10.06
CA LEU BA 79 68.39 21.34 -9.13
C LEU BA 79 67.31 22.40 -8.95
N THR BA 80 67.07 22.80 -7.69
CA THR BA 80 66.05 23.79 -7.38
C THR BA 80 66.68 25.18 -7.27
N LEU BA 81 66.19 26.11 -8.09
CA LEU BA 81 66.58 27.51 -8.03
C LEU BA 81 65.45 28.29 -7.36
N LEU BA 82 65.68 28.72 -6.12
CA LEU BA 82 64.67 29.47 -5.38
C LEU BA 82 64.44 30.83 -6.05
N GLN BA 83 63.17 31.18 -6.25
CA GLN BA 83 62.83 32.39 -6.99
C GLN BA 83 62.24 33.49 -6.11
N LEU BA 84 61.84 33.20 -4.88
CA LEU BA 84 61.15 34.17 -4.05
C LEU BA 84 61.81 34.32 -2.69
N SER BA 85 63.10 34.00 -2.58
CA SER BA 85 63.81 34.11 -1.32
C SER BA 85 64.51 35.47 -1.23
N SER BA 86 64.41 36.08 -0.05
CA SER BA 86 65.10 37.33 0.23
C SER BA 86 66.53 37.12 0.72
N ASN BA 87 66.93 35.88 0.97
CA ASN BA 87 68.27 35.58 1.42
C ASN BA 87 69.25 35.71 0.25
N THR BA 88 70.25 36.57 0.40
CA THR BA 88 71.23 36.79 -0.66
C THR BA 88 72.23 35.64 -0.78
N ASP BA 89 72.25 34.70 0.17
CA ASP BA 89 73.14 33.55 0.07
C ASP BA 89 72.68 32.53 -0.95
N VAL BA 90 71.47 32.68 -1.52
CA VAL BA 90 70.88 31.62 -2.30
C VAL BA 90 71.75 31.27 -3.50
N ALA BA 91 72.30 32.28 -4.18
CA ALA BA 91 73.08 32.01 -5.39
C ALA BA 91 74.35 31.25 -5.06
N ALA BA 92 75.14 31.76 -4.11
CA ALA BA 92 76.38 31.08 -3.75
C ALA BA 92 76.12 29.70 -3.20
N ARG BA 93 75.03 29.52 -2.44
CA ARG BA 93 74.75 28.21 -1.87
C ARG BA 93 74.25 27.23 -2.93
N THR BA 94 73.48 27.69 -3.93
CA THR BA 94 73.14 26.81 -5.04
C THR BA 94 74.39 26.38 -5.80
N VAL BA 95 75.32 27.31 -5.99
CA VAL BA 95 76.60 26.95 -6.61
C VAL BA 95 77.31 25.90 -5.78
N ASP BA 96 77.35 26.09 -4.45
CA ASP BA 96 78.01 25.14 -3.57
C ASP BA 96 77.33 23.77 -3.64
N VAL BA 97 76.00 23.76 -3.74
CA VAL BA 97 75.26 22.50 -3.81
C VAL BA 97 75.59 21.77 -5.10
N LEU BA 98 75.61 22.49 -6.23
CA LEU BA 98 75.97 21.87 -7.50
C LEU BA 98 77.39 21.31 -7.46
N ASP BA 99 78.32 22.06 -6.85
CA ASP BA 99 79.69 21.59 -6.76
C ASP BA 99 79.78 20.35 -5.85
N THR BA 100 79.00 20.32 -4.78
CA THR BA 100 78.96 19.13 -3.93
C THR BA 100 78.43 17.93 -4.69
N MET BA 101 77.42 18.16 -5.54
CA MET BA 101 76.90 17.08 -6.38
C MET BA 101 77.98 16.52 -7.29
N ILE BA 102 78.72 17.40 -7.98
CA ILE BA 102 79.78 16.94 -8.88
C ILE BA 102 80.87 16.22 -8.10
N SER BA 103 81.25 16.78 -6.94
CA SER BA 103 82.27 16.15 -6.11
C SER BA 103 81.85 14.75 -5.68
N PHE BA 104 80.57 14.58 -5.35
CA PHE BA 104 80.10 13.26 -4.92
C PHE BA 104 80.02 12.30 -6.08
N LEU BA 105 79.66 12.78 -7.27
CA LEU BA 105 79.70 11.92 -8.45
C LEU BA 105 81.11 11.43 -8.71
N ALA BA 106 82.12 12.25 -8.41
CA ALA BA 106 83.50 11.78 -8.51
C ALA BA 106 83.83 10.82 -7.37
N LYS BA 107 83.46 11.21 -6.15
CA LYS BA 107 83.87 10.49 -4.94
C LYS BA 107 83.29 9.07 -4.90
N ARG BA 108 82.05 8.91 -5.35
CA ARG BA 108 81.34 7.64 -5.23
C ARG BA 108 81.08 6.99 -6.58
N ARG BA 109 81.97 7.20 -7.55
CA ARG BA 109 81.72 6.70 -8.90
C ARG BA 109 81.59 5.17 -8.93
N ASN BA 110 82.52 4.47 -8.27
CA ASN BA 110 82.45 3.01 -8.28
C ASN BA 110 81.20 2.52 -7.58
N SER BA 111 80.86 3.10 -6.44
CA SER BA 111 79.66 2.69 -5.71
C SER BA 111 78.41 2.93 -6.57
N ILE BA 112 78.34 4.09 -7.23
CA ILE BA 112 77.18 4.40 -8.07
C ILE BA 112 77.08 3.42 -9.23
N LEU BA 113 78.21 3.09 -9.85
CA LEU BA 113 78.18 2.22 -11.03
C LEU BA 113 77.96 0.76 -10.67
N ALA BA 114 78.29 0.36 -9.44
CA ALA BA 114 78.15 -1.03 -9.04
C ALA BA 114 76.88 -1.30 -8.22
N GLY BA 115 76.20 -0.27 -7.74
CA GLY BA 115 75.04 -0.49 -6.90
C GLY BA 115 75.39 -1.09 -5.56
N ASN BA 116 76.48 -0.62 -4.95
CA ASN BA 116 76.98 -1.16 -3.68
C ASN BA 116 77.48 0.00 -2.84
N LEU BA 117 76.78 0.28 -1.73
CA LEU BA 117 77.14 1.39 -0.86
C LEU BA 117 78.47 1.16 -0.15
N LEU BA 118 78.91 -0.10 -0.03
CA LEU BA 118 80.07 -0.42 0.79
C LEU BA 118 81.40 -0.16 0.10
N LEU BA 119 81.40 0.08 -1.21
CA LEU BA 119 82.66 0.32 -1.90
C LEU BA 119 83.30 1.60 -1.39
N PRO BA 120 84.62 1.62 -1.19
CA PRO BA 120 85.27 2.84 -0.73
C PRO BA 120 85.20 3.93 -1.77
N ASP BA 121 85.50 5.16 -1.34
CA ASP BA 121 85.55 6.29 -2.26
C ASP BA 121 86.53 5.99 -3.39
N ASN BA 122 86.22 6.53 -4.57
CA ASN BA 122 87.15 6.44 -5.68
C ASN BA 122 88.44 7.16 -5.32
N PRO BA 123 89.61 6.63 -5.72
CA PRO BA 123 90.89 7.31 -5.47
C PRO BA 123 90.98 8.63 -6.24
N ALA CA 1 76.04 20.37 34.79
CA ALA CA 1 75.94 20.91 36.15
C ALA CA 1 74.58 20.62 36.74
N SER CA 2 74.59 19.93 37.89
CA SER CA 2 73.35 19.69 38.61
C SER CA 2 72.68 21.02 38.94
N LEU CA 3 71.39 21.11 38.65
CA LEU CA 3 70.68 22.36 38.88
C LEU CA 3 70.35 22.52 40.35
N PRO CA 4 70.38 23.74 40.89
CA PRO CA 4 69.99 23.96 42.29
C PRO CA 4 68.48 23.93 42.44
N VAL CA 5 68.02 23.26 43.49
CA VAL CA 5 66.60 23.04 43.69
C VAL CA 5 66.23 23.31 45.15
N THR CA 6 64.98 23.73 45.34
CA THR CA 6 64.35 23.77 46.67
C THR CA 6 63.01 23.07 46.59
N GLN CA 7 62.66 22.34 47.64
CA GLN CA 7 61.43 21.57 47.64
C GLN CA 7 60.23 22.52 47.69
N TYR CA 8 59.41 22.48 46.64
CA TYR CA 8 58.21 23.31 46.52
C TYR CA 8 56.98 22.61 47.13
N SER CA 9 56.64 21.42 46.63
CA SER CA 9 55.57 20.64 47.25
C SER CA 9 56.15 19.43 47.95
N PRO CA 10 56.13 19.36 49.27
CA PRO CA 10 56.84 18.32 49.99
C PRO CA 10 56.07 17.02 49.96
N PRO CA 11 56.72 15.90 50.28
CA PRO CA 11 56.00 14.61 50.29
C PRO CA 11 54.98 14.56 51.41
N VAL CA 12 53.83 14.00 51.09
CA VAL CA 12 52.70 13.95 51.98
C VAL CA 12 52.45 12.55 52.49
N THR CA 13 52.36 11.58 51.58
CA THR CA 13 52.15 10.18 51.85
C THR CA 13 53.19 9.38 51.08
N PRO CA 14 53.43 8.12 51.45
CA PRO CA 14 54.40 7.31 50.70
C PRO CA 14 54.14 7.25 49.21
N LEU CA 15 52.87 7.23 48.80
CA LEU CA 15 52.51 7.30 47.39
C LEU CA 15 52.07 8.71 47.04
N GLY CA 16 52.22 9.06 45.76
CA GLY CA 16 51.86 10.39 45.31
C GLY CA 16 52.97 11.09 44.56
N LYS CA 17 53.05 12.41 44.71
CA LYS CA 17 54.01 13.24 44.01
C LYS CA 17 54.70 14.19 44.98
N SER CA 18 55.98 14.45 44.72
CA SER CA 18 56.75 15.48 45.40
C SER CA 18 57.46 16.30 44.34
N THR CA 19 57.53 17.62 44.52
CA THR CA 19 58.11 18.48 43.49
C THR CA 19 59.14 19.43 44.10
N TRP CA 20 60.24 19.60 43.38
CA TRP CA 20 61.27 20.60 43.64
C TRP CA 20 61.26 21.62 42.50
N ASN CA 21 61.50 22.88 42.84
CA ASN CA 21 61.66 23.93 41.86
C ASN CA 21 63.13 24.28 41.71
N VAL CA 22 63.54 24.55 40.47
CA VAL CA 22 64.89 25.01 40.18
C VAL CA 22 64.99 26.48 40.55
N THR CA 23 65.94 26.81 41.41
CA THR CA 23 66.07 28.18 41.89
C THR CA 23 66.87 29.03 40.92
N GLY CA 24 66.61 30.34 40.94
CA GLY CA 24 67.34 31.28 40.12
C GLY CA 24 66.91 31.34 38.67
N SER CA 25 65.73 30.83 38.34
CA SER CA 25 65.27 30.85 36.96
C SER CA 25 64.77 32.23 36.58
N THR CA 26 64.92 32.57 35.31
CA THR CA 26 64.52 33.88 34.82
C THR CA 26 63.16 33.89 34.16
N ASN CA 27 62.64 32.74 33.75
CA ASN CA 27 61.36 32.67 33.07
C ASN CA 27 60.22 32.85 34.07
N PRO CA 28 59.01 33.15 33.59
CA PRO CA 28 57.88 33.37 34.51
C PRO CA 28 57.65 32.19 35.43
N PRO CA 29 56.96 32.39 36.56
CA PRO CA 29 56.89 31.31 37.56
C PRO CA 29 56.22 30.04 37.06
N GLY CA 30 55.15 30.15 36.28
CA GLY CA 30 54.50 28.97 35.73
C GLY CA 30 55.41 28.14 34.85
N LEU CA 31 56.54 28.70 34.41
CA LEU CA 31 57.52 27.99 33.60
C LEU CA 31 58.83 27.74 34.36
N VAL CA 32 58.79 27.77 35.68
CA VAL CA 32 59.98 27.44 36.46
C VAL CA 32 60.32 25.96 36.26
N PRO CA 33 61.57 25.62 35.93
CA PRO CA 33 61.93 24.22 35.77
C PRO CA 33 61.64 23.43 37.03
N GLN CA 34 61.16 22.20 36.85
CA GLN CA 34 60.71 21.38 37.97
C GLN CA 34 61.32 20.00 37.93
N VAL CA 35 61.46 19.40 39.11
CA VAL CA 35 61.78 17.99 39.27
C VAL CA 35 60.68 17.35 40.08
N VAL CA 36 60.09 16.27 39.57
CA VAL CA 36 58.94 15.62 40.17
C VAL CA 36 59.30 14.17 40.44
N GLN CA 37 59.15 13.74 41.70
CA GLN CA 37 59.25 12.33 42.05
C GLN CA 37 57.85 11.78 42.28
N THR CA 38 57.56 10.63 41.68
CA THR CA 38 56.25 9.99 41.74
C THR CA 38 56.40 8.59 42.27
N GLU CA 39 55.53 8.19 43.18
CA GLU CA 39 55.46 6.81 43.66
C GLU CA 39 54.01 6.34 43.53
N SER CA 40 53.74 5.48 42.54
CA SER CA 40 52.36 5.14 42.23
C SER CA 40 52.19 3.62 42.17
N ILE CA 41 50.99 3.16 42.54
CA ILE CA 41 50.69 1.74 42.53
C ILE CA 41 50.00 1.38 41.23
N ASN CA 42 50.26 0.16 40.76
CA ASN CA 42 49.61 -0.36 39.58
C ASN CA 42 48.15 -0.67 39.89
N ALA CA 43 47.36 -0.83 38.82
CA ALA CA 43 45.95 -1.16 38.98
C ALA CA 43 45.79 -2.50 39.72
N ARG CA 44 46.46 -3.54 39.24
CA ARG CA 44 46.41 -4.83 39.91
C ARG CA 44 47.27 -4.89 41.16
N LYS CA 45 47.90 -3.77 41.54
CA LYS CA 45 48.74 -3.69 42.74
C LYS CA 45 49.90 -4.69 42.70
N SER CA 46 50.40 -4.98 41.49
CA SER CA 46 51.55 -5.84 41.34
C SER CA 46 52.86 -5.07 41.41
N ASN CA 47 52.89 -3.85 40.86
CA ASN CA 47 54.10 -3.05 40.83
C ASN CA 47 53.86 -1.71 41.53
N ILE CA 48 54.92 -1.18 42.12
CA ILE CA 48 55.00 0.24 42.46
C ILE CA 48 55.99 0.87 41.50
N MET CA 49 55.56 1.92 40.80
CA MET CA 49 56.41 2.65 39.90
C MET CA 49 57.04 3.81 40.65
N SER CA 50 58.38 3.85 40.68
CA SER CA 50 59.14 4.98 41.18
C SER CA 50 59.63 5.77 39.98
N LYS CA 51 59.24 7.04 39.89
CA LYS CA 51 59.57 7.88 38.75
C LYS CA 51 60.23 9.17 39.19
N ILE CA 52 61.18 9.63 38.38
CA ILE CA 52 61.75 10.97 38.50
C ILE CA 52 61.64 11.64 37.15
N SER CA 53 61.20 12.90 37.15
CA SER CA 53 60.98 13.65 35.92
C SER CA 53 61.55 15.05 36.05
N VAL CA 54 62.38 15.44 35.10
CA VAL CA 54 62.95 16.78 35.05
C VAL CA 54 62.37 17.48 33.84
N TYR CA 55 61.60 18.54 34.08
CA TYR CA 55 61.02 19.38 33.04
C TYR CA 55 61.75 20.71 33.09
N TYR CA 56 62.53 21.02 32.04
CA TYR CA 56 63.22 22.30 31.93
C TYR CA 56 62.61 23.06 30.77
N TYR CA 57 61.92 24.16 31.06
CA TYR CA 57 61.24 24.95 30.05
C TYR CA 57 62.21 26.01 29.54
N ILE CA 58 62.47 25.99 28.23
CA ILE CA 58 63.48 26.85 27.62
C ILE CA 58 62.85 27.56 26.42
N PRO CA 59 63.09 28.86 26.25
CA PRO CA 59 62.50 29.56 25.09
C PRO CA 59 63.15 29.13 23.79
N SER CA 60 62.35 29.14 22.72
CA SER CA 60 62.82 28.67 21.43
C SER CA 60 63.88 29.58 20.82
N THR CA 61 63.99 30.82 21.29
CA THR CA 61 64.97 31.77 20.79
C THR CA 61 65.82 32.30 21.95
N ASN CA 62 66.95 32.91 21.59
CA ASN CA 62 67.86 33.43 22.60
C ASN CA 62 67.30 34.67 23.27
N SER CA 63 66.53 35.47 22.55
CA SER CA 63 65.97 36.71 23.07
C SER CA 63 64.44 36.66 22.97
N VAL CA 64 63.81 37.66 23.59
CA VAL CA 64 62.35 37.72 23.58
C VAL CA 64 61.87 38.21 22.22
N SER CA 65 60.91 37.50 21.65
CA SER CA 65 60.33 37.88 20.37
C SER CA 65 58.87 37.45 20.35
N CYS CA 66 58.16 37.85 19.30
CA CYS CA 66 56.74 37.57 19.21
C CYS CA 66 56.47 36.11 18.84
N CYS CA 67 57.39 35.48 18.09
CA CYS CA 67 57.29 34.07 17.74
C CYS CA 67 57.97 33.16 18.76
N THR CA 68 58.37 33.71 19.90
CA THR CA 68 59.04 32.92 20.92
C THR CA 68 58.10 31.87 21.50
N GLU CA 69 58.41 30.61 21.27
CA GLU CA 69 57.70 29.49 21.86
C GLU CA 69 58.50 28.94 23.03
N TRP CA 70 57.89 27.99 23.75
CA TRP CA 70 58.52 27.39 24.92
C TRP CA 70 58.68 25.90 24.66
N ASP CA 71 59.92 25.48 24.40
CA ASP CA 71 60.22 24.07 24.30
C ASP CA 71 60.48 23.50 25.70
N THR CA 72 60.36 22.18 25.80
CA THR CA 72 60.58 21.50 27.07
C THR CA 72 61.65 20.44 26.89
N ILE CA 73 62.74 20.56 27.65
CA ILE CA 73 63.72 19.49 27.78
C ILE CA 73 63.21 18.56 28.86
N ARG CA 74 62.84 17.34 28.47
CA ARG CA 74 62.27 16.34 29.37
C ARG CA 74 63.26 15.21 29.59
N CYS CA 75 63.46 14.86 30.86
CA CYS CA 75 64.27 13.71 31.23
C CYS CA 75 63.48 12.86 32.21
N GLU CA 76 63.18 11.62 31.83
CA GLU CA 76 62.32 10.73 32.59
C GLU CA 76 63.09 9.50 33.05
N PHE CA 77 62.71 9.01 34.23
CA PHE CA 77 63.26 7.79 34.81
C PHE CA 77 62.13 7.06 35.53
N SER CA 78 62.09 5.73 35.35
CA SER CA 78 61.11 4.91 36.03
C SER CA 78 61.75 3.60 36.44
N LEU CA 79 61.25 3.03 37.55
CA LEU CA 79 61.74 1.76 38.08
C LEU CA 79 60.56 0.99 38.66
N THR CA 80 60.49 -0.30 38.36
CA THR CA 80 59.41 -1.16 38.84
C THR CA 80 59.83 -1.89 40.11
N LEU CA 81 59.08 -1.70 41.19
CA LEU CA 81 59.27 -2.42 42.44
C LEU CA 81 58.16 -3.47 42.54
N LEU CA 82 58.55 -4.73 42.37
CA LEU CA 82 57.58 -5.82 42.45
C LEU CA 82 57.05 -5.94 43.87
N GLN CA 83 55.72 -6.05 44.00
CA GLN CA 83 55.07 -6.04 45.30
C GLN CA 83 54.49 -7.39 45.71
N LEU CA 84 54.37 -8.34 44.78
CA LEU CA 84 53.70 -9.60 45.06
C LEU CA 84 54.55 -10.80 44.68
N SER CA 85 55.86 -10.63 44.64
CA SER CA 85 56.77 -11.71 44.28
C SER CA 85 57.27 -12.42 45.54
N SER CA 86 57.29 -13.75 45.49
CA SER CA 86 57.83 -14.57 46.57
C SER CA 86 59.33 -14.76 46.47
N ASN CA 87 59.94 -14.33 45.36
CA ASN CA 87 61.38 -14.46 45.19
C ASN CA 87 62.11 -13.45 46.06
N THR CA 88 62.98 -13.92 46.94
CA THR CA 88 63.72 -13.04 47.84
C THR CA 88 64.85 -12.29 47.13
N ASP CA 89 65.16 -12.63 45.88
CA ASP CA 89 66.18 -11.90 45.13
C ASP CA 89 65.70 -10.54 44.65
N VAL CA 90 64.41 -10.23 44.78
CA VAL CA 90 63.84 -9.06 44.12
C VAL CA 90 64.53 -7.79 44.59
N ALA CA 91 64.80 -7.66 45.90
CA ALA CA 91 65.39 -6.43 46.40
C ALA CA 91 66.80 -6.23 45.87
N ALA CA 92 67.66 -7.23 46.02
CA ALA CA 92 69.03 -7.12 45.54
C ALA CA 92 69.07 -6.91 44.04
N ARG CA 93 68.17 -7.56 43.30
CA ARG CA 93 68.19 -7.42 41.85
C ARG CA 93 67.66 -6.06 41.40
N THR CA 94 66.68 -5.49 42.11
CA THR CA 94 66.27 -4.12 41.82
C THR CA 94 67.42 -3.15 42.07
N VAL CA 95 68.17 -3.37 43.16
CA VAL CA 95 69.35 -2.57 43.42
C VAL CA 95 70.34 -2.69 42.27
N ASP CA 96 70.58 -3.94 41.83
CA ASP CA 96 71.51 -4.16 40.73
C ASP CA 96 71.05 -3.48 39.45
N VAL CA 97 69.73 -3.49 39.20
CA VAL CA 97 69.19 -2.86 38.01
C VAL CA 97 69.39 -1.35 38.07
N LEU CA 98 69.10 -0.74 39.22
CA LEU CA 98 69.32 0.70 39.37
C LEU CA 98 70.80 1.05 39.18
N ASP CA 99 71.70 0.23 39.72
CA ASP CA 99 73.12 0.49 39.57
C ASP CA 99 73.55 0.34 38.11
N THR CA 100 72.97 -0.63 37.40
CA THR CA 100 73.26 -0.78 35.98
C THR CA 100 72.78 0.44 35.20
N MET CA 101 71.63 0.98 35.58
CA MET CA 101 71.12 2.20 34.96
C MET CA 101 72.11 3.36 35.14
N ILE CA 102 72.57 3.57 36.37
CA ILE CA 102 73.51 4.65 36.64
C ILE CA 102 74.82 4.43 35.89
N SER CA 103 75.31 3.19 35.89
CA SER CA 103 76.54 2.86 35.18
C SER CA 103 76.41 3.16 33.69
N PHE CA 104 75.25 2.85 33.11
CA PHE CA 104 75.06 3.10 31.68
C PHE CA 104 74.91 4.58 31.39
N LEU CA 105 74.29 5.34 32.29
CA LEU CA 105 74.25 6.79 32.13
C LEU CA 105 75.66 7.37 32.13
N ALA CA 106 76.56 6.78 32.91
CA ALA CA 106 77.95 7.22 32.84
C ALA CA 106 78.62 6.73 31.56
N LYS CA 107 78.42 5.46 31.22
CA LYS CA 107 79.13 4.81 30.13
C LYS CA 107 78.78 5.43 28.78
N ARG CA 108 77.52 5.80 28.58
CA ARG CA 108 77.03 6.29 27.30
C ARG CA 108 76.63 7.76 27.32
N ARG CA 109 77.30 8.56 28.16
CA ARG CA 109 76.91 9.96 28.32
C ARG CA 109 76.99 10.72 27.00
N ASN CA 110 78.11 10.59 26.29
CA ASN CA 110 78.27 11.31 25.03
C ASN CA 110 77.23 10.87 24.01
N SER CA 111 77.02 9.55 23.90
CA SER CA 111 76.03 9.05 22.95
C SER CA 111 74.64 9.56 23.28
N ILE CA 112 74.27 9.56 24.57
CA ILE CA 112 72.96 10.03 25.00
C ILE CA 112 72.80 11.51 24.69
N LEU CA 113 73.85 12.31 24.95
CA LEU CA 113 73.74 13.74 24.76
C LEU CA 113 73.80 14.14 23.29
N ALA CA 114 74.40 13.31 22.44
CA ALA CA 114 74.53 13.65 21.03
C ALA CA 114 73.47 12.99 20.14
N GLY CA 115 72.75 12.00 20.65
CA GLY CA 115 71.79 11.30 19.80
C GLY CA 115 72.46 10.47 18.73
N ASN CA 116 73.56 9.79 19.07
CA ASN CA 116 74.34 9.01 18.11
C ASN CA 116 74.80 7.74 18.81
N LEU CA 117 74.26 6.59 18.38
CA LEU CA 117 74.62 5.32 18.98
C LEU CA 117 76.07 4.92 18.74
N LEU CA 118 76.71 5.48 17.70
CA LEU CA 118 78.02 5.03 17.29
C LEU CA 118 79.15 5.60 18.11
N LEU CA 119 78.90 6.61 18.94
CA LEU CA 119 79.96 7.18 19.74
C LEU CA 119 80.49 6.14 20.74
N PRO CA 120 81.80 6.07 20.93
CA PRO CA 120 82.35 5.12 21.90
C PRO CA 120 81.93 5.46 23.32
N ASP CA 121 82.11 4.50 24.22
CA ASP CA 121 81.84 4.74 25.62
C ASP CA 121 82.64 5.94 26.12
N ASN CA 122 82.06 6.65 27.08
CA ASN CA 122 82.79 7.73 27.73
C ASN CA 122 84.01 7.16 28.44
N PRO CA 123 85.15 7.87 28.43
CA PRO CA 123 86.34 7.41 29.16
C PRO CA 123 86.10 7.42 30.67
N ALA DA 1 76.86 -34.83 18.13
CA ALA DA 1 76.93 -36.28 17.93
C ALA DA 1 75.77 -36.78 17.09
N SER DA 2 76.10 -37.42 15.97
CA SER DA 2 75.08 -38.04 15.15
C SER DA 2 74.28 -39.03 15.97
N LEU DA 3 72.96 -38.94 15.89
CA LEU DA 3 72.11 -39.82 16.69
C LEU DA 3 72.04 -41.21 16.07
N PRO DA 4 71.98 -42.26 16.87
CA PRO DA 4 71.84 -43.62 16.32
C PRO DA 4 70.40 -43.86 15.87
N VAL DA 5 70.26 -44.48 14.70
CA VAL DA 5 68.94 -44.68 14.10
C VAL DA 5 68.81 -46.10 13.57
N THR DA 6 67.58 -46.58 13.54
CA THR DA 6 67.21 -47.80 12.82
C THR DA 6 66.00 -47.50 11.96
N GLN DA 7 65.98 -48.09 10.77
CA GLN DA 7 64.90 -47.81 9.82
C GLN DA 7 63.61 -48.43 10.33
N TYR DA 8 62.61 -47.57 10.61
CA TYR DA 8 61.30 -47.97 11.08
C TYR DA 8 60.34 -48.26 9.94
N SER DA 9 60.09 -47.28 9.07
CA SER DA 9 59.30 -47.51 7.87
C SER DA 9 60.19 -47.47 6.64
N PRO DA 10 60.41 -48.59 5.97
CA PRO DA 10 61.42 -48.63 4.90
C PRO DA 10 60.87 -48.03 3.62
N PRO DA 11 61.73 -47.69 2.66
CA PRO DA 11 61.24 -47.14 1.41
C PRO DA 11 60.47 -48.17 0.61
N VAL DA 12 59.38 -47.71 0.00
CA VAL DA 12 58.45 -48.56 -0.70
C VAL DA 12 58.53 -48.33 -2.21
N THR DA 13 58.42 -47.08 -2.62
CA THR DA 13 58.50 -46.63 -3.99
C THR DA 13 59.49 -45.48 -4.08
N PRO DA 14 59.98 -45.16 -5.28
CA PRO DA 14 60.92 -44.02 -5.41
C PRO DA 14 60.38 -42.72 -4.82
N LEU DA 15 59.08 -42.47 -4.94
CA LEU DA 15 58.47 -41.31 -4.30
C LEU DA 15 57.75 -41.75 -3.03
N GLY DA 16 57.60 -40.81 -2.11
CA GLY DA 16 56.95 -41.09 -0.84
C GLY DA 16 57.78 -40.71 0.35
N LYS DA 17 57.68 -41.48 1.43
CA LYS DA 17 58.36 -41.20 2.69
C LYS DA 17 59.05 -42.45 3.21
N SER DA 18 60.20 -42.24 3.84
CA SER DA 18 60.91 -43.27 4.59
C SER DA 18 61.28 -42.69 5.95
N THR DA 19 61.17 -43.49 7.01
CA THR DA 19 61.40 -42.99 8.36
C THR DA 19 62.36 -43.89 9.13
N TRP DA 20 63.27 -43.26 9.85
CA TRP DA 20 64.15 -43.88 10.82
C TRP DA 20 63.78 -43.40 12.22
N ASN DA 21 63.86 -44.29 13.19
CA ASN DA 21 63.67 -43.95 14.59
C ASN DA 21 65.02 -43.86 15.29
N VAL DA 22 65.14 -42.89 16.18
CA VAL DA 22 66.33 -42.75 17.03
C VAL DA 22 66.26 -43.78 18.14
N THR DA 23 67.29 -44.62 18.25
CA THR DA 23 67.30 -45.70 19.21
C THR DA 23 67.75 -45.21 20.58
N GLY DA 24 67.30 -45.89 21.62
CA GLY DA 24 67.70 -45.57 22.98
C GLY DA 24 67.00 -44.39 23.61
N SER DA 25 65.88 -43.97 23.05
CA SER DA 25 65.18 -42.82 23.60
C SER DA 25 64.39 -43.22 24.84
N THR DA 26 64.25 -42.27 25.77
CA THR DA 26 63.57 -42.53 27.03
C THR DA 26 62.12 -42.08 27.03
N ASN DA 27 61.73 -41.20 26.11
CA ASN DA 27 60.36 -40.69 26.08
C ASN DA 27 59.42 -41.74 25.51
N PRO DA 28 58.11 -41.58 25.70
CA PRO DA 28 57.14 -42.58 25.21
C PRO DA 28 57.28 -42.80 23.72
N PRO DA 29 56.80 -43.95 23.20
CA PRO DA 29 57.08 -44.29 21.80
C PRO DA 29 56.54 -43.28 20.79
N GLY DA 30 55.34 -42.76 21.01
CA GLY DA 30 54.80 -41.76 20.11
C GLY DA 30 55.65 -40.51 20.01
N LEU DA 31 56.57 -40.31 20.95
CA LEU DA 31 57.48 -39.17 20.95
C LEU DA 31 58.92 -39.58 20.68
N VAL DA 32 59.13 -40.75 20.08
CA VAL DA 32 60.49 -41.15 19.70
C VAL DA 32 61.01 -40.22 18.63
N PRO DA 33 62.22 -39.66 18.77
CA PRO DA 33 62.76 -38.79 17.73
C PRO DA 33 62.84 -39.53 16.40
N GLN DA 34 62.54 -38.80 15.31
CA GLN DA 34 62.43 -39.41 14.00
C GLN DA 34 63.24 -38.63 12.97
N VAL DA 35 63.69 -39.35 11.94
CA VAL DA 35 64.26 -38.77 10.73
C VAL DA 35 63.43 -39.25 9.55
N VAL DA 36 62.95 -38.32 8.74
CA VAL DA 36 62.04 -38.63 7.64
C VAL DA 36 62.67 -38.11 6.35
N GLN DA 37 62.82 -39.00 5.37
CA GLN DA 37 63.21 -38.59 4.02
C GLN DA 37 61.99 -38.65 3.12
N THR DA 38 61.77 -37.59 2.35
CA THR DA 38 60.61 -37.44 1.49
C THR DA 38 61.08 -37.18 0.06
N GLU DA 39 60.46 -37.86 -0.90
CA GLU DA 39 60.70 -37.59 -2.31
C GLU DA 39 59.36 -37.37 -2.99
N SER DA 40 59.05 -36.12 -3.31
CA SER DA 40 57.70 -35.79 -3.79
C SER DA 40 57.75 -35.02 -5.10
N ILE DA 41 56.74 -35.21 -5.94
CA ILE DA 41 56.67 -34.52 -7.22
C ILE DA 41 55.82 -33.28 -7.07
N ASN DA 42 56.18 -32.25 -7.84
CA ASN DA 42 55.40 -31.03 -7.89
C ASN DA 42 54.09 -31.26 -8.62
N ALA DA 43 53.15 -30.33 -8.45
CA ALA DA 43 51.87 -30.42 -9.14
C ALA DA 43 52.06 -30.42 -10.65
N ARG DA 44 52.79 -29.43 -11.17
CA ARG DA 44 53.07 -29.38 -12.60
C ARG DA 44 54.15 -30.37 -13.03
N LYS DA 45 54.66 -31.19 -12.11
CA LYS DA 45 55.68 -32.19 -12.41
C LYS DA 45 56.94 -31.56 -12.97
N SER DA 46 57.25 -30.33 -12.55
CA SER DA 46 58.48 -29.68 -12.95
C SER DA 46 59.64 -30.00 -12.02
N ASN DA 47 59.38 -30.13 -10.72
CA ASN DA 47 60.42 -30.40 -9.74
C ASN DA 47 60.10 -31.68 -8.97
N ILE DA 48 61.16 -32.37 -8.56
CA ILE DA 48 61.07 -33.35 -7.48
C ILE DA 48 61.75 -32.74 -6.27
N MET DA 49 61.04 -32.69 -5.15
CA MET DA 49 61.58 -32.20 -3.90
C MET DA 49 62.15 -33.38 -3.12
N SER DA 50 63.44 -33.30 -2.80
CA SER DA 50 64.10 -34.22 -1.89
C SER DA 50 64.23 -33.53 -0.53
N LYS DA 51 63.63 -34.12 0.51
CA LYS DA 51 63.60 -33.52 1.83
C LYS DA 51 64.13 -34.48 2.88
N ILE DA 52 64.82 -33.92 3.87
CA ILE DA 52 65.19 -34.64 5.08
C ILE DA 52 64.72 -33.81 6.26
N SER DA 53 64.10 -34.47 7.24
CA SER DA 53 63.53 -33.79 8.39
C SER DA 53 63.89 -34.55 9.66
N VAL DA 54 64.45 -33.85 10.63
CA VAL DA 54 64.78 -34.43 11.93
C VAL DA 54 63.89 -33.77 12.96
N TYR DA 55 63.02 -34.57 13.58
CA TYR DA 55 62.13 -34.12 14.65
C TYR DA 55 62.63 -34.77 15.94
N TYR DA 56 63.16 -33.95 16.86
CA TYR DA 56 63.59 -34.42 18.16
C TYR DA 56 62.66 -33.84 19.22
N TYR DA 57 61.87 -34.70 19.85
CA TYR DA 57 60.91 -34.28 20.86
C TYR DA 57 61.58 -34.27 22.22
N ILE DA 58 61.58 -33.10 22.86
CA ILE DA 58 62.31 -32.92 24.12
C ILE DA 58 61.38 -32.28 25.14
N PRO DA 59 61.37 -32.75 26.39
CA PRO DA 59 60.48 -32.15 27.39
C PRO DA 59 60.93 -30.76 27.77
N SER DA 60 59.95 -29.92 28.10
CA SER DA 60 60.23 -28.51 28.41
C SER DA 60 61.01 -28.35 29.71
N THR DA 61 61.00 -29.36 30.57
CA THR DA 61 61.71 -29.31 31.85
C THR DA 61 62.66 -30.49 31.96
N ASN DA 62 63.61 -30.38 32.90
CA ASN DA 62 64.59 -31.44 33.08
C ASN DA 62 63.98 -32.69 33.71
N SER DA 63 62.97 -32.52 34.55
CA SER DA 63 62.32 -33.64 35.24
C SER DA 63 60.84 -33.65 34.90
N VAL DA 64 60.17 -34.73 35.31
CA VAL DA 64 58.76 -34.89 35.04
C VAL DA 64 57.96 -33.99 35.98
N SER DA 65 57.03 -33.22 35.42
CA SER DA 65 56.17 -32.36 36.21
C SER DA 65 54.82 -32.25 35.51
N CYS DA 66 53.88 -31.60 36.18
CA CYS DA 66 52.52 -31.51 35.65
C CYS DA 66 52.43 -30.48 34.52
N CYS DA 67 53.27 -29.46 34.54
CA CYS DA 67 53.33 -28.47 33.47
C CYS DA 67 54.32 -28.84 32.38
N THR DA 68 54.84 -30.07 32.41
CA THR DA 68 55.81 -30.50 31.40
C THR DA 68 55.17 -30.56 30.03
N GLU DA 69 55.64 -29.71 29.13
CA GLU DA 69 55.23 -29.73 27.74
C GLU DA 69 56.31 -30.40 26.90
N TRP DA 70 56.01 -30.61 25.62
CA TRP DA 70 56.92 -31.27 24.70
C TRP DA 70 57.26 -30.30 23.58
N ASP DA 71 58.48 -29.76 23.63
CA ASP DA 71 58.98 -28.95 22.53
C ASP DA 71 59.58 -29.85 21.47
N THR DA 72 59.69 -29.31 20.26
CA THR DA 72 60.25 -30.05 19.14
C THR DA 72 61.42 -29.27 18.56
N ILE DA 73 62.60 -29.90 18.56
CA ILE DA 73 63.74 -29.40 17.81
C ILE DA 73 63.60 -29.92 16.38
N ARG DA 74 63.36 -29.00 15.44
CA ARG DA 74 63.13 -29.35 14.05
C ARG DA 74 64.31 -28.89 13.20
N CYS DA 75 64.80 -29.80 12.36
CA CYS DA 75 65.84 -29.49 11.38
C CYS DA 75 65.38 -29.98 10.02
N GLU DA 76 65.22 -29.06 9.07
CA GLU DA 76 64.67 -29.35 7.76
C GLU DA 76 65.69 -29.08 6.66
N PHE DA 77 65.63 -29.89 5.61
CA PHE DA 77 66.46 -29.74 4.42
C PHE DA 77 65.61 -30.10 3.21
N SER DA 78 65.75 -29.31 2.15
CA SER DA 78 65.05 -29.56 0.90
C SER DA 78 65.97 -29.22 -0.27
N LEU DA 79 65.78 -29.94 -1.38
CA LEU DA 79 66.54 -29.72 -2.60
C LEU DA 79 65.63 -29.96 -3.79
N THR DA 80 65.71 -29.06 -4.78
CA THR DA 80 64.89 -29.15 -5.98
C THR DA 80 65.66 -29.85 -7.11
N LEU DA 81 65.10 -30.94 -7.60
CA LEU DA 81 65.62 -31.65 -8.76
C LEU DA 81 64.75 -31.31 -9.97
N LEU DA 82 65.28 -30.51 -10.88
CA LEU DA 82 64.53 -30.12 -12.07
C LEU DA 82 64.30 -31.33 -12.96
N GLN DA 83 63.05 -31.52 -13.41
CA GLN DA 83 62.67 -32.70 -14.16
C GLN DA 83 62.40 -32.43 -15.63
N LEU DA 84 62.26 -31.17 -16.04
CA LEU DA 84 61.85 -30.85 -17.40
C LEU DA 84 62.80 -29.86 -18.06
N SER DA 85 64.04 -29.80 -17.59
CA SER DA 85 65.02 -28.88 -18.14
C SER DA 85 65.85 -29.57 -19.22
N SER DA 86 66.06 -28.87 -20.33
CA SER DA 86 66.92 -29.35 -21.40
C SER DA 86 68.39 -29.03 -21.17
N ASN DA 87 68.71 -28.25 -20.15
CA ASN DA 87 70.09 -27.90 -19.86
C ASN DA 87 70.80 -29.10 -19.23
N THR DA 88 71.89 -29.54 -19.85
CA THR DA 88 72.63 -30.69 -19.34
C THR DA 88 73.47 -30.37 -18.12
N ASP DA 89 73.59 -29.08 -17.75
CA ASP DA 89 74.33 -28.71 -16.54
C ASP DA 89 73.56 -28.99 -15.27
N VAL DA 90 72.29 -29.38 -15.37
CA VAL DA 90 71.43 -29.44 -14.18
C VAL DA 90 71.98 -30.41 -13.15
N ALA DA 91 72.47 -31.58 -13.59
CA ALA DA 91 72.94 -32.58 -12.64
C ALA DA 91 74.17 -32.08 -11.89
N ALA DA 92 75.19 -31.65 -12.63
CA ALA DA 92 76.41 -31.17 -11.99
C ALA DA 92 76.14 -29.97 -11.10
N ARG DA 93 75.24 -29.08 -11.52
CA ARG DA 93 74.96 -27.90 -10.72
C ARG DA 93 74.15 -28.23 -9.48
N THR DA 94 73.24 -29.20 -9.54
CA THR DA 94 72.57 -29.67 -8.33
C THR DA 94 73.58 -30.27 -7.36
N VAL DA 95 74.54 -31.03 -7.88
CA VAL DA 95 75.61 -31.56 -7.04
C VAL DA 95 76.38 -30.42 -6.39
N ASP DA 96 76.72 -29.40 -7.19
CA ASP DA 96 77.46 -28.25 -6.66
C ASP DA 96 76.65 -27.53 -5.58
N VAL DA 97 75.34 -27.42 -5.78
CA VAL DA 97 74.49 -26.74 -4.81
C VAL DA 97 74.45 -27.52 -3.49
N LEU DA 98 74.30 -28.84 -3.58
CA LEU DA 98 74.32 -29.66 -2.37
C LEU DA 98 75.65 -29.55 -1.64
N ASP DA 99 76.75 -29.54 -2.40
CA ASP DA 99 78.06 -29.40 -1.77
C ASP DA 99 78.23 -28.03 -1.13
N THR DA 100 77.69 -26.99 -1.76
CA THR DA 100 77.73 -25.66 -1.15
C THR DA 100 76.93 -25.63 0.14
N MET DA 101 75.80 -26.33 0.16
CA MET DA 101 74.99 -26.44 1.38
C MET DA 101 75.80 -27.08 2.51
N ILE DA 102 76.45 -28.21 2.22
CA ILE DA 102 77.23 -28.89 3.24
C ILE DA 102 78.40 -28.02 3.70
N SER DA 103 79.07 -27.37 2.74
CA SER DA 103 80.18 -26.48 3.08
C SER DA 103 79.74 -25.35 3.99
N PHE DA 104 78.54 -24.80 3.74
CA PHE DA 104 78.06 -23.70 4.57
C PHE DA 104 77.63 -24.20 5.94
N LEU DA 105 77.07 -25.41 6.02
CA LEU DA 105 76.77 -25.99 7.33
C LEU DA 105 78.04 -26.14 8.15
N ALA DA 106 79.16 -26.46 7.50
CA ALA DA 106 80.43 -26.49 8.21
C ALA DA 106 80.91 -25.08 8.55
N LYS DA 107 80.85 -24.18 7.57
CA LYS DA 107 81.44 -22.85 7.68
C LYS DA 107 80.75 -22.02 8.77
N ARG DA 108 79.44 -22.15 8.89
CA ARG DA 108 78.64 -21.31 9.77
C ARG DA 108 78.03 -22.10 10.94
N ARG DA 109 78.72 -23.16 11.39
CA ARG DA 109 78.14 -24.02 12.42
C ARG DA 109 77.85 -23.25 13.70
N ASN DA 110 78.82 -22.47 14.18
CA ASN DA 110 78.62 -21.73 15.42
C ASN DA 110 77.50 -20.72 15.28
N SER DA 111 77.48 -19.99 14.16
CA SER DA 111 76.42 -19.00 13.94
C SER DA 111 75.06 -19.67 13.91
N ILE DA 112 74.95 -20.81 13.22
CA ILE DA 112 73.69 -21.53 13.13
C ILE DA 112 73.23 -22.00 14.50
N LEU DA 113 74.17 -22.52 15.30
CA LEU DA 113 73.80 -23.08 16.59
C LEU DA 113 73.53 -22.01 17.63
N ALA DA 114 74.07 -20.80 17.46
CA ALA DA 114 73.88 -19.73 18.43
C ALA DA 114 72.80 -18.74 18.04
N GLY DA 115 72.35 -18.74 16.78
CA GLY DA 115 71.38 -17.75 16.36
C GLY DA 115 71.96 -16.36 16.30
N ASN DA 116 73.19 -16.22 15.82
CA ASN DA 116 73.89 -14.95 15.77
C ASN DA 116 74.67 -14.88 14.47
N LEU DA 117 74.25 -13.99 13.56
CA LEU DA 117 74.91 -13.85 12.26
C LEU DA 117 76.33 -13.31 12.39
N LEU DA 118 76.66 -12.64 13.49
CA LEU DA 118 77.93 -11.95 13.59
C LEU DA 118 79.10 -12.85 13.95
N LEU DA 119 78.84 -14.08 14.37
CA LEU DA 119 79.94 -14.96 14.74
C LEU DA 119 80.80 -15.26 13.51
N PRO DA 120 82.12 -15.28 13.65
CA PRO DA 120 82.98 -15.60 12.51
C PRO DA 120 82.79 -17.04 12.06
N ASP DA 121 83.28 -17.32 10.85
CA ASP DA 121 83.24 -18.69 10.34
C ASP DA 121 83.92 -19.64 11.31
N ASN DA 122 83.43 -20.87 11.35
CA ASN DA 122 84.09 -21.90 12.14
C ASN DA 122 85.49 -22.13 11.60
N PRO DA 123 86.48 -22.37 12.46
CA PRO DA 123 87.84 -22.68 12.02
C PRO DA 123 87.89 -24.00 11.26
N ALA EA 1 -27.85 31.44 74.84
CA ALA EA 1 -28.03 32.88 74.87
C ALA EA 1 -28.04 33.46 73.47
N SER EA 2 -29.13 34.16 73.14
CA SER EA 2 -29.20 34.86 71.87
C SER EA 2 -28.04 35.84 71.76
N LEU EA 3 -27.35 35.81 70.63
CA LEU EA 3 -26.20 36.68 70.46
C LEU EA 3 -26.65 38.11 70.12
N PRO EA 4 -25.93 39.12 70.61
CA PRO EA 4 -26.28 40.50 70.26
C PRO EA 4 -25.82 40.83 68.85
N VAL EA 5 -26.68 41.51 68.10
CA VAL EA 5 -26.41 41.80 66.69
C VAL EA 5 -26.74 43.25 66.38
N THR EA 6 -26.04 43.79 65.39
CA THR EA 6 -26.40 45.05 64.76
C THR EA 6 -26.42 44.85 63.25
N GLN EA 7 -27.38 45.50 62.58
CA GLN EA 7 -27.52 45.33 61.15
C GLN EA 7 -26.35 45.96 60.42
N TYR EA 8 -25.58 45.14 59.71
CA TYR EA 8 -24.42 45.57 58.94
C TYR EA 8 -24.80 45.97 57.51
N SER EA 9 -25.39 45.04 56.75
CA SER EA 9 -25.91 45.37 55.43
C SER EA 9 -27.42 45.36 55.45
N PRO EA 10 -28.09 46.50 55.33
CA PRO EA 10 -29.53 46.55 55.53
C PRO EA 10 -30.28 46.04 54.31
N PRO EA 11 -31.56 45.72 54.45
CA PRO EA 11 -32.33 45.25 53.29
C PRO EA 11 -32.51 46.36 52.27
N VAL EA 12 -32.39 45.98 51.01
CA VAL EA 12 -32.42 46.91 49.89
C VAL EA 12 -33.70 46.75 49.08
N THR EA 13 -34.00 45.53 48.68
CA THR EA 13 -35.17 45.15 47.92
C THR EA 13 -35.83 43.97 48.61
N PRO EA 14 -37.11 43.69 48.31
CA PRO EA 14 -37.76 42.52 48.92
C PRO EA 14 -37.01 41.22 48.73
N LEU EA 15 -36.37 41.02 47.59
CA LEU EA 15 -35.50 39.87 47.37
C LEU EA 15 -34.04 40.26 47.54
N GLY EA 16 -33.22 39.28 47.90
CA GLY EA 16 -31.81 39.52 48.10
C GLY EA 16 -31.31 39.03 49.44
N LYS EA 17 -30.35 39.76 50.03
CA LYS EA 17 -29.72 39.39 51.28
C LYS EA 17 -29.68 40.57 52.23
N SER EA 18 -29.82 40.29 53.52
CA SER EA 18 -29.61 41.25 54.59
C SER EA 18 -28.71 40.58 55.62
N THR EA 19 -27.77 41.33 56.21
CA THR EA 19 -26.81 40.73 57.13
C THR EA 19 -26.71 41.56 58.42
N TRP EA 20 -26.66 40.84 59.53
CA TRP EA 20 -26.35 41.39 60.84
C TRP EA 20 -25.01 40.84 61.31
N ASN EA 21 -24.24 41.69 62.00
CA ASN EA 21 -22.99 41.27 62.62
C ASN EA 21 -23.20 41.09 64.12
N VAL EA 22 -22.55 40.07 64.67
CA VAL EA 22 -22.54 39.84 66.11
C VAL EA 22 -21.58 40.81 66.76
N THR EA 23 -22.07 41.59 67.71
CA THR EA 23 -21.26 42.62 68.34
C THR EA 23 -20.42 42.03 69.46
N GLY EA 24 -19.28 42.68 69.74
CA GLY EA 24 -18.42 42.28 70.82
C GLY EA 24 -17.53 41.09 70.53
N SER EA 25 -17.34 40.75 69.27
CA SER EA 25 -16.51 39.60 68.93
C SER EA 25 -15.03 39.97 69.03
N THR EA 26 -14.21 38.98 69.38
CA THR EA 26 -12.78 39.20 69.56
C THR EA 26 -11.95 38.81 68.34
N ASN EA 27 -12.50 38.01 67.44
CA ASN EA 27 -11.75 37.56 66.28
C ASN EA 27 -11.66 38.68 65.25
N PRO EA 28 -10.75 38.56 64.28
CA PRO EA 28 -10.58 39.63 63.27
C PRO EA 28 -11.87 39.92 62.54
N PRO EA 29 -11.99 41.11 61.93
CA PRO EA 29 -13.30 41.51 61.39
C PRO EA 29 -13.83 40.58 60.31
N GLY EA 30 -12.97 40.10 59.41
CA GLY EA 30 -13.41 39.17 58.38
C GLY EA 30 -14.00 37.89 58.94
N LEU EA 31 -13.77 37.60 60.23
CA LEU EA 31 -14.32 36.44 60.89
C LEU EA 31 -15.36 36.80 61.94
N VAL EA 32 -15.95 37.99 61.84
CA VAL EA 32 -17.03 38.36 62.76
C VAL EA 32 -18.23 37.45 62.51
N PRO EA 33 -18.82 36.84 63.55
CA PRO EA 33 -20.00 36.00 63.34
C PRO EA 33 -21.12 36.79 62.69
N GLN EA 34 -21.84 36.15 61.77
CA GLN EA 34 -22.85 36.83 60.97
C GLN EA 34 -24.17 36.07 61.00
N VAL EA 35 -25.25 36.82 60.81
CA VAL EA 35 -26.58 36.28 60.56
C VAL EA 35 -27.06 36.86 59.23
N VAL EA 36 -27.46 36.00 58.31
CA VAL EA 36 -27.84 36.40 56.96
C VAL EA 36 -29.26 35.92 56.69
N GLN EA 37 -30.14 36.85 56.32
CA GLN EA 37 -31.47 36.51 55.84
C GLN EA 37 -31.50 36.66 54.33
N THR EA 38 -32.02 35.65 53.65
CA THR EA 38 -32.08 35.60 52.19
C THR EA 38 -33.51 35.39 51.74
N GLU EA 39 -33.94 36.15 50.73
CA GLU EA 39 -35.24 35.94 50.10
C GLU EA 39 -35.01 35.82 48.60
N SER EA 40 -35.13 34.61 48.07
CA SER EA 40 -34.75 34.36 46.68
C SER EA 40 -35.87 33.65 45.93
N ILE EA 41 -35.96 33.94 44.63
CA ILE EA 41 -36.99 33.32 43.79
C ILE EA 41 -36.40 32.11 43.10
N ASN EA 42 -37.25 31.11 42.89
CA ASN EA 42 -36.87 29.92 42.15
C ASN EA 42 -36.71 30.26 40.67
N ALA EA 43 -36.05 29.35 39.95
CA ALA EA 43 -35.88 29.55 38.51
C ALA EA 43 -37.22 29.61 37.79
N ARG EA 44 -38.08 28.62 38.03
CA ARG EA 44 -39.42 28.63 37.44
C ARG EA 44 -40.37 29.58 38.14
N LYS EA 45 -39.89 30.34 39.13
CA LYS EA 45 -40.70 31.31 39.87
C LYS EA 45 -41.91 30.65 40.54
N SER EA 46 -41.76 29.40 40.94
CA SER EA 46 -42.81 28.71 41.68
C SER EA 46 -42.71 28.94 43.18
N ASN EA 47 -41.49 29.00 43.71
CA ASN EA 47 -41.28 29.18 45.14
C ASN EA 47 -40.45 30.42 45.41
N ILE EA 48 -40.70 31.06 46.56
CA ILE EA 48 -39.75 31.97 47.16
C ILE EA 48 -39.17 31.27 48.38
N MET EA 49 -37.85 31.20 48.43
CA MET EA 49 -37.14 30.62 49.56
C MET EA 49 -36.81 31.73 50.55
N SER EA 50 -37.28 31.57 51.79
CA SER EA 50 -36.90 32.42 52.90
C SER EA 50 -35.88 31.66 53.73
N LYS EA 51 -34.68 32.22 53.88
CA LYS EA 51 -33.59 31.54 54.58
C LYS EA 51 -33.01 32.42 55.66
N ILE EA 52 -32.61 31.79 56.76
CA ILE EA 52 -31.83 32.42 57.81
C ILE EA 52 -30.60 31.56 58.04
N SER EA 53 -29.43 32.19 58.14
CA SER EA 53 -28.17 31.47 58.29
C SER EA 53 -27.33 32.15 59.36
N VAL EA 54 -26.87 31.37 60.33
CA VAL EA 54 -25.99 31.86 61.38
C VAL EA 54 -24.64 31.19 61.19
N TYR EA 55 -23.62 31.99 60.89
CA TYR EA 55 -22.25 31.53 60.75
C TYR EA 55 -21.46 32.08 61.94
N TYR EA 56 -21.02 31.19 62.84
CA TYR EA 56 -20.21 31.58 63.98
C TYR EA 56 -18.81 30.99 63.78
N TYR EA 57 -17.83 31.84 63.56
CA TYR EA 57 -16.46 31.40 63.32
C TYR EA 57 -15.73 31.29 64.65
N ILE EA 58 -15.22 30.10 64.95
CA ILE EA 58 -14.63 29.82 66.25
C ILE EA 58 -13.26 29.17 66.02
N PRO EA 59 -12.22 29.58 66.76
CA PRO EA 59 -10.90 28.96 66.57
C PRO EA 59 -10.88 27.53 67.07
N SER EA 60 -10.07 26.71 66.40
CA SER EA 60 -10.01 25.29 66.72
C SER EA 60 -9.38 25.02 68.08
N THR EA 61 -8.66 25.99 68.64
CA THR EA 61 -8.02 25.84 69.94
C THR EA 61 -8.45 26.97 70.86
N ASN EA 62 -8.23 26.77 72.17
CA ASN EA 62 -8.63 27.78 73.15
C ASN EA 62 -7.75 29.01 73.09
N SER EA 63 -6.47 28.84 72.73
CA SER EA 63 -5.52 29.94 72.67
C SER EA 63 -4.94 30.05 71.27
N VAL EA 64 -4.20 31.13 71.02
CA VAL EA 64 -3.62 31.36 69.72
C VAL EA 64 -2.40 30.44 69.55
N SER EA 65 -2.34 29.76 68.42
CA SER EA 65 -1.21 28.88 68.11
C SER EA 65 -1.02 28.87 66.60
N CYS EA 66 0.07 28.23 66.17
CA CYS EA 66 0.41 28.22 64.76
C CYS EA 66 -0.48 27.28 63.96
N CYS EA 67 -0.97 26.20 64.59
CA CYS EA 67 -1.89 25.27 63.97
C CYS EA 67 -3.34 25.65 64.19
N THR EA 68 -3.60 26.86 64.70
CA THR EA 68 -4.97 27.29 64.95
C THR EA 68 -5.72 27.47 63.64
N GLU EA 69 -6.75 26.64 63.44
CA GLU EA 69 -7.65 26.75 62.32
C GLU EA 69 -8.94 27.42 62.77
N TRP EA 70 -9.80 27.71 61.80
CA TRP EA 70 -11.07 28.37 62.06
C TRP EA 70 -12.21 27.45 61.64
N ASP EA 71 -12.88 26.86 62.63
CA ASP EA 71 -14.07 26.09 62.35
C ASP EA 71 -15.28 27.02 62.30
N THR EA 72 -16.35 26.54 61.67
CA THR EA 72 -17.58 27.31 61.51
C THR EA 72 -18.73 26.51 62.10
N ILE EA 73 -19.40 27.09 63.10
CA ILE EA 73 -20.67 26.58 63.57
C ILE EA 73 -21.75 27.19 62.67
N ARG EA 74 -22.40 26.34 61.88
CA ARG EA 74 -23.40 26.76 60.92
C ARG EA 74 -24.77 26.30 61.37
N CYS EA 75 -25.74 27.23 61.34
CA CYS EA 75 -27.14 26.92 61.61
C CYS EA 75 -27.98 27.51 60.49
N GLU EA 76 -28.68 26.64 59.76
CA GLU EA 76 -29.43 27.03 58.57
C GLU EA 76 -30.92 26.77 58.77
N PHE EA 77 -31.72 27.64 58.16
CA PHE EA 77 -33.18 27.52 58.15
C PHE EA 77 -33.68 27.97 56.78
N SER EA 78 -34.64 27.23 56.24
CA SER EA 78 -35.26 27.59 54.97
C SER EA 78 -36.74 27.26 55.02
N LEU EA 79 -37.53 28.05 54.29
CA LEU EA 79 -38.97 27.86 54.20
C LEU EA 79 -39.43 28.20 52.78
N THR EA 80 -40.30 27.35 52.23
CA THR EA 80 -40.80 27.54 50.87
C THR EA 80 -42.14 28.27 50.90
N LEU EA 81 -42.21 29.42 50.22
CA LEU EA 81 -43.45 30.16 50.03
C LEU EA 81 -43.93 29.92 48.61
N LEU EA 82 -45.00 29.14 48.47
CA LEU EA 82 -45.56 28.85 47.15
C LEU EA 82 -46.13 30.12 46.53
N GLN EA 83 -45.77 30.37 45.27
CA GLN EA 83 -46.15 31.61 44.60
C GLN EA 83 -47.20 31.43 43.51
N LEU EA 84 -47.48 30.21 43.09
CA LEU EA 84 -48.37 29.98 41.95
C LEU EA 84 -49.46 28.98 42.29
N SER EA 85 -49.80 28.84 43.57
CA SER EA 85 -50.83 27.91 43.99
C SER EA 85 -52.17 28.63 44.10
N SER EA 86 -53.22 27.97 43.60
CA SER EA 86 -54.58 28.48 43.71
C SER EA 86 -55.25 28.09 45.03
N ASN EA 87 -54.61 27.23 45.82
CA ASN EA 87 -55.17 26.81 47.10
C ASN EA 87 -55.04 27.94 48.10
N THR EA 88 -56.15 28.37 48.68
CA THR EA 88 -56.15 29.46 49.65
C THR EA 88 -55.64 29.02 51.02
N ASP EA 89 -55.43 27.72 51.24
CA ASP EA 89 -54.88 27.26 52.50
C ASP EA 89 -53.38 27.51 52.63
N VAL EA 90 -52.72 27.96 51.55
CA VAL EA 90 -51.27 27.98 51.53
C VAL EA 90 -50.71 28.88 52.64
N ALA EA 91 -51.33 30.05 52.86
CA ALA EA 91 -50.80 30.98 53.86
C ALA EA 91 -50.91 30.39 55.26
N ALA EA 92 -52.11 29.95 55.65
CA ALA EA 92 -52.31 29.39 56.98
C ALA EA 92 -51.45 28.15 57.18
N ARG EA 93 -51.28 27.33 56.15
CA ARG EA 93 -50.49 26.12 56.29
C ARG EA 93 -49.00 26.42 56.37
N THR EA 94 -48.50 27.44 55.66
CA THR EA 94 -47.13 27.86 55.84
C THR EA 94 -46.90 28.37 57.25
N VAL EA 95 -47.86 29.11 57.78
CA VAL EA 95 -47.78 29.54 59.18
C VAL EA 95 -47.72 28.34 60.11
N ASP EA 96 -48.59 27.35 59.86
CA ASP EA 96 -48.60 26.14 60.70
C ASP EA 96 -47.27 25.40 60.60
N VAL EA 97 -46.67 25.35 59.41
CA VAL EA 97 -45.40 24.68 59.23
C VAL EA 97 -44.30 25.38 60.00
N LEU EA 98 -44.25 26.71 59.92
CA LEU EA 98 -43.25 27.46 60.67
C LEU EA 98 -43.42 27.25 62.17
N ASP EA 99 -44.68 27.24 62.64
CA ASP EA 99 -44.92 27.01 64.06
C ASP EA 99 -44.52 25.61 64.48
N THR EA 100 -44.75 24.62 63.61
CA THR EA 100 -44.30 23.26 63.90
C THR EA 100 -42.78 23.20 63.98
N MET EA 101 -42.10 23.94 63.11
CA MET EA 101 -40.63 24.01 63.16
C MET EA 101 -40.17 24.56 64.51
N ILE EA 102 -40.76 25.68 64.95
CA ILE EA 102 -40.36 26.27 66.23
C ILE EA 102 -40.67 25.33 67.38
N SER EA 103 -41.85 24.70 67.34
CA SER EA 103 -42.23 23.75 68.38
C SER EA 103 -41.25 22.60 68.46
N PHE EA 104 -40.78 22.10 67.31
CA PHE EA 104 -39.84 21.00 67.31
C PHE EA 104 -38.46 21.43 67.78
N LEU EA 105 -38.05 22.65 67.44
CA LEU EA 105 -36.80 23.18 68.00
C LEU EA 105 -36.86 23.24 69.51
N ALA EA 106 -38.03 23.53 70.06
CA ALA EA 106 -38.17 23.48 71.53
C ALA EA 106 -38.20 22.04 72.02
N LYS EA 107 -38.98 21.19 71.35
CA LYS EA 107 -39.24 19.83 71.81
C LYS EA 107 -37.98 18.97 71.81
N ARG EA 108 -37.12 19.15 70.81
CA ARG EA 108 -35.96 18.30 70.62
C ARG EA 108 -34.65 19.05 70.85
N ARG EA 109 -34.65 20.06 71.72
CA ARG EA 109 -33.46 20.89 71.90
C ARG EA 109 -32.26 20.07 72.35
N ASN EA 110 -32.44 19.22 73.37
CA ASN EA 110 -31.32 18.43 73.86
C ASN EA 110 -30.82 17.46 72.80
N SER EA 111 -31.73 16.80 72.10
CA SER EA 111 -31.33 15.87 71.04
C SER EA 111 -30.55 16.60 69.95
N ILE EA 112 -31.03 17.78 69.54
CA ILE EA 112 -30.37 18.55 68.49
C ILE EA 112 -28.97 18.97 68.95
N LEU EA 113 -28.84 19.41 70.21
CA LEU EA 113 -27.57 19.91 70.69
C LEU EA 113 -26.58 18.80 70.98
N ALA EA 114 -27.06 17.59 71.25
CA ALA EA 114 -26.17 16.48 71.59
C ALA EA 114 -25.90 15.55 70.41
N GLY EA 115 -26.66 15.64 69.33
CA GLY EA 115 -26.46 14.71 68.22
C GLY EA 115 -26.88 13.30 68.57
N ASN EA 116 -27.98 13.14 69.29
CA ASN EA 116 -28.44 11.83 69.76
C ASN EA 116 -29.97 11.81 69.63
N LEU EA 117 -30.48 10.98 68.72
CA LEU EA 117 -31.91 10.88 68.51
C LEU EA 117 -32.65 10.28 69.70
N LEU EA 118 -31.95 9.54 70.56
CA LEU EA 118 -32.61 8.78 71.61
C LEU EA 118 -32.97 9.61 72.83
N LEU EA 119 -32.45 10.84 72.95
CA LEU EA 119 -32.77 11.65 74.11
C LEU EA 119 -34.26 11.99 74.13
N PRO EA 120 -34.90 11.94 75.28
CA PRO EA 120 -36.32 12.28 75.36
C PRO EA 120 -36.56 13.75 75.03
N ASP EA 121 -37.82 14.07 74.77
CA ASP EA 121 -38.20 15.46 74.54
C ASP EA 121 -37.77 16.33 75.71
N ASN EA 122 -37.42 17.57 75.40
CA ASN EA 122 -37.15 18.53 76.46
C ASN EA 122 -38.39 18.73 77.31
N PRO EA 123 -38.24 18.89 78.63
CA PRO EA 123 -39.39 19.15 79.50
C PRO EA 123 -40.01 20.52 79.21
N ALA FA 1 -19.09 -82.44 -14.68
CA ALA FA 1 -19.48 -83.19 -13.50
C ALA FA 1 -19.85 -82.26 -12.36
N SER FA 2 -21.07 -82.39 -11.86
CA SER FA 2 -21.47 -81.63 -10.68
C SER FA 2 -20.52 -81.93 -9.53
N LEU FA 3 -20.04 -80.88 -8.88
CA LEU FA 3 -19.08 -81.05 -7.79
C LEU FA 3 -19.81 -81.49 -6.52
N PRO FA 4 -19.19 -82.36 -5.71
CA PRO FA 4 -19.81 -82.76 -4.44
C PRO FA 4 -19.65 -81.65 -3.40
N VAL FA 5 -20.73 -81.40 -2.66
CA VAL FA 5 -20.76 -80.29 -1.71
C VAL FA 5 -21.37 -80.75 -0.39
N THR FA 6 -20.95 -80.09 0.68
CA THR FA 6 -21.60 -80.19 1.98
C THR FA 6 -21.85 -78.78 2.50
N GLN FA 7 -23.00 -78.59 3.15
CA GLN FA 7 -23.37 -77.27 3.63
C GLN FA 7 -22.46 -76.85 4.78
N TYR FA 8 -21.70 -75.78 4.56
CA TYR FA 8 -20.78 -75.23 5.55
C TYR FA 8 -21.46 -74.20 6.46
N SER FA 9 -22.01 -73.14 5.88
CA SER FA 9 -22.80 -72.18 6.66
C SER FA 9 -24.27 -72.32 6.30
N PRO FA 10 -25.12 -72.81 7.20
CA PRO FA 10 -26.49 -73.13 6.83
C PRO FA 10 -27.35 -71.87 6.78
N PRO FA 11 -28.52 -71.94 6.15
CA PRO FA 11 -29.39 -70.76 6.12
C PRO FA 11 -29.93 -70.43 7.50
N VAL FA 12 -29.97 -69.13 7.78
CA VAL FA 12 -30.34 -68.61 9.08
C VAL FA 12 -31.70 -67.93 9.03
N THR FA 13 -31.86 -67.00 8.10
CA THR FA 13 -33.08 -66.25 7.86
C THR FA 13 -33.41 -66.33 6.38
N PRO FA 14 -34.66 -66.02 5.99
CA PRO FA 14 -35.00 -66.04 4.57
C PRO FA 14 -34.09 -65.19 3.70
N LEU FA 15 -33.63 -64.05 4.20
CA LEU FA 15 -32.65 -63.23 3.51
C LEU FA 15 -31.27 -63.45 4.09
N GLY FA 16 -30.25 -63.22 3.27
CA GLY FA 16 -28.88 -63.42 3.70
C GLY FA 16 -28.08 -64.31 2.78
N LYS FA 17 -27.17 -65.09 3.35
CA LYS FA 17 -26.28 -65.96 2.59
C LYS FA 17 -26.25 -67.35 3.18
N SER FA 18 -26.13 -68.35 2.31
CA SER FA 18 -25.88 -69.73 2.68
C SER FA 18 -24.73 -70.25 1.82
N THR FA 19 -23.83 -71.03 2.42
CA THR FA 19 -22.65 -71.49 1.70
C THR FA 19 -22.46 -72.99 1.83
N TRP FA 20 -22.09 -73.61 0.72
CA TRP FA 20 -21.65 -75.00 0.64
C TRP FA 20 -20.19 -75.04 0.26
N ASN FA 21 -19.45 -75.98 0.84
CA ASN FA 21 -18.06 -76.22 0.48
C ASN FA 21 -17.98 -77.46 -0.41
N VAL FA 22 -17.09 -77.39 -1.40
CA VAL FA 22 -16.80 -78.53 -2.26
C VAL FA 22 -15.90 -79.50 -1.51
N THR FA 23 -16.34 -80.75 -1.39
CA THR FA 23 -15.60 -81.73 -0.61
C THR FA 23 -14.50 -82.36 -1.45
N GLY FA 24 -13.45 -82.83 -0.77
CA GLY FA 24 -12.35 -83.51 -1.42
C GLY FA 24 -11.35 -82.61 -2.10
N SER FA 25 -11.33 -81.33 -1.78
CA SER FA 25 -10.40 -80.42 -2.42
C SER FA 25 -9.00 -80.58 -1.82
N THR FA 26 -7.99 -80.33 -2.65
CA THR FA 26 -6.60 -80.49 -2.22
C THR FA 26 -5.95 -79.18 -1.81
N ASN FA 27 -6.51 -78.04 -2.20
CA ASN FA 27 -5.92 -76.75 -1.90
C ASN FA 27 -6.18 -76.40 -0.43
N PRO FA 28 -5.45 -75.42 0.12
CA PRO FA 28 -5.62 -75.06 1.54
C PRO FA 28 -7.06 -74.66 1.84
N PRO FA 29 -7.47 -74.72 3.11
CA PRO FA 29 -8.91 -74.53 3.42
C PRO FA 29 -9.46 -73.18 3.00
N GLY FA 30 -8.70 -72.10 3.19
CA GLY FA 30 -9.16 -70.79 2.76
C GLY FA 30 -9.44 -70.70 1.27
N LEU FA 31 -8.94 -71.66 0.49
CA LEU FA 31 -9.16 -71.71 -0.94
C LEU FA 31 -10.05 -72.88 -1.35
N VAL FA 32 -10.84 -73.42 -0.42
CA VAL FA 32 -11.78 -74.49 -0.76
C VAL FA 32 -12.85 -73.92 -1.70
N PRO FA 33 -13.14 -74.56 -2.82
CA PRO FA 33 -14.19 -74.06 -3.71
C PRO FA 33 -15.52 -73.97 -2.98
N GLN FA 34 -16.27 -72.91 -3.27
CA GLN FA 34 -17.51 -72.63 -2.55
C GLN FA 34 -18.67 -72.37 -3.51
N VAL FA 35 -19.87 -72.66 -3.01
CA VAL FA 35 -21.11 -72.27 -3.65
C VAL FA 35 -21.91 -71.45 -2.66
N VAL FA 36 -22.32 -70.26 -3.06
CA VAL FA 36 -22.99 -69.30 -2.18
C VAL FA 36 -24.33 -68.95 -2.78
N GLN FA 37 -25.40 -69.15 -2.01
CA GLN FA 37 -26.72 -68.65 -2.38
C GLN FA 37 -27.04 -67.41 -1.55
N THR FA 38 -27.51 -66.37 -2.23
CA THR FA 38 -27.79 -65.09 -1.61
C THR FA 38 -29.24 -64.70 -1.90
N GLU FA 39 -29.95 -64.22 -0.88
CA GLU FA 39 -31.30 -63.67 -1.06
C GLU FA 39 -31.32 -62.29 -0.43
N SER FA 40 -31.33 -61.25 -1.25
CA SER FA 40 -31.16 -59.89 -0.74
C SER FA 40 -32.26 -58.97 -1.24
N ILE FA 41 -32.63 -57.99 -0.42
CA ILE FA 41 -33.67 -57.04 -0.80
C ILE FA 41 -33.03 -55.80 -1.39
N ASN FA 42 -33.75 -55.19 -2.34
CA ASN FA 42 -33.30 -53.95 -2.93
C ASN FA 42 -33.46 -52.81 -1.93
N ALA FA 43 -32.80 -51.69 -2.22
CA ALA FA 43 -32.91 -50.52 -1.36
C ALA FA 43 -34.35 -50.03 -1.27
N ARG FA 44 -34.99 -49.81 -2.42
CA ARG FA 44 -36.39 -49.41 -2.44
C ARG FA 44 -37.35 -50.55 -2.15
N LYS FA 45 -36.83 -51.75 -1.86
CA LYS FA 45 -37.65 -52.92 -1.54
C LYS FA 45 -38.59 -53.28 -2.68
N SER FA 46 -38.17 -53.01 -3.92
CA SER FA 46 -38.96 -53.39 -5.08
C SER FA 46 -38.64 -54.80 -5.56
N ASN FA 47 -37.38 -55.21 -5.47
CA ASN FA 47 -36.95 -56.52 -5.93
C ASN FA 47 -36.30 -57.29 -4.80
N ILE FA 48 -36.44 -58.62 -4.85
CA ILE FA 48 -35.57 -59.53 -4.12
C ILE FA 48 -34.67 -60.20 -5.15
N MET FA 49 -33.36 -60.11 -4.94
CA MET FA 49 -32.39 -60.75 -5.80
C MET FA 49 -32.06 -62.12 -5.24
N SER FA 50 -32.29 -63.16 -6.05
CA SER FA 50 -31.86 -64.52 -5.75
C SER FA 50 -30.60 -64.79 -6.57
N LYS FA 51 -29.50 -65.10 -5.88
CA LYS FA 51 -28.22 -65.29 -6.53
C LYS FA 51 -27.60 -66.63 -6.15
N ILE FA 52 -26.92 -67.25 -7.11
CA ILE FA 52 -26.07 -68.40 -6.88
C ILE FA 52 -24.70 -68.09 -7.46
N SER FA 53 -23.65 -68.39 -6.70
CA SER FA 53 -22.29 -68.08 -7.11
C SER FA 53 -21.39 -69.28 -6.82
N VAL FA 54 -20.66 -69.71 -7.84
CA VAL FA 54 -19.70 -70.80 -7.70
C VAL FA 54 -18.31 -70.21 -7.90
N TYR FA 55 -17.50 -70.25 -6.83
CA TYR FA 55 -16.11 -69.81 -6.86
C TYR FA 55 -15.24 -71.05 -6.77
N TYR FA 56 -14.51 -71.36 -7.84
CA TYR FA 56 -13.57 -72.48 -7.85
C TYR FA 56 -12.17 -71.91 -7.96
N TYR FA 57 -11.38 -72.07 -6.90
CA TYR FA 57 -10.02 -71.54 -6.86
C TYR FA 57 -9.07 -72.59 -7.40
N ILE FA 58 -8.33 -72.23 -8.45
CA ILE FA 58 -7.48 -73.17 -9.16
C ILE FA 58 -6.08 -72.56 -9.32
N PRO FA 59 -5.02 -73.32 -9.08
CA PRO FA 59 -3.67 -72.75 -9.21
C PRO FA 59 -3.34 -72.49 -10.67
N SER FA 60 -2.53 -71.45 -10.88
CA SER FA 60 -2.18 -71.03 -12.24
C SER FA 60 -1.30 -72.03 -12.96
N THR FA 61 -0.66 -72.94 -12.22
CA THR FA 61 0.21 -73.96 -12.81
C THR FA 61 -0.22 -75.34 -12.36
N ASN FA 62 0.24 -76.35 -13.08
CA ASN FA 62 -0.13 -77.73 -12.76
C ASN FA 62 0.53 -78.21 -11.47
N SER FA 63 1.73 -77.72 -11.17
CA SER FA 63 2.47 -78.14 -9.98
C SER FA 63 2.77 -76.92 -9.12
N VAL FA 64 3.27 -77.18 -7.91
CA VAL FA 64 3.58 -76.11 -6.98
C VAL FA 64 4.88 -75.43 -7.42
N SER FA 65 4.85 -74.10 -7.47
CA SER FA 65 6.03 -73.32 -7.83
C SER FA 65 5.97 -71.99 -7.10
N CYS FA 66 7.05 -71.22 -7.22
CA CYS FA 66 7.13 -69.96 -6.49
C CYS FA 66 6.27 -68.87 -7.14
N CYS FA 67 6.09 -68.94 -8.45
CA CYS FA 67 5.22 -68.01 -9.18
C CYS FA 67 3.79 -68.50 -9.26
N THR FA 68 3.44 -69.55 -8.53
CA THR FA 68 2.08 -70.09 -8.57
C THR FA 68 1.09 -69.08 -8.00
N GLU FA 69 0.19 -68.59 -8.84
CA GLU FA 69 -0.90 -67.73 -8.42
C GLU FA 69 -2.18 -68.54 -8.34
N TRP FA 70 -3.24 -67.91 -7.85
CA TRP FA 70 -4.53 -68.57 -7.68
C TRP FA 70 -5.56 -67.83 -8.53
N ASP FA 71 -5.94 -68.45 -9.65
CA ASP FA 71 -7.03 -67.93 -10.45
C ASP FA 71 -8.35 -68.42 -9.88
N THR FA 72 -9.42 -67.72 -10.25
CA THR FA 72 -10.77 -68.06 -9.80
C THR FA 72 -11.66 -68.27 -11.00
N ILE FA 73 -12.22 -69.47 -11.11
CA ILE FA 73 -13.31 -69.73 -12.06
C ILE FA 73 -14.60 -69.32 -11.37
N ARG FA 74 -15.24 -68.27 -11.88
CA ARG FA 74 -16.45 -67.71 -11.29
C ARG FA 74 -17.63 -67.98 -12.20
N CYS FA 75 -18.72 -68.48 -11.60
CA CYS FA 75 -19.98 -68.67 -12.31
C CYS FA 75 -21.09 -68.05 -11.47
N GLU FA 76 -21.76 -67.04 -12.04
CA GLU FA 76 -22.76 -66.26 -11.32
C GLU FA 76 -24.13 -66.42 -11.97
N PHE FA 77 -25.16 -66.38 -11.12
CA PHE FA 77 -26.55 -66.41 -11.54
C PHE FA 77 -27.35 -65.49 -10.64
N SER FA 78 -28.25 -64.72 -11.24
CA SER FA 78 -29.13 -63.84 -10.49
C SER FA 78 -30.52 -63.84 -11.12
N LEU FA 79 -31.53 -63.65 -10.28
CA LEU FA 79 -32.92 -63.59 -10.72
C LEU FA 79 -33.66 -62.55 -9.88
N THR FA 80 -34.47 -61.72 -10.55
CA THR FA 80 -35.22 -60.68 -9.87
C THR FA 80 -36.65 -61.15 -9.56
N LEU FA 81 -37.01 -61.13 -8.29
CA LEU FA 81 -38.36 -61.43 -7.83
C LEU FA 81 -39.04 -60.10 -7.49
N LEU FA 82 -39.99 -59.69 -8.33
CA LEU FA 82 -40.70 -58.43 -8.09
C LEU FA 82 -41.57 -58.56 -6.85
N GLN FA 83 -41.48 -57.55 -5.97
CA GLN FA 83 -42.16 -57.61 -4.68
C GLN FA 83 -43.34 -56.65 -4.58
N LEU FA 84 -43.50 -55.71 -5.49
CA LEU FA 84 -44.52 -54.68 -5.36
C LEU FA 84 -45.37 -54.56 -6.62
N SER FA 85 -45.45 -55.64 -7.39
CA SER FA 85 -46.23 -55.63 -8.63
C SER FA 85 -47.63 -56.17 -8.36
N SER FA 86 -48.63 -55.49 -8.93
CA SER FA 86 -50.01 -55.95 -8.85
C SER FA 86 -50.37 -56.94 -9.94
N ASN FA 87 -49.48 -57.16 -10.90
CA ASN FA 87 -49.73 -58.12 -11.97
C ASN FA 87 -49.60 -59.54 -11.43
N THR FA 88 -50.67 -60.33 -11.58
CA THR FA 88 -50.66 -61.71 -11.10
C THR FA 88 -49.86 -62.65 -11.98
N ASP FA 89 -49.41 -62.19 -13.15
CA ASP FA 89 -48.57 -63.03 -14.01
C ASP FA 89 -47.14 -63.13 -13.52
N VAL FA 90 -46.76 -62.37 -12.50
CA VAL FA 90 -45.34 -62.26 -12.13
C VAL FA 90 -44.76 -63.62 -11.75
N ALA FA 91 -45.51 -64.42 -10.99
CA ALA FA 91 -44.98 -65.70 -10.54
C ALA FA 91 -44.75 -66.65 -11.71
N ALA FA 92 -45.78 -66.86 -12.54
CA ALA FA 92 -45.64 -67.77 -13.68
C ALA FA 92 -44.57 -67.27 -14.64
N ARG FA 93 -44.46 -65.96 -14.83
CA ARG FA 93 -43.47 -65.44 -15.76
C ARG FA 93 -42.06 -65.53 -15.21
N THR FA 94 -41.87 -65.37 -13.89
CA THR FA 94 -40.56 -65.63 -13.30
C THR FA 94 -40.17 -67.10 -13.47
N VAL FA 95 -41.14 -68.00 -13.29
CA VAL FA 95 -40.88 -69.41 -13.54
C VAL FA 95 -40.46 -69.62 -15.00
N ASP FA 96 -41.19 -69.00 -15.93
CA ASP FA 96 -40.87 -69.14 -17.34
C ASP FA 96 -39.48 -68.59 -17.64
N VAL FA 97 -39.11 -67.49 -17.00
CA VAL FA 97 -37.79 -66.90 -17.22
C VAL FA 97 -36.69 -67.83 -16.72
N LEU FA 98 -36.87 -68.40 -15.53
CA LEU FA 98 -35.89 -69.35 -15.01
C LEU FA 98 -35.76 -70.57 -15.92
N ASP FA 99 -36.90 -71.06 -16.43
CA ASP FA 99 -36.86 -72.21 -17.33
C ASP FA 99 -36.16 -71.85 -18.64
N THR FA 100 -36.38 -70.63 -19.14
CA THR FA 100 -35.68 -70.19 -20.34
C THR FA 100 -34.17 -70.12 -20.09
N MET FA 101 -33.79 -69.67 -18.90
CA MET FA 101 -32.36 -69.65 -18.53
C MET FA 101 -31.76 -71.04 -18.58
N ILE FA 102 -32.44 -72.00 -17.96
CA ILE FA 102 -31.92 -73.38 -17.95
C ILE FA 102 -31.88 -73.96 -19.36
N SER FA 103 -32.93 -73.70 -20.14
CA SER FA 103 -32.97 -74.18 -21.52
C SER FA 103 -31.81 -73.61 -22.33
N PHE FA 104 -31.48 -72.33 -22.11
CA PHE FA 104 -30.39 -71.72 -22.86
C PHE FA 104 -29.03 -72.23 -22.39
N LEU FA 105 -28.89 -72.51 -21.10
CA LEU FA 105 -27.67 -73.14 -20.62
C LEU FA 105 -27.46 -74.50 -21.29
N ALA FA 106 -28.56 -75.22 -21.54
CA ALA FA 106 -28.44 -76.46 -22.29
C ALA FA 106 -28.15 -76.19 -23.76
N LYS FA 107 -28.89 -75.27 -24.37
CA LYS FA 107 -28.85 -75.02 -25.81
C LYS FA 107 -27.48 -74.51 -26.26
N ARG FA 108 -26.85 -73.66 -25.45
CA ARG FA 108 -25.61 -72.99 -25.83
C ARG FA 108 -24.41 -73.46 -25.00
N ARG FA 109 -24.43 -74.71 -24.55
CA ARG FA 109 -23.38 -75.17 -23.64
C ARG FA 109 -21.99 -75.08 -24.29
N ASN FA 110 -21.86 -75.56 -25.53
CA ASN FA 110 -20.57 -75.53 -26.19
C ASN FA 110 -20.11 -74.09 -26.41
N SER FA 111 -21.01 -73.23 -26.86
CA SER FA 111 -20.65 -71.83 -27.08
C SER FA 111 -20.20 -71.16 -25.78
N ILE FA 112 -20.93 -71.42 -24.69
CA ILE FA 112 -20.58 -70.84 -23.40
C ILE FA 112 -19.23 -71.33 -22.93
N LEU FA 113 -18.96 -72.63 -23.10
CA LEU FA 113 -17.71 -73.20 -22.60
C LEU FA 113 -16.52 -72.84 -23.48
N ALA FA 114 -16.74 -72.51 -24.75
CA ALA FA 114 -15.65 -72.20 -25.66
C ALA FA 114 -15.43 -70.70 -25.85
N GLY FA 115 -16.38 -69.86 -25.44
CA GLY FA 115 -16.24 -68.43 -25.69
C GLY FA 115 -16.34 -68.08 -27.15
N ASN FA 116 -17.27 -68.72 -27.87
CA ASN FA 116 -17.43 -68.52 -29.31
C ASN FA 116 -18.92 -68.52 -29.62
N LEU FA 117 -19.45 -67.36 -30.02
CA LEU FA 117 -20.87 -67.24 -30.33
C LEU FA 117 -21.28 -68.04 -31.56
N LEU FA 118 -20.34 -68.37 -32.43
CA LEU FA 118 -20.67 -68.97 -33.71
C LEU FA 118 -20.94 -70.46 -33.64
N LEU FA 119 -20.61 -71.12 -32.53
CA LEU FA 119 -20.85 -72.55 -32.44
C LEU FA 119 -22.34 -72.84 -32.50
N PRO FA 120 -22.76 -73.88 -33.21
CA PRO FA 120 -24.18 -74.20 -33.27
C PRO FA 120 -24.70 -74.66 -31.91
N ASP FA 121 -26.03 -74.69 -31.79
CA ASP FA 121 -26.65 -75.19 -30.58
C ASP FA 121 -26.18 -76.60 -30.28
N ASN FA 122 -26.10 -76.91 -28.99
CA ASN FA 122 -25.78 -78.27 -28.59
C ASN FA 122 -26.88 -79.21 -29.09
N PRO FA 123 -26.53 -80.42 -29.54
CA PRO FA 123 -27.54 -81.40 -29.95
C PRO FA 123 -28.41 -81.85 -28.79
N ALA GA 1 -8.23 52.57 -67.66
CA ALA GA 1 -8.28 51.88 -68.93
C ALA GA 1 -8.56 50.40 -68.74
N SER GA 2 -9.64 49.92 -69.36
CA SER GA 2 -9.93 48.49 -69.34
C SER GA 2 -8.74 47.73 -69.92
N LEU GA 3 -8.31 46.68 -69.20
CA LEU GA 3 -7.16 45.92 -69.64
C LEU GA 3 -7.56 44.97 -70.78
N PRO GA 4 -6.68 44.74 -71.75
CA PRO GA 4 -6.99 43.77 -72.82
C PRO GA 4 -6.81 42.34 -72.31
N VAL GA 5 -7.76 41.49 -72.67
CA VAL GA 5 -7.78 40.12 -72.17
C VAL GA 5 -8.06 39.14 -73.31
N THR GA 6 -7.55 37.92 -73.14
CA THR GA 6 -7.94 36.79 -73.96
C THR GA 6 -8.30 35.63 -73.05
N GLN GA 7 -9.31 34.87 -73.45
CA GLN GA 7 -9.78 33.77 -72.61
C GLN GA 7 -8.75 32.65 -72.58
N TYR GA 8 -8.22 32.38 -71.40
CA TYR GA 8 -7.22 31.34 -71.17
C TYR GA 8 -7.86 29.99 -70.86
N SER GA 9 -8.67 29.92 -69.80
CA SER GA 9 -9.43 28.71 -69.52
C SER GA 9 -10.91 28.96 -69.79
N PRO GA 10 -11.50 28.35 -70.81
CA PRO GA 10 -12.86 28.70 -71.21
C PRO GA 10 -13.88 28.05 -70.31
N PRO GA 11 -15.12 28.52 -70.33
CA PRO GA 11 -16.16 27.90 -69.48
C PRO GA 11 -16.47 26.49 -69.95
N VAL GA 12 -16.65 25.61 -68.99
CA VAL GA 12 -16.85 24.19 -69.22
C VAL GA 12 -18.28 23.78 -68.91
N THR GA 13 -18.76 24.12 -67.72
CA THR GA 13 -20.09 23.85 -67.24
C THR GA 13 -20.67 25.15 -66.69
N PRO GA 14 -22.01 25.21 -66.53
CA PRO GA 14 -22.60 26.43 -65.96
C PRO GA 14 -22.00 26.86 -64.62
N LEU GA 15 -21.63 25.90 -63.78
CA LEU GA 15 -20.93 26.19 -62.54
C LEU GA 15 -19.45 25.92 -62.70
N GLY GA 16 -18.64 26.61 -61.89
CA GLY GA 16 -17.21 26.45 -61.95
C GLY GA 16 -16.48 27.77 -62.11
N LYS GA 17 -15.36 27.74 -62.86
CA LYS GA 17 -14.50 28.89 -63.04
C LYS GA 17 -14.16 29.07 -64.52
N SER GA 18 -14.05 30.32 -64.94
CA SER GA 18 -13.53 30.69 -66.25
C SER GA 18 -12.49 31.78 -66.04
N THR GA 19 -11.39 31.73 -66.79
CA THR GA 19 -10.31 32.69 -66.59
C THR GA 19 -9.87 33.32 -67.90
N TRP GA 20 -9.63 34.63 -67.84
CA TRP GA 20 -9.02 35.41 -68.90
C TRP GA 20 -7.64 35.89 -68.44
N ASN GA 21 -6.69 35.91 -69.35
CA ASN GA 21 -5.37 36.47 -69.09
C ASN GA 21 -5.26 37.85 -69.72
N VAL GA 22 -4.60 38.76 -69.01
CA VAL GA 22 -4.30 40.09 -69.52
C VAL GA 22 -3.14 39.98 -70.51
N THR GA 23 -3.35 40.45 -71.72
CA THR GA 23 -2.35 40.33 -72.77
C THR GA 23 -1.33 41.46 -72.69
N GLY GA 24 -0.13 41.18 -73.17
CA GLY GA 24 0.93 42.19 -73.21
C GLY GA 24 1.64 42.43 -71.91
N SER GA 25 1.53 41.52 -70.95
CA SER GA 25 2.18 41.72 -69.67
C SER GA 25 3.66 41.40 -69.77
N THR GA 26 4.45 42.09 -68.95
CA THR GA 26 5.90 41.92 -68.98
C THR GA 26 6.41 40.98 -67.89
N ASN GA 27 5.63 40.71 -66.85
CA ASN GA 27 6.07 39.87 -65.76
C ASN GA 27 6.03 38.40 -66.19
N PRO GA 28 6.69 37.51 -65.44
CA PRO GA 28 6.74 36.09 -65.83
C PRO GA 28 5.34 35.51 -65.94
N PRO GA 29 5.18 34.39 -66.66
CA PRO GA 29 3.81 33.91 -66.97
C PRO GA 29 3.00 33.56 -65.74
N GLY GA 30 3.61 32.94 -64.73
CA GLY GA 30 2.88 32.62 -63.51
C GLY GA 30 2.32 33.85 -62.80
N LEU GA 31 2.81 35.04 -63.16
CA LEU GA 31 2.32 36.29 -62.59
C LEU GA 31 1.57 37.14 -63.61
N VAL GA 32 1.06 36.52 -64.66
CA VAL GA 32 0.24 37.25 -65.63
C VAL GA 32 -1.06 37.68 -64.95
N PRO GA 33 -1.44 38.96 -65.05
CA PRO GA 33 -2.71 39.39 -64.44
C PRO GA 33 -3.88 38.60 -64.99
N GLN GA 34 -4.82 38.26 -64.12
CA GLN GA 34 -5.93 37.39 -64.47
C GLN GA 34 -7.27 37.98 -64.07
N VAL GA 35 -8.30 37.60 -64.81
CA VAL GA 35 -9.69 37.86 -64.46
C VAL GA 35 -10.40 36.51 -64.39
N VAL GA 36 -11.05 36.24 -63.26
CA VAL GA 36 -11.69 34.96 -63.00
C VAL GA 36 -13.16 35.19 -62.71
N GLN GA 37 -14.02 34.52 -63.48
CA GLN GA 37 -15.45 34.48 -63.17
C GLN GA 37 -15.79 33.13 -62.56
N THR GA 38 -16.53 33.16 -61.46
CA THR GA 38 -16.88 31.97 -60.69
C THR GA 38 -18.40 31.91 -60.56
N GLU GA 39 -18.97 30.72 -60.77
CA GLU GA 39 -20.39 30.49 -60.50
C GLU GA 39 -20.50 29.26 -59.63
N SER GA 40 -20.83 29.47 -58.34
CA SER GA 40 -20.77 28.39 -57.38
C SER GA 40 -22.08 28.27 -56.60
N ILE GA 41 -22.44 27.04 -56.22
CA ILE GA 41 -23.65 26.81 -55.46
C ILE GA 41 -23.32 26.78 -53.98
N ASN GA 42 -24.28 27.24 -53.18
CA ASN GA 42 -24.15 27.19 -51.73
C ASN GA 42 -24.29 25.74 -51.26
N ALA GA 43 -23.87 25.51 -50.01
CA ALA GA 43 -24.00 24.18 -49.42
C ALA GA 43 -25.45 23.73 -49.37
N ARG GA 44 -26.31 24.57 -48.79
CA ARG GA 44 -27.74 24.27 -48.74
C ARG GA 44 -28.45 24.49 -50.07
N LYS GA 45 -27.71 24.87 -51.12
CA LYS GA 45 -28.27 25.09 -52.45
C LYS GA 45 -29.35 26.17 -52.44
N SER GA 46 -29.21 27.15 -51.54
CA SER GA 46 -30.13 28.27 -51.51
C SER GA 46 -29.69 29.40 -52.43
N ASN GA 47 -28.39 29.64 -52.55
CA ASN GA 47 -27.86 30.73 -53.37
C ASN GA 47 -26.90 30.18 -54.41
N ILE GA 48 -26.85 30.86 -55.55
CA ILE GA 48 -25.72 30.75 -56.48
C ILE GA 48 -24.95 32.04 -56.38
N MET GA 49 -23.65 31.93 -56.11
CA MET GA 49 -22.76 33.09 -56.05
C MET GA 49 -22.14 33.29 -57.42
N SER GA 50 -22.36 34.48 -57.99
CA SER GA 50 -21.67 34.93 -59.20
C SER GA 50 -20.57 35.88 -58.79
N LYS GA 51 -19.32 35.54 -59.12
CA LYS GA 51 -18.17 36.31 -58.70
C LYS GA 51 -17.30 36.69 -59.89
N ILE GA 52 -16.73 37.89 -59.82
CA ILE GA 52 -15.67 38.32 -60.74
C ILE GA 52 -14.50 38.79 -59.90
N SER GA 53 -13.29 38.38 -60.28
CA SER GA 53 -12.09 38.69 -59.52
C SER GA 53 -10.99 39.12 -60.48
N VAL GA 54 -10.39 40.27 -60.22
CA VAL GA 54 -9.28 40.77 -61.01
C VAL GA 54 -8.05 40.78 -60.11
N TYR GA 55 -7.07 39.95 -60.45
CA TYR GA 55 -5.79 39.88 -59.75
C TYR GA 55 -4.73 40.48 -60.67
N TYR GA 56 -4.18 41.63 -60.28
CA TYR GA 56 -3.10 42.27 -61.04
C TYR GA 56 -1.85 42.22 -60.19
N TYR GA 57 -0.86 41.44 -60.64
CA TYR GA 57 0.39 41.26 -59.90
C TYR GA 57 1.37 42.33 -60.34
N ILE GA 58 1.84 43.14 -59.38
CA ILE GA 58 2.68 44.29 -59.69
C ILE GA 58 3.91 44.25 -58.77
N PRO GA 59 5.11 44.50 -59.31
CA PRO GA 59 6.30 44.47 -58.46
C PRO GA 59 6.32 45.64 -57.49
N SER GA 60 6.91 45.38 -56.31
CA SER GA 60 6.92 46.38 -55.25
C SER GA 60 7.81 47.58 -55.59
N THR GA 61 8.71 47.45 -56.56
CA THR GA 61 9.59 48.52 -56.97
C THR GA 61 9.46 48.76 -58.47
N ASN GA 62 9.93 49.93 -58.90
CA ASN GA 62 9.83 50.29 -60.31
C ASN GA 62 10.78 49.46 -61.18
N SER GA 63 11.93 49.08 -60.63
CA SER GA 63 12.93 48.31 -61.37
C SER GA 63 13.20 46.99 -60.66
N VAL GA 64 13.94 46.12 -61.34
CA VAL GA 64 14.27 44.82 -60.77
C VAL GA 64 15.33 44.98 -59.69
N SER GA 65 15.10 44.37 -58.53
CA SER GA 65 16.06 44.41 -57.44
C SER GA 65 15.93 43.12 -56.65
N CYS GA 66 16.85 42.94 -55.70
CA CYS GA 66 16.87 41.69 -54.93
C CYS GA 66 15.76 41.66 -53.88
N CYS GA 67 15.34 42.82 -53.38
CA CYS GA 67 14.24 42.92 -52.43
C CYS GA 67 12.89 43.10 -53.13
N THR GA 68 12.85 42.94 -54.45
CA THR GA 68 11.61 43.12 -55.19
C THR GA 68 10.60 42.04 -54.82
N GLU GA 69 9.50 42.46 -54.20
CA GLU GA 69 8.38 41.58 -53.89
C GLU GA 69 7.27 41.79 -54.91
N TRP GA 70 6.25 40.95 -54.83
CA TRP GA 70 5.13 41.01 -55.75
C TRP GA 70 3.86 41.30 -54.96
N ASP GA 71 3.37 42.54 -55.07
CA ASP GA 71 2.09 42.89 -54.49
C ASP GA 71 0.97 42.52 -55.46
N THR GA 72 -0.23 42.40 -54.92
CA THR GA 72 -1.41 42.05 -55.72
C THR GA 72 -2.46 43.12 -55.55
N ILE GA 73 -2.86 43.75 -56.65
CA ILE GA 73 -4.04 44.60 -56.67
C ILE GA 73 -5.23 43.69 -56.93
N ARG GA 74 -6.10 43.56 -55.93
CA ARG GA 74 -7.26 42.67 -55.98
C ARG GA 74 -8.52 43.49 -56.06
N CYS GA 75 -9.39 43.12 -57.00
CA CYS GA 75 -10.73 43.71 -57.12
C CYS GA 75 -11.74 42.58 -57.22
N GLU GA 76 -12.64 42.52 -56.25
CA GLU GA 76 -13.61 41.42 -56.11
C GLU GA 76 -15.03 41.94 -56.26
N PHE GA 77 -15.88 41.10 -56.83
CA PHE GA 77 -17.31 41.35 -56.99
C PHE GA 77 -18.06 40.05 -56.78
N SER GA 78 -19.16 40.11 -56.05
CA SER GA 78 -20.00 38.95 -55.83
C SER GA 78 -21.47 39.38 -55.85
N LEU GA 79 -22.33 38.46 -56.28
CA LEU GA 79 -23.77 38.69 -56.35
C LEU GA 79 -24.48 37.40 -56.00
N THR GA 80 -25.52 37.49 -55.16
CA THR GA 80 -26.29 36.33 -54.73
C THR GA 80 -27.54 36.17 -55.60
N LEU GA 81 -27.66 35.01 -56.25
CA LEU GA 81 -28.84 34.64 -57.02
C LEU GA 81 -29.64 33.64 -56.19
N LEU GA 82 -30.77 34.08 -55.65
CA LEU GA 82 -31.61 33.21 -54.84
C LEU GA 82 -32.21 32.10 -55.71
N GLN GA 83 -32.12 30.85 -55.24
CA GLN GA 83 -32.53 29.71 -56.03
C GLN GA 83 -33.80 29.04 -55.52
N LEU GA 84 -34.26 29.36 -54.31
CA LEU GA 84 -35.39 28.65 -53.71
C LEU GA 84 -36.45 29.61 -53.22
N SER GA 85 -36.52 30.81 -53.80
CA SER GA 85 -37.50 31.80 -53.40
C SER GA 85 -38.73 31.71 -54.30
N SER GA 86 -39.91 31.78 -53.68
CA SER GA 86 -41.17 31.81 -54.41
C SER GA 86 -41.57 33.21 -54.84
N ASN GA 87 -40.84 34.23 -54.40
CA ASN GA 87 -41.15 35.60 -54.78
C ASN GA 87 -40.71 35.85 -56.22
N THR GA 88 -41.65 36.26 -57.06
CA THR GA 88 -41.35 36.51 -58.46
C THR GA 88 -40.59 37.81 -58.69
N ASP GA 89 -40.44 38.65 -57.66
CA ASP GA 89 -39.66 39.88 -57.80
C ASP GA 89 -38.16 39.64 -57.80
N VAL GA 90 -37.72 38.41 -57.53
CA VAL GA 90 -36.30 38.16 -57.29
C VAL GA 90 -35.45 38.55 -58.51
N ALA GA 91 -35.92 38.21 -59.71
CA ALA GA 91 -35.13 38.50 -60.90
C ALA GA 91 -34.97 40.00 -61.13
N ALA GA 92 -36.09 40.72 -61.15
CA ALA GA 92 -36.04 42.16 -61.37
C ALA GA 92 -35.25 42.85 -60.27
N ARG GA 93 -35.38 42.38 -59.03
CA ARG GA 93 -34.67 43.03 -57.94
C ARG GA 93 -33.17 42.73 -57.96
N THR GA 94 -32.78 41.52 -58.39
CA THR GA 94 -31.36 41.26 -58.58
C THR GA 94 -30.79 42.14 -59.68
N VAL GA 95 -31.56 42.34 -60.75
CA VAL GA 95 -31.15 43.28 -61.80
C VAL GA 95 -30.98 44.67 -61.22
N ASP GA 96 -31.95 45.12 -60.41
CA ASP GA 96 -31.87 46.44 -59.81
C ASP GA 96 -30.66 46.56 -58.89
N VAL GA 97 -30.33 45.50 -58.16
CA VAL GA 97 -29.19 45.52 -57.26
C VAL GA 97 -27.89 45.64 -58.05
N LEU GA 98 -27.77 44.86 -59.13
CA LEU GA 98 -26.58 44.97 -59.97
C LEU GA 98 -26.44 46.37 -60.56
N ASP GA 99 -27.56 46.94 -61.01
CA ASP GA 99 -27.51 48.29 -61.57
C ASP GA 99 -27.13 49.31 -60.51
N THR GA 100 -27.62 49.13 -59.27
CA THR GA 100 -27.22 50.02 -58.18
C THR GA 100 -25.73 49.91 -57.91
N MET GA 101 -25.19 48.68 -57.99
CA MET GA 101 -23.76 48.48 -57.82
C MET GA 101 -22.96 49.26 -58.86
N ILE GA 102 -23.36 49.12 -60.13
CA ILE GA 102 -22.65 49.84 -61.21
C ILE GA 102 -22.78 51.35 -61.04
N SER GA 103 -23.99 51.81 -60.68
CA SER GA 103 -24.20 53.24 -60.47
C SER GA 103 -23.32 53.76 -59.35
N PHE GA 104 -23.16 52.98 -58.28
CA PHE GA 104 -22.32 53.43 -57.17
C PHE GA 104 -20.85 53.40 -57.53
N LEU GA 105 -20.43 52.42 -58.33
CA LEU GA 105 -19.05 52.43 -58.82
C LEU GA 105 -18.77 53.68 -59.64
N ALA GA 106 -19.78 54.16 -60.38
CA ALA GA 106 -19.61 55.43 -61.07
C ALA GA 106 -19.64 56.60 -60.11
N LYS GA 107 -20.60 56.60 -59.20
CA LYS GA 107 -20.87 57.73 -58.31
C LYS GA 107 -19.71 57.99 -57.36
N ARG GA 108 -19.06 56.94 -56.86
CA ARG GA 108 -18.04 57.06 -55.84
C ARG GA 108 -16.66 56.66 -56.35
N ARG GA 109 -16.39 56.87 -57.65
CA ARG GA 109 -15.14 56.42 -58.23
C ARG GA 109 -13.93 57.06 -57.55
N ASN GA 110 -13.95 58.38 -57.36
CA ASN GA 110 -12.82 59.04 -56.74
C ASN GA 110 -12.63 58.58 -55.30
N SER GA 111 -13.72 58.47 -54.54
CA SER GA 111 -13.63 58.01 -53.17
C SER GA 111 -13.04 56.60 -53.10
N ILE GA 112 -13.51 55.71 -53.98
CA ILE GA 112 -13.03 54.33 -54.00
C ILE GA 112 -11.55 54.29 -54.34
N LEU GA 113 -11.12 55.10 -55.32
CA LEU GA 113 -9.73 55.06 -55.76
C LEU GA 113 -8.79 55.75 -54.78
N ALA GA 114 -9.30 56.67 -53.98
CA ALA GA 114 -8.45 57.41 -53.04
C ALA GA 114 -8.50 56.86 -51.62
N GLY GA 115 -9.47 56.01 -51.29
CA GLY GA 115 -9.59 55.54 -49.93
C GLY GA 115 -10.02 56.63 -48.96
N ASN GA 116 -10.95 57.48 -49.39
CA ASN GA 116 -11.40 58.62 -48.59
C ASN GA 116 -12.91 58.75 -48.78
N LEU GA 117 -13.67 58.48 -47.70
CA LEU GA 117 -15.13 58.57 -47.78
C LEU GA 117 -15.63 59.98 -47.99
N LEU GA 118 -14.82 61.00 -47.65
CA LEU GA 118 -15.29 62.37 -47.65
C LEU GA 118 -15.32 63.02 -49.04
N LEU GA 119 -14.70 62.40 -50.04
CA LEU GA 119 -14.69 62.99 -51.36
C LEU GA 119 -16.12 63.06 -51.91
N PRO GA 120 -16.50 64.14 -52.56
CA PRO GA 120 -17.84 64.23 -53.13
C PRO GA 120 -18.02 63.22 -54.27
N ASP GA 121 -19.29 63.02 -54.63
CA ASP GA 121 -19.60 62.15 -55.76
C ASP GA 121 -18.85 62.62 -57.01
N ASN GA 122 -18.50 61.67 -57.85
CA ASN GA 122 -17.92 62.01 -59.14
C ASN GA 122 -18.94 62.80 -59.96
N PRO GA 123 -18.50 63.82 -60.72
CA PRO GA 123 -19.41 64.57 -61.58
C PRO GA 123 -19.97 63.70 -62.71
N ALA HA 1 -34.41 -43.72 -64.80
CA ALA HA 1 -34.01 -45.12 -64.86
C ALA HA 1 -33.38 -45.56 -63.55
N SER HA 2 -33.96 -46.60 -62.94
CA SER HA 2 -33.37 -47.18 -61.74
C SER HA 2 -31.95 -47.64 -62.05
N LEU HA 3 -31.02 -47.25 -61.18
CA LEU HA 3 -29.62 -47.60 -61.41
C LEU HA 3 -29.36 -49.06 -61.04
N PRO HA 4 -28.48 -49.74 -61.77
CA PRO HA 4 -28.14 -51.12 -61.40
C PRO HA 4 -27.19 -51.15 -60.22
N VAL HA 5 -27.45 -52.05 -59.28
CA VAL HA 5 -26.69 -52.12 -58.04
C VAL HA 5 -26.32 -53.55 -57.71
N THR HA 6 -25.20 -53.71 -57.01
CA THR HA 6 -24.83 -54.96 -56.36
C THR HA 6 -24.48 -54.68 -54.91
N GLN HA 7 -24.86 -55.59 -54.03
CA GLN HA 7 -24.62 -55.39 -52.61
C GLN HA 7 -23.14 -55.47 -52.31
N TYR HA 8 -22.58 -54.36 -51.82
CA TYR HA 8 -21.16 -54.26 -51.46
C TYR HA 8 -20.92 -54.66 -50.01
N SER HA 9 -21.56 -53.98 -49.06
CA SER HA 9 -21.48 -54.39 -47.66
C SER HA 9 -22.82 -54.96 -47.22
N PRO HA 10 -22.92 -56.26 -46.96
CA PRO HA 10 -24.21 -56.88 -46.71
C PRO HA 10 -24.70 -56.61 -45.30
N PRO HA 11 -25.99 -56.82 -45.03
CA PRO HA 11 -26.49 -56.60 -43.67
C PRO HA 11 -25.92 -57.61 -42.69
N VAL HA 12 -25.57 -57.12 -41.51
CA VAL HA 12 -24.90 -57.90 -40.49
C VAL HA 12 -25.84 -58.19 -39.32
N THR HA 13 -26.46 -57.15 -38.78
CA THR HA 13 -27.40 -57.20 -37.69
C THR HA 13 -28.63 -56.43 -38.09
N PRO HA 14 -29.76 -56.64 -37.39
CA PRO HA 14 -30.98 -55.86 -37.71
C PRO HA 14 -30.77 -54.36 -37.70
N LEU HA 15 -29.94 -53.84 -36.80
CA LEU HA 15 -29.58 -52.44 -36.80
C LEU HA 15 -28.19 -52.25 -37.42
N GLY HA 16 -27.97 -51.06 -37.96
CA GLY HA 16 -26.70 -50.75 -38.59
C GLY HA 16 -26.87 -50.21 -39.99
N LYS HA 17 -25.92 -50.55 -40.87
CA LYS HA 17 -25.89 -50.05 -42.25
C LYS HA 17 -25.68 -51.19 -43.22
N SER HA 18 -26.30 -51.08 -44.39
CA SER HA 18 -26.05 -51.95 -45.52
C SER HA 18 -25.85 -51.07 -46.74
N THR HA 19 -24.91 -51.44 -47.62
CA THR HA 19 -24.58 -50.60 -48.76
C THR HA 19 -24.56 -51.41 -50.05
N TRP HA 20 -25.13 -50.81 -51.10
CA TRP HA 20 -25.04 -51.29 -52.47
C TRP HA 20 -24.23 -50.31 -53.29
N ASN HA 21 -23.44 -50.83 -54.22
CA ASN HA 21 -22.69 -50.02 -55.17
C ASN HA 21 -23.38 -50.04 -56.52
N VAL HA 22 -23.39 -48.89 -57.19
CA VAL HA 22 -23.91 -48.78 -58.55
C VAL HA 22 -22.88 -49.35 -59.51
N THR HA 23 -23.30 -50.33 -60.31
CA THR HA 23 -22.37 -51.00 -61.21
C THR HA 23 -22.21 -50.22 -62.50
N GLY HA 24 -21.05 -50.40 -63.15
CA GLY HA 24 -20.77 -49.78 -64.42
C GLY HA 24 -20.37 -48.33 -64.35
N SER HA 25 -19.96 -47.84 -63.19
CA SER HA 25 -19.58 -46.45 -63.06
C SER HA 25 -18.18 -46.22 -63.63
N THR HA 26 -17.96 -45.02 -64.16
CA THR HA 26 -16.69 -44.69 -64.77
C THR HA 26 -15.75 -43.92 -63.84
N ASN HA 27 -16.27 -43.32 -62.78
CA ASN HA 27 -15.44 -42.53 -61.88
C ASN HA 27 -14.61 -43.45 -60.98
N PRO HA 28 -13.58 -42.92 -60.33
CA PRO HA 28 -12.71 -43.77 -59.48
C PRO HA 28 -13.50 -44.48 -58.41
N PRO HA 29 -12.97 -45.58 -57.85
CA PRO HA 29 -13.79 -46.41 -56.95
C PRO HA 29 -14.28 -45.69 -55.72
N GLY HA 30 -13.45 -44.84 -55.10
CA GLY HA 30 -13.90 -44.09 -53.94
C GLY HA 30 -15.08 -43.18 -54.23
N LEU HA 31 -15.37 -42.92 -55.51
CA LEU HA 31 -16.50 -42.11 -55.91
C LEU HA 31 -17.58 -42.91 -56.61
N VAL HA 32 -17.61 -44.22 -56.40
CA VAL HA 32 -18.68 -45.05 -56.97
C VAL HA 32 -20.00 -44.66 -56.32
N PRO HA 33 -21.05 -44.40 -57.09
CA PRO HA 33 -22.35 -44.07 -56.49
C PRO HA 33 -22.83 -45.18 -55.57
N GLN HA 34 -23.42 -44.80 -54.45
CA GLN HA 34 -23.80 -45.75 -53.42
C GLN HA 34 -25.25 -45.57 -52.99
N VAL HA 35 -25.85 -46.67 -52.54
CA VAL HA 35 -27.14 -46.66 -51.86
C VAL HA 35 -26.94 -47.29 -50.48
N VAL HA 36 -27.35 -46.58 -49.44
CA VAL HA 36 -27.11 -46.99 -48.06
C VAL HA 36 -28.46 -47.08 -47.35
N GLN HA 37 -28.75 -48.25 -46.78
CA GLN HA 37 -29.90 -48.41 -45.89
C GLN HA 37 -29.42 -48.46 -44.45
N THR HA 38 -30.06 -47.67 -43.59
CA THR HA 38 -29.68 -47.54 -42.20
C THR HA 38 -30.88 -47.87 -41.32
N GLU HA 39 -30.65 -48.65 -40.26
CA GLU HA 39 -31.68 -48.93 -39.26
C GLU HA 39 -31.08 -48.62 -37.90
N SER HA 40 -31.50 -47.50 -37.30
CA SER HA 40 -30.85 -47.03 -36.08
C SER HA 40 -31.86 -46.76 -34.99
N ILE HA 41 -31.45 -46.96 -33.72
CA ILE HA 41 -32.33 -46.73 -32.59
C ILE HA 41 -32.09 -45.33 -32.05
N ASN HA 42 -33.16 -44.73 -31.54
CA ASN HA 42 -33.06 -43.43 -30.89
C ASN HA 42 -32.34 -43.58 -29.54
N ALA HA 43 -31.91 -42.43 -29.01
CA ALA HA 43 -31.24 -42.44 -27.71
C ALA HA 43 -32.18 -42.96 -26.62
N ARG HA 44 -33.38 -42.40 -26.53
CA ARG HA 44 -34.37 -42.87 -25.56
C ARG HA 44 -35.03 -44.18 -25.99
N LYS HA 45 -34.63 -44.77 -27.12
CA LYS HA 45 -35.18 -46.02 -27.62
C LYS HA 45 -36.68 -45.92 -27.86
N SER HA 46 -37.16 -44.74 -28.23
CA SER HA 46 -38.56 -44.57 -28.57
C SER HA 46 -38.83 -44.85 -30.04
N ASN HA 47 -37.91 -44.49 -30.92
CA ASN HA 47 -38.09 -44.67 -32.35
C ASN HA 47 -36.96 -45.51 -32.92
N ILE HA 48 -37.28 -46.27 -33.97
CA ILE HA 48 -36.28 -46.79 -34.88
C ILE HA 48 -36.40 -46.01 -36.19
N MET HA 49 -35.29 -45.45 -36.63
CA MET HA 49 -35.24 -44.71 -37.89
C MET HA 49 -34.82 -45.68 -39.00
N SER HA 50 -35.66 -45.81 -40.01
CA SER HA 50 -35.33 -46.53 -41.24
C SER HA 50 -35.00 -45.49 -42.30
N LYS HA 51 -33.77 -45.55 -42.82
CA LYS HA 51 -33.30 -44.57 -43.78
C LYS HA 51 -32.78 -45.24 -45.04
N ILE HA 52 -33.00 -44.57 -46.18
CA ILE HA 52 -32.38 -44.92 -47.45
C ILE HA 52 -31.71 -43.67 -48.00
N SER HA 53 -30.49 -43.81 -48.48
CA SER HA 53 -29.72 -42.68 -48.97
C SER HA 53 -29.04 -43.06 -50.28
N VAL HA 54 -29.23 -42.24 -51.30
CA VAL HA 54 -28.59 -42.42 -52.60
C VAL HA 54 -27.61 -41.27 -52.78
N TYR HA 55 -26.33 -41.60 -52.85
CA TYR HA 55 -25.26 -40.63 -53.12
C TYR HA 55 -24.72 -40.92 -54.51
N TYR HA 56 -24.96 -40.01 -55.45
CA TYR HA 56 -24.43 -40.13 -56.80
C TYR HA 56 -23.40 -39.03 -57.01
N TYR HA 57 -22.13 -39.43 -57.15
CA TYR HA 57 -21.04 -38.48 -57.31
C TYR HA 57 -20.85 -38.19 -58.79
N ILE HA 58 -20.96 -36.93 -59.17
CA ILE HA 58 -20.94 -36.52 -60.58
C ILE HA 58 -19.93 -35.38 -60.74
N PRO HA 59 -19.10 -35.41 -61.77
CA PRO HA 59 -18.13 -34.33 -61.96
C PRO HA 59 -18.81 -33.03 -62.37
N SER HA 60 -18.22 -31.91 -61.93
CA SER HA 60 -18.81 -30.61 -62.18
C SER HA 60 -18.78 -30.22 -63.66
N THR HA 61 -17.95 -30.87 -64.46
CA THR HA 61 -17.84 -30.58 -65.89
C THR HA 61 -18.04 -31.86 -66.68
N ASN HA 62 -18.32 -31.69 -67.98
CA ASN HA 62 -18.57 -32.83 -68.85
C ASN HA 62 -17.31 -33.62 -69.12
N SER HA 63 -16.16 -32.96 -69.17
CA SER HA 63 -14.88 -33.59 -69.45
C SER HA 63 -13.92 -33.37 -68.29
N VAL HA 64 -12.78 -34.07 -68.35
CA VAL HA 64 -11.78 -33.95 -67.30
C VAL HA 64 -11.03 -32.63 -67.46
N SER HA 65 -10.91 -31.89 -66.37
CA SER HA 65 -10.17 -30.63 -66.37
C SER HA 65 -9.55 -30.43 -65.00
N CYS HA 66 -8.72 -29.39 -64.88
CA CYS HA 66 -8.01 -29.16 -63.63
C CYS HA 66 -8.92 -28.57 -62.56
N CYS HA 67 -9.95 -27.81 -62.96
CA CYS HA 67 -10.93 -27.26 -62.04
C CYS HA 67 -12.11 -28.20 -61.81
N THR HA 68 -12.02 -29.44 -62.29
CA THR HA 68 -13.11 -30.39 -62.14
C THR HA 68 -13.31 -30.74 -60.67
N GLU HA 69 -14.46 -30.36 -60.13
CA GLU HA 69 -14.87 -30.73 -58.79
C GLU HA 69 -15.87 -31.87 -58.86
N TRP HA 70 -16.23 -32.40 -57.68
CA TRP HA 70 -17.15 -33.52 -57.59
C TRP HA 70 -18.37 -33.08 -56.80
N ASP HA 71 -19.48 -32.87 -57.49
CA ASP HA 71 -20.73 -32.60 -56.83
C ASP HA 71 -21.41 -33.91 -56.46
N THR HA 72 -22.34 -33.83 -55.52
CA THR HA 72 -23.06 -35.01 -55.04
C THR HA 72 -24.55 -34.76 -55.21
N ILE HA 73 -25.21 -35.62 -55.98
CA ILE HA 73 -26.66 -35.68 -56.01
C ILE HA 73 -27.10 -36.58 -54.86
N ARG HA 74 -27.75 -35.99 -53.87
CA ARG HA 74 -28.18 -36.70 -52.67
C ARG HA 74 -29.69 -36.84 -52.65
N CYS HA 75 -30.16 -38.06 -52.38
CA CYS HA 75 -31.58 -38.33 -52.20
C CYS HA 75 -31.75 -39.11 -50.91
N GLU HA 76 -32.47 -38.54 -49.95
CA GLU HA 76 -32.62 -39.09 -48.62
C GLU HA 76 -34.08 -39.44 -48.34
N PHE HA 77 -34.26 -40.51 -47.57
CA PHE HA 77 -35.57 -40.96 -47.10
C PHE HA 77 -35.42 -41.47 -45.68
N SER HA 78 -36.38 -41.12 -44.83
CA SER HA 78 -36.40 -41.59 -43.45
C SER HA 78 -37.84 -41.87 -43.03
N LEU HA 79 -38.00 -42.85 -42.13
CA LEU HA 79 -39.30 -43.23 -41.61
C LEU HA 79 -39.14 -43.60 -40.14
N THR HA 80 -40.06 -43.12 -39.30
CA THR HA 80 -40.02 -43.39 -37.87
C THR HA 80 -40.92 -44.57 -37.52
N LEU HA 81 -40.33 -45.61 -36.92
CA LEU HA 81 -41.06 -46.76 -36.40
C LEU HA 81 -41.15 -46.61 -34.89
N LEU HA 82 -42.35 -46.31 -34.39
CA LEU HA 82 -42.55 -46.15 -32.95
C LEU HA 82 -42.36 -47.49 -32.26
N GLN HA 83 -41.58 -47.51 -31.18
CA GLN HA 83 -41.22 -48.74 -30.49
C GLN HA 83 -41.89 -48.90 -29.13
N LEU HA 84 -42.47 -47.85 -28.57
CA LEU HA 84 -43.00 -47.90 -27.21
C LEU HA 84 -44.44 -47.43 -27.15
N SER HA 85 -45.16 -47.52 -28.26
CA SER HA 85 -46.56 -47.10 -28.29
C SER HA 85 -47.48 -48.27 -28.03
N SER HA 86 -48.50 -48.04 -27.19
CA SER HA 86 -49.52 -49.03 -26.92
C SER HA 86 -50.64 -49.03 -27.94
N ASN HA 87 -50.66 -48.05 -28.85
CA ASN HA 87 -51.69 -47.98 -29.86
C ASN HA 87 -51.44 -49.04 -30.92
N THR HA 88 -52.43 -49.91 -31.15
CA THR HA 88 -52.28 -50.97 -32.13
C THR HA 88 -52.41 -50.47 -33.57
N ASP HA 89 -52.81 -49.22 -33.78
CA ASP HA 89 -52.89 -48.66 -35.12
C ASP HA 89 -51.53 -48.33 -35.71
N VAL HA 90 -50.45 -48.41 -34.91
CA VAL HA 90 -49.16 -47.87 -35.34
C VAL HA 90 -48.68 -48.56 -36.60
N ALA HA 91 -48.82 -49.89 -36.69
CA ALA HA 91 -48.31 -50.61 -37.85
C ALA HA 91 -49.05 -50.23 -39.12
N ALA HA 92 -50.38 -50.31 -39.09
CA ALA HA 92 -51.17 -49.96 -40.28
C ALA HA 92 -50.95 -48.51 -40.67
N ARG HA 93 -50.82 -47.61 -39.69
CA ARG HA 93 -50.64 -46.20 -40.01
C ARG HA 93 -49.25 -45.91 -40.55
N THR HA 94 -48.22 -46.61 -40.07
CA THR HA 94 -46.90 -46.47 -40.68
C THR HA 94 -46.93 -46.96 -42.12
N VAL HA 95 -47.64 -48.05 -42.38
CA VAL HA 95 -47.82 -48.52 -43.75
C VAL HA 95 -48.51 -47.45 -44.59
N ASP HA 96 -49.57 -46.87 -44.05
CA ASP HA 96 -50.30 -45.82 -44.77
C ASP HA 96 -49.41 -44.62 -45.04
N VAL HA 97 -48.54 -44.27 -44.08
CA VAL HA 97 -47.65 -43.13 -44.27
C VAL HA 97 -46.64 -43.41 -45.38
N LEU HA 98 -46.05 -44.61 -45.37
CA LEU HA 98 -45.13 -44.97 -46.44
C LEU HA 98 -45.81 -44.95 -47.81
N ASP HA 99 -47.05 -45.45 -47.87
CA ASP HA 99 -47.78 -45.45 -49.13
C ASP HA 99 -48.09 -44.03 -49.58
N THR HA 100 -48.42 -43.15 -48.63
CA THR HA 100 -48.64 -41.74 -48.97
C THR HA 100 -47.36 -41.11 -49.51
N MET HA 101 -46.22 -41.46 -48.93
CA MET HA 101 -44.94 -40.97 -49.42
C MET HA 101 -44.72 -41.39 -50.87
N ILE HA 102 -44.92 -42.67 -51.17
CA ILE HA 102 -44.72 -43.17 -52.54
C ILE HA 102 -45.71 -42.50 -53.50
N SER HA 103 -46.98 -42.37 -53.06
CA SER HA 103 -47.98 -41.72 -53.90
C SER HA 103 -47.61 -40.28 -54.21
N PHE HA 104 -47.04 -39.57 -53.23
CA PHE HA 104 -46.66 -38.19 -53.45
C PHE HA 104 -45.42 -38.09 -54.35
N LEU HA 105 -44.49 -39.03 -54.22
CA LEU HA 105 -43.36 -39.08 -55.14
C LEU HA 105 -43.84 -39.27 -56.58
N ALA HA 106 -44.92 -40.03 -56.76
CA ALA HA 106 -45.50 -40.14 -58.09
C ALA HA 106 -46.23 -38.85 -58.49
N LYS HA 107 -47.04 -38.33 -57.57
CA LYS HA 107 -47.93 -37.22 -57.85
C LYS HA 107 -47.17 -35.95 -58.19
N ARG HA 108 -46.05 -35.70 -57.51
CA ARG HA 108 -45.31 -34.45 -57.64
C ARG HA 108 -43.94 -34.65 -58.29
N ARG HA 109 -43.82 -35.65 -59.18
CA ARG HA 109 -42.51 -35.97 -59.75
C ARG HA 109 -41.91 -34.78 -60.50
N ASN HA 110 -42.71 -34.14 -61.37
CA ASN HA 110 -42.20 -33.02 -62.14
C ASN HA 110 -41.81 -31.86 -61.23
N SER HA 111 -42.65 -31.56 -60.25
CA SER HA 111 -42.34 -30.47 -59.33
C SER HA 111 -41.06 -30.75 -58.56
N ILE HA 112 -40.90 -32.00 -58.09
CA ILE HA 112 -39.70 -32.38 -57.33
C ILE HA 112 -38.46 -32.26 -58.21
N LEU HA 113 -38.56 -32.71 -59.46
CA LEU HA 113 -37.39 -32.72 -60.34
C LEU HA 113 -37.06 -31.33 -60.86
N ALA HA 114 -38.03 -30.42 -60.91
CA ALA HA 114 -37.78 -29.09 -61.43
C ALA HA 114 -37.55 -28.03 -60.35
N GLY HA 115 -37.85 -28.33 -59.10
CA GLY HA 115 -37.71 -27.33 -58.06
C GLY HA 115 -38.72 -26.21 -58.19
N ASN HA 116 -39.97 -26.54 -58.54
CA ASN HA 116 -41.01 -25.55 -58.76
C ASN HA 116 -42.31 -26.11 -58.19
N LEU HA 117 -42.80 -25.48 -57.12
CA LEU HA 117 -44.04 -25.93 -56.48
C LEU HA 117 -45.26 -25.74 -57.36
N LEU HA 118 -45.20 -24.85 -58.35
CA LEU HA 118 -46.38 -24.48 -59.11
C LEU HA 118 -46.74 -25.47 -60.20
N LEU HA 119 -45.85 -26.41 -60.53
CA LEU HA 119 -46.15 -27.36 -61.59
C LEU HA 119 -47.34 -28.25 -61.16
N PRO HA 120 -48.26 -28.53 -62.07
CA PRO HA 120 -49.39 -29.40 -61.72
C PRO HA 120 -48.92 -30.81 -61.42
N ASP HA 121 -49.82 -31.58 -60.80
CA ASP HA 121 -49.54 -32.98 -60.54
C ASP HA 121 -49.17 -33.71 -61.82
N ASN HA 122 -48.31 -34.70 -61.70
CA ASN HA 122 -48.01 -35.55 -62.84
C ASN HA 122 -49.26 -36.28 -63.29
N PRO HA 123 -49.48 -36.45 -64.60
CA PRO HA 123 -50.63 -37.21 -65.09
C PRO HA 123 -50.55 -38.67 -64.70
N ALA IA 1 -37.79 75.77 -14.24
CA ALA IA 1 -37.18 76.55 -15.31
C ALA IA 1 -36.30 75.68 -16.20
N SER IA 2 -36.61 75.64 -17.49
CA SER IA 2 -35.75 74.94 -18.43
C SER IA 2 -34.35 75.51 -18.37
N LEU IA 3 -33.36 74.64 -18.27
CA LEU IA 3 -31.97 75.09 -18.16
C LEU IA 3 -31.45 75.51 -19.53
N PRO IA 4 -30.60 76.55 -19.58
CA PRO IA 4 -30.00 76.94 -20.85
C PRO IA 4 -28.88 75.99 -21.24
N VAL IA 5 -28.85 75.63 -22.52
CA VAL IA 5 -27.90 74.64 -23.01
C VAL IA 5 -27.27 75.10 -24.31
N THR IA 6 -26.04 74.64 -24.54
CA THR IA 6 -25.39 74.74 -25.84
C THR IA 6 -24.85 73.37 -26.22
N GLN IA 7 -24.94 73.04 -27.51
CA GLN IA 7 -24.52 71.73 -27.97
C GLN IA 7 -23.01 71.59 -27.87
N TYR IA 8 -22.56 70.66 -27.04
CA TYR IA 8 -21.14 70.39 -26.83
C TYR IA 8 -20.61 69.35 -27.81
N SER IA 9 -21.19 68.15 -27.83
CA SER IA 9 -20.83 67.15 -28.83
C SER IA 9 -21.98 66.97 -29.81
N PRO IA 10 -21.83 67.40 -31.07
CA PRO IA 10 -22.97 67.42 -31.99
C PRO IA 10 -23.25 66.04 -32.54
N PRO IA 11 -24.44 65.83 -33.12
CA PRO IA 11 -24.73 64.51 -33.69
C PRO IA 11 -23.88 64.22 -34.91
N VAL IA 12 -23.43 62.98 -34.99
CA VAL IA 12 -22.49 62.54 -36.00
C VAL IA 12 -23.18 61.61 -37.00
N THR IA 13 -23.85 60.59 -36.51
CA THR IA 13 -24.59 59.61 -37.28
C THR IA 13 -25.98 59.48 -36.69
N PRO IA 14 -26.94 58.92 -37.44
CA PRO IA 14 -28.29 58.73 -36.88
C PRO IA 14 -28.31 57.98 -35.56
N LEU IA 15 -27.44 57.00 -35.39
CA LEU IA 15 -27.29 56.30 -34.11
C LEU IA 15 -26.08 56.83 -33.36
N GLY IA 16 -26.13 56.70 -32.04
CA GLY IA 16 -25.04 57.18 -31.20
C GLY IA 16 -25.50 58.11 -30.10
N LYS IA 17 -24.67 59.10 -29.78
CA LYS IA 17 -24.93 60.03 -28.68
C LYS IA 17 -24.70 61.45 -29.14
N SER IA 18 -25.51 62.37 -28.61
CA SER IA 18 -25.32 63.80 -28.75
C SER IA 18 -25.46 64.43 -27.37
N THR IA 19 -24.61 65.42 -27.07
CA THR IA 19 -24.60 66.00 -25.73
C THR IA 19 -24.67 67.53 -25.79
N TRP IA 20 -25.47 68.09 -24.90
CA TRP IA 20 -25.54 69.52 -24.63
C TRP IA 20 -25.02 69.78 -23.23
N ASN IA 21 -24.31 70.90 -23.06
CA ASN IA 21 -23.86 71.35 -21.76
C ASN IA 21 -24.76 72.49 -21.27
N VAL IA 22 -25.04 72.48 -19.97
CA VAL IA 22 -25.77 73.57 -19.33
C VAL IA 22 -24.83 74.75 -19.14
N THR IA 23 -25.22 75.90 -19.67
CA THR IA 23 -24.36 77.07 -19.63
C THR IA 23 -24.52 77.81 -18.30
N GLY IA 24 -23.46 78.52 -17.91
CA GLY IA 24 -23.49 79.33 -16.70
C GLY IA 24 -23.31 78.56 -15.41
N SER IA 25 -22.80 77.34 -15.47
CA SER IA 25 -22.63 76.55 -14.26
C SER IA 25 -21.39 77.02 -13.51
N THR IA 26 -21.43 76.87 -12.19
CA THR IA 26 -20.33 77.32 -11.33
C THR IA 26 -19.39 76.20 -10.93
N ASN IA 27 -19.82 74.94 -11.04
CA ASN IA 27 -19.00 73.82 -10.64
C ASN IA 27 -17.90 73.56 -11.67
N PRO IA 28 -16.86 72.80 -11.32
CA PRO IA 28 -15.76 72.54 -12.26
C PRO IA 28 -16.25 71.93 -13.56
N PRO IA 29 -15.48 72.03 -14.64
CA PRO IA 29 -16.00 71.64 -15.96
C PRO IA 29 -16.41 70.17 -16.03
N GLY IA 30 -15.62 69.27 -15.44
CA GLY IA 30 -15.99 67.85 -15.45
C GLY IA 30 -17.33 67.57 -14.78
N LEU IA 31 -17.85 68.52 -14.01
CA LEU IA 31 -19.14 68.39 -13.37
C LEU IA 31 -20.18 69.34 -13.94
N VAL IA 32 -19.98 69.81 -15.16
CA VAL IA 32 -20.98 70.66 -15.82
C VAL IA 32 -22.24 69.81 -16.08
N PRO IA 33 -23.42 70.28 -15.71
CA PRO IA 33 -24.64 69.51 -15.99
C PRO IA 33 -24.78 69.26 -17.48
N GLN IA 34 -25.26 68.06 -17.82
CA GLN IA 34 -25.32 67.62 -19.21
C GLN IA 34 -26.69 67.09 -19.56
N VAL IA 35 -27.03 67.20 -20.84
CA VAL IA 35 -28.19 66.53 -21.43
C VAL IA 35 -27.68 65.67 -22.58
N VAL IA 36 -28.02 64.39 -22.56
CA VAL IA 36 -27.51 63.43 -23.54
C VAL IA 36 -28.70 62.78 -24.24
N GLN IA 37 -28.72 62.86 -25.56
CA GLN IA 37 -29.67 62.10 -26.37
C GLN IA 37 -28.96 60.92 -27.00
N THR IA 38 -29.57 59.75 -26.89
CA THR IA 38 -29.00 58.50 -27.36
C THR IA 38 -29.98 57.83 -28.33
N GLU IA 39 -29.48 57.33 -29.44
CA GLU IA 39 -30.28 56.53 -30.38
C GLU IA 39 -29.53 55.24 -30.64
N SER IA 40 -30.00 54.13 -30.08
CA SER IA 40 -29.25 52.89 -30.12
C SER IA 40 -30.11 51.74 -30.63
N ILE IA 41 -29.48 50.79 -31.33
CA ILE IA 41 -30.20 49.64 -31.86
C ILE IA 41 -30.08 48.49 -30.88
N ASN IA 42 -31.13 47.68 -30.83
CA ASN IA 42 -31.12 46.47 -30.02
C ASN IA 42 -30.20 45.42 -30.65
N ALA IA 43 -29.86 44.42 -29.84
CA ALA IA 43 -29.01 43.34 -30.33
C ALA IA 43 -29.67 42.61 -31.50
N ARG IA 44 -30.91 42.18 -31.31
CA ARG IA 44 -31.65 41.52 -32.39
C ARG IA 44 -32.16 42.50 -33.43
N LYS IA 45 -31.86 43.80 -33.30
CA LYS IA 45 -32.29 44.82 -34.24
C LYS IA 45 -33.80 44.90 -34.37
N SER IA 46 -34.51 44.57 -33.29
CA SER IA 46 -35.96 44.71 -33.27
C SER IA 46 -36.42 46.09 -32.86
N ASN IA 47 -35.71 46.73 -31.93
CA ASN IA 47 -36.08 48.04 -31.42
C ASN IA 47 -34.94 49.03 -31.64
N ILE IA 48 -35.31 50.30 -31.84
CA ILE IA 48 -34.39 51.41 -31.65
C ILE IA 48 -34.83 52.13 -30.37
N MET IA 49 -33.91 52.30 -29.44
CA MET IA 49 -34.17 53.02 -28.20
C MET IA 49 -33.78 54.48 -28.40
N SER IA 50 -34.76 55.37 -28.21
CA SER IA 50 -34.53 56.81 -28.16
C SER IA 50 -34.51 57.22 -26.69
N LYS IA 51 -33.40 57.78 -26.23
CA LYS IA 51 -33.24 58.14 -24.84
C LYS IA 51 -32.82 59.60 -24.69
N ILE IA 52 -33.33 60.22 -23.63
CA ILE IA 52 -32.87 61.54 -23.18
C ILE IA 52 -32.49 61.42 -21.71
N SER IA 53 -31.35 61.98 -21.34
CA SER IA 53 -30.85 61.89 -19.97
C SER IA 53 -30.34 63.25 -19.53
N VAL IA 54 -30.81 63.70 -18.38
CA VAL IA 54 -30.36 64.95 -17.78
C VAL IA 54 -29.62 64.60 -16.50
N TYR IA 55 -28.32 64.90 -16.48
CA TYR IA 55 -27.48 64.71 -15.30
C TYR IA 55 -27.13 66.09 -14.76
N TYR IA 56 -27.65 66.42 -13.58
CA TYR IA 56 -27.32 67.68 -12.92
C TYR IA 56 -26.51 67.38 -11.67
N TYR IA 57 -25.25 67.77 -11.67
CA TYR IA 57 -24.35 67.49 -10.56
C TYR IA 57 -24.43 68.65 -9.56
N ILE IA 58 -24.79 68.32 -8.33
CA ILE IA 58 -25.05 69.34 -7.30
C ILE IA 58 -24.29 68.96 -6.05
N PRO IA 59 -23.62 69.93 -5.39
CA PRO IA 59 -22.87 69.60 -4.18
C PRO IA 59 -23.80 69.26 -3.02
N SER IA 60 -23.33 68.36 -2.16
CA SER IA 60 -24.14 67.88 -1.05
C SER IA 60 -24.40 68.96 -0.01
N THR IA 61 -23.62 70.03 0.00
CA THR IA 61 -23.79 71.12 0.95
C THR IA 61 -23.92 72.44 0.21
N ASN IA 62 -24.42 73.45 0.93
CA ASN IA 62 -24.63 74.76 0.31
C ASN IA 62 -23.31 75.47 0.04
N SER IA 63 -22.30 75.24 0.87
CA SER IA 63 -21.01 75.89 0.73
C SER IA 63 -19.91 74.84 0.58
N VAL IA 64 -18.71 75.30 0.24
CA VAL IA 64 -17.59 74.40 0.05
C VAL IA 64 -17.09 73.93 1.41
N SER IA 65 -16.89 72.62 1.54
CA SER IA 65 -16.38 72.04 2.77
C SER IA 65 -15.58 70.78 2.41
N CYS IA 66 -14.91 70.21 3.41
CA CYS IA 66 -14.05 69.06 3.16
C CYS IA 66 -14.86 67.78 2.95
N CYS IA 67 -16.04 67.69 3.57
CA CYS IA 67 -16.94 66.56 3.38
C CYS IA 67 -17.92 66.77 2.24
N THR IA 68 -17.71 67.81 1.43
CA THR IA 68 -18.60 68.09 0.32
C THR IA 68 -18.52 66.98 -0.73
N GLU IA 69 -19.62 66.25 -0.91
CA GLU IA 69 -19.73 65.25 -1.96
C GLU IA 69 -20.56 65.83 -3.11
N TRP IA 70 -20.64 65.07 -4.19
CA TRP IA 70 -21.35 65.49 -5.39
C TRP IA 70 -22.48 64.51 -5.66
N ASP IA 71 -23.70 64.94 -5.37
CA ASP IA 71 -24.87 64.15 -5.72
C ASP IA 71 -25.27 64.44 -7.16
N THR IA 72 -26.03 63.53 -7.75
CA THR IA 72 -26.49 63.67 -9.12
C THR IA 72 -28.00 63.59 -9.16
N ILE IA 73 -28.64 64.66 -9.65
CA ILE IA 73 -30.05 64.63 -9.99
C ILE IA 73 -30.16 64.06 -11.40
N ARG IA 74 -30.73 62.87 -11.52
CA ARG IA 74 -30.84 62.16 -12.79
C ARG IA 74 -32.30 62.13 -13.23
N CYS IA 75 -32.52 62.48 -14.49
CA CYS IA 75 -33.83 62.37 -15.12
C CYS IA 75 -33.68 61.64 -16.45
N GLU IA 76 -34.32 60.48 -16.56
CA GLU IA 76 -34.17 59.60 -17.71
C GLU IA 76 -35.49 59.45 -18.45
N PHE IA 77 -35.40 59.31 -19.78
CA PHE IA 77 -36.52 59.05 -20.65
C PHE IA 77 -36.08 58.09 -21.74
N SER IA 78 -36.93 57.12 -22.06
CA SER IA 78 -36.67 56.17 -23.12
C SER IA 78 -37.95 55.86 -23.86
N LEU IA 79 -37.82 55.57 -25.15
CA LEU IA 79 -38.94 55.22 -26.02
C LEU IA 79 -38.50 54.15 -27.00
N THR IA 80 -39.34 53.13 -27.19
CA THR IA 80 -39.03 52.03 -28.10
C THR IA 80 -39.67 52.27 -29.46
N LEU IA 81 -38.85 52.31 -30.51
CA LEU IA 81 -39.31 52.40 -31.89
C LEU IA 81 -39.17 51.03 -32.52
N LEU IA 82 -40.31 50.36 -32.74
CA LEU IA 82 -40.29 49.03 -33.35
C LEU IA 82 -39.81 49.12 -34.79
N GLN IA 83 -38.87 48.24 -35.15
CA GLN IA 83 -38.22 48.29 -36.45
C GLN IA 83 -38.63 47.16 -37.39
N LEU IA 84 -39.28 46.11 -36.88
CA LEU IA 84 -39.56 44.93 -37.69
C LEU IA 84 -41.03 44.55 -37.63
N SER IA 85 -41.91 45.51 -37.32
CA SER IA 85 -43.33 45.25 -37.23
C SER IA 85 -44.02 45.54 -38.56
N SER IA 86 -44.90 44.65 -38.98
CA SER IA 86 -45.70 44.85 -40.18
C SER IA 86 -46.97 45.65 -39.92
N ASN IA 87 -47.27 45.94 -38.65
CA ASN IA 87 -48.46 46.73 -38.32
C ASN IA 87 -48.21 48.19 -38.65
N THR IA 88 -49.07 48.76 -39.50
CA THR IA 88 -48.94 50.15 -39.89
C THR IA 88 -49.37 51.13 -38.81
N ASP IA 89 -49.98 50.66 -37.73
CA ASP IA 89 -50.35 51.53 -36.63
C ASP IA 89 -49.17 51.95 -35.76
N VAL IA 90 -47.98 51.37 -35.99
CA VAL IA 90 -46.87 51.55 -35.06
C VAL IA 90 -46.49 53.02 -34.94
N ALA IA 91 -46.44 53.74 -36.05
CA ALA IA 91 -46.01 55.14 -36.00
C ALA IA 91 -47.00 56.00 -35.21
N ALA IA 92 -48.28 55.94 -35.58
CA ALA IA 92 -49.28 56.73 -34.88
C ALA IA 92 -49.37 56.35 -33.41
N ARG IA 93 -49.22 55.07 -33.09
CA ARG IA 93 -49.31 54.64 -31.70
C ARG IA 93 -48.08 55.05 -30.90
N THR IA 94 -46.89 55.04 -31.50
CA THR IA 94 -45.72 55.60 -30.82
C THR IA 94 -45.91 57.08 -30.55
N VAL IA 95 -46.48 57.80 -31.50
CA VAL IA 95 -46.80 59.22 -31.28
C VAL IA 95 -47.76 59.36 -30.11
N ASP IA 96 -48.81 58.52 -30.10
CA ASP IA 96 -49.79 58.58 -29.02
C ASP IA 96 -49.14 58.27 -27.67
N VAL IA 97 -48.21 57.31 -27.65
CA VAL IA 97 -47.54 56.95 -26.40
C VAL IA 97 -46.68 58.11 -25.90
N LEU IA 98 -45.93 58.75 -26.79
CA LEU IA 98 -45.14 59.91 -26.40
C LEU IA 98 -46.02 61.03 -25.86
N ASP IA 99 -47.16 61.26 -26.52
CA ASP IA 99 -48.07 62.31 -26.06
C ASP IA 99 -48.67 61.96 -24.70
N THR IA 100 -48.96 60.68 -24.48
CA THR IA 100 -49.45 60.25 -23.17
C THR IA 100 -48.39 60.48 -22.10
N MET IA 101 -47.13 60.23 -22.44
CA MET IA 101 -46.02 60.48 -21.52
C MET IA 101 -45.98 61.96 -21.13
N ILE IA 102 -46.03 62.85 -22.12
CA ILE IA 102 -45.98 64.28 -21.84
C ILE IA 102 -47.20 64.71 -21.02
N SER IA 103 -48.38 64.20 -21.38
CA SER IA 103 -49.60 64.53 -20.65
C SER IA 103 -49.49 64.09 -19.19
N PHE IA 104 -48.89 62.92 -18.94
CA PHE IA 104 -48.77 62.45 -17.57
C PHE IA 104 -47.72 63.25 -16.80
N LEU IA 105 -46.65 63.67 -17.47
CA LEU IA 105 -45.69 64.55 -16.83
C LEU IA 105 -46.36 65.86 -16.39
N ALA IA 106 -47.32 66.33 -17.18
CA ALA IA 106 -48.08 67.50 -16.75
C ALA IA 106 -49.05 67.15 -15.63
N LYS IA 107 -49.77 66.05 -15.80
CA LYS IA 107 -50.86 65.67 -14.90
C LYS IA 107 -50.36 65.38 -13.49
N ARG IA 108 -49.20 64.74 -13.37
CA ARG IA 108 -48.69 64.26 -12.09
C ARG IA 108 -47.43 65.01 -11.67
N ARG IA 109 -47.30 66.29 -12.05
CA ARG IA 109 -46.06 67.02 -11.78
C ARG IA 109 -45.79 67.11 -10.28
N ASN IA 110 -46.79 67.48 -9.49
CA ASN IA 110 -46.58 67.61 -8.05
C ASN IA 110 -46.23 66.28 -7.42
N SER IA 111 -46.95 65.22 -7.81
CA SER IA 111 -46.66 63.89 -7.27
C SER IA 111 -45.24 63.46 -7.61
N ILE IA 112 -44.82 63.69 -8.85
CA ILE IA 112 -43.49 63.30 -9.29
C ILE IA 112 -42.44 64.08 -8.51
N LEU IA 113 -42.65 65.38 -8.31
CA LEU IA 113 -41.66 66.21 -7.65
C LEU IA 113 -41.62 65.98 -6.15
N ALA IA 114 -42.71 65.50 -5.55
CA ALA IA 114 -42.76 65.30 -4.11
C ALA IA 114 -42.52 63.85 -3.69
N GLY IA 115 -42.58 62.90 -4.62
CA GLY IA 115 -42.43 61.50 -4.23
C GLY IA 115 -43.60 61.00 -3.42
N ASN IA 116 -44.82 61.39 -3.80
CA ASN IA 116 -46.03 61.03 -3.07
C ASN IA 116 -47.12 60.72 -4.09
N LEU IA 117 -47.53 59.45 -4.18
CA LEU IA 117 -48.56 59.05 -5.13
C LEU IA 117 -49.92 59.64 -4.81
N LEU IA 118 -50.15 60.05 -3.56
CA LEU IA 118 -51.48 60.45 -3.13
C LEU IA 118 -51.85 61.87 -3.53
N LEU IA 119 -50.90 62.68 -3.97
CA LEU IA 119 -51.22 64.05 -4.34
C LEU IA 119 -52.16 64.05 -5.54
N PRO IA 120 -53.16 64.93 -5.55
CA PRO IA 120 -54.08 64.99 -6.69
C PRO IA 120 -53.36 65.47 -7.94
N ASP IA 121 -54.03 65.26 -9.08
CA ASP IA 121 -53.50 65.77 -10.35
C ASP IA 121 -53.23 67.26 -10.26
N ASN IA 122 -52.22 67.71 -10.98
CA ASN IA 122 -51.97 69.13 -11.09
C ASN IA 122 -53.17 69.81 -11.76
N PRO IA 123 -53.55 71.02 -11.32
CA PRO IA 123 -54.64 71.75 -11.98
C PRO IA 123 -54.28 72.15 -13.40
N ALA JA 1 -51.39 -28.05 63.23
CA ALA JA 1 -51.11 -27.46 64.53
C ALA JA 1 -50.23 -26.22 64.39
N SER JA 2 -50.74 -25.09 64.88
CA SER JA 2 -49.95 -23.87 64.91
C SER JA 2 -48.65 -24.12 65.67
N LEU JA 3 -47.53 -23.71 65.08
CA LEU JA 3 -46.24 -23.94 65.72
C LEU JA 3 -46.01 -22.93 66.83
N PRO JA 4 -45.36 -23.33 67.92
CA PRO JA 4 -45.04 -22.37 68.99
C PRO JA 4 -43.86 -21.51 68.59
N VAL JA 5 -43.97 -20.21 68.87
CA VAL JA 5 -42.96 -19.24 68.45
C VAL JA 5 -42.62 -18.29 69.59
N THR JA 6 -41.40 -17.79 69.56
CA THR JA 6 -40.98 -16.67 70.39
C THR JA 6 -40.30 -15.63 69.51
N GLN JA 7 -40.54 -14.36 69.80
CA GLN JA 7 -40.00 -13.30 68.98
C GLN JA 7 -38.49 -13.22 69.15
N TYR JA 8 -37.75 -13.47 68.05
CA TYR JA 8 -36.30 -13.42 68.02
C TYR JA 8 -35.77 -12.03 67.70
N SER JA 9 -36.15 -11.47 66.55
CA SER JA 9 -35.80 -10.09 66.23
C SER JA 9 -37.05 -9.22 66.30
N PRO JA 10 -37.17 -8.33 67.27
CA PRO JA 10 -38.43 -7.60 67.47
C PRO JA 10 -38.57 -6.47 66.48
N PRO JA 11 -39.78 -5.93 66.30
CA PRO JA 11 -39.96 -4.81 65.38
C PRO JA 11 -39.26 -3.56 65.87
N VAL JA 12 -38.65 -2.86 64.94
CA VAL JA 12 -37.82 -1.70 65.23
C VAL JA 12 -38.50 -0.43 64.76
N THR JA 13 -38.92 -0.40 63.50
CA THR JA 13 -39.60 0.70 62.86
C THR JA 13 -40.85 0.17 62.17
N PRO JA 14 -41.80 1.03 61.83
CA PRO JA 14 -43.00 0.55 61.12
C PRO JA 14 -42.70 -0.24 59.86
N LEU JA 15 -41.66 0.14 59.11
CA LEU JA 15 -41.21 -0.63 57.96
C LEU JA 15 -40.00 -1.46 58.33
N GLY JA 16 -39.80 -2.55 57.60
CA GLY JA 16 -38.69 -3.44 57.86
C GLY JA 16 -39.11 -4.88 58.05
N LYS JA 17 -38.41 -5.60 58.92
CA LYS JA 17 -38.64 -7.02 59.16
C LYS JA 17 -38.71 -7.30 60.65
N SER JA 18 -39.57 -8.26 61.01
CA SER JA 18 -39.63 -8.82 62.36
C SER JA 18 -39.64 -10.33 62.22
N THR JA 19 -38.94 -11.03 63.12
CA THR JA 19 -38.81 -12.48 63.01
C THR JA 19 -39.12 -13.16 64.33
N TRP JA 20 -39.86 -14.26 64.23
CA TRP JA 20 -40.10 -15.20 65.32
C TRP JA 20 -39.43 -16.52 65.01
N ASN JA 21 -38.88 -17.15 66.04
CA ASN JA 21 -38.31 -18.49 65.92
C ASN JA 21 -39.28 -19.52 66.47
N VAL JA 22 -39.35 -20.67 65.81
CA VAL JA 22 -40.14 -21.80 66.29
C VAL JA 22 -39.39 -22.49 67.42
N THR JA 23 -40.03 -22.60 68.57
CA THR JA 23 -39.37 -23.16 69.75
C THR JA 23 -39.44 -24.68 69.73
N GLY JA 24 -38.46 -25.31 70.38
CA GLY JA 24 -38.42 -26.75 70.51
C GLY JA 24 -37.92 -27.49 69.29
N SER JA 25 -37.24 -26.81 68.38
CA SER JA 25 -36.75 -27.48 67.18
C SER JA 25 -35.50 -28.28 67.50
N THR JA 26 -35.31 -29.37 66.75
CA THR JA 26 -34.18 -30.26 66.98
C THR JA 26 -33.01 -30.00 66.03
N ASN JA 27 -33.25 -29.33 64.91
CA ASN JA 27 -32.20 -29.09 63.94
C ASN JA 27 -31.26 -27.99 64.43
N PRO JA 28 -30.07 -27.86 63.83
CA PRO JA 28 -29.10 -26.84 64.29
C PRO JA 28 -29.70 -25.45 64.26
N PRO JA 29 -29.12 -24.51 65.01
CA PRO JA 29 -29.78 -23.20 65.16
C PRO JA 29 -29.96 -22.44 63.85
N GLY JA 30 -28.96 -22.47 62.97
CA GLY JA 30 -29.09 -21.80 61.68
C GLY JA 30 -30.24 -22.32 60.85
N LEU JA 31 -30.77 -23.50 61.19
CA LEU JA 31 -31.91 -24.08 60.50
C LEU JA 31 -33.17 -24.10 61.36
N VAL JA 32 -33.24 -23.25 62.38
CA VAL JA 32 -34.45 -23.16 63.18
C VAL JA 32 -35.58 -22.59 62.32
N PRO JA 33 -36.76 -23.22 62.30
CA PRO JA 33 -37.87 -22.67 61.51
C PRO JA 33 -38.20 -21.26 61.94
N GLN JA 34 -38.53 -20.41 60.96
CA GLN JA 34 -38.74 -18.99 61.23
C GLN JA 34 -40.04 -18.51 60.62
N VAL JA 35 -40.60 -17.47 61.24
CA VAL JA 35 -41.71 -16.70 60.69
C VAL JA 35 -41.25 -15.25 60.60
N VAL JA 36 -41.38 -14.66 59.41
CA VAL JA 36 -40.88 -13.32 59.15
C VAL JA 36 -42.05 -12.46 58.66
N GLN JA 37 -42.29 -11.35 59.33
CA GLN JA 37 -43.22 -10.33 58.86
C GLN JA 37 -42.45 -9.17 58.27
N THR JA 38 -42.84 -8.73 57.08
CA THR JA 38 -42.16 -7.67 56.35
C THR JA 38 -43.16 -6.58 56.02
N GLU JA 39 -42.76 -5.33 56.22
CA GLU JA 39 -43.56 -4.18 55.80
C GLU JA 39 -42.67 -3.27 54.96
N SER JA 40 -42.87 -3.26 53.65
CA SER JA 40 -41.94 -2.57 52.76
C SER JA 40 -42.68 -1.62 51.83
N ILE JA 41 -42.02 -0.52 51.47
CA ILE JA 41 -42.62 0.47 50.56
C ILE JA 41 -42.17 0.18 49.14
N ASN JA 42 -43.07 0.47 48.20
CA ASN JA 42 -42.74 0.35 46.79
C ASN JA 42 -41.76 1.45 46.38
N ALA JA 43 -41.15 1.26 45.22
CA ALA JA 43 -40.23 2.26 44.69
C ALA JA 43 -40.93 3.59 44.48
N ARG JA 44 -42.05 3.57 43.74
CA ARG JA 44 -42.83 4.78 43.52
C ARG JA 44 -43.65 5.19 44.74
N LYS JA 45 -43.54 4.46 45.85
CA LYS JA 45 -44.27 4.76 47.08
C LYS JA 45 -45.78 4.74 46.87
N SER JA 46 -46.25 3.90 45.96
CA SER JA 46 -47.67 3.74 45.74
C SER JA 46 -48.29 2.68 46.65
N ASN JA 47 -47.54 1.60 46.91
CA ASN JA 47 -48.04 0.50 47.73
C ASN JA 47 -47.11 0.28 48.92
N ILE JA 48 -47.70 -0.18 50.02
CA ILE JA 48 -46.96 -0.85 51.09
C ILE JA 48 -47.31 -2.32 51.02
N MET JA 49 -46.28 -3.16 50.93
CA MET JA 49 -46.46 -4.60 50.93
C MET JA 49 -46.35 -5.11 52.36
N SER JA 50 -47.41 -5.79 52.83
CA SER JA 50 -47.40 -6.51 54.08
C SER JA 50 -47.22 -7.99 53.76
N LYS JA 51 -46.15 -8.59 54.28
CA LYS JA 51 -45.83 -9.98 53.96
C LYS JA 51 -45.63 -10.79 55.24
N ILE JA 52 -46.07 -12.04 55.18
CA ILE JA 52 -45.75 -13.04 56.21
C ILE JA 52 -45.15 -14.24 55.50
N SER JA 53 -44.06 -14.77 56.06
CA SER JA 53 -43.33 -15.88 55.46
C SER JA 53 -42.98 -16.90 56.52
N VAL JA 54 -43.33 -18.15 56.28
CA VAL JA 54 -43.00 -19.25 57.17
C VAL JA 54 -42.02 -20.15 56.43
N TYR JA 55 -40.80 -20.24 56.96
CA TYR JA 55 -39.76 -21.11 56.43
C TYR JA 55 -39.55 -22.23 57.45
N TYR JA 56 -39.93 -23.46 57.08
CA TYR JA 56 -39.70 -24.63 57.92
C TYR JA 56 -38.67 -25.52 57.26
N TYR JA 57 -37.50 -25.62 57.87
CA TYR JA 57 -36.40 -26.41 57.31
C TYR JA 57 -36.52 -27.84 57.81
N ILE JA 58 -36.63 -28.79 56.89
CA ILE JA 58 -36.87 -30.19 57.23
C ILE JA 58 -35.87 -31.06 56.49
N PRO JA 59 -35.27 -32.05 57.16
CA PRO JA 59 -34.30 -32.91 56.48
C PRO JA 59 -34.96 -33.81 55.46
N SER JA 60 -34.22 -34.10 54.38
CA SER JA 60 -34.76 -34.88 53.28
C SER JA 60 -35.03 -36.33 53.67
N THR JA 61 -34.43 -36.81 54.75
CA THR JA 61 -34.61 -38.17 55.21
C THR JA 61 -35.07 -38.17 56.67
N ASN JA 62 -35.61 -39.33 57.09
CA ASN JA 62 -36.12 -39.43 58.46
C ASN JA 62 -34.99 -39.47 59.48
N SER JA 63 -33.84 -40.02 59.12
CA SER JA 63 -32.70 -40.13 60.01
C SER JA 63 -31.50 -39.41 59.41
N VAL JA 64 -30.45 -39.28 60.23
CA VAL JA 64 -29.24 -38.60 59.78
C VAL JA 64 -28.46 -39.52 58.86
N SER JA 65 -28.05 -38.99 57.71
CA SER JA 65 -27.25 -39.74 56.76
C SER JA 65 -26.34 -38.77 56.02
N CYS JA 66 -25.43 -39.33 55.21
CA CYS JA 66 -24.46 -38.51 54.52
C CYS JA 66 -25.08 -37.75 53.34
N CYS JA 67 -26.11 -38.32 52.72
CA CYS JA 67 -26.83 -37.66 51.64
C CYS JA 67 -28.00 -36.82 52.14
N THR JA 68 -28.09 -36.60 53.45
CA THR JA 68 -29.18 -35.83 54.02
C THR JA 68 -29.09 -34.38 53.56
N GLU JA 69 -30.07 -33.93 52.79
CA GLU JA 69 -30.20 -32.54 52.39
C GLU JA 69 -31.27 -31.87 53.24
N TRP JA 70 -31.39 -30.56 53.07
CA TRP JA 70 -32.35 -29.77 53.84
C TRP JA 70 -33.34 -29.12 52.87
N ASP JA 71 -34.55 -29.66 52.84
CA ASP JA 71 -35.62 -29.04 52.08
C ASP JA 71 -36.27 -27.95 52.92
N THR JA 72 -36.97 -27.05 52.24
CA THR JA 72 -37.65 -25.94 52.90
C THR JA 72 -39.13 -25.97 52.52
N ILE JA 73 -39.99 -26.09 53.53
CA ILE JA 73 -41.42 -25.88 53.36
C ILE JA 73 -41.65 -24.37 53.50
N ARG JA 74 -42.04 -23.73 52.40
CA ARG JA 74 -42.24 -22.28 52.36
C ARG JA 74 -43.72 -21.97 52.23
N CYS JA 75 -44.19 -21.05 53.06
CA CYS JA 75 -45.56 -20.54 52.98
C CYS JA 75 -45.50 -19.02 53.00
N GLU JA 76 -45.95 -18.39 51.91
CA GLU JA 76 -45.85 -16.95 51.73
C GLU JA 76 -47.23 -16.31 51.65
N PHE JA 77 -47.32 -15.09 52.16
CA PHE JA 77 -48.52 -14.27 52.10
C PHE JA 77 -48.11 -12.82 51.88
N SER JA 78 -48.83 -12.13 51.00
CA SER JA 78 -48.59 -10.73 50.74
C SER JA 78 -49.92 -10.01 50.55
N LEU JA 79 -49.94 -8.73 50.92
CA LEU JA 79 -51.12 -7.88 50.77
C LEU JA 79 -50.68 -6.47 50.42
N THR JA 80 -51.36 -5.87 49.44
CA THR JA 80 -51.02 -4.52 48.98
C THR JA 80 -51.91 -3.49 49.69
N LEU JA 81 -51.27 -2.54 50.38
CA LEU JA 81 -51.95 -1.41 50.99
C LEU JA 81 -51.70 -0.19 50.13
N LEU JA 82 -52.74 0.27 49.42
CA LEU JA 82 -52.61 1.44 48.57
C LEU JA 82 -52.37 2.68 49.41
N GLN JA 83 -51.38 3.48 49.02
CA GLN JA 83 -50.96 4.63 49.81
C GLN JA 83 -51.32 5.98 49.18
N LEU JA 84 -51.71 6.00 47.90
CA LEU JA 84 -51.92 7.26 47.21
C LEU JA 84 -53.29 7.30 46.53
N SER JA 85 -54.24 6.51 47.02
CA SER JA 85 -55.58 6.48 46.45
C SER JA 85 -56.50 7.44 47.18
N SER JA 86 -57.29 8.18 46.41
CA SER JA 86 -58.29 9.08 46.96
C SER JA 86 -59.61 8.39 47.26
N ASN JA 87 -59.75 7.13 46.87
CA ASN JA 87 -60.98 6.39 47.12
C ASN JA 87 -61.03 5.98 48.59
N THR JA 88 -62.09 6.39 49.28
CA THR JA 88 -62.23 6.07 50.70
C THR JA 88 -62.64 4.62 50.95
N ASP JA 89 -62.99 3.87 49.90
CA ASP JA 89 -63.32 2.46 50.06
C ASP JA 89 -62.09 1.58 50.29
N VAL JA 90 -60.89 2.13 50.14
CA VAL JA 90 -59.68 1.30 50.10
C VAL JA 90 -59.52 0.50 51.39
N ALA JA 91 -59.77 1.13 52.54
CA ALA JA 91 -59.57 0.43 53.81
C ALA JA 91 -60.54 -0.73 53.97
N ALA JA 92 -61.84 -0.46 53.82
CA ALA JA 92 -62.83 -1.53 53.95
C ALA JA 92 -62.62 -2.62 52.93
N ARG JA 93 -62.22 -2.26 51.71
CA ARG JA 93 -62.03 -3.28 50.69
C ARG JA 93 -60.76 -4.10 50.92
N THR JA 94 -59.69 -3.50 51.46
CA THR JA 94 -58.54 -4.29 51.85
C THR JA 94 -58.91 -5.26 52.97
N VAL JA 95 -59.74 -4.81 53.92
CA VAL JA 95 -60.23 -5.71 54.95
C VAL JA 95 -61.01 -6.86 54.32
N ASP JA 96 -61.90 -6.53 53.38
CA ASP JA 96 -62.69 -7.56 52.72
C ASP JA 96 -61.80 -8.55 51.97
N VAL JA 97 -60.73 -8.05 51.34
CA VAL JA 97 -59.82 -8.92 50.60
C VAL JA 97 -59.10 -9.86 51.54
N LEU JA 98 -58.61 -9.35 52.67
CA LEU JA 98 -57.95 -10.21 53.65
C LEU JA 98 -58.91 -11.27 54.18
N ASP JA 99 -60.17 -10.88 54.44
CA ASP JA 99 -61.14 -11.84 54.93
C ASP JA 99 -61.46 -12.89 53.86
N THR JA 100 -61.51 -12.48 52.60
CA THR JA 100 -61.71 -13.45 51.52
C THR JA 100 -60.54 -14.43 51.45
N MET JA 101 -59.32 -13.93 51.66
CA MET JA 101 -58.14 -14.80 51.70
C MET JA 101 -58.27 -15.85 52.79
N ILE JA 102 -58.63 -15.42 54.00
CA ILE JA 102 -58.76 -16.36 55.11
C ILE JA 102 -59.89 -17.35 54.85
N SER JA 103 -61.01 -16.86 54.32
CA SER JA 103 -62.13 -17.74 53.99
C SER JA 103 -61.73 -18.79 52.97
N PHE JA 104 -60.92 -18.40 51.97
CA PHE JA 104 -60.51 -19.36 50.97
C PHE JA 104 -59.49 -20.36 51.52
N LEU JA 105 -58.61 -19.91 52.42
CA LEU JA 105 -57.72 -20.84 53.09
C LEU JA 105 -58.52 -21.90 53.86
N ALA JA 106 -59.65 -21.50 54.43
CA ALA JA 106 -60.51 -22.48 55.08
C ALA JA 106 -61.22 -23.35 54.05
N LYS JA 107 -61.79 -22.72 53.02
CA LYS JA 107 -62.65 -23.39 52.05
C LYS JA 107 -61.89 -24.44 51.25
N ARG JA 108 -60.64 -24.16 50.89
CA ARG JA 108 -59.86 -25.01 50.01
C ARG JA 108 -58.68 -25.67 50.72
N ARG JA 109 -58.82 -25.95 52.02
CA ARG JA 109 -57.68 -26.47 52.79
C ARG JA 109 -57.19 -27.80 52.24
N ASN JA 110 -58.11 -28.73 51.98
CA ASN JA 110 -57.70 -30.03 51.47
C ASN JA 110 -57.05 -29.91 50.10
N SER JA 111 -57.64 -29.11 49.21
CA SER JA 111 -57.06 -28.92 47.89
C SER JA 111 -55.67 -28.32 47.97
N ILE JA 112 -55.49 -27.32 48.84
CA ILE JA 112 -54.19 -26.67 49.00
C ILE JA 112 -53.17 -27.66 49.53
N LEU JA 113 -53.56 -28.47 50.51
CA LEU JA 113 -52.61 -29.40 51.13
C LEU JA 113 -52.30 -30.60 50.25
N ALA JA 114 -53.19 -30.95 49.32
CA ALA JA 114 -52.99 -32.11 48.47
C ALA JA 114 -52.46 -31.76 47.09
N GLY JA 115 -52.50 -30.49 46.69
CA GLY JA 115 -52.07 -30.15 45.34
C GLY JA 115 -53.01 -30.67 44.27
N ASN JA 116 -54.32 -30.61 44.52
CA ASN JA 116 -55.33 -31.14 43.61
C ASN JA 116 -56.50 -30.17 43.59
N LEU JA 117 -56.72 -29.51 42.45
CA LEU JA 117 -57.80 -28.54 42.32
C LEU JA 117 -59.18 -29.20 42.39
N LEU JA 118 -59.26 -30.50 42.11
CA LEU JA 118 -60.56 -31.15 41.97
C LEU JA 118 -61.21 -31.52 43.30
N LEU JA 119 -60.47 -31.46 44.41
CA LEU JA 119 -61.06 -31.83 45.68
C LEU JA 119 -62.17 -30.84 46.04
N PRO JA 120 -63.29 -31.31 46.57
CA PRO JA 120 -64.38 -30.40 46.97
C PRO JA 120 -63.95 -29.51 48.11
N ASP JA 121 -64.74 -28.46 48.32
CA ASP JA 121 -64.50 -27.56 49.44
C ASP JA 121 -64.48 -28.35 50.75
N ASN JA 122 -63.67 -27.87 51.69
CA ASN JA 122 -63.67 -28.46 53.02
C ASN JA 122 -65.05 -28.27 53.66
N PRO JA 123 -65.55 -29.26 54.40
CA PRO JA 123 -66.83 -29.11 55.11
C PRO JA 123 -66.76 -28.05 56.19
N ALA KA 1 -83.64 -6.60 20.59
CA ALA KA 1 -84.55 -5.93 19.68
C ALA KA 1 -83.88 -5.57 18.37
N SER KA 2 -84.43 -6.07 17.27
CA SER KA 2 -83.93 -5.69 15.95
C SER KA 2 -83.99 -4.18 15.80
N LEU KA 3 -82.89 -3.59 15.35
CA LEU KA 3 -82.84 -2.14 15.21
C LEU KA 3 -83.57 -1.70 13.94
N PRO KA 4 -84.25 -0.56 13.99
CA PRO KA 4 -84.91 -0.05 12.78
C PRO KA 4 -83.90 0.57 11.82
N VAL KA 5 -84.07 0.26 10.54
CA VAL KA 5 -83.10 0.69 9.53
C VAL KA 5 -83.82 1.25 8.31
N THR KA 6 -83.14 2.16 7.61
CA THR KA 6 -83.54 2.59 6.28
C THR KA 6 -82.33 2.51 5.37
N GLN KA 7 -82.57 2.11 4.12
CA GLN KA 7 -81.46 1.94 3.19
C GLN KA 7 -80.86 3.29 2.81
N TYR KA 8 -79.59 3.48 3.15
CA TYR KA 8 -78.85 4.70 2.88
C TYR KA 8 -78.16 4.65 1.52
N SER KA 9 -77.29 3.67 1.29
CA SER KA 9 -76.70 3.48 -0.03
C SER KA 9 -77.27 2.20 -0.65
N PRO KA 10 -78.07 2.31 -1.71
CA PRO KA 10 -78.78 1.15 -2.23
C PRO KA 10 -77.86 0.28 -3.07
N PRO KA 11 -78.24 -0.96 -3.34
CA PRO KA 11 -77.40 -1.82 -4.18
C PRO KA 11 -77.36 -1.32 -5.61
N VAL KA 12 -76.17 -1.39 -6.19
CA VAL KA 12 -75.90 -0.86 -7.51
C VAL KA 12 -75.68 -1.98 -8.52
N THR KA 13 -74.78 -2.91 -8.20
CA THR KA 13 -74.45 -4.07 -9.00
C THR KA 13 -74.52 -5.30 -8.10
N PRO KA 14 -74.60 -6.50 -8.70
CA PRO KA 14 -74.61 -7.72 -7.88
C PRO KA 14 -73.45 -7.81 -6.89
N LEU KA 15 -72.27 -7.37 -7.28
CA LEU KA 15 -71.14 -7.30 -6.37
C LEU KA 15 -70.96 -5.88 -5.86
N GLY KA 16 -70.35 -5.77 -4.68
CA GLY KA 16 -70.12 -4.47 -4.08
C GLY KA 16 -70.64 -4.37 -2.67
N LYS KA 17 -71.15 -3.20 -2.29
CA LYS KA 17 -71.62 -2.92 -0.94
C LYS KA 17 -72.97 -2.24 -0.98
N SER KA 18 -73.81 -2.57 0.01
CA SER KA 18 -75.06 -1.87 0.26
C SER KA 18 -75.11 -1.55 1.74
N THR KA 19 -75.63 -0.37 2.09
CA THR KA 19 -75.62 0.06 3.49
C THR KA 19 -76.99 0.57 3.91
N TRP KA 20 -77.39 0.18 5.12
CA TRP KA 20 -78.55 0.69 5.83
C TRP KA 20 -78.09 1.47 7.05
N ASN KA 21 -78.80 2.56 7.33
CA ASN KA 21 -78.56 3.34 8.54
C ASN KA 21 -79.63 3.03 9.58
N VAL KA 22 -79.21 2.96 10.84
CA VAL KA 22 -80.13 2.79 11.96
C VAL KA 22 -80.82 4.12 12.24
N THR KA 23 -82.14 4.12 12.21
CA THR KA 23 -82.89 5.36 12.38
C THR KA 23 -83.08 5.68 13.86
N GLY KA 24 -83.24 6.97 14.14
CA GLY KA 24 -83.48 7.43 15.50
C GLY KA 24 -82.27 7.51 16.38
N SER KA 25 -81.07 7.50 15.81
CA SER KA 25 -79.87 7.56 16.63
C SER KA 25 -79.62 8.97 17.11
N THR KA 26 -79.00 9.08 18.29
CA THR KA 26 -78.74 10.38 18.90
C THR KA 26 -77.32 10.88 18.66
N ASN KA 27 -76.40 10.01 18.28
CA ASN KA 27 -75.02 10.41 18.09
C ASN KA 27 -74.87 11.15 16.77
N PRO KA 28 -73.75 11.87 16.57
CA PRO KA 28 -73.57 12.64 15.32
C PRO KA 28 -73.68 11.76 14.10
N PRO KA 29 -73.96 12.35 12.92
CA PRO KA 29 -74.27 11.51 11.75
C PRO KA 29 -73.14 10.59 11.34
N GLY KA 30 -71.89 11.06 11.39
CA GLY KA 30 -70.76 10.19 11.05
C GLY KA 30 -70.65 8.97 11.93
N LEU KA 31 -71.34 8.96 13.08
CA LEU KA 31 -71.35 7.83 13.98
C LEU KA 31 -72.72 7.14 14.04
N VAL KA 32 -73.54 7.32 13.00
CA VAL KA 32 -74.82 6.62 12.95
C VAL KA 32 -74.56 5.12 12.79
N PRO KA 33 -75.17 4.26 13.61
CA PRO KA 33 -74.97 2.82 13.45
C PRO KA 33 -75.36 2.36 12.05
N GLN KA 34 -74.58 1.43 11.51
CA GLN KA 34 -74.75 1.00 10.12
C GLN KA 34 -74.81 -0.51 10.02
N VAL KA 35 -75.51 -0.98 8.98
CA VAL KA 35 -75.49 -2.37 8.55
C VAL KA 35 -75.03 -2.40 7.10
N VAL KA 36 -74.00 -3.18 6.82
CA VAL KA 36 -73.38 -3.22 5.50
C VAL KA 36 -73.43 -4.66 5.00
N GLN KA 37 -74.01 -4.85 3.82
CA GLN KA 37 -73.94 -6.13 3.11
C GLN KA 37 -72.93 -6.02 1.97
N THR KA 38 -72.04 -7.00 1.89
CA THR KA 38 -70.96 -7.02 0.91
C THR KA 38 -71.04 -8.31 0.11
N GLU KA 39 -70.89 -8.20 -1.21
CA GLU KA 39 -70.78 -9.37 -2.08
C GLU KA 39 -69.53 -9.21 -2.93
N SER KA 40 -68.48 -9.98 -2.62
CA SER KA 40 -67.19 -9.76 -3.24
C SER KA 40 -66.63 -11.05 -3.82
N ILE KA 41 -65.88 -10.93 -4.92
CA ILE KA 41 -65.29 -12.10 -5.56
C ILE KA 41 -63.87 -12.28 -5.06
N ASN KA 42 -63.45 -13.54 -4.98
CA ASN KA 42 -62.09 -13.87 -4.61
C ASN KA 42 -61.14 -13.50 -5.75
N ALA KA 43 -59.84 -13.44 -5.41
CA ALA KA 43 -58.84 -13.15 -6.42
C ALA KA 43 -58.84 -14.20 -7.53
N ARG KA 44 -58.76 -15.47 -7.16
CA ARG KA 44 -58.82 -16.55 -8.13
C ARG KA 44 -60.23 -16.81 -8.65
N LYS KA 45 -61.22 -16.03 -8.21
CA LYS KA 45 -62.61 -16.18 -8.64
C LYS KA 45 -63.16 -17.56 -8.31
N SER KA 46 -62.68 -18.15 -7.22
CA SER KA 46 -63.21 -19.44 -6.77
C SER KA 46 -64.40 -19.27 -5.84
N ASN KA 47 -64.40 -18.24 -5.00
CA ASN KA 47 -65.47 -18.02 -4.04
C ASN KA 47 -66.07 -16.64 -4.24
N ILE KA 48 -67.36 -16.53 -3.94
CA ILE KA 48 -67.99 -15.25 -3.67
C ILE KA 48 -68.27 -15.19 -2.17
N MET KA 49 -67.79 -14.14 -1.53
CA MET KA 49 -68.01 -13.93 -0.11
C MET KA 49 -69.26 -13.06 0.05
N SER KA 50 -70.25 -13.58 0.78
CA SER KA 50 -71.42 -12.83 1.20
C SER KA 50 -71.22 -12.43 2.66
N LYS KA 51 -71.20 -11.14 2.94
CA LYS KA 51 -70.93 -10.65 4.29
C LYS KA 51 -72.03 -9.70 4.75
N ILE KA 52 -72.32 -9.76 6.04
CA ILE KA 52 -73.17 -8.79 6.72
C ILE KA 52 -72.39 -8.27 7.93
N SER KA 53 -72.40 -6.95 8.13
CA SER KA 53 -71.64 -6.32 9.19
C SER KA 53 -72.51 -5.28 9.88
N VAL KA 54 -72.61 -5.37 11.20
CA VAL KA 54 -73.34 -4.39 12.00
C VAL KA 54 -72.32 -3.66 12.85
N TYR KA 55 -72.19 -2.36 12.61
CA TYR KA 55 -71.33 -1.47 13.39
C TYR KA 55 -72.23 -0.56 14.20
N TYR KA 56 -72.22 -0.73 15.53
CA TYR KA 56 -72.98 0.14 16.43
C TYR KA 56 -71.99 0.95 17.25
N TYR KA 57 -71.96 2.26 17.01
CA TYR KA 57 -71.03 3.15 17.70
C TYR KA 57 -71.67 3.65 18.98
N ILE KA 58 -71.03 3.38 20.11
CA ILE KA 58 -71.60 3.68 21.42
C ILE KA 58 -70.57 4.45 22.24
N PRO KA 59 -70.96 5.50 22.95
CA PRO KA 59 -69.99 6.25 23.75
C PRO KA 59 -69.52 5.45 24.96
N SER KA 60 -68.26 5.68 25.34
CA SER KA 60 -67.66 4.92 26.42
C SER KA 60 -68.27 5.24 27.78
N THR KA 61 -68.98 6.36 27.90
CA THR KA 61 -69.62 6.76 29.14
C THR KA 61 -71.10 7.02 28.91
N ASN KA 62 -71.86 7.05 30.01
CA ASN KA 62 -73.30 7.26 29.90
C ASN KA 62 -73.64 8.69 29.51
N SER KA 63 -72.82 9.66 29.92
CA SER KA 63 -73.06 11.06 29.63
C SER KA 63 -71.88 11.64 28.87
N VAL KA 64 -72.06 12.86 28.38
CA VAL KA 64 -71.01 13.53 27.61
C VAL KA 64 -69.93 14.02 28.57
N SER KA 65 -68.68 13.72 28.23
CA SER KA 65 -67.54 14.16 29.03
C SER KA 65 -66.36 14.37 28.10
N CYS KA 66 -65.28 14.92 28.66
CA CYS KA 66 -64.11 15.24 27.84
C CYS KA 66 -63.31 13.98 27.48
N CYS KA 67 -63.33 12.96 28.34
CA CYS KA 67 -62.68 11.69 28.07
C CYS KA 67 -63.59 10.70 27.35
N THR KA 68 -64.74 11.16 26.88
CA THR KA 68 -65.68 10.26 26.20
C THR KA 68 -65.09 9.78 24.89
N GLU KA 69 -64.84 8.47 24.80
CA GLU KA 69 -64.41 7.83 23.57
C GLU KA 69 -65.60 7.12 22.93
N TRP KA 70 -65.37 6.61 21.73
CA TRP KA 70 -66.40 5.93 20.96
C TRP KA 70 -65.98 4.48 20.73
N ASP KA 71 -66.61 3.57 21.46
CA ASP KA 71 -66.40 2.15 21.23
C ASP KA 71 -67.32 1.68 20.11
N THR KA 72 -66.98 0.55 19.51
CA THR KA 72 -67.76 -0.02 18.42
C THR KA 72 -68.15 -1.44 18.79
N ILE KA 73 -69.46 -1.69 18.84
CA ILE KA 73 -69.98 -3.06 18.91
C ILE KA 73 -70.06 -3.58 17.48
N ARG KA 74 -69.22 -4.57 17.17
CA ARG KA 74 -69.13 -5.12 15.83
C ARG KA 74 -69.69 -6.54 15.81
N CYS KA 75 -70.56 -6.80 14.83
CA CYS KA 75 -71.08 -8.14 14.59
C CYS KA 75 -70.91 -8.47 13.12
N GLU KA 76 -70.13 -9.51 12.84
CA GLU KA 76 -69.76 -9.88 11.48
C GLU KA 76 -70.29 -11.25 11.12
N PHE KA 77 -70.64 -11.42 9.84
CA PHE KA 77 -71.09 -12.68 9.28
C PHE KA 77 -70.54 -12.79 7.87
N SER KA 78 -70.06 -13.99 7.52
CA SER KA 78 -69.56 -14.26 6.18
C SER KA 78 -69.95 -15.67 5.77
N LEU KA 79 -70.16 -15.85 4.47
CA LEU KA 79 -70.51 -17.14 3.89
C LEU KA 79 -69.83 -17.28 2.53
N THR KA 80 -69.24 -18.46 2.28
CA THR KA 80 -68.54 -18.73 1.04
C THR KA 80 -69.47 -19.43 0.05
N LEU KA 81 -69.66 -18.81 -1.12
CA LEU KA 81 -70.40 -19.42 -2.23
C LEU KA 81 -69.40 -19.91 -3.26
N LEU KA 82 -69.24 -21.22 -3.36
CA LEU KA 82 -68.31 -21.79 -4.32
C LEU KA 82 -68.79 -21.53 -5.74
N GLN KA 83 -67.89 -21.06 -6.59
CA GLN KA 83 -68.23 -20.65 -7.94
C GLN KA 83 -67.72 -21.59 -9.03
N LEU KA 84 -66.80 -22.49 -8.71
CA LEU KA 84 -66.17 -23.32 -9.73
C LEU KA 84 -66.24 -24.80 -9.38
N SER KA 85 -67.22 -25.19 -8.58
CA SER KA 85 -67.37 -26.59 -8.18
C SER KA 85 -68.34 -27.29 -9.11
N SER KA 86 -67.98 -28.51 -9.51
CA SER KA 86 -68.85 -29.35 -10.33
C SER KA 86 -69.83 -30.16 -9.50
N ASN KA 87 -69.69 -30.14 -8.17
CA ASN KA 87 -70.59 -30.88 -7.29
C ASN KA 87 -71.93 -30.16 -7.23
N THR KA 88 -73.01 -30.87 -7.58
CA THR KA 88 -74.34 -30.27 -7.55
C THR KA 88 -74.91 -30.14 -6.15
N ASP KA 89 -74.25 -30.71 -5.14
CA ASP KA 89 -74.71 -30.56 -3.76
C ASP KA 89 -74.40 -29.18 -3.18
N VAL KA 90 -73.63 -28.35 -3.89
CA VAL KA 90 -73.10 -27.13 -3.29
C VAL KA 90 -74.22 -26.21 -2.83
N ALA KA 91 -75.28 -26.07 -3.64
CA ALA KA 91 -76.35 -25.15 -3.29
C ALA KA 91 -77.09 -25.61 -2.03
N ALA KA 92 -77.55 -26.86 -2.03
CA ALA KA 92 -78.27 -27.37 -0.88
C ALA KA 92 -77.41 -27.37 0.37
N ARG KA 93 -76.11 -27.67 0.22
CA ARG KA 93 -75.24 -27.70 1.38
C ARG KA 93 -74.91 -26.30 1.90
N THR KA 94 -74.80 -25.30 1.02
CA THR KA 94 -74.67 -23.92 1.49
C THR KA 94 -75.92 -23.49 2.25
N VAL KA 95 -77.10 -23.90 1.75
CA VAL KA 95 -78.34 -23.62 2.47
C VAL KA 95 -78.30 -24.28 3.85
N ASP KA 96 -77.87 -25.54 3.90
CA ASP KA 96 -77.79 -26.26 5.17
C ASP KA 96 -76.81 -25.58 6.13
N VAL KA 97 -75.70 -25.08 5.60
CA VAL KA 97 -74.70 -24.40 6.43
C VAL KA 97 -75.28 -23.12 7.01
N LEU KA 98 -75.96 -22.32 6.18
CA LEU KA 98 -76.59 -21.10 6.68
C LEU KA 98 -77.62 -21.41 7.76
N ASP KA 99 -78.42 -22.47 7.55
CA ASP KA 99 -79.42 -22.84 8.53
C ASP KA 99 -78.76 -23.31 9.83
N THR KA 100 -77.65 -24.04 9.72
CA THR KA 100 -76.91 -24.44 10.92
C THR KA 100 -76.38 -23.23 11.67
N MET KA 101 -75.93 -22.21 10.93
CA MET KA 101 -75.48 -20.96 11.55
C MET KA 101 -76.60 -20.31 12.35
N ILE KA 102 -77.78 -20.18 11.72
CA ILE KA 102 -78.91 -19.56 12.41
C ILE KA 102 -79.34 -20.39 13.62
N SER KA 103 -79.37 -21.72 13.46
CA SER KA 103 -79.73 -22.59 14.56
C SER KA 103 -78.76 -22.44 15.72
N PHE KA 104 -77.47 -22.30 15.44
CA PHE KA 104 -76.49 -22.14 16.51
C PHE KA 104 -76.58 -20.77 17.16
N LEU KA 105 -76.89 -19.73 16.39
CA LEU KA 105 -77.14 -18.43 16.99
C LEU KA 105 -78.31 -18.49 17.96
N ALA KA 106 -79.31 -19.31 17.65
CA ALA KA 106 -80.40 -19.50 18.61
C ALA KA 106 -79.94 -20.35 19.79
N LYS KA 107 -79.26 -21.45 19.50
CA LYS KA 107 -78.91 -22.45 20.51
C LYS KA 107 -77.96 -21.89 21.56
N ARG KA 108 -77.01 -21.05 21.15
CA ARG KA 108 -75.96 -20.56 22.03
C ARG KA 108 -76.08 -19.06 22.30
N ARG KA 109 -77.29 -18.52 22.30
CA ARG KA 109 -77.47 -17.08 22.44
C ARG KA 109 -76.90 -16.56 23.75
N ASN KA 110 -77.23 -17.23 24.87
CA ASN KA 110 -76.72 -16.77 26.16
C ASN KA 110 -75.21 -16.86 26.22
N SER KA 111 -74.64 -17.97 25.74
CA SER KA 111 -73.18 -18.12 25.76
C SER KA 111 -72.51 -17.04 24.91
N ILE KA 112 -73.07 -16.76 23.73
CA ILE KA 112 -72.51 -15.74 22.85
C ILE KA 112 -72.57 -14.37 23.51
N LEU KA 113 -73.71 -14.05 24.15
CA LEU KA 113 -73.88 -12.73 24.73
C LEU KA 113 -73.09 -12.55 26.02
N ALA KA 114 -72.76 -13.64 26.72
CA ALA KA 114 -72.05 -13.55 27.98
C ALA KA 114 -70.56 -13.80 27.86
N GLY KA 115 -70.09 -14.34 26.74
CA GLY KA 115 -68.68 -14.68 26.62
C GLY KA 115 -68.27 -15.82 27.52
N ASN KA 116 -69.12 -16.84 27.63
CA ASN KA 116 -68.87 -17.97 28.51
C ASN KA 116 -69.33 -19.24 27.80
N LEU KA 117 -68.37 -20.10 27.44
CA LEU KA 117 -68.68 -21.34 26.74
C LEU KA 117 -69.48 -22.32 27.59
N LEU KA 118 -69.42 -22.19 28.92
CA LEU KA 118 -70.00 -23.20 29.80
C LEU KA 118 -71.51 -23.05 29.97
N LEU KA 119 -72.10 -21.95 29.55
CA LEU KA 119 -73.54 -21.78 29.72
C LEU KA 119 -74.28 -22.83 28.90
N PRO KA 120 -75.34 -23.42 29.43
CA PRO KA 120 -76.10 -24.41 28.66
C PRO KA 120 -76.79 -23.76 27.47
N ASP KA 121 -77.25 -24.61 26.55
CA ASP KA 121 -78.01 -24.14 25.40
C ASP KA 121 -79.22 -23.32 25.87
N ASN KA 122 -79.59 -22.33 25.07
CA ASN KA 122 -80.80 -21.59 25.34
C ASN KA 122 -82.00 -22.54 25.26
N PRO KA 123 -83.00 -22.37 26.14
CA PRO KA 123 -84.21 -23.19 26.07
C PRO KA 123 -85.00 -22.92 24.80
N ALA LA 1 -76.73 -19.88 -33.74
CA ALA LA 1 -77.88 -19.49 -32.94
C ALA LA 1 -77.49 -18.49 -31.87
N SER LA 2 -78.13 -17.32 -31.90
CA SER LA 2 -77.92 -16.33 -30.85
C SER LA 2 -78.24 -16.95 -29.50
N LEU LA 3 -77.34 -16.78 -28.54
CA LEU LA 3 -77.52 -17.36 -27.22
C LEU LA 3 -78.52 -16.54 -26.41
N PRO LA 4 -79.35 -17.19 -25.60
CA PRO LA 4 -80.27 -16.43 -24.74
C PRO LA 4 -79.55 -15.84 -23.55
N VAL LA 5 -79.87 -14.58 -23.23
CA VAL LA 5 -79.15 -13.85 -22.20
C VAL LA 5 -80.15 -13.11 -21.30
N THR LA 6 -79.74 -12.92 -20.04
CA THR LA 6 -80.42 -12.01 -19.13
C THR LA 6 -79.37 -11.09 -18.51
N GLN LA 7 -79.74 -9.82 -18.32
CA GLN LA 7 -78.80 -8.85 -17.80
C GLN LA 7 -78.49 -9.16 -16.34
N TYR LA 8 -77.22 -9.46 -16.05
CA TYR LA 8 -76.73 -9.77 -14.71
C TYR LA 8 -76.29 -8.51 -13.97
N SER LA 9 -75.32 -7.78 -14.52
CA SER LA 9 -74.93 -6.49 -13.94
C SER LA 9 -75.38 -5.36 -14.85
N PRO LA 10 -76.36 -4.56 -14.44
CA PRO LA 10 -76.96 -3.58 -15.35
C PRO LA 10 -76.06 -2.36 -15.49
N PRO LA 11 -76.29 -1.54 -16.52
CA PRO LA 11 -75.47 -0.33 -16.67
C PRO LA 11 -75.75 0.67 -15.57
N VAL LA 12 -74.67 1.28 -15.11
CA VAL LA 12 -74.70 2.19 -13.97
C VAL LA 12 -74.48 3.63 -14.40
N THR LA 13 -73.42 3.87 -15.16
CA THR LA 13 -73.05 5.15 -15.70
C THR LA 13 -72.76 4.99 -17.19
N PRO LA 14 -72.75 6.09 -17.96
CA PRO LA 14 -72.45 5.97 -19.39
C PRO LA 14 -71.15 5.24 -19.69
N LEU LA 15 -70.12 5.44 -18.87
CA LEU LA 15 -68.88 4.70 -18.99
C LEU LA 15 -68.84 3.57 -17.97
N GLY LA 16 -68.07 2.53 -18.30
CA GLY LA 16 -67.95 1.38 -17.42
C GLY LA 16 -68.25 0.07 -18.12
N LYS LA 17 -68.86 -0.87 -17.39
CA LYS LA 17 -69.13 -2.21 -17.89
C LYS LA 17 -70.57 -2.59 -17.59
N SER LA 18 -71.17 -3.35 -18.50
CA SER LA 18 -72.46 -4.00 -18.31
C SER LA 18 -72.31 -5.44 -18.74
N THR LA 19 -72.94 -6.37 -18.00
CA THR LA 19 -72.77 -7.79 -18.28
C THR LA 19 -74.11 -8.50 -18.35
N TRP LA 20 -74.24 -9.39 -19.34
CA TRP LA 20 -75.33 -10.32 -19.48
C TRP LA 20 -74.81 -11.74 -19.28
N ASN LA 21 -75.61 -12.58 -18.63
CA ASN LA 21 -75.31 -13.99 -18.48
C ASN LA 21 -76.13 -14.81 -19.47
N VAL LA 22 -75.50 -15.84 -20.03
CA VAL LA 22 -76.19 -16.79 -20.90
C VAL LA 22 -77.01 -17.73 -20.03
N THR LA 23 -78.31 -17.80 -20.30
CA THR LA 23 -79.21 -18.60 -19.50
C THR LA 23 -79.20 -20.07 -19.95
N GLY LA 24 -79.50 -20.95 -19.01
CA GLY LA 24 -79.60 -22.37 -19.30
C GLY LA 24 -78.28 -23.10 -19.40
N SER LA 25 -77.21 -22.52 -18.87
CA SER LA 25 -75.90 -23.17 -18.95
C SER LA 25 -75.80 -24.28 -17.90
N THR LA 26 -75.02 -25.30 -18.23
CA THR LA 26 -74.87 -26.45 -17.36
C THR LA 26 -73.61 -26.40 -16.51
N ASN LA 27 -72.63 -25.59 -16.88
CA ASN LA 27 -71.38 -25.51 -16.15
C ASN LA 27 -71.57 -24.72 -14.86
N PRO LA 28 -70.63 -24.83 -13.91
CA PRO LA 28 -70.77 -24.11 -12.63
C PRO LA 28 -70.94 -22.62 -12.83
N PRO LA 29 -71.50 -21.91 -11.83
CA PRO LA 29 -71.86 -20.50 -12.07
C PRO LA 29 -70.68 -19.61 -12.42
N GLY LA 30 -69.53 -19.80 -11.77
CA GLY LA 30 -68.36 -19.01 -12.11
C GLY LA 30 -67.91 -19.16 -13.55
N LEU LA 31 -68.40 -20.19 -14.24
CA LEU LA 31 -68.09 -20.43 -15.65
C LEU LA 31 -69.30 -20.23 -16.55
N VAL LA 32 -70.29 -19.49 -16.09
CA VAL LA 32 -71.45 -19.17 -16.94
C VAL LA 32 -70.98 -18.28 -18.10
N PRO LA 33 -71.32 -18.61 -19.34
CA PRO LA 33 -70.92 -17.75 -20.47
C PRO LA 33 -71.46 -16.34 -20.28
N GLN LA 34 -70.65 -15.35 -20.65
CA GLN LA 34 -70.98 -13.95 -20.41
C GLN LA 34 -70.81 -13.12 -21.66
N VAL LA 35 -71.59 -12.04 -21.72
CA VAL LA 35 -71.43 -10.97 -22.71
C VAL LA 35 -71.22 -9.68 -21.96
N VAL LA 36 -70.14 -8.97 -22.28
CA VAL LA 36 -69.74 -7.77 -21.56
C VAL LA 36 -69.66 -6.62 -22.56
N GLN LA 37 -70.38 -5.54 -22.30
CA GLN LA 37 -70.23 -4.30 -23.04
C GLN LA 37 -69.46 -3.29 -22.20
N THR LA 38 -68.46 -2.67 -22.80
CA THR LA 38 -67.56 -1.75 -22.13
C THR LA 38 -67.57 -0.41 -22.88
N GLU LA 39 -67.65 0.68 -22.13
CA GLU LA 39 -67.51 2.02 -22.70
C GLU LA 39 -66.45 2.76 -21.90
N SER LA 40 -65.26 2.93 -22.48
CA SER LA 40 -64.15 3.46 -21.71
C SER LA 40 -63.49 4.64 -22.43
N ILE LA 41 -62.97 5.59 -21.66
CA ILE LA 41 -62.31 6.76 -22.22
C ILE LA 41 -60.81 6.50 -22.31
N ASN LA 42 -60.20 7.09 -23.34
CA ASN LA 42 -58.77 7.02 -23.50
C ASN LA 42 -58.08 7.89 -22.45
N ALA LA 43 -56.77 7.66 -22.27
CA ALA LA 43 -56.00 8.46 -21.32
C ALA LA 43 -56.03 9.94 -21.71
N ARG LA 44 -55.68 10.25 -22.96
CA ARG LA 44 -55.74 11.62 -23.43
C ARG LA 44 -57.16 12.11 -23.72
N LYS LA 45 -58.17 11.27 -23.47
CA LYS LA 45 -59.57 11.62 -23.69
C LYS LA 45 -59.85 11.98 -25.15
N SER LA 46 -59.11 11.36 -26.07
CA SER LA 46 -59.35 11.57 -27.49
C SER LA 46 -60.38 10.60 -28.04
N ASN LA 47 -60.40 9.36 -27.56
CA ASN LA 47 -61.31 8.34 -28.05
C ASN LA 47 -62.15 7.79 -26.90
N ILE LA 48 -63.38 7.40 -27.23
CA ILE LA 48 -64.15 6.48 -26.39
C ILE LA 48 -64.18 5.14 -27.11
N MET LA 49 -63.76 4.09 -26.40
CA MET LA 49 -63.79 2.74 -26.94
C MET LA 49 -65.10 2.09 -26.54
N SER LA 50 -65.87 1.64 -27.54
CA SER LA 50 -67.06 0.83 -27.34
C SER LA 50 -66.69 -0.61 -27.65
N LYS LA 51 -66.82 -1.50 -26.66
CA LYS LA 51 -66.41 -2.89 -26.81
C LYS LA 51 -67.55 -3.83 -26.46
N ILE LA 52 -67.61 -4.94 -27.19
CA ILE LA 52 -68.47 -6.07 -26.85
C ILE LA 52 -67.61 -7.32 -26.80
N SER LA 53 -67.79 -8.14 -25.77
CA SER LA 53 -66.97 -9.32 -25.56
C SER LA 53 -67.86 -10.49 -25.18
N VAL LA 54 -67.72 -11.60 -25.91
CA VAL LA 54 -68.45 -12.82 -25.60
C VAL LA 54 -67.44 -13.86 -25.16
N TYR LA 55 -67.55 -14.28 -23.90
CA TYR LA 55 -66.72 -15.33 -23.32
C TYR LA 55 -67.61 -16.55 -23.11
N TYR LA 56 -67.35 -17.61 -23.88
CA TYR LA 56 -68.08 -18.87 -23.72
C TYR LA 56 -67.10 -19.92 -23.20
N TYR LA 57 -67.31 -20.35 -21.96
CA TYR LA 57 -66.43 -21.32 -21.32
C TYR LA 57 -66.93 -22.73 -21.63
N ILE LA 58 -66.08 -23.53 -22.26
CA ILE LA 58 -66.46 -24.86 -22.74
C ILE LA 58 -65.43 -25.87 -22.25
N PRO LA 59 -65.87 -27.03 -21.76
CA PRO LA 59 -64.90 -28.04 -21.28
C PRO LA 59 -64.13 -28.65 -22.43
N SER LA 60 -62.88 -29.01 -22.14
CA SER LA 60 -61.98 -29.54 -23.18
C SER LA 60 -62.42 -30.91 -23.67
N THR LA 61 -63.26 -31.61 -22.92
CA THR LA 61 -63.73 -32.93 -23.29
C THR LA 61 -65.26 -32.96 -23.29
N ASN LA 62 -65.81 -33.98 -23.94
CA ASN LA 62 -67.28 -34.09 -24.03
C ASN LA 62 -67.89 -34.48 -22.68
N SER LA 63 -67.18 -35.26 -21.88
CA SER LA 63 -67.67 -35.71 -20.59
C SER LA 63 -66.74 -35.25 -19.48
N VAL LA 64 -67.18 -35.45 -18.24
CA VAL LA 64 -66.39 -35.05 -17.09
C VAL LA 64 -65.25 -36.03 -16.88
N SER LA 65 -64.04 -35.51 -16.71
CA SER LA 65 -62.88 -36.34 -16.46
C SER LA 65 -61.90 -35.56 -15.59
N CYS LA 66 -60.84 -36.23 -15.15
CA CYS LA 66 -59.89 -35.61 -14.25
C CYS LA 66 -58.97 -34.62 -14.97
N CYS LA 67 -58.71 -34.87 -16.26
CA CYS LA 67 -57.92 -33.96 -17.08
C CYS LA 67 -58.76 -32.91 -17.79
N THR LA 68 -60.04 -32.81 -17.43
CA THR LA 68 -60.93 -31.85 -18.07
C THR LA 68 -60.49 -30.42 -17.75
N GLU LA 69 -60.06 -29.69 -18.77
CA GLU LA 69 -59.75 -28.28 -18.65
C GLU LA 69 -60.89 -27.45 -19.20
N TRP LA 70 -60.79 -26.14 -19.04
CA TRP LA 70 -61.83 -25.21 -19.49
C TRP LA 70 -61.22 -24.27 -20.53
N ASP LA 71 -61.57 -24.49 -21.78
CA ASP LA 71 -61.20 -23.58 -22.84
C ASP LA 71 -62.21 -22.44 -22.91
N THR LA 72 -61.80 -21.35 -23.53
CA THR LA 72 -62.64 -20.17 -23.67
C THR LA 72 -62.74 -19.82 -25.15
N ILE LA 73 -63.97 -19.82 -25.67
CA ILE LA 73 -64.26 -19.25 -26.98
C ILE LA 73 -64.48 -17.76 -26.77
N ARG LA 74 -63.57 -16.94 -27.29
CA ARG LA 74 -63.60 -15.49 -27.12
C ARG LA 74 -63.94 -14.83 -28.44
N CYS LA 75 -64.90 -13.90 -28.39
CA CYS LA 75 -65.25 -13.08 -29.54
C CYS LA 75 -65.27 -11.62 -29.09
N GLU LA 76 -64.40 -10.81 -29.68
CA GLU LA 76 -64.20 -9.43 -29.27
C GLU LA 76 -64.58 -8.47 -30.41
N PHE LA 77 -65.11 -7.31 -30.02
CA PHE LA 77 -65.44 -6.22 -30.94
C PHE LA 77 -65.11 -4.91 -30.26
N SER LA 78 -64.52 -3.99 -31.00
CA SER LA 78 -64.20 -2.66 -30.51
C SER LA 78 -64.44 -1.63 -31.60
N LEU LA 79 -64.82 -0.42 -31.19
CA LEU LA 79 -65.06 0.69 -32.10
C LEU LA 79 -64.60 1.97 -31.44
N THR LA 80 -63.89 2.82 -32.21
CA THR LA 80 -63.38 4.08 -31.69
C THR LA 80 -64.33 5.22 -32.03
N LEU LA 81 -64.80 5.93 -31.00
CA LEU LA 81 -65.61 7.12 -31.16
C LEU LA 81 -64.72 8.32 -30.87
N LEU LA 82 -64.38 9.07 -31.91
CA LEU LA 82 -63.55 10.26 -31.76
C LEU LA 82 -64.29 11.32 -30.97
N GLN LA 83 -63.62 11.89 -29.96
CA GLN LA 83 -64.25 12.84 -29.05
C GLN LA 83 -63.78 14.28 -29.24
N LEU LA 84 -62.70 14.51 -29.97
CA LEU LA 84 -62.11 15.85 -30.06
C LEU LA 84 -61.91 16.27 -31.51
N SER LA 85 -62.66 15.69 -32.43
CA SER LA 85 -62.53 16.02 -33.84
C SER LA 85 -63.52 17.12 -34.22
N SER LA 86 -63.04 18.09 -34.99
CA SER LA 86 -63.91 19.15 -35.52
C SER LA 86 -64.59 18.76 -36.82
N ASN LA 87 -64.24 17.62 -37.39
CA ASN LA 87 -64.86 17.16 -38.63
C ASN LA 87 -66.26 16.65 -38.34
N THR LA 88 -67.25 17.23 -39.01
CA THR LA 88 -68.64 16.83 -38.80
C THR LA 88 -68.99 15.51 -39.46
N ASP LA 89 -68.09 14.95 -40.29
CA ASP LA 89 -68.33 13.64 -40.90
C ASP LA 89 -68.15 12.49 -39.93
N VAL LA 90 -67.65 12.75 -38.73
CA VAL LA 90 -67.22 11.66 -37.84
C VAL LA 90 -68.38 10.74 -37.51
N ALA LA 91 -69.57 11.29 -37.24
CA ALA LA 91 -70.70 10.46 -36.84
C ALA LA 91 -71.14 9.55 -37.99
N ALA LA 92 -71.40 10.13 -39.16
CA ALA LA 92 -71.83 9.33 -40.29
C ALA LA 92 -70.78 8.31 -40.69
N ARG LA 93 -69.49 8.68 -40.60
CA ARG LA 93 -68.45 7.74 -40.99
C ARG LA 93 -68.26 6.63 -39.97
N THR LA 94 -68.46 6.90 -38.66
CA THR LA 94 -68.46 5.82 -37.69
C THR LA 94 -69.62 4.88 -37.94
N VAL LA 95 -70.79 5.42 -38.30
CA VAL LA 95 -71.92 4.57 -38.68
C VAL LA 95 -71.54 3.70 -39.87
N ASP LA 96 -70.92 4.31 -40.88
CA ASP LA 96 -70.53 3.57 -42.08
C ASP LA 96 -69.53 2.48 -41.73
N VAL LA 97 -68.60 2.76 -40.82
CA VAL LA 97 -67.60 1.78 -40.42
C VAL LA 97 -68.26 0.60 -39.71
N LEU LA 98 -69.19 0.88 -38.79
CA LEU LA 98 -69.91 -0.19 -38.11
C LEU LA 98 -70.70 -1.05 -39.11
N ASP LA 99 -71.34 -0.39 -40.09
CA ASP LA 99 -72.10 -1.13 -41.08
C ASP LA 99 -71.18 -1.98 -41.95
N THR LA 100 -69.99 -1.46 -42.27
CA THR LA 100 -69.01 -2.25 -43.03
C THR LA 100 -68.57 -3.47 -42.23
N MET LA 101 -68.40 -3.29 -40.91
CA MET LA 101 -68.06 -4.41 -40.05
C MET LA 101 -69.11 -5.50 -40.09
N ILE LA 102 -70.39 -5.10 -39.95
CA ILE LA 102 -71.47 -6.08 -39.98
C ILE LA 102 -71.56 -6.75 -41.36
N SER LA 103 -71.41 -5.97 -42.42
CA SER LA 103 -71.45 -6.52 -43.76
C SER LA 103 -70.34 -7.54 -43.97
N PHE LA 104 -69.15 -7.27 -43.43
CA PHE LA 104 -68.05 -8.20 -43.60
C PHE LA 104 -68.23 -9.45 -42.75
N LEU LA 105 -68.82 -9.31 -41.56
CA LEU LA 105 -69.17 -10.49 -40.77
C LEU LA 105 -70.14 -11.38 -41.53
N ALA LA 106 -71.05 -10.78 -42.31
CA ALA LA 106 -71.91 -11.60 -43.16
C ALA LA 106 -71.14 -12.17 -44.35
N LYS LA 107 -70.35 -11.33 -45.01
CA LYS LA 107 -69.69 -11.68 -46.26
C LYS LA 107 -68.67 -12.80 -46.08
N ARG LA 108 -67.95 -12.81 -44.95
CA ARG LA 108 -66.86 -13.73 -44.72
C ARG LA 108 -67.15 -14.71 -43.59
N ARG LA 109 -68.43 -15.06 -43.39
CA ARG LA 109 -68.80 -15.90 -42.25
C ARG LA 109 -68.11 -17.26 -42.31
N ASN LA 110 -68.13 -17.92 -43.46
CA ASN LA 110 -67.51 -19.23 -43.57
C ASN LA 110 -66.00 -19.15 -43.35
N SER LA 111 -65.36 -18.14 -43.95
CA SER LA 111 -63.92 -17.98 -43.78
C SER LA 111 -63.58 -17.74 -42.31
N ILE LA 112 -64.35 -16.89 -41.65
CA ILE LA 112 -64.10 -16.58 -40.23
C ILE LA 112 -64.27 -17.84 -39.38
N LEU LA 113 -65.31 -18.63 -39.66
CA LEU LA 113 -65.60 -19.80 -38.84
C LEU LA 113 -64.65 -20.95 -39.12
N ALA LA 114 -64.05 -20.99 -40.31
CA ALA LA 114 -63.16 -22.09 -40.67
C ALA LA 114 -61.69 -21.75 -40.51
N GLY LA 115 -61.32 -20.48 -40.34
CA GLY LA 115 -59.92 -20.12 -40.27
C GLY LA 115 -59.20 -20.31 -41.58
N ASN LA 116 -59.84 -19.95 -42.69
CA ASN LA 116 -59.29 -20.15 -44.03
C ASN LA 116 -59.65 -18.94 -44.87
N LEU LA 117 -58.64 -18.14 -45.24
CA LEU LA 117 -58.87 -16.94 -46.03
C LEU LA 117 -59.36 -17.25 -47.45
N LEU LA 118 -59.11 -18.46 -47.94
CA LEU LA 118 -59.37 -18.77 -49.34
C LEU LA 118 -60.83 -19.09 -49.63
N LEU LA 119 -61.65 -19.31 -48.61
CA LEU LA 119 -63.05 -19.64 -48.85
C LEU LA 119 -63.74 -18.45 -49.52
N PRO LA 120 -64.59 -18.69 -50.51
CA PRO LA 120 -65.32 -17.60 -51.16
C PRO LA 120 -66.28 -16.94 -50.19
N ASP LA 121 -66.75 -15.75 -50.59
CA ASP LA 121 -67.75 -15.04 -49.81
C ASP LA 121 -68.97 -15.93 -49.59
N ASN LA 122 -69.61 -15.75 -48.44
CA ASN LA 122 -70.87 -16.43 -48.20
C ASN LA 122 -71.91 -15.98 -49.23
N PRO LA 123 -72.76 -16.89 -49.71
CA PRO LA 123 -73.83 -16.51 -50.65
C PRO LA 123 -74.85 -15.58 -49.99
N ALA MA 1 -77.45 33.99 -18.07
CA ALA MA 1 -78.48 33.02 -18.38
C ALA MA 1 -78.07 31.62 -17.93
N SER MA 2 -78.89 31.01 -17.07
CA SER MA 2 -78.65 29.64 -16.68
C SER MA 2 -78.62 28.74 -17.91
N LEU MA 3 -77.59 27.90 -17.99
CA LEU MA 3 -77.46 27.04 -19.17
C LEU MA 3 -78.42 25.86 -19.07
N PRO MA 4 -78.98 25.40 -20.19
CA PRO MA 4 -79.84 24.22 -20.17
C PRO MA 4 -79.01 22.95 -20.06
N VAL MA 5 -79.47 22.03 -19.20
CA VAL MA 5 -78.71 20.82 -18.91
C VAL MA 5 -79.64 19.61 -18.92
N THR MA 6 -79.05 18.46 -19.25
CA THR MA 6 -79.69 17.16 -19.06
C THR MA 6 -78.72 16.25 -18.33
N GLN MA 7 -79.24 15.43 -17.43
CA GLN MA 7 -78.38 14.56 -16.63
C GLN MA 7 -77.77 13.48 -17.51
N TYR MA 8 -76.44 13.49 -17.61
CA TYR MA 8 -75.68 12.52 -18.40
C TYR MA 8 -75.31 11.28 -17.58
N SER MA 9 -74.59 11.46 -16.47
CA SER MA 9 -74.31 10.36 -15.56
C SER MA 9 -75.10 10.54 -14.27
N PRO MA 10 -76.10 9.72 -14.00
CA PRO MA 10 -77.00 9.96 -12.87
C PRO MA 10 -76.35 9.56 -11.56
N PRO MA 11 -76.89 10.02 -10.43
CA PRO MA 11 -76.31 9.61 -9.14
C PRO MA 11 -76.54 8.14 -8.87
N VAL MA 12 -75.51 7.52 -8.32
CA VAL MA 12 -75.49 6.08 -8.09
C VAL MA 12 -75.57 5.76 -6.60
N THR MA 13 -74.72 6.38 -5.81
CA THR MA 13 -74.65 6.23 -4.37
C THR MA 13 -74.63 7.62 -3.75
N PRO MA 14 -74.93 7.74 -2.45
CA PRO MA 14 -74.87 9.06 -1.81
C PRO MA 14 -73.54 9.78 -1.98
N LEU MA 15 -72.43 9.04 -1.98
CA LEU MA 15 -71.12 9.61 -2.27
C LEU MA 15 -70.72 9.31 -3.71
N GLY MA 16 -69.87 10.16 -4.27
CA GLY MA 16 -69.42 9.98 -5.64
C GLY MA 16 -69.62 11.21 -6.48
N LYS MA 17 -69.92 11.01 -7.77
CA LYS MA 17 -70.07 12.08 -8.74
C LYS MA 17 -71.35 11.90 -9.53
N SER MA 18 -71.97 13.02 -9.88
CA SER MA 18 -73.09 13.08 -10.82
C SER MA 18 -72.80 14.18 -11.82
N THR MA 19 -73.12 13.95 -13.10
CA THR MA 19 -72.78 14.91 -14.14
C THR MA 19 -73.99 15.23 -15.01
N TRP MA 20 -74.13 16.51 -15.33
CA TRP MA 20 -75.09 17.02 -16.31
C TRP MA 20 -74.31 17.58 -17.50
N ASN MA 21 -74.84 17.39 -18.70
CA ASN MA 21 -74.29 17.98 -19.90
C ASN MA 21 -75.14 19.17 -20.33
N VAL MA 22 -74.46 20.22 -20.80
CA VAL MA 22 -75.13 21.39 -21.35
C VAL MA 22 -75.63 21.05 -22.75
N THR MA 23 -76.93 21.22 -22.98
CA THR MA 23 -77.53 20.85 -24.25
C THR MA 23 -77.37 21.97 -25.27
N GLY MA 24 -77.36 21.58 -26.54
CA GLY MA 24 -77.26 22.53 -27.63
C GLY MA 24 -75.89 23.07 -27.91
N SER MA 25 -74.84 22.41 -27.42
CA SER MA 25 -73.49 22.91 -27.65
C SER MA 25 -73.03 22.56 -29.05
N THR MA 26 -72.17 23.41 -29.61
CA THR MA 26 -71.68 23.24 -30.96
C THR MA 26 -70.32 22.57 -31.03
N ASN MA 27 -69.56 22.56 -29.94
CA ASN MA 27 -68.23 22.00 -29.94
C ASN MA 27 -68.30 20.47 -29.91
N PRO MA 28 -67.21 19.78 -30.23
CA PRO MA 28 -67.24 18.30 -30.27
C PRO MA 28 -67.67 17.72 -28.94
N PRO MA 29 -68.15 16.47 -28.92
CA PRO MA 29 -68.76 15.93 -27.70
C PRO MA 29 -67.83 15.89 -26.51
N GLY MA 30 -66.57 15.51 -26.71
CA GLY MA 30 -65.61 15.50 -25.61
C GLY MA 30 -65.41 16.86 -24.96
N LEU MA 31 -65.84 17.93 -25.63
CA LEU MA 31 -65.75 19.28 -25.09
C LEU MA 31 -67.12 19.87 -24.77
N VAL MA 32 -68.12 19.02 -24.58
CA VAL MA 32 -69.44 19.53 -24.17
C VAL MA 32 -69.34 20.11 -22.77
N PRO MA 33 -69.83 21.32 -22.53
CA PRO MA 33 -69.78 21.89 -21.19
C PRO MA 33 -70.50 21.00 -20.19
N GLN MA 34 -69.94 20.88 -18.98
CA GLN MA 34 -70.43 19.95 -17.99
C GLN MA 34 -70.64 20.64 -16.64
N VAL MA 35 -71.57 20.10 -15.87
CA VAL MA 35 -71.76 20.44 -14.47
C VAL MA 35 -71.62 19.15 -13.66
N VAL MA 36 -70.75 19.16 -12.67
CA VAL MA 36 -70.43 17.97 -11.88
C VAL MA 36 -70.71 18.27 -10.42
N GLN MA 37 -71.54 17.45 -9.79
CA GLN MA 37 -71.72 17.49 -8.35
C GLN MA 37 -70.98 16.33 -7.71
N THR MA 38 -70.20 16.62 -6.67
CA THR MA 38 -69.37 15.64 -5.99
C THR MA 38 -69.72 15.63 -4.51
N GLU MA 39 -69.84 14.43 -3.94
CA GLU MA 39 -70.02 14.27 -2.50
C GLU MA 39 -68.97 13.28 -2.01
N SER MA 40 -67.95 13.79 -1.32
CA SER MA 40 -66.81 12.95 -0.97
C SER MA 40 -66.49 13.03 0.51
N ILE MA 41 -65.99 11.94 1.08
CA ILE MA 41 -65.65 11.89 2.49
C ILE MA 41 -64.16 12.20 2.66
N ASN MA 42 -63.85 12.85 3.78
CA ASN MA 42 -62.46 13.13 4.11
C ASN MA 42 -61.75 11.84 4.52
N ALA MA 43 -60.42 11.90 4.54
CA ALA MA 43 -59.63 10.74 4.95
C ALA MA 43 -59.96 10.34 6.38
N ARG MA 44 -59.90 11.29 7.31
CA ARG MA 44 -60.25 11.02 8.70
C ARG MA 44 -61.75 10.92 8.92
N LYS MA 45 -62.56 11.04 7.86
CA LYS MA 45 -64.01 10.95 7.95
C LYS MA 45 -64.59 12.01 8.88
N SER MA 46 -63.94 13.16 8.95
CA SER MA 46 -64.47 14.27 9.74
C SER MA 46 -65.41 15.16 8.94
N ASN MA 47 -65.15 15.36 7.65
CA ASN MA 47 -65.96 16.21 6.81
C ASN MA 47 -66.48 15.43 5.61
N ILE MA 48 -67.67 15.81 5.15
CA ILE MA 48 -68.12 15.49 3.80
C ILE MA 48 -68.06 16.78 2.99
N MET MA 49 -67.37 16.72 1.87
CA MET MA 49 -67.28 17.84 0.95
C MET MA 49 -68.37 17.73 -0.10
N SER MA 50 -69.23 18.75 -0.16
CA SER MA 50 -70.22 18.89 -1.24
C SER MA 50 -69.67 19.91 -2.23
N LYS MA 51 -69.50 19.49 -3.48
CA LYS MA 51 -68.90 20.34 -4.50
C LYS MA 51 -69.80 20.41 -5.73
N ILE MA 52 -69.81 21.59 -6.35
CA ILE MA 52 -70.41 21.79 -7.67
C ILE MA 52 -69.35 22.44 -8.55
N SER MA 53 -69.21 21.94 -9.78
CA SER MA 53 -68.19 22.42 -10.70
C SER MA 53 -68.81 22.61 -12.08
N VAL MA 54 -68.63 23.78 -12.66
CA VAL MA 54 -69.09 24.08 -14.00
C VAL MA 54 -67.86 24.29 -14.87
N TYR MA 55 -67.67 23.39 -15.85
CA TYR MA 55 -66.60 23.48 -16.82
C TYR MA 55 -67.23 23.84 -18.16
N TYR MA 56 -66.95 25.05 -18.66
CA TYR MA 56 -67.42 25.49 -19.96
C TYR MA 56 -66.22 25.62 -20.88
N TYR MA 57 -66.14 24.76 -21.89
CA TYR MA 57 -65.01 24.75 -22.82
C TYR MA 57 -65.33 25.69 -23.98
N ILE MA 58 -64.47 26.69 -24.18
CA ILE MA 58 -64.72 27.74 -25.16
C ILE MA 58 -63.48 27.90 -26.03
N PRO MA 59 -63.63 28.02 -27.35
CA PRO MA 59 -62.45 28.17 -28.21
C PRO MA 59 -61.81 29.54 -28.02
N SER MA 60 -60.47 29.56 -28.18
CA SER MA 60 -59.71 30.78 -27.94
C SER MA 60 -60.00 31.86 -28.98
N THR MA 61 -60.57 31.49 -30.12
CA THR MA 61 -60.89 32.44 -31.18
C THR MA 61 -62.36 32.33 -31.55
N ASN MA 62 -62.86 33.36 -32.24
CA ASN MA 62 -64.27 33.38 -32.62
C ASN MA 62 -64.57 32.37 -33.72
N SER MA 63 -63.61 32.12 -34.60
CA SER MA 63 -63.80 31.19 -35.72
C SER MA 63 -62.76 30.07 -35.63
N VAL MA 64 -62.94 29.06 -36.48
CA VAL MA 64 -62.03 27.92 -36.50
C VAL MA 64 -60.74 28.33 -37.18
N SER MA 65 -59.61 28.01 -36.54
CA SER MA 65 -58.30 28.30 -37.10
C SER MA 65 -57.33 27.22 -36.62
N CYS MA 66 -56.12 27.27 -37.17
CA CYS MA 66 -55.12 26.25 -36.84
C CYS MA 66 -54.53 26.46 -35.46
N CYS MA 67 -54.45 27.71 -35.00
CA CYS MA 67 -53.97 28.02 -33.67
C CYS MA 67 -55.09 28.05 -32.64
N THR MA 68 -56.28 27.59 -33.00
CA THR MA 68 -57.41 27.60 -32.08
C THR MA 68 -57.16 26.64 -30.92
N GLU MA 69 -57.04 27.20 -29.71
CA GLU MA 69 -56.94 26.42 -28.50
C GLU MA 69 -58.28 26.40 -27.78
N TRP MA 70 -58.36 25.61 -26.72
CA TRP MA 70 -59.58 25.45 -25.95
C TRP MA 70 -59.34 25.93 -24.53
N ASP MA 71 -59.86 27.11 -24.20
CA ASP MA 71 -59.83 27.59 -22.84
C ASP MA 71 -61.01 27.01 -22.07
N THR MA 72 -60.90 27.03 -20.74
CA THR MA 72 -61.93 26.50 -19.87
C THR MA 72 -62.35 27.60 -18.90
N ILE MA 73 -63.63 27.96 -18.93
CA ILE MA 73 -64.23 28.79 -17.89
C ILE MA 73 -64.65 27.84 -16.77
N ARG MA 74 -63.99 27.96 -15.62
CA ARG MA 74 -64.23 27.08 -14.48
C ARG MA 74 -64.90 27.87 -13.36
N CYS MA 75 -65.96 27.29 -12.81
CA CYS MA 75 -66.63 27.85 -11.64
C CYS MA 75 -66.82 26.74 -10.62
N GLU MA 76 -66.20 26.91 -9.45
CA GLU MA 76 -66.16 25.89 -8.41
C GLU MA 76 -66.86 26.36 -7.16
N PHE MA 77 -67.49 25.41 -6.46
CA PHE MA 77 -68.15 25.64 -5.19
C PHE MA 77 -67.93 24.41 -4.31
N SER MA 78 -67.63 24.66 -3.03
CA SER MA 78 -67.45 23.59 -2.07
C SER MA 78 -68.04 24.00 -0.73
N LEU MA 79 -68.52 23.01 0.01
CA LEU MA 79 -69.10 23.23 1.35
C LEU MA 79 -68.74 22.05 2.23
N THR MA 80 -68.33 22.36 3.47
CA THR MA 80 -67.93 21.32 4.42
C THR MA 80 -69.10 20.97 5.34
N LEU MA 81 -69.48 19.70 5.35
CA LEU MA 81 -70.50 19.17 6.26
C LEU MA 81 -69.77 18.39 7.36
N LEU MA 82 -69.75 18.96 8.56
CA LEU MA 82 -69.09 18.30 9.68
C LEU MA 82 -69.85 17.03 10.06
N GLN MA 83 -69.11 15.93 10.21
CA GLN MA 83 -69.72 14.63 10.46
C GLN MA 83 -69.52 14.10 11.87
N LEU MA 84 -68.63 14.70 12.67
CA LEU MA 84 -68.30 14.16 13.98
C LEU MA 84 -68.41 15.22 15.06
N SER MA 85 -69.22 16.24 14.84
CA SER MA 85 -69.40 17.31 15.81
C SER MA 85 -70.60 17.02 16.70
N SER MA 86 -70.44 17.24 18.00
CA SER MA 86 -71.52 17.10 18.96
C SER MA 86 -72.35 18.36 19.08
N ASN MA 87 -71.93 19.46 18.45
CA ASN MA 87 -72.69 20.70 18.51
C ASN MA 87 -73.91 20.59 17.61
N THR MA 88 -75.10 20.81 18.20
CA THR MA 88 -76.34 20.72 17.45
C THR MA 88 -76.58 21.93 16.55
N ASP MA 89 -75.77 22.98 16.68
CA ASP MA 89 -75.90 24.15 15.80
C ASP MA 89 -75.37 23.90 14.40
N VAL MA 90 -74.71 22.77 14.16
CA VAL MA 90 -73.97 22.57 12.92
C VAL MA 90 -74.88 22.66 11.71
N ALA MA 91 -76.08 22.05 11.79
CA ALA MA 91 -76.97 22.05 10.63
C ALA MA 91 -77.46 23.44 10.30
N ALA MA 92 -78.01 24.15 11.29
CA ALA MA 92 -78.50 25.50 11.04
C ALA MA 92 -77.39 26.43 10.60
N ARG MA 93 -76.18 26.27 11.14
CA ARG MA 93 -75.09 27.15 10.77
C ARG MA 93 -74.56 26.83 9.39
N THR MA 94 -74.55 25.56 8.97
CA THR MA 94 -74.21 25.24 7.58
C THR MA 94 -75.23 25.85 6.63
N VAL MA 95 -76.51 25.80 7.00
CA VAL MA 95 -77.54 26.46 6.20
C VAL MA 95 -77.26 27.96 6.11
N ASP MA 96 -76.94 28.57 7.25
CA ASP MA 96 -76.64 30.00 7.25
C ASP MA 96 -75.44 30.33 6.39
N VAL MA 97 -74.43 29.46 6.41
CA VAL MA 97 -73.22 29.69 5.61
C VAL MA 97 -73.55 29.62 4.13
N LEU MA 98 -74.32 28.61 3.72
CA LEU MA 98 -74.73 28.50 2.33
C LEU MA 98 -75.54 29.72 1.89
N ASP MA 99 -76.44 30.19 2.76
CA ASP MA 99 -77.24 31.36 2.42
C ASP MA 99 -76.36 32.61 2.32
N THR MA 100 -75.35 32.72 3.18
CA THR MA 100 -74.41 33.84 3.09
C THR MA 100 -73.64 33.78 1.77
N MET MA 101 -73.27 32.57 1.34
CA MET MA 101 -72.60 32.41 0.06
C MET MA 101 -73.47 32.91 -1.09
N ILE MA 102 -74.74 32.49 -1.10
CA ILE MA 102 -75.64 32.92 -2.17
C ILE MA 102 -75.86 34.43 -2.12
N SER MA 103 -76.04 34.98 -0.91
CA SER MA 103 -76.23 36.41 -0.76
C SER MA 103 -75.02 37.19 -1.27
N PHE MA 104 -73.81 36.66 -1.03
CA PHE MA 104 -72.62 37.37 -1.50
C PHE MA 104 -72.46 37.23 -3.01
N LEU MA 105 -72.84 36.10 -3.58
CA LEU MA 105 -72.84 35.98 -5.04
C LEU MA 105 -73.79 37.00 -5.66
N ALA MA 106 -74.90 37.30 -4.99
CA ALA MA 106 -75.76 38.38 -5.48
C ALA MA 106 -75.13 39.74 -5.23
N LYS MA 107 -74.61 39.96 -4.03
CA LYS MA 107 -74.13 41.27 -3.59
C LYS MA 107 -72.93 41.74 -4.41
N ARG MA 108 -72.04 40.83 -4.77
CA ARG MA 108 -70.78 41.17 -5.43
C ARG MA 108 -70.72 40.66 -6.86
N ARG MA 109 -71.87 40.56 -7.54
CA ARG MA 109 -71.89 39.98 -8.88
C ARG MA 109 -71.01 40.75 -9.85
N ASN MA 110 -71.13 42.08 -9.87
CA ASN MA 110 -70.34 42.87 -10.81
C ASN MA 110 -68.85 42.75 -10.48
N SER MA 111 -68.49 42.82 -9.20
CA SER MA 111 -67.09 42.69 -8.82
C SER MA 111 -66.53 41.34 -9.23
N ILE MA 112 -67.30 40.27 -9.00
CA ILE MA 112 -66.86 38.93 -9.34
C ILE MA 112 -66.68 38.80 -10.85
N LEU MA 113 -67.61 39.35 -11.63
CA LEU MA 113 -67.56 39.19 -13.08
C LEU MA 113 -66.50 40.09 -13.71
N ALA MA 114 -66.12 41.18 -13.05
CA ALA MA 114 -65.15 42.10 -13.62
C ALA MA 114 -63.74 41.91 -13.07
N GLY MA 115 -63.56 41.17 -11.98
CA GLY MA 115 -62.24 41.03 -11.40
C GLY MA 115 -61.75 42.32 -10.78
N ASN MA 116 -62.63 43.05 -10.10
CA ASN MA 116 -62.29 44.35 -9.51
C ASN MA 116 -62.99 44.45 -8.17
N LEU MA 117 -62.19 44.44 -7.09
CA LEU MA 117 -62.76 44.51 -5.73
C LEU MA 117 -63.42 45.85 -5.44
N LEU MA 118 -63.08 46.89 -6.19
CA LEU MA 118 -63.53 48.24 -5.85
C LEU MA 118 -64.95 48.54 -6.32
N LEU MA 119 -65.53 47.70 -7.17
CA LEU MA 119 -66.87 47.98 -7.65
C LEU MA 119 -67.86 47.91 -6.49
N PRO MA 120 -68.83 48.82 -6.42
CA PRO MA 120 -69.81 48.78 -5.34
C PRO MA 120 -70.69 47.54 -5.45
N ASP MA 121 -71.39 47.25 -4.35
CA ASP MA 121 -72.35 46.15 -4.34
C ASP MA 121 -73.35 46.31 -5.48
N ASN MA 122 -73.80 45.19 -6.01
CA ASN MA 122 -74.87 45.22 -7.00
C ASN MA 122 -76.13 45.80 -6.36
N PRO MA 123 -76.90 46.61 -7.09
CA PRO MA 123 -78.17 47.14 -6.57
C PRO MA 123 -79.19 46.04 -6.33
N ALA NA 1 -81.65 -26.67 5.53
CA ALA NA 1 -81.89 -27.61 6.63
C ALA NA 1 -80.77 -27.55 7.65
N SER NA 2 -81.11 -27.24 8.89
CA SER NA 2 -80.13 -27.28 9.97
C SER NA 2 -79.51 -28.67 10.04
N LEU NA 3 -78.18 -28.71 10.10
CA LEU NA 3 -77.49 -29.99 10.12
C LEU NA 3 -77.56 -30.60 11.52
N PRO NA 4 -77.67 -31.93 11.62
CA PRO NA 4 -77.66 -32.58 12.93
C PRO NA 4 -76.25 -32.64 13.50
N VAL NA 5 -76.13 -32.35 14.79
CA VAL NA 5 -74.82 -32.25 15.43
C VAL NA 5 -74.84 -32.96 16.77
N THR NA 6 -73.68 -33.46 17.17
CA THR NA 6 -73.43 -33.93 18.53
C THR NA 6 -72.15 -33.28 19.05
N GLN NA 7 -72.14 -32.93 20.32
CA GLN NA 7 -71.00 -32.24 20.89
C GLN NA 7 -69.81 -33.19 20.97
N TYR NA 8 -68.73 -32.86 20.25
CA TYR NA 8 -67.50 -33.64 20.21
C TYR NA 8 -66.53 -33.21 21.32
N SER NA 9 -66.12 -31.94 21.32
CA SER NA 9 -65.30 -31.42 22.41
C SER NA 9 -66.13 -30.47 23.26
N PRO NA 10 -66.45 -30.81 24.49
CA PRO NA 10 -67.39 -30.02 25.28
C PRO NA 10 -66.72 -28.79 25.86
N PRO NA 11 -67.49 -27.80 26.31
CA PRO NA 11 -66.87 -26.61 26.90
C PRO NA 11 -66.20 -26.94 28.22
N VAL NA 12 -65.03 -26.34 28.41
CA VAL NA 12 -64.18 -26.61 29.56
C VAL NA 12 -64.15 -25.43 30.52
N THR NA 13 -63.88 -24.25 29.99
CA THR NA 13 -63.83 -23.00 30.73
C THR NA 13 -64.66 -21.97 29.98
N PRO NA 14 -65.06 -20.87 30.64
CA PRO NA 14 -65.83 -19.84 29.95
C PRO NA 14 -65.18 -19.34 28.67
N LEU NA 15 -63.85 -19.22 28.64
CA LEU NA 15 -63.12 -18.87 27.44
C LEU NA 15 -62.53 -20.13 26.81
N GLY NA 16 -62.31 -20.06 25.50
CA GLY NA 16 -61.76 -21.19 24.77
C GLY NA 16 -62.60 -21.59 23.58
N LYS NA 17 -62.65 -22.90 23.30
CA LYS NA 17 -63.34 -23.45 22.13
C LYS NA 17 -64.21 -24.61 22.55
N SER NA 18 -65.35 -24.75 21.89
CA SER NA 18 -66.22 -25.91 21.98
C SER NA 18 -66.58 -26.33 20.56
N THR NA 19 -66.63 -27.64 20.30
CA THR NA 19 -66.86 -28.14 18.95
C THR NA 19 -67.96 -29.19 18.93
N TRP NA 20 -68.82 -29.09 17.92
CA TRP NA 20 -69.81 -30.09 17.58
C TRP NA 20 -69.45 -30.70 16.23
N ASN NA 21 -69.70 -32.00 16.10
CA ASN NA 21 -69.53 -32.70 14.83
C ASN NA 21 -70.88 -32.93 14.18
N VAL NA 22 -70.94 -32.79 12.86
CA VAL NA 22 -72.13 -33.09 12.09
C VAL NA 22 -72.24 -34.61 11.95
N THR NA 23 -73.38 -35.16 12.37
CA THR NA 23 -73.56 -36.61 12.36
C THR NA 23 -74.02 -37.08 10.99
N GLY NA 24 -73.70 -38.34 10.70
CA GLY NA 24 -74.13 -38.96 9.45
C GLY NA 24 -73.32 -38.58 8.23
N SER NA 25 -72.13 -38.04 8.41
CA SER NA 25 -71.32 -37.65 7.27
C SER NA 25 -70.65 -38.87 6.65
N THR NA 26 -70.44 -38.80 5.33
CA THR NA 26 -69.85 -39.90 4.59
C THR NA 26 -68.35 -39.76 4.37
N ASN NA 27 -67.81 -38.55 4.49
CA ASN NA 27 -66.41 -38.32 4.23
C ASN NA 27 -65.57 -38.83 5.40
N PRO NA 28 -64.26 -39.00 5.21
CA PRO NA 28 -63.41 -39.54 6.29
C PRO NA 28 -63.49 -38.70 7.54
N PRO NA 29 -63.14 -39.26 8.70
CA PRO NA 29 -63.39 -38.54 9.97
C PRO NA 29 -62.68 -37.20 10.08
N GLY NA 30 -61.44 -37.11 9.63
CA GLY NA 30 -60.73 -35.84 9.65
C GLY NA 30 -61.42 -34.74 8.86
N LEU NA 31 -62.35 -35.11 7.98
CA LEU NA 31 -63.11 -34.16 7.19
C LEU NA 31 -64.59 -34.11 7.59
N VAL NA 32 -64.90 -34.54 8.81
CA VAL NA 32 -66.28 -34.42 9.30
C VAL NA 32 -66.64 -32.94 9.46
N PRO NA 33 -67.76 -32.48 8.93
CA PRO NA 33 -68.14 -31.08 9.11
C PRO NA 33 -68.25 -30.73 10.58
N GLN NA 34 -67.80 -29.52 10.92
CA GLN NA 34 -67.72 -29.11 12.32
C GLN NA 34 -68.36 -27.75 12.53
N VAL NA 35 -68.85 -27.54 13.75
CA VAL NA 35 -69.28 -26.24 14.24
C VAL NA 35 -68.47 -25.92 15.49
N VAL NA 36 -67.83 -24.76 15.50
CA VAL NA 36 -66.92 -24.37 16.56
C VAL NA 36 -67.40 -23.05 17.15
N GLN NA 37 -67.63 -23.03 18.46
CA GLN NA 37 -67.89 -21.79 19.19
C GLN NA 37 -66.65 -21.39 19.96
N THR NA 38 -66.26 -20.13 19.83
CA THR NA 38 -65.05 -19.58 20.44
C THR NA 38 -65.42 -18.39 21.31
N GLU NA 39 -64.85 -18.33 22.50
CA GLU NA 39 -64.99 -17.16 23.37
C GLU NA 39 -63.58 -16.73 23.79
N SER NA 40 -63.11 -15.62 23.22
CA SER NA 40 -61.71 -15.23 23.42
C SER NA 40 -61.60 -13.78 23.88
N ILE NA 41 -60.58 -13.50 24.69
CA ILE NA 41 -60.36 -12.15 25.20
C ILE NA 41 -59.37 -11.43 24.29
N ASN NA 42 -59.56 -10.13 24.17
CA ASN NA 42 -58.65 -9.29 23.42
C ASN NA 42 -57.34 -9.14 24.20
N ALA NA 43 -56.30 -8.68 23.49
CA ALA NA 43 -55.01 -8.46 24.13
C ALA NA 43 -55.13 -7.42 25.25
N ARG NA 44 -55.70 -6.26 24.95
CA ARG NA 44 -55.90 -5.23 25.96
C ARG NA 44 -57.07 -5.55 26.89
N LYS NA 45 -57.72 -6.70 26.73
CA LYS NA 45 -58.85 -7.11 27.57
C LYS NA 45 -60.00 -6.12 27.51
N SER NA 46 -60.16 -5.46 26.36
CA SER NA 46 -61.29 -4.55 26.18
C SER NA 46 -62.52 -5.26 25.64
N ASN NA 47 -62.34 -6.25 24.77
CA ASN NA 47 -63.45 -6.97 24.17
C ASN NA 47 -63.33 -8.46 24.45
N ILE NA 48 -64.48 -9.12 24.55
CA ILE NA 48 -64.57 -10.56 24.41
C ILE NA 48 -65.23 -10.84 23.06
N MET NA 49 -64.57 -11.63 22.24
CA MET NA 49 -65.11 -12.02 20.94
C MET NA 49 -65.85 -13.35 21.11
N SER NA 50 -67.14 -13.33 20.76
CA SER NA 50 -67.95 -14.54 20.67
C SER NA 50 -68.07 -14.91 19.19
N LYS NA 51 -67.59 -16.11 18.83
CA LYS NA 51 -67.55 -16.53 17.44
C LYS NA 51 -68.24 -17.88 17.28
N ILE NA 52 -68.91 -18.04 16.14
CA ILE NA 52 -69.43 -19.34 15.68
C ILE NA 52 -68.90 -19.56 14.27
N SER NA 53 -68.42 -20.77 14.00
CA SER NA 53 -67.83 -21.11 12.72
C SER NA 53 -68.34 -22.46 12.26
N VAL NA 54 -68.87 -22.52 11.04
CA VAL NA 54 -69.33 -23.76 10.45
C VAL NA 54 -68.40 -24.06 9.28
N TYR NA 55 -67.67 -25.17 9.39
CA TYR NA 55 -66.79 -25.67 8.33
C TYR NA 55 -67.43 -26.94 7.77
N TYR NA 56 -67.89 -26.88 6.52
CA TYR NA 56 -68.45 -28.04 5.84
C TYR NA 56 -67.50 -28.42 4.71
N TYR NA 57 -66.86 -29.59 4.84
CA TYR NA 57 -65.90 -30.05 3.85
C TYR NA 57 -66.63 -30.86 2.80
N ILE NA 58 -66.53 -30.43 1.55
CA ILE NA 58 -67.29 -31.04 0.45
C ILE NA 58 -66.32 -31.36 -0.69
N PRO NA 59 -66.44 -32.54 -1.31
CA PRO NA 59 -65.54 -32.87 -2.41
C PRO NA 59 -65.83 -32.04 -3.65
N SER NA 60 -64.77 -31.75 -4.41
CA SER NA 60 -64.89 -30.89 -5.58
C SER NA 60 -65.70 -31.54 -6.69
N THR NA 61 -65.86 -32.85 -6.67
CA THR NA 61 -66.62 -33.57 -7.68
C THR NA 61 -67.72 -34.40 -7.03
N ASN NA 62 -68.68 -34.83 -7.85
CA ASN NA 62 -69.80 -35.60 -7.32
C ASN NA 62 -69.38 -37.01 -6.94
N SER NA 63 -68.40 -37.58 -7.64
CA SER NA 63 -67.93 -38.93 -7.38
C SER NA 63 -66.44 -38.91 -7.04
N VAL NA 64 -65.94 -40.06 -6.60
CA VAL NA 64 -64.53 -40.17 -6.24
C VAL NA 64 -63.69 -40.23 -7.50
N SER NA 65 -62.64 -39.41 -7.54
CA SER NA 65 -61.71 -39.40 -8.66
C SER NA 65 -60.33 -39.03 -8.16
N CYS NA 66 -59.35 -39.12 -9.05
CA CYS NA 66 -57.96 -38.86 -8.64
C CYS NA 66 -57.70 -37.37 -8.47
N CYS NA 67 -58.40 -36.52 -9.21
CA CYS NA 67 -58.29 -35.07 -9.07
C CYS NA 67 -59.27 -34.50 -8.06
N THR NA 68 -59.93 -35.35 -7.28
CA THR NA 68 -60.89 -34.90 -6.30
C THR NA 68 -60.20 -34.11 -5.20
N GLU NA 69 -60.51 -32.82 -5.11
CA GLU NA 69 -60.05 -31.97 -4.03
C GLU NA 69 -61.15 -31.77 -3.01
N TRP NA 70 -60.82 -31.11 -1.91
CA TRP NA 70 -61.76 -30.88 -0.83
C TRP NA 70 -61.94 -29.37 -0.65
N ASP NA 71 -63.07 -28.86 -1.09
CA ASP NA 71 -63.41 -27.48 -0.84
C ASP NA 71 -64.07 -27.36 0.53
N THR NA 72 -64.06 -26.15 1.07
CA THR NA 72 -64.64 -25.87 2.37
C THR NA 72 -65.68 -24.77 2.23
N ILE NA 73 -66.93 -25.09 2.60
CA ILE NA 73 -67.97 -24.08 2.77
C ILE NA 73 -67.81 -23.53 4.19
N ARG NA 74 -67.42 -22.27 4.30
CA ARG NA 74 -67.17 -21.63 5.58
C ARG NA 74 -68.24 -20.58 5.85
N CYS NA 75 -68.79 -20.63 7.06
CA CYS NA 75 -69.73 -19.62 7.53
C CYS NA 75 -69.28 -19.14 8.90
N GLU NA 76 -68.96 -17.85 9.00
CA GLU NA 76 -68.38 -17.27 10.20
C GLU NA 76 -69.31 -16.22 10.79
N PHE NA 77 -69.30 -16.13 12.12
CA PHE NA 77 -70.05 -15.12 12.87
C PHE NA 77 -69.20 -14.68 14.06
N SER NA 78 -69.18 -13.39 14.31
CA SER NA 78 -68.46 -12.83 15.46
C SER NA 78 -69.26 -11.68 16.06
N LEU NA 79 -69.11 -11.51 17.37
CA LEU NA 79 -69.78 -10.44 18.11
C LEU NA 79 -68.86 -9.94 19.20
N THR NA 80 -68.78 -8.61 19.33
CA THR NA 80 -67.91 -7.98 20.33
C THR NA 80 -68.70 -7.65 21.59
N LEU NA 81 -68.25 -8.21 22.72
CA LEU NA 81 -68.81 -7.90 24.03
C LEU NA 81 -67.84 -6.95 24.74
N LEU NA 82 -68.22 -5.69 24.87
CA LEU NA 82 -67.38 -4.71 25.54
C LEU NA 82 -67.25 -5.05 27.01
N GLN NA 83 -66.02 -5.03 27.52
CA GLN NA 83 -65.75 -5.46 28.89
C GLN NA 83 -65.37 -4.32 29.83
N LEU NA 84 -65.06 -3.14 29.31
CA LEU NA 84 -64.56 -2.05 30.13
C LEU NA 84 -65.34 -0.76 29.92
N SER NA 85 -66.59 -0.87 29.46
CA SER NA 85 -67.41 0.30 29.22
C SER NA 85 -68.26 0.60 30.45
N SER NA 86 -68.34 1.88 30.81
CA SER NA 86 -69.20 2.34 31.89
C SER NA 86 -70.62 2.61 31.45
N ASN NA 87 -70.89 2.55 30.14
CA ASN NA 87 -72.24 2.79 29.63
C ASN NA 87 -73.11 1.57 29.92
N THR NA 88 -74.22 1.79 30.63
CA THR NA 88 -75.12 0.70 30.97
C THR NA 88 -75.97 0.24 29.80
N ASP NA 89 -75.95 0.95 28.68
CA ASP NA 89 -76.70 0.52 27.50
C ASP NA 89 -76.03 -0.63 26.76
N VAL NA 90 -74.81 -1.02 27.15
CA VAL NA 90 -74.02 -1.94 26.35
C VAL NA 90 -74.75 -3.28 26.19
N ALA NA 91 -75.35 -3.78 27.27
CA ALA NA 91 -75.99 -5.10 27.20
C ALA NA 91 -77.18 -5.08 26.26
N ALA NA 92 -78.11 -4.13 26.48
CA ALA NA 92 -79.29 -4.06 25.63
C ALA NA 92 -78.92 -3.79 24.18
N ARG NA 93 -77.88 -2.97 23.95
CA ARG NA 93 -77.51 -2.66 22.58
C ARG NA 93 -76.80 -3.84 21.90
N THR NA 94 -76.02 -4.62 22.64
CA THR NA 94 -75.47 -5.86 22.07
C THR NA 94 -76.59 -6.82 21.70
N VAL NA 95 -77.62 -6.91 22.55
CA VAL NA 95 -78.78 -7.72 22.22
C VAL NA 95 -79.44 -7.21 20.94
N ASP NA 96 -79.61 -5.89 20.85
CA ASP NA 96 -80.23 -5.30 19.66
C ASP NA 96 -79.39 -5.58 18.42
N VAL NA 97 -78.06 -5.53 18.54
CA VAL NA 97 -77.18 -5.79 17.41
C VAL NA 97 -77.31 -7.23 16.95
N LEU NA 98 -77.31 -8.17 17.90
CA LEU NA 98 -77.49 -9.58 17.53
C LEU NA 98 -78.83 -9.81 16.85
N ASP NA 99 -79.89 -9.16 17.35
CA ASP NA 99 -81.20 -9.32 16.75
C ASP NA 99 -81.23 -8.72 15.35
N THR NA 100 -80.54 -7.59 15.15
CA THR NA 100 -80.44 -7.00 13.82
C THR NA 100 -79.70 -7.94 12.87
N MET NA 101 -78.67 -8.61 13.37
CA MET NA 101 -77.95 -9.60 12.56
C MET NA 101 -78.88 -10.72 12.11
N ILE NA 102 -79.65 -11.28 13.05
CA ILE NA 102 -80.56 -12.37 12.69
C ILE NA 102 -81.63 -11.88 11.73
N SER NA 103 -82.17 -10.68 11.98
CA SER NA 103 -83.18 -10.11 11.08
C SER NA 103 -82.63 -9.94 9.68
N PHE NA 104 -81.37 -9.51 9.55
CA PHE NA 104 -80.80 -9.32 8.23
C PHE NA 104 -80.50 -10.65 7.55
N LEU NA 105 -80.10 -11.66 8.31
CA LEU NA 105 -79.94 -12.99 7.74
C LEU NA 105 -81.27 -13.49 7.18
N ALA NA 106 -82.38 -13.15 7.82
CA ALA NA 106 -83.68 -13.49 7.25
C ALA NA 106 -83.99 -12.62 6.04
N LYS NA 107 -83.78 -11.31 6.17
CA LYS NA 107 -84.20 -10.33 5.18
C LYS NA 107 -83.47 -10.52 3.86
N ARG NA 108 -82.18 -10.86 3.91
CA ARG NA 108 -81.34 -10.93 2.72
C ARG NA 108 -80.90 -12.36 2.40
N ARG NA 109 -81.72 -13.35 2.74
CA ARG NA 109 -81.30 -14.74 2.56
C ARG NA 109 -80.99 -15.07 1.11
N ASN NA 110 -81.88 -14.68 0.20
CA ASN NA 110 -81.65 -14.99 -1.21
C ASN NA 110 -80.40 -14.28 -1.73
N SER NA 111 -80.24 -13.00 -1.38
CA SER NA 111 -79.06 -12.26 -1.82
C SER NA 111 -77.78 -12.90 -1.29
N ILE NA 112 -77.79 -13.30 -0.02
CA ILE NA 112 -76.61 -13.92 0.59
C ILE NA 112 -76.29 -15.24 -0.09
N LEU NA 113 -77.32 -16.04 -0.40
CA LEU NA 113 -77.10 -17.36 -0.98
C LEU NA 113 -76.74 -17.29 -2.45
N ALA NA 114 -77.12 -16.22 -3.14
CA ALA NA 114 -76.85 -16.10 -4.57
C ALA NA 114 -75.63 -15.23 -4.89
N GLY NA 115 -75.13 -14.46 -3.93
CA GLY NA 115 -74.02 -13.57 -4.22
C GLY NA 115 -74.42 -12.43 -5.13
N ASN NA 116 -75.60 -11.86 -4.92
CA ASN NA 116 -76.14 -10.79 -5.76
C ASN NA 116 -76.83 -9.78 -4.87
N LEU NA 117 -76.27 -8.58 -4.76
CA LEU NA 117 -76.85 -7.53 -3.91
C LEU NA 117 -78.19 -7.05 -4.42
N LEU NA 118 -78.49 -7.23 -5.70
CA LEU NA 118 -79.66 -6.63 -6.31
C LEU NA 118 -80.95 -7.39 -6.03
N LEU NA 119 -80.88 -8.61 -5.52
CA LEU NA 119 -82.09 -9.37 -5.26
C LEU NA 119 -82.92 -8.67 -4.18
N PRO NA 120 -84.23 -8.62 -4.33
CA PRO NA 120 -85.06 -7.99 -3.30
C PRO NA 120 -85.02 -8.77 -2.01
N ASP NA 121 -85.50 -8.13 -0.94
CA ASP NA 121 -85.60 -8.78 0.35
C ASP NA 121 -86.44 -10.06 0.22
N ASN NA 122 -86.10 -11.05 1.03
CA ASN NA 122 -86.91 -12.25 1.10
C ASN NA 122 -88.31 -11.89 1.60
N PRO NA 123 -89.37 -12.52 1.06
CA PRO NA 123 -90.72 -12.27 1.53
C PRO NA 123 -90.91 -12.75 2.98
N ALA OA 1 -74.25 3.06 -43.39
CA ALA OA 1 -74.16 2.55 -44.76
C ALA OA 1 -72.89 1.74 -44.94
N SER OA 2 -73.04 0.47 -45.34
CA SER OA 2 -71.89 -0.36 -45.66
C SER OA 2 -71.07 0.32 -46.75
N LEU OA 3 -69.76 0.40 -46.53
CA LEU OA 3 -68.90 1.07 -47.49
C LEU OA 3 -68.62 0.17 -48.68
N PRO OA 4 -68.52 0.72 -49.89
CA PRO OA 4 -68.18 -0.10 -51.06
C PRO OA 4 -66.70 -0.44 -51.07
N VAL OA 5 -66.39 -1.70 -51.39
CA VAL OA 5 -65.02 -2.19 -51.33
C VAL OA 5 -64.69 -2.99 -52.57
N THR OA 6 -63.41 -3.00 -52.93
CA THR OA 6 -62.86 -3.92 -53.91
C THR OA 6 -61.63 -4.58 -53.32
N GLN OA 7 -61.44 -5.86 -53.62
CA GLN OA 7 -60.32 -6.60 -53.05
C GLN OA 7 -59.01 -6.10 -53.64
N TYR OA 8 -58.15 -5.54 -52.79
CA TYR OA 8 -56.84 -5.03 -53.18
C TYR OA 8 -55.76 -6.11 -53.11
N SER OA 9 -55.55 -6.71 -51.93
CA SER OA 9 -54.64 -7.84 -51.82
C SER OA 9 -55.43 -9.11 -51.57
N PRO OA 10 -55.47 -10.04 -52.53
CA PRO OA 10 -56.37 -11.19 -52.40
C PRO OA 10 -55.79 -12.24 -51.48
N PRO OA 11 -56.60 -13.18 -51.02
CA PRO OA 11 -56.07 -14.23 -50.14
C PRO OA 11 -55.13 -15.15 -50.90
N VAL OA 12 -54.06 -15.52 -50.22
CA VAL OA 12 -52.98 -16.31 -50.80
C VAL OA 12 -52.97 -17.72 -50.23
N THR OA 13 -52.96 -17.83 -48.91
CA THR OA 13 -52.97 -19.07 -48.17
C THR OA 13 -54.07 -19.00 -47.13
N PRO OA 14 -54.50 -20.15 -46.59
CA PRO OA 14 -55.52 -20.12 -45.54
C PRO OA 14 -55.19 -19.21 -44.36
N LEU OA 15 -53.92 -19.14 -43.98
CA LEU OA 15 -53.48 -18.20 -42.95
C LEU OA 15 -52.83 -16.98 -43.60
N GLY OA 16 -52.87 -15.87 -42.89
CA GLY OA 16 -52.29 -14.64 -43.39
C GLY OA 16 -53.25 -13.48 -43.36
N LYS OA 17 -53.16 -12.58 -44.36
CA LYS OA 17 -53.96 -11.37 -44.43
C LYS OA 17 -54.56 -11.22 -45.81
N SER OA 18 -55.77 -10.67 -45.86
CA SER OA 18 -56.43 -10.26 -47.09
C SER OA 18 -56.97 -8.85 -46.87
N THR OA 19 -56.85 -7.99 -47.88
CA THR OA 19 -57.26 -6.60 -47.72
C THR OA 19 -58.17 -6.15 -48.85
N TRP OA 20 -59.19 -5.40 -48.48
CA TRP OA 20 -60.08 -4.69 -49.39
C TRP OA 20 -59.88 -3.18 -49.21
N ASN OA 21 -59.94 -2.46 -50.31
CA ASN OA 21 -59.91 -1.00 -50.28
C ASN OA 21 -61.32 -0.44 -50.48
N VAL OA 22 -61.61 0.63 -49.75
CA VAL OA 22 -62.87 1.36 -49.91
C VAL OA 22 -62.79 2.21 -51.16
N THR OA 23 -63.72 2.02 -52.08
CA THR OA 23 -63.70 2.73 -53.35
C THR OA 23 -64.32 4.11 -53.22
N GLY OA 24 -63.88 5.02 -54.09
CA GLY OA 24 -64.42 6.36 -54.12
C GLY OA 24 -63.91 7.30 -53.06
N SER OA 25 -62.79 6.97 -52.42
CA SER OA 25 -62.26 7.84 -51.38
C SER OA 25 -61.55 9.04 -51.98
N THR OA 26 -61.58 10.15 -51.26
CA THR OA 26 -60.98 11.39 -51.74
C THR OA 26 -59.59 11.63 -51.18
N ASN OA 27 -59.22 10.98 -50.08
CA ASN OA 27 -57.93 11.21 -49.46
C ASN OA 27 -56.83 10.53 -50.28
N PRO OA 28 -55.57 10.88 -50.04
CA PRO OA 28 -54.46 10.29 -50.82
C PRO OA 28 -54.45 8.78 -50.70
N PRO OA 29 -53.81 8.08 -51.66
CA PRO OA 29 -53.94 6.61 -51.69
C PRO OA 29 -53.44 5.91 -50.44
N GLY OA 30 -52.31 6.37 -49.88
CA GLY OA 30 -51.81 5.76 -48.65
C GLY OA 30 -52.77 5.85 -47.49
N LEU OA 31 -53.79 6.72 -47.59
CA LEU OA 31 -54.81 6.86 -46.57
C LEU OA 31 -56.18 6.37 -47.03
N VAL OA 32 -56.21 5.50 -48.04
CA VAL OA 32 -57.48 4.91 -48.47
C VAL OA 32 -58.02 4.01 -47.36
N PRO OA 33 -59.28 4.15 -46.96
CA PRO OA 33 -59.83 3.27 -45.92
C PRO OA 33 -59.71 1.82 -46.33
N GLN OA 34 -59.40 0.96 -45.36
CA GLN OA 34 -59.13 -0.44 -45.64
C GLN OA 34 -59.92 -1.35 -44.72
N VAL OA 35 -60.20 -2.56 -45.22
CA VAL OA 35 -60.73 -3.65 -44.42
C VAL OA 35 -59.76 -4.83 -44.55
N VAL OA 36 -59.32 -5.36 -43.42
CA VAL OA 36 -58.30 -6.40 -43.39
C VAL OA 36 -58.86 -7.60 -42.65
N GLN OA 37 -58.85 -8.76 -43.29
CA GLN OA 37 -59.16 -10.02 -42.63
C GLN OA 37 -57.86 -10.78 -42.37
N THR OA 38 -57.70 -11.26 -41.15
CA THR OA 38 -56.50 -11.95 -40.70
C THR OA 38 -56.88 -13.33 -40.17
N GLU OA 39 -56.11 -14.34 -40.54
CA GLU OA 39 -56.27 -15.68 -39.99
C GLU OA 39 -54.90 -16.14 -39.50
N SER OA 40 -54.69 -16.16 -38.19
CA SER OA 40 -53.37 -16.41 -37.64
C SER OA 40 -53.39 -17.50 -36.60
N ILE OA 41 -52.29 -18.27 -36.51
CA ILE OA 41 -52.19 -19.35 -35.54
C ILE OA 41 -51.50 -18.84 -34.29
N ASN OA 42 -51.90 -19.40 -33.16
CA ASN OA 42 -51.26 -19.09 -31.89
C ASN OA 42 -49.87 -19.72 -31.84
N ALA OA 43 -49.06 -19.24 -30.89
CA ALA OA 43 -47.72 -19.81 -30.72
C ALA OA 43 -47.79 -21.29 -30.38
N ARG OA 44 -48.57 -21.65 -29.37
CA ARG OA 44 -48.74 -23.05 -29.01
C ARG OA 44 -49.66 -23.80 -29.96
N LYS OA 45 -50.15 -23.14 -31.02
CA LYS OA 45 -51.04 -23.76 -32.00
C LYS OA 45 -52.32 -24.30 -31.38
N SER OA 46 -52.78 -23.66 -30.31
CA SER OA 46 -54.04 -24.04 -29.69
C SER OA 46 -55.23 -23.32 -30.31
N ASN OA 47 -55.06 -22.06 -30.71
CA ASN OA 47 -56.14 -21.28 -31.29
C ASN OA 47 -55.76 -20.79 -32.68
N ILE OA 48 -56.77 -20.64 -33.53
CA ILE OA 48 -56.66 -19.80 -34.72
C ILE OA 48 -57.51 -18.56 -34.47
N MET OA 49 -56.89 -17.40 -34.62
CA MET OA 49 -57.58 -16.13 -34.48
C MET OA 49 -58.09 -15.69 -35.84
N SER OA 50 -59.41 -15.50 -35.95
CA SER OA 50 -60.03 -14.88 -37.11
C SER OA 50 -60.34 -13.43 -36.76
N LYS OA 51 -59.77 -12.50 -37.52
CA LYS OA 51 -59.91 -11.08 -37.23
C LYS OA 51 -60.41 -10.33 -38.46
N ILE OA 52 -61.24 -9.32 -38.20
CA ILE OA 52 -61.64 -8.34 -39.20
C ILE OA 52 -61.36 -6.95 -38.63
N SER OA 53 -60.74 -6.09 -39.44
CA SER OA 53 -60.35 -4.76 -39.00
C SER OA 53 -60.73 -3.74 -40.06
N VAL OA 54 -61.45 -2.70 -39.65
CA VAL OA 54 -61.82 -1.60 -40.53
C VAL OA 54 -61.09 -0.36 -40.05
N TYR OA 55 -60.19 0.15 -40.89
CA TYR OA 55 -59.46 1.38 -40.63
C TYR OA 55 -59.98 2.44 -41.59
N TYR OA 56 -60.66 3.46 -41.05
CA TYR OA 56 -61.15 4.57 -41.86
C TYR OA 56 -60.38 5.82 -41.45
N TYR OA 57 -59.56 6.33 -42.36
CA TYR OA 57 -58.73 7.49 -42.09
C TYR OA 57 -59.51 8.75 -42.46
N ILE OA 58 -59.70 9.63 -41.49
CA ILE OA 58 -60.54 10.81 -41.65
C ILE OA 58 -59.77 12.05 -41.18
N PRO OA 59 -59.81 13.15 -41.93
CA PRO OA 59 -59.08 14.35 -41.50
C PRO OA 59 -59.71 14.97 -40.27
N SER OA 60 -58.85 15.58 -39.44
CA SER OA 60 -59.31 16.16 -38.18
C SER OA 60 -60.20 17.38 -38.38
N THR OA 61 -60.16 17.99 -39.57
CA THR OA 61 -60.97 19.16 -39.86
C THR OA 61 -61.79 18.92 -41.13
N ASN OA 62 -62.81 19.75 -41.31
CA ASN OA 62 -63.69 19.59 -42.47
C ASN OA 62 -63.01 19.99 -43.76
N SER OA 63 -62.10 20.96 -43.71
CA SER OA 63 -61.39 21.43 -44.89
C SER OA 63 -59.89 21.26 -44.70
N VAL OA 64 -59.15 21.49 -45.79
CA VAL OA 64 -57.70 21.34 -45.74
C VAL OA 64 -57.09 22.54 -45.02
N SER OA 65 -56.20 22.25 -44.07
CA SER OA 65 -55.51 23.30 -43.35
C SER OA 65 -54.12 22.78 -42.97
N CYS OA 66 -53.32 23.69 -42.41
CA CYS OA 66 -51.94 23.33 -42.07
C CYS OA 66 -51.87 22.47 -40.82
N CYS OA 67 -52.81 22.63 -39.90
CA CYS OA 67 -52.89 21.80 -38.69
C CYS OA 67 -53.75 20.56 -38.90
N THR OA 68 -54.13 20.26 -40.14
CA THR OA 68 -54.96 19.09 -40.41
C THR OA 68 -54.20 17.81 -40.10
N GLU OA 69 -54.68 17.07 -39.11
CA GLU OA 69 -54.16 15.76 -38.78
C GLU OA 69 -55.09 14.69 -39.33
N TRP OA 70 -54.66 13.44 -39.20
CA TRP OA 70 -55.41 12.31 -39.72
C TRP OA 70 -55.77 11.39 -38.55
N ASP OA 71 -57.04 11.44 -38.15
CA ASP OA 71 -57.53 10.50 -37.15
C ASP OA 71 -57.94 9.20 -37.84
N THR OA 72 -58.02 8.13 -37.04
CA THR OA 72 -58.39 6.82 -37.54
C THR OA 72 -59.60 6.32 -36.77
N ILE OA 73 -60.69 6.06 -37.47
CA ILE OA 73 -61.82 5.32 -36.92
C ILE OA 73 -61.50 3.83 -37.08
N ARG OA 74 -61.29 3.14 -35.97
CA ARG OA 74 -60.90 1.74 -35.96
C ARG OA 74 -62.05 0.90 -35.42
N CYS OA 75 -62.37 -0.17 -36.14
CA CYS OA 75 -63.35 -1.16 -35.70
C CYS OA 75 -62.74 -2.54 -35.83
N GLU OA 76 -62.60 -3.24 -34.71
CA GLU OA 76 -61.91 -4.52 -34.65
C GLU OA 76 -62.86 -5.62 -34.22
N PHE OA 77 -62.63 -6.83 -34.76
CA PHE OA 77 -63.36 -8.03 -34.41
C PHE OA 77 -62.39 -9.20 -34.41
N SER OA 78 -62.53 -10.06 -33.41
CA SER OA 78 -61.71 -11.26 -33.32
C SER OA 78 -62.55 -12.41 -32.79
N LEU OA 79 -62.20 -13.63 -33.22
CA LEU OA 79 -62.88 -14.84 -32.80
C LEU OA 79 -61.85 -15.96 -32.68
N THR OA 80 -61.95 -16.73 -31.59
CA THR OA 80 -61.02 -17.82 -31.33
C THR OA 80 -61.61 -19.14 -31.81
N LEU OA 81 -60.90 -19.82 -32.71
CA LEU OA 81 -61.25 -21.15 -33.19
C LEU OA 81 -60.32 -22.15 -32.50
N LEU OA 82 -60.85 -22.92 -31.55
CA LEU OA 82 -60.06 -23.91 -30.84
C LEU OA 82 -59.62 -25.01 -31.79
N GLN OA 83 -58.33 -25.36 -31.76
CA GLN OA 83 -57.76 -26.31 -32.70
C GLN OA 83 -57.40 -27.65 -32.09
N LEU OA 84 -57.36 -27.76 -30.75
CA LEU OA 84 -56.88 -28.96 -30.10
C LEU OA 84 -57.88 -29.47 -29.07
N SER OA 85 -59.15 -29.14 -29.22
CA SER OA 85 -60.18 -29.57 -28.29
C SER OA 85 -60.83 -30.86 -28.78
N SER OA 86 -61.03 -31.79 -27.86
CA SER OA 86 -61.74 -33.04 -28.16
C SER OA 86 -63.24 -32.91 -28.03
N ASN OA 87 -63.74 -31.77 -27.53
CA ASN OA 87 -65.17 -31.56 -27.39
C ASN OA 87 -65.79 -31.28 -28.75
N THR OA 88 -66.77 -32.09 -29.13
CA THR OA 88 -67.42 -31.93 -30.43
C THR OA 88 -68.39 -30.76 -30.46
N ASP OA 89 -68.68 -30.14 -29.31
CA ASP OA 89 -69.55 -28.96 -29.29
C ASP OA 89 -68.86 -27.71 -29.79
N VAL OA 90 -67.55 -27.75 -30.04
CA VAL OA 90 -66.79 -26.52 -30.29
C VAL OA 90 -67.32 -25.80 -31.52
N ALA OA 91 -67.63 -26.53 -32.59
CA ALA OA 91 -68.08 -25.88 -33.82
C ALA OA 91 -69.42 -25.17 -33.63
N ALA OA 92 -70.41 -25.90 -33.12
CA ALA OA 92 -71.73 -25.30 -32.91
C ALA OA 92 -71.66 -24.15 -31.91
N ARG OA 93 -70.82 -24.26 -30.88
CA ARG OA 93 -70.73 -23.20 -29.89
C ARG OA 93 -70.01 -21.98 -30.44
N THR OA 94 -68.99 -22.16 -31.29
CA THR OA 94 -68.38 -21.02 -31.95
C THR OA 94 -69.39 -20.32 -32.85
N VAL OA 95 -70.22 -21.09 -33.55
CA VAL OA 95 -71.30 -20.50 -34.35
C VAL OA 95 -72.24 -19.70 -33.45
N ASP OA 96 -72.62 -20.29 -32.32
CA ASP OA 96 -73.52 -19.60 -31.39
C ASP OA 96 -72.88 -18.31 -30.86
N VAL OA 97 -71.58 -18.34 -30.59
CA VAL OA 97 -70.89 -17.16 -30.09
C VAL OA 97 -70.88 -16.06 -31.14
N LEU OA 98 -70.57 -16.41 -32.39
CA LEU OA 98 -70.60 -15.42 -33.47
C LEU OA 98 -72.00 -14.82 -33.63
N ASP OA 99 -73.03 -15.67 -33.54
CA ASP OA 99 -74.39 -15.18 -33.67
C ASP OA 99 -74.76 -14.27 -32.51
N THR OA 100 -74.28 -14.59 -31.30
CA THR OA 100 -74.51 -13.72 -30.16
C THR OA 100 -73.84 -12.37 -30.36
N MET OA 101 -72.63 -12.39 -30.94
CA MET OA 101 -71.93 -11.15 -31.25
C MET OA 101 -72.75 -10.28 -32.19
N ILE OA 102 -73.25 -10.87 -33.28
CA ILE OA 102 -74.04 -10.11 -34.26
C ILE OA 102 -75.33 -9.61 -33.62
N SER OA 103 -75.98 -10.45 -32.81
CA SER OA 103 -77.21 -10.05 -32.14
C SER OA 103 -76.96 -8.88 -31.21
N PHE OA 104 -75.82 -8.87 -30.51
CA PHE OA 104 -75.52 -7.77 -29.60
C PHE OA 104 -75.15 -6.51 -30.35
N LEU OA 105 -74.47 -6.63 -31.50
CA LEU OA 105 -74.23 -5.46 -32.33
C LEU OA 105 -75.54 -4.84 -32.79
N ALA OA 106 -76.55 -5.66 -33.03
CA ALA OA 106 -77.87 -5.10 -33.35
C ALA OA 106 -78.53 -4.52 -32.10
N LYS OA 107 -78.49 -5.26 -30.99
CA LYS OA 107 -79.22 -4.91 -29.78
C LYS OA 107 -78.72 -3.61 -29.16
N ARG OA 108 -77.41 -3.38 -29.20
CA ARG OA 108 -76.78 -2.25 -28.52
C ARG OA 108 -76.20 -1.24 -29.50
N ARG OA 109 -76.80 -1.10 -30.69
CA ARG OA 109 -76.22 -0.24 -31.71
C ARG OA 109 -76.13 1.22 -31.24
N ASN OA 110 -77.21 1.74 -30.67
CA ASN OA 110 -77.19 3.13 -30.22
C ASN OA 110 -76.18 3.34 -29.10
N SER OA 111 -76.14 2.41 -28.14
CA SER OA 111 -75.19 2.51 -27.05
C SER OA 111 -73.75 2.49 -27.56
N ILE OA 112 -73.47 1.59 -28.50
CA ILE OA 112 -72.13 1.47 -29.07
C ILE OA 112 -71.74 2.74 -29.81
N LEU OA 113 -72.68 3.30 -30.57
CA LEU OA 113 -72.37 4.47 -31.38
C LEU OA 113 -72.29 5.74 -30.55
N ALA OA 114 -72.95 5.78 -29.40
CA ALA OA 114 -72.95 6.98 -28.57
C ALA OA 114 -71.96 6.93 -27.42
N GLY OA 115 -71.41 5.76 -27.10
CA GLY OA 115 -70.52 5.67 -25.95
C GLY OA 115 -71.23 5.86 -24.63
N ASN OA 116 -72.43 5.29 -24.51
CA ASN OA 116 -73.26 5.46 -23.31
C ASN OA 116 -73.93 4.12 -23.01
N LEU OA 117 -73.54 3.48 -21.91
CA LEU OA 117 -74.10 2.20 -21.54
C LEU OA 117 -75.58 2.27 -21.17
N LEU OA 118 -76.06 3.46 -20.80
CA LEU OA 118 -77.41 3.57 -20.25
C LEU OA 118 -78.50 3.61 -21.31
N LEU OA 119 -78.15 3.78 -22.58
CA LEU OA 119 -79.17 3.82 -23.62
C LEU OA 119 -79.89 2.47 -23.71
N PRO OA 120 -81.20 2.47 -23.87
CA PRO OA 120 -81.92 1.19 -23.99
C PRO OA 120 -81.54 0.46 -25.27
N ASP OA 121 -81.90 -0.82 -25.30
CA ASP OA 121 -81.68 -1.61 -26.50
C ASP OA 121 -82.33 -0.94 -27.71
N ASN OA 122 -81.70 -1.13 -28.87
CA ASN OA 122 -82.31 -0.66 -30.10
C ASN OA 122 -83.63 -1.39 -30.33
N PRO OA 123 -84.66 -0.69 -30.85
CA PRO OA 123 -85.93 -1.35 -31.16
C PRO OA 123 -85.79 -2.37 -32.28
N ALA PA 1 -80.34 31.12 6.58
CA ALA PA 1 -80.38 32.55 6.80
C ALA PA 1 -79.05 33.21 6.49
N SER PA 2 -79.07 34.17 5.57
CA SER PA 2 -77.88 34.95 5.28
C SER PA 2 -77.38 35.60 6.56
N LEU PA 3 -76.08 35.47 6.82
CA LEU PA 3 -75.52 36.03 8.04
C LEU PA 3 -75.32 37.54 7.90
N PRO PA 4 -75.53 38.31 8.96
CA PRO PA 4 -75.27 39.75 8.90
C PRO PA 4 -73.78 40.04 8.95
N VAL PA 5 -73.33 40.96 8.11
CA VAL PA 5 -71.91 41.25 7.97
C VAL PA 5 -71.68 42.76 7.94
N THR PA 6 -70.50 43.17 8.40
CA THR PA 6 -69.99 44.51 8.20
C THR PA 6 -68.57 44.43 7.65
N GLN PA 7 -68.24 45.33 6.74
CA GLN PA 7 -66.94 45.28 6.09
C GLN PA 7 -65.85 45.65 7.09
N TYR PA 8 -64.95 44.70 7.36
CA TYR PA 8 -63.83 44.87 8.28
C TYR PA 8 -62.59 45.43 7.57
N SER PA 9 -62.09 44.73 6.55
CA SER PA 9 -61.00 45.26 5.75
C SER PA 9 -61.52 45.63 4.37
N PRO PA 10 -61.59 46.91 4.02
CA PRO PA 10 -62.24 47.32 2.78
C PRO PA 10 -61.35 47.08 1.58
N PRO PA 11 -61.90 47.09 0.37
CA PRO PA 11 -61.06 46.90 -0.82
C PRO PA 11 -60.13 48.08 -1.03
N VAL PA 12 -58.92 47.77 -1.41
CA VAL PA 12 -57.85 48.73 -1.56
C VAL PA 12 -57.49 48.95 -3.03
N THR PA 13 -57.25 47.87 -3.75
CA THR PA 13 -56.92 47.85 -5.16
C THR PA 13 -57.81 46.83 -5.85
N PRO PA 14 -57.95 46.91 -7.18
CA PRO PA 14 -58.76 45.91 -7.88
C PRO PA 14 -58.38 44.46 -7.59
N LEU PA 15 -57.10 44.19 -7.41
CA LEU PA 15 -56.64 42.87 -7.00
C LEU PA 15 -56.32 42.87 -5.52
N GLY PA 16 -56.41 41.69 -4.90
CA GLY PA 16 -56.14 41.56 -3.49
C GLY PA 16 -57.26 40.88 -2.73
N LYS PA 17 -57.48 41.31 -1.49
CA LYS PA 17 -58.47 40.70 -0.60
C LYS PA 17 -59.32 41.78 0.04
N SER PA 18 -60.60 41.46 0.26
CA SER PA 18 -61.51 42.26 1.05
C SER PA 18 -62.22 41.33 2.02
N THR PA 19 -62.44 41.78 3.25
CA THR PA 19 -63.02 40.92 4.27
C THR PA 19 -64.18 41.61 4.99
N TRP PA 20 -65.24 40.83 5.21
CA TRP PA 20 -66.37 41.21 6.04
C TRP PA 20 -66.39 40.30 7.28
N ASN PA 21 -66.76 40.89 8.42
CA ASN PA 21 -66.96 40.13 9.64
C ASN PA 21 -68.44 39.92 9.89
N VAL PA 22 -68.78 38.73 10.39
CA VAL PA 22 -70.14 38.42 10.79
C VAL PA 22 -70.42 39.08 12.14
N THR PA 23 -71.46 39.90 12.19
CA THR PA 23 -71.77 40.64 13.40
C THR PA 23 -72.58 39.80 14.38
N GLY PA 24 -72.45 40.12 15.66
CA GLY PA 24 -73.20 39.45 16.71
C GLY PA 24 -72.67 38.10 17.10
N SER PA 25 -71.42 37.79 16.79
CA SER PA 25 -70.87 36.50 17.14
C SER PA 25 -70.48 36.48 18.62
N THR PA 26 -70.56 35.29 19.22
CA THR PA 26 -70.26 35.12 20.63
C THR PA 26 -68.85 34.62 20.90
N ASN PA 27 -68.19 34.03 19.91
CA ASN PA 27 -66.87 33.47 20.10
C ASN PA 27 -65.83 34.61 20.15
N PRO PA 28 -64.61 34.31 20.63
CA PRO PA 28 -63.59 35.37 20.74
C PRO PA 28 -63.31 36.02 19.41
N PRO PA 29 -62.74 37.23 19.41
CA PRO PA 29 -62.64 37.99 18.14
C PRO PA 29 -61.82 37.29 17.07
N GLY PA 30 -60.70 36.66 17.45
CA GLY PA 30 -59.90 35.94 16.47
C GLY PA 30 -60.65 34.82 15.78
N LEU PA 31 -61.79 34.41 16.33
CA LEU PA 31 -62.63 33.38 15.74
C LEU PA 31 -63.96 33.93 15.23
N VAL PA 32 -64.02 35.23 14.96
CA VAL PA 32 -65.23 35.80 14.37
C VAL PA 32 -65.41 35.24 12.96
N PRO PA 33 -66.59 34.74 12.60
CA PRO PA 33 -66.79 34.24 11.24
C PRO PA 33 -66.53 35.33 10.21
N GLN PA 34 -65.91 34.94 9.10
CA GLN PA 34 -65.47 35.91 8.10
C GLN PA 34 -65.93 35.50 6.71
N VAL PA 35 -66.09 36.52 5.86
CA VAL PA 35 -66.29 36.34 4.42
C VAL PA 35 -65.19 37.11 3.71
N VAL PA 36 -64.46 36.44 2.82
CA VAL PA 36 -63.30 37.00 2.15
C VAL PA 36 -63.53 36.91 0.65
N GLN PA 37 -63.44 38.05 -0.03
CA GLN PA 37 -63.42 38.09 -1.49
C GLN PA 37 -61.99 38.34 -1.96
N THR PA 38 -61.54 37.53 -2.92
CA THR PA 38 -60.18 37.58 -3.44
C THR PA 38 -60.24 37.78 -4.95
N GLU PA 39 -59.39 38.67 -5.46
CA GLU PA 39 -59.23 38.84 -6.91
C GLU PA 39 -57.74 38.76 -7.20
N SER PA 40 -57.31 37.64 -7.79
CA SER PA 40 -55.88 37.40 -7.96
C SER PA 40 -55.55 37.04 -9.41
N ILE PA 41 -54.34 37.43 -9.83
CA ILE PA 41 -53.90 37.14 -11.20
C ILE PA 41 -53.09 35.86 -11.19
N ASN PA 42 -53.19 35.12 -12.30
CA ASN PA 42 -52.40 33.93 -12.49
C ASN PA 42 -50.93 34.30 -12.73
N ALA PA 43 -50.06 33.31 -12.59
CA ALA PA 43 -48.64 33.54 -12.84
C ALA PA 43 -48.41 33.98 -14.29
N ARG PA 44 -48.92 33.23 -15.25
CA ARG PA 44 -48.80 33.61 -16.65
C ARG PA 44 -49.74 34.73 -17.05
N LYS PA 45 -50.51 35.28 -16.10
CA LYS PA 45 -51.45 36.38 -16.36
C LYS PA 45 -52.49 36.00 -17.41
N SER PA 46 -52.85 34.72 -17.46
CA SER PA 46 -53.90 34.28 -18.37
C SER PA 46 -55.29 34.38 -17.74
N ASN PA 47 -55.40 34.12 -16.43
CA ASN PA 47 -56.68 34.14 -15.74
C ASN PA 47 -56.63 35.12 -14.58
N ILE PA 48 -57.78 35.71 -14.28
CA ILE PA 48 -58.02 36.33 -12.98
C ILE PA 48 -59.00 35.44 -12.24
N MET PA 49 -58.62 35.03 -11.03
CA MET PA 49 -59.46 34.22 -10.19
C MET PA 49 -60.27 35.14 -9.28
N SER PA 50 -61.60 35.04 -9.36
CA SER PA 50 -62.50 35.68 -8.43
C SER PA 50 -62.99 34.65 -7.43
N LYS PA 51 -62.71 34.87 -6.15
CA LYS PA 51 -63.03 33.90 -5.11
C LYS PA 51 -63.85 34.55 -4.01
N ILE PA 52 -64.79 33.77 -3.45
CA ILE PA 52 -65.50 34.11 -2.23
C ILE PA 52 -65.34 32.95 -1.26
N SER PA 53 -65.04 33.25 0.00
CA SER PA 53 -64.79 32.24 1.00
C SER PA 53 -65.52 32.62 2.29
N VAL PA 54 -66.30 31.69 2.82
CA VAL PA 54 -67.00 31.88 4.08
C VAL PA 54 -66.40 30.90 5.07
N TYR PA 55 -65.76 31.43 6.12
CA TYR PA 55 -65.20 30.66 7.20
C TYR PA 55 -66.05 30.92 8.45
N TYR PA 56 -66.79 29.89 8.89
CA TYR PA 56 -67.59 29.99 10.12
C TYR PA 56 -66.96 29.07 11.17
N TYR PA 57 -66.40 29.67 12.22
CA TYR PA 57 -65.74 28.91 13.27
C TYR PA 57 -66.77 28.54 14.34
N ILE PA 58 -66.92 27.25 14.58
CA ILE PA 58 -67.96 26.73 15.48
C ILE PA 58 -67.32 25.77 16.47
N PRO PA 59 -67.67 25.87 17.76
CA PRO PA 59 -67.08 24.95 18.74
C PRO PA 59 -67.58 23.53 18.55
N SER PA 60 -66.70 22.57 18.86
CA SER PA 60 -67.01 21.16 18.66
C SER PA 60 -68.11 20.67 19.60
N THR PA 61 -68.38 21.39 20.68
CA THR PA 61 -69.41 21.00 21.63
C THR PA 61 -70.39 22.15 21.83
N ASN PA 62 -71.56 21.82 22.40
CA ASN PA 62 -72.59 22.83 22.60
C ASN PA 62 -72.21 23.81 23.72
N SER PA 63 -71.48 23.34 24.73
CA SER PA 63 -71.07 24.17 25.85
C SER PA 63 -69.55 24.21 25.95
N VAL PA 64 -69.07 25.09 26.83
CA VAL PA 64 -67.62 25.23 27.02
C VAL PA 64 -67.10 24.05 27.83
N SER PA 65 -66.02 23.44 27.34
CA SER PA 65 -65.39 22.33 28.05
C SER PA 65 -63.89 22.36 27.74
N CYS PA 66 -63.16 21.49 28.43
CA CYS PA 66 -61.71 21.49 28.28
C CYS PA 66 -61.27 20.85 26.97
N CYS PA 67 -62.05 19.89 26.46
CA CYS PA 67 -61.78 19.26 25.17
C CYS PA 67 -62.45 19.99 24.01
N THR PA 68 -62.99 21.19 24.25
CA THR PA 68 -63.66 21.94 23.21
C THR PA 68 -62.67 22.37 22.14
N GLU PA 69 -62.83 21.85 20.93
CA GLU PA 69 -62.06 22.26 19.77
C GLU PA 69 -62.88 23.20 18.91
N TRP PA 70 -62.24 23.75 17.89
CA TRP PA 70 -62.89 24.70 16.99
C TRP PA 70 -62.88 24.12 15.58
N ASP PA 71 -64.04 23.66 15.13
CA ASP PA 71 -64.20 23.23 13.76
C ASP PA 71 -64.51 24.44 12.88
N THR PA 72 -64.27 24.29 11.59
CA THR PA 72 -64.51 25.35 10.62
C THR PA 72 -65.45 24.84 9.55
N ILE PA 73 -66.60 25.50 9.41
CA ILE PA 73 -67.48 25.30 8.26
C ILE PA 73 -66.95 26.21 7.15
N ARG PA 74 -66.44 25.60 6.08
CA ARG PA 74 -65.84 26.33 4.96
C ARG PA 74 -66.72 26.20 3.74
N CYS PA 75 -66.99 27.34 3.10
CA CYS PA 75 -67.71 27.38 1.83
C CYS PA 75 -66.91 28.23 0.86
N GLU PA 76 -66.46 27.62 -0.24
CA GLU PA 76 -65.58 28.25 -1.20
C GLU PA 76 -66.25 28.36 -2.56
N PHE PA 77 -65.93 29.44 -3.27
CA PHE PA 77 -66.38 29.70 -4.63
C PHE PA 77 -65.25 30.35 -5.41
N SER PA 78 -65.07 29.90 -6.65
CA SER PA 78 -64.05 30.48 -7.52
C SER PA 78 -64.59 30.54 -8.94
N LEU PA 79 -64.13 31.55 -9.70
CA LEU PA 79 -64.52 31.74 -11.08
C LEU PA 79 -63.32 32.26 -11.85
N THR PA 80 -63.10 31.69 -13.05
CA THR PA 80 -61.98 32.09 -13.90
C THR PA 80 -62.42 33.12 -14.92
N LEU PA 81 -61.78 34.29 -14.91
CA LEU PA 81 -61.98 35.34 -15.90
C LEU PA 81 -60.80 35.31 -16.86
N LEU PA 82 -61.03 34.84 -18.09
CA LEU PA 82 -59.97 34.78 -19.08
C LEU PA 82 -59.55 36.19 -19.47
N GLN PA 83 -58.23 36.42 -19.48
CA GLN PA 83 -57.68 37.75 -19.72
C GLN PA 83 -57.00 37.92 -21.08
N LEU PA 84 -56.72 36.82 -21.78
CA LEU PA 84 -55.94 36.89 -23.02
C LEU PA 84 -56.65 36.19 -24.16
N SER PA 85 -57.96 36.06 -24.10
CA SER PA 85 -58.73 35.39 -25.14
C SER PA 85 -59.24 36.42 -26.15
N SER PA 86 -59.12 36.08 -27.43
CA SER PA 86 -59.66 36.91 -28.51
C SER PA 86 -61.12 36.61 -28.80
N ASN PA 87 -61.69 35.58 -28.18
CA ASN PA 87 -63.09 35.24 -28.39
C ASN PA 87 -63.97 36.24 -27.65
N THR PA 88 -64.87 36.90 -28.39
CA THR PA 88 -65.75 37.89 -27.78
C THR PA 88 -66.89 37.26 -26.99
N ASP PA 89 -67.07 35.94 -27.07
CA ASP PA 89 -68.10 35.27 -26.29
C ASP PA 89 -67.72 35.12 -24.81
N VAL PA 90 -66.48 35.46 -24.44
CA VAL PA 90 -65.99 35.12 -23.11
C VAL PA 90 -66.84 35.77 -22.02
N ALA PA 91 -67.22 37.04 -22.21
CA ALA PA 91 -67.96 37.75 -21.17
C ALA PA 91 -69.35 37.12 -20.98
N ALA PA 92 -70.10 36.98 -22.06
CA ALA PA 92 -71.44 36.40 -21.96
C ALA PA 92 -71.39 34.98 -21.43
N ARG PA 93 -70.37 34.21 -21.82
CA ARG PA 93 -70.29 32.83 -21.37
C ARG PA 93 -69.87 32.74 -19.90
N THR PA 94 -69.00 33.64 -19.42
CA THR PA 94 -68.71 33.68 -18.00
C THR PA 94 -69.97 34.04 -17.20
N VAL PA 95 -70.77 34.97 -17.73
CA VAL PA 95 -72.05 35.28 -17.09
C VAL PA 95 -72.94 34.04 -17.05
N ASP PA 96 -73.01 33.31 -18.17
CA ASP PA 96 -73.83 32.11 -18.22
C ASP PA 96 -73.34 31.06 -17.23
N VAL PA 97 -72.02 30.94 -17.08
CA VAL PA 97 -71.45 29.97 -16.16
C VAL PA 97 -71.80 30.33 -14.73
N LEU PA 98 -71.66 31.61 -14.36
CA LEU PA 98 -72.04 32.03 -13.01
C LEU PA 98 -73.53 31.78 -12.75
N ASP PA 99 -74.38 32.04 -13.75
CA ASP PA 99 -75.81 31.81 -13.57
C ASP PA 99 -76.10 30.33 -13.43
N THR PA 100 -75.37 29.48 -14.18
CA THR PA 100 -75.54 28.04 -14.03
C THR PA 100 -75.13 27.59 -12.63
N MET PA 101 -74.06 28.20 -12.09
CA MET PA 101 -73.63 27.90 -10.73
C MET PA 101 -74.74 28.21 -9.73
N ILE PA 102 -75.32 29.42 -9.83
CA ILE PA 102 -76.38 29.81 -8.91
C ILE PA 102 -77.61 28.91 -9.07
N SER PA 103 -77.96 28.60 -10.31
CA SER PA 103 -79.09 27.72 -10.57
C SER PA 103 -78.87 26.35 -9.95
N PHE PA 104 -77.65 25.83 -10.03
CA PHE PA 104 -77.38 24.52 -9.46
C PHE PA 104 -77.35 24.56 -7.93
N LEU PA 105 -76.88 25.66 -7.36
CA LEU PA 105 -76.98 25.82 -5.90
C LEU PA 105 -78.43 25.80 -5.45
N ALA PA 106 -79.33 26.35 -6.27
CA ALA PA 106 -80.75 26.24 -5.95
C ALA PA 106 -81.27 24.82 -6.19
N LYS PA 107 -80.91 24.24 -7.33
CA LYS PA 107 -81.46 22.97 -7.78
C LYS PA 107 -81.08 21.83 -6.85
N ARG PA 108 -79.85 21.85 -6.34
CA ARG PA 108 -79.31 20.74 -5.55
C ARG PA 108 -79.07 21.12 -4.09
N ARG PA 109 -79.89 22.03 -3.55
CA ARG PA 109 -79.64 22.53 -2.20
C ARG PA 109 -79.70 21.40 -1.17
N ASN PA 110 -80.74 20.57 -1.24
CA ASN PA 110 -80.87 19.49 -0.26
C ASN PA 110 -79.73 18.49 -0.39
N SER PA 111 -79.37 18.13 -1.62
CA SER PA 111 -78.26 17.20 -1.83
C SER PA 111 -76.96 17.77 -1.28
N ILE PA 112 -76.70 19.05 -1.55
CA ILE PA 112 -75.48 19.69 -1.07
C ILE PA 112 -75.45 19.72 0.45
N LEU PA 113 -76.59 20.04 1.08
CA LEU PA 113 -76.61 20.17 2.53
C LEU PA 113 -76.60 18.83 3.24
N ALA PA 114 -77.04 17.76 2.57
CA ALA PA 114 -77.09 16.45 3.19
C ALA PA 114 -75.91 15.55 2.84
N GLY PA 115 -75.13 15.90 1.82
CA GLY PA 115 -74.05 15.02 1.40
C GLY PA 115 -74.55 13.74 0.77
N ASN PA 116 -75.59 13.82 -0.04
CA ASN PA 116 -76.21 12.65 -0.65
C ASN PA 116 -76.60 13.01 -2.09
N LEU PA 117 -75.92 12.40 -3.06
CA LEU PA 117 -76.19 12.68 -4.47
C LEU PA 117 -77.57 12.21 -4.90
N LEU PA 118 -78.18 11.27 -4.19
CA LEU PA 118 -79.40 10.64 -4.64
C LEU PA 118 -80.66 11.46 -4.36
N LEU PA 119 -80.56 12.50 -3.55
CA LEU PA 119 -81.75 13.30 -3.25
C LEU PA 119 -82.23 13.99 -4.51
N PRO PA 120 -83.54 14.05 -4.74
CA PRO PA 120 -84.06 14.73 -5.93
C PRO PA 120 -83.79 16.22 -5.87
N ASP PA 121 -83.94 16.87 -7.02
CA ASP PA 121 -83.81 18.32 -7.08
C ASP PA 121 -84.75 18.98 -6.08
N ASN PA 122 -84.32 20.11 -5.55
CA ASN PA 122 -85.20 20.90 -4.71
C ASN PA 122 -86.41 21.37 -5.52
N PRO PA 123 -87.61 21.39 -4.93
CA PRO PA 123 -88.80 21.89 -5.62
C PRO PA 123 -88.69 23.38 -5.93
N ALA QA 1 -42.22 -72.74 -17.65
CA ALA QA 1 -42.24 -73.08 -19.06
C ALA QA 1 -41.22 -72.28 -19.84
N SER QA 2 -40.31 -72.99 -20.51
CA SER QA 2 -39.36 -72.33 -21.38
C SER QA 2 -40.09 -71.50 -22.43
N LEU QA 3 -39.69 -70.26 -22.59
CA LEU QA 3 -40.36 -69.37 -23.53
C LEU QA 3 -39.93 -69.68 -24.96
N PRO QA 4 -40.83 -69.58 -25.92
CA PRO QA 4 -40.45 -69.80 -27.32
C PRO QA 4 -39.71 -68.59 -27.87
N VAL QA 5 -38.63 -68.86 -28.62
CA VAL QA 5 -37.75 -67.80 -29.11
C VAL QA 5 -37.41 -68.04 -30.57
N THR QA 6 -37.15 -66.94 -31.28
CA THR QA 6 -36.53 -66.98 -32.59
C THR QA 6 -35.37 -66.01 -32.62
N GLN QA 7 -34.29 -66.39 -33.30
CA GLN QA 7 -33.09 -65.57 -33.32
C GLN QA 7 -33.34 -64.30 -34.12
N TYR QA 8 -33.24 -63.16 -33.43
CA TYR QA 8 -33.44 -61.84 -34.02
C TYR QA 8 -32.13 -61.27 -34.59
N SER QA 9 -31.11 -61.12 -33.76
CA SER QA 9 -29.79 -60.71 -34.24
C SER QA 9 -28.83 -61.88 -34.15
N PRO QA 10 -28.40 -62.45 -35.27
CA PRO QA 10 -27.62 -63.69 -35.22
C PRO QA 10 -26.17 -63.42 -34.86
N PRO QA 11 -25.42 -64.44 -34.45
CA PRO QA 11 -24.01 -64.23 -34.11
C PRO QA 11 -23.20 -63.86 -35.34
N VAL QA 12 -22.29 -62.92 -35.14
CA VAL QA 12 -21.50 -62.35 -36.22
C VAL QA 12 -20.04 -62.80 -36.11
N THR QA 13 -19.45 -62.61 -34.94
CA THR QA 13 -18.09 -62.97 -34.62
C THR QA 13 -18.09 -63.77 -33.32
N PRO QA 14 -17.02 -64.50 -33.03
CA PRO QA 14 -16.97 -65.24 -31.75
C PRO QA 14 -17.22 -64.38 -30.52
N LEU QA 15 -16.76 -63.14 -30.53
CA LEU QA 15 -17.06 -62.20 -29.46
C LEU QA 15 -18.17 -61.24 -29.89
N GLY QA 16 -18.89 -60.72 -28.91
CA GLY QA 16 -19.98 -59.80 -29.20
C GLY QA 16 -21.28 -60.21 -28.55
N LYS QA 17 -22.39 -59.95 -29.24
CA LYS QA 17 -23.73 -60.21 -28.72
C LYS QA 17 -24.57 -60.94 -29.76
N SER QA 18 -25.43 -61.83 -29.29
CA SER QA 18 -26.46 -62.46 -30.10
C SER QA 18 -27.77 -62.36 -29.34
N THR QA 19 -28.88 -62.10 -30.04
CA THR QA 19 -30.15 -61.89 -29.38
C THR QA 19 -31.26 -62.73 -30.02
N TRP QA 20 -32.09 -63.31 -29.15
CA TRP QA 20 -33.32 -63.98 -29.52
C TRP QA 20 -34.50 -63.19 -28.99
N ASN QA 21 -35.58 -63.15 -29.76
CA ASN QA 21 -36.83 -62.54 -29.33
C ASN QA 21 -37.83 -63.62 -28.93
N VAL QA 22 -38.57 -63.35 -27.87
CA VAL QA 22 -39.66 -64.23 -27.43
C VAL QA 22 -40.85 -64.03 -28.37
N THR QA 23 -41.32 -65.11 -28.97
CA THR QA 23 -42.39 -65.03 -29.94
C THR QA 23 -43.75 -65.03 -29.24
N GLY QA 24 -44.73 -64.42 -29.91
CA GLY QA 24 -46.09 -64.39 -29.40
C GLY QA 24 -46.36 -63.38 -28.31
N SER QA 25 -45.49 -62.39 -28.15
CA SER QA 25 -45.69 -61.40 -27.11
C SER QA 25 -46.75 -60.39 -27.53
N THR QA 26 -47.47 -59.86 -26.54
CA THR QA 26 -48.55 -58.91 -26.81
C THR QA 26 -48.13 -57.46 -26.64
N ASN QA 27 -47.03 -57.20 -25.94
CA ASN QA 27 -46.59 -55.83 -25.69
C ASN QA 27 -45.95 -55.24 -26.95
N PRO QA 28 -45.80 -53.93 -27.02
CA PRO QA 28 -45.23 -53.29 -28.23
C PRO QA 28 -43.86 -53.85 -28.55
N PRO QA 29 -43.40 -53.71 -29.80
CA PRO QA 29 -42.17 -54.41 -30.21
C PRO QA 29 -40.95 -54.01 -29.42
N GLY QA 30 -40.78 -52.72 -29.11
CA GLY QA 30 -39.64 -52.29 -28.31
C GLY QA 30 -39.59 -52.93 -26.94
N LEU QA 31 -40.70 -53.52 -26.49
CA LEU QA 31 -40.75 -54.22 -25.21
C LEU QA 31 -40.91 -55.73 -25.38
N VAL QA 32 -40.53 -56.27 -26.53
CA VAL QA 32 -40.57 -57.72 -26.71
C VAL QA 32 -39.53 -58.36 -25.79
N PRO QA 33 -39.90 -59.38 -25.02
CA PRO QA 33 -38.91 -60.04 -24.16
C PRO QA 33 -37.75 -60.58 -24.98
N GLN QA 34 -36.54 -60.46 -24.43
CA GLN QA 34 -35.33 -60.82 -25.17
C GLN QA 34 -34.44 -61.73 -24.35
N VAL QA 35 -33.66 -62.54 -25.07
CA VAL QA 35 -32.56 -63.32 -24.50
C VAL QA 35 -31.29 -62.93 -25.24
N VAL QA 36 -30.27 -62.53 -24.50
CA VAL QA 36 -29.03 -62.01 -25.06
C VAL QA 36 -27.87 -62.87 -24.56
N GLN QA 37 -27.10 -63.42 -25.48
CA GLN QA 37 -25.84 -64.08 -25.15
C GLN QA 37 -24.68 -63.16 -25.51
N THR QA 38 -23.75 -63.00 -24.58
CA THR QA 38 -22.61 -62.10 -24.74
C THR QA 38 -21.33 -62.88 -24.52
N GLU QA 39 -20.34 -62.66 -25.39
CA GLU QA 39 -19.01 -63.22 -25.22
C GLU QA 39 -18.00 -62.09 -25.31
N SER QA 40 -17.44 -61.68 -24.17
CA SER QA 40 -16.61 -60.48 -24.15
C SER QA 40 -15.25 -60.76 -23.49
N ILE QA 41 -14.23 -60.05 -23.96
CA ILE QA 41 -12.88 -60.22 -23.41
C ILE QA 41 -12.65 -59.17 -22.34
N ASN QA 42 -11.86 -59.56 -21.34
CA ASN QA 42 -11.46 -58.64 -20.29
C ASN QA 42 -10.46 -57.63 -20.84
N ALA QA 43 -10.27 -56.55 -20.07
CA ALA QA 43 -9.31 -55.52 -20.48
C ALA QA 43 -7.91 -56.11 -20.57
N ARG QA 44 -7.45 -56.79 -19.52
CA ARG QA 44 -6.14 -57.43 -19.54
C ARG QA 44 -6.13 -58.71 -20.35
N LYS QA 45 -7.25 -59.08 -20.97
CA LYS QA 45 -7.35 -60.30 -21.79
C LYS QA 45 -7.04 -61.55 -20.98
N SER QA 46 -7.35 -61.53 -19.70
CA SER QA 46 -7.17 -62.71 -18.86
C SER QA 46 -8.39 -63.62 -18.88
N ASN QA 47 -9.59 -63.04 -18.94
CA ASN QA 47 -10.83 -63.81 -18.91
C ASN QA 47 -11.66 -63.51 -20.15
N ILE QA 48 -12.42 -64.51 -20.59
CA ILE QA 48 -13.56 -64.29 -21.47
C ILE QA 48 -14.81 -64.52 -20.64
N MET QA 49 -15.70 -63.55 -20.63
CA MET QA 49 -16.97 -63.64 -19.92
C MET QA 49 -18.02 -64.16 -20.90
N SER QA 50 -18.64 -65.29 -20.55
CA SER QA 50 -19.79 -65.82 -21.25
C SER QA 50 -21.03 -65.48 -20.42
N LYS QA 51 -21.95 -64.72 -21.02
CA LYS QA 51 -23.13 -64.25 -20.30
C LYS QA 51 -24.40 -64.62 -21.06
N ILE QA 52 -25.44 -64.93 -20.29
CA ILE QA 52 -26.80 -65.07 -20.82
C ILE QA 52 -27.71 -64.17 -19.98
N SER QA 53 -28.59 -63.43 -20.65
CA SER QA 53 -29.46 -62.47 -19.99
C SER QA 53 -30.86 -62.60 -20.54
N VAL QA 54 -31.84 -62.77 -19.66
CA VAL QA 54 -33.24 -62.83 -20.05
C VAL QA 54 -33.92 -61.60 -19.48
N TYR QA 55 -34.41 -60.73 -20.36
CA TYR QA 55 -35.16 -59.53 -19.99
C TYR QA 55 -36.60 -59.77 -20.41
N TYR QA 56 -37.50 -59.89 -19.42
CA TYR QA 56 -38.94 -60.03 -19.69
C TYR QA 56 -39.63 -58.78 -19.19
N TYR QA 57 -40.18 -58.00 -20.13
CA TYR QA 57 -40.84 -56.75 -19.79
C TYR QA 57 -42.31 -57.02 -19.53
N ILE QA 58 -42.78 -56.67 -18.34
CA ILE QA 58 -44.13 -57.00 -17.91
C ILE QA 58 -44.80 -55.75 -17.36
N PRO QA 59 -46.05 -55.47 -17.71
CA PRO QA 59 -46.71 -54.28 -17.20
C PRO QA 59 -47.00 -54.39 -15.71
N SER QA 60 -46.96 -53.23 -15.03
CA SER QA 60 -47.13 -53.21 -13.58
C SER QA 60 -48.55 -53.56 -13.17
N THR QA 61 -49.52 -53.49 -14.07
CA THR QA 61 -50.90 -53.82 -13.78
C THR QA 61 -51.41 -54.88 -14.75
N ASN QA 62 -52.52 -55.50 -14.38
CA ASN QA 62 -53.08 -56.57 -15.21
C ASN QA 62 -53.71 -56.01 -16.48
N SER QA 63 -54.26 -54.79 -16.43
CA SER QA 63 -54.90 -54.17 -17.58
C SER QA 63 -54.21 -52.86 -17.91
N VAL QA 64 -54.59 -52.28 -19.05
CA VAL QA 64 -54.00 -51.02 -19.48
C VAL QA 64 -54.59 -49.88 -18.66
N SER QA 65 -53.71 -49.02 -18.14
CA SER QA 65 -54.14 -47.86 -17.38
C SER QA 65 -53.12 -46.74 -17.59
N CYS QA 66 -53.46 -45.57 -17.06
CA CYS QA 66 -52.59 -44.41 -17.27
C CYS QA 66 -51.35 -44.46 -16.41
N CYS QA 67 -51.43 -45.10 -15.24
CA CYS QA 67 -50.29 -45.28 -14.36
C CYS QA 67 -49.54 -46.58 -14.64
N THR QA 68 -49.85 -47.25 -15.74
CA THR QA 68 -49.20 -48.50 -16.07
C THR QA 68 -47.73 -48.27 -16.38
N GLU QA 69 -46.85 -48.82 -15.54
CA GLU QA 69 -45.42 -48.80 -15.77
C GLU QA 69 -44.97 -50.16 -16.30
N TRP QA 70 -43.70 -50.24 -16.68
CA TRP QA 70 -43.14 -51.46 -17.24
C TRP QA 70 -42.01 -51.94 -16.33
N ASP QA 71 -42.28 -53.00 -15.57
CA ASP QA 71 -41.25 -53.63 -14.79
C ASP QA 71 -40.49 -54.63 -15.66
N THR QA 72 -39.29 -54.98 -15.22
CA THR QA 72 -38.44 -55.93 -15.94
C THR QA 72 -38.08 -57.08 -15.02
N ILE QA 73 -38.46 -58.29 -15.41
CA ILE QA 73 -37.94 -59.50 -14.78
C ILE QA 73 -36.61 -59.82 -15.45
N ARG QA 74 -35.53 -59.70 -14.68
CA ARG QA 74 -34.17 -59.90 -15.19
C ARG QA 74 -33.60 -61.18 -14.61
N CYS QA 75 -33.02 -62.02 -15.48
CA CYS QA 75 -32.30 -63.21 -15.07
C CYS QA 75 -30.95 -63.22 -15.77
N GLU QA 76 -29.88 -63.17 -14.98
CA GLU QA 76 -28.52 -63.04 -15.49
C GLU QA 76 -27.69 -64.27 -15.14
N PHE QA 77 -26.78 -64.61 -16.04
CA PHE QA 77 -25.81 -65.69 -15.85
C PHE QA 77 -24.49 -65.27 -16.47
N SER QA 78 -23.40 -65.55 -15.76
CA SER QA 78 -22.06 -65.27 -16.26
C SER QA 78 -21.12 -66.39 -15.86
N LEU QA 79 -20.11 -66.62 -16.70
CA LEU QA 79 -19.10 -67.64 -16.46
C LEU QA 79 -17.76 -67.13 -16.97
N THR QA 80 -16.71 -67.33 -16.16
CA THR QA 80 -15.36 -66.88 -16.52
C THR QA 80 -14.58 -68.01 -17.16
N LEU QA 81 -14.10 -67.78 -18.39
CA LEU QA 81 -13.21 -68.70 -19.09
C LEU QA 81 -11.81 -68.13 -19.02
N LEU QA 82 -10.95 -68.76 -18.23
CA LEU QA 82 -9.56 -68.30 -18.10
C LEU QA 82 -8.82 -68.50 -19.41
N GLN QA 83 -8.11 -67.46 -19.86
CA GLN QA 83 -7.46 -67.49 -21.16
C GLN QA 83 -5.94 -67.57 -21.08
N LEU QA 84 -5.34 -67.36 -19.91
CA LEU QA 84 -3.89 -67.28 -19.80
C LEU QA 84 -3.36 -68.21 -18.71
N SER QA 85 -4.10 -69.25 -18.38
CA SER QA 85 -3.69 -70.19 -17.35
C SER QA 85 -2.95 -71.37 -17.97
N SER QA 86 -1.85 -71.76 -17.35
CA SER QA 86 -1.09 -72.94 -17.76
C SER QA 86 -1.62 -74.23 -17.16
N ASN QA 87 -2.58 -74.13 -16.23
CA ASN QA 87 -3.15 -75.33 -15.62
C ASN QA 87 -4.09 -76.01 -16.60
N THR QA 88 -3.83 -77.28 -16.89
CA THR QA 88 -4.66 -78.03 -17.82
C THR QA 88 -5.99 -78.46 -17.23
N ASP QA 89 -6.20 -78.27 -15.93
CA ASP QA 89 -7.49 -78.59 -15.31
C ASP QA 89 -8.57 -77.57 -15.61
N VAL QA 90 -8.21 -76.44 -16.24
CA VAL QA 90 -9.14 -75.32 -16.35
C VAL QA 90 -10.40 -75.72 -17.10
N ALA QA 91 -10.26 -76.48 -18.19
CA ALA QA 91 -11.42 -76.83 -18.99
C ALA QA 91 -12.38 -77.74 -18.21
N ALA QA 92 -11.86 -78.84 -17.67
CA ALA QA 92 -12.70 -79.75 -16.92
C ALA QA 92 -13.32 -79.07 -15.71
N ARG QA 93 -12.58 -78.19 -15.05
CA ARG QA 93 -13.12 -77.52 -13.87
C ARG QA 93 -14.16 -76.47 -14.22
N THR QA 94 -14.00 -75.78 -15.36
CA THR QA 94 -15.07 -74.89 -15.82
C THR QA 94 -16.33 -75.68 -16.14
N VAL QA 95 -16.17 -76.85 -16.75
CA VAL QA 95 -17.32 -77.73 -16.99
C VAL QA 95 -17.97 -78.11 -15.67
N ASP QA 96 -17.15 -78.49 -14.67
CA ASP QA 96 -17.68 -78.87 -13.37
C ASP QA 96 -18.42 -77.71 -12.72
N VAL QA 97 -17.89 -76.50 -12.86
CA VAL QA 97 -18.51 -75.32 -12.28
C VAL QA 97 -19.87 -75.07 -12.92
N LEU QA 98 -19.94 -75.14 -14.26
CA LEU QA 98 -21.21 -74.96 -14.94
C LEU QA 98 -22.22 -76.02 -14.51
N ASP QA 99 -21.78 -77.28 -14.37
CA ASP QA 99 -22.68 -78.33 -13.94
C ASP QA 99 -23.15 -78.11 -12.51
N THR QA 100 -22.27 -77.60 -11.64
CA THR QA 100 -22.67 -77.26 -10.29
C THR QA 100 -23.71 -76.16 -10.29
N MET QA 101 -23.55 -75.18 -11.18
CA MET QA 101 -24.54 -74.12 -11.31
C MET QA 101 -25.91 -74.68 -11.68
N ILE QA 102 -25.94 -75.55 -12.70
CA ILE QA 102 -27.21 -76.13 -13.13
C ILE QA 102 -27.82 -76.99 -12.02
N SER QA 103 -26.98 -77.77 -11.34
CA SER QA 103 -27.46 -78.60 -10.25
C SER QA 103 -28.06 -77.76 -9.14
N PHE QA 104 -27.45 -76.61 -8.84
CA PHE QA 104 -27.97 -75.75 -7.78
C PHE QA 104 -29.25 -75.05 -8.21
N LEU QA 105 -29.36 -74.69 -9.49
CA LEU QA 105 -30.62 -74.15 -10.00
C LEU QA 105 -31.74 -75.17 -9.84
N ALA QA 106 -31.43 -76.46 -10.00
CA ALA QA 106 -32.43 -77.48 -9.73
C ALA QA 106 -32.69 -77.62 -8.24
N LYS QA 107 -31.61 -77.69 -7.45
CA LYS QA 107 -31.69 -78.01 -6.03
C LYS QA 107 -32.44 -76.95 -5.25
N ARG QA 108 -32.25 -75.67 -5.60
CA ARG QA 108 -32.80 -74.55 -4.85
C ARG QA 108 -33.87 -73.79 -5.62
N ARG QA 109 -34.61 -74.48 -6.49
CA ARG QA 109 -35.57 -73.79 -7.35
C ARG QA 109 -36.63 -73.06 -6.53
N ASN QA 110 -37.22 -73.73 -5.55
CA ASN QA 110 -38.27 -73.10 -4.74
C ASN QA 110 -37.71 -71.91 -3.97
N SER QA 111 -36.53 -72.08 -3.37
CA SER QA 111 -35.92 -70.98 -2.62
C SER QA 111 -35.65 -69.79 -3.53
N ILE QA 112 -35.12 -70.05 -4.72
CA ILE QA 112 -34.81 -68.97 -5.67
C ILE QA 112 -36.08 -68.26 -6.09
N LEU QA 113 -37.16 -69.01 -6.36
CA LEU QA 113 -38.38 -68.42 -6.85
C LEU QA 113 -39.17 -67.71 -5.75
N ALA QA 114 -38.97 -68.09 -4.49
CA ALA QA 114 -39.71 -67.48 -3.40
C ALA QA 114 -38.93 -66.40 -2.65
N GLY QA 115 -37.62 -66.31 -2.86
CA GLY QA 115 -36.83 -65.34 -2.11
C GLY QA 115 -36.73 -65.69 -0.64
N ASN QA 116 -36.56 -66.98 -0.33
CA ASN QA 116 -36.50 -67.45 1.06
C ASN QA 116 -35.43 -68.53 1.14
N LEU QA 117 -34.34 -68.23 1.85
CA LEU QA 117 -33.25 -69.19 2.00
C LEU QA 117 -33.64 -70.42 2.78
N LEU QA 118 -34.68 -70.34 3.61
CA LEU QA 118 -35.00 -71.42 4.54
C LEU QA 118 -35.75 -72.57 3.90
N LEU QA 119 -36.26 -72.41 2.68
CA LEU QA 119 -37.00 -73.49 2.06
C LEU QA 119 -36.08 -74.68 1.81
N PRO QA 120 -36.54 -75.90 2.04
CA PRO QA 120 -35.70 -77.07 1.79
C PRO QA 120 -35.41 -77.22 0.30
N ASP QA 121 -34.42 -78.07 0.01
CA ASP QA 121 -34.10 -78.38 -1.38
C ASP QA 121 -35.34 -78.91 -2.10
N ASN QA 122 -35.41 -78.62 -3.39
CA ASN QA 122 -36.48 -79.20 -4.20
C ASN QA 122 -36.33 -80.72 -4.22
N PRO QA 123 -37.44 -81.46 -4.19
CA PRO QA 123 -37.38 -82.92 -4.28
C PRO QA 123 -36.86 -83.38 -5.64
N ALA RA 1 -32.61 48.37 -63.18
CA ALA RA 1 -32.86 49.76 -62.82
C ALA RA 1 -32.13 50.14 -61.54
N SER RA 2 -31.27 51.16 -61.64
CA SER RA 2 -30.60 51.68 -60.45
C SER RA 2 -31.65 52.12 -59.44
N LEU RA 3 -31.47 51.69 -58.20
CA LEU RA 3 -32.44 52.01 -57.16
C LEU RA 3 -32.25 53.45 -56.68
N PRO RA 4 -33.33 54.16 -56.35
CA PRO RA 4 -33.18 55.52 -55.81
C PRO RA 4 -32.75 55.47 -54.35
N VAL RA 5 -31.81 56.35 -54.00
CA VAL RA 5 -31.21 56.34 -52.67
C VAL RA 5 -31.12 57.76 -52.12
N THR RA 6 -31.17 57.87 -50.80
CA THR RA 6 -30.82 59.08 -50.09
C THR RA 6 -29.83 58.74 -48.98
N GLN RA 7 -28.86 59.62 -48.77
CA GLN RA 7 -27.83 59.36 -47.78
C GLN RA 7 -28.42 59.39 -46.38
N TYR RA 8 -28.37 58.26 -45.68
CA TYR RA 8 -28.87 58.11 -44.32
C TYR RA 8 -27.81 58.45 -43.28
N SER RA 9 -26.67 57.75 -43.29
CA SER RA 9 -25.55 58.10 -42.43
C SER RA 9 -24.42 58.68 -43.26
N PRO RA 10 -24.12 59.96 -43.14
CA PRO RA 10 -23.17 60.60 -44.05
C PRO RA 10 -21.74 60.28 -43.66
N PRO RA 11 -20.78 60.49 -44.56
CA PRO RA 11 -19.38 60.22 -44.21
C PRO RA 11 -18.88 61.20 -43.15
N VAL RA 12 -18.12 60.65 -42.22
CA VAL RA 12 -17.63 61.38 -41.07
C VAL RA 12 -16.13 61.64 -41.17
N THR RA 13 -15.36 60.58 -41.40
CA THR RA 13 -13.93 60.61 -41.56
C THR RA 13 -13.56 59.86 -42.83
N PRO RA 14 -12.35 60.07 -43.36
CA PRO RA 14 -11.95 59.33 -44.57
C PRO RA 14 -12.10 57.82 -44.45
N LEU RA 15 -11.83 57.26 -43.27
CA LEU RA 15 -12.07 55.85 -43.03
C LEU RA 15 -13.37 55.66 -42.26
N GLY RA 16 -13.96 54.48 -42.41
CA GLY RA 16 -15.21 54.19 -41.74
C GLY RA 16 -16.29 53.70 -42.68
N LYS RA 17 -17.55 54.06 -42.39
CA LYS RA 17 -18.70 53.62 -43.16
C LYS RA 17 -19.60 54.80 -43.49
N SER RA 18 -20.21 54.74 -44.67
CA SER RA 18 -21.27 55.66 -45.08
C SER RA 18 -22.41 54.82 -45.64
N THR RA 19 -23.65 55.21 -45.34
CA THR RA 19 -24.80 54.41 -45.75
C THR RA 19 -25.85 55.27 -46.43
N TRP RA 20 -26.41 54.72 -47.51
CA TRP RA 20 -27.57 55.26 -48.20
C TRP RA 20 -28.74 54.30 -48.02
N ASN RA 21 -29.94 54.85 -47.88
CA ASN RA 21 -31.16 54.06 -47.84
C ASN RA 21 -31.88 54.15 -49.17
N VAL RA 22 -32.46 53.02 -49.59
CA VAL RA 22 -33.29 52.98 -50.79
C VAL RA 22 -34.65 53.57 -50.46
N THR RA 23 -35.05 54.58 -51.23
CA THR RA 23 -36.29 55.29 -50.95
C THR RA 23 -37.48 54.56 -51.57
N GLY RA 24 -38.65 54.74 -50.97
CA GLY RA 24 -39.88 54.16 -51.49
C GLY RA 24 -40.08 52.70 -51.17
N SER RA 25 -39.36 52.15 -50.20
CA SER RA 25 -39.51 50.75 -49.87
C SER RA 25 -40.77 50.53 -49.04
N THR RA 26 -41.36 49.35 -49.20
CA THR RA 26 -42.60 49.01 -48.51
C THR RA 26 -42.38 48.20 -47.25
N ASN RA 27 -41.23 47.57 -47.08
CA ASN RA 27 -40.97 46.73 -45.93
C ASN RA 27 -40.68 47.59 -44.70
N PRO RA 28 -40.74 47.02 -43.50
CA PRO RA 28 -40.51 47.81 -42.28
C PRO RA 28 -39.16 48.50 -42.30
N PRO RA 29 -38.98 49.57 -41.51
CA PRO RA 29 -37.76 50.37 -41.64
C PRO RA 29 -36.47 49.61 -41.38
N GLY RA 30 -36.46 48.73 -40.38
CA GLY RA 30 -35.27 47.93 -40.12
C GLY RA 30 -34.86 47.05 -41.28
N LEU RA 31 -35.75 46.85 -42.24
CA LEU RA 31 -35.47 46.06 -43.44
C LEU RA 31 -35.42 46.93 -44.71
N VAL RA 32 -35.19 48.23 -44.56
CA VAL RA 32 -35.03 49.10 -45.73
C VAL RA 32 -33.76 48.71 -46.46
N PRO RA 33 -33.80 48.50 -47.78
CA PRO RA 33 -32.58 48.16 -48.52
C PRO RA 33 -31.54 49.25 -48.35
N GLN RA 34 -30.27 48.83 -48.22
CA GLN RA 34 -29.19 49.74 -47.92
C GLN RA 34 -28.03 49.57 -48.88
N VAL RA 35 -27.29 50.66 -49.08
CA VAL RA 35 -25.99 50.64 -49.75
C VAL RA 35 -24.96 51.21 -48.79
N VAL RA 36 -23.89 50.46 -48.56
CA VAL RA 36 -22.88 50.82 -47.57
C VAL RA 36 -21.52 50.91 -48.28
N GLN RA 37 -20.86 52.05 -48.16
CA GLN RA 37 -19.48 52.19 -48.59
C GLN RA 37 -18.56 52.17 -47.38
N THR RA 38 -17.51 51.38 -47.45
CA THR RA 38 -16.57 51.17 -46.36
C THR RA 38 -15.17 51.49 -46.84
N GLU RA 39 -14.41 52.22 -46.02
CA GLU RA 39 -13.00 52.48 -46.29
C GLU RA 39 -12.22 52.10 -45.04
N SER RA 40 -11.51 50.97 -45.09
CA SER RA 40 -10.89 50.43 -43.88
C SER RA 40 -9.41 50.13 -44.11
N ILE RA 41 -8.61 50.29 -43.05
CA ILE RA 41 -7.18 50.01 -43.14
C ILE RA 41 -6.90 48.60 -42.69
N ASN RA 42 -5.89 47.99 -43.30
CA ASN RA 42 -5.44 46.67 -42.90
C ASN RA 42 -4.73 46.74 -41.55
N ALA RA 43 -4.57 45.57 -40.93
CA ALA RA 43 -3.87 45.51 -39.65
C ALA RA 43 -2.44 46.01 -39.79
N ARG RA 44 -1.69 45.47 -40.75
CA ARG RA 44 -0.33 45.92 -40.99
C ARG RA 44 -0.27 47.26 -41.73
N LYS RA 45 -1.42 47.87 -42.02
CA LYS RA 45 -1.48 49.16 -42.70
C LYS RA 45 -0.84 49.10 -44.09
N SER RA 46 -0.90 47.94 -44.73
CA SER RA 46 -0.39 47.82 -46.09
C SER RA 46 -1.44 48.16 -47.13
N ASN RA 47 -2.71 47.81 -46.88
CA ASN RA 47 -3.78 48.05 -47.83
C ASN RA 47 -4.86 48.89 -47.19
N ILE RA 48 -5.53 49.70 -48.02
CA ILE RA 48 -6.84 50.25 -47.69
C ILE RA 48 -7.86 49.53 -48.56
N MET RA 49 -8.87 48.96 -47.91
CA MET RA 49 -9.95 48.27 -48.61
C MET RA 49 -11.07 49.27 -48.85
N SER RA 50 -11.43 49.47 -50.12
CA SER RA 50 -12.61 50.22 -50.51
C SER RA 50 -13.70 49.23 -50.87
N LYS RA 51 -14.82 49.28 -50.16
CA LYS RA 51 -15.91 48.33 -50.34
C LYS RA 51 -17.23 49.04 -50.60
N ILE RA 52 -18.04 48.43 -51.46
CA ILE RA 52 -19.43 48.82 -51.65
C ILE RA 52 -20.30 47.59 -51.46
N SER RA 53 -21.39 47.72 -50.71
CA SER RA 53 -22.25 46.59 -50.39
C SER RA 53 -23.71 47.01 -50.56
N VAL RA 54 -24.46 46.24 -51.32
CA VAL RA 54 -25.89 46.47 -51.52
C VAL RA 54 -26.61 45.31 -50.87
N TYR RA 55 -27.39 45.61 -49.84
CA TYR RA 55 -28.24 44.65 -49.15
C TYR RA 55 -29.69 44.97 -49.48
N TYR RA 56 -30.34 44.10 -50.24
CA TYR RA 56 -31.76 44.28 -50.57
C TYR RA 56 -32.55 43.17 -49.87
N TYR RA 57 -33.36 43.54 -48.89
CA TYR RA 57 -34.13 42.58 -48.11
C TYR RA 57 -35.47 42.36 -48.81
N ILE RA 58 -35.75 41.11 -49.15
CA ILE RA 58 -36.93 40.77 -49.95
C ILE RA 58 -37.67 39.62 -49.26
N PRO RA 59 -38.99 39.68 -49.15
CA PRO RA 59 -39.72 38.58 -48.50
C PRO RA 59 -39.70 37.31 -49.35
N SER RA 60 -39.70 36.17 -48.65
CA SER RA 60 -39.60 34.88 -49.34
C SER RA 60 -40.84 34.56 -50.15
N THR RA 61 -41.96 35.23 -49.89
CA THR RA 61 -43.20 34.99 -50.62
C THR RA 61 -43.71 36.31 -51.20
N ASN RA 62 -44.63 36.18 -52.16
CA ASN RA 62 -45.17 37.38 -52.82
C ASN RA 62 -46.10 38.15 -51.90
N SER RA 63 -46.80 37.47 -51.00
CA SER RA 63 -47.74 38.11 -50.08
C SER RA 63 -47.34 37.81 -48.64
N VAL RA 64 -48.02 38.49 -47.72
CA VAL RA 64 -47.71 38.30 -46.30
C VAL RA 64 -48.30 36.99 -45.83
N SER RA 65 -47.49 36.20 -45.13
CA SER RA 65 -47.94 34.93 -44.57
C SER RA 65 -47.17 34.67 -43.29
N CYS RA 66 -47.57 33.60 -42.59
CA CYS RA 66 -46.94 33.30 -41.30
C CYS RA 66 -45.56 32.69 -41.47
N CYS RA 67 -45.33 31.97 -42.56
CA CYS RA 67 -44.02 31.41 -42.88
C CYS RA 67 -43.15 32.35 -43.69
N THR RA 68 -43.56 33.61 -43.83
CA THR RA 68 -42.80 34.56 -44.62
C THR RA 68 -41.46 34.85 -43.94
N GLU RA 69 -40.37 34.48 -44.60
CA GLU RA 69 -39.03 34.80 -44.16
C GLU RA 69 -38.49 35.96 -44.98
N TRP RA 70 -37.32 36.45 -44.59
CA TRP RA 70 -36.68 37.58 -45.25
C TRP RA 70 -35.35 37.13 -45.83
N ASP RA 71 -35.30 36.96 -47.15
CA ASP RA 71 -34.05 36.68 -47.83
C ASP RA 71 -33.33 38.00 -48.12
N THR RA 72 -32.03 37.90 -48.35
CA THR RA 72 -31.20 39.06 -48.63
C THR RA 72 -30.50 38.85 -49.96
N ILE RA 73 -30.75 39.76 -50.91
CA ILE RA 73 -29.95 39.84 -52.12
C ILE RA 73 -28.74 40.70 -51.80
N ARG RA 74 -27.56 40.08 -51.80
CA ARG RA 74 -26.31 40.74 -51.44
C ARG RA 74 -25.44 40.91 -52.68
N CYS RA 75 -24.93 42.13 -52.85
CA CYS RA 75 -23.97 42.42 -53.92
C CYS RA 75 -22.79 43.15 -53.30
N GLU RA 76 -21.60 42.55 -53.38
CA GLU RA 76 -20.40 43.05 -52.73
C GLU RA 76 -19.34 43.42 -53.76
N PHE RA 77 -18.57 44.46 -53.43
CA PHE RA 77 -17.44 44.91 -54.23
C PHE RA 77 -16.34 45.36 -53.28
N SER RA 78 -15.11 44.99 -53.61
CA SER RA 78 -13.94 45.40 -52.83
C SER RA 78 -12.78 45.69 -53.77
N LEU RA 79 -11.93 46.63 -53.35
CA LEU RA 79 -10.74 47.01 -54.11
C LEU RA 79 -9.62 47.33 -53.13
N THR RA 80 -8.42 46.83 -53.44
CA THR RA 80 -7.25 47.04 -52.58
C THR RA 80 -6.43 48.22 -53.09
N LEU RA 81 -6.24 49.22 -52.22
CA LEU RA 81 -5.37 50.36 -52.49
C LEU RA 81 -4.08 50.16 -51.71
N LEU RA 82 -3.00 49.84 -52.43
CA LEU RA 82 -1.71 49.64 -51.78
C LEU RA 82 -1.21 50.95 -51.19
N GLN RA 83 -0.76 50.90 -49.93
CA GLN RA 83 -0.37 52.10 -49.20
C GLN RA 83 1.13 52.21 -48.97
N LEU RA 84 1.90 51.15 -49.19
CA LEU RA 84 3.32 51.16 -48.85
C LEU RA 84 4.18 50.71 -50.02
N SER RA 85 3.68 50.85 -51.24
CA SER RA 85 4.42 50.46 -52.42
C SER RA 85 5.19 51.64 -52.99
N SER RA 86 6.45 51.39 -53.36
CA SER RA 86 7.28 52.39 -54.01
C SER RA 86 7.08 52.45 -55.51
N ASN RA 87 6.32 51.51 -56.08
CA ASN RA 87 6.06 51.49 -57.51
C ASN RA 87 5.06 52.60 -57.86
N THR RA 88 5.45 53.49 -58.77
CA THR RA 88 4.59 54.60 -59.16
C THR RA 88 3.48 54.16 -60.11
N ASP RA 89 3.49 52.92 -60.59
CA ASP RA 89 2.42 52.43 -61.44
C ASP RA 89 1.15 52.08 -60.66
N VAL RA 90 1.20 52.11 -59.33
CA VAL RA 90 0.12 51.58 -58.53
C VAL RA 90 -1.19 52.31 -58.81
N ALA RA 91 -1.14 53.63 -58.93
CA ALA RA 91 -2.37 54.39 -59.13
C ALA RA 91 -3.02 54.08 -60.48
N ALA RA 92 -2.24 54.18 -61.55
CA ALA RA 92 -2.77 53.89 -62.88
C ALA RA 92 -3.25 52.46 -62.99
N ARG RA 93 -2.54 51.52 -62.35
CA ARG RA 93 -2.93 50.12 -62.44
C ARG RA 93 -4.18 49.83 -61.62
N THR RA 94 -4.35 50.48 -60.46
CA THR RA 94 -5.61 50.35 -59.74
C THR RA 94 -6.76 50.90 -60.55
N VAL RA 95 -6.54 52.02 -61.25
CA VAL RA 95 -7.57 52.54 -62.15
C VAL RA 95 -7.90 51.52 -63.23
N ASP RA 96 -6.86 50.93 -63.82
CA ASP RA 96 -7.06 49.93 -64.87
C ASP RA 96 -7.83 48.72 -64.34
N VAL RA 97 -7.53 48.32 -63.10
CA VAL RA 97 -8.21 47.17 -62.50
C VAL RA 97 -9.69 47.47 -62.29
N LEU RA 98 -10.00 48.67 -61.76
CA LEU RA 98 -11.39 49.06 -61.58
C LEU RA 98 -12.13 49.10 -62.91
N ASP RA 99 -11.47 49.62 -63.96
CA ASP RA 99 -12.10 49.69 -65.27
C ASP RA 99 -12.32 48.29 -65.84
N THR RA 100 -11.37 47.38 -65.59
CA THR RA 100 -11.56 45.99 -66.02
C THR RA 100 -12.75 45.36 -65.31
N MET RA 101 -12.91 45.67 -64.02
CA MET RA 101 -14.06 45.18 -63.26
C MET RA 101 -15.37 45.66 -63.88
N ILE RA 102 -15.46 46.96 -64.17
CA ILE RA 102 -16.68 47.50 -64.76
C ILE RA 102 -16.93 46.88 -66.15
N SER RA 103 -15.87 46.76 -66.94
CA SER RA 103 -15.99 46.16 -68.27
C SER RA 103 -16.49 44.73 -68.19
N PHE RA 104 -16.03 43.98 -67.19
CA PHE RA 104 -16.47 42.59 -67.06
C PHE RA 104 -17.90 42.51 -66.55
N LEU RA 105 -18.30 43.43 -65.68
CA LEU RA 105 -19.70 43.49 -65.27
C LEU RA 105 -20.61 43.75 -66.47
N ALA RA 106 -20.13 44.54 -67.43
CA ALA RA 106 -20.89 44.71 -68.66
C ALA RA 106 -20.83 43.46 -69.53
N LYS RA 107 -19.63 42.91 -69.70
CA LYS RA 107 -19.39 41.82 -70.64
C LYS RA 107 -20.13 40.55 -70.25
N ARG RA 108 -20.21 40.27 -68.95
CA ARG RA 108 -20.77 39.01 -68.46
C ARG RA 108 -22.07 39.22 -67.69
N ARG RA 109 -22.85 40.24 -68.05
CA ARG RA 109 -24.05 40.56 -67.28
C ARG RA 109 -25.03 39.39 -67.28
N ASN RA 110 -25.32 38.81 -68.44
CA ASN RA 110 -26.27 37.71 -68.49
C ASN RA 110 -25.77 36.51 -67.70
N SER RA 111 -24.49 36.17 -67.85
CA SER RA 111 -23.93 35.04 -67.12
C SER RA 111 -24.02 35.27 -65.61
N ILE RA 112 -23.69 36.49 -65.17
CA ILE RA 112 -23.74 36.82 -63.74
C ILE RA 112 -25.16 36.72 -63.22
N LEU RA 113 -26.13 37.23 -63.99
CA LEU RA 113 -27.51 37.25 -63.53
C LEU RA 113 -28.17 35.87 -63.59
N ALA RA 114 -27.68 34.98 -64.45
CA ALA RA 114 -28.28 33.67 -64.60
C ALA RA 114 -27.54 32.57 -63.84
N GLY RA 115 -26.33 32.83 -63.37
CA GLY RA 115 -25.58 31.78 -62.70
C GLY RA 115 -25.14 30.68 -63.65
N ASN RA 116 -24.71 31.04 -64.86
CA ASN RA 116 -24.33 30.09 -65.89
C ASN RA 116 -23.12 30.63 -66.61
N LEU RA 117 -21.96 29.97 -66.43
CA LEU RA 117 -20.73 30.41 -67.07
C LEU RA 117 -20.76 30.29 -68.59
N LEU RA 118 -21.64 29.44 -69.13
CA LEU RA 118 -21.60 29.13 -70.55
C LEU RA 118 -22.28 30.18 -71.42
N LEU RA 119 -23.03 31.11 -70.84
CA LEU RA 119 -23.70 32.11 -71.65
C LEU RA 119 -22.67 32.99 -72.36
N PRO RA 120 -22.89 33.33 -73.61
CA PRO RA 120 -21.94 34.20 -74.31
C PRO RA 120 -21.91 35.59 -73.70
N ASP RA 121 -20.89 36.35 -74.07
CA ASP RA 121 -20.79 37.73 -73.64
C ASP RA 121 -22.04 38.50 -74.04
N ASN RA 122 -22.41 39.47 -73.21
CA ASN RA 122 -23.50 40.36 -73.58
C ASN RA 122 -23.13 41.13 -74.84
N PRO RA 123 -24.09 41.36 -75.75
CA PRO RA 123 -23.83 42.16 -76.95
C PRO RA 123 -23.51 43.62 -76.60
N ALA SA 1 -50.18 28.02 63.93
CA ALA SA 1 -50.56 26.97 64.88
C ALA SA 1 -49.67 25.75 64.71
N SER SA 2 -48.99 25.36 65.79
CA SER SA 2 -48.21 24.13 65.78
C SER SA 2 -49.11 22.95 65.41
N LEU SA 3 -48.65 22.15 64.46
CA LEU SA 3 -49.46 21.02 64.01
C LEU SA 3 -49.38 19.87 65.02
N PRO SA 4 -50.48 19.13 65.22
CA PRO SA 4 -50.44 17.97 66.11
C PRO SA 4 -49.74 16.80 65.43
N VAL SA 5 -48.89 16.12 66.20
CA VAL SA 5 -48.08 15.04 65.64
C VAL SA 5 -48.09 13.84 66.58
N THR SA 6 -47.91 12.66 65.99
CA THR SA 6 -47.62 11.44 66.73
C THR SA 6 -46.42 10.76 66.10
N GLN SA 7 -45.56 10.18 66.94
CA GLN SA 7 -44.34 9.58 66.43
C GLN SA 7 -44.67 8.31 65.65
N TYR SA 8 -44.34 8.33 64.35
CA TYR SA 8 -44.56 7.21 63.44
C TYR SA 8 -43.38 6.24 63.44
N SER SA 9 -42.19 6.71 63.09
CA SER SA 9 -40.99 5.89 63.19
C SER SA 9 -40.11 6.38 64.34
N PRO SA 10 -39.99 5.62 65.42
CA PRO SA 10 -39.31 6.13 66.61
C PRO SA 10 -37.81 6.08 66.45
N PRO SA 11 -37.06 6.80 67.29
CA PRO SA 11 -35.60 6.76 67.18
C PRO SA 11 -35.06 5.39 67.58
N VAL SA 12 -34.07 4.95 66.82
CA VAL SA 12 -33.49 3.63 66.95
C VAL SA 12 -32.09 3.69 67.54
N THR SA 13 -31.23 4.52 66.94
CA THR SA 13 -29.87 4.75 67.35
C THR SA 13 -29.63 6.24 67.44
N PRO SA 14 -28.58 6.68 68.13
CA PRO SA 14 -28.30 8.12 68.21
C PRO SA 14 -28.21 8.80 66.85
N LEU SA 15 -27.66 8.13 65.84
CA LEU SA 15 -27.65 8.63 64.49
C LEU SA 15 -28.75 7.98 63.66
N GLY SA 16 -29.19 8.69 62.63
CA GLY SA 16 -30.24 8.17 61.78
C GLY SA 16 -31.39 9.15 61.62
N LYS SA 17 -32.61 8.62 61.51
CA LYS SA 17 -33.81 9.40 61.27
C LYS SA 17 -34.91 8.99 62.23
N SER SA 18 -35.71 9.97 62.64
CA SER SA 18 -36.94 9.76 63.39
C SER SA 18 -38.04 10.58 62.73
N THR SA 19 -39.24 10.02 62.64
CA THR SA 19 -40.32 10.70 61.93
C THR SA 19 -41.60 10.74 62.76
N TRP SA 20 -42.26 11.90 62.73
CA TRP SA 20 -43.59 12.11 63.28
C TRP SA 20 -44.55 12.38 62.14
N ASN SA 21 -45.77 11.87 62.27
CA ASN SA 21 -46.84 12.15 61.32
C ASN SA 21 -47.79 13.18 61.91
N VAL SA 22 -48.27 14.08 61.06
CA VAL SA 22 -49.28 15.06 61.44
C VAL SA 22 -50.64 14.36 61.48
N THR SA 23 -51.31 14.43 62.63
CA THR SA 23 -52.57 13.74 62.81
C THR SA 23 -53.72 14.56 62.26
N GLY SA 24 -54.79 13.86 61.86
CA GLY SA 24 -56.00 14.50 61.38
C GLY SA 24 -55.93 14.99 59.95
N SER SA 25 -54.98 14.51 59.16
CA SER SA 25 -54.87 14.95 57.78
C SER SA 25 -55.91 14.28 56.91
N THR SA 26 -56.35 14.99 55.88
CA THR SA 26 -57.39 14.48 54.99
C THR SA 26 -56.83 13.85 53.72
N ASN SA 27 -55.59 14.15 53.35
CA ASN SA 27 -55.02 13.63 52.12
C ASN SA 27 -54.64 12.16 52.30
N PRO SA 28 -54.40 11.43 51.20
CA PRO SA 28 -54.08 10.00 51.30
C PRO SA 28 -52.86 9.77 52.18
N PRO SA 29 -52.69 8.55 52.70
CA PRO SA 29 -51.64 8.33 53.72
C PRO SA 29 -50.24 8.61 53.21
N GLY SA 30 -49.91 8.23 51.98
CA GLY SA 30 -48.60 8.52 51.43
C GLY SA 30 -48.29 10.00 51.37
N LEU SA 31 -49.30 10.86 51.50
CA LEU SA 31 -49.12 12.30 51.51
C LEU SA 31 -49.41 12.93 52.86
N VAL SA 32 -49.36 12.13 53.93
CA VAL SA 32 -49.54 12.68 55.28
C VAL SA 32 -48.36 13.61 55.59
N PRO SA 33 -48.62 14.83 56.06
CA PRO SA 33 -47.52 15.72 56.42
C PRO SA 33 -46.62 15.09 57.46
N GLN SA 34 -45.31 15.31 57.32
CA GLN SA 34 -44.33 14.64 58.17
C GLN SA 34 -43.34 15.65 58.75
N VAL SA 35 -42.81 15.29 59.93
CA VAL SA 35 -41.66 15.98 60.53
C VAL SA 35 -40.57 14.94 60.74
N VAL SA 36 -39.38 15.23 60.22
CA VAL SA 36 -38.27 14.28 60.25
C VAL SA 36 -37.09 14.94 60.96
N GLN SA 37 -36.58 14.29 62.00
CA GLN SA 37 -35.34 14.69 62.63
C GLN SA 37 -34.23 13.74 62.20
N THR SA 38 -33.10 14.31 61.79
CA THR SA 38 -31.96 13.56 61.28
C THR SA 38 -30.72 13.91 62.08
N GLU SA 39 -29.94 12.90 62.45
CA GLU SA 39 -28.65 13.10 63.10
C GLU SA 39 -27.61 12.31 62.32
N SER SA 40 -26.78 12.99 61.55
CA SER SA 40 -25.88 12.31 60.63
C SER SA 40 -24.44 12.76 60.81
N ILE SA 41 -23.49 11.86 60.58
CA ILE SA 41 -22.08 12.19 60.71
C ILE SA 41 -21.53 12.57 59.35
N ASN SA 42 -20.56 13.49 59.36
CA ASN SA 42 -19.88 13.88 58.15
C ASN SA 42 -18.95 12.75 57.68
N ALA SA 43 -18.51 12.85 56.43
CA ALA SA 43 -17.60 11.86 55.88
C ALA SA 43 -16.29 11.82 56.67
N ARG SA 44 -15.67 12.98 56.86
CA ARG SA 44 -14.45 13.06 57.66
C ARG SA 44 -14.71 12.99 59.15
N LYS SA 45 -15.96 12.81 59.57
CA LYS SA 45 -16.34 12.71 60.98
C LYS SA 45 -15.95 13.96 61.76
N SER SA 46 -15.95 15.11 61.10
CA SER SA 46 -15.68 16.38 61.78
C SER SA 46 -16.94 16.99 62.37
N ASN SA 47 -18.08 16.87 61.68
CA ASN SA 47 -19.33 17.46 62.13
C ASN SA 47 -20.38 16.39 62.29
N ILE SA 48 -21.30 16.61 63.24
CA ILE SA 48 -22.59 15.94 63.25
C ILE SA 48 -23.64 16.97 62.86
N MET SA 49 -24.42 16.65 61.85
CA MET SA 49 -25.50 17.52 61.40
C MET SA 49 -26.78 17.10 62.11
N SER SA 50 -27.38 18.05 62.83
CA SER SA 50 -28.71 17.90 63.41
C SER SA 50 -29.70 18.64 62.52
N LYS SA 51 -30.67 17.92 61.98
CA LYS SA 51 -31.62 18.48 61.03
C LYS SA 51 -33.05 18.23 61.48
N ILE SA 52 -33.91 19.21 61.23
CA ILE SA 52 -35.36 19.05 61.36
C ILE SA 52 -35.99 19.48 60.03
N SER SA 53 -36.94 18.69 59.54
CA SER SA 53 -37.56 18.94 58.25
C SER SA 53 -39.07 18.75 58.38
N VAL SA 54 -39.83 19.75 57.95
CA VAL SA 54 -41.28 19.68 57.93
C VAL SA 54 -41.72 19.70 56.48
N TYR SA 55 -42.33 18.59 56.06
CA TYR SA 55 -42.89 18.45 54.71
C TYR SA 55 -44.41 18.45 54.85
N TYR SA 56 -45.07 19.49 54.36
CA TYR SA 56 -46.53 19.57 54.36
C TYR SA 56 -47.01 19.50 52.92
N TYR SA 57 -47.68 18.41 52.57
CA TYR SA 57 -48.16 18.20 51.21
C TYR SA 57 -49.55 18.79 51.07
N ILE SA 58 -49.71 19.73 50.15
CA ILE SA 58 -50.95 20.48 50.00
C ILE SA 58 -51.38 20.46 48.54
N PRO SA 59 -52.66 20.23 48.25
CA PRO SA 59 -53.10 20.19 46.85
C PRO SA 59 -53.05 21.58 46.22
N SER SA 60 -52.77 21.60 44.91
CA SER SA 60 -52.61 22.85 44.19
C SER SA 60 -53.92 23.62 44.07
N THR SA 61 -55.05 22.97 44.26
CA THR SA 61 -56.36 23.60 44.16
C THR SA 61 -57.15 23.36 45.45
N ASN SA 62 -58.19 24.17 45.64
CA ASN SA 62 -59.01 24.05 46.84
C ASN SA 62 -59.86 22.79 46.84
N SER SA 63 -60.29 22.34 45.66
CA SER SA 63 -61.12 21.16 45.53
C SER SA 63 -60.43 20.12 44.65
N VAL SA 64 -61.02 18.93 44.61
CA VAL SA 64 -60.45 17.85 43.81
C VAL SA 64 -60.76 18.10 42.34
N SER SA 65 -59.73 17.99 41.50
CA SER SA 65 -59.88 18.15 40.07
C SER SA 65 -58.87 17.26 39.37
N CYS SA 66 -58.98 17.20 38.04
CA CYS SA 66 -58.11 16.31 37.27
C CYS SA 66 -56.70 16.89 37.14
N CYS SA 67 -56.57 18.21 37.14
CA CYS SA 67 -55.27 18.88 37.10
C CYS SA 67 -54.70 19.14 38.49
N THR SA 68 -55.31 18.56 39.52
CA THR SA 68 -54.84 18.78 40.88
C THR SA 68 -53.46 18.15 41.07
N GLU SA 69 -52.47 19.00 41.31
CA GLU SA 69 -51.13 18.56 41.65
C GLU SA 69 -50.91 18.69 43.16
N TRP SA 70 -49.76 18.20 43.62
CA TRP SA 70 -49.43 18.21 45.03
C TRP SA 70 -48.16 19.04 45.23
N ASP SA 71 -48.33 20.24 45.76
CA ASP SA 71 -47.20 21.06 46.13
C ASP SA 71 -46.74 20.67 47.54
N THR SA 72 -45.49 21.03 47.85
CA THR SA 72 -44.90 20.72 49.14
C THR SA 72 -44.42 22.01 49.78
N ILE SA 73 -44.96 22.32 50.97
CA ILE SA 73 -44.42 23.37 51.81
C ILE SA 73 -43.30 22.73 52.62
N ARG SA 74 -42.06 23.15 52.37
CA ARG SA 74 -40.88 22.59 53.01
C ARG SA 74 -40.27 23.62 53.95
N CYS SA 75 -39.98 23.17 55.17
CA CYS SA 75 -39.27 23.99 56.15
C CYS SA 75 -38.12 23.18 56.72
N GLU SA 76 -36.90 23.66 56.50
CA GLU SA 76 -35.68 22.93 56.85
C GLU SA 76 -34.87 23.69 57.90
N PHE SA 77 -34.22 22.93 58.77
CA PHE SA 77 -33.32 23.46 59.79
C PHE SA 77 -32.15 22.51 59.94
N SER SA 78 -30.95 23.08 60.04
CA SER SA 78 -29.74 22.29 60.25
C SER SA 78 -28.81 23.02 61.21
N LEU SA 79 -28.04 22.24 61.97
CA LEU SA 79 -27.08 22.78 62.93
C LEU SA 79 -25.85 21.88 62.94
N THR SA 80 -24.67 22.49 62.93
CA THR SA 80 -23.41 21.74 62.92
C THR SA 80 -22.87 21.61 64.34
N LEU SA 81 -22.67 20.37 64.79
CA LEU SA 81 -22.03 20.06 66.07
C LEU SA 81 -20.61 19.61 65.78
N LEU SA 82 -19.65 20.46 66.11
CA LEU SA 82 -18.23 20.12 65.89
C LEU SA 82 -17.83 18.97 66.80
N GLN SA 83 -17.16 17.97 66.23
CA GLN SA 83 -16.82 16.75 66.94
C GLN SA 83 -15.33 16.61 67.25
N LEU SA 84 -14.47 17.42 66.63
CA LEU SA 84 -13.04 17.24 66.76
C LEU SA 84 -12.34 18.53 67.16
N SER SA 85 -13.07 19.45 67.79
CA SER SA 85 -12.49 20.72 68.21
C SER SA 85 -12.02 20.63 69.64
N SER SA 86 -10.82 21.19 69.90
CA SER SA 86 -10.28 21.27 71.24
C SER SA 86 -10.74 22.50 71.99
N ASN SA 87 -11.46 23.41 71.33
CA ASN SA 87 -11.96 24.61 71.98
C ASN SA 87 -13.15 24.25 72.87
N THR SA 88 -13.05 24.58 74.16
CA THR SA 88 -14.11 24.26 75.10
C THR SA 88 -15.32 25.20 74.97
N ASP SA 89 -15.21 26.27 74.17
CA ASP SA 89 -16.33 27.16 73.95
C ASP SA 89 -17.38 26.58 73.00
N VAL SA 90 -17.09 25.44 72.37
CA VAL SA 90 -17.94 24.95 71.28
C VAL SA 90 -19.37 24.71 71.76
N ALA SA 91 -19.53 24.12 72.95
CA ALA SA 91 -20.87 23.79 73.43
C ALA SA 91 -21.69 25.05 73.69
N ALA SA 92 -21.14 25.97 74.49
CA ALA SA 92 -21.85 27.20 74.79
C ALA SA 92 -22.13 28.02 73.54
N ARG SA 93 -21.20 28.02 72.60
CA ARG SA 93 -21.40 28.81 71.38
C ARG SA 93 -22.43 28.16 70.45
N THR SA 94 -22.48 26.82 70.39
CA THR SA 94 -23.55 26.17 69.64
C THR SA 94 -24.90 26.49 70.27
N VAL SA 95 -24.97 26.51 71.60
CA VAL SA 95 -26.21 26.92 72.27
C VAL SA 95 -26.56 28.34 71.89
N ASP SA 96 -25.57 29.24 71.91
CA ASP SA 96 -25.83 30.63 71.55
C ASP SA 96 -26.31 30.75 70.11
N VAL SA 97 -25.74 29.95 69.21
CA VAL SA 97 -26.13 29.99 67.81
C VAL SA 97 -27.57 29.53 67.64
N LEU SA 98 -27.94 28.44 68.31
CA LEU SA 98 -29.33 27.97 68.25
C LEU SA 98 -30.30 29.02 68.80
N ASP SA 99 -29.91 29.67 69.90
CA ASP SA 99 -30.77 30.70 70.48
C ASP SA 99 -30.88 31.90 69.55
N THR SA 100 -29.79 32.25 68.86
CA THR SA 100 -29.86 33.33 67.88
C THR SA 100 -30.79 32.97 66.72
N MET SA 101 -30.76 31.69 66.31
CA MET SA 101 -31.67 31.22 65.28
C MET SA 101 -33.12 31.40 65.70
N ILE SA 102 -33.45 30.96 66.92
CA ILE SA 102 -34.83 31.08 67.41
C ILE SA 102 -35.23 32.55 67.54
N SER SA 103 -34.32 33.37 68.06
CA SER SA 103 -34.59 34.79 68.20
C SER SA 103 -34.87 35.44 66.85
N PHE SA 104 -34.13 35.03 65.81
CA PHE SA 104 -34.33 35.62 64.49
C PHE SA 104 -35.62 35.12 63.87
N LEU SA 105 -35.98 33.86 64.11
CA LEU SA 105 -37.29 33.37 63.66
C LEU SA 105 -38.42 34.18 64.27
N ALA SA 106 -38.24 34.61 65.53
CA ALA SA 106 -39.23 35.50 66.12
C ALA SA 106 -39.15 36.90 65.53
N LYS SA 107 -37.93 37.43 65.41
CA LYS SA 107 -37.70 38.82 65.02
C LYS SA 107 -38.18 39.10 63.60
N ARG SA 108 -37.99 38.14 62.69
CA ARG SA 108 -38.26 38.34 61.28
C ARG SA 108 -39.42 37.48 60.79
N ARG SA 109 -40.39 37.20 61.65
CA ARG SA 109 -41.47 36.29 61.28
C ARG SA 109 -42.27 36.81 60.08
N ASN SA 110 -42.67 38.08 60.12
CA ASN SA 110 -43.44 38.63 59.02
C ASN SA 110 -42.65 38.63 57.73
N SER SA 111 -41.38 39.04 57.79
CA SER SA 111 -40.54 39.05 56.60
C SER SA 111 -40.39 37.65 56.02
N ILE SA 112 -40.17 36.65 56.89
CA ILE SA 112 -40.00 35.28 56.44
C ILE SA 112 -41.28 34.77 55.79
N LEU SA 113 -42.44 35.09 56.38
CA LEU SA 113 -43.70 34.56 55.88
C LEU SA 113 -44.16 35.30 54.62
N ALA SA 114 -43.71 36.53 54.42
CA ALA SA 114 -44.14 37.30 53.25
C ALA SA 114 -43.13 37.29 52.11
N GLY SA 115 -41.90 36.86 52.34
CA GLY SA 115 -40.89 36.90 51.29
C GLY SA 115 -40.49 38.31 50.94
N ASN SA 116 -40.34 39.18 51.94
CA ASN SA 116 -40.02 40.59 51.75
C ASN SA 116 -39.04 41.01 52.83
N LEU SA 117 -37.79 41.31 52.43
CA LEU SA 117 -36.77 41.71 53.39
C LEU SA 117 -37.05 43.05 54.03
N LEU SA 118 -37.88 43.88 53.40
CA LEU SA 118 -38.05 45.26 53.86
C LEU SA 118 -39.01 45.39 55.03
N LEU SA 119 -39.78 44.35 55.35
CA LEU SA 119 -40.71 44.45 56.46
C LEU SA 119 -39.95 44.66 57.77
N PRO SA 120 -40.44 45.53 58.64
CA PRO SA 120 -39.76 45.75 59.93
C PRO SA 120 -39.84 44.50 60.80
N ASP SA 121 -38.99 44.49 61.83
CA ASP SA 121 -39.03 43.40 62.79
C ASP SA 121 -40.43 43.24 63.37
N ASN SA 122 -40.78 42.00 63.69
CA ASN SA 122 -42.03 41.75 64.39
C ASN SA 122 -42.01 42.45 65.75
N PRO SA 123 -43.14 43.02 66.20
CA PRO SA 123 -43.20 43.64 67.52
C PRO SA 123 -43.04 42.60 68.63
N ALA TA 1 -59.83 52.55 33.49
CA ALA TA 1 -59.59 52.94 34.88
C ALA TA 1 -58.16 52.65 35.30
N SER TA 2 -57.45 53.69 35.73
CA SER TA 2 -56.12 53.49 36.26
C SER TA 2 -56.17 52.52 37.44
N LEU TA 3 -55.28 51.53 37.42
CA LEU TA 3 -55.29 50.52 38.48
C LEU TA 3 -54.64 51.07 39.74
N PRO TA 4 -55.14 50.70 40.92
CA PRO TA 4 -54.49 51.13 42.16
C PRO TA 4 -53.23 50.33 42.43
N VAL TA 5 -52.17 51.04 42.85
CA VAL TA 5 -50.87 50.42 43.03
C VAL TA 5 -50.24 50.86 44.35
N THR TA 6 -49.40 50.00 44.90
CA THR TA 6 -48.51 50.35 45.99
C THR TA 6 -47.11 49.90 45.64
N GLN TA 7 -46.11 50.70 46.02
CA GLN TA 7 -44.74 50.39 45.67
C GLN TA 7 -44.26 49.17 46.44
N TYR TA 8 -43.92 48.10 45.71
CA TYR TA 8 -43.44 46.85 46.28
C TYR TA 8 -41.93 46.85 46.44
N SER TA 9 -41.19 47.04 45.34
CA SER TA 9 -39.74 47.18 45.42
C SER TA 9 -39.35 48.63 45.11
N PRO TA 10 -38.87 49.39 46.08
CA PRO TA 10 -38.67 50.82 45.88
C PRO TA 10 -37.39 51.08 45.10
N PRO TA 11 -37.22 52.28 44.55
CA PRO TA 11 -35.99 52.59 43.82
C PRO TA 11 -34.79 52.64 44.76
N VAL TA 12 -33.69 52.09 44.28
CA VAL TA 12 -32.47 51.94 45.06
C VAL TA 12 -31.38 52.88 44.57
N THR TA 13 -31.12 52.85 43.28
CA THR TA 13 -30.14 53.68 42.60
C THR TA 13 -30.79 54.32 41.39
N PRO TA 14 -30.20 55.38 40.84
CA PRO TA 14 -30.79 56.00 39.64
C PRO TA 14 -31.04 55.03 38.50
N LEU TA 15 -30.15 54.05 38.31
CA LEU TA 15 -30.35 53.00 37.33
C LEU TA 15 -30.85 51.73 38.02
N GLY TA 16 -31.56 50.90 37.26
CA GLY TA 16 -32.10 49.67 37.79
C GLY TA 16 -33.59 49.52 37.56
N LYS TA 17 -34.28 48.91 38.51
CA LYS TA 17 -35.70 48.62 38.40
C LYS TA 17 -36.43 49.04 39.67
N SER TA 18 -37.66 49.52 39.49
CA SER TA 18 -38.59 49.77 40.58
C SER TA 18 -39.92 49.13 40.22
N THR TA 19 -40.61 48.53 41.19
CA THR TA 19 -41.84 47.81 40.91
C THR TA 19 -42.95 48.23 41.86
N TRP TA 20 -44.15 48.38 41.29
CA TRP TA 20 -45.39 48.58 42.02
C TRP TA 20 -46.28 47.37 41.80
N ASN TA 21 -47.00 46.97 42.84
CA ASN TA 21 -48.00 45.91 42.75
C ASN TA 21 -49.39 46.52 42.70
N VAL TA 22 -50.25 45.91 41.88
CA VAL TA 22 -51.66 46.30 41.80
C VAL TA 22 -52.38 45.72 43.01
N THR TA 23 -53.04 46.59 43.78
CA THR TA 23 -53.70 46.18 45.01
C THR TA 23 -55.08 45.62 44.72
N GLY TA 24 -55.54 44.74 45.60
CA GLY TA 24 -56.87 44.18 45.50
C GLY TA 24 -57.03 43.06 44.49
N SER TA 25 -55.93 42.46 44.04
CA SER TA 25 -56.01 41.40 43.06
C SER TA 25 -56.45 40.09 43.72
N THR TA 26 -57.16 39.27 42.94
CA THR TA 26 -57.68 38.01 43.46
C THR TA 26 -56.81 36.81 43.12
N ASN TA 27 -55.94 36.93 42.12
CA ASN TA 27 -55.10 35.81 41.71
C ASN TA 27 -53.97 35.59 42.71
N PRO TA 28 -53.32 34.44 42.68
CA PRO TA 28 -52.24 34.15 43.65
C PRO TA 28 -51.16 35.20 43.60
N PRO TA 29 -50.35 35.32 44.67
CA PRO TA 29 -49.41 36.45 44.75
C PRO TA 29 -48.39 36.50 43.63
N GLY TA 30 -47.85 35.34 43.23
CA GLY TA 30 -46.90 35.31 42.13
C GLY TA 30 -47.46 35.83 40.82
N LEU TA 31 -48.80 35.94 40.73
CA LEU TA 31 -49.46 36.47 39.54
C LEU TA 31 -50.12 37.82 39.81
N VAL TA 32 -49.69 38.53 40.83
CA VAL TA 32 -50.21 39.88 41.09
C VAL TA 32 -49.79 40.80 39.94
N PRO TA 33 -50.71 41.55 39.34
CA PRO TA 33 -50.31 42.48 38.28
C PRO TA 33 -49.27 43.47 38.76
N GLN TA 34 -48.31 43.77 37.89
CA GLN TA 34 -47.18 44.60 38.27
C GLN TA 34 -46.96 45.72 37.28
N VAL TA 35 -46.37 46.82 37.79
CA VAL TA 35 -45.85 47.90 36.97
C VAL TA 35 -44.37 48.06 37.30
N VAL TA 36 -43.53 48.03 36.28
CA VAL TA 36 -42.08 48.05 36.45
C VAL TA 36 -41.52 49.24 35.69
N GLN TA 37 -40.78 50.10 36.37
CA GLN TA 37 -40.01 51.16 35.74
C GLN TA 37 -38.54 50.76 35.72
N THR TA 38 -37.92 50.90 34.56
CA THR TA 38 -36.53 50.51 34.35
C THR TA 38 -35.74 51.71 33.82
N GLU TA 39 -34.55 51.92 34.36
CA GLU TA 39 -33.63 52.93 33.84
C GLU TA 39 -32.29 52.25 33.62
N SER TA 40 -31.95 52.02 32.35
CA SER TA 40 -30.77 51.22 32.03
C SER TA 40 -29.86 51.93 31.05
N ILE TA 41 -28.55 51.69 31.17
CA ILE TA 41 -27.58 52.31 30.27
C ILE TA 41 -27.27 51.36 29.14
N ASN TA 42 -27.00 51.95 27.97
CA ASN TA 42 -26.59 51.17 26.81
C ASN TA 42 -25.17 50.65 27.02
N ALA TA 43 -24.80 49.67 26.19
CA ALA TA 43 -23.45 49.11 26.26
C ALA TA 43 -22.41 50.18 25.99
N ARG TA 44 -22.54 50.90 24.88
CA ARG TA 44 -21.62 51.99 24.55
C ARG TA 44 -21.88 53.24 25.39
N LYS TA 45 -22.84 53.20 26.31
CA LYS TA 45 -23.15 54.34 27.18
C LYS TA 45 -23.57 55.56 26.37
N SER TA 46 -24.19 55.35 25.22
CA SER TA 46 -24.72 56.45 24.42
C SER TA 46 -26.13 56.83 24.82
N ASN TA 47 -26.96 55.86 25.18
CA ASN TA 47 -28.35 56.10 25.55
C ASN TA 47 -28.63 55.60 26.95
N ILE TA 48 -29.55 56.26 27.63
CA ILE TA 48 -30.25 55.70 28.79
C ILE TA 48 -31.67 55.40 28.35
N MET TA 49 -32.08 54.15 28.54
CA MET TA 49 -33.43 53.72 28.23
C MET TA 49 -34.29 53.87 29.47
N SER TA 50 -35.36 54.67 29.36
CA SER TA 50 -36.40 54.77 30.38
C SER TA 50 -37.59 53.93 29.92
N LYS TA 51 -37.96 52.93 30.71
CA LYS TA 51 -39.01 52.00 30.34
C LYS TA 51 -40.06 51.92 31.43
N ILE TA 52 -41.32 51.77 31.01
CA ILE TA 52 -42.43 51.42 31.89
C ILE TA 52 -43.12 50.20 31.30
N SER TA 53 -43.44 49.23 32.16
CA SER TA 53 -44.03 47.98 31.73
C SER TA 53 -45.17 47.61 32.67
N VAL TA 54 -46.33 47.34 32.10
CA VAL TA 54 -47.50 46.89 32.86
C VAL TA 54 -47.78 45.46 32.45
N TYR TA 55 -47.64 44.54 33.40
CA TYR TA 55 -47.96 43.13 33.20
C TYR TA 55 -49.21 42.82 34.02
N TYR TA 56 -50.32 42.54 33.33
CA TYR TA 56 -51.57 42.16 33.99
C TYR TA 56 -51.85 40.70 33.66
N TYR TA 57 -51.77 39.84 34.67
CA TYR TA 57 -51.98 38.41 34.48
C TYR TA 57 -53.46 38.10 34.66
N ILE TA 58 -54.07 37.52 33.63
CA ILE TA 58 -55.51 37.29 33.61
C ILE TA 58 -55.77 35.84 33.21
N PRO TA 59 -56.68 35.15 33.89
CA PRO TA 59 -56.95 33.76 33.53
C PRO TA 59 -57.66 33.64 32.19
N SER TA 60 -57.38 32.56 31.48
CA SER TA 60 -57.92 32.37 30.13
C SER TA 60 -59.42 32.14 30.14
N THR TA 61 -60.00 31.77 31.29
CA THR TA 61 -61.43 31.54 31.40
C THR TA 61 -62.01 32.39 32.53
N ASN TA 62 -63.33 32.53 32.51
CA ASN TA 62 -64.00 33.36 33.51
C ASN TA 62 -63.99 32.69 34.88
N SER TA 63 -64.04 31.37 34.93
CA SER TA 63 -64.05 30.63 36.18
C SER TA 63 -62.86 29.68 36.24
N VAL TA 64 -62.66 29.09 37.43
CA VAL TA 64 -61.54 28.18 37.61
C VAL TA 64 -61.85 26.85 36.95
N SER TA 65 -60.90 26.35 36.17
CA SER TA 65 -61.05 25.06 35.51
C SER TA 65 -59.68 24.41 35.38
N CYS TA 66 -59.67 23.17 34.92
CA CYS TA 66 -58.41 22.43 34.83
C CYS TA 66 -57.56 22.89 33.64
N CYS TA 67 -58.21 23.37 32.57
CA CYS TA 67 -57.51 23.91 31.42
C CYS TA 67 -57.26 25.40 31.53
N THR TA 68 -57.49 25.99 32.71
CA THR TA 68 -57.29 27.42 32.90
C THR TA 68 -55.81 27.76 32.77
N GLU TA 69 -55.48 28.54 31.75
CA GLU TA 69 -54.14 29.08 31.56
C GLU TA 69 -54.12 30.53 32.01
N TRP TA 70 -52.92 31.12 32.02
CA TRP TA 70 -52.73 32.49 32.45
C TRP TA 70 -52.15 33.29 31.29
N ASP TA 71 -53.00 34.11 30.68
CA ASP TA 71 -52.54 35.04 29.66
C ASP TA 71 -52.02 36.30 30.33
N THR TA 72 -51.21 37.05 29.58
CA THR TA 72 -50.61 38.29 30.08
C THR TA 72 -50.98 39.42 29.14
N ILE TA 73 -51.66 40.44 29.68
CA ILE TA 73 -51.84 41.71 28.98
C ILE TA 73 -50.60 42.54 29.26
N ARG TA 74 -49.80 42.79 28.22
CA ARG TA 74 -48.54 43.52 28.34
C ARG TA 74 -48.67 44.87 27.67
N CYS TA 75 -48.25 45.91 28.38
CA CYS TA 75 -48.17 47.26 27.84
C CYS TA 75 -46.79 47.82 28.13
N GLU TA 76 -46.03 48.13 27.07
CA GLU TA 76 -44.65 48.55 27.18
C GLU TA 76 -44.47 49.97 26.66
N PHE TA 77 -43.55 50.69 27.28
CA PHE TA 77 -43.15 52.03 26.88
C PHE TA 77 -41.66 52.18 27.08
N SER TA 78 -40.99 52.80 26.12
CA SER TA 78 -39.57 53.07 26.20
C SER TA 78 -39.26 54.44 25.61
N LEU TA 79 -38.23 55.08 26.14
CA LEU TA 79 -37.78 56.39 25.67
C LEU TA 79 -36.27 56.45 25.76
N THR TA 80 -35.63 56.97 24.71
CA THR TA 80 -34.17 57.08 24.65
C THR TA 80 -33.73 58.47 25.09
N LEU TA 81 -32.88 58.52 26.13
CA LEU TA 81 -32.26 59.75 26.59
C LEU TA 81 -30.81 59.74 26.11
N LEU TA 82 -30.50 60.59 25.13
CA LEU TA 82 -29.15 60.67 24.60
C LEU TA 82 -28.21 61.23 25.66
N GLN TA 83 -27.07 60.57 25.85
CA GLN TA 83 -26.14 60.92 26.91
C GLN TA 83 -24.85 61.56 26.42
N LEU TA 84 -24.56 61.50 25.12
CA LEU TA 84 -23.27 61.98 24.60
C LEU TA 84 -23.45 62.95 23.45
N SER TA 85 -24.60 63.61 23.38
CA SER TA 85 -24.88 64.57 22.32
C SER TA 85 -24.50 65.98 22.76
N SER TA 86 -23.84 66.71 21.87
CA SER TA 86 -23.50 68.10 22.12
C SER TA 86 -24.62 69.06 21.73
N ASN TA 87 -25.69 68.56 21.10
CA ASN TA 87 -26.81 69.40 20.73
C ASN TA 87 -27.63 69.75 21.96
N THR TA 88 -27.80 71.05 22.22
CA THR TA 88 -28.56 71.49 23.38
C THR TA 88 -30.06 71.34 23.21
N ASP TA 89 -30.53 71.01 22.00
CA ASP TA 89 -31.97 70.79 21.79
C ASP TA 89 -32.45 69.45 22.34
N VAL TA 90 -31.54 68.59 22.79
CA VAL TA 90 -31.90 67.21 23.11
C VAL TA 90 -32.96 67.16 24.20
N ALA TA 91 -32.83 67.98 25.23
CA ALA TA 91 -33.77 67.94 26.35
C ALA TA 91 -35.16 68.36 25.91
N ALA TA 92 -35.28 69.53 25.29
CA ALA TA 92 -36.58 70.01 24.84
C ALA TA 92 -37.19 69.07 23.82
N ARG TA 93 -36.39 68.48 22.95
CA ARG TA 93 -36.93 67.59 21.94
C ARG TA 93 -37.36 66.26 22.53
N THR TA 94 -36.65 65.75 23.54
CA THR TA 94 -37.13 64.55 24.24
C THR TA 94 -38.46 64.84 24.93
N VAL TA 95 -38.59 66.03 25.53
CA VAL TA 95 -39.87 66.43 26.11
C VAL TA 95 -40.95 66.44 25.04
N ASP TA 96 -40.64 67.04 23.88
CA ASP TA 96 -41.62 67.10 22.80
C ASP TA 96 -42.00 65.71 22.32
N VAL TA 97 -41.04 64.79 22.27
CA VAL TA 97 -41.32 63.43 21.82
C VAL TA 97 -42.24 62.73 22.82
N LEU TA 98 -41.96 62.86 24.11
CA LEU TA 98 -42.84 62.27 25.12
C LEU TA 98 -44.25 62.84 25.03
N ASP TA 99 -44.35 64.15 24.83
CA ASP TA 99 -45.67 64.77 24.71
C ASP TA 99 -46.40 64.30 23.47
N THR TA 100 -45.67 64.09 22.37
CA THR TA 100 -46.27 63.54 21.16
C THR TA 100 -46.78 62.13 21.41
N MET TA 101 -46.02 61.35 22.17
CA MET TA 101 -46.45 59.99 22.53
C MET TA 101 -47.77 60.03 23.30
N ILE TA 102 -47.85 60.89 24.32
CA ILE TA 102 -49.08 60.98 25.11
C ILE TA 102 -50.24 61.47 24.26
N SER TA 103 -49.98 62.47 23.40
CA SER TA 103 -51.03 62.99 22.51
C SER TA 103 -51.53 61.91 21.59
N PHE TA 104 -50.65 61.05 21.09
CA PHE TA 104 -51.08 59.99 20.19
C PHE TA 104 -51.83 58.90 20.93
N LEU TA 105 -51.43 58.61 22.16
CA LEU TA 105 -52.21 57.67 22.98
C LEU TA 105 -53.62 58.18 23.19
N ALA TA 106 -53.79 59.50 23.31
CA ALA TA 106 -55.14 60.05 23.37
C ALA TA 106 -55.83 59.99 22.02
N LYS TA 107 -55.12 60.40 20.97
CA LYS TA 107 -55.69 60.58 19.64
C LYS TA 107 -56.18 59.25 19.05
N ARG TA 108 -55.43 58.18 19.28
CA ARG TA 108 -55.69 56.88 18.66
C ARG TA 108 -56.14 55.83 19.68
N ARG TA 109 -56.82 56.24 20.75
CA ARG TA 109 -57.18 55.31 21.82
C ARG TA 109 -58.07 54.18 21.29
N ASN TA 110 -59.11 54.52 20.53
CA ASN TA 110 -60.01 53.49 20.03
C ASN TA 110 -59.29 52.55 19.09
N SER TA 111 -58.47 53.10 18.17
CA SER TA 111 -57.73 52.26 17.25
C SER TA 111 -56.79 51.31 17.99
N ILE TA 112 -56.09 51.84 19.00
CA ILE TA 112 -55.15 51.03 19.78
C ILE TA 112 -55.90 49.91 20.50
N LEU TA 113 -57.05 50.23 21.10
CA LEU TA 113 -57.78 49.25 21.88
C LEU TA 113 -58.50 48.23 21.02
N ALA TA 114 -58.81 48.57 19.78
CA ALA TA 114 -59.54 47.65 18.90
C ALA TA 114 -58.65 46.91 17.92
N GLY TA 115 -57.40 47.31 17.75
CA GLY TA 115 -56.55 46.66 16.77
C GLY TA 115 -56.99 46.93 15.35
N ASN TA 116 -57.40 48.16 15.05
CA ASN TA 116 -57.92 48.53 13.74
C ASN TA 116 -57.41 49.93 13.40
N LEU TA 117 -56.52 50.01 12.40
CA LEU TA 117 -55.95 51.29 12.00
C LEU TA 117 -56.98 52.24 11.40
N LEU TA 118 -58.10 51.71 10.90
CA LEU TA 118 -59.04 52.52 10.15
C LEU TA 118 -59.97 53.36 11.02
N LEU TA 119 -60.03 53.09 12.32
CA LEU TA 119 -60.92 53.86 13.17
C LEU TA 119 -60.48 55.32 13.20
N PRO TA 120 -61.41 56.26 13.17
CA PRO TA 120 -61.04 57.68 13.22
C PRO TA 120 -60.44 58.03 14.57
N ASP TA 121 -59.79 59.19 14.62
CA ASP TA 121 -59.25 59.70 15.86
C ASP TA 121 -60.35 59.77 16.93
N ASN TA 122 -59.96 59.56 18.18
CA ASN TA 122 -60.89 59.76 19.27
C ASN TA 122 -61.32 61.22 19.31
N PRO TA 123 -62.59 61.48 19.63
CA PRO TA 123 -63.07 62.87 19.77
C PRO TA 123 -62.40 63.58 20.94
N ALA UA 1 -60.45 -59.12 15.36
CA ALA UA 1 -60.04 -60.49 15.08
C ALA UA 1 -58.54 -60.60 14.97
N SER UA 2 -57.94 -61.44 15.81
CA SER UA 2 -56.52 -61.71 15.71
C SER UA 2 -56.18 -62.22 14.31
N LEU UA 3 -55.17 -61.64 13.70
CA LEU UA 3 -54.80 -62.02 12.34
C LEU UA 3 -54.04 -63.34 12.35
N PRO UA 4 -54.24 -64.19 11.34
CA PRO UA 4 -53.46 -65.44 11.26
C PRO UA 4 -52.05 -65.17 10.76
N VAL UA 5 -51.08 -65.82 11.40
CA VAL UA 5 -49.67 -65.56 11.12
C VAL UA 5 -48.91 -66.87 11.01
N THR UA 6 -47.85 -66.84 10.20
CA THR UA 6 -46.84 -67.90 10.18
C THR UA 6 -45.47 -67.26 10.31
N GLN UA 7 -44.58 -67.93 11.05
CA GLN UA 7 -43.26 -67.38 11.29
C GLN UA 7 -42.45 -67.37 10.01
N TYR UA 8 -42.07 -66.18 9.55
CA TYR UA 8 -41.27 -65.99 8.33
C TYR UA 8 -39.78 -66.01 8.63
N SER UA 9 -39.29 -65.13 9.50
CA SER UA 9 -37.90 -65.17 9.94
C SER UA 9 -37.84 -65.62 11.38
N PRO UA 10 -37.33 -66.81 11.67
CA PRO UA 10 -37.42 -67.36 13.02
C PRO UA 10 -36.37 -66.74 13.93
N PRO UA 11 -36.52 -66.88 15.24
CA PRO UA 11 -35.50 -66.33 16.16
C PRO UA 11 -34.19 -67.08 16.04
N VAL UA 12 -33.11 -66.30 16.08
CA VAL UA 12 -31.77 -66.81 15.86
C VAL UA 12 -30.97 -66.80 17.15
N THR UA 13 -30.93 -65.66 17.82
CA THR UA 13 -30.25 -65.44 19.08
C THR UA 13 -31.22 -64.78 20.05
N PRO UA 14 -30.94 -64.82 21.36
CA PRO UA 14 -31.84 -64.15 22.32
C PRO UA 14 -32.11 -62.69 22.00
N LEU UA 15 -31.12 -61.96 21.48
CA LEU UA 15 -31.31 -60.60 21.03
C LEU UA 15 -31.44 -60.58 19.51
N GLY UA 16 -32.13 -59.55 19.01
CA GLY UA 16 -32.34 -59.41 17.58
C GLY UA 16 -33.79 -59.23 17.21
N LYS UA 17 -34.19 -59.78 16.06
CA LYS UA 17 -35.53 -59.63 15.53
C LYS UA 17 -36.08 -60.98 15.09
N SER UA 18 -37.39 -61.16 15.28
CA SER UA 18 -38.13 -62.29 14.74
C SER UA 18 -39.37 -61.74 14.06
N THR UA 19 -39.75 -62.31 12.91
CA THR UA 19 -40.87 -61.78 12.15
C THR UA 19 -41.85 -62.88 11.76
N TRP UA 20 -43.13 -62.56 11.88
CA TRP UA 20 -44.24 -63.37 11.38
C TRP UA 20 -44.93 -62.62 10.26
N ASN UA 21 -45.37 -63.36 9.24
CA ASN UA 21 -46.16 -62.80 8.16
C ASN UA 21 -47.63 -63.16 8.36
N VAL UA 22 -48.50 -62.22 8.04
CA VAL UA 22 -49.94 -62.45 8.05
C VAL UA 22 -50.32 -63.24 6.81
N THR UA 23 -50.97 -64.38 7.01
CA THR UA 23 -51.31 -65.26 5.91
C THR UA 23 -52.61 -64.83 5.25
N GLY UA 24 -52.74 -65.16 3.96
CA GLY UA 24 -53.94 -64.87 3.21
C GLY UA 24 -54.08 -63.45 2.74
N SER UA 25 -53.00 -62.67 2.71
CA SER UA 25 -53.08 -61.30 2.28
C SER UA 25 -53.16 -61.22 0.76
N THR UA 26 -53.84 -60.18 0.27
CA THR UA 26 -54.03 -60.00 -1.17
C THR UA 26 -53.04 -59.04 -1.80
N ASN UA 27 -52.39 -58.19 -1.00
CA ASN UA 27 -51.48 -57.21 -1.53
C ASN UA 27 -50.15 -57.88 -1.94
N PRO UA 28 -49.32 -57.19 -2.72
CA PRO UA 28 -48.06 -57.80 -3.19
C PRO UA 28 -47.20 -58.23 -2.01
N PRO UA 29 -46.25 -59.15 -2.23
CA PRO UA 29 -45.52 -59.74 -1.10
C PRO UA 29 -44.75 -58.73 -0.27
N GLY UA 30 -44.09 -57.77 -0.91
CA GLY UA 30 -43.37 -56.73 -0.17
C GLY UA 30 -44.25 -55.93 0.76
N LEU UA 31 -45.57 -56.00 0.58
CA LEU UA 31 -46.52 -55.31 1.43
C LEU UA 31 -47.35 -56.27 2.28
N VAL UA 32 -46.86 -57.49 2.49
CA VAL UA 32 -47.56 -58.43 3.37
C VAL UA 32 -47.52 -57.90 4.79
N PRO UA 33 -48.65 -57.84 5.50
CA PRO UA 33 -48.62 -57.37 6.89
C PRO UA 33 -47.69 -58.23 7.74
N GLN UA 34 -46.98 -57.57 8.65
CA GLN UA 34 -45.96 -58.24 9.43
C GLN UA 34 -46.11 -57.96 10.92
N VAL UA 35 -45.65 -58.91 11.72
CA VAL UA 35 -45.49 -58.73 13.17
C VAL UA 35 -44.02 -59.00 13.50
N VAL UA 36 -43.38 -58.06 14.18
CA VAL UA 36 -41.96 -58.12 14.45
C VAL UA 36 -41.76 -58.03 15.95
N GLN UA 37 -41.07 -59.02 16.53
CA GLN UA 37 -40.63 -58.96 17.91
C GLN UA 37 -39.14 -58.64 17.95
N THR UA 38 -38.77 -57.68 18.77
CA THR UA 38 -37.40 -57.20 18.88
C THR UA 38 -36.94 -57.31 20.33
N GLU UA 39 -35.73 -57.80 20.55
CA GLU UA 39 -35.10 -57.82 21.86
C GLU UA 39 -33.73 -57.18 21.74
N SER UA 40 -33.59 -55.95 22.24
CA SER UA 40 -32.37 -55.19 22.00
C SER UA 40 -31.79 -54.64 23.31
N ILE UA 41 -30.46 -54.54 23.36
CA ILE UA 41 -29.79 -54.03 24.55
C ILE UA 41 -29.54 -52.54 24.39
N ASN UA 42 -29.59 -51.83 25.51
CA ASN UA 42 -29.26 -50.42 25.52
C ASN UA 42 -27.77 -50.23 25.33
N ALA UA 43 -27.39 -48.99 25.00
CA ALA UA 43 -25.98 -48.66 24.82
C ALA UA 43 -25.20 -48.91 26.10
N ARG UA 44 -25.67 -48.35 27.21
CA ARG UA 44 -25.02 -48.56 28.51
C ARG UA 44 -25.33 -49.93 29.09
N LYS UA 45 -26.08 -50.77 28.38
CA LYS UA 45 -26.43 -52.12 28.83
C LYS UA 45 -27.20 -52.09 30.15
N SER UA 46 -27.97 -51.04 30.38
CA SER UA 46 -28.81 -50.96 31.57
C SER UA 46 -30.18 -51.59 31.35
N ASN UA 47 -30.74 -51.46 30.15
CA ASN UA 47 -32.07 -51.99 29.85
C ASN UA 47 -31.99 -52.95 28.67
N ILE UA 48 -32.88 -53.94 28.68
CA ILE UA 48 -33.23 -54.68 27.47
C ILE UA 48 -34.64 -54.24 27.08
N MET UA 49 -34.79 -53.80 25.85
CA MET UA 49 -36.08 -53.41 25.31
C MET UA 49 -36.72 -54.61 24.62
N SER UA 50 -37.91 -54.99 25.09
CA SER UA 50 -38.74 -55.99 24.43
C SER UA 50 -39.82 -55.24 23.66
N LYS UA 51 -39.86 -55.44 22.34
CA LYS UA 51 -40.80 -54.71 21.49
C LYS UA 51 -41.60 -55.68 20.63
N ILE UA 52 -42.86 -55.32 20.41
CA ILE UA 52 -43.72 -55.98 19.42
C ILE UA 52 -44.28 -54.89 18.51
N SER UA 53 -44.26 -55.15 17.20
CA SER UA 53 -44.69 -54.17 16.22
C SER UA 53 -45.55 -54.86 15.18
N VAL UA 54 -46.75 -54.32 14.94
CA VAL UA 54 -47.65 -54.83 13.92
C VAL UA 54 -47.76 -53.75 12.84
N TYR UA 55 -47.29 -54.07 11.64
CA TYR UA 55 -47.38 -53.21 10.47
C TYR UA 55 -48.40 -53.84 9.53
N TYR UA 56 -49.54 -53.18 9.34
CA TYR UA 56 -50.56 -53.63 8.41
C TYR UA 56 -50.64 -52.62 7.27
N TYR UA 57 -50.23 -53.03 6.07
CA TYR UA 57 -50.23 -52.15 4.91
C TYR UA 57 -51.56 -52.24 4.20
N ILE UA 58 -52.24 -51.11 4.08
CA ILE UA 58 -53.60 -51.07 3.55
C ILE UA 58 -53.68 -50.00 2.46
N PRO UA 59 -54.31 -50.29 1.32
CA PRO UA 59 -54.40 -49.28 0.26
C PRO UA 59 -55.31 -48.13 0.65
N SER UA 60 -54.98 -46.94 0.15
CA SER UA 60 -55.71 -45.73 0.51
C SER UA 60 -57.13 -45.72 -0.04
N THR UA 61 -57.42 -46.56 -1.05
CA THR UA 61 -58.73 -46.63 -1.65
C THR UA 61 -59.24 -48.07 -1.62
N ASN UA 62 -60.55 -48.22 -1.81
CA ASN UA 62 -61.16 -49.54 -1.77
C ASN UA 62 -60.78 -50.38 -2.99
N SER UA 63 -60.58 -49.74 -4.13
CA SER UA 63 -60.24 -50.43 -5.37
C SER UA 63 -58.91 -49.92 -5.90
N VAL UA 64 -58.40 -50.60 -6.93
CA VAL UA 64 -57.12 -50.22 -7.52
C VAL UA 64 -57.32 -48.99 -8.39
N SER UA 65 -56.45 -48.00 -8.20
CA SER UA 65 -56.49 -46.78 -8.99
C SER UA 65 -55.08 -46.25 -9.13
N CYS UA 66 -54.93 -45.20 -9.96
CA CYS UA 66 -53.60 -44.66 -10.22
C CYS UA 66 -53.09 -43.83 -9.06
N CYS UA 67 -53.98 -43.21 -8.30
CA CYS UA 67 -53.61 -42.44 -7.11
C CYS UA 67 -53.60 -43.30 -5.85
N THR UA 68 -53.71 -44.61 -5.99
CA THR UA 68 -53.73 -45.50 -4.84
C THR UA 68 -52.40 -45.47 -4.12
N GLU UA 69 -52.39 -44.98 -2.89
CA GLU UA 69 -51.23 -45.00 -2.02
C GLU UA 69 -51.38 -46.13 -1.01
N TRP UA 70 -50.32 -46.35 -0.25
CA TRP UA 70 -50.29 -47.41 0.76
C TRP UA 70 -50.09 -46.79 2.13
N ASP UA 71 -51.17 -46.76 2.92
CA ASP UA 71 -51.06 -46.34 4.29
C ASP UA 71 -50.65 -47.53 5.16
N THR UA 72 -50.13 -47.22 6.34
CA THR UA 72 -49.68 -48.23 7.28
C THR UA 72 -50.40 -48.04 8.61
N ILE UA 73 -51.14 -49.06 9.03
CA ILE UA 73 -51.66 -49.14 10.39
C ILE UA 73 -50.56 -49.72 11.26
N ARG UA 74 -50.02 -48.91 12.16
CA ARG UA 74 -48.91 -49.30 13.02
C ARG UA 74 -49.39 -49.43 14.45
N CYS UA 75 -49.02 -50.55 15.08
CA CYS UA 75 -49.30 -50.76 16.50
C CYS UA 75 -48.00 -51.21 17.17
N GLU UA 76 -47.52 -50.41 18.12
CA GLU UA 76 -46.22 -50.62 18.76
C GLU UA 76 -46.39 -50.89 20.25
N PHE UA 77 -45.51 -51.74 20.77
CA PHE UA 77 -45.44 -52.06 22.19
C PHE UA 77 -43.98 -52.20 22.58
N SER UA 78 -43.63 -51.65 23.73
CA SER UA 78 -42.27 -51.77 24.26
C SER UA 78 -42.32 -51.94 25.78
N LEU UA 79 -41.34 -52.66 26.31
CA LEU UA 79 -41.22 -52.90 27.74
C LEU UA 79 -39.74 -52.90 28.12
N THR UA 80 -39.42 -52.22 29.23
CA THR UA 80 -38.04 -52.13 29.69
C THR UA 80 -37.76 -53.20 30.75
N LEU UA 81 -36.77 -54.04 30.49
CA LEU UA 81 -36.29 -55.03 31.45
C LEU UA 81 -34.97 -54.52 32.03
N LEU UA 82 -35.01 -54.10 33.29
CA LEU UA 82 -33.81 -53.59 33.95
C LEU UA 82 -32.80 -54.72 34.12
N GLN UA 83 -31.55 -54.46 33.76
CA GLN UA 83 -30.51 -55.48 33.76
C GLN UA 83 -29.46 -55.30 34.85
N LEU UA 84 -29.41 -54.14 35.51
CA LEU UA 84 -28.34 -53.86 36.46
C LEU UA 84 -28.90 -53.38 37.80
N SER UA 85 -30.14 -53.76 38.11
CA SER UA 85 -30.76 -53.35 39.36
C SER UA 85 -30.56 -54.43 40.42
N SER UA 86 -30.21 -54.00 41.63
CA SER UA 86 -30.09 -54.90 42.77
C SER UA 86 -31.41 -55.15 43.48
N ASN UA 87 -32.46 -54.43 43.11
CA ASN UA 87 -33.77 -54.61 43.73
C ASN UA 87 -34.40 -55.90 43.22
N THR UA 88 -34.73 -56.80 44.14
CA THR UA 88 -35.33 -58.08 43.76
C THR UA 88 -36.79 -57.95 43.36
N ASP UA 89 -37.42 -56.79 43.55
CA ASP UA 89 -38.80 -56.59 43.13
C ASP UA 89 -38.94 -56.40 41.62
N VAL UA 90 -37.82 -56.28 40.89
CA VAL UA 90 -37.89 -55.86 39.49
C VAL UA 90 -38.70 -56.85 38.66
N ALA UA 91 -38.52 -58.15 38.89
CA ALA UA 91 -39.22 -59.13 38.08
C ALA UA 91 -40.73 -59.08 38.30
N ALA UA 92 -41.15 -59.16 39.57
CA ALA UA 92 -42.57 -59.11 39.87
C ALA UA 92 -43.20 -57.81 39.43
N ARG UA 93 -42.46 -56.69 39.55
CA ARG UA 93 -43.03 -55.41 39.16
C ARG UA 93 -43.09 -55.26 37.65
N THR UA 94 -42.14 -55.80 36.90
CA THR UA 94 -42.27 -55.82 35.45
C THR UA 94 -43.48 -56.66 35.02
N VAL UA 95 -43.70 -57.79 35.71
CA VAL UA 95 -44.90 -58.58 35.44
C VAL UA 95 -46.15 -57.74 35.72
N ASP UA 96 -46.16 -57.04 36.85
CA ASP UA 96 -47.32 -56.22 37.19
C ASP UA 96 -47.53 -55.12 36.17
N VAL UA 97 -46.45 -54.54 35.66
CA VAL UA 97 -46.56 -53.48 34.66
C VAL UA 97 -47.16 -54.02 33.36
N LEU UA 98 -46.68 -55.19 32.92
CA LEU UA 98 -47.23 -55.80 31.71
C LEU UA 98 -48.71 -56.11 31.89
N ASP UA 99 -49.09 -56.63 33.07
CA ASP UA 99 -50.48 -56.94 33.32
C ASP UA 99 -51.33 -55.66 33.35
N THR UA 100 -50.79 -54.57 33.90
CA THR UA 100 -51.50 -53.30 33.88
C THR UA 100 -51.70 -52.82 32.45
N MET UA 101 -50.68 -53.02 31.59
CA MET UA 101 -50.80 -52.67 30.19
C MET UA 101 -51.95 -53.43 29.52
N ILE UA 102 -52.00 -54.75 29.73
CA ILE UA 102 -53.05 -55.56 29.13
C ILE UA 102 -54.42 -55.16 29.68
N SER UA 103 -54.50 -54.93 30.99
CA SER UA 103 -55.75 -54.51 31.60
C SER UA 103 -56.23 -53.18 31.02
N PHE UA 104 -55.31 -52.26 30.76
CA PHE UA 104 -55.72 -50.97 30.20
C PHE UA 104 -56.12 -51.09 28.74
N LEU UA 105 -55.46 -51.97 27.99
CA LEU UA 105 -55.90 -52.24 26.63
C LEU UA 105 -57.32 -52.78 26.61
N ALA UA 106 -57.68 -53.58 27.62
CA ALA UA 106 -59.07 -54.01 27.72
C ALA UA 106 -59.97 -52.87 28.16
N LYS UA 107 -59.56 -52.13 29.19
CA LYS UA 107 -60.38 -51.13 29.84
C LYS UA 107 -60.72 -49.97 28.90
N ARG UA 108 -59.77 -49.57 28.06
CA ARG UA 108 -59.92 -48.40 27.21
C ARG UA 108 -59.99 -48.75 25.72
N ARG UA 109 -60.52 -49.93 25.39
CA ARG UA 109 -60.50 -50.38 24.00
C ARG UA 109 -61.27 -49.41 23.10
N ASN UA 110 -62.47 -49.02 23.49
CA ASN UA 110 -63.26 -48.12 22.65
C ASN UA 110 -62.57 -46.77 22.50
N SER UA 111 -62.04 -46.22 23.59
CA SER UA 111 -61.35 -44.94 23.53
C SER UA 111 -60.13 -45.02 22.60
N ILE UA 112 -59.36 -46.11 22.72
CA ILE UA 112 -58.17 -46.30 21.89
C ILE UA 112 -58.56 -46.39 20.41
N LEU UA 113 -59.63 -47.14 20.12
CA LEU UA 113 -60.02 -47.36 18.73
C LEU UA 113 -60.70 -46.15 18.12
N ALA UA 114 -61.29 -45.28 18.94
CA ALA UA 114 -62.00 -44.11 18.42
C ALA UA 114 -61.18 -42.83 18.48
N GLY UA 115 -60.07 -42.81 19.21
CA GLY UA 115 -59.31 -41.57 19.35
C GLY UA 115 -60.05 -40.53 20.16
N ASN UA 116 -60.72 -40.93 21.22
CA ASN UA 116 -61.52 -40.04 22.05
C ASN UA 116 -61.33 -40.43 23.51
N LEU UA 117 -60.67 -39.56 24.29
CA LEU UA 117 -60.41 -39.84 25.69
C LEU UA 117 -61.68 -39.88 26.53
N LEU UA 118 -62.77 -39.26 26.06
CA LEU UA 118 -63.96 -39.10 26.88
C LEU UA 118 -64.84 -40.33 26.93
N LEU UA 119 -64.61 -41.32 26.06
CA LEU UA 119 -65.45 -42.50 26.08
C LEU UA 119 -65.27 -43.25 27.40
N PRO UA 120 -66.35 -43.76 27.98
CA PRO UA 120 -66.22 -44.52 29.24
C PRO UA 120 -65.46 -45.81 29.02
N ASP UA 121 -65.02 -46.40 30.13
CA ASP UA 121 -64.37 -47.69 30.08
C ASP UA 121 -65.24 -48.72 29.36
N ASN UA 122 -64.59 -49.64 28.66
CA ASN UA 122 -65.33 -50.74 28.07
C ASN UA 122 -65.99 -51.57 29.17
N PRO UA 123 -67.22 -52.06 28.93
CA PRO UA 123 -67.89 -52.92 29.92
C PRO UA 123 -67.16 -54.25 30.10
N ALA VA 1 -46.78 12.13 -71.19
CA ALA VA 1 -46.21 13.07 -72.14
C ALA VA 1 -44.74 13.33 -71.83
N SER VA 2 -43.87 13.05 -72.81
CA SER VA 2 -42.46 13.38 -72.67
C SER VA 2 -42.31 14.86 -72.37
N LEU VA 3 -41.52 15.18 -71.36
CA LEU VA 3 -41.34 16.57 -70.96
C LEU VA 3 -40.37 17.27 -71.92
N PRO VA 4 -40.59 18.54 -72.23
CA PRO VA 4 -39.64 19.28 -73.07
C PRO VA 4 -38.41 19.67 -72.29
N VAL VA 5 -37.24 19.51 -72.92
CA VAL VA 5 -35.97 19.73 -72.24
C VAL VA 5 -35.03 20.53 -73.14
N THR VA 6 -34.14 21.28 -72.50
CA THR VA 6 -33.00 21.88 -73.16
C THR VA 6 -31.75 21.56 -72.36
N GLN VA 7 -30.65 21.32 -73.07
CA GLN VA 7 -29.42 20.92 -72.41
C GLN VA 7 -28.84 22.09 -71.62
N TYR VA 8 -28.76 21.94 -70.30
CA TYR VA 8 -28.23 22.95 -69.39
C TYR VA 8 -26.72 22.81 -69.21
N SER VA 9 -26.25 21.65 -68.74
CA SER VA 9 -24.81 21.39 -68.66
C SER VA 9 -24.43 20.36 -69.71
N PRO VA 10 -23.69 20.73 -70.74
CA PRO VA 10 -23.45 19.82 -71.85
C PRO VA 10 -22.37 18.80 -71.51
N PRO VA 11 -22.26 17.71 -72.27
CA PRO VA 11 -21.23 16.72 -71.99
C PRO VA 11 -19.84 17.28 -72.27
N VAL VA 12 -18.92 16.95 -71.39
CA VAL VA 12 -17.56 17.48 -71.41
C VAL VA 12 -16.57 16.41 -71.82
N THR VA 13 -16.61 15.27 -71.14
CA THR VA 13 -15.77 14.11 -71.39
C THR VA 13 -16.66 12.88 -71.50
N PRO VA 14 -16.14 11.78 -72.06
CA PRO VA 14 -16.96 10.56 -72.15
C PRO VA 14 -17.52 10.10 -70.81
N LEU VA 15 -16.77 10.27 -69.73
CA LEU VA 15 -17.27 9.98 -68.39
C LEU VA 15 -17.66 11.27 -67.70
N GLY VA 16 -18.59 11.15 -66.75
CA GLY VA 16 -19.06 12.31 -66.01
C GLY VA 16 -20.56 12.44 -66.02
N LYS VA 17 -21.05 13.68 -66.04
CA LYS VA 17 -22.47 13.98 -65.98
C LYS VA 17 -22.86 14.99 -67.06
N SER VA 18 -24.06 14.82 -67.59
CA SER VA 18 -24.69 15.79 -68.48
C SER VA 18 -26.10 16.02 -67.98
N THR VA 19 -26.57 17.27 -68.03
CA THR VA 19 -27.88 17.60 -67.47
C THR VA 19 -28.72 18.41 -68.46
N TRP VA 20 -29.99 18.06 -68.54
CA TRP VA 20 -31.01 18.80 -69.25
C TRP VA 20 -32.00 19.37 -68.25
N ASN VA 21 -32.49 20.57 -68.51
CA ASN VA 21 -33.54 21.19 -67.71
C ASN VA 21 -34.87 21.09 -68.45
N VAL VA 22 -35.93 20.85 -67.68
CA VAL VA 22 -37.29 20.84 -68.22
C VAL VA 22 -37.74 22.28 -68.41
N THR VA 23 -38.14 22.62 -69.62
CA THR VA 23 -38.51 24.00 -69.94
C THR VA 23 -39.96 24.27 -69.56
N GLY VA 24 -40.25 25.53 -69.28
CA GLY VA 24 -41.60 25.95 -68.96
C GLY VA 24 -42.05 25.66 -67.55
N SER VA 25 -41.14 25.38 -66.64
CA SER VA 25 -41.52 25.07 -65.27
C SER VA 25 -41.87 26.35 -64.51
N THR VA 26 -42.79 26.22 -63.57
CA THR VA 26 -43.25 27.37 -62.79
C THR VA 26 -42.57 27.51 -61.44
N ASN VA 27 -41.93 26.45 -60.94
CA ASN VA 27 -41.30 26.48 -59.64
C ASN VA 27 -39.98 27.25 -59.72
N PRO VA 28 -39.43 27.67 -58.58
CA PRO VA 28 -38.17 28.46 -58.59
C PRO VA 28 -37.06 27.70 -59.31
N PRO VA 29 -36.03 28.42 -59.77
CA PRO VA 29 -35.02 27.77 -60.64
C PRO VA 29 -34.30 26.61 -59.98
N GLY VA 30 -33.93 26.74 -58.70
CA GLY VA 30 -33.28 25.64 -58.01
C GLY VA 30 -34.10 24.38 -57.95
N LEU VA 31 -35.41 24.48 -58.22
CA LEU VA 31 -36.30 23.32 -58.25
C LEU VA 31 -36.80 23.00 -59.66
N VAL VA 32 -36.08 23.45 -60.68
CA VAL VA 32 -36.45 23.11 -62.06
C VAL VA 32 -36.25 21.61 -62.26
N PRO VA 33 -37.24 20.89 -62.80
CA PRO VA 33 -37.05 19.46 -63.03
C PRO VA 33 -35.87 19.20 -63.95
N GLN VA 34 -35.13 18.14 -63.65
CA GLN VA 34 -33.87 17.86 -64.35
C GLN VA 34 -33.83 16.42 -64.83
N VAL VA 35 -33.07 16.22 -65.92
CA VAL VA 35 -32.69 14.90 -66.40
C VAL VA 35 -31.17 14.84 -66.45
N VAL VA 36 -30.59 13.84 -65.81
CA VAL VA 36 -29.15 13.72 -65.66
C VAL VA 36 -28.72 12.39 -66.24
N GLN VA 37 -27.79 12.43 -67.19
CA GLN VA 37 -27.12 11.22 -67.68
C GLN VA 37 -25.72 11.14 -67.09
N THR VA 38 -25.38 9.97 -66.56
CA THR VA 38 -24.11 9.74 -65.89
C THR VA 38 -23.40 8.57 -66.55
N GLU VA 39 -22.10 8.71 -66.79
CA GLU VA 39 -21.27 7.62 -67.28
C GLU VA 39 -20.07 7.50 -66.36
N SER VA 40 -20.05 6.48 -65.50
CA SER VA 40 -19.04 6.40 -64.46
C SER VA 40 -18.33 5.04 -64.47
N ILE VA 41 -17.06 5.04 -64.10
CA ILE VA 41 -16.28 3.80 -64.06
C ILE VA 41 -16.31 3.23 -62.65
N ASN VA 42 -16.28 1.91 -62.59
CA ASN VA 42 -16.21 1.22 -61.31
C ASN VA 42 -14.81 1.40 -60.70
N ALA VA 43 -14.72 1.11 -59.41
CA ALA VA 43 -13.43 1.20 -58.72
C ALA VA 43 -12.41 0.25 -59.35
N ARG VA 44 -12.76 -1.02 -59.49
CA ARG VA 44 -11.88 -1.99 -60.13
C ARG VA 44 -11.85 -1.84 -61.65
N LYS VA 45 -12.56 -0.87 -62.21
CA LYS VA 45 -12.60 -0.63 -63.66
C LYS VA 45 -13.12 -1.84 -64.42
N SER VA 46 -14.00 -2.60 -63.80
CA SER VA 46 -14.63 -3.73 -64.48
C SER VA 46 -15.89 -3.33 -65.23
N ASN VA 47 -16.66 -2.39 -64.68
CA ASN VA 47 -17.91 -1.96 -65.30
C ASN VA 47 -17.88 -0.47 -65.56
N ILE VA 48 -18.58 -0.05 -66.62
CA ILE VA 48 -19.00 1.33 -66.77
C ILE VA 48 -20.51 1.37 -66.54
N MET VA 49 -20.95 2.21 -65.62
CA MET VA 49 -22.36 2.39 -65.34
C MET VA 49 -22.89 3.53 -66.19
N SER VA 50 -23.90 3.24 -67.00
CA SER VA 50 -24.66 4.24 -67.74
C SER VA 50 -25.97 4.47 -67.00
N LYS VA 51 -26.21 5.70 -66.56
CA LYS VA 51 -27.38 6.02 -65.75
C LYS VA 51 -28.14 7.19 -66.36
N ILE VA 52 -29.47 7.11 -66.25
CA ILE VA 52 -30.36 8.24 -66.55
C ILE VA 52 -31.24 8.46 -65.32
N SER VA 53 -31.40 9.71 -64.93
CA SER VA 53 -32.16 10.06 -63.74
C SER VA 53 -33.07 11.24 -64.04
N VAL VA 54 -34.35 11.10 -63.74
CA VAL VA 54 -35.32 12.17 -63.90
C VAL VA 54 -35.79 12.57 -62.51
N TYR VA 55 -35.48 13.81 -62.12
CA TYR VA 55 -35.93 14.39 -60.87
C TYR VA 55 -36.97 15.45 -61.19
N TYR VA 56 -38.23 15.20 -60.81
CA TYR VA 56 -39.31 16.17 -60.99
C TYR VA 56 -39.75 16.65 -59.61
N TYR VA 57 -39.48 17.92 -59.32
CA TYR VA 57 -39.82 18.49 -58.02
C TYR VA 57 -41.23 19.06 -58.08
N ILE VA 58 -42.10 18.57 -57.21
CA ILE VA 58 -43.52 18.91 -57.24
C ILE VA 58 -43.96 19.33 -55.83
N PRO VA 59 -44.72 20.41 -55.70
CA PRO VA 59 -45.16 20.83 -54.37
C PRO VA 59 -46.17 19.87 -53.77
N SER VA 60 -46.12 19.74 -52.44
CA SER VA 60 -46.98 18.78 -51.75
C SER VA 60 -48.45 19.17 -51.81
N THR VA 61 -48.76 20.43 -52.12
CA THR VA 61 -50.14 20.88 -52.21
C THR VA 61 -50.38 21.53 -53.57
N ASN VA 62 -51.67 21.68 -53.91
CA ASN VA 62 -52.02 22.26 -55.20
C ASN VA 62 -51.72 23.74 -55.26
N SER VA 63 -51.83 24.45 -54.13
CA SER VA 63 -51.60 25.89 -54.07
C SER VA 63 -50.49 26.19 -53.08
N VAL VA 64 -50.06 27.44 -53.07
CA VAL VA 64 -48.98 27.86 -52.18
C VAL VA 64 -49.53 28.00 -50.77
N SER VA 65 -48.82 27.41 -49.81
CA SER VA 65 -49.20 27.50 -48.41
C SER VA 65 -47.94 27.46 -47.56
N CYS VA 66 -48.11 27.68 -46.25
CA CYS VA 66 -46.96 27.73 -45.36
C CYS VA 66 -46.39 26.35 -45.07
N CYS VA 67 -47.24 25.31 -45.09
CA CYS VA 67 -46.81 23.94 -44.91
C CYS VA 67 -46.44 23.26 -46.22
N THR VA 68 -46.35 24.02 -47.31
CA THR VA 68 -46.02 23.45 -48.62
C THR VA 68 -44.59 22.91 -48.61
N GLU VA 69 -44.47 21.60 -48.76
CA GLU VA 69 -43.18 20.94 -48.91
C GLU VA 69 -42.96 20.60 -50.39
N TRP VA 70 -41.76 20.12 -50.69
CA TRP VA 70 -41.38 19.78 -52.05
C TRP VA 70 -41.06 18.30 -52.12
N ASP VA 71 -41.98 17.52 -52.70
CA ASP VA 71 -41.71 16.12 -52.95
C ASP VA 71 -40.96 15.98 -54.28
N THR VA 72 -40.31 14.84 -54.44
CA THR VA 72 -39.53 14.55 -55.65
C THR VA 72 -40.04 13.26 -56.26
N ILE VA 73 -40.51 13.34 -57.51
CA ILE VA 73 -40.77 12.16 -58.32
C ILE VA 73 -39.45 11.77 -58.97
N ARG VA 74 -38.91 10.63 -58.57
CA ARG VA 74 -37.62 10.14 -59.04
C ARG VA 74 -37.82 8.93 -59.94
N CYS VA 75 -37.17 8.96 -61.11
CA CYS VA 75 -37.14 7.82 -62.01
C CYS VA 75 -35.70 7.55 -62.40
N GLU VA 76 -35.20 6.37 -62.05
CA GLU VA 76 -33.80 6.01 -62.23
C GLU VA 76 -33.67 4.83 -63.20
N PHE VA 77 -32.57 4.85 -63.95
CA PHE VA 77 -32.21 3.78 -64.88
C PHE VA 77 -30.70 3.62 -64.85
N SER VA 78 -30.24 2.36 -64.83
CA SER VA 78 -28.82 2.06 -64.86
C SER VA 78 -28.58 0.83 -65.72
N LEU VA 79 -27.41 0.79 -66.36
CA LEU VA 79 -27.01 -0.33 -67.20
C LEU VA 79 -25.52 -0.55 -67.04
N THR VA 80 -25.12 -1.82 -66.90
CA THR VA 80 -23.71 -2.18 -66.71
C THR VA 80 -23.09 -2.56 -68.06
N LEU VA 81 -22.03 -1.85 -68.44
CA LEU VA 81 -21.23 -2.16 -69.61
C LEU VA 81 -19.93 -2.82 -69.14
N LEU VA 82 -19.82 -4.13 -69.38
CA LEU VA 82 -18.63 -4.86 -68.98
C LEU VA 82 -17.43 -4.39 -69.80
N GLN VA 83 -16.32 -4.11 -69.11
CA GLN VA 83 -15.14 -3.54 -69.75
C GLN VA 83 -13.98 -4.51 -69.87
N LEU VA 84 -14.00 -5.63 -69.17
CA LEU VA 84 -12.85 -6.52 -69.12
C LEU VA 84 -13.24 -7.96 -69.47
N SER VA 85 -14.32 -8.14 -70.21
CA SER VA 85 -14.78 -9.47 -70.60
C SER VA 85 -14.22 -9.84 -71.96
N SER VA 86 -13.75 -11.09 -72.07
CA SER VA 86 -13.27 -11.62 -73.34
C SER VA 86 -14.39 -12.21 -74.19
N ASN VA 87 -15.60 -12.31 -73.64
CA ASN VA 87 -16.74 -12.85 -74.39
C ASN VA 87 -17.22 -11.82 -75.40
N THR VA 88 -17.23 -12.20 -76.68
CA THR VA 88 -17.67 -11.29 -77.72
C THR VA 88 -19.18 -11.10 -77.77
N ASP VA 89 -19.94 -11.89 -77.00
CA ASP VA 89 -21.39 -11.71 -76.96
C ASP VA 89 -21.81 -10.50 -76.13
N VAL VA 90 -20.87 -9.85 -75.43
CA VAL VA 90 -21.24 -8.84 -74.44
C VAL VA 90 -22.02 -7.69 -75.08
N ALA VA 91 -21.58 -7.25 -76.26
CA ALA VA 91 -22.25 -6.10 -76.89
C ALA VA 91 -23.67 -6.44 -77.29
N ALA VA 92 -23.85 -7.53 -78.04
CA ALA VA 92 -25.19 -7.91 -78.47
C ALA VA 92 -26.09 -8.22 -77.29
N ARG VA 93 -25.55 -8.81 -76.23
CA ARG VA 93 -26.37 -9.15 -75.07
C ARG VA 93 -26.73 -7.91 -74.26
N THR VA 94 -25.84 -6.92 -74.16
CA THR VA 94 -26.21 -5.65 -73.53
C THR VA 94 -27.31 -4.97 -74.32
N VAL VA 95 -27.23 -5.02 -75.66
CA VAL VA 95 -28.31 -4.49 -76.49
C VAL VA 95 -29.61 -5.22 -76.20
N ASP VA 96 -29.55 -6.55 -76.12
CA ASP VA 96 -30.74 -7.34 -75.84
C ASP VA 96 -31.32 -7.00 -74.47
N VAL VA 97 -30.45 -6.77 -73.48
CA VAL VA 97 -30.91 -6.43 -72.15
C VAL VA 97 -31.61 -5.08 -72.14
N LEU VA 98 -31.03 -4.09 -72.82
CA LEU VA 98 -31.68 -2.78 -72.91
C LEU VA 98 -33.03 -2.88 -73.61
N ASP VA 99 -33.11 -3.69 -74.68
CA ASP VA 99 -34.37 -3.85 -75.38
C ASP VA 99 -35.40 -4.55 -74.50
N THR VA 100 -34.96 -5.52 -73.70
CA THR VA 100 -35.87 -6.18 -72.76
C THR VA 100 -36.38 -5.18 -71.73
N MET VA 101 -35.52 -4.28 -71.28
CA MET VA 101 -35.93 -3.24 -70.35
C MET VA 101 -37.03 -2.37 -70.95
N ILE VA 102 -36.82 -1.90 -72.19
CA ILE VA 102 -37.81 -1.05 -72.84
C ILE VA 102 -39.11 -1.82 -73.06
N SER VA 103 -39.00 -3.09 -73.50
CA SER VA 103 -40.18 -3.91 -73.72
C SER VA 103 -40.97 -4.08 -72.43
N PHE VA 104 -40.28 -4.25 -71.30
CA PHE VA 104 -40.98 -4.42 -70.04
C PHE VA 104 -41.60 -3.12 -69.55
N LEU VA 105 -40.94 -2.00 -69.80
CA LEU VA 105 -41.56 -0.71 -69.49
C LEU VA 105 -42.85 -0.52 -70.27
N ALA VA 106 -42.90 -1.04 -71.51
CA ALA VA 106 -44.16 -1.02 -72.24
C ALA VA 106 -45.15 -2.03 -71.69
N LYS VA 107 -44.69 -3.24 -71.43
CA LYS VA 107 -45.54 -4.36 -71.07
C LYS VA 107 -46.23 -4.13 -69.73
N ARG VA 108 -45.52 -3.54 -68.76
CA ARG VA 108 -46.01 -3.39 -67.40
C ARG VA 108 -46.27 -1.93 -67.03
N ARG VA 109 -46.65 -1.10 -68.00
CA ARG VA 109 -46.80 0.32 -67.74
C ARG VA 109 -47.86 0.59 -66.67
N ASN VA 110 -49.03 -0.04 -66.78
CA ASN VA 110 -50.08 0.20 -65.82
C ASN VA 110 -49.66 -0.28 -64.43
N SER VA 111 -49.05 -1.46 -64.35
CA SER VA 111 -48.61 -1.98 -63.07
C SER VA 111 -47.56 -1.06 -62.43
N ILE VA 112 -46.63 -0.57 -63.23
CA ILE VA 112 -45.58 0.32 -62.73
C ILE VA 112 -46.19 1.62 -62.22
N LEU VA 113 -47.16 2.17 -62.97
CA LEU VA 113 -47.74 3.45 -62.60
C LEU VA 113 -48.71 3.35 -61.43
N ALA VA 114 -49.29 2.17 -61.21
CA ALA VA 114 -50.26 2.00 -60.13
C ALA VA 114 -49.66 1.38 -58.87
N GLY VA 115 -48.47 0.81 -58.94
CA GLY VA 115 -47.92 0.13 -57.78
C GLY VA 115 -48.66 -1.13 -57.42
N ASN VA 116 -49.05 -1.91 -58.43
CA ASN VA 116 -49.85 -3.13 -58.23
C ASN VA 116 -49.34 -4.18 -59.19
N LEU VA 117 -48.71 -5.24 -58.66
CA LEU VA 117 -48.18 -6.31 -59.49
C LEU VA 117 -49.25 -7.10 -60.21
N LEU VA 118 -50.49 -7.07 -59.71
CA LEU VA 118 -51.53 -7.96 -60.23
C LEU VA 118 -52.17 -7.45 -61.51
N LEU VA 119 -51.94 -6.20 -61.90
CA LEU VA 119 -52.55 -5.68 -63.11
C LEU VA 119 -52.02 -6.45 -64.32
N PRO VA 120 -52.89 -6.78 -65.28
CA PRO VA 120 -52.42 -7.49 -66.48
C PRO VA 120 -51.50 -6.61 -67.31
N ASP VA 121 -50.79 -7.26 -68.23
CA ASP VA 121 -49.94 -6.53 -69.16
C ASP VA 121 -50.75 -5.47 -69.90
N ASN VA 122 -50.08 -4.37 -70.22
CA ASN VA 122 -50.71 -3.36 -71.05
C ASN VA 122 -51.04 -3.96 -72.42
N PRO VA 123 -52.18 -3.60 -73.02
CA PRO VA 123 -52.53 -4.07 -74.36
C PRO VA 123 -51.56 -3.53 -75.41
N ALA WA 1 38.58 -75.52 13.58
CA ALA WA 1 39.80 -75.71 12.80
C ALA WA 1 40.30 -74.40 12.23
N SER WA 2 41.54 -74.06 12.56
CA SER WA 2 42.17 -72.88 11.99
C SER WA 2 42.17 -72.99 10.47
N LEU WA 3 41.74 -71.94 9.79
CA LEU WA 3 41.66 -71.97 8.34
C LEU WA 3 43.05 -71.78 7.72
N PRO WA 4 43.34 -72.45 6.62
CA PRO WA 4 44.62 -72.24 5.94
C PRO WA 4 44.63 -70.92 5.17
N VAL WA 5 45.73 -70.19 5.27
CA VAL WA 5 45.82 -68.85 4.69
C VAL WA 5 47.15 -68.69 3.97
N THR WA 6 47.15 -67.84 2.95
CA THR WA 6 48.36 -67.34 2.32
C THR WA 6 48.28 -65.82 2.24
N GLN WA 7 49.41 -65.16 2.45
CA GLN WA 7 49.42 -63.70 2.46
C GLN WA 7 49.17 -63.16 1.06
N TYR WA 8 48.06 -62.43 0.90
CA TYR WA 8 47.67 -61.82 -0.37
C TYR WA 8 48.26 -60.43 -0.54
N SER WA 9 47.97 -59.52 0.38
CA SER WA 9 48.60 -58.19 0.37
C SER WA 9 49.57 -58.08 1.53
N PRO WA 10 50.87 -58.04 1.29
CA PRO WA 10 51.85 -58.11 2.37
C PRO WA 10 51.97 -56.78 3.08
N PRO WA 11 52.56 -56.76 4.28
CA PRO WA 11 52.73 -55.48 4.99
C PRO WA 11 53.74 -54.59 4.27
N VAL WA 12 53.41 -53.32 4.23
CA VAL WA 12 54.17 -52.32 3.50
C VAL WA 12 54.90 -51.38 4.45
N THR WA 13 54.18 -50.81 5.40
CA THR WA 13 54.68 -49.91 6.41
C THR WA 13 54.19 -50.39 7.77
N PRO WA 14 54.81 -49.93 8.87
CA PRO WA 14 54.33 -50.34 10.20
C PRO WA 14 52.85 -50.07 10.43
N LEU WA 15 52.32 -48.98 9.89
CA LEU WA 15 50.89 -48.70 9.95
C LEU WA 15 50.24 -49.04 8.62
N GLY WA 16 48.95 -49.35 8.67
CA GLY WA 16 48.22 -49.71 7.47
C GLY WA 16 47.47 -51.03 7.61
N LYS WA 17 47.39 -51.77 6.51
CA LYS WA 17 46.65 -53.02 6.45
C LYS WA 17 47.49 -54.12 5.81
N SER WA 18 47.32 -55.34 6.29
CA SER WA 18 47.87 -56.53 5.67
C SER WA 18 46.75 -57.56 5.57
N THR WA 19 46.69 -58.30 4.47
CA THR WA 19 45.60 -59.23 4.25
C THR WA 19 46.11 -60.61 3.84
N TRP WA 20 45.50 -61.64 4.42
CA TRP WA 20 45.67 -63.03 4.04
C TRP WA 20 44.37 -63.55 3.45
N ASN WA 21 44.49 -64.40 2.42
CA ASN WA 21 43.35 -65.07 1.84
C ASN WA 21 43.29 -66.51 2.32
N VAL WA 22 42.07 -66.99 2.57
CA VAL WA 22 41.85 -68.39 2.92
C VAL WA 22 41.94 -69.23 1.67
N THR WA 23 42.82 -70.23 1.69
CA THR WA 23 43.06 -71.04 0.51
C THR WA 23 42.02 -72.17 0.42
N GLY WA 24 41.78 -72.61 -0.82
CA GLY WA 24 40.88 -73.72 -1.07
C GLY WA 24 39.41 -73.37 -1.02
N SER WA 25 39.06 -72.09 -1.13
CA SER WA 25 37.66 -71.70 -1.08
C SER WA 25 36.98 -71.98 -2.42
N THR WA 26 35.69 -72.27 -2.36
CA THR WA 26 34.93 -72.61 -3.55
C THR WA 26 34.13 -71.44 -4.11
N ASN WA 27 33.91 -70.40 -3.32
CA ASN WA 27 33.12 -69.26 -3.77
C ASN WA 27 33.94 -68.39 -4.70
N PRO WA 28 33.30 -67.49 -5.46
CA PRO WA 28 34.03 -66.65 -6.42
C PRO WA 28 35.12 -65.84 -5.73
N PRO WA 29 36.13 -65.37 -6.48
CA PRO WA 29 37.30 -64.76 -5.84
C PRO WA 29 36.97 -63.53 -5.00
N GLY WA 30 36.08 -62.66 -5.48
CA GLY WA 30 35.69 -61.50 -4.70
C GLY WA 30 35.09 -61.84 -3.36
N LEU WA 31 34.67 -63.10 -3.17
CA LEU WA 31 34.10 -63.56 -1.90
C LEU WA 31 35.03 -64.55 -1.19
N VAL WA 32 36.31 -64.55 -1.52
CA VAL WA 32 37.26 -65.41 -0.80
C VAL WA 32 37.36 -64.93 0.65
N PRO WA 33 37.23 -65.83 1.63
CA PRO WA 33 37.37 -65.41 3.03
C PRO WA 33 38.73 -64.77 3.28
N GLN WA 34 38.73 -63.72 4.10
CA GLN WA 34 39.93 -62.93 4.31
C GLN WA 34 40.20 -62.72 5.80
N VAL WA 35 41.49 -62.54 6.11
CA VAL WA 35 41.94 -62.10 7.42
C VAL WA 35 42.74 -60.82 7.22
N VAL WA 36 42.37 -59.76 7.94
CA VAL WA 36 42.96 -58.44 7.77
C VAL WA 36 43.53 -58.00 9.11
N GLN WA 37 44.81 -57.66 9.13
CA GLN WA 37 45.43 -57.02 10.28
C GLN WA 37 45.63 -55.54 9.98
N THR WA 38 45.22 -54.70 10.92
CA THR WA 38 45.26 -53.25 10.78
C THR WA 38 46.05 -52.66 11.93
N GLU WA 39 46.93 -51.70 11.62
CA GLU WA 39 47.64 -50.94 12.64
C GLU WA 39 47.45 -49.46 12.33
N SER WA 40 46.62 -48.78 13.11
CA SER WA 40 46.23 -47.42 12.78
C SER WA 40 46.44 -46.48 13.97
N ILE WA 41 46.77 -45.22 13.66
CA ILE WA 41 46.98 -44.23 14.71
C ILE WA 41 45.70 -43.45 14.94
N ASN WA 42 45.51 -43.04 16.19
CA ASN WA 42 44.38 -42.21 16.54
C ASN WA 42 44.59 -40.79 15.99
N ALA WA 43 43.49 -40.03 15.96
CA ALA WA 43 43.57 -38.64 15.49
C ALA WA 43 44.52 -37.83 16.36
N ARG WA 44 44.31 -37.85 17.68
CA ARG WA 44 45.19 -37.16 18.60
C ARG WA 44 46.52 -37.88 18.81
N LYS WA 45 46.75 -38.99 18.12
CA LYS WA 45 48.00 -39.76 18.23
C LYS WA 45 48.25 -40.24 19.65
N SER WA 46 47.18 -40.49 20.40
CA SER WA 46 47.32 -41.04 21.74
C SER WA 46 47.37 -42.56 21.74
N ASN WA 47 46.62 -43.22 20.86
CA ASN WA 47 46.56 -44.67 20.80
C ASN WA 47 46.96 -45.16 19.41
N ILE WA 48 47.57 -46.34 19.37
CA ILE WA 48 47.64 -47.15 18.15
C ILE WA 48 46.69 -48.31 18.34
N MET WA 49 45.77 -48.47 17.39
CA MET WA 49 44.83 -49.58 17.39
C MET WA 49 45.42 -50.73 16.58
N SER WA 50 45.58 -51.89 17.23
CA SER WA 50 45.93 -53.13 16.56
C SER WA 50 44.67 -53.96 16.40
N LYS WA 51 44.30 -54.27 15.16
CA LYS WA 51 43.06 -54.97 14.86
C LYS WA 51 43.33 -56.22 14.03
N ILE WA 52 42.56 -57.26 14.29
CA ILE WA 52 42.49 -58.44 13.44
C ILE WA 52 41.01 -58.68 13.09
N SER WA 53 40.74 -58.96 11.83
CA SER WA 53 39.38 -59.13 11.35
C SER WA 53 39.32 -60.35 10.44
N VAL WA 54 38.39 -61.26 10.74
CA VAL WA 54 38.16 -62.43 9.91
C VAL WA 54 36.78 -62.29 9.29
N TYR WA 55 36.74 -62.18 7.96
CA TYR WA 55 35.50 -62.12 7.19
C TYR WA 55 35.38 -63.42 6.43
N TYR WA 56 34.40 -64.25 6.80
CA TYR WA 56 34.12 -65.50 6.09
C TYR WA 56 32.77 -65.36 5.39
N TYR WA 57 32.79 -65.33 4.07
CA TYR WA 57 31.59 -65.16 3.27
C TYR WA 57 30.98 -66.53 2.99
N ILE WA 58 29.74 -66.73 3.41
CA ILE WA 58 29.09 -68.03 3.32
C ILE WA 58 27.71 -67.85 2.68
N PRO WA 59 27.33 -68.73 1.74
CA PRO WA 59 26.01 -68.58 1.11
C PRO WA 59 24.89 -68.90 2.08
N SER WA 60 23.76 -68.22 1.88
CA SER WA 60 22.63 -68.36 2.78
C SER WA 60 21.97 -69.74 2.68
N THR WA 61 22.23 -70.47 1.60
CA THR WA 61 21.65 -71.80 1.41
C THR WA 61 22.77 -72.80 1.15
N ASN WA 62 22.43 -74.09 1.30
CA ASN WA 62 23.41 -75.14 1.11
C ASN WA 62 23.79 -75.32 -0.36
N SER WA 63 22.85 -75.07 -1.27
CA SER WA 63 23.07 -75.22 -2.69
C SER WA 63 22.82 -73.89 -3.40
N VAL WA 64 23.19 -73.86 -4.69
CA VAL WA 64 23.02 -72.65 -5.47
C VAL WA 64 21.54 -72.48 -5.84
N SER WA 65 21.01 -71.29 -5.61
CA SER WA 65 19.63 -70.98 -5.96
C SER WA 65 19.55 -69.50 -6.32
N CYS WA 66 18.36 -69.10 -6.79
CA CYS WA 66 18.19 -67.73 -7.25
C CYS WA 66 18.07 -66.75 -6.09
N CYS WA 67 17.55 -67.20 -4.95
CA CYS WA 67 17.45 -66.38 -3.75
C CYS WA 67 18.68 -66.51 -2.86
N THR WA 68 19.75 -67.13 -3.36
CA THR WA 68 20.96 -67.32 -2.57
C THR WA 68 21.62 -65.97 -2.30
N GLU WA 69 21.66 -65.60 -1.02
CA GLU WA 69 22.38 -64.40 -0.58
C GLU WA 69 23.71 -64.81 0.04
N TRP WA 70 24.52 -63.81 0.37
CA TRP WA 70 25.84 -64.04 0.94
C TRP WA 70 25.88 -63.41 2.32
N ASP WA 71 25.83 -64.25 3.36
CA ASP WA 71 26.02 -63.78 4.71
C ASP WA 71 27.51 -63.73 5.02
N THR WA 72 27.86 -62.95 6.05
CA THR WA 72 29.24 -62.78 6.46
C THR WA 72 29.37 -63.16 7.92
N ILE WA 73 30.20 -64.15 8.20
CA ILE WA 73 30.62 -64.44 9.57
C ILE WA 73 31.81 -63.52 9.87
N ARG WA 74 31.62 -62.58 10.78
CA ARG WA 74 32.62 -61.58 11.14
C ARG WA 74 33.14 -61.86 12.53
N CYS WA 75 34.47 -61.86 12.66
CA CYS WA 75 35.13 -61.95 13.96
C CYS WA 75 36.16 -60.84 14.06
N GLU WA 76 35.98 -59.95 15.02
CA GLU WA 76 36.80 -58.76 15.18
C GLU WA 76 37.56 -58.79 16.50
N PHE WA 77 38.77 -58.22 16.46
CA PHE WA 77 39.61 -58.06 17.64
C PHE WA 77 40.33 -56.73 17.53
N SER WA 78 40.41 -56.00 18.65
CA SER WA 78 41.12 -54.73 18.70
C SER WA 78 41.84 -54.62 20.04
N LEU WA 79 42.97 -53.91 20.02
CA LEU WA 79 43.77 -53.67 21.22
C LEU WA 79 44.36 -52.27 21.14
N THR WA 80 44.29 -51.54 22.25
CA THR WA 80 44.81 -50.17 22.31
C THR WA 80 46.24 -50.17 22.88
N LEU WA 81 47.17 -49.63 22.10
CA LEU WA 81 48.56 -49.43 22.54
C LEU WA 81 48.72 -47.94 22.85
N LEU WA 82 48.84 -47.62 24.13
CA LEU WA 82 49.01 -46.23 24.53
C LEU WA 82 50.37 -45.72 24.07
N GLN WA 83 50.38 -44.53 23.45
CA GLN WA 83 51.58 -43.98 22.85
C GLN WA 83 52.17 -42.80 23.60
N LEU WA 84 51.43 -42.20 24.53
CA LEU WA 84 51.87 -40.97 25.18
C LEU WA 84 51.80 -41.08 26.70
N SER WA 85 51.87 -42.30 27.22
CA SER WA 85 51.82 -42.52 28.67
C SER WA 85 53.22 -42.58 29.24
N SER WA 86 53.42 -41.91 30.37
CA SER WA 86 54.69 -41.96 31.09
C SER WA 86 54.77 -43.14 32.05
N ASN WA 87 53.68 -43.89 32.23
CA ASN WA 87 53.68 -45.05 33.10
C ASN WA 87 54.43 -46.20 32.43
N THR WA 88 55.46 -46.71 33.09
CA THR WA 88 56.25 -47.80 32.54
C THR WA 88 55.54 -49.15 32.63
N ASP WA 89 54.41 -49.23 33.33
CA ASP WA 89 53.65 -50.48 33.40
C ASP WA 89 52.87 -50.77 32.13
N VAL WA 90 52.82 -49.82 31.18
CA VAL WA 90 51.90 -49.93 30.05
C VAL WA 90 52.18 -51.18 29.24
N ALA WA 91 53.47 -51.49 29.00
CA ALA WA 91 53.79 -52.63 28.16
C ALA WA 91 53.38 -53.95 28.82
N ALA WA 92 53.80 -54.16 30.06
CA ALA WA 92 53.46 -55.39 30.75
C ALA WA 92 51.96 -55.52 30.93
N ARG WA 93 51.26 -54.41 31.17
CA ARG WA 93 49.81 -54.49 31.37
C ARG WA 93 49.08 -54.74 30.05
N THR WA 94 49.56 -54.19 28.92
CA THR WA 94 48.97 -54.54 27.64
C THR WA 94 49.17 -56.03 27.35
N VAL WA 95 50.35 -56.55 27.69
CA VAL WA 95 50.57 -58.00 27.56
C VAL WA 95 49.58 -58.77 28.41
N ASP WA 96 49.40 -58.33 29.66
CA ASP WA 96 48.46 -59.01 30.56
C ASP WA 96 47.04 -58.96 30.01
N VAL WA 97 46.67 -57.82 29.42
CA VAL WA 97 45.32 -57.67 28.86
C VAL WA 97 45.11 -58.62 27.69
N LEU WA 98 46.10 -58.70 26.80
CA LEU WA 98 46.00 -59.63 25.67
C LEU WA 98 45.90 -61.08 26.17
N ASP WA 99 46.69 -61.42 27.19
CA ASP WA 99 46.63 -62.78 27.73
C ASP WA 99 45.28 -63.06 28.37
N THR WA 100 44.71 -62.06 29.05
CA THR WA 100 43.37 -62.21 29.62
C THR WA 100 42.33 -62.43 28.52
N MET WA 101 42.49 -61.72 27.40
CA MET WA 101 41.60 -61.92 26.26
C MET WA 101 41.67 -63.35 25.75
N ILE WA 102 42.88 -63.87 25.55
CA ILE WA 102 43.04 -65.24 25.06
C ILE WA 102 42.49 -66.24 26.07
N SER WA 103 42.77 -66.01 27.36
CA SER WA 103 42.25 -66.90 28.40
C SER WA 103 40.74 -66.92 28.40
N PHE WA 104 40.11 -65.77 28.19
CA PHE WA 104 38.64 -65.72 28.18
C PHE WA 104 38.07 -66.37 26.93
N LEU WA 105 38.74 -66.22 25.80
CA LEU WA 105 38.32 -66.94 24.60
C LEU WA 105 38.35 -68.44 24.82
N ALA WA 106 39.32 -68.92 25.61
CA ALA WA 106 39.32 -70.34 25.97
C ALA WA 106 38.22 -70.65 26.97
N LYS WA 107 38.10 -69.81 28.02
CA LYS WA 107 37.23 -70.08 29.14
C LYS WA 107 35.75 -70.10 28.74
N ARG WA 108 35.37 -69.21 27.82
CA ARG WA 108 33.97 -69.01 27.45
C ARG WA 108 33.68 -69.45 26.02
N ARG WA 109 34.42 -70.44 25.51
CA ARG WA 109 34.28 -70.82 24.11
C ARG WA 109 32.87 -71.28 23.78
N ASN WA 110 32.30 -72.17 24.61
CA ASN WA 110 30.96 -72.66 24.34
C ASN WA 110 29.93 -71.54 24.41
N SER WA 111 30.04 -70.68 25.43
CA SER WA 111 29.11 -69.57 25.55
C SER WA 111 29.19 -68.63 24.35
N ILE WA 112 30.42 -68.33 23.90
CA ILE WA 112 30.61 -67.46 22.75
C ILE WA 112 30.02 -68.09 21.49
N LEU WA 113 30.23 -69.39 21.31
CA LEU WA 113 29.77 -70.04 20.08
C LEU WA 113 28.27 -70.28 20.09
N ALA WA 114 27.64 -70.36 21.27
CA ALA WA 114 26.22 -70.64 21.35
C ALA WA 114 25.37 -69.39 21.56
N GLY WA 115 25.97 -68.26 21.91
CA GLY WA 115 25.18 -67.07 22.20
C GLY WA 115 24.35 -67.21 23.46
N ASN WA 116 24.93 -67.80 24.50
CA ASN WA 116 24.21 -68.06 25.76
C ASN WA 116 25.17 -67.81 26.90
N LEU WA 117 24.92 -66.75 27.68
CA LEU WA 117 25.78 -66.40 28.81
C LEU WA 117 25.76 -67.44 29.92
N LEU WA 118 24.70 -68.26 29.98
CA LEU WA 118 24.52 -69.15 31.13
C LEU WA 118 25.35 -70.43 31.04
N LEU WA 119 25.94 -70.73 29.89
CA LEU WA 119 26.72 -71.95 29.78
C LEU WA 119 27.94 -71.87 30.71
N PRO WA 120 28.28 -72.95 31.40
CA PRO WA 120 29.46 -72.94 32.26
C PRO WA 120 30.74 -72.77 31.45
N ASP WA 121 31.82 -72.43 32.16
CA ASP WA 121 33.12 -72.33 31.53
C ASP WA 121 33.46 -73.64 30.82
N ASN WA 122 34.20 -73.52 29.73
CA ASN WA 122 34.72 -74.71 29.06
C ASN WA 122 35.65 -75.46 30.00
N PRO WA 123 35.62 -76.80 30.00
CA PRO WA 123 36.54 -77.59 30.82
C PRO WA 123 38.00 -77.41 30.38
N ALA XA 1 52.08 28.50 -62.59
CA ALA XA 1 53.16 29.37 -62.12
C ALA XA 1 53.32 29.24 -60.62
N SER XA 2 54.53 28.87 -60.19
CA SER XA 2 54.84 28.84 -58.77
C SER XA 2 54.60 30.21 -58.16
N LEU XA 3 53.88 30.25 -57.05
CA LEU XA 3 53.56 31.53 -56.41
C LEU XA 3 54.77 32.05 -55.64
N PRO XA 4 54.97 33.37 -55.63
CA PRO XA 4 56.07 33.94 -54.84
C PRO XA 4 55.72 33.96 -53.36
N VAL XA 5 56.68 33.58 -52.53
CA VAL XA 5 56.44 33.45 -51.09
C VAL XA 5 57.58 34.08 -50.31
N THR XA 6 57.24 34.54 -49.11
CA THR XA 6 58.24 34.92 -48.10
C THR XA 6 57.88 34.25 -46.79
N GLN XA 7 58.90 33.82 -46.06
CA GLN XA 7 58.66 33.09 -44.81
C GLN XA 7 58.09 34.02 -43.77
N TYR XA 8 56.87 33.74 -43.32
CA TYR XA 8 56.16 34.51 -42.31
C TYR XA 8 56.47 34.02 -40.90
N SER XA 9 56.18 32.74 -40.61
CA SER XA 9 56.56 32.14 -39.33
C SER XA 9 57.69 31.15 -39.55
N PRO XA 10 58.90 31.43 -39.09
CA PRO XA 10 60.05 30.58 -39.43
C PRO XA 10 60.07 29.32 -38.59
N PRO XA 11 60.84 28.31 -39.00
CA PRO XA 11 60.91 27.08 -38.20
C PRO XA 11 61.60 27.33 -36.88
N VAL XA 12 61.06 26.71 -35.84
CA VAL XA 12 61.51 26.91 -34.48
C VAL XA 12 62.22 25.68 -33.94
N THR XA 13 61.58 24.53 -34.07
CA THR XA 13 62.09 23.24 -33.65
C THR XA 13 61.92 22.26 -34.81
N PRO XA 14 62.63 21.13 -34.78
CA PRO XA 14 62.46 20.13 -35.85
C PRO XA 14 61.02 19.70 -36.09
N LEU XA 15 60.23 19.60 -35.02
CA LEU XA 15 58.81 19.31 -35.14
C LEU XA 15 58.01 20.60 -34.97
N GLY XA 16 56.82 20.62 -35.56
CA GLY XA 16 55.97 21.78 -35.48
C GLY XA 16 55.49 22.26 -36.84
N LYS XA 17 55.35 23.58 -36.98
CA LYS XA 17 54.83 24.19 -38.20
C LYS XA 17 55.73 25.35 -38.63
N SER XA 18 55.86 25.52 -39.93
CA SER XA 18 56.49 26.68 -40.55
C SER XA 18 55.56 27.19 -41.63
N THR XA 19 55.44 28.52 -41.78
CA THR XA 19 54.50 29.09 -42.73
C THR XA 19 55.17 30.15 -43.59
N TRP XA 20 54.84 30.11 -44.88
CA TRP XA 20 55.19 31.14 -45.85
C TRP XA 20 53.91 31.82 -46.32
N ASN XA 21 53.99 33.13 -46.54
CA ASN XA 21 52.90 33.90 -47.11
C ASN XA 21 53.18 34.18 -48.58
N VAL XA 22 52.12 34.12 -49.38
CA VAL XA 22 52.20 34.48 -50.80
C VAL XA 22 52.22 36.00 -50.92
N THR XA 23 53.24 36.52 -51.57
CA THR XA 23 53.42 37.97 -51.67
C THR XA 23 52.59 38.53 -52.81
N GLY XA 24 52.22 39.81 -52.69
CA GLY XA 24 51.49 40.50 -53.72
C GLY XA 24 50.01 40.20 -53.79
N SER XA 25 49.44 39.63 -52.72
CA SER XA 25 48.02 39.31 -52.74
C SER XA 25 47.18 40.56 -52.52
N THR XA 26 45.98 40.56 -53.10
CA THR XA 26 45.10 41.71 -53.01
C THR XA 26 44.03 41.57 -51.93
N ASN XA 27 43.77 40.36 -51.46
CA ASN XA 27 42.73 40.14 -50.47
C ASN XA 27 43.23 40.59 -49.09
N PRO XA 28 42.31 40.76 -48.12
CA PRO XA 28 42.72 41.23 -46.78
C PRO XA 28 43.75 40.30 -46.16
N PRO XA 29 44.52 40.79 -45.19
CA PRO XA 29 45.66 40.00 -44.69
C PRO XA 29 45.28 38.66 -44.11
N GLY XA 30 44.18 38.58 -43.35
CA GLY XA 30 43.74 37.31 -42.81
C GLY XA 30 43.44 36.28 -43.86
N LEU XA 31 43.28 36.69 -45.12
CA LEU XA 31 43.04 35.79 -46.24
C LEU XA 31 44.22 35.72 -47.20
N VAL XA 32 45.41 36.08 -46.75
CA VAL XA 32 46.60 35.94 -47.59
C VAL XA 32 46.86 34.46 -47.84
N PRO XA 33 47.07 34.05 -49.09
CA PRO XA 33 47.37 32.63 -49.35
C PRO XA 33 48.61 32.19 -48.60
N GLN XA 34 48.58 30.96 -48.09
CA GLN XA 34 49.64 30.46 -47.23
C GLN XA 34 50.12 29.10 -47.68
N VAL XA 35 51.39 28.82 -47.38
CA VAL XA 35 51.98 27.49 -47.50
C VAL XA 35 52.51 27.10 -46.12
N VAL XA 36 52.09 25.93 -45.64
CA VAL XA 36 52.41 25.47 -44.30
C VAL XA 36 53.11 24.13 -44.41
N GLN XA 37 54.32 24.02 -43.84
CA GLN XA 37 55.00 22.75 -43.68
C GLN XA 37 54.88 22.30 -42.23
N THR XA 38 54.50 21.03 -42.04
CA THR XA 38 54.26 20.46 -40.73
C THR XA 38 55.13 19.21 -40.57
N GLU XA 39 55.77 19.07 -39.40
CA GLU XA 39 56.50 17.86 -39.06
C GLU XA 39 56.01 17.39 -37.70
N SER XA 40 55.22 16.32 -37.68
CA SER XA 40 54.55 15.91 -36.45
C SER XA 40 54.80 14.44 -36.15
N ILE XA 41 54.86 14.10 -34.86
CA ILE XA 41 55.07 12.72 -34.45
C ILE XA 41 53.74 12.05 -34.19
N ASN XA 42 53.68 10.76 -34.46
CA ASN XA 42 52.51 9.97 -34.17
C ASN XA 42 52.37 9.76 -32.67
N ALA XA 43 51.18 9.34 -32.26
CA ALA XA 43 50.94 9.07 -30.84
C ALA XA 43 51.86 7.98 -30.33
N ARG XA 44 51.89 6.84 -31.01
CA ARG XA 44 52.79 5.75 -30.63
C ARG XA 44 54.23 6.02 -31.03
N LYS XA 45 54.54 7.18 -31.61
CA LYS XA 45 55.88 7.55 -32.03
C LYS XA 45 56.46 6.56 -33.04
N SER XA 46 55.59 5.97 -33.86
CA SER XA 46 56.05 5.09 -34.92
C SER XA 46 56.37 5.83 -36.21
N ASN XA 47 55.60 6.87 -36.52
CA ASN XA 47 55.78 7.63 -37.75
C ASN XA 47 56.02 9.10 -37.43
N ILE XA 48 56.80 9.75 -38.29
CA ILE XA 48 56.80 11.21 -38.39
C ILE XA 48 56.10 11.57 -39.69
N MET XA 49 55.08 12.41 -39.60
CA MET XA 49 54.36 12.88 -40.77
C MET XA 49 54.99 14.19 -41.23
N SER XA 50 55.45 14.21 -42.49
CA SER XA 50 55.89 15.42 -43.16
C SER XA 50 54.78 15.89 -44.08
N LYS XA 51 54.27 17.09 -43.85
CA LYS XA 51 53.14 17.60 -44.61
C LYS XA 51 53.46 18.97 -45.21
N ILE XA 52 52.93 19.19 -46.42
CA ILE XA 52 52.92 20.51 -47.05
C ILE XA 52 51.48 20.83 -47.43
N SER XA 53 51.04 22.04 -47.14
CA SER XA 53 49.66 22.46 -47.39
C SER XA 53 49.66 23.84 -48.02
N VAL XA 54 48.97 23.96 -49.14
CA VAL XA 54 48.81 25.25 -49.82
C VAL XA 54 47.33 25.62 -49.73
N TYR XA 55 47.05 26.72 -49.03
CA TYR XA 55 45.71 27.27 -48.90
C TYR XA 55 45.67 28.57 -49.70
N TYR XA 56 44.92 28.59 -50.79
CA TYR XA 56 44.74 29.79 -51.60
C TYR XA 56 43.29 30.24 -51.47
N TYR XA 57 43.09 31.38 -50.83
CA TYR XA 57 41.75 31.90 -50.60
C TYR XA 57 41.35 32.79 -51.77
N ILE XA 58 40.25 32.43 -52.43
CA ILE XA 58 39.82 33.11 -53.66
C ILE XA 58 38.36 33.49 -53.52
N PRO XA 59 37.97 34.70 -53.92
CA PRO XA 59 36.56 35.09 -53.81
C PRO XA 59 35.69 34.35 -54.80
N SER XA 60 34.44 34.10 -54.38
CA SER XA 60 33.53 33.30 -55.19
C SER XA 60 33.11 34.02 -56.47
N THR XA 61 33.29 35.34 -56.54
CA THR XA 61 32.94 36.12 -57.71
C THR XA 61 34.14 36.92 -58.19
N ASN XA 62 34.06 37.39 -59.43
CA ASN XA 62 35.17 38.14 -60.02
C ASN XA 62 35.30 39.53 -59.40
N SER XA 63 34.19 40.13 -58.98
CA SER XA 63 34.19 41.46 -58.39
C SER XA 63 33.60 41.42 -56.99
N VAL XA 64 33.72 42.53 -56.28
CA VAL XA 64 33.21 42.61 -54.92
C VAL XA 64 31.69 42.74 -54.95
N SER XA 65 31.02 41.93 -54.15
CA SER XA 65 29.57 41.97 -54.06
C SER XA 65 29.17 41.57 -52.65
N CYS XA 66 27.87 41.70 -52.36
CA CYS XA 66 27.39 41.41 -51.01
C CYS XA 66 27.30 39.92 -50.75
N CYS XA 67 27.07 39.11 -51.79
CA CYS XA 67 27.05 37.66 -51.67
C CYS XA 67 28.41 37.04 -51.90
N THR XA 68 29.47 37.84 -51.96
CA THR XA 68 30.81 37.33 -52.20
C THR XA 68 31.26 36.48 -51.03
N GLU XA 69 31.45 35.19 -51.27
CA GLU XA 69 32.03 34.27 -50.30
C GLU XA 69 33.49 34.02 -50.63
N TRP XA 70 34.15 33.30 -49.74
CA TRP XA 70 35.57 33.00 -49.89
C TRP XA 70 35.76 31.48 -49.99
N ASP XA 71 36.02 31.01 -51.19
CA ASP XA 71 36.36 29.61 -51.38
C ASP XA 71 37.85 29.41 -51.13
N THR XA 72 38.23 28.17 -50.86
CA THR XA 72 39.61 27.82 -50.59
C THR XA 72 40.06 26.74 -51.57
N ILE XA 73 41.08 27.04 -52.36
CA ILE XA 73 41.78 26.02 -53.13
C ILE XA 73 42.83 25.39 -52.22
N ARG XA 74 42.63 24.12 -51.88
CA ARG XA 74 43.49 23.39 -50.96
C ARG XA 74 44.28 22.35 -51.72
N CYS XA 75 45.60 22.33 -51.46
CA CYS XA 75 46.47 21.29 -52.00
C CYS XA 75 47.31 20.72 -50.86
N GLU XA 76 47.14 19.43 -50.59
CA GLU XA 76 47.76 18.78 -49.45
C GLU XA 76 48.72 17.69 -49.90
N PHE XA 77 49.80 17.52 -49.13
CA PHE XA 77 50.79 16.48 -49.34
C PHE XA 77 51.24 15.97 -47.98
N SER XA 78 51.38 14.65 -47.87
CA SER XA 78 51.87 14.03 -46.64
C SER XA 78 52.77 12.85 -46.99
N LEU XA 79 53.74 12.60 -46.12
CA LEU XA 79 54.68 11.49 -46.28
C LEU XA 79 55.00 10.91 -44.91
N THR XA 80 55.01 9.59 -44.83
CA THR XA 80 55.29 8.90 -43.56
C THR XA 80 56.76 8.50 -43.50
N LEU XA 81 57.45 8.97 -42.46
CA LEU XA 81 58.82 8.59 -42.16
C LEU XA 81 58.79 7.60 -41.00
N LEU XA 82 59.06 6.34 -41.29
CA LEU XA 82 59.07 5.31 -40.25
C LEU XA 82 60.21 5.56 -39.29
N GLN XA 83 59.92 5.51 -37.98
CA GLN XA 83 60.89 5.84 -36.96
C GLN XA 83 61.38 4.65 -36.16
N LEU XA 84 60.72 3.50 -36.24
CA LEU XA 84 61.05 2.36 -35.39
C LEU XA 84 61.27 1.09 -36.22
N SER XA 85 61.63 1.24 -37.48
CA SER XA 85 61.86 0.09 -38.35
C SER XA 85 63.34 -0.28 -38.34
N SER XA 86 63.61 -1.58 -38.25
CA SER XA 86 64.97 -2.10 -38.33
C SER XA 86 65.42 -2.33 -39.77
N ASN XA 87 64.51 -2.20 -40.74
CA ASN XA 87 64.87 -2.40 -42.14
C ASN XA 87 65.67 -1.20 -42.63
N THR XA 88 66.87 -1.46 -43.14
CA THR XA 88 67.73 -0.38 -43.63
C THR XA 88 67.29 0.16 -44.99
N ASP XA 89 66.32 -0.50 -45.65
CA ASP XA 89 65.82 0.01 -46.92
C ASP XA 89 64.88 1.20 -46.76
N VAL XA 90 64.52 1.56 -45.52
CA VAL XA 90 63.45 2.53 -45.31
C VAL XA 90 63.80 3.88 -45.94
N ALA XA 91 65.05 4.32 -45.78
CA ALA XA 91 65.43 5.63 -46.29
C ALA XA 91 65.36 5.68 -47.82
N ALA XA 92 66.02 4.73 -48.48
CA ALA XA 92 66.02 4.71 -49.94
C ALA XA 92 64.61 4.52 -50.47
N ARG XA 93 63.79 3.72 -49.80
CA ARG XA 93 62.43 3.49 -50.30
C ARG XA 93 61.53 4.70 -50.07
N THR XA 94 61.71 5.44 -48.97
CA THR XA 94 60.98 6.70 -48.81
C THR XA 94 61.38 7.69 -49.89
N VAL XA 95 62.68 7.73 -50.24
CA VAL XA 95 63.12 8.57 -51.35
C VAL XA 95 62.43 8.14 -52.64
N ASP XA 96 62.39 6.83 -52.88
CA ASP XA 96 61.75 6.32 -54.10
C ASP XA 96 60.26 6.67 -54.13
N VAL XA 97 59.60 6.60 -52.97
CA VAL XA 97 58.18 6.92 -52.89
C VAL XA 97 57.95 8.40 -53.21
N LEU XA 98 58.77 9.28 -52.64
CA LEU XA 98 58.64 10.70 -52.93
C LEU XA 98 58.88 10.98 -54.41
N ASP XA 99 59.86 10.31 -55.01
CA ASP XA 99 60.14 10.51 -56.42
C ASP XA 99 58.99 9.99 -57.27
N THR XA 100 58.37 8.88 -56.87
CA THR XA 100 57.21 8.37 -57.58
C THR XA 100 56.05 9.37 -57.50
N MET XA 101 55.89 9.99 -56.33
CA MET XA 101 54.87 11.02 -56.18
C MET XA 101 55.08 12.17 -57.16
N ILE XA 102 56.32 12.68 -57.22
CA ILE XA 102 56.61 13.79 -58.12
C ILE XA 102 56.43 13.37 -59.58
N SER XA 103 56.87 12.16 -59.92
CA SER XA 103 56.71 11.65 -61.27
C SER XA 103 55.25 11.56 -61.65
N PHE XA 104 54.40 11.13 -60.72
CA PHE XA 104 52.97 11.02 -61.02
C PHE XA 104 52.31 12.38 -61.12
N LEU XA 105 52.74 13.34 -60.31
CA LEU XA 105 52.25 14.71 -60.45
C LEU XA 105 52.57 15.25 -61.84
N ALA XA 106 53.73 14.87 -62.39
CA ALA XA 106 54.03 15.26 -63.77
C ALA XA 106 53.20 14.46 -64.76
N LYS XA 107 53.12 13.15 -64.56
CA LYS XA 107 52.50 12.23 -65.51
C LYS XA 107 51.01 12.49 -65.67
N ARG XA 108 50.32 12.83 -64.58
CA ARG XA 108 48.87 12.96 -64.57
C ARG XA 108 48.42 14.40 -64.34
N ARG XA 109 49.22 15.38 -64.78
CA ARG XA 109 48.91 16.78 -64.49
C ARG XA 109 47.56 17.19 -65.06
N ASN XA 110 47.31 16.86 -66.33
CA ASN XA 110 46.04 17.25 -66.94
C ASN XA 110 44.87 16.56 -66.26
N SER XA 111 45.00 15.27 -65.97
CA SER XA 111 43.92 14.55 -65.29
C SER XA 111 43.64 15.15 -63.92
N ILE XA 112 44.70 15.47 -63.17
CA ILE XA 112 44.55 16.06 -61.84
C ILE XA 112 43.86 17.41 -61.93
N LEU XA 113 44.26 18.23 -62.90
CA LEU XA 113 43.72 19.58 -63.01
C LEU XA 113 42.30 19.60 -63.57
N ALA XA 114 41.91 18.57 -64.32
CA ALA XA 114 40.59 18.54 -64.93
C ALA XA 114 39.58 17.69 -64.16
N GLY XA 115 40.03 16.86 -63.22
CA GLY XA 115 39.11 15.98 -62.51
C GLY XA 115 38.54 14.89 -63.41
N ASN XA 116 39.39 14.33 -64.28
CA ASN XA 116 38.95 13.32 -65.24
C ASN XA 116 40.05 12.25 -65.34
N LEU XA 117 39.74 11.04 -64.86
CA LEU XA 117 40.72 9.96 -64.88
C LEU XA 117 41.06 9.50 -66.29
N LEU XA 118 40.19 9.77 -67.26
CA LEU XA 118 40.36 9.20 -68.60
C LEU XA 118 41.37 9.96 -69.45
N LEU XA 119 41.80 11.15 -69.05
CA LEU XA 119 42.75 11.90 -69.86
C LEU XA 119 44.07 11.13 -69.93
N PRO XA 120 44.71 11.10 -71.10
CA PRO XA 120 46.00 10.40 -71.21
C PRO XA 120 47.06 11.11 -70.40
N ASP XA 121 48.18 10.40 -70.19
CA ASP XA 121 49.33 10.99 -69.51
C ASP XA 121 49.76 12.27 -70.21
N ASN XA 122 50.27 13.21 -69.43
CA ASN XA 122 50.85 14.40 -70.01
C ASN XA 122 52.04 14.02 -70.88
N PRO XA 123 52.25 14.69 -72.03
CA PRO XA 123 53.42 14.42 -72.86
C PRO XA 123 54.72 14.81 -72.16
N ALA YA 1 34.94 43.18 65.25
CA ALA YA 1 35.92 42.42 66.01
C ALA YA 1 36.38 41.19 65.25
N SER YA 2 37.69 41.10 65.00
CA SER YA 2 38.24 39.91 64.38
C SER YA 2 37.89 38.68 65.22
N LEU YA 3 37.39 37.65 64.55
CA LEU YA 3 36.97 36.45 65.28
C LEU YA 3 38.20 35.61 65.65
N PRO YA 4 38.19 34.96 66.81
CA PRO YA 4 39.30 34.09 67.18
C PRO YA 4 39.21 32.76 66.43
N VAL YA 5 40.37 32.30 65.93
CA VAL YA 5 40.40 31.11 65.10
C VAL YA 5 41.55 30.20 65.52
N THR YA 6 41.37 28.90 65.28
CA THR YA 6 42.44 27.92 65.37
C THR YA 6 42.44 27.10 64.10
N GLN YA 7 43.63 26.75 63.62
CA GLN YA 7 43.74 26.02 62.37
C GLN YA 7 43.22 24.60 62.54
N TYR YA 8 42.16 24.27 61.81
CA TYR YA 8 41.53 22.95 61.83
C TYR YA 8 42.16 22.00 60.82
N SER YA 9 42.14 22.36 59.54
CA SER YA 9 42.84 21.58 58.52
C SER YA 9 44.06 22.34 58.02
N PRO YA 10 45.27 21.90 58.32
CA PRO YA 10 46.45 22.70 58.03
C PRO YA 10 46.83 22.60 56.57
N PRO YA 11 47.66 23.51 56.07
CA PRO YA 11 48.08 23.43 54.66
C PRO YA 11 48.95 22.21 54.42
N VAL YA 12 48.71 21.57 53.28
CA VAL YA 12 49.34 20.33 52.91
C VAL YA 12 50.35 20.54 51.78
N THR YA 13 49.88 21.16 50.69
CA THR YA 13 50.67 21.48 49.52
C THR YA 13 50.46 22.95 49.19
N PRO YA 14 51.34 23.55 48.37
CA PRO YA 14 51.14 24.96 47.99
C PRO YA 14 49.77 25.24 47.40
N LEU YA 15 49.22 24.32 46.63
CA LEU YA 15 47.86 24.46 46.12
C LEU YA 15 46.90 23.62 46.96
N GLY YA 16 45.64 24.03 46.96
CA GLY YA 16 44.63 23.31 47.73
C GLY YA 16 43.85 24.21 48.66
N LYS YA 17 43.47 23.68 49.83
CA LYS YA 17 42.66 24.40 50.81
C LYS YA 17 43.26 24.26 52.20
N SER YA 18 43.12 25.32 52.98
CA SER YA 18 43.44 25.33 54.40
C SER YA 18 42.26 25.95 55.13
N THR YA 19 41.91 25.40 56.30
CA THR YA 19 40.73 25.87 57.02
C THR YA 19 41.05 26.15 58.48
N TRP YA 20 40.51 27.25 58.98
CA TRP YA 20 40.50 27.62 60.39
C TRP YA 20 39.07 27.59 60.90
N ASN YA 21 38.90 27.14 62.13
CA ASN YA 21 37.61 27.16 62.81
C ASN YA 21 37.57 28.32 63.80
N VAL YA 22 36.41 28.98 63.88
CA VAL YA 22 36.18 30.02 64.86
C VAL YA 22 35.93 29.38 66.22
N THR YA 23 36.72 29.75 67.21
CA THR YA 23 36.63 29.14 68.53
C THR YA 23 35.53 29.79 69.36
N GLY YA 24 34.99 29.03 70.29
CA GLY YA 24 33.98 29.52 71.20
C GLY YA 24 32.58 29.62 70.64
N SER YA 25 32.31 28.93 69.54
CA SER YA 25 30.99 29.01 68.94
C SER YA 25 30.01 28.12 69.71
N THR YA 26 28.74 28.53 69.71
CA THR YA 26 27.72 27.82 70.45
C THR YA 26 26.89 26.87 69.58
N ASN YA 27 26.92 27.05 68.26
CA ASN YA 27 26.13 26.22 67.37
C ASN YA 27 26.78 24.85 67.22
N PRO YA 28 26.04 23.86 66.71
CA PRO YA 28 26.59 22.50 66.57
C PRO YA 28 27.86 22.49 65.73
N PRO YA 29 28.70 21.45 65.87
CA PRO YA 29 30.02 21.50 65.23
C PRO YA 29 29.98 21.63 63.71
N GLY YA 30 29.05 20.93 63.05
CA GLY YA 30 28.93 21.06 61.60
C GLY YA 30 28.62 22.47 61.14
N LEU YA 31 28.18 23.33 62.05
CA LEU YA 31 27.88 24.73 61.75
C LEU YA 31 28.87 25.69 62.41
N VAL YA 32 30.05 25.20 62.78
CA VAL YA 32 31.08 26.09 63.33
C VAL YA 32 31.53 27.06 62.24
N PRO YA 33 31.58 28.37 62.51
CA PRO YA 33 32.05 29.32 61.50
C PRO YA 33 33.46 28.98 61.06
N GLN YA 34 33.72 29.13 59.77
CA GLN YA 34 34.99 28.72 59.18
C GLN YA 34 35.61 29.82 58.34
N VAL YA 35 36.93 29.79 58.25
CA VAL YA 35 37.69 30.60 57.31
C VAL YA 35 38.51 29.65 56.45
N VAL YA 36 38.40 29.78 55.13
CA VAL YA 36 39.02 28.86 54.18
C VAL YA 36 39.90 29.68 53.25
N GLN YA 37 41.17 29.31 53.17
CA GLN YA 37 42.08 29.87 52.17
C GLN YA 37 42.29 28.83 51.07
N THR YA 38 42.16 29.25 49.82
CA THR YA 38 42.27 28.39 48.66
C THR YA 38 43.34 28.93 47.73
N GLU YA 39 44.19 28.04 47.21
CA GLU YA 39 45.16 28.40 46.18
C GLU YA 39 45.00 27.42 45.03
N SER YA 40 44.41 27.87 43.93
CA SER YA 40 44.06 26.95 42.85
C SER YA 40 44.59 27.44 41.51
N ILE YA 41 44.92 26.49 40.63
CA ILE YA 41 45.44 26.83 39.31
C ILE YA 41 44.29 26.83 38.31
N ASN YA 42 44.41 27.72 37.32
CA ASN YA 42 43.45 27.76 36.24
C ASN YA 42 43.61 26.55 35.34
N ALA YA 43 42.60 26.30 34.50
CA ALA YA 43 42.66 25.20 33.56
C ALA YA 43 43.83 25.36 32.60
N ARG YA 44 43.92 26.52 31.95
CA ARG YA 44 45.04 26.80 31.05
C ARG YA 44 46.32 27.13 31.79
N LYS YA 45 46.32 27.08 33.13
CA LYS YA 45 47.50 27.36 33.94
C LYS YA 45 48.03 28.77 33.71
N SER YA 46 47.15 29.70 33.39
CA SER YA 46 47.54 31.10 33.23
C SER YA 46 47.50 31.86 34.55
N ASN YA 47 46.53 31.56 35.41
CA ASN YA 47 46.36 32.26 36.67
C ASN YA 47 46.42 31.28 37.82
N ILE YA 48 46.91 31.76 38.96
CA ILE YA 48 46.65 31.13 40.25
C ILE YA 48 45.69 32.02 41.00
N MET YA 49 44.58 31.46 41.44
CA MET YA 49 43.59 32.17 42.23
C MET YA 49 43.90 31.98 43.72
N SER YA 50 44.12 33.09 44.42
CA SER YA 50 44.24 33.11 45.87
C SER YA 50 42.91 33.59 46.44
N LYS YA 51 42.26 32.76 47.25
CA LYS YA 51 40.94 33.08 47.78
C LYS YA 51 40.94 32.95 49.30
N ILE YA 52 40.16 33.83 49.93
CA ILE YA 52 39.83 33.73 51.35
C ILE YA 52 38.31 33.80 51.47
N SER YA 53 37.73 32.91 52.28
CA SER YA 53 36.30 32.82 52.42
C SER YA 53 35.94 32.69 53.90
N VAL YA 54 35.05 33.54 54.38
CA VAL YA 54 34.57 33.48 55.75
C VAL YA 54 33.09 33.11 55.68
N TYR YA 55 32.77 31.93 56.23
CA TYR YA 55 31.39 31.45 56.34
C TYR YA 55 31.01 31.49 57.81
N TYR YA 56 30.08 32.38 58.17
CA TYR YA 56 29.57 32.46 59.53
C TYR YA 56 28.11 32.02 59.52
N TYR YA 57 27.84 30.88 60.15
CA TYR YA 57 26.49 30.33 60.17
C TYR YA 57 25.75 30.87 61.39
N ILE YA 58 24.62 31.54 61.14
CA ILE YA 58 23.88 32.23 62.19
C ILE YA 58 22.42 31.83 62.12
N PRO YA 59 21.78 31.53 63.25
CA PRO YA 59 20.37 31.14 63.22
C PRO YA 59 19.47 32.30 62.83
N SER YA 60 18.38 31.97 62.13
CA SER YA 60 17.47 32.99 61.63
C SER YA 60 16.72 33.71 62.74
N THR YA 61 16.67 33.14 63.94
CA THR YA 61 15.99 33.74 65.07
C THR YA 61 16.94 33.85 66.26
N ASN YA 62 16.56 34.69 67.22
CA ASN YA 62 17.41 34.90 68.39
C ASN YA 62 17.42 33.69 69.32
N SER YA 63 16.32 32.95 69.38
CA SER YA 63 16.21 31.78 70.24
C SER YA 63 15.90 30.55 69.40
N VAL YA 64 15.95 29.39 70.06
CA VAL YA 64 15.70 28.14 69.38
C VAL YA 64 14.19 27.98 69.16
N SER YA 65 13.81 27.65 67.93
CA SER YA 65 12.41 27.42 67.60
C SER YA 65 12.34 26.37 66.49
N CYS YA 66 11.12 25.96 66.18
CA CYS YA 66 10.93 24.89 65.20
C CYS YA 66 11.14 25.40 63.78
N CYS YA 67 10.86 26.68 63.51
CA CYS YA 67 11.10 27.30 62.21
C CYS YA 67 12.49 27.91 62.10
N THR YA 68 13.36 27.64 63.07
CA THR YA 68 14.71 28.21 63.05
C THR YA 68 15.50 27.64 61.87
N GLU YA 69 15.85 28.52 60.93
CA GLU YA 69 16.72 28.17 59.82
C GLU YA 69 18.12 28.69 60.10
N TRP YA 70 19.05 28.32 59.22
CA TRP YA 70 20.45 28.72 59.36
C TRP YA 70 20.86 29.56 58.16
N ASP YA 71 20.97 30.86 58.37
CA ASP YA 71 21.51 31.73 57.34
C ASP YA 71 23.02 31.72 57.40
N THR YA 72 23.64 32.13 56.30
CA THR YA 72 25.09 32.18 56.19
C THR YA 72 25.52 33.59 55.83
N ILE YA 73 26.33 34.20 56.68
CA ILE YA 73 27.03 35.43 56.34
C ILE YA 73 28.31 35.03 55.62
N ARG YA 74 28.39 35.35 54.33
CA ARG YA 74 29.51 34.98 53.48
C ARG YA 74 30.32 36.21 53.12
N CYS YA 75 31.63 36.10 53.28
CA CYS YA 75 32.56 37.14 52.85
C CYS YA 75 33.66 36.50 52.03
N GLU YA 76 33.76 36.89 50.76
CA GLU YA 76 34.67 36.27 49.81
C GLU YA 76 35.71 37.29 49.32
N PHE YA 77 36.91 36.78 49.05
CA PHE YA 77 38.01 37.55 48.49
C PHE YA 77 38.78 36.66 47.52
N SER YA 78 39.14 37.23 46.37
CA SER YA 78 39.93 36.51 45.38
C SER YA 78 40.94 37.46 44.76
N LEU YA 79 42.08 36.91 44.36
CA LEU YA 79 43.15 37.66 43.70
C LEU YA 79 43.80 36.79 42.65
N THR YA 80 44.04 37.37 41.47
CA THR YA 80 44.64 36.64 40.35
C THR YA 80 46.15 36.89 40.32
N LEU YA 81 46.93 35.81 40.39
CA LEU YA 81 48.38 35.84 40.25
C LEU YA 81 48.71 35.32 38.86
N LEU YA 82 49.13 36.22 37.97
CA LEU YA 82 49.49 35.83 36.60
C LEU YA 82 50.73 34.96 36.63
N GLN YA 83 50.68 33.83 35.92
CA GLN YA 83 51.76 32.84 35.94
C GLN YA 83 52.56 32.78 34.66
N LEU YA 84 52.10 33.37 33.56
CA LEU YA 84 52.75 33.23 32.27
C LEU YA 84 53.03 34.58 31.62
N SER YA 85 53.13 35.63 32.42
CA SER YA 85 53.39 36.96 31.90
C SER YA 85 54.89 37.27 31.92
N SER YA 86 55.37 37.84 30.83
CA SER YA 86 56.76 38.27 30.74
C SER YA 86 56.98 39.67 31.32
N ASN YA 87 55.91 40.38 31.67
CA ASN YA 87 56.04 41.71 32.24
C ASN YA 87 56.53 41.61 33.68
N THR YA 88 57.65 42.26 33.97
CA THR YA 88 58.22 42.23 35.32
C THR YA 88 57.47 43.10 36.31
N ASP YA 89 56.51 43.92 35.84
CA ASP YA 89 55.71 44.73 36.75
C ASP YA 89 54.64 43.93 37.48
N VAL YA 90 54.45 42.66 37.12
CA VAL YA 90 53.29 41.92 37.60
C VAL YA 90 53.30 41.82 39.13
N ALA YA 91 54.47 41.56 39.72
CA ALA YA 91 54.53 41.38 41.17
C ALA YA 91 54.18 42.67 41.90
N ALA YA 92 54.86 43.77 41.56
CA ALA YA 92 54.60 45.04 42.21
C ALA YA 92 53.17 45.50 41.99
N ARG YA 93 52.62 45.24 40.79
CA ARG YA 93 51.26 45.68 40.53
C ARG YA 93 50.23 44.82 41.24
N THR YA 94 50.48 43.51 41.40
CA THR YA 94 49.59 42.70 42.23
C THR YA 94 49.62 43.17 43.68
N VAL YA 95 50.81 43.55 44.17
CA VAL YA 95 50.90 44.13 45.50
C VAL YA 95 50.08 45.41 45.59
N ASP YA 96 50.22 46.27 44.58
CA ASP YA 96 49.47 47.53 44.56
C ASP YA 96 47.96 47.27 44.53
N VAL YA 97 47.53 46.25 43.79
CA VAL YA 97 46.11 45.91 43.69
C VAL YA 97 45.59 45.44 45.04
N LEU YA 98 46.34 44.57 45.71
CA LEU YA 98 45.94 44.11 47.04
C LEU YA 98 45.85 45.28 48.02
N ASP YA 99 46.81 46.19 47.96
CA ASP YA 99 46.79 47.34 48.85
C ASP YA 99 45.61 48.25 48.54
N THR YA 100 45.27 48.41 47.26
CA THR YA 100 44.09 49.18 46.89
C THR YA 100 42.83 48.53 47.44
N MET YA 101 42.77 47.20 47.39
CA MET YA 101 41.63 46.48 47.97
C MET YA 101 41.48 46.77 49.45
N ILE YA 102 42.59 46.67 50.19
CA ILE YA 102 42.53 46.92 51.64
C ILE YA 102 42.16 48.38 51.91
N SER YA 103 42.74 49.30 51.15
CA SER YA 103 42.42 50.72 51.31
C SER YA 103 40.94 50.98 51.06
N PHE YA 104 40.35 50.31 50.07
CA PHE YA 104 38.94 50.53 49.79
C PHE YA 104 38.05 49.89 50.84
N LEU YA 105 38.47 48.74 51.38
CA LEU YA 105 37.74 48.17 52.51
C LEU YA 105 37.71 49.11 53.70
N ALA YA 106 38.80 49.86 53.89
CA ALA YA 106 38.79 50.89 54.93
C ALA YA 106 37.93 52.08 54.53
N LYS YA 107 38.10 52.55 53.29
CA LYS YA 107 37.49 53.79 52.82
C LYS YA 107 35.96 53.68 52.77
N ARG YA 108 35.44 52.52 52.39
CA ARG YA 108 34.02 52.34 52.17
C ARG YA 108 33.38 51.38 53.18
N ARG YA 109 33.92 51.35 54.41
CA ARG YA 109 33.44 50.38 55.40
C ARG YA 109 31.96 50.57 55.70
N ASN YA 110 31.54 51.81 55.96
CA ASN YA 110 30.14 52.05 56.29
C ASN YA 110 29.24 51.71 55.11
N SER YA 111 29.63 52.11 53.90
CA SER YA 111 28.83 51.79 52.72
C SER YA 111 28.69 50.29 52.53
N ILE YA 112 29.80 49.57 52.70
CA ILE YA 112 29.79 48.11 52.54
C ILE YA 112 28.89 47.46 53.58
N LEU YA 113 28.97 47.94 54.82
CA LEU YA 113 28.20 47.32 55.90
C LEU YA 113 26.72 47.69 55.86
N ALA YA 114 26.38 48.82 55.24
CA ALA YA 114 25.00 49.26 55.19
C ALA YA 114 24.30 48.94 53.88
N GLY YA 115 25.04 48.57 52.83
CA GLY YA 115 24.41 48.32 51.54
C GLY YA 115 23.88 49.59 50.90
N ASN YA 116 24.64 50.68 51.01
CA ASN YA 116 24.21 51.99 50.51
C ASN YA 116 25.43 52.67 49.89
N LEU YA 117 25.41 52.84 48.57
CA LEU YA 117 26.53 53.47 47.87
C LEU YA 117 26.68 54.94 48.22
N LEU YA 118 25.63 55.58 48.71
CA LEU YA 118 25.64 57.03 48.88
C LEU YA 118 26.34 57.48 50.16
N LEU YA 119 26.65 56.57 51.08
CA LEU YA 119 27.30 56.98 52.31
C LEU YA 119 28.69 57.51 52.00
N PRO YA 120 29.12 58.59 52.67
CA PRO YA 120 30.45 59.13 52.42
C PRO YA 120 31.52 58.15 52.89
N ASP YA 121 32.75 58.41 52.44
CA ASP YA 121 33.89 57.62 52.90
C ASP YA 121 33.98 57.63 54.41
N ASN YA 122 34.46 56.52 54.97
CA ASN YA 122 34.73 56.48 56.39
C ASN YA 122 35.79 57.51 56.75
N PRO YA 123 35.67 58.19 57.89
CA PRO YA 123 36.70 59.14 58.33
C PRO YA 123 38.02 58.43 58.63
N ALA ZA 1 1.09 83.55 -19.97
CA ALA ZA 1 2.31 84.24 -19.57
C ALA ZA 1 3.43 83.27 -19.25
N SER ZA 2 4.54 83.40 -19.96
CA SER ZA 2 5.71 82.60 -19.66
C SER ZA 2 6.12 82.80 -18.21
N LEU ZA 3 6.35 81.70 -17.50
CA LEU ZA 3 6.69 81.79 -16.09
C LEU ZA 3 8.15 82.18 -15.92
N PRO ZA 4 8.48 82.98 -14.91
CA PRO ZA 4 9.89 83.31 -14.66
C PRO ZA 4 10.62 82.15 -14.00
N VAL ZA 5 11.84 81.90 -14.47
CA VAL ZA 5 12.60 80.74 -14.01
C VAL ZA 5 14.04 81.14 -13.73
N THR ZA 6 14.66 80.41 -12.81
CA THR ZA 6 16.10 80.46 -12.60
C THR ZA 6 16.64 79.02 -12.58
N GLN ZA 7 17.82 78.84 -13.16
CA GLN ZA 7 18.38 77.50 -13.26
C GLN ZA 7 18.78 77.00 -11.87
N TYR ZA 8 18.14 75.91 -11.43
CA TYR ZA 8 18.41 75.28 -10.15
C TYR ZA 8 19.50 74.23 -10.25
N SER ZA 9 19.33 73.22 -11.09
CA SER ZA 9 20.38 72.24 -11.34
C SER ZA 9 20.93 72.43 -12.75
N PRO ZA 10 22.17 72.90 -12.90
CA PRO ZA 10 22.66 73.28 -14.21
C PRO ZA 10 23.08 72.06 -15.00
N PRO ZA 11 23.25 72.18 -16.32
CA PRO ZA 11 23.68 71.04 -17.12
C PRO ZA 11 25.11 70.64 -16.79
N VAL ZA 12 25.32 69.34 -16.73
CA VAL ZA 12 26.59 68.76 -16.32
C VAL ZA 12 27.32 68.12 -17.50
N THR ZA 13 26.62 67.26 -18.22
CA THR ZA 13 27.10 66.56 -19.39
C THR ZA 13 26.09 66.72 -20.50
N PRO ZA 14 26.48 66.48 -21.76
CA PRO ZA 14 25.51 66.58 -22.87
C PRO ZA 14 24.25 65.75 -22.66
N LEU ZA 15 24.37 64.57 -22.05
CA LEU ZA 15 23.21 63.76 -21.70
C LEU ZA 15 22.90 63.92 -20.22
N GLY ZA 16 21.63 63.70 -19.87
CA GLY ZA 16 21.21 63.83 -18.50
C GLY ZA 16 20.01 64.75 -18.33
N LYS ZA 17 19.98 65.48 -17.22
CA LYS ZA 17 18.87 66.35 -16.86
C LYS ZA 17 19.39 67.72 -16.44
N SER ZA 18 18.62 68.75 -16.77
CA SER ZA 18 18.82 70.10 -16.27
C SER ZA 18 17.48 70.63 -15.79
N THR ZA 19 17.47 71.35 -14.68
CA THR ZA 19 16.21 71.81 -14.09
C THR ZA 19 16.26 73.30 -13.77
N TRP ZA 20 15.16 73.98 -14.09
CA TRP ZA 20 14.89 75.35 -13.70
C TRP ZA 20 13.73 75.37 -12.71
N ASN ZA 21 13.81 76.25 -11.73
CA ASN ZA 21 12.73 76.48 -10.79
C ASN ZA 21 11.98 77.75 -11.15
N VAL ZA 22 10.66 77.71 -11.00
CA VAL ZA 22 9.82 78.89 -11.19
C VAL ZA 22 9.96 79.79 -9.97
N THR ZA 23 10.34 81.04 -10.18
CA THR ZA 23 10.57 81.96 -9.08
C THR ZA 23 9.27 82.61 -8.62
N GLY ZA 24 9.24 83.00 -7.35
CA GLY ZA 24 8.10 83.69 -6.78
C GLY ZA 24 6.94 82.80 -6.42
N SER ZA 25 7.15 81.50 -6.29
CA SER ZA 25 6.06 80.60 -5.94
C SER ZA 25 5.76 80.68 -4.45
N THR ZA 26 4.49 80.46 -4.11
CA THR ZA 26 4.05 80.55 -2.72
C THR ZA 26 3.98 79.20 -2.02
N ASN ZA 27 3.94 78.09 -2.77
CA ASN ZA 27 3.81 76.78 -2.18
C ASN ZA 27 5.14 76.35 -1.57
N PRO ZA 28 5.15 75.33 -0.72
CA PRO ZA 28 6.40 74.89 -0.07
C PRO ZA 28 7.46 74.52 -1.09
N PRO ZA 29 8.74 74.51 -0.70
CA PRO ZA 29 9.81 74.36 -1.70
C PRO ZA 29 9.75 73.05 -2.48
N GLY ZA 30 9.43 71.94 -1.80
CA GLY ZA 30 9.31 70.67 -2.50
C GLY ZA 30 8.26 70.66 -3.58
N LEU ZA 31 7.36 71.65 -3.57
CA LEU ZA 31 6.32 71.79 -4.58
C LEU ZA 31 6.53 73.01 -5.47
N VAL ZA 32 7.75 73.52 -5.54
CA VAL ZA 32 8.05 74.62 -6.46
C VAL ZA 32 7.88 74.13 -7.89
N PRO ZA 33 7.14 74.86 -8.74
CA PRO ZA 33 7.01 74.44 -10.14
C PRO ZA 33 8.37 74.35 -10.81
N GLN ZA 34 8.53 73.33 -11.66
CA GLN ZA 34 9.82 73.03 -12.27
C GLN ZA 34 9.70 72.87 -13.77
N VAL ZA 35 10.80 73.17 -14.45
CA VAL ZA 35 10.98 72.85 -15.87
C VAL ZA 35 12.23 72.00 -15.99
N VAL ZA 36 12.11 70.84 -16.62
CA VAL ZA 36 13.18 69.86 -16.71
C VAL ZA 36 13.45 69.57 -18.19
N GLN ZA 37 14.70 69.77 -18.60
CA GLN ZA 37 15.15 69.34 -19.93
C GLN ZA 37 15.97 68.06 -19.78
N THR ZA 38 15.65 67.07 -20.61
CA THR ZA 38 16.29 65.76 -20.57
C THR ZA 38 16.87 65.44 -21.93
N GLU ZA 39 18.10 64.92 -21.95
CA GLU ZA 39 18.71 64.42 -23.18
C GLU ZA 39 19.20 63.01 -22.92
N SER ZA 40 18.50 62.02 -23.46
CA SER ZA 40 18.78 60.62 -23.10
C SER ZA 40 18.98 59.77 -24.35
N ILE ZA 41 19.84 58.76 -24.23
CA ILE ZA 41 20.10 57.85 -25.35
C ILE ZA 41 19.21 56.63 -25.23
N ASN ZA 42 18.82 56.11 -26.40
CA ASN ZA 42 18.05 54.88 -26.44
C ASN ZA 42 18.93 53.69 -26.06
N ALA ZA 43 18.28 52.57 -25.75
CA ALA ZA 43 19.01 51.36 -25.41
C ALA ZA 43 19.90 50.91 -26.57
N ARG ZA 44 19.32 50.77 -27.76
CA ARG ZA 44 20.09 50.41 -28.95
C ARG ZA 44 20.92 51.56 -29.49
N LYS ZA 45 20.89 52.73 -28.84
CA LYS ZA 45 21.66 53.91 -29.26
C LYS ZA 45 21.27 54.35 -30.67
N SER ZA 46 20.01 54.14 -31.05
CA SER ZA 46 19.54 54.61 -32.33
C SER ZA 46 19.00 56.03 -32.26
N ASN ZA 47 18.35 56.41 -31.16
CA ASN ZA 47 17.77 57.72 -31.00
C ASN ZA 47 18.34 58.41 -29.78
N ILE ZA 48 18.42 59.74 -29.85
CA ILE ZA 48 18.54 60.59 -28.66
C ILE ZA 48 17.20 61.28 -28.49
N MET ZA 49 16.62 61.15 -27.30
CA MET ZA 49 15.37 61.81 -26.96
C MET ZA 49 15.69 63.13 -26.30
N SER ZA 50 15.19 64.22 -26.89
CA SER ZA 50 15.22 65.54 -26.29
C SER ZA 50 13.84 65.83 -25.71
N LYS ZA 51 13.77 66.06 -24.40
CA LYS ZA 51 12.51 66.26 -23.72
C LYS ZA 51 12.51 67.55 -22.91
N ILE ZA 52 11.35 68.19 -22.88
CA ILE ZA 52 11.09 69.32 -21.98
C ILE ZA 52 9.81 68.99 -21.21
N SER ZA 53 9.84 69.23 -19.90
CA SER ZA 53 8.72 68.90 -19.04
C SER ZA 53 8.46 70.05 -18.08
N VAL ZA 54 7.22 70.52 -18.02
CA VAL ZA 54 6.82 71.56 -17.11
C VAL ZA 54 5.84 70.95 -16.12
N TYR ZA 55 6.25 70.91 -14.85
CA TYR ZA 55 5.41 70.43 -13.76
C TYR ZA 55 5.02 71.63 -12.91
N TYR ZA 56 3.74 71.99 -12.91
CA TYR ZA 56 3.23 73.07 -12.09
C TYR ZA 56 2.30 72.48 -11.03
N TYR ZA 57 2.73 72.54 -9.78
CA TYR ZA 57 1.96 71.97 -8.68
C TYR ZA 57 1.01 73.02 -8.14
N ILE ZA 58 -0.30 72.70 -8.17
CA ILE ZA 58 -1.34 73.66 -7.82
C ILE ZA 58 -2.28 73.02 -6.81
N PRO ZA 59 -2.67 73.73 -5.75
CA PRO ZA 59 -3.58 73.14 -4.77
C PRO ZA 59 -4.98 72.94 -5.33
N SER ZA 60 -5.64 71.89 -4.85
CA SER ZA 60 -6.96 71.54 -5.38
C SER ZA 60 -8.03 72.56 -5.00
N THR ZA 61 -7.77 73.40 -4.01
CA THR ZA 61 -8.71 74.42 -3.58
C THR ZA 61 -8.06 75.79 -3.60
N ASN ZA 62 -8.89 76.83 -3.57
CA ASN ZA 62 -8.37 78.19 -3.62
C ASN ZA 62 -7.68 78.58 -2.31
N SER ZA 63 -8.14 78.05 -1.18
CA SER ZA 63 -7.57 78.37 0.12
C SER ZA 63 -7.08 77.10 0.79
N VAL ZA 64 -6.37 77.28 1.90
CA VAL ZA 64 -5.83 76.14 2.64
C VAL ZA 64 -6.95 75.45 3.41
N SER ZA 65 -7.02 74.13 3.28
CA SER ZA 65 -8.01 73.34 3.99
C SER ZA 65 -7.41 71.97 4.28
N CYS ZA 66 -8.15 71.18 5.06
CA CYS ZA 66 -7.64 69.88 5.47
C CYS ZA 66 -7.71 68.85 4.34
N CYS ZA 67 -8.68 69.00 3.43
CA CYS ZA 67 -8.81 68.14 2.27
C CYS ZA 67 -8.04 68.67 1.07
N THR ZA 68 -7.20 69.69 1.26
CA THR ZA 68 -6.44 70.27 0.17
C THR ZA 68 -5.43 69.27 -0.37
N GLU ZA 69 -5.62 68.85 -1.62
CA GLU ZA 69 -4.67 68.00 -2.32
C GLU ZA 69 -3.85 68.84 -3.28
N TRP ZA 70 -2.85 68.21 -3.89
CA TRP ZA 70 -1.96 68.89 -4.82
C TRP ZA 70 -2.08 68.23 -6.19
N ASP ZA 71 -2.75 68.93 -7.11
CA ASP ZA 71 -2.80 68.48 -8.49
C ASP ZA 71 -1.55 68.99 -9.22
N THR ZA 72 -1.27 68.34 -10.35
CA THR ZA 72 -0.11 68.69 -11.16
C THR ZA 72 -0.58 68.99 -12.57
N ILE ZA 73 -0.31 70.21 -13.03
CA ILE ZA 73 -0.45 70.56 -14.44
C ILE ZA 73 0.85 70.14 -15.12
N ARG ZA 74 0.77 69.14 -16.00
CA ARG ZA 74 1.92 68.59 -16.69
C ARG ZA 74 1.87 68.94 -18.16
N CYS ZA 75 2.99 69.45 -18.67
CA CYS ZA 75 3.15 69.71 -20.09
C CYS ZA 75 4.45 69.08 -20.56
N GLU ZA 76 4.34 68.12 -21.49
CA GLU ZA 76 5.48 67.33 -21.94
C GLU ZA 76 5.74 67.56 -23.42
N PHE ZA 77 7.02 67.50 -23.78
CA PHE ZA 77 7.49 67.60 -25.16
C PHE ZA 77 8.66 66.65 -25.35
N SER ZA 78 8.67 65.96 -26.47
CA SER ZA 78 9.76 65.05 -26.81
C SER ZA 78 10.04 65.13 -28.30
N LEU ZA 79 11.31 64.92 -28.67
CA LEU ZA 79 11.75 64.93 -30.06
C LEU ZA 79 12.82 63.87 -30.23
N THR ZA 80 12.71 63.11 -31.32
CA THR ZA 80 13.67 62.04 -31.61
C THR ZA 80 14.75 62.54 -32.57
N LEU ZA 81 16.01 62.45 -32.14
CA LEU ZA 81 17.17 62.77 -32.98
C LEU ZA 81 17.80 61.44 -33.41
N LEU ZA 82 17.65 61.11 -34.68
CA LEU ZA 82 18.22 59.86 -35.20
C LEU ZA 82 19.73 59.94 -35.19
N GLN ZA 83 20.38 58.89 -34.67
CA GLN ZA 83 21.82 58.89 -34.49
C GLN ZA 83 22.57 57.97 -35.45
N LEU ZA 84 21.87 57.07 -36.14
CA LEU ZA 84 22.54 56.08 -36.97
C LEU ZA 84 22.00 56.06 -38.39
N SER ZA 85 21.42 57.17 -38.84
CA SER ZA 85 20.87 57.26 -40.18
C SER ZA 85 21.91 57.82 -41.15
N SER ZA 86 22.01 57.21 -42.32
CA SER ZA 86 22.88 57.70 -43.38
C SER ZA 86 22.22 58.77 -44.25
N ASN ZA 87 20.93 59.01 -44.05
CA ASN ZA 87 20.23 60.03 -44.82
C ASN ZA 87 20.64 61.41 -44.33
N THR ZA 88 21.15 62.23 -45.24
CA THR ZA 88 21.58 63.58 -44.87
C THR ZA 88 20.43 64.55 -44.67
N ASP ZA 89 19.19 64.16 -45.02
CA ASP ZA 89 18.03 65.01 -44.78
C ASP ZA 89 17.61 65.05 -43.32
N VAL ZA 90 18.22 64.22 -42.46
CA VAL ZA 90 17.69 64.04 -41.10
C VAL ZA 90 17.70 65.36 -40.33
N ALA ZA 91 18.77 66.14 -40.46
CA ALA ZA 91 18.88 67.37 -39.69
C ALA ZA 91 17.82 68.39 -40.12
N ALA ZA 92 17.75 68.68 -41.42
CA ALA ZA 92 16.76 69.63 -41.92
C ALA ZA 92 15.34 69.16 -41.63
N ARG ZA 93 15.09 67.85 -41.71
CA ARG ZA 93 13.74 67.36 -41.47
C ARG ZA 93 13.38 67.38 -39.99
N THR ZA 94 14.34 67.15 -39.09
CA THR ZA 94 14.08 67.32 -37.67
C THR ZA 94 13.77 68.79 -37.37
N VAL ZA 95 14.49 69.70 -38.00
CA VAL ZA 95 14.18 71.13 -37.86
C VAL ZA 95 12.76 71.40 -38.34
N ASP ZA 96 12.40 70.85 -39.50
CA ASP ZA 96 11.06 71.06 -40.04
C ASP ZA 96 10.00 70.50 -39.11
N VAL ZA 97 10.28 69.35 -38.49
CA VAL ZA 97 9.32 68.73 -37.57
C VAL ZA 97 9.12 69.60 -36.34
N LEU ZA 98 10.22 70.11 -35.77
CA LEU ZA 98 10.11 71.00 -34.62
C LEU ZA 98 9.33 72.26 -34.97
N ASP ZA 99 9.57 72.81 -36.16
CA ASP ZA 99 8.85 74.01 -36.58
C ASP ZA 99 7.37 73.71 -36.78
N THR ZA 100 7.05 72.53 -37.31
CA THR ZA 100 5.65 72.13 -37.45
C THR ZA 100 4.99 72.01 -36.09
N MET ZA 101 5.72 71.48 -35.10
CA MET ZA 101 5.21 71.39 -33.74
C MET ZA 101 4.87 72.77 -33.20
N ILE ZA 102 5.79 73.72 -33.34
CA ILE ZA 102 5.55 75.08 -32.83
C ILE ZA 102 4.38 75.72 -33.57
N SER ZA 103 4.33 75.55 -34.89
CA SER ZA 103 3.24 76.10 -35.69
C SER ZA 103 1.90 75.54 -35.24
N PHE ZA 104 1.85 74.24 -34.92
CA PHE ZA 104 0.59 73.65 -34.48
C PHE ZA 104 0.21 74.09 -33.09
N LEU ZA 105 1.19 74.29 -32.20
CA LEU ZA 105 0.90 74.86 -30.90
C LEU ZA 105 0.29 76.25 -31.03
N ALA ZA 106 0.72 77.01 -32.04
CA ALA ZA 106 0.07 78.29 -32.29
C ALA ZA 106 -1.31 78.11 -32.92
N LYS ZA 107 -1.40 77.22 -33.92
CA LYS ZA 107 -2.61 77.06 -34.72
C LYS ZA 107 -3.77 76.54 -33.90
N ARG ZA 108 -3.51 75.63 -32.97
CA ARG ZA 108 -4.55 74.94 -32.21
C ARG ZA 108 -4.54 75.32 -30.73
N ARG ZA 109 -4.12 76.55 -30.40
CA ARG ZA 109 -3.97 76.93 -29.01
C ARG ZA 109 -5.30 76.83 -28.25
N ASN ZA 110 -6.38 77.38 -28.83
CA ASN ZA 110 -7.67 77.34 -28.14
C ASN ZA 110 -8.15 75.91 -27.98
N SER ZA 111 -8.02 75.09 -29.03
CA SER ZA 111 -8.45 73.70 -28.94
C SER ZA 111 -7.67 72.96 -27.86
N ILE ZA 112 -6.35 73.17 -27.81
CA ILE ZA 112 -5.50 72.52 -26.83
C ILE ZA 112 -5.89 72.94 -25.41
N LEU ZA 113 -6.15 74.24 -25.22
CA LEU ZA 113 -6.45 74.73 -23.89
C LEU ZA 113 -7.86 74.40 -23.44
N ALA ZA 114 -8.78 74.14 -24.36
CA ALA ZA 114 -10.16 73.85 -24.01
C ALA ZA 114 -10.49 72.36 -24.03
N GLY ZA 115 -9.63 71.53 -24.61
CA GLY ZA 115 -9.95 70.12 -24.72
C GLY ZA 115 -11.10 69.84 -25.67
N ASN ZA 116 -11.13 70.55 -26.79
CA ASN ZA 116 -12.22 70.43 -27.76
C ASN ZA 116 -11.62 70.49 -29.16
N LEU ZA 117 -11.68 69.38 -29.89
CA LEU ZA 117 -11.12 69.32 -31.24
C LEU ZA 117 -11.86 70.20 -32.23
N LEU ZA 118 -13.11 70.55 -31.93
CA LEU ZA 118 -13.96 71.22 -32.91
C LEU ZA 118 -13.69 72.72 -33.00
N LEU ZA 119 -12.95 73.30 -32.07
CA LEU ZA 119 -12.70 74.73 -32.12
C LEU ZA 119 -11.88 75.07 -33.37
N PRO ZA 120 -12.20 76.15 -34.06
CA PRO ZA 120 -11.41 76.53 -35.24
C PRO ZA 120 -10.00 76.92 -34.85
N ASP ZA 121 -9.13 76.97 -35.87
CA ASP ZA 121 -7.76 77.43 -35.66
C ASP ZA 121 -7.75 78.80 -35.01
N ASN ZA 122 -6.74 79.04 -34.20
CA ASN ZA 122 -6.55 80.37 -33.63
C ASN ZA 122 -6.30 81.37 -34.77
N PRO ZA 123 -6.83 82.59 -34.67
CA PRO ZA 123 -6.57 83.61 -35.68
C PRO ZA 123 -5.10 84.03 -35.69
N ALA AB 1 -15.60 -24.30 81.07
CA ALA AB 1 -14.46 -24.91 81.76
C ALA AB 1 -13.17 -24.66 81.00
N SER AB 2 -12.21 -24.02 81.68
CA SER AB 2 -10.90 -23.84 81.09
C SER AB 2 -10.31 -25.19 80.72
N LEU AB 3 -9.80 -25.29 79.50
CA LEU AB 3 -9.26 -26.56 79.03
C LEU AB 3 -7.87 -26.79 79.61
N PRO AB 4 -7.52 -28.04 79.92
CA PRO AB 4 -6.17 -28.33 80.41
C PRO AB 4 -5.16 -28.32 79.27
N VAL AB 5 -4.01 -27.71 79.51
CA VAL AB 5 -3.00 -27.52 78.48
C VAL AB 5 -1.62 -27.86 79.01
N THR AB 6 -0.75 -28.30 78.10
CA THR AB 6 0.67 -28.41 78.35
C THR AB 6 1.43 -27.74 77.22
N GLN AB 7 2.53 -27.06 77.56
CA GLN AB 7 3.28 -26.31 76.57
C GLN AB 7 3.96 -27.27 75.60
N TYR AB 8 3.59 -27.19 74.33
CA TYR AB 8 4.15 -28.02 73.26
C TYR AB 8 5.37 -27.38 72.63
N SER AB 9 5.23 -26.18 72.09
CA SER AB 9 6.39 -25.43 71.58
C SER AB 9 6.68 -24.25 72.49
N PRO AB 10 7.78 -24.25 73.23
CA PRO AB 10 7.99 -23.23 74.25
C PRO AB 10 8.48 -21.93 73.63
N PRO AB 11 8.41 -20.83 74.37
CA PRO AB 11 8.89 -19.55 73.81
C PRO AB 11 10.40 -19.57 73.63
N VAL AB 12 10.83 -19.00 72.51
CA VAL AB 12 12.22 -19.02 72.10
C VAL AB 12 12.85 -17.64 72.23
N THR AB 13 12.20 -16.65 71.64
CA THR AB 13 12.61 -15.25 71.66
C THR AB 13 11.42 -14.40 72.08
N PRO AB 14 11.64 -13.16 72.51
CA PRO AB 14 10.50 -12.29 72.88
C PRO AB 14 9.44 -12.17 71.79
N LEU AB 15 9.85 -12.14 70.53
CA LEU AB 15 8.90 -12.15 69.42
C LEU AB 15 8.81 -13.55 68.83
N GLY AB 16 7.66 -13.84 68.21
CA GLY AB 16 7.44 -15.14 67.62
C GLY AB 16 6.15 -15.79 68.08
N LYS AB 17 6.18 -17.12 68.22
CA LYS AB 17 5.00 -17.90 68.58
C LYS AB 17 5.35 -18.89 69.69
N SER AB 18 4.39 -19.12 70.57
CA SER AB 18 4.45 -20.17 71.57
C SER AB 18 3.12 -20.93 71.52
N THR AB 19 3.18 -22.26 71.66
CA THR AB 19 1.96 -23.07 71.53
C THR AB 19 1.81 -24.03 72.69
N TRP AB 20 0.58 -24.14 73.18
CA TRP AB 20 0.16 -25.15 74.14
C TRP AB 20 -0.82 -26.09 73.46
N ASN AB 21 -0.73 -27.38 73.82
CA ASN AB 21 -1.68 -28.39 73.36
C ASN AB 21 -2.67 -28.70 74.48
N VAL AB 22 -3.93 -28.89 74.08
CA VAL AB 22 -4.97 -29.33 75.02
C VAL AB 22 -4.80 -30.82 75.28
N THR AB 23 -4.66 -31.18 76.54
CA THR AB 23 -4.41 -32.57 76.91
C THR AB 23 -5.71 -33.36 76.98
N GLY AB 24 -5.59 -34.67 76.76
CA GLY AB 24 -6.74 -35.56 76.86
C GLY AB 24 -7.67 -35.55 75.67
N SER AB 25 -7.22 -35.04 74.52
CA SER AB 25 -8.08 -35.00 73.36
C SER AB 25 -8.16 -36.37 72.69
N THR AB 26 -9.30 -36.65 72.07
CA THR AB 26 -9.54 -37.94 71.45
C THR AB 26 -9.28 -37.93 69.94
N ASN AB 27 -9.25 -36.76 69.31
CA ASN AB 27 -9.07 -36.68 67.88
C ASN AB 27 -7.60 -36.93 67.52
N PRO AB 28 -7.30 -37.21 66.25
CA PRO AB 28 -5.90 -37.50 65.85
C PRO AB 28 -4.98 -36.36 66.22
N PRO AB 29 -3.67 -36.61 66.32
CA PRO AB 29 -2.76 -35.59 66.86
C PRO AB 29 -2.73 -34.30 66.05
N GLY AB 30 -2.74 -34.39 64.72
CA GLY AB 30 -2.76 -33.20 63.89
C GLY AB 30 -3.96 -32.31 64.14
N LEU AB 31 -4.99 -32.84 64.80
CA LEU AB 31 -6.19 -32.08 65.14
C LEU AB 31 -6.32 -31.85 66.65
N VAL AB 32 -5.22 -31.94 67.38
CA VAL AB 32 -5.26 -31.63 68.81
C VAL AB 32 -5.56 -30.15 69.00
N PRO AB 33 -6.54 -29.78 69.83
CA PRO AB 33 -6.81 -28.36 70.07
C PRO AB 33 -5.58 -27.64 70.57
N GLN AB 34 -5.38 -26.41 70.10
CA GLN AB 34 -4.18 -25.65 70.39
C GLN AB 34 -4.50 -24.26 70.90
N VAL AB 35 -3.59 -23.72 71.70
CA VAL AB 35 -3.58 -22.31 72.09
C VAL AB 35 -2.24 -21.73 71.66
N VAL AB 36 -2.28 -20.63 70.90
CA VAL AB 36 -1.09 -20.03 70.34
C VAL AB 36 -1.00 -18.59 70.80
N GLN AB 37 0.12 -18.22 71.42
CA GLN AB 37 0.41 -16.83 71.72
C GLN AB 37 1.45 -16.31 70.74
N THR AB 38 1.17 -15.14 70.17
CA THR AB 38 2.01 -14.53 69.15
C THR AB 38 2.42 -13.14 69.60
N GLU AB 39 3.69 -12.79 69.43
CA GLU AB 39 4.18 -11.44 69.67
C GLU AB 39 4.93 -10.99 68.42
N SER AB 40 4.32 -10.09 67.65
CA SER AB 40 4.89 -9.74 66.35
C SER AB 40 5.02 -8.22 66.20
N ILE AB 41 6.04 -7.80 65.45
CA ILE AB 41 6.27 -6.38 65.23
C ILE AB 41 5.61 -5.96 63.92
N ASN AB 42 5.15 -4.72 63.88
CA ASN AB 42 4.59 -4.16 62.68
C ASN AB 42 5.69 -3.89 61.66
N ALA AB 43 5.29 -3.68 60.41
CA ALA AB 43 6.26 -3.37 59.36
C ALA AB 43 7.01 -2.08 59.68
N ARG AB 44 6.28 -1.00 59.97
CA ARG AB 44 6.91 0.26 60.34
C ARG AB 44 7.44 0.26 61.77
N LYS AB 45 7.33 -0.86 62.48
CA LYS AB 45 7.81 -0.99 63.86
C LYS AB 45 7.16 0.02 64.79
N SER AB 46 5.91 0.37 64.50
CA SER AB 46 5.16 1.26 65.38
C SER AB 46 4.41 0.50 66.46
N ASN AB 47 3.89 -0.69 66.16
CA ASN AB 47 3.14 -1.48 67.11
C ASN AB 47 3.77 -2.85 67.29
N ILE AB 48 3.62 -3.40 68.49
CA ILE AB 48 3.79 -4.82 68.72
C ILE AB 48 2.40 -5.40 68.96
N MET AB 49 2.04 -6.41 68.19
CA MET AB 49 0.77 -7.09 68.35
C MET AB 49 0.97 -8.28 69.28
N SER AB 50 0.20 -8.30 70.37
CA SER AB 50 0.11 -9.44 71.27
C SER AB 50 -1.18 -10.18 70.97
N LYS AB 51 -1.09 -11.44 70.57
CA LYS AB 51 -2.24 -12.22 70.16
C LYS AB 51 -2.33 -13.53 70.93
N ILE AB 52 -3.56 -13.93 71.23
CA ILE AB 52 -3.86 -15.26 71.74
C ILE AB 52 -4.92 -15.88 70.84
N SER AB 53 -4.73 -17.14 70.47
CA SER AB 53 -5.63 -17.82 69.56
C SER AB 53 -5.93 -19.22 70.08
N VAL AB 54 -7.19 -19.56 70.20
CA VAL AB 54 -7.63 -20.89 70.61
C VAL AB 54 -8.32 -21.53 69.43
N TYR AB 55 -7.71 -22.61 68.92
CA TYR AB 55 -8.28 -23.41 67.83
C TYR AB 55 -8.72 -24.74 68.42
N TYR AB 56 -10.03 -24.97 68.45
CA TYR AB 56 -10.58 -26.25 68.92
C TYR AB 56 -11.21 -26.95 67.73
N TYR AB 57 -10.62 -28.07 67.33
CA TYR AB 57 -11.10 -28.82 66.17
C TYR AB 57 -12.12 -29.85 66.64
N ILE AB 58 -13.34 -29.76 66.10
CA ILE AB 58 -14.45 -30.58 66.55
C ILE AB 58 -15.11 -31.24 65.33
N PRO AB 59 -15.44 -32.52 65.41
CA PRO AB 59 -16.08 -33.17 64.25
C PRO AB 59 -17.49 -32.66 64.04
N SER AB 60 -17.90 -32.64 62.76
CA SER AB 60 -19.20 -32.10 62.40
C SER AB 60 -20.35 -32.97 62.89
N THR AB 61 -20.08 -34.22 63.24
CA THR AB 61 -21.11 -35.14 63.73
C THR AB 61 -20.69 -35.72 65.07
N ASN AB 62 -21.66 -36.28 65.78
CA ASN AB 62 -21.39 -36.84 67.10
C ASN AB 62 -20.58 -38.13 67.01
N SER AB 63 -20.76 -38.90 65.95
CA SER AB 63 -20.07 -40.16 65.77
C SER AB 63 -19.26 -40.14 64.47
N VAL AB 64 -18.43 -41.16 64.29
CA VAL AB 64 -17.61 -41.25 63.10
C VAL AB 64 -18.46 -41.67 61.91
N SER AB 65 -18.34 -40.95 60.80
CA SER AB 65 -19.05 -41.28 59.58
C SER AB 65 -18.20 -40.86 58.39
N CYS AB 66 -18.68 -41.22 57.20
CA CYS AB 66 -17.90 -40.94 55.99
C CYS AB 66 -17.98 -39.47 55.60
N CYS AB 67 -19.09 -38.80 55.91
CA CYS AB 67 -19.26 -37.38 55.66
C CYS AB 67 -18.78 -36.52 56.81
N THR AB 68 -18.10 -37.11 57.80
CA THR AB 68 -17.63 -36.36 58.95
C THR AB 68 -16.56 -35.36 58.54
N GLU AB 69 -16.88 -34.07 58.68
CA GLU AB 69 -15.92 -33.00 58.46
C GLU AB 69 -15.41 -32.50 59.80
N TRP AB 70 -14.44 -31.59 59.73
CA TRP AB 70 -13.80 -31.04 60.93
C TRP AB 70 -14.04 -29.53 60.95
N ASP AB 71 -14.94 -29.09 61.81
CA ASP AB 71 -15.14 -27.67 62.03
C ASP AB 71 -14.13 -27.17 63.05
N THR AB 72 -13.91 -25.86 63.06
CA THR AB 72 -12.98 -25.24 63.97
C THR AB 72 -13.70 -24.16 64.77
N ILE AB 73 -13.70 -24.30 66.08
CA ILE AB 73 -14.12 -23.24 66.98
C ILE AB 73 -12.90 -22.35 67.20
N ARG AB 74 -12.95 -21.12 66.70
CA ARG AB 74 -11.84 -20.18 66.77
C ARG AB 74 -12.18 -19.05 67.72
N CYS AB 75 -11.25 -18.77 68.64
CA CYS AB 75 -11.36 -17.61 69.52
C CYS AB 75 -10.07 -16.82 69.47
N GLU AB 76 -10.15 -15.57 69.02
CA GLU AB 76 -8.99 -14.73 68.78
C GLU AB 76 -9.00 -13.51 69.70
N PHE AB 77 -7.80 -13.09 70.09
CA PHE AB 77 -7.58 -11.89 70.89
C PHE AB 77 -6.31 -11.21 70.40
N SER AB 78 -6.37 -9.89 70.28
CA SER AB 78 -5.21 -9.09 69.89
C SER AB 78 -5.18 -7.80 70.68
N LEU AB 79 -3.97 -7.30 70.93
CA LEU AB 79 -3.76 -6.05 71.65
C LEU AB 79 -2.56 -5.33 71.05
N THR AB 80 -2.71 -4.02 70.84
CA THR AB 80 -1.65 -3.21 70.25
C THR AB 80 -0.83 -2.53 71.34
N LEU AB 81 0.47 -2.79 71.34
CA LEU AB 81 1.42 -2.13 72.24
C LEU AB 81 2.19 -1.08 71.42
N LEU AB 82 1.89 0.19 71.65
CA LEU AB 82 2.56 1.26 70.93
C LEU AB 82 4.04 1.31 71.32
N GLN AB 83 4.91 1.39 70.32
CA GLN AB 83 6.35 1.32 70.54
C GLN AB 83 7.07 2.63 70.33
N LEU AB 84 6.43 3.63 69.71
CA LEU AB 84 7.11 4.86 69.36
C LEU AB 84 6.36 6.09 69.85
N SER AB 85 5.56 5.93 70.90
CA SER AB 85 4.80 7.04 71.45
C SER AB 85 5.57 7.69 72.59
N SER AB 86 5.58 9.02 72.60
CA SER AB 86 6.18 9.79 73.68
C SER AB 86 5.23 10.01 74.85
N ASN AB 87 3.97 9.64 74.70
CA ASN AB 87 2.99 9.80 75.78
C ASN AB 87 3.25 8.75 76.85
N THR AB 88 3.47 9.19 78.09
CA THR AB 88 3.73 8.28 79.19
C THR AB 88 2.47 7.58 79.69
N ASP AB 89 1.29 7.98 79.22
CA ASP AB 89 0.05 7.30 79.61
C ASP AB 89 -0.13 5.97 78.90
N VAL AB 90 0.72 5.63 77.94
CA VAL AB 90 0.46 4.49 77.07
C VAL AB 90 0.37 3.20 77.88
N ALA AB 91 1.27 3.01 78.85
CA ALA AB 91 1.28 1.77 79.60
C ALA AB 91 0.02 1.60 80.44
N ALA AB 92 -0.30 2.62 81.25
CA ALA AB 92 -1.49 2.54 82.08
C ALA AB 92 -2.75 2.41 81.24
N ARG AB 93 -2.80 3.08 80.09
CA ARG AB 93 -3.99 3.02 79.26
C ARG AB 93 -4.11 1.67 78.55
N THR AB 94 -3.00 1.06 78.14
CA THR AB 94 -3.07 -0.30 77.62
C THR AB 94 -3.56 -1.27 78.69
N VAL AB 95 -3.10 -1.08 79.92
CA VAL AB 95 -3.62 -1.90 81.03
C VAL AB 95 -5.12 -1.70 81.18
N ASP AB 96 -5.56 -0.44 81.14
CA ASP AB 96 -6.98 -0.14 81.27
C ASP AB 96 -7.78 -0.77 80.13
N VAL AB 97 -7.23 -0.76 78.92
CA VAL AB 97 -7.92 -1.34 77.77
C VAL AB 97 -8.06 -2.85 77.93
N LEU AB 98 -6.98 -3.52 78.36
CA LEU AB 98 -7.06 -4.95 78.60
C LEU AB 98 -8.08 -5.29 79.68
N ASP AB 99 -8.12 -4.48 80.75
CA ASP AB 99 -9.08 -4.71 81.81
C ASP AB 99 -10.51 -4.49 81.32
N THR AB 100 -10.70 -3.49 80.46
CA THR AB 100 -12.02 -3.27 79.87
C THR AB 100 -12.43 -4.45 79.02
N MET AB 101 -11.48 -5.03 78.28
CA MET AB 101 -11.76 -6.22 77.49
C MET AB 101 -12.23 -7.37 78.37
N ILE AB 102 -11.51 -7.64 79.46
CA ILE AB 102 -11.89 -8.72 80.35
C ILE AB 102 -13.25 -8.45 81.00
N SER AB 103 -13.46 -7.20 81.42
CA SER AB 103 -14.75 -6.83 82.01
C SER AB 103 -15.89 -7.04 81.04
N PHE AB 104 -15.67 -6.73 79.77
CA PHE AB 104 -16.74 -6.91 78.78
C PHE AB 104 -16.96 -8.38 78.46
N LEU AB 105 -15.91 -9.18 78.46
CA LEU AB 105 -16.07 -10.62 78.31
C LEU AB 105 -16.92 -11.19 79.44
N ALA AB 106 -16.78 -10.63 80.65
CA ALA AB 106 -17.66 -11.04 81.74
C ALA AB 106 -19.08 -10.49 81.54
N LYS AB 107 -19.17 -9.20 81.21
CA LYS AB 107 -20.45 -8.49 81.16
C LYS AB 107 -21.37 -9.05 80.08
N ARG AB 108 -20.82 -9.43 78.94
CA ARG AB 108 -21.60 -9.84 77.79
C ARG AB 108 -21.42 -11.33 77.45
N ARG AB 109 -21.17 -12.16 78.47
CA ARG AB 109 -20.87 -13.56 78.22
C ARG AB 109 -22.03 -14.28 77.51
N ASN AB 110 -23.26 -14.09 78.01
CA ASN AB 110 -24.40 -14.75 77.40
C ASN AB 110 -24.61 -14.26 75.96
N SER AB 111 -24.51 -12.96 75.75
CA SER AB 111 -24.69 -12.41 74.40
C SER AB 111 -23.64 -12.96 73.45
N ILE AB 112 -22.38 -13.03 73.91
CA ILE AB 112 -21.30 -13.53 73.08
C ILE AB 112 -21.52 -15.00 72.74
N LEU AB 113 -21.96 -15.79 73.72
CA LEU AB 113 -22.12 -17.22 73.50
C LEU AB 113 -23.36 -17.55 72.70
N ALA AB 114 -24.36 -16.67 72.70
CA ALA AB 114 -25.61 -16.94 71.98
C ALA AB 114 -25.68 -16.24 70.63
N GLY AB 115 -24.81 -15.29 70.34
CA GLY AB 115 -24.91 -14.56 69.09
C GLY AB 115 -26.13 -13.66 69.03
N ASN AB 116 -26.46 -13.00 70.14
CA ASN AB 116 -27.65 -12.16 70.22
C ASN AB 116 -27.29 -10.92 71.03
N LEU AB 117 -27.28 -9.75 70.37
CA LEU AB 117 -26.93 -8.51 71.04
C LEU AB 117 -27.96 -8.09 72.07
N LEU AB 118 -29.18 -8.59 71.98
CA LEU AB 118 -30.26 -8.10 72.82
C LEU AB 118 -30.28 -8.69 74.23
N LEU AB 119 -29.50 -9.74 74.47
CA LEU AB 119 -29.50 -10.35 75.80
C LEU AB 119 -28.94 -9.35 76.82
N PRO AB 120 -29.54 -9.26 78.00
CA PRO AB 120 -29.02 -8.35 79.02
C PRO AB 120 -27.64 -8.79 79.50
N ASP AB 121 -26.97 -7.85 80.18
CA ASP AB 121 -25.67 -8.16 80.77
C ASP AB 121 -25.79 -9.38 81.69
N ASN AB 122 -24.71 -10.15 81.75
CA ASN AB 122 -24.65 -11.25 82.70
C ASN AB 122 -24.75 -10.70 84.12
N PRO AB 123 -25.46 -11.39 85.03
CA PRO AB 123 -25.53 -10.95 86.43
C PRO AB 123 -24.17 -11.04 87.12
N ALA BB 1 2.72 -58.97 -62.54
CA ALA BB 1 4.04 -59.18 -63.13
C ALA BB 1 5.13 -58.58 -62.26
N SER BB 2 6.07 -59.42 -61.84
CA SER BB 2 7.23 -58.93 -61.09
C SER BB 2 7.95 -57.88 -61.93
N LEU BB 3 8.25 -56.75 -61.30
CA LEU BB 3 8.91 -55.66 -62.01
C LEU BB 3 10.40 -55.95 -62.18
N PRO BB 4 10.99 -55.57 -63.30
CA PRO BB 4 12.43 -55.75 -63.49
C PRO BB 4 13.22 -54.71 -62.69
N VAL BB 5 14.28 -55.16 -62.03
CA VAL BB 5 15.05 -54.30 -61.14
C VAL BB 5 16.54 -54.49 -61.38
N THR BB 6 17.30 -53.43 -61.12
CA THR BB 6 18.75 -53.50 -61.02
C THR BB 6 19.18 -52.83 -59.72
N GLN BB 7 20.19 -53.40 -59.07
CA GLN BB 7 20.63 -52.87 -57.79
C GLN BB 7 21.30 -51.52 -57.98
N TYR BB 8 20.70 -50.49 -57.37
CA TYR BB 8 21.19 -49.12 -57.43
C TYR BB 8 22.18 -48.82 -56.30
N SER BB 9 21.75 -48.98 -55.04
CA SER BB 9 22.67 -48.86 -53.91
C SER BB 9 22.91 -50.21 -53.30
N PRO BB 10 24.10 -50.78 -53.41
CA PRO BB 10 24.33 -52.17 -53.00
C PRO BB 10 24.48 -52.26 -51.49
N PRO BB 11 24.36 -53.46 -50.92
CA PRO BB 11 24.53 -53.60 -49.48
C PRO BB 11 25.97 -53.34 -49.06
N VAL BB 12 26.11 -52.65 -47.95
CA VAL BB 12 27.39 -52.20 -47.44
C VAL BB 12 27.79 -52.97 -46.19
N THR BB 13 26.90 -53.02 -45.21
CA THR BB 13 27.07 -53.71 -43.96
C THR BB 13 25.85 -54.58 -43.72
N PRO BB 14 25.94 -55.57 -42.81
CA PRO BB 14 24.76 -56.41 -42.52
C PRO BB 14 23.53 -55.61 -42.13
N LEU BB 15 23.69 -54.51 -41.40
CA LEU BB 15 22.59 -53.62 -41.09
C LEU BB 15 22.62 -52.41 -42.00
N GLY BB 16 21.46 -51.80 -42.21
CA GLY BB 16 21.35 -50.64 -43.06
C GLY BB 16 20.29 -50.79 -44.13
N LYS BB 17 20.54 -50.23 -45.31
CA LYS BB 17 19.60 -50.21 -46.41
C LYS BB 17 20.28 -50.63 -47.70
N SER BB 18 19.53 -51.33 -48.55
CA SER BB 18 19.93 -51.66 -49.91
C SER BB 18 18.75 -51.31 -50.82
N THR BB 19 19.04 -50.75 -52.00
CA THR BB 19 17.98 -50.30 -52.89
C THR BB 19 18.19 -50.81 -54.30
N TRP BB 20 17.08 -51.25 -54.92
CA TRP BB 20 17.00 -51.59 -56.33
C TRP BB 20 16.09 -50.58 -57.02
N ASN BB 21 16.45 -50.24 -58.25
CA ASN BB 21 15.61 -49.39 -59.10
C ASN BB 21 14.88 -50.24 -60.13
N VAL BB 22 13.62 -49.89 -60.38
CA VAL BB 22 12.84 -50.52 -61.44
C VAL BB 22 13.30 -49.98 -62.78
N THR BB 23 13.70 -50.88 -63.68
CA THR BB 23 14.23 -50.46 -64.96
C THR BB 23 13.12 -50.21 -65.96
N GLY BB 24 13.40 -49.34 -66.94
CA GLY BB 24 12.45 -49.04 -67.99
C GLY BB 24 11.34 -48.08 -67.62
N SER BB 25 11.50 -47.33 -66.53
CA SER BB 25 10.46 -46.41 -66.12
C SER BB 25 10.49 -45.15 -66.98
N THR BB 26 9.32 -44.55 -67.17
CA THR BB 26 9.19 -43.37 -68.01
C THR BB 26 9.19 -42.07 -67.21
N ASN BB 27 8.91 -42.12 -65.91
CA ASN BB 27 8.84 -40.92 -65.10
C ASN BB 27 10.25 -40.40 -64.80
N PRO BB 28 10.37 -39.15 -64.36
CA PRO BB 28 11.70 -38.57 -64.09
C PRO BB 28 12.48 -39.40 -63.09
N PRO BB 29 13.82 -39.27 -63.07
CA PRO BB 29 14.62 -40.20 -62.27
C PRO BB 29 14.31 -40.16 -60.78
N GLY BB 30 14.08 -38.97 -60.21
CA GLY BB 30 13.73 -38.88 -58.81
C GLY BB 30 12.46 -39.62 -58.45
N LEU BB 31 11.65 -39.98 -59.44
CA LEU BB 31 10.43 -40.74 -59.24
C LEU BB 31 10.52 -42.15 -59.80
N VAL BB 32 11.73 -42.67 -59.99
CA VAL BB 32 11.88 -44.05 -60.43
C VAL BB 32 11.38 -44.99 -59.34
N PRO BB 33 10.52 -45.96 -59.65
CA PRO BB 33 10.05 -46.90 -58.62
C PRO BB 33 11.22 -47.63 -57.99
N GLN BB 34 11.13 -47.83 -56.67
CA GLN BB 34 12.23 -48.39 -55.91
C GLN BB 34 11.77 -49.56 -55.04
N VAL BB 35 12.72 -50.47 -54.78
CA VAL BB 35 12.56 -51.52 -53.78
C VAL BB 35 13.70 -51.37 -52.77
N VAL BB 36 13.35 -51.28 -51.49
CA VAL BB 36 14.31 -51.02 -50.44
C VAL BB 36 14.24 -52.15 -49.43
N GLN BB 37 15.37 -52.80 -49.16
CA GLN BB 37 15.50 -53.75 -48.07
C GLN BB 37 16.24 -53.10 -46.92
N THR BB 38 15.70 -53.23 -45.72
CA THR BB 38 16.23 -52.61 -44.51
C THR BB 38 16.48 -53.69 -43.46
N GLU BB 39 17.64 -53.63 -42.81
CA GLU BB 39 17.92 -54.50 -41.67
C GLU BB 39 18.37 -53.62 -40.51
N SER BB 40 17.51 -53.45 -39.52
CA SER BB 40 17.78 -52.48 -38.46
C SER BB 40 17.63 -53.12 -37.08
N ILE BB 41 18.43 -52.63 -36.13
CA ILE BB 41 18.39 -53.14 -34.77
C ILE BB 41 17.46 -52.27 -33.93
N ASN BB 42 16.80 -52.91 -32.98
CA ASN BB 42 15.95 -52.19 -32.03
C ASN BB 42 16.82 -51.39 -31.06
N ALA BB 43 16.18 -50.45 -30.37
CA ALA BB 43 16.89 -49.65 -29.37
C ALA BB 43 17.48 -50.53 -28.27
N ARG BB 44 16.64 -51.37 -27.67
CA ARG BB 44 17.11 -52.30 -26.65
C ARG BB 44 17.87 -53.48 -27.22
N LYS BB 45 18.06 -53.54 -28.54
CA LYS BB 45 18.79 -54.61 -29.20
C LYS BB 45 18.14 -55.98 -28.96
N SER BB 46 16.82 -55.99 -28.79
CA SER BB 46 16.09 -57.24 -28.64
C SER BB 46 15.68 -57.83 -29.98
N ASN BB 47 15.32 -57.00 -30.95
CA ASN BB 47 14.86 -57.46 -32.25
C ASN BB 47 15.73 -56.87 -33.35
N ILE BB 48 15.88 -57.64 -34.43
CA ILE BB 48 16.31 -57.09 -35.71
C ILE BB 48 15.10 -57.10 -36.63
N MET BB 49 14.78 -55.93 -37.19
CA MET BB 49 13.68 -55.80 -38.13
C MET BB 49 14.22 -55.98 -39.54
N SER BB 50 13.67 -56.97 -40.26
CA SER BB 50 13.92 -57.15 -41.68
C SER BB 50 12.73 -56.60 -42.44
N LYS BB 51 12.96 -55.61 -43.30
CA LYS BB 51 11.89 -54.94 -44.01
C LYS BB 51 12.15 -54.94 -45.52
N ILE BB 52 11.08 -55.06 -46.28
CA ILE BB 52 11.08 -54.84 -47.73
C ILE BB 52 10.00 -53.83 -48.05
N SER BB 53 10.33 -52.85 -48.88
CA SER BB 53 9.41 -51.77 -49.22
C SER BB 53 9.45 -51.53 -50.72
N VAL BB 54 8.27 -51.53 -51.35
CA VAL BB 54 8.14 -51.24 -52.77
C VAL BB 54 7.38 -49.93 -52.90
N TYR BB 55 8.05 -48.92 -53.42
CA TYR BB 55 7.45 -47.62 -53.69
C TYR BB 55 7.33 -47.47 -55.20
N TYR BB 56 6.10 -47.45 -55.71
CA TYR BB 56 5.85 -47.25 -57.14
C TYR BB 56 5.15 -45.91 -57.30
N TYR BB 57 5.85 -44.95 -57.92
CA TYR BB 57 5.31 -43.60 -58.10
C TYR BB 57 4.55 -43.55 -59.42
N ILE BB 58 3.27 -43.21 -59.36
CA ILE BB 58 2.39 -43.24 -60.52
C ILE BB 58 1.66 -41.91 -60.63
N PRO BB 59 1.55 -41.33 -61.83
CA PRO BB 59 0.84 -40.06 -61.96
C PRO BB 59 -0.65 -40.22 -61.75
N SER BB 60 -1.26 -39.17 -61.19
CA SER BB 60 -2.68 -39.22 -60.86
C SER BB 60 -3.58 -39.27 -62.09
N THR BB 61 -3.06 -38.91 -63.26
CA THR BB 61 -3.81 -38.93 -64.50
C THR BB 61 -3.09 -39.76 -65.55
N ASN BB 62 -3.82 -40.14 -66.59
CA ASN BB 62 -3.24 -40.97 -67.64
C ASN BB 62 -2.26 -40.19 -68.50
N SER BB 63 -2.50 -38.89 -68.68
CA SER BB 63 -1.64 -38.04 -69.50
C SER BB 63 -1.09 -36.89 -68.67
N VAL BB 64 -0.14 -36.16 -69.26
CA VAL BB 64 0.47 -35.04 -68.56
C VAL BB 64 -0.49 -33.87 -68.54
N SER BB 65 -0.67 -33.28 -67.36
CA SER BB 65 -1.53 -32.11 -67.21
C SER BB 65 -0.98 -31.24 -66.08
N CYS BB 66 -1.57 -30.07 -65.92
CA CYS BB 66 -1.07 -29.13 -64.92
C CYS BB 66 -1.46 -29.54 -63.50
N CYS BB 67 -2.59 -30.23 -63.34
CA CYS BB 67 -3.02 -30.74 -62.05
C CYS BB 67 -2.51 -32.15 -61.77
N THR BB 68 -1.58 -32.64 -62.61
CA THR BB 68 -1.05 -33.98 -62.43
C THR BB 68 -0.25 -34.07 -61.14
N GLU BB 69 -0.73 -34.87 -60.19
CA GLU BB 69 -0.02 -35.17 -58.96
C GLU BB 69 0.63 -36.54 -59.08
N TRP BB 70 1.42 -36.89 -58.06
CA TRP BB 70 2.13 -38.16 -58.03
C TRP BB 70 1.67 -38.95 -56.82
N ASP BB 71 0.86 -39.97 -57.07
CA ASP BB 71 0.49 -40.89 -56.02
C ASP BB 71 1.56 -41.97 -55.87
N THR BB 72 1.56 -42.63 -54.72
CA THR BB 72 2.52 -43.67 -54.42
C THR BB 72 1.77 -44.94 -54.06
N ILE BB 73 2.01 -46.00 -54.82
CA ILE BB 73 1.59 -47.35 -54.45
C ILE BB 73 2.68 -47.91 -53.54
N ARG BB 74 2.34 -48.12 -52.27
CA ARG BB 74 3.29 -48.58 -51.26
C ARG BB 74 2.94 -50.00 -50.84
N CYS BB 75 3.95 -50.86 -50.83
CA CYS BB 75 3.80 -52.22 -50.33
C CYS BB 75 4.93 -52.49 -49.34
N GLU BB 76 4.56 -52.75 -48.09
CA GLU BB 76 5.52 -52.90 -46.99
C GLU BB 76 5.46 -54.31 -46.41
N PHE BB 77 6.62 -54.79 -45.97
CA PHE BB 77 6.78 -56.07 -45.30
C PHE BB 77 7.82 -55.92 -44.20
N SER BB 78 7.53 -56.50 -43.05
CA SER BB 78 8.46 -56.49 -41.92
C SER BB 78 8.41 -57.83 -41.20
N LEU BB 79 9.55 -58.22 -40.63
CA LEU BB 79 9.67 -59.46 -39.87
C LEU BB 79 10.62 -59.23 -38.70
N THR BB 80 10.22 -59.73 -37.53
CA THR BB 80 11.02 -59.58 -36.32
C THR BB 80 11.89 -60.81 -36.09
N LEU BB 81 13.21 -60.59 -36.02
CA LEU BB 81 14.17 -61.64 -35.68
C LEU BB 81 14.60 -61.41 -34.23
N LEU BB 82 14.15 -62.28 -33.33
CA LEU BB 82 14.51 -62.18 -31.93
C LEU BB 82 16.00 -62.43 -31.75
N GLN BB 83 16.67 -61.56 -31.00
CA GLN BB 83 18.12 -61.63 -30.84
C GLN BB 83 18.57 -62.06 -29.46
N LEU BB 84 17.69 -62.08 -28.46
CA LEU BB 84 18.08 -62.36 -27.10
C LEU BB 84 17.24 -63.47 -26.47
N SER BB 85 16.67 -64.33 -27.29
CA SER BB 85 15.83 -65.42 -26.80
C SER BB 85 16.67 -66.68 -26.62
N SER BB 86 16.47 -67.37 -25.50
CA SER BB 86 17.11 -68.65 -25.25
C SER BB 86 16.36 -69.82 -25.84
N ASN BB 87 15.15 -69.59 -26.37
CA ASN BB 87 14.37 -70.66 -26.97
C ASN BB 87 14.96 -71.03 -28.33
N THR BB 88 15.31 -72.30 -28.50
CA THR BB 88 15.90 -72.75 -29.75
C THR BB 88 14.89 -72.91 -30.87
N ASP BB 89 13.59 -72.79 -30.57
CA ASP BB 89 12.56 -72.86 -31.60
C ASP BB 89 12.48 -71.59 -32.43
N VAL BB 90 13.20 -70.53 -32.05
CA VAL BB 90 12.97 -69.21 -32.66
C VAL BB 90 13.25 -69.25 -34.17
N ALA BB 91 14.31 -69.94 -34.59
CA ALA BB 91 14.66 -69.94 -36.00
C ALA BB 91 13.60 -70.65 -36.83
N ALA BB 92 13.26 -71.89 -36.44
CA ALA BB 92 12.25 -72.65 -37.18
C ALA BB 92 10.91 -71.94 -37.17
N ARG BB 93 10.56 -71.30 -36.05
CA ARG BB 93 9.27 -70.63 -35.98
C ARG BB 93 9.25 -69.34 -36.79
N THR BB 94 10.36 -68.61 -36.86
CA THR BB 94 10.42 -67.47 -37.77
C THR BB 94 10.28 -67.92 -39.21
N VAL BB 95 10.91 -69.05 -39.56
CA VAL BB 95 10.73 -69.62 -40.90
C VAL BB 95 9.26 -69.94 -41.13
N ASP BB 96 8.62 -70.58 -40.15
CA ASP BB 96 7.21 -70.93 -40.30
C ASP BB 96 6.34 -69.68 -40.45
N VAL BB 97 6.67 -68.61 -39.73
CA VAL BB 97 5.91 -67.37 -39.81
C VAL BB 97 6.04 -66.76 -41.20
N LEU BB 98 7.27 -66.71 -41.73
CA LEU BB 98 7.47 -66.19 -43.08
C LEU BB 98 6.71 -67.02 -44.11
N ASP BB 99 6.72 -68.35 -43.95
CA ASP BB 99 6.00 -69.20 -44.89
C ASP BB 99 4.50 -68.99 -44.78
N THR BB 100 4.00 -68.77 -43.56
CA THR BB 100 2.58 -68.46 -43.38
C THR BB 100 2.23 -67.15 -44.07
N MET BB 101 3.13 -66.17 -43.98
CA MET BB 101 2.92 -64.89 -44.66
C MET BB 101 2.80 -65.09 -46.17
N ILE BB 102 3.72 -65.85 -46.76
CA ILE BB 102 3.68 -66.08 -48.20
C ILE BB 102 2.43 -66.86 -48.58
N SER BB 103 2.08 -67.88 -47.78
CA SER BB 103 0.87 -68.66 -48.06
C SER BB 103 -0.36 -67.79 -48.02
N PHE BB 104 -0.42 -66.84 -47.08
CA PHE BB 104 -1.60 -65.96 -47.00
C PHE BB 104 -1.63 -64.96 -48.14
N LEU BB 105 -0.46 -64.48 -48.58
CA LEU BB 105 -0.42 -63.62 -49.76
C LEU BB 105 -0.97 -64.37 -50.97
N ALA BB 106 -0.72 -65.67 -51.05
CA ALA BB 106 -1.32 -66.46 -52.13
C ALA BB 106 -2.81 -66.66 -51.89
N LYS BB 107 -3.17 -67.03 -50.67
CA LYS BB 107 -4.53 -67.44 -50.33
C LYS BB 107 -5.53 -66.30 -50.49
N ARG BB 108 -5.12 -65.08 -50.13
CA ARG BB 108 -6.01 -63.93 -50.09
C ARG BB 108 -5.65 -62.88 -51.14
N ARG BB 109 -5.11 -63.31 -52.28
CA ARG BB 109 -4.62 -62.35 -53.27
C ARG BB 109 -5.76 -61.46 -53.79
N ASN BB 110 -6.89 -62.07 -54.15
CA ASN BB 110 -8.00 -61.26 -54.67
C ASN BB 110 -8.53 -60.31 -53.61
N SER BB 111 -8.69 -60.79 -52.38
CA SER BB 111 -9.18 -59.92 -51.31
C SER BB 111 -8.22 -58.76 -51.07
N ILE BB 112 -6.91 -59.03 -51.06
CA ILE BB 112 -5.91 -57.99 -50.85
C ILE BB 112 -5.96 -56.96 -51.97
N LEU BB 113 -6.08 -57.43 -53.21
CA LEU BB 113 -6.05 -56.53 -54.35
C LEU BB 113 -7.34 -55.74 -54.51
N ALA BB 114 -8.45 -56.26 -54.00
CA ALA BB 114 -9.74 -55.59 -54.16
C ALA BB 114 -10.16 -54.79 -52.93
N GLY BB 115 -9.51 -54.97 -51.79
CA GLY BB 115 -9.94 -54.28 -50.59
C GLY BB 115 -11.28 -54.76 -50.08
N ASN BB 116 -11.52 -56.07 -50.12
CA ASN BB 116 -12.80 -56.66 -49.73
C ASN BB 116 -12.51 -57.96 -48.99
N LEU BB 117 -12.80 -57.98 -47.70
CA LEU BB 117 -12.55 -59.18 -46.88
C LEU BB 117 -13.44 -60.35 -47.26
N LEU BB 118 -14.57 -60.09 -47.92
CA LEU BB 118 -15.56 -61.13 -48.15
C LEU BB 118 -15.23 -62.03 -49.34
N LEU BB 119 -14.27 -61.65 -50.18
CA LEU BB 119 -13.95 -62.47 -51.32
C LEU BB 119 -13.40 -63.82 -50.86
N PRO BB 120 -13.79 -64.92 -51.49
CA PRO BB 120 -13.25 -66.23 -51.10
C PRO BB 120 -11.77 -66.33 -51.39
N ASP BB 121 -11.15 -67.35 -50.79
CA ASP BB 121 -9.74 -67.62 -51.04
C ASP BB 121 -9.50 -67.79 -52.53
N ASN BB 122 -8.32 -67.38 -52.97
CA ASN BB 122 -7.92 -67.63 -54.36
C ASN BB 122 -7.86 -69.13 -54.60
N PRO BB 123 -8.28 -69.61 -55.78
CA PRO BB 123 -8.19 -71.03 -56.12
C PRO BB 123 -6.74 -71.49 -56.21
N ALA CB 1 47.35 -11.43 71.04
CA ALA CB 1 48.50 -10.53 71.15
C ALA CB 1 48.37 -9.36 70.19
N SER CB 2 48.39 -8.14 70.74
CA SER CB 2 48.40 -6.95 69.91
C SER CB 2 49.59 -6.99 68.96
N LEU CB 3 49.33 -6.75 67.69
CA LEU CB 3 50.39 -6.81 66.69
C LEU CB 3 51.26 -5.55 66.76
N PRO CB 4 52.57 -5.68 66.54
CA PRO CB 4 53.43 -4.49 66.51
C PRO CB 4 53.26 -3.73 65.20
N VAL CB 5 53.19 -2.40 65.29
CA VAL CB 5 52.91 -1.57 64.13
C VAL CB 5 53.84 -0.37 64.11
N THR CB 6 54.12 0.12 62.90
CA THR CB 6 54.76 1.41 62.70
C THR CB 6 53.93 2.21 61.70
N GLN CB 7 53.83 3.51 61.92
CA GLN CB 7 53.01 4.35 61.06
C GLN CB 7 53.66 4.46 59.68
N TYR CB 8 52.96 3.98 58.66
CA TYR CB 8 53.40 4.00 57.27
C TYR CB 8 52.97 5.29 56.56
N SER CB 9 51.66 5.55 56.50
CA SER CB 9 51.18 6.81 55.96
C SER CB 9 50.61 7.67 57.10
N PRO CB 10 51.25 8.77 57.45
CA PRO CB 10 50.85 9.51 58.65
C PRO CB 10 49.63 10.37 58.38
N PRO CB 11 48.95 10.84 59.42
CA PRO CB 11 47.78 11.69 59.20
C PRO CB 11 48.19 13.04 58.61
N VAL CB 12 47.38 13.50 57.67
CA VAL CB 12 47.64 14.70 56.90
C VAL CB 12 46.69 15.82 57.29
N THR CB 13 45.40 15.53 57.26
CA THR CB 13 44.33 16.45 57.62
C THR CB 13 43.41 15.75 58.60
N PRO CB 14 42.58 16.50 59.34
CA PRO CB 14 41.64 15.85 60.27
C PRO CB 14 40.77 14.78 59.63
N LEU CB 15 40.35 14.98 58.39
CA LEU CB 15 39.62 13.96 57.65
C LEU CB 15 40.56 13.25 56.69
N GLY CB 16 40.21 12.01 56.35
CA GLY CB 16 41.03 11.22 55.45
C GLY CB 16 41.38 9.86 56.01
N LYS CB 17 42.58 9.38 55.70
CA LYS CB 17 43.05 8.06 56.10
C LYS CB 17 44.46 8.16 56.68
N SER CB 18 44.72 7.31 57.67
CA SER CB 18 46.05 7.09 58.21
C SER CB 18 46.28 5.59 58.29
N THR CB 19 47.50 5.14 57.97
CA THR CB 19 47.76 3.71 57.93
C THR CB 19 49.03 3.36 58.70
N TRP CB 20 48.94 2.26 59.44
CA TRP CB 20 50.07 1.62 60.11
C TRP CB 20 50.32 0.26 59.46
N ASN CB 21 51.59 -0.11 59.34
CA ASN CB 21 51.98 -1.42 58.86
C ASN CB 21 52.40 -2.29 60.04
N VAL CB 22 52.03 -3.57 59.98
CA VAL CB 22 52.47 -4.56 60.96
C VAL CB 22 53.91 -4.94 60.67
N THR CB 23 54.78 -4.78 61.66
CA THR CB 23 56.19 -5.03 61.46
C THR CB 23 56.51 -6.51 61.64
N GLY CB 24 57.58 -6.95 60.98
CA GLY CB 24 58.04 -8.32 61.09
C GLY CB 24 57.27 -9.33 60.28
N SER CB 25 56.50 -8.89 59.28
CA SER CB 25 55.73 -9.83 58.49
C SER CB 25 56.62 -10.52 57.47
N THR CB 26 56.26 -11.76 57.14
CA THR CB 26 57.04 -12.56 56.21
C THR CB 26 56.50 -12.53 54.79
N ASN CB 27 55.25 -12.14 54.59
CA ASN CB 27 54.65 -12.15 53.27
C ASN CB 27 55.17 -10.96 52.46
N PRO CB 28 54.99 -10.97 51.14
CA PRO CB 28 55.50 -9.88 50.29
C PRO CB 28 54.94 -8.53 50.74
N PRO CB 29 55.62 -7.43 50.37
CA PRO CB 29 55.23 -6.12 50.94
C PRO CB 29 53.81 -5.72 50.62
N GLY CB 30 53.34 -5.95 49.39
CA GLY CB 30 51.96 -5.61 49.05
C GLY CB 30 50.93 -6.33 49.90
N LEU CB 31 51.34 -7.39 50.61
CA LEU CB 31 50.46 -8.12 51.49
C LEU CB 31 50.83 -7.95 52.97
N VAL CB 32 51.54 -6.87 53.29
CA VAL CB 32 51.85 -6.59 54.70
C VAL CB 32 50.55 -6.26 55.44
N PRO CB 33 50.28 -6.88 56.58
CA PRO CB 33 49.06 -6.56 57.33
C PRO CB 33 49.02 -5.07 57.68
N GLN CB 34 47.83 -4.49 57.60
CA GLN CB 34 47.66 -3.06 57.77
C GLN CB 34 46.56 -2.74 58.77
N VAL CB 35 46.70 -1.58 59.42
CA VAL CB 35 45.66 -0.98 60.23
C VAL CB 35 45.39 0.42 59.66
N VAL CB 36 44.13 0.70 59.35
CA VAL CB 36 43.74 1.93 58.69
C VAL CB 36 42.71 2.64 59.56
N GLN CB 37 42.99 3.89 59.92
CA GLN CB 37 42.00 4.74 60.58
C GLN CB 37 41.46 5.74 59.56
N THR CB 38 40.15 5.88 59.51
CA THR CB 38 39.45 6.73 58.54
C THR CB 38 38.57 7.71 59.30
N GLU CB 39 38.59 8.97 58.90
CA GLU CB 39 37.67 9.98 59.42
C GLU CB 39 37.01 10.66 58.24
N SER CB 40 35.73 10.35 58.00
CA SER CB 40 35.08 10.81 56.79
C SER CB 40 33.75 11.50 57.10
N ILE CB 41 33.39 12.49 56.28
CA ILE CB 41 32.14 13.22 56.48
C ILE CB 41 31.06 12.59 55.61
N ASN CB 42 29.83 12.65 56.12
CA ASN CB 42 28.69 12.19 55.37
C ASN CB 42 28.38 13.16 54.23
N ALA CB 43 27.56 12.69 53.28
CA ALA CB 43 27.16 13.55 52.17
C ALA CB 43 26.42 14.78 52.66
N ARG CB 44 25.38 14.58 53.48
CA ARG CB 44 24.64 15.70 54.05
C ARG CB 44 25.38 16.38 55.19
N LYS CB 45 26.60 15.95 55.50
CA LYS CB 45 27.42 16.53 56.57
C LYS CB 45 26.72 16.45 57.92
N SER CB 46 25.92 15.41 58.13
CA SER CB 46 25.29 15.20 59.42
C SER CB 46 26.15 14.38 60.37
N ASN CB 47 26.89 13.40 59.84
CA ASN CB 47 27.73 12.54 60.66
C ASN CB 47 29.17 12.61 60.19
N ILE CB 48 30.09 12.43 61.14
CA ILE CB 48 31.46 12.05 60.84
C ILE CB 48 31.63 10.60 61.26
N MET CB 49 32.08 9.77 60.32
CA MET CB 49 32.35 8.37 60.60
C MET CB 49 33.82 8.22 61.00
N SER CB 50 34.04 7.67 62.19
CA SER CB 50 35.36 7.28 62.65
C SER CB 50 35.48 5.77 62.50
N LYS CB 51 36.44 5.31 61.70
CA LYS CB 51 36.58 3.90 61.40
C LYS CB 51 37.99 3.42 61.70
N ILE CB 52 38.09 2.19 62.17
CA ILE CB 52 39.36 1.47 62.29
C ILE CB 52 39.20 0.13 61.58
N SER CB 53 40.19 -0.24 60.78
CA SER CB 53 40.14 -1.46 59.99
C SER CB 53 41.46 -2.19 60.08
N VAL CB 54 41.41 -3.46 60.43
CA VAL CB 54 42.60 -4.31 60.49
C VAL CB 54 42.45 -5.36 59.40
N TYR CB 55 43.36 -5.31 58.42
CA TYR CB 55 43.44 -6.28 57.33
C TYR CB 55 44.68 -7.12 57.56
N TYR CB 56 44.51 -8.39 57.87
CA TYR CB 56 45.62 -9.33 58.05
C TYR CB 56 45.56 -10.34 56.91
N TYR CB 57 46.53 -10.29 56.02
CA TYR CB 57 46.57 -11.18 54.87
C TYR CB 57 47.33 -12.45 55.24
N ILE CB 58 46.67 -13.60 55.12
CA ILE CB 58 47.22 -14.87 55.57
C ILE CB 58 47.09 -15.90 54.44
N PRO CB 59 48.12 -16.68 54.18
CA PRO CB 59 48.03 -17.68 53.10
C PRO CB 59 47.07 -18.81 53.46
N SER CB 60 46.40 -19.34 52.44
CA SER CB 60 45.39 -20.37 52.65
C SER CB 60 46.00 -21.69 53.13
N THR CB 61 47.29 -21.88 52.97
CA THR CB 61 47.97 -23.10 53.39
C THR CB 61 49.14 -22.75 54.30
N ASN CB 62 49.61 -23.76 55.03
CA ASN CB 62 50.73 -23.54 55.96
C ASN CB 62 52.04 -23.32 55.23
N SER CB 63 52.22 -23.93 54.07
CA SER CB 63 53.45 -23.81 53.30
C SER CB 63 53.14 -23.26 51.92
N VAL CB 64 54.20 -22.93 51.19
CA VAL CB 64 54.05 -22.37 49.85
C VAL CB 64 53.67 -23.49 48.88
N SER CB 65 52.64 -23.25 48.08
CA SER CB 65 52.21 -24.20 47.08
C SER CB 65 51.61 -23.43 45.90
N CYS CB 66 51.30 -24.18 44.83
CA CYS CB 66 50.81 -23.53 43.62
C CYS CB 66 49.36 -23.09 43.76
N CYS CB 67 48.58 -23.80 44.57
CA CYS CB 67 47.19 -23.42 44.86
C CYS CB 67 47.06 -22.49 46.06
N THR CB 68 48.18 -21.96 46.55
CA THR CB 68 48.15 -21.08 47.71
C THR CB 68 47.44 -19.78 47.36
N GLU CB 69 46.29 -19.54 48.00
CA GLU CB 69 45.58 -18.29 47.88
C GLU CB 69 45.84 -17.44 49.12
N TRP CB 70 45.33 -16.21 49.08
CA TRP CB 70 45.53 -15.26 50.16
C TRP CB 70 44.17 -14.88 50.73
N ASP CB 71 43.86 -15.41 51.92
CA ASP CB 71 42.67 -15.00 52.62
C ASP CB 71 42.96 -13.74 53.44
N THR CB 72 41.90 -13.04 53.80
CA THR CB 72 42.02 -11.81 54.57
C THR CB 72 41.19 -11.93 55.84
N ILE CB 73 41.85 -11.82 56.98
CA ILE CB 73 41.15 -11.65 58.26
C ILE CB 73 40.87 -10.16 58.41
N ARG CB 74 39.58 -9.80 58.37
CA ARG CB 74 39.15 -8.41 58.43
C ARG CB 74 38.46 -8.15 59.76
N CYS CB 75 38.86 -7.07 60.41
CA CYS CB 75 38.20 -6.59 61.63
C CYS CB 75 37.89 -5.11 61.46
N GLU CB 76 36.61 -4.76 61.50
CA GLU CB 76 36.13 -3.42 61.23
C GLU CB 76 35.46 -2.82 62.45
N PHE CB 77 35.61 -1.51 62.60
CA PHE CB 77 34.96 -0.73 63.66
C PHE CB 77 34.57 0.62 63.09
N SER CB 78 33.36 1.07 63.44
CA SER CB 78 32.88 2.37 63.01
C SER CB 78 32.08 3.01 64.14
N LEU CB 79 32.14 4.34 64.19
CA LEU CB 79 31.41 5.12 65.18
C LEU CB 79 30.91 6.40 64.54
N THR CB 80 29.65 6.75 64.83
CA THR CB 80 29.03 7.95 64.26
C THR CB 80 29.14 9.12 65.24
N LEU CB 81 29.76 10.21 64.80
CA LEU CB 81 29.84 11.44 65.55
C LEU CB 81 28.86 12.43 64.93
N LEU CB 82 27.76 12.69 65.65
CA LEU CB 82 26.75 13.62 65.16
C LEU CB 82 27.32 15.03 65.11
N GLN CB 83 27.11 15.71 63.99
CA GLN CB 83 27.69 17.03 63.76
C GLN CB 83 26.70 18.18 63.80
N LEU CB 84 25.40 17.89 63.74
CA LEU CB 84 24.39 18.95 63.63
C LEU CB 84 23.31 18.81 64.69
N SER CB 85 23.63 18.17 65.81
CA SER CB 85 22.66 17.97 66.88
C SER CB 85 22.79 19.08 67.92
N SER CB 86 21.65 19.61 68.35
CA SER CB 86 21.62 20.62 69.41
C SER CB 86 21.62 20.01 70.80
N ASN CB 87 21.49 18.69 70.90
CA ASN CB 87 21.49 18.02 72.20
C ASN CB 87 22.90 17.99 72.75
N THR CB 88 23.08 18.54 73.95
CA THR CB 88 24.41 18.58 74.58
C THR CB 88 24.83 17.23 75.15
N ASP CB 89 23.93 16.24 75.19
CA ASP CB 89 24.29 14.91 75.66
C ASP CB 89 25.11 14.12 74.65
N VAL CB 90 25.26 14.63 73.42
CA VAL CB 90 25.82 13.82 72.34
C VAL CB 90 27.23 13.36 72.68
N ALA CB 91 28.06 14.24 73.24
CA ALA CB 91 29.44 13.88 73.50
C ALA CB 91 29.53 12.78 74.56
N ALA CB 92 28.89 13.00 75.71
CA ALA CB 92 28.93 12.01 76.78
C ALA CB 92 28.32 10.69 76.32
N ARG CB 93 27.26 10.74 75.53
CA ARG CB 93 26.62 9.51 75.09
C ARG CB 93 27.44 8.78 74.03
N THR CB 94 28.16 9.50 73.16
CA THR CB 94 29.09 8.83 72.26
C THR CB 94 30.21 8.15 73.04
N VAL CB 95 30.69 8.82 74.10
CA VAL CB 95 31.68 8.19 74.97
C VAL CB 95 31.11 6.92 75.59
N ASP CB 96 29.88 7.00 76.09
CA ASP CB 96 29.24 5.84 76.70
C ASP CB 96 29.08 4.71 75.70
N VAL CB 97 28.74 5.04 74.44
CA VAL CB 97 28.57 4.03 73.41
C VAL CB 97 29.89 3.34 73.11
N LEU CB 98 30.97 4.12 72.98
CA LEU CB 98 32.29 3.53 72.75
C LEU CB 98 32.69 2.62 73.90
N ASP CB 99 32.42 3.05 75.14
CA ASP CB 99 32.76 2.24 76.29
C ASP CB 99 31.93 0.96 76.32
N THR CB 100 30.66 1.04 75.93
CA THR CB 100 29.83 -0.15 75.83
C THR CB 100 30.38 -1.11 74.78
N MET CB 101 30.86 -0.57 73.67
CA MET CB 101 31.49 -1.39 72.64
C MET CB 101 32.70 -2.15 73.19
N ILE CB 102 33.58 -1.44 73.89
CA ILE CB 102 34.77 -2.08 74.45
C ILE CB 102 34.38 -3.12 75.50
N SER CB 103 33.41 -2.78 76.35
CA SER CB 103 32.94 -3.72 77.36
C SER CB 103 32.38 -4.98 76.74
N PHE CB 104 31.65 -4.85 75.63
CA PHE CB 104 31.09 -6.02 74.98
C PHE CB 104 32.15 -6.84 74.27
N LEU CB 105 33.17 -6.18 73.71
CA LEU CB 105 34.30 -6.93 73.15
C LEU CB 105 34.99 -7.76 74.23
N ALA CB 106 35.03 -7.24 75.46
CA ALA CB 106 35.56 -8.05 76.56
C ALA CB 106 34.58 -9.15 76.96
N LYS CB 107 33.31 -8.79 77.10
CA LYS CB 107 32.29 -9.67 77.65
C LYS CB 107 32.05 -10.88 76.75
N ARG CB 108 32.09 -10.69 75.43
CA ARG CB 108 31.73 -11.73 74.48
C ARG CB 108 32.93 -12.19 73.65
N ARG CB 109 34.13 -12.14 74.22
CA ARG CB 109 35.34 -12.45 73.45
C ARG CB 109 35.30 -13.87 72.90
N ASN CB 110 34.97 -14.84 73.75
CA ASN CB 110 34.95 -16.23 73.30
C ASN CB 110 33.88 -16.45 72.24
N SER CB 111 32.69 -15.88 72.43
CA SER CB 111 31.63 -16.02 71.46
C SER CB 111 32.03 -15.40 70.11
N ILE CB 112 32.65 -14.22 70.16
CA ILE CB 112 33.09 -13.55 68.93
C ILE CB 112 34.14 -14.37 68.21
N LEU CB 113 35.10 -14.93 68.97
CA LEU CB 113 36.19 -15.67 68.34
C LEU CB 113 35.77 -17.05 67.86
N ALA CB 114 34.71 -17.62 68.42
CA ALA CB 114 34.27 -18.95 68.04
C ALA CB 114 33.09 -18.94 67.06
N GLY CB 115 32.42 -17.82 66.88
CA GLY CB 115 31.26 -17.79 66.01
C GLY CB 115 30.09 -18.57 66.59
N ASN CB 116 29.86 -18.46 67.90
CA ASN CB 116 28.82 -19.21 68.59
C ASN CB 116 28.18 -18.27 69.61
N LEU CB 117 26.91 -17.91 69.40
CA LEU CB 117 26.21 -17.02 70.31
C LEU CB 117 25.97 -17.64 71.67
N LEU CB 118 25.98 -18.97 71.77
CA LEU CB 118 25.57 -19.63 72.99
C LEU CB 118 26.64 -19.68 74.06
N LEU CB 119 27.89 -19.34 73.72
CA LEU CB 119 28.95 -19.39 74.72
C LEU CB 119 28.67 -18.36 75.81
N PRO CB 120 28.90 -18.70 77.07
CA PRO CB 120 28.68 -17.73 78.15
C PRO CB 120 29.66 -16.57 78.06
N ASP CB 121 29.35 -15.51 78.79
CA ASP CB 121 30.25 -14.37 78.86
C ASP CB 121 31.63 -14.82 79.32
N ASN CB 122 32.66 -14.12 78.83
CA ASN CB 122 34.00 -14.36 79.31
C ASN CB 122 34.07 -14.03 80.80
N PRO CB 123 34.82 -14.81 81.60
CA PRO CB 123 34.99 -14.51 83.02
C PRO CB 123 35.77 -13.21 83.23
N ALA DB 1 60.36 -52.56 -32.64
CA ALA DB 1 61.33 -53.02 -31.66
C ALA DB 1 60.84 -52.76 -30.25
N SER DB 2 60.75 -53.82 -29.45
CA SER DB 2 60.40 -53.67 -28.05
C SER DB 2 61.40 -52.74 -27.37
N LEU DB 3 60.89 -51.77 -26.62
CA LEU DB 3 61.77 -50.80 -25.98
C LEU DB 3 62.39 -51.41 -24.73
N PRO DB 4 63.65 -51.08 -24.42
CA PRO DB 4 64.27 -51.57 -23.19
C PRO DB 4 63.76 -50.80 -21.99
N VAL DB 5 63.47 -51.53 -20.91
CA VAL DB 5 62.86 -50.95 -19.73
C VAL DB 5 63.55 -51.45 -18.47
N THR DB 6 63.53 -50.62 -17.43
CA THR DB 6 63.88 -51.03 -16.08
C THR DB 6 62.78 -50.58 -15.12
N GLN DB 7 62.49 -51.42 -14.13
CA GLN DB 7 61.41 -51.12 -13.21
C GLN DB 7 61.78 -49.94 -12.33
N TYR DB 8 61.00 -48.85 -12.45
CA TYR DB 8 61.21 -47.63 -11.68
C TYR DB 8 60.43 -47.66 -10.36
N SER DB 9 59.12 -47.82 -10.41
CA SER DB 9 58.32 -47.99 -9.20
C SER DB 9 57.83 -49.43 -9.12
N PRO DB 10 58.31 -50.24 -8.19
CA PRO DB 10 57.99 -51.67 -8.19
C PRO DB 10 56.61 -51.91 -7.62
N PRO DB 11 56.04 -53.10 -7.85
CA PRO DB 11 54.73 -53.40 -7.29
C PRO DB 11 54.79 -53.51 -5.78
N VAL DB 12 53.76 -52.97 -5.15
CA VAL DB 12 53.68 -52.86 -3.70
C VAL DB 12 52.62 -53.80 -3.14
N THR DB 13 51.41 -53.72 -3.68
CA THR DB 13 50.28 -54.55 -3.31
C THR DB 13 49.67 -55.13 -4.58
N PRO DB 14 48.86 -56.18 -4.46
CA PRO DB 14 48.22 -56.74 -5.66
C PRO DB 14 47.46 -55.72 -6.49
N LEU DB 15 46.81 -54.76 -5.85
CA LEU DB 15 46.15 -53.67 -6.55
C LEU DB 15 47.02 -52.42 -6.51
N GLY DB 16 46.84 -51.55 -7.50
CA GLY DB 16 47.62 -50.33 -7.57
C GLY DB 16 48.30 -50.15 -8.91
N LYS DB 17 49.50 -49.56 -8.89
CA LYS DB 17 50.26 -49.24 -10.09
C LYS DB 17 51.70 -49.69 -9.96
N SER DB 18 52.26 -50.14 -11.07
CA SER DB 18 53.69 -50.42 -11.19
C SER DB 18 54.18 -49.75 -12.46
N THR DB 19 55.39 -49.17 -12.43
CA THR DB 19 55.90 -48.42 -13.57
C THR DB 19 57.31 -48.84 -13.92
N TRP DB 20 57.55 -48.97 -15.23
CA TRP DB 20 58.86 -49.17 -15.81
C TRP DB 20 59.23 -47.93 -16.62
N ASN DB 21 60.52 -47.56 -16.58
CA ASN DB 21 61.04 -46.49 -17.40
C ASN DB 21 61.80 -47.07 -18.58
N VAL DB 22 61.66 -46.41 -19.74
CA VAL DB 22 62.42 -46.77 -20.93
C VAL DB 22 63.83 -46.23 -20.79
N THR DB 23 64.82 -47.11 -20.90
CA THR DB 23 66.21 -46.74 -20.70
C THR DB 23 66.80 -46.15 -21.97
N GLY DB 24 67.80 -45.29 -21.79
CA GLY DB 24 68.50 -44.69 -22.91
C GLY DB 24 67.80 -43.54 -23.59
N SER DB 25 66.81 -42.95 -22.94
CA SER DB 25 66.08 -41.85 -23.54
C SER DB 25 66.90 -40.56 -23.47
N THR DB 26 66.71 -39.69 -24.46
CA THR DB 26 67.46 -38.45 -24.54
C THR DB 26 66.70 -37.25 -24.00
N ASN DB 27 65.37 -37.35 -23.86
CA ASN DB 27 64.57 -36.23 -23.40
C ASN DB 27 64.73 -36.06 -21.89
N PRO DB 28 64.32 -34.92 -21.34
CA PRO DB 28 64.49 -34.69 -19.89
C PRO DB 28 63.80 -35.75 -19.07
N PRO DB 29 64.19 -35.92 -17.80
CA PRO DB 29 63.68 -37.08 -17.04
C PRO DB 29 62.17 -37.09 -16.87
N GLY DB 30 61.55 -35.94 -16.61
CA GLY DB 30 60.10 -35.88 -16.50
C GLY DB 30 59.37 -36.35 -17.74
N LEU DB 31 60.06 -36.43 -18.87
CA LEU DB 31 59.50 -36.91 -20.12
C LEU DB 31 60.07 -38.25 -20.56
N VAL DB 32 60.62 -39.01 -19.62
CA VAL DB 32 61.11 -40.35 -19.95
C VAL DB 32 59.93 -41.24 -20.32
N PRO DB 33 59.96 -41.96 -21.43
CA PRO DB 33 58.85 -42.85 -21.78
C PRO DB 33 58.61 -43.87 -20.68
N GLN DB 34 57.34 -44.15 -20.43
CA GLN DB 34 56.96 -45.02 -19.31
C GLN DB 34 56.00 -46.11 -19.76
N VAL DB 35 56.05 -47.23 -19.03
CA VAL DB 35 55.06 -48.30 -19.13
C VAL DB 35 54.46 -48.49 -17.74
N VAL DB 36 53.14 -48.44 -17.65
CA VAL DB 36 52.43 -48.49 -16.37
C VAL DB 36 51.46 -49.66 -16.42
N GLN DB 37 51.57 -50.55 -15.45
CA GLN DB 37 50.56 -51.60 -15.24
C GLN DB 37 49.70 -51.23 -14.05
N THR DB 38 48.40 -51.34 -14.22
CA THR DB 38 47.42 -50.96 -13.21
C THR DB 38 46.50 -52.14 -12.93
N GLU DB 39 46.23 -52.41 -11.65
CA GLU DB 39 45.26 -53.41 -11.25
C GLU DB 39 44.29 -52.75 -10.27
N SER DB 40 43.07 -52.48 -10.73
CA SER DB 40 42.15 -51.68 -9.93
C SER DB 40 40.80 -52.38 -9.80
N ILE DB 41 40.13 -52.16 -8.66
CA ILE DB 41 38.83 -52.77 -8.42
C ILE DB 41 37.74 -51.78 -8.80
N ASN DB 42 36.63 -52.33 -9.28
CA ASN DB 42 35.47 -51.53 -9.60
C ASN DB 42 34.81 -51.03 -8.32
N ALA DB 43 33.94 -50.03 -8.47
CA ALA DB 43 33.22 -49.49 -7.32
C ALA DB 43 32.36 -50.57 -6.67
N ARG DB 44 31.53 -51.25 -7.46
CA ARG DB 44 30.71 -52.34 -6.94
C ARG DB 44 31.51 -53.62 -6.71
N LYS DB 45 32.81 -53.59 -6.93
CA LYS DB 45 33.69 -54.75 -6.73
C LYS DB 45 33.26 -55.94 -7.58
N SER DB 46 32.69 -55.67 -8.76
CA SER DB 46 32.33 -56.74 -9.68
C SER DB 46 33.48 -57.11 -10.61
N ASN DB 47 34.28 -56.12 -11.03
CA ASN DB 47 35.37 -56.37 -11.95
C ASN DB 47 36.68 -55.91 -11.34
N ILE DB 48 37.77 -56.59 -11.71
CA ILE DB 48 39.11 -56.05 -11.57
C ILE DB 48 39.60 -55.71 -12.96
N MET DB 49 40.03 -54.46 -13.14
CA MET DB 49 40.58 -53.99 -14.41
C MET DB 49 42.09 -54.19 -14.38
N SER DB 50 42.61 -54.95 -15.34
CA SER DB 50 44.04 -55.08 -15.58
C SER DB 50 44.38 -54.20 -16.78
N LYS DB 51 45.26 -53.22 -16.58
CA LYS DB 51 45.60 -52.27 -17.63
C LYS DB 51 47.11 -52.21 -17.84
N ILE DB 52 47.50 -52.01 -19.09
CA ILE DB 52 48.87 -51.68 -19.46
C ILE DB 52 48.83 -50.43 -20.32
N SER DB 53 49.72 -49.48 -20.03
CA SER DB 53 49.75 -48.20 -20.72
C SER DB 53 51.18 -47.85 -21.08
N VAL DB 54 51.41 -47.54 -22.35
CA VAL DB 54 52.72 -47.10 -22.83
C VAL DB 54 52.59 -45.65 -23.25
N TYR DB 55 53.29 -44.77 -22.55
CA TYR DB 55 53.35 -43.35 -22.87
C TYR DB 55 54.75 -43.05 -23.39
N TYR DB 56 54.85 -42.73 -24.69
CA TYR DB 56 56.13 -42.34 -25.29
C TYR DB 56 56.05 -40.87 -25.66
N TYR DB 57 56.83 -40.05 -24.98
CA TYR DB 57 56.83 -38.61 -25.20
C TYR DB 57 57.86 -38.28 -26.29
N ILE DB 58 57.39 -37.65 -27.36
CA ILE DB 58 58.22 -37.40 -28.53
C ILE DB 58 58.08 -35.93 -28.92
N PRO DB 59 59.18 -35.24 -29.24
CA PRO DB 59 59.08 -33.83 -29.63
C PRO DB 59 58.41 -33.67 -30.98
N SER DB 60 57.69 -32.55 -31.13
CA SER DB 60 56.93 -32.30 -32.34
C SER DB 60 57.82 -32.05 -33.54
N THR DB 61 59.09 -31.73 -33.33
CA THR DB 61 60.03 -31.47 -34.41
C THR DB 61 61.26 -32.35 -34.25
N ASN DB 62 62.02 -32.47 -35.34
CA ASN DB 62 63.21 -33.31 -35.32
C ASN DB 62 64.32 -32.71 -34.48
N SER DB 63 64.41 -31.38 -34.45
CA SER DB 63 65.45 -30.69 -33.69
C SER DB 63 64.83 -29.77 -32.66
N VAL DB 64 65.67 -29.22 -31.79
CA VAL DB 64 65.20 -28.34 -30.74
C VAL DB 64 64.86 -26.98 -31.34
N SER DB 65 63.68 -26.46 -31.01
CA SER DB 65 63.26 -25.15 -31.47
C SER DB 65 62.36 -24.54 -30.41
N CYS DB 66 62.01 -23.26 -30.62
CA CYS DB 66 61.21 -22.55 -29.63
C CYS DB 66 59.74 -22.97 -29.66
N CYS DB 67 59.24 -23.40 -30.82
CA CYS DB 67 57.89 -23.91 -30.96
C CYS DB 67 57.80 -25.41 -30.74
N THR DB 68 58.88 -26.03 -30.26
CA THR DB 68 58.89 -27.47 -30.03
C THR DB 68 57.91 -27.84 -28.92
N GLU DB 69 56.88 -28.59 -29.29
CA GLU DB 69 55.94 -29.14 -28.33
C GLU DB 69 56.25 -30.62 -28.10
N TRP DB 70 55.53 -31.21 -27.15
CA TRP DB 70 55.74 -32.61 -26.78
C TRP DB 70 54.45 -33.38 -27.04
N ASP DB 71 54.44 -34.17 -28.11
CA ASP DB 71 53.33 -35.06 -28.37
C ASP DB 71 53.53 -36.35 -27.59
N THR DB 72 52.45 -37.09 -27.39
CA THR DB 72 52.47 -38.35 -26.67
C THR DB 72 51.91 -39.44 -27.56
N ILE DB 73 52.72 -40.46 -27.82
CA ILE DB 73 52.24 -41.70 -28.43
C ILE DB 73 51.72 -42.56 -27.29
N ARG DB 74 50.41 -42.79 -27.27
CA ARG DB 74 49.75 -43.54 -26.20
C ARG DB 74 49.25 -44.87 -26.75
N CYS DB 75 49.56 -45.94 -26.03
CA CYS DB 75 49.05 -47.28 -26.33
C CYS DB 75 48.46 -47.87 -25.06
N GLU DB 76 47.16 -48.15 -25.09
CA GLU DB 76 46.42 -48.59 -23.92
C GLU DB 76 45.86 -50.00 -24.12
N PHE DB 77 45.81 -50.76 -23.04
CA PHE DB 77 45.23 -52.09 -23.00
C PHE DB 77 44.51 -52.28 -21.67
N SER DB 78 43.33 -52.87 -21.73
CA SER DB 78 42.56 -53.16 -20.53
C SER DB 78 41.87 -54.51 -20.69
N LEU DB 79 41.68 -55.20 -19.56
CA LEU DB 79 41.01 -56.50 -19.52
C LEU DB 79 40.19 -56.59 -18.24
N THR DB 80 38.96 -57.08 -18.37
CA THR DB 80 38.05 -57.20 -17.23
C THR DB 80 38.12 -58.62 -16.65
N LEU DB 81 38.46 -58.72 -15.37
CA LEU DB 81 38.45 -59.97 -14.63
C LEU DB 81 37.21 -59.98 -13.74
N LEU DB 82 36.22 -60.79 -14.10
CA LEU DB 82 34.99 -60.89 -13.32
C LEU DB 82 35.29 -61.49 -11.96
N GLN DB 83 34.78 -60.85 -10.90
CA GLN DB 83 35.09 -61.26 -9.54
C GLN DB 83 33.92 -61.91 -8.81
N LEU DB 84 32.69 -61.81 -9.33
CA LEU DB 84 31.52 -62.28 -8.61
C LEU DB 84 30.67 -63.21 -9.47
N SER DB 85 31.28 -63.86 -10.45
CA SER DB 85 30.56 -64.76 -11.34
C SER DB 85 30.67 -66.19 -10.82
N SER DB 86 29.54 -66.91 -10.83
CA SER DB 86 29.51 -68.31 -10.47
C SER DB 86 29.85 -69.24 -11.64
N ASN DB 87 29.97 -68.69 -12.85
CA ASN DB 87 30.31 -69.50 -14.01
C ASN DB 87 31.78 -69.88 -13.96
N THR DB 88 32.07 -71.18 -13.99
CA THR DB 88 33.44 -71.65 -13.94
C THR DB 88 34.19 -71.47 -15.25
N ASP DB 89 33.50 -71.09 -16.34
CA ASP DB 89 34.17 -70.84 -17.61
C ASP DB 89 34.92 -69.51 -17.63
N VAL DB 90 34.77 -68.67 -16.59
CA VAL DB 90 35.27 -67.31 -16.66
C VAL DB 90 36.78 -67.28 -16.87
N ALA DB 91 37.52 -68.15 -16.18
CA ALA DB 91 38.98 -68.12 -16.30
C ALA DB 91 39.43 -68.50 -17.70
N ALA DB 92 38.96 -69.66 -18.19
CA ALA DB 92 39.35 -70.10 -19.52
C ALA DB 92 38.92 -69.11 -20.59
N ARG DB 93 37.74 -68.50 -20.42
CA ARG DB 93 37.26 -67.56 -21.42
C ARG DB 93 38.02 -66.24 -21.38
N THR DB 94 38.44 -65.78 -20.20
CA THR DB 94 39.31 -64.60 -20.13
C THR DB 94 40.64 -64.89 -20.80
N VAL DB 95 41.17 -66.10 -20.61
CA VAL DB 95 42.39 -66.50 -21.31
C VAL DB 95 42.16 -66.46 -22.81
N ASP DB 96 41.03 -67.02 -23.27
CA ASP DB 96 40.73 -67.03 -24.69
C ASP DB 96 40.59 -65.61 -25.24
N VAL DB 97 40.00 -64.70 -24.46
CA VAL DB 97 39.83 -63.32 -24.89
C VAL DB 97 41.19 -62.63 -25.03
N LEU DB 98 42.07 -62.83 -24.05
CA LEU DB 98 43.41 -62.26 -24.15
C LEU DB 98 44.17 -62.80 -25.36
N ASP DB 99 44.03 -64.11 -25.62
CA ASP DB 99 44.71 -64.69 -26.77
C ASP DB 99 44.13 -64.16 -28.08
N THR DB 100 42.81 -63.93 -28.12
CA THR DB 100 42.21 -63.32 -29.29
C THR DB 100 42.73 -61.92 -29.51
N MET DB 101 42.92 -61.17 -28.41
CA MET DB 101 43.49 -59.83 -28.51
C MET DB 101 44.88 -59.87 -29.13
N ILE DB 102 45.74 -60.77 -28.63
CA ILE DB 102 47.10 -60.87 -29.15
C ILE DB 102 47.07 -61.31 -30.62
N SER DB 103 46.22 -62.28 -30.95
CA SER DB 103 46.10 -62.74 -32.33
C SER DB 103 45.67 -61.61 -33.25
N PHE DB 104 44.76 -60.75 -32.80
CA PHE DB 104 44.31 -59.66 -33.63
C PHE DB 104 45.37 -58.57 -33.77
N LEU DB 105 46.14 -58.33 -32.71
CA LEU DB 105 47.27 -57.42 -32.83
C LEU DB 105 48.27 -57.91 -33.87
N ALA DB 106 48.43 -59.23 -33.98
CA ALA DB 106 49.27 -59.76 -35.05
C ALA DB 106 48.58 -59.64 -36.40
N LYS DB 107 47.30 -60.02 -36.46
CA LYS DB 107 46.56 -60.14 -37.71
C LYS DB 107 46.39 -58.78 -38.39
N ARG DB 108 46.17 -57.73 -37.62
CA ARG DB 108 45.85 -56.41 -38.15
C ARG DB 108 46.95 -55.39 -37.88
N ARG DB 109 48.21 -55.84 -37.82
CA ARG DB 109 49.30 -54.93 -37.45
C ARG DB 109 49.42 -53.77 -38.43
N ASN DB 110 49.41 -54.07 -39.73
CA ASN DB 110 49.56 -53.00 -40.71
C ASN DB 110 48.38 -52.03 -40.65
N SER DB 111 47.16 -52.56 -40.55
CA SER DB 111 45.99 -51.70 -40.45
C SER DB 111 46.05 -50.81 -39.22
N ILE DB 112 46.45 -51.38 -38.09
CA ILE DB 112 46.55 -50.61 -36.84
C ILE DB 112 47.59 -49.51 -36.97
N LEU DB 113 48.74 -49.84 -37.58
CA LEU DB 113 49.83 -48.87 -37.67
C LEU DB 113 49.58 -47.81 -38.72
N ALA DB 114 48.75 -48.10 -39.72
CA ALA DB 114 48.48 -47.14 -40.79
C ALA DB 114 47.18 -46.36 -40.61
N GLY DB 115 46.30 -46.79 -39.72
CA GLY DB 115 45.01 -46.13 -39.58
C GLY DB 115 44.12 -46.32 -40.79
N ASN DB 116 44.10 -47.53 -41.34
CA ASN DB 116 43.33 -47.84 -42.54
C ASN DB 116 42.73 -49.23 -42.37
N LEU DB 117 41.40 -49.30 -42.25
CA LEU DB 117 40.71 -50.57 -42.06
C LEU DB 117 40.81 -51.48 -43.28
N LEU DB 118 41.08 -50.91 -44.46
CA LEU DB 118 41.00 -51.68 -45.69
C LEU DB 118 42.24 -52.53 -45.96
N LEU DB 119 43.33 -52.31 -45.24
CA LEU DB 119 44.53 -53.10 -45.48
C LEU DB 119 44.27 -54.56 -45.16
N PRO DB 120 44.76 -55.49 -45.98
CA PRO DB 120 44.56 -56.91 -45.69
C PRO DB 120 45.29 -57.33 -44.43
N ASP DB 121 44.93 -58.50 -43.92
CA ASP DB 121 45.61 -59.06 -42.77
C ASP DB 121 47.12 -59.16 -43.04
N ASN DB 122 47.89 -59.00 -41.98
CA ASN DB 122 49.33 -59.22 -42.09
C ASN DB 122 49.59 -60.67 -42.48
N PRO DB 123 50.58 -60.93 -43.33
CA PRO DB 123 50.95 -62.31 -43.68
C PRO DB 123 51.50 -63.07 -42.48
N ALA EB 1 60.78 58.19 -15.64
CA ALA EB 1 61.98 57.64 -16.25
C ALA EB 1 61.71 56.27 -16.84
N SER EB 2 61.97 56.13 -18.14
CA SER EB 2 61.86 54.83 -18.78
C SER EB 2 62.78 53.84 -18.08
N LEU EB 3 62.23 52.67 -17.75
CA LEU EB 3 63.02 51.67 -17.03
C LEU EB 3 63.97 50.95 -17.98
N PRO EB 4 65.17 50.60 -17.53
CA PRO EB 4 66.09 49.84 -18.38
C PRO EB 4 65.67 48.37 -18.46
N VAL EB 5 65.72 47.81 -19.66
CA VAL EB 5 65.24 46.46 -19.90
C VAL EB 5 66.23 45.68 -20.75
N THR EB 6 66.24 44.37 -20.56
CA THR EB 6 66.92 43.44 -21.47
C THR EB 6 65.94 42.33 -21.82
N GLN EB 7 65.99 41.89 -23.09
CA GLN EB 7 65.06 40.88 -23.56
C GLN EB 7 65.35 39.54 -22.89
N TYR EB 8 64.39 39.04 -22.12
CA TYR EB 8 64.49 37.77 -21.42
C TYR EB 8 64.00 36.60 -22.29
N SER EB 9 62.74 36.64 -22.73
CA SER EB 9 62.23 35.64 -23.67
C SER EB 9 62.03 36.29 -25.02
N PRO EB 10 62.83 35.94 -26.03
CA PRO EB 10 62.79 36.64 -27.31
C PRO EB 10 61.61 36.20 -28.14
N PRO EB 11 61.25 36.97 -29.17
CA PRO EB 11 60.13 36.57 -30.03
C PRO EB 11 60.47 35.33 -30.83
N VAL EB 12 59.51 34.44 -30.94
CA VAL EB 12 59.67 33.15 -31.57
C VAL EB 12 58.94 33.08 -32.90
N THR EB 13 57.66 33.43 -32.89
CA THR EB 13 56.79 33.46 -34.04
C THR EB 13 56.07 34.81 -34.07
N PRO EB 14 55.50 35.20 -35.21
CA PRO EB 14 54.77 36.48 -35.28
C PRO EB 14 53.70 36.61 -34.22
N LEU EB 15 53.00 35.54 -33.88
CA LEU EB 15 52.04 35.53 -32.79
C LEU EB 15 52.66 34.91 -31.55
N GLY EB 16 52.14 35.30 -30.39
CA GLY EB 16 52.65 34.79 -29.12
C GLY EB 16 53.02 35.89 -28.15
N LYS EB 17 54.07 35.64 -27.36
CA LYS EB 17 54.51 36.55 -26.32
C LYS EB 17 56.02 36.76 -26.41
N SER EB 18 56.45 37.98 -26.09
CA SER EB 18 57.85 38.32 -25.91
C SER EB 18 57.97 39.09 -24.60
N THR EB 19 59.03 38.83 -23.84
CA THR EB 19 59.18 39.45 -22.52
C THR EB 19 60.56 40.08 -22.35
N TRP EB 20 60.57 41.27 -21.76
CA TRP EB 20 61.76 41.95 -21.31
C TRP EB 20 61.75 42.02 -19.79
N ASN EB 21 62.91 41.89 -19.17
CA ASN EB 21 63.07 42.07 -17.74
C ASN EB 21 63.70 43.43 -17.46
N VAL EB 22 63.23 44.07 -16.39
CA VAL EB 22 63.81 45.32 -15.92
C VAL EB 22 65.10 45.01 -15.18
N THR EB 23 66.19 45.63 -15.62
CA THR EB 23 67.50 45.34 -15.04
C THR EB 23 67.73 46.17 -13.78
N GLY EB 24 68.57 45.64 -12.89
CA GLY EB 24 68.94 46.34 -11.68
C GLY EB 24 67.91 46.29 -10.57
N SER EB 25 66.97 45.35 -10.63
CA SER EB 25 65.94 45.27 -9.60
C SER EB 25 66.50 44.60 -8.35
N THR EB 26 65.97 44.99 -7.19
CA THR EB 26 66.44 44.47 -5.92
C THR EB 26 65.58 43.33 -5.39
N ASN EB 27 64.35 43.19 -5.87
CA ASN EB 27 63.46 42.17 -5.36
C ASN EB 27 63.85 40.80 -5.91
N PRO EB 28 63.35 39.71 -5.32
CA PRO EB 28 63.73 38.37 -5.77
C PRO EB 28 63.40 38.17 -7.25
N PRO EB 29 64.05 37.20 -7.90
CA PRO EB 29 63.92 37.10 -9.37
C PRO EB 29 62.50 36.87 -9.84
N GLY EB 30 61.72 36.02 -9.16
CA GLY EB 30 60.34 35.81 -9.54
C GLY EB 30 59.49 37.06 -9.51
N LEU EB 31 59.98 38.11 -8.86
CA LEU EB 31 59.29 39.40 -8.79
C LEU EB 31 60.02 40.49 -9.56
N VAL EB 32 60.86 40.12 -10.51
CA VAL EB 32 61.52 41.11 -11.36
C VAL EB 32 60.47 41.80 -12.22
N PRO EB 33 60.44 43.13 -12.27
CA PRO EB 33 59.47 43.81 -13.13
C PRO EB 33 59.63 43.39 -14.58
N GLN EB 34 58.51 43.24 -15.28
CA GLN EB 34 58.51 42.71 -16.63
C GLN EB 34 57.71 43.58 -17.57
N VAL EB 35 58.10 43.53 -18.85
CA VAL EB 35 57.32 44.11 -19.95
C VAL EB 35 57.03 42.97 -20.94
N VAL EB 36 55.76 42.79 -21.27
CA VAL EB 36 55.33 41.68 -22.10
C VAL EB 36 54.60 42.25 -23.32
N GLN EB 37 55.05 41.89 -24.51
CA GLN EB 37 54.33 42.19 -25.74
C GLN EB 37 53.64 40.92 -26.23
N THR EB 38 52.37 41.05 -26.56
CA THR EB 38 51.53 39.92 -26.98
C THR EB 38 50.93 40.24 -28.34
N GLU EB 39 50.95 39.26 -29.25
CA GLU EB 39 50.27 39.37 -30.53
C GLU EB 39 49.40 38.13 -30.70
N SER EB 40 48.08 38.30 -30.56
CA SER EB 40 47.18 37.16 -30.52
C SER EB 40 46.04 37.32 -31.51
N ILE EB 41 45.57 36.19 -32.05
CA ILE EB 41 44.47 36.21 -33.00
C ILE EB 41 43.16 35.97 -32.26
N ASN EB 42 42.10 36.59 -32.78
CA ASN EB 42 40.78 36.38 -32.24
C ASN EB 42 40.27 34.98 -32.62
N ALA EB 43 39.22 34.55 -31.92
CA ALA EB 43 38.63 33.25 -32.22
C ALA EB 43 38.13 33.18 -33.65
N ARG EB 44 37.30 34.16 -34.05
CA ARG EB 44 36.82 34.22 -35.42
C ARG EB 44 37.86 34.72 -36.40
N LYS EB 45 39.09 34.99 -35.94
CA LYS EB 45 40.18 35.46 -36.79
C LYS EB 45 39.83 36.77 -37.48
N SER EB 46 39.03 37.61 -36.83
CA SER EB 46 38.71 38.92 -37.37
C SER EB 46 39.71 39.97 -36.94
N ASN EB 47 40.23 39.88 -35.71
CA ASN EB 47 41.16 40.87 -35.19
C ASN EB 47 42.46 40.19 -34.77
N ILE EB 48 43.55 40.93 -34.88
CA ILE EB 48 44.78 40.62 -34.15
C ILE EB 48 44.93 41.66 -33.07
N MET EB 49 45.08 41.20 -31.83
CA MET EB 49 45.29 42.08 -30.70
C MET EB 49 46.79 42.25 -30.48
N SER EB 50 47.25 43.49 -30.53
CA SER EB 50 48.62 43.85 -30.15
C SER EB 50 48.56 44.46 -28.75
N LYS EB 51 49.26 43.84 -27.80
CA LYS EB 51 49.22 44.26 -26.41
C LYS EB 51 50.63 44.50 -25.87
N ILE EB 52 50.74 45.50 -25.00
CA ILE EB 52 51.94 45.74 -24.20
C ILE EB 52 51.50 45.82 -22.74
N SER EB 53 52.24 45.16 -21.86
CA SER EB 53 51.89 45.10 -20.45
C SER EB 53 53.14 45.30 -19.61
N VAL EB 54 53.08 46.25 -18.69
CA VAL EB 54 54.17 46.51 -17.76
C VAL EB 54 53.68 46.13 -16.37
N TYR EB 55 54.33 45.12 -15.80
CA TYR EB 55 54.06 44.67 -14.43
C TYR EB 55 55.25 45.05 -13.58
N TYR EB 56 55.06 45.99 -12.65
CA TYR EB 56 56.11 46.40 -11.71
C TYR EB 56 55.69 45.96 -10.32
N TYR EB 57 56.42 44.99 -9.76
CA TYR EB 57 56.11 44.44 -8.45
C TYR EB 57 56.83 45.27 -7.39
N ILE EB 58 56.06 45.84 -6.47
CA ILE EB 58 56.61 46.77 -5.48
C ILE EB 58 56.13 46.34 -4.08
N PRO EB 59 57.00 46.33 -3.08
CA PRO EB 59 56.57 45.92 -1.74
C PRO EB 59 55.65 46.96 -1.11
N SER EB 60 54.71 46.46 -0.30
CA SER EB 60 53.70 47.34 0.31
C SER EB 60 54.30 48.30 1.33
N THR EB 61 55.50 48.02 1.82
CA THR EB 61 56.16 48.87 2.79
C THR EB 61 57.55 49.27 2.29
N ASN EB 62 58.10 50.31 2.92
CA ASN EB 62 59.41 50.80 2.50
C ASN EB 62 60.53 49.85 2.89
N SER EB 63 60.38 49.13 4.00
CA SER EB 63 61.39 48.20 4.49
C SER EB 63 60.79 46.80 4.59
N VAL EB 64 61.67 45.83 4.85
CA VAL EB 64 61.24 44.44 4.96
C VAL EB 64 60.55 44.24 6.31
N SER EB 65 59.37 43.62 6.27
CA SER EB 65 58.63 43.31 7.49
C SER EB 65 57.84 42.03 7.27
N CYS EB 66 57.22 41.54 8.34
CA CYS EB 66 56.50 40.28 8.27
C CYS EB 66 55.16 40.43 7.55
N CYS EB 67 54.55 41.62 7.63
CA CYS EB 67 53.31 41.90 6.92
C CYS EB 67 53.55 42.49 5.53
N THR EB 68 54.79 42.45 5.05
CA THR EB 68 55.11 43.00 3.74
C THR EB 68 54.44 42.18 2.64
N GLU EB 69 53.52 42.81 1.93
CA GLU EB 69 52.88 42.21 0.76
C GLU EB 69 53.51 42.80 -0.50
N TRP EB 70 53.11 42.24 -1.64
CA TRP EB 70 53.63 42.66 -2.93
C TRP EB 70 52.50 43.19 -3.78
N ASP EB 71 52.44 44.51 -3.93
CA ASP EB 71 51.49 45.12 -4.83
C ASP EB 71 52.06 45.13 -6.25
N THR EB 72 51.18 45.27 -7.23
CA THR EB 72 51.58 45.30 -8.63
C THR EB 72 51.08 46.59 -9.26
N ILE EB 73 52.00 47.39 -9.78
CA ILE EB 73 51.66 48.51 -10.65
C ILE EB 73 51.53 47.95 -12.06
N ARG EB 74 50.32 47.96 -12.59
CA ARG EB 74 50.02 47.40 -13.90
C ARG EB 74 49.69 48.52 -14.88
N CYS EB 75 50.32 48.47 -16.05
CA CYS EB 75 50.01 49.38 -17.14
C CYS EB 75 49.80 48.56 -18.40
N GLU EB 76 48.58 48.64 -18.96
CA GLU EB 76 48.17 47.82 -20.09
C GLU EB 76 47.86 48.69 -21.30
N PHE EB 77 48.15 48.14 -22.48
CA PHE EB 77 47.85 48.76 -23.76
C PHE EB 77 47.43 47.67 -24.74
N SER EB 78 46.39 47.95 -25.51
CA SER EB 78 45.92 47.02 -26.54
C SER EB 78 45.48 47.80 -27.77
N LEU EB 79 45.64 47.18 -28.93
CA LEU EB 79 45.24 47.77 -30.20
C LEU EB 79 44.70 46.67 -31.11
N THR EB 80 43.58 46.95 -31.77
CA THR EB 80 42.94 45.98 -32.67
C THR EB 80 43.37 46.23 -34.11
N LEU EB 81 43.95 45.20 -34.73
CA LEU EB 81 44.31 45.20 -36.14
C LEU EB 81 43.28 44.36 -36.89
N LEU EB 82 42.41 45.03 -37.65
CA LEU EB 82 41.39 44.33 -38.41
C LEU EB 82 42.04 43.50 -39.51
N GLN EB 83 41.62 42.24 -39.61
CA GLN EB 83 42.24 41.29 -40.53
C GLN EB 83 41.37 40.93 -41.73
N LEU EB 84 40.08 41.24 -41.70
CA LEU EB 84 39.16 40.80 -42.74
C LEU EB 84 38.37 41.96 -43.33
N SER EB 85 38.89 43.18 -43.23
CA SER EB 85 38.20 44.35 -43.75
C SER EB 85 38.67 44.65 -45.17
N SER EB 86 37.71 44.95 -46.04
CA SER EB 86 38.02 45.36 -47.41
C SER EB 86 38.30 46.85 -47.53
N ASN EB 87 38.09 47.62 -46.46
CA ASN EB 87 38.37 49.04 -46.49
C ASN EB 87 39.87 49.30 -46.45
N THR EB 88 40.38 50.00 -47.45
CA THR EB 88 41.80 50.29 -47.53
C THR EB 88 42.25 51.37 -46.55
N ASP EB 89 41.32 52.06 -45.89
CA ASP EB 89 41.67 53.05 -44.89
C ASP EB 89 42.15 52.44 -43.58
N VAL EB 90 42.04 51.12 -43.42
CA VAL EB 90 42.25 50.50 -42.11
C VAL EB 90 43.66 50.77 -41.60
N ALA EB 91 44.67 50.67 -42.47
CA ALA EB 91 46.04 50.83 -42.03
C ALA EB 91 46.30 52.26 -41.55
N ALA EB 92 45.98 53.24 -42.39
CA ALA EB 92 46.20 54.64 -42.02
C ALA EB 92 45.39 55.02 -40.79
N ARG EB 93 44.18 54.49 -40.66
CA ARG EB 93 43.36 54.84 -39.51
C ARG EB 93 43.84 54.16 -38.24
N THR EB 94 44.38 52.94 -38.32
CA THR EB 94 45.00 52.34 -37.15
C THR EB 94 46.23 53.15 -36.71
N VAL EB 95 47.01 53.63 -37.69
CA VAL EB 95 48.12 54.52 -37.37
C VAL EB 95 47.62 55.78 -36.67
N ASP EB 96 46.56 56.37 -37.21
CA ASP EB 96 46.00 57.58 -36.60
C ASP EB 96 45.50 57.31 -35.18
N VAL EB 97 44.91 56.13 -34.96
CA VAL EB 97 44.40 55.79 -33.63
C VAL EB 97 45.56 55.65 -32.64
N LEU EB 98 46.63 54.96 -33.06
CA LEU EB 98 47.80 54.83 -32.19
C LEU EB 98 48.40 56.20 -31.87
N ASP EB 99 48.47 57.08 -32.87
CA ASP EB 99 49.01 58.41 -32.63
C ASP EB 99 48.12 59.21 -31.70
N THR EB 100 46.80 59.05 -31.82
CA THR EB 100 45.89 59.72 -30.90
C THR EB 100 46.09 59.21 -29.48
N MET EB 101 46.33 57.90 -29.34
CA MET EB 101 46.61 57.33 -28.03
C MET EB 101 47.85 57.97 -27.41
N ILE EB 102 48.93 58.05 -28.18
CA ILE EB 102 50.18 58.64 -27.67
C ILE EB 102 49.97 60.12 -27.33
N SER EB 103 49.26 60.84 -28.20
CA SER EB 103 48.98 62.25 -27.95
C SER EB 103 48.19 62.44 -26.68
N PHE EB 104 47.23 61.55 -26.41
CA PHE EB 104 46.44 61.68 -25.19
C PHE EB 104 47.23 61.30 -23.96
N LEU EB 105 48.12 60.32 -24.07
CA LEU EB 105 49.02 60.02 -22.96
C LEU EB 105 49.89 61.24 -22.61
N ALA EB 106 50.26 62.02 -23.62
CA ALA EB 106 50.99 63.25 -23.34
C ALA EB 106 50.05 64.31 -22.77
N LYS EB 107 48.88 64.47 -23.38
CA LYS EB 107 47.95 65.55 -23.06
C LYS EB 107 47.41 65.43 -21.64
N ARG EB 108 47.13 64.22 -21.19
CA ARG EB 108 46.48 63.97 -19.91
C ARG EB 108 47.40 63.29 -18.90
N ARG EB 109 48.72 63.55 -18.99
CA ARG EB 109 49.67 62.83 -18.13
C ARG EB 109 49.39 63.09 -16.65
N ASN EB 110 49.20 64.35 -16.26
CA ASN EB 110 48.95 64.66 -14.86
C ASN EB 110 47.65 64.04 -14.39
N SER EB 111 46.59 64.14 -15.19
CA SER EB 111 45.31 63.55 -14.81
C SER EB 111 45.43 62.04 -14.64
N ILE EB 112 46.14 61.38 -15.57
CA ILE EB 112 46.31 59.93 -15.50
C ILE EB 112 47.09 59.55 -14.26
N LEU EB 113 48.15 60.31 -13.94
CA LEU EB 113 48.99 59.95 -12.81
C LEU EB 113 48.36 60.29 -11.47
N ALA EB 114 47.43 61.24 -11.44
CA ALA EB 114 46.80 61.65 -10.19
C ALA EB 114 45.43 61.02 -9.95
N GLY EB 115 44.83 60.41 -10.98
CA GLY EB 115 43.49 59.87 -10.81
C GLY EB 115 42.44 60.95 -10.62
N ASN EB 116 42.55 62.05 -11.38
CA ASN EB 116 41.65 63.18 -11.25
C ASN EB 116 41.36 63.71 -12.65
N LEU EB 117 40.10 63.56 -13.10
CA LEU EB 117 39.73 64.01 -14.44
C LEU EB 117 39.76 65.53 -14.58
N LEU EB 118 39.70 66.26 -13.47
CA LEU EB 118 39.54 67.71 -13.54
C LEU EB 118 40.84 68.45 -13.80
N LEU EB 119 41.99 67.79 -13.69
CA LEU EB 119 43.25 68.48 -13.93
C LEU EB 119 43.34 68.93 -15.38
N PRO EB 120 43.83 70.14 -15.63
CA PRO EB 120 43.96 70.61 -17.01
C PRO EB 120 44.98 69.78 -17.78
N ASP EB 121 44.94 69.94 -19.10
CA ASP EB 121 45.92 69.28 -19.96
C ASP EB 121 47.33 69.65 -19.52
N ASN EB 122 48.25 68.71 -19.71
CA ASN EB 122 49.65 69.01 -19.47
C ASN EB 122 50.11 70.10 -20.43
N PRO EB 123 50.96 71.03 -19.98
CA PRO EB 123 51.50 72.06 -20.87
C PRO EB 123 52.40 71.46 -21.96
N ALA FB 1 16.43 23.91 -81.18
CA ALA FB 1 17.74 23.50 -81.67
C ALA FB 1 18.35 22.44 -80.77
N SER FB 2 18.66 21.29 -81.36
CA SER FB 2 19.37 20.24 -80.63
C SER FB 2 20.67 20.80 -80.09
N LEU FB 3 20.93 20.56 -78.80
CA LEU FB 3 22.14 21.09 -78.18
C LEU FB 3 23.35 20.24 -78.57
N PRO FB 4 24.51 20.85 -78.75
CA PRO FB 4 25.73 20.08 -79.04
C PRO FB 4 26.26 19.42 -77.78
N VAL FB 5 26.66 18.16 -77.91
CA VAL FB 5 27.07 17.36 -76.76
C VAL FB 5 28.35 16.60 -77.09
N THR FB 6 29.14 16.33 -76.05
CA THR FB 6 30.24 15.38 -76.11
C THR FB 6 30.13 14.43 -74.93
N GLN FB 7 30.45 13.17 -75.17
CA GLN FB 7 30.31 12.15 -74.13
C GLN FB 7 31.33 12.38 -73.03
N TYR FB 8 30.85 12.66 -71.82
CA TYR FB 8 31.67 12.90 -70.64
C TYR FB 8 31.97 11.60 -69.90
N SER FB 9 30.95 10.88 -69.44
CA SER FB 9 31.15 9.57 -68.85
C SER FB 9 30.64 8.49 -69.78
N PRO FB 10 31.51 7.68 -70.37
CA PRO FB 10 31.07 6.75 -71.42
C PRO FB 10 30.40 5.52 -70.82
N PRO FB 11 29.67 4.76 -71.63
CA PRO FB 11 29.03 3.55 -71.10
C PRO FB 11 30.07 2.50 -70.72
N VAL FB 12 29.82 1.85 -69.61
CA VAL FB 12 30.73 0.90 -69.00
C VAL FB 12 30.19 -0.53 -69.14
N THR FB 13 28.96 -0.74 -68.70
CA THR FB 13 28.26 -2.01 -68.76
C THR FB 13 26.89 -1.77 -69.38
N PRO FB 14 26.22 -2.84 -69.84
CA PRO FB 14 24.88 -2.66 -70.41
C PRO FB 14 23.91 -1.94 -69.50
N LEU FB 15 23.99 -2.17 -68.20
CA LEU FB 15 23.20 -1.45 -67.22
C LEU FB 15 24.04 -0.37 -66.56
N GLY FB 16 23.37 0.67 -66.08
CA GLY FB 16 24.05 1.77 -65.44
C GLY FB 16 23.69 3.12 -66.03
N LYS FB 17 24.67 4.04 -66.07
CA LYS FB 17 24.46 5.41 -66.54
C LYS FB 17 25.55 5.80 -67.52
N SER FB 18 25.16 6.60 -68.51
CA SER FB 18 26.09 7.25 -69.43
C SER FB 18 25.70 8.72 -69.50
N THR FB 19 26.69 9.61 -69.55
CA THR FB 19 26.41 11.04 -69.52
C THR FB 19 27.15 11.77 -70.63
N TRP FB 20 26.44 12.71 -71.26
CA TRP FB 20 26.99 13.66 -72.21
C TRP FB 20 26.89 15.07 -71.61
N ASN FB 21 27.91 15.88 -71.87
CA ASN FB 21 27.91 17.28 -71.47
C ASN FB 21 27.60 18.15 -72.68
N VAL FB 22 26.81 19.20 -72.45
CA VAL FB 22 26.52 20.20 -73.48
C VAL FB 22 27.74 21.11 -73.62
N THR FB 23 28.26 21.21 -74.84
CA THR FB 23 29.47 21.99 -75.08
C THR FB 23 29.14 23.46 -75.27
N GLY FB 24 30.10 24.31 -74.95
CA GLY FB 24 29.96 25.74 -75.14
C GLY FB 24 29.15 26.46 -74.08
N SER FB 25 28.94 25.84 -72.93
CA SER FB 25 28.15 26.47 -71.89
C SER FB 25 28.98 27.52 -71.16
N THR FB 26 28.30 28.56 -70.68
CA THR FB 26 28.96 29.66 -70.01
C THR FB 26 28.94 29.56 -68.49
N ASN FB 27 28.04 28.74 -67.93
CA ASN FB 27 27.92 28.62 -66.49
C ASN FB 27 29.06 27.77 -65.93
N PRO FB 28 29.28 27.82 -64.61
CA PRO FB 28 30.40 27.06 -64.02
C PRO FB 28 30.28 25.57 -64.33
N PRO FB 29 31.39 24.82 -64.25
CA PRO FB 29 31.37 23.43 -64.72
C PRO FB 29 30.37 22.54 -64.01
N GLY FB 30 30.25 22.69 -62.68
CA GLY FB 30 29.28 21.90 -61.95
C GLY FB 30 27.84 22.11 -62.40
N LEU FB 31 27.59 23.18 -63.16
CA LEU FB 31 26.27 23.48 -63.70
C LEU FB 31 26.23 23.34 -65.22
N VAL FB 32 27.15 22.58 -65.80
CA VAL FB 32 27.10 22.33 -67.24
C VAL FB 32 25.87 21.49 -67.56
N PRO FB 33 25.05 21.88 -68.54
CA PRO FB 33 23.88 21.07 -68.88
C PRO FB 33 24.29 19.66 -69.28
N GLN FB 34 23.49 18.68 -68.86
CA GLN FB 34 23.84 17.28 -69.04
C GLN FB 34 22.68 16.51 -69.67
N VAL FB 35 23.05 15.44 -70.37
CA VAL FB 35 22.12 14.42 -70.85
C VAL FB 35 22.57 13.08 -70.29
N VAL FB 36 21.66 12.38 -69.62
CA VAL FB 36 21.98 11.13 -68.93
C VAL FB 36 21.08 10.03 -69.48
N GLN FB 37 21.68 8.95 -69.96
CA GLN FB 37 20.95 7.75 -70.32
C GLN FB 37 21.15 6.70 -69.24
N THR FB 38 20.06 6.10 -68.78
CA THR FB 38 20.06 5.12 -67.69
C THR FB 38 19.43 3.84 -68.19
N GLU FB 39 20.04 2.70 -67.87
CA GLU FB 39 19.46 1.39 -68.13
C GLU FB 39 19.48 0.60 -66.84
N SER FB 40 18.32 0.43 -66.20
CA SER FB 40 18.29 -0.15 -64.87
C SER FB 40 17.29 -1.29 -64.79
N ILE FB 41 17.59 -2.28 -63.95
CA ILE FB 41 16.70 -3.43 -63.78
C ILE FB 41 15.79 -3.20 -62.60
N ASN FB 42 14.57 -3.74 -62.70
CA ASN FB 42 13.63 -3.68 -61.62
C ASN FB 42 14.06 -4.60 -60.49
N ALA FB 43 13.46 -4.40 -59.31
CA ALA FB 43 13.76 -5.26 -58.18
C ALA FB 43 13.42 -6.71 -58.47
N ARG FB 44 12.20 -6.97 -58.92
CA ARG FB 44 11.78 -8.32 -59.28
C ARG FB 44 12.35 -8.76 -60.62
N LYS FB 45 13.16 -7.93 -61.28
CA LYS FB 45 13.78 -8.25 -62.57
C LYS FB 45 12.73 -8.54 -63.64
N SER FB 46 11.58 -7.89 -63.54
CA SER FB 46 10.55 -8.02 -64.56
C SER FB 46 10.72 -7.02 -65.68
N ASN FB 47 11.16 -5.80 -65.38
CA ASN FB 47 11.32 -4.75 -66.37
C ASN FB 47 12.75 -4.25 -66.37
N ILE FB 48 13.21 -3.82 -67.55
CA ILE FB 48 14.36 -2.94 -67.66
C ILE FB 48 13.84 -1.56 -68.05
N MET FB 49 14.21 -0.55 -67.27
CA MET FB 49 13.84 0.82 -67.54
C MET FB 49 14.94 1.47 -68.37
N SER FB 50 14.57 1.96 -69.55
CA SER FB 50 15.45 2.80 -70.37
C SER FB 50 15.02 4.25 -70.19
N LYS FB 51 15.93 5.08 -69.70
CA LYS FB 51 15.62 6.48 -69.40
C LYS FB 51 16.60 7.42 -70.10
N ILE FB 52 16.07 8.56 -70.53
CA ILE FB 52 16.88 9.68 -70.99
C ILE FB 52 16.45 10.91 -70.20
N SER FB 53 17.43 11.68 -69.72
CA SER FB 53 17.17 12.85 -68.91
C SER FB 53 18.02 14.01 -69.37
N VAL FB 54 17.40 15.15 -69.63
CA VAL FB 54 18.10 16.37 -70.01
C VAL FB 54 17.92 17.36 -68.88
N TYR FB 55 19.02 17.73 -68.23
CA TYR FB 55 19.05 18.73 -67.18
C TYR FB 55 19.77 19.95 -67.74
N TYR FB 56 19.03 21.06 -67.92
CA TYR FB 56 19.61 22.31 -68.38
C TYR FB 56 19.52 23.32 -67.25
N TYR FB 57 20.67 23.70 -66.69
CA TYR FB 57 20.71 24.62 -65.57
C TYR FB 57 20.78 26.05 -66.10
N ILE FB 58 19.81 26.87 -65.73
CA ILE FB 58 19.68 28.22 -66.27
C ILE FB 58 19.52 29.20 -65.11
N PRO FB 59 20.21 30.34 -65.14
CA PRO FB 59 20.08 31.30 -64.04
C PRO FB 59 18.71 31.97 -64.05
N SER FB 60 18.24 32.30 -62.85
CA SER FB 60 16.90 32.86 -62.69
C SER FB 60 16.79 34.26 -63.27
N THR FB 61 17.90 34.94 -63.50
CA THR FB 61 17.91 36.28 -64.05
C THR FB 61 18.80 36.32 -65.29
N ASN FB 62 18.62 37.38 -66.09
CA ASN FB 62 19.38 37.52 -67.32
C ASN FB 62 20.85 37.85 -67.05
N SER FB 63 21.12 38.58 -65.97
CA SER FB 63 22.48 38.98 -65.62
C SER FB 63 22.83 38.46 -64.24
N VAL FB 64 24.11 38.59 -63.88
CA VAL FB 64 24.58 38.13 -62.59
C VAL FB 64 24.13 39.09 -61.50
N SER FB 65 23.56 38.54 -60.43
CA SER FB 65 23.11 39.34 -59.30
C SER FB 65 23.24 38.51 -58.05
N CYS FB 66 23.01 39.15 -56.90
CA CYS FB 66 23.19 38.47 -55.62
C CYS FB 66 22.03 37.51 -55.33
N CYS FB 67 20.84 37.81 -55.83
CA CYS FB 67 19.68 36.93 -55.69
C CYS FB 67 19.55 35.94 -56.83
N THR FB 68 20.58 35.83 -57.67
CA THR FB 68 20.54 34.90 -58.80
C THR FB 68 20.51 33.46 -58.31
N GLU FB 69 19.40 32.78 -58.58
CA GLU FB 69 19.27 31.36 -58.31
C GLU FB 69 19.45 30.57 -59.60
N TRP FB 70 19.48 29.25 -59.46
CA TRP FB 70 19.69 28.36 -60.59
C TRP FB 70 18.46 27.46 -60.74
N ASP FB 71 17.63 27.75 -61.74
CA ASP FB 71 16.53 26.88 -62.07
C ASP FB 71 17.01 25.76 -62.98
N THR FB 72 16.24 24.68 -63.04
CA THR FB 72 16.57 23.53 -63.87
C THR FB 72 15.41 23.25 -64.81
N ILE FB 73 15.69 23.30 -66.11
CA ILE FB 73 14.77 22.79 -67.12
C ILE FB 73 15.02 21.29 -67.24
N ARG FB 74 14.04 20.49 -66.83
CA ARG FB 74 14.16 19.04 -66.80
C ARG FB 74 13.25 18.44 -67.87
N CYS FB 75 13.81 17.53 -68.66
CA CYS FB 75 13.05 16.76 -69.64
C CYS FB 75 13.38 15.29 -69.45
N GLU FB 76 12.37 14.49 -69.11
CA GLU FB 76 12.55 13.09 -68.76
C GLU FB 76 11.81 12.20 -69.75
N PHE FB 77 12.38 11.03 -70.01
CA PHE FB 77 11.79 9.99 -70.84
C PHE FB 77 12.13 8.63 -70.24
N SER FB 78 11.13 7.75 -70.22
CA SER FB 78 11.33 6.39 -69.72
C SER FB 78 10.54 5.42 -70.59
N LEU FB 79 11.06 4.20 -70.71
CA LEU FB 79 10.41 3.13 -71.47
C LEU FB 79 10.64 1.81 -70.76
N THR FB 80 9.59 1.00 -70.65
CA THR FB 80 9.66 -0.29 -69.98
C THR FB 80 9.91 -1.40 -71.00
N LEU FB 81 10.99 -2.15 -70.82
CA LEU FB 81 11.30 -3.33 -71.62
C LEU FB 81 10.98 -4.56 -70.77
N LEU FB 82 9.90 -5.26 -71.13
CA LEU FB 82 9.51 -6.46 -70.39
C LEU FB 82 10.55 -7.55 -70.59
N GLN FB 83 10.97 -8.17 -69.50
CA GLN FB 83 12.04 -9.15 -69.52
C GLN FB 83 11.58 -10.59 -69.30
N LEU FB 84 10.35 -10.80 -68.84
CA LEU FB 84 9.90 -12.14 -68.46
C LEU FB 84 8.58 -12.49 -69.13
N SER FB 85 8.27 -11.86 -70.27
CA SER FB 85 7.04 -12.13 -70.98
C SER FB 85 7.27 -13.18 -72.05
N SER FB 86 6.34 -14.14 -72.14
CA SER FB 86 6.36 -15.15 -73.18
C SER FB 86 5.70 -14.69 -74.47
N ASN FB 87 5.07 -13.53 -74.47
CA ASN FB 87 4.43 -13.01 -75.67
C ASN FB 87 5.49 -12.49 -76.64
N THR FB 88 5.49 -13.03 -77.86
CA THR FB 88 6.48 -12.62 -78.85
C THR FB 88 6.18 -11.26 -79.47
N ASP FB 89 5.01 -10.68 -79.19
CA ASP FB 89 4.69 -9.34 -79.69
C ASP FB 89 5.40 -8.24 -78.94
N VAL FB 90 6.10 -8.56 -77.84
CA VAL FB 90 6.60 -7.52 -76.95
C VAL FB 90 7.58 -6.60 -77.68
N ALA FB 91 8.46 -7.16 -78.50
CA ALA FB 91 9.46 -6.32 -79.17
C ALA FB 91 8.81 -5.35 -80.16
N ALA FB 92 7.98 -5.88 -81.06
CA ALA FB 92 7.32 -5.02 -82.04
C ALA FB 92 6.42 -3.99 -81.36
N ARG FB 93 5.76 -4.38 -80.28
CA ARG FB 93 4.87 -3.44 -79.60
C ARG FB 93 5.64 -2.37 -78.84
N THR FB 94 6.79 -2.72 -78.25
CA THR FB 94 7.64 -1.68 -77.65
C THR FB 94 8.13 -0.71 -78.71
N VAL FB 95 8.49 -1.22 -79.89
CA VAL FB 95 8.85 -0.35 -81.00
C VAL FB 95 7.68 0.58 -81.35
N ASP FB 96 6.48 0.01 -81.45
CA ASP FB 96 5.31 0.80 -81.78
C ASP FB 96 5.04 1.87 -80.72
N VAL FB 97 5.26 1.52 -79.45
CA VAL FB 97 5.03 2.48 -78.36
C VAL FB 97 6.03 3.63 -78.45
N LEU FB 98 7.31 3.32 -78.70
CA LEU FB 98 8.30 4.37 -78.85
C LEU FB 98 7.97 5.27 -80.03
N ASP FB 99 7.53 4.68 -81.15
CA ASP FB 99 7.17 5.47 -82.31
C ASP FB 99 5.96 6.35 -82.02
N THR FB 100 4.99 5.83 -81.25
CA THR FB 100 3.85 6.64 -80.87
C THR FB 100 4.29 7.81 -80.00
N MET FB 101 5.24 7.57 -79.11
CA MET FB 101 5.79 8.64 -78.28
C MET FB 101 6.40 9.74 -79.14
N ILE FB 102 7.24 9.37 -80.11
CA ILE FB 102 7.86 10.36 -80.98
C ILE FB 102 6.82 11.10 -81.81
N SER FB 103 5.84 10.36 -82.34
CA SER FB 103 4.77 10.97 -83.12
C SER FB 103 4.00 11.98 -82.29
N PHE FB 104 3.75 11.67 -81.01
CA PHE FB 104 3.01 12.60 -80.17
C PHE FB 104 3.85 13.81 -79.80
N LEU FB 105 5.15 13.62 -79.60
CA LEU FB 105 6.03 14.77 -79.38
C LEU FB 105 6.00 15.71 -80.58
N ALA FB 106 5.86 15.15 -81.79
CA ALA FB 106 5.70 16.02 -82.95
C ALA FB 106 4.30 16.64 -82.98
N LYS FB 107 3.28 15.82 -82.75
CA LYS FB 107 1.88 16.23 -82.91
C LYS FB 107 1.50 17.32 -81.93
N ARG FB 108 1.99 17.26 -80.70
CA ARG FB 108 1.59 18.17 -79.64
C ARG FB 108 2.71 19.10 -79.19
N ARG FB 109 3.62 19.45 -80.12
CA ARG FB 109 4.79 20.24 -79.72
C ARG FB 109 4.38 21.59 -79.14
N ASN FB 110 3.47 22.30 -79.80
CA ASN FB 110 3.07 23.61 -79.30
C ASN FB 110 2.38 23.50 -77.95
N SER FB 111 1.48 22.52 -77.80
CA SER FB 111 0.79 22.32 -76.54
C SER FB 111 1.78 22.01 -75.42
N ILE FB 112 2.76 21.14 -75.70
CA ILE FB 112 3.76 20.77 -74.70
C ILE FB 112 4.59 21.97 -74.31
N LEU FB 113 4.99 22.79 -75.28
CA LEU FB 113 5.86 23.92 -75.00
C LEU FB 113 5.12 25.07 -74.34
N ALA FB 114 3.81 25.17 -74.54
CA ALA FB 114 3.03 26.27 -73.97
C ALA FB 114 2.31 25.91 -72.68
N GLY FB 115 2.19 24.62 -72.35
CA GLY FB 115 1.44 24.24 -71.17
C GLY FB 115 -0.04 24.49 -71.32
N ASN FB 116 -0.59 24.19 -72.50
CA ASN FB 116 -2.00 24.45 -72.80
C ASN FB 116 -2.52 23.28 -73.63
N LEU FB 117 -3.42 22.49 -73.05
CA LEU FB 117 -3.98 21.32 -73.73
C LEU FB 117 -4.84 21.72 -74.93
N LEU FB 118 -5.36 22.94 -74.97
CA LEU FB 118 -6.34 23.31 -75.97
C LEU FB 118 -5.73 23.68 -77.32
N LEU FB 119 -4.41 23.86 -77.39
CA LEU FB 119 -3.81 24.22 -78.67
C LEU FB 119 -3.98 23.07 -79.66
N PRO FB 120 -4.29 23.38 -80.92
CA PRO FB 120 -4.44 22.31 -81.92
C PRO FB 120 -3.12 21.62 -82.18
N ASP FB 121 -3.22 20.46 -82.83
CA ASP FB 121 -2.02 19.73 -83.23
C ASP FB 121 -1.12 20.62 -84.08
N ASN FB 122 0.18 20.39 -83.95
CA ASN FB 122 1.13 21.07 -84.81
C ASN FB 122 0.87 20.69 -86.27
N PRO FB 123 0.99 21.63 -87.21
CA PRO FB 123 0.83 21.31 -88.63
C PRO FB 123 1.93 20.37 -89.13
N ALA GB 1 -1.38 59.18 62.27
CA ALA GB 1 -0.11 59.88 62.42
C ALA GB 1 0.78 59.68 61.22
N SER GB 2 1.17 60.79 60.59
CA SER GB 2 2.13 60.72 59.49
C SER GB 2 3.40 60.04 59.97
N LEU GB 3 3.88 59.07 59.19
CA LEU GB 3 5.07 58.34 59.59
C LEU GB 3 6.32 59.16 59.31
N PRO GB 4 7.34 59.08 60.16
CA PRO GB 4 8.60 59.78 59.88
C PRO GB 4 9.40 59.06 58.82
N VAL GB 5 9.97 59.84 57.89
CA VAL GB 5 10.67 59.27 56.75
C VAL GB 5 11.99 60.01 56.52
N THR GB 6 12.95 59.29 55.96
CA THR GB 6 14.16 59.88 55.40
C THR GB 6 14.37 59.35 53.99
N GLN GB 7 14.85 60.22 53.11
CA GLN GB 7 15.01 59.83 51.71
C GLN GB 7 16.14 58.82 51.58
N TYR GB 8 15.80 57.61 51.13
CA TYR GB 8 16.75 56.53 50.93
C TYR GB 8 17.36 56.56 49.53
N SER GB 9 16.54 56.48 48.48
CA SER GB 9 17.02 56.64 47.11
C SER GB 9 16.54 57.98 46.54
N PRO GB 10 17.42 58.94 46.33
CA PRO GB 10 16.98 60.29 45.96
C PRO GB 10 16.60 60.36 44.50
N PRO GB 11 15.88 61.40 44.09
CA PRO GB 11 15.52 61.53 42.67
C PRO GB 11 16.75 61.78 41.81
N VAL GB 12 16.76 61.14 40.66
CA VAL GB 12 17.89 61.16 39.75
C VAL GB 12 17.57 61.97 38.50
N THR GB 13 16.46 61.64 37.85
CA THR GB 13 15.95 62.29 36.66
C THR GB 13 14.49 62.63 36.88
N PRO GB 14 13.93 63.54 36.07
CA PRO GB 14 12.50 63.87 36.23
C PRO GB 14 11.58 62.66 36.19
N LEU GB 15 11.90 61.67 35.37
CA LEU GB 15 11.15 60.42 35.34
C LEU GB 15 11.91 59.35 36.11
N GLY GB 16 11.17 58.37 36.62
CA GLY GB 16 11.77 57.30 37.38
C GLY GB 16 11.12 57.10 38.74
N LYS GB 17 11.93 56.72 39.73
CA LYS GB 17 11.45 56.41 41.08
C LYS GB 17 12.30 57.12 42.11
N SER GB 18 11.66 57.54 43.20
CA SER GB 18 12.33 58.05 44.39
C SER GB 18 11.72 57.34 45.59
N THR GB 19 12.55 56.99 46.57
CA THR GB 19 12.05 56.22 47.72
C THR GB 19 12.50 56.84 49.04
N TRP GB 20 11.58 56.88 49.98
CA TRP GB 20 11.83 57.24 51.38
C TRP GB 20 11.61 56.00 52.25
N ASN GB 21 12.45 55.87 53.27
CA ASN GB 21 12.29 54.82 54.27
C ASN GB 21 11.67 55.40 55.53
N VAL GB 22 10.78 54.62 56.15
CA VAL GB 22 10.20 54.98 57.44
C VAL GB 22 11.21 54.71 58.53
N THR GB 23 11.53 55.73 59.32
CA THR GB 23 12.56 55.61 60.34
C THR GB 23 11.98 55.01 61.62
N GLY GB 24 12.86 54.36 62.38
CA GLY GB 24 12.47 53.77 63.66
C GLY GB 24 11.73 52.46 63.58
N SER GB 25 11.79 51.78 62.45
CA SER GB 25 11.08 50.52 62.32
C SER GB 25 11.84 49.39 63.03
N THR GB 26 11.09 48.42 63.53
CA THR GB 26 11.67 47.31 64.28
C THR GB 26 11.89 46.06 63.43
N ASN GB 27 11.21 45.96 62.28
CA ASN GB 27 11.33 44.77 61.46
C ASN GB 27 12.66 44.78 60.70
N PRO GB 28 13.07 43.64 60.14
CA PRO GB 28 14.36 43.58 59.43
C PRO GB 28 14.43 44.59 58.31
N PRO GB 29 15.64 44.95 57.86
CA PRO GB 29 15.75 46.07 56.90
C PRO GB 29 15.02 45.85 55.59
N GLY GB 30 15.08 44.64 55.04
CA GLY GB 30 14.35 44.35 53.82
C GLY GB 30 12.86 44.56 53.93
N LEU GB 31 12.33 44.65 55.16
CA LEU GB 31 10.92 44.89 55.40
C LEU GB 31 10.67 46.27 56.01
N VAL GB 32 11.59 47.20 55.84
CA VAL GB 32 11.37 48.56 56.32
C VAL GB 32 10.25 49.20 55.51
N PRO GB 33 9.24 49.80 56.15
CA PRO GB 33 8.17 50.45 55.39
C PRO GB 33 8.73 51.53 54.47
N GLN GB 34 8.15 51.61 53.27
CA GLN GB 34 8.68 52.51 52.24
C GLN GB 34 7.58 53.37 51.65
N VAL GB 35 7.98 54.54 51.17
CA VAL GB 35 7.15 55.42 50.35
C VAL GB 35 7.88 55.65 49.03
N VAL GB 36 7.21 55.38 47.92
CA VAL GB 36 7.81 55.44 46.60
C VAL GB 36 7.01 56.41 45.74
N GLN GB 37 7.70 57.41 45.19
CA GLN GB 37 7.10 58.29 44.19
C GLN GB 37 7.63 57.90 42.81
N THR GB 38 6.71 57.76 41.85
CA THR GB 38 7.03 57.32 40.50
C THR GB 38 6.53 58.36 39.51
N GLU GB 39 7.34 58.70 38.52
CA GLU GB 39 6.93 59.56 37.42
C GLU GB 39 7.28 58.85 36.12
N SER GB 40 6.26 58.32 35.44
CA SER GB 40 6.51 57.47 34.28
C SER GB 40 5.71 57.93 33.07
N ILE GB 41 6.29 57.72 31.88
CA ILE GB 41 5.63 58.12 30.64
C ILE GB 41 4.87 56.93 30.07
N ASN GB 42 3.75 57.23 29.42
CA ASN GB 42 2.97 56.22 28.75
C ASN GB 42 3.71 55.75 27.49
N ALA GB 43 3.27 54.60 26.97
CA ALA GB 43 3.87 54.07 25.74
C ALA GB 43 3.70 55.04 24.59
N ARG GB 44 2.47 55.50 24.34
CA ARG GB 44 2.23 56.47 23.28
C ARG GB 44 2.65 57.88 23.68
N LYS GB 45 3.22 58.07 24.87
CA LYS GB 45 3.67 59.37 25.36
C LYS GB 45 2.53 60.38 25.42
N SER GB 46 1.32 59.90 25.69
CA SER GB 46 0.19 60.80 25.86
C SER GB 46 0.04 61.26 27.30
N ASN GB 47 0.33 60.40 28.28
CA ASN GB 47 0.18 60.72 29.68
C ASN GB 47 1.50 60.56 30.41
N ILE GB 48 1.70 61.36 31.43
CA ILE GB 48 2.68 61.08 32.48
C ILE GB 48 1.90 60.69 33.73
N MET GB 49 2.23 59.52 34.27
CA MET GB 49 1.61 59.04 35.50
C MET GB 49 2.47 59.48 36.67
N SER GB 50 1.86 60.22 37.60
CA SER GB 50 2.47 60.56 38.88
C SER GB 50 1.86 59.65 39.94
N LYS GB 51 2.70 58.86 40.60
CA LYS GB 51 2.23 57.86 41.56
C LYS GB 51 2.94 58.04 42.90
N ILE GB 52 2.18 57.79 43.97
CA ILE GB 52 2.73 57.67 45.31
C ILE GB 52 2.25 56.35 45.89
N SER GB 53 3.16 55.59 46.51
CA SER GB 53 2.84 54.28 47.04
C SER GB 53 3.44 54.14 48.43
N VAL GB 54 2.62 53.75 49.39
CA VAL GB 54 3.07 53.49 50.75
C VAL GB 54 2.90 52.00 51.02
N TYR GB 55 4.03 51.32 51.23
CA TYR GB 55 4.06 49.91 51.58
C TYR GB 55 4.49 49.81 53.04
N TYR GB 56 3.57 49.37 53.91
CA TYR GB 56 3.89 49.17 55.32
C TYR GB 56 3.81 47.67 55.60
N TYR GB 57 4.96 47.06 55.89
CA TYR GB 57 5.03 45.63 56.14
C TYR GB 57 4.81 45.36 57.62
N ILE GB 58 3.79 44.57 57.93
CA ILE GB 58 3.38 44.35 59.31
C ILE GB 58 3.24 42.84 59.55
N PRO GB 59 3.75 42.33 60.67
CA PRO GB 59 3.63 40.88 60.93
C PRO GB 59 2.19 40.48 61.20
N SER GB 60 1.86 39.25 60.80
CA SER GB 60 0.50 38.76 60.93
C SER GB 60 0.08 38.55 62.37
N THR GB 61 1.04 38.46 63.29
CA THR GB 61 0.77 38.25 64.70
C THR GB 61 1.44 39.34 65.53
N ASN GB 62 0.98 39.49 66.78
CA ASN GB 62 1.53 40.51 67.65
C ASN GB 62 2.95 40.18 68.10
N SER GB 63 3.26 38.91 68.25
CA SER GB 63 4.58 38.47 68.70
C SER GB 63 5.22 37.57 67.65
N VAL GB 64 6.50 37.26 67.86
CA VAL GB 64 7.22 36.42 66.92
C VAL GB 64 6.80 34.96 67.11
N SER GB 65 6.47 34.29 66.01
CA SER GB 65 6.10 32.89 66.05
C SER GB 65 6.54 32.24 64.75
N CYS GB 66 6.38 30.91 64.69
CA CYS GB 66 6.85 30.17 63.53
C CYS GB 66 5.92 30.34 62.33
N CYS GB 67 4.62 30.56 62.59
CA CYS GB 67 3.64 30.82 61.54
C CYS GB 67 3.51 32.30 61.22
N THR GB 68 4.40 33.14 61.75
CA THR GB 68 4.33 34.57 61.51
C THR GB 68 4.59 34.88 60.05
N GLU GB 69 3.56 35.41 59.37
CA GLU GB 69 3.70 35.89 58.00
C GLU GB 69 3.80 37.40 58.00
N TRP GB 70 4.04 37.96 56.82
CA TRP GB 70 4.21 39.39 56.67
C TRP GB 70 3.13 39.91 55.73
N ASP GB 71 2.13 40.58 56.28
CA ASP GB 71 1.13 41.24 55.48
C ASP GB 71 1.63 42.63 55.07
N THR GB 72 1.03 43.18 54.03
CA THR GB 72 1.40 44.49 53.52
C THR GB 72 0.17 45.38 53.51
N ILE GB 73 0.25 46.49 54.24
CA ILE GB 73 -0.73 47.56 54.12
C ILE GB 73 -0.28 48.44 52.95
N ARG GB 74 -1.05 48.44 51.87
CA ARG GB 74 -0.71 49.17 50.66
C ARG GB 74 -1.66 50.34 50.48
N CYS GB 75 -1.09 51.52 50.20
CA CYS GB 75 -1.88 52.70 49.87
C CYS GB 75 -1.30 53.32 48.60
N GLU GB 76 -2.12 53.36 47.55
CA GLU GB 76 -1.68 53.80 46.22
C GLU GB 76 -2.42 55.06 45.80
N PHE GB 77 -1.72 55.90 45.05
CA PHE GB 77 -2.26 57.12 44.46
C PHE GB 77 -1.64 57.29 43.09
N SER GB 78 -2.47 57.68 42.12
CA SER GB 78 -2.01 57.96 40.77
C SER GB 78 -2.77 59.15 40.20
N LEU GB 79 -2.09 59.90 39.33
CA LEU GB 79 -2.67 61.06 38.66
C LEU GB 79 -2.14 61.13 37.24
N THR GB 80 -3.03 61.40 36.29
CA THR GB 80 -2.66 61.48 34.88
C THR GB 80 -2.42 62.94 34.49
N LEU GB 81 -1.21 63.22 33.99
CA LEU GB 81 -0.85 64.52 33.44
C LEU GB 81 -0.85 64.40 31.92
N LEU GB 82 -1.85 65.00 31.28
CA LEU GB 82 -1.94 64.96 29.82
C LEU GB 82 -0.79 65.73 29.21
N GLN GB 83 -0.12 65.13 28.22
CA GLN GB 83 1.08 65.71 27.63
C GLN GB 83 0.87 66.22 26.21
N LEU GB 84 -0.23 65.86 25.55
CA LEU GB 84 -0.41 66.21 24.14
C LEU GB 84 -1.75 66.90 23.90
N SER GB 85 -2.30 67.53 24.92
CA SER GB 85 -3.59 68.21 24.79
C SER GB 85 -3.36 69.68 24.46
N SER GB 86 -4.14 70.19 23.52
CA SER GB 86 -4.12 71.60 23.16
C SER GB 86 -5.02 72.45 24.05
N ASN GB 87 -5.82 71.82 24.91
CA ASN GB 87 -6.71 72.55 25.81
C ASN GB 87 -5.89 73.17 26.92
N THR GB 88 -5.99 74.50 27.07
CA THR GB 88 -5.24 75.20 28.10
C THR GB 88 -5.83 75.02 29.49
N ASP GB 89 -7.02 74.43 29.61
CA ASP GB 89 -7.62 74.16 30.91
C ASP GB 89 -6.96 72.99 31.64
N VAL GB 90 -6.07 72.25 30.98
CA VAL GB 90 -5.60 70.98 31.51
C VAL GB 90 -4.90 71.19 32.86
N ALA GB 91 -4.08 72.23 32.98
CA ALA GB 91 -3.32 72.44 34.20
C ALA GB 91 -4.25 72.75 35.38
N ALA GB 92 -5.12 73.76 35.20
CA ALA GB 92 -6.04 74.12 36.27
C ALA GB 92 -6.97 72.98 36.63
N ARG GB 93 -7.40 72.20 35.64
CA ARG GB 93 -8.31 71.10 35.92
C ARG GB 93 -7.60 69.93 36.60
N THR GB 94 -6.34 69.66 36.27
CA THR GB 94 -5.58 68.67 37.02
C THR GB 94 -5.40 69.11 38.48
N VAL GB 95 -5.15 70.40 38.68
CA VAL GB 95 -5.09 70.93 40.05
C VAL GB 95 -6.42 70.71 40.76
N ASP GB 96 -7.53 71.02 40.08
CA ASP GB 96 -8.85 70.84 40.68
C ASP GB 96 -9.11 69.37 41.00
N VAL GB 97 -8.66 68.46 40.14
CA VAL GB 97 -8.86 67.04 40.36
C VAL GB 97 -8.07 66.58 41.60
N LEU GB 98 -6.81 67.02 41.71
CA LEU GB 98 -6.02 66.67 42.88
C LEU GB 98 -6.66 67.21 44.16
N ASP GB 99 -7.17 68.44 44.10
CA ASP GB 99 -7.81 69.02 45.28
C ASP GB 99 -9.09 68.26 45.62
N THR GB 100 -9.84 67.81 44.62
CA THR GB 100 -11.02 67.01 44.87
C THR GB 100 -10.64 65.69 45.53
N MET GB 101 -9.53 65.10 45.10
CA MET GB 101 -9.04 63.87 45.72
C MET GB 101 -8.74 64.09 47.19
N ILE GB 102 -8.00 65.16 47.52
CA ILE GB 102 -7.67 65.43 48.91
C ILE GB 102 -8.94 65.72 49.73
N SER GB 103 -9.85 66.49 49.15
CA SER GB 103 -11.10 66.79 49.84
C SER GB 103 -11.89 65.52 50.13
N PHE GB 104 -11.89 64.57 49.19
CA PHE GB 104 -12.63 63.34 49.42
C PHE GB 104 -11.94 62.45 50.43
N LEU GB 105 -10.60 62.44 50.45
CA LEU GB 105 -9.89 61.72 51.50
C LEU GB 105 -10.24 62.27 52.87
N ALA GB 106 -10.47 63.58 52.96
CA ALA GB 106 -10.94 64.14 54.23
C ALA GB 106 -12.40 63.77 54.49
N LYS GB 107 -13.24 63.93 53.46
CA LYS GB 107 -14.69 63.79 53.60
C LYS GB 107 -15.09 62.37 53.97
N ARG GB 108 -14.41 61.37 53.42
CA ARG GB 108 -14.78 59.98 53.59
C ARG GB 108 -13.76 59.19 54.39
N ARG GB 109 -13.07 59.84 55.33
CA ARG GB 109 -11.99 59.18 56.05
C ARG GB 109 -12.50 57.96 56.82
N ASN GB 110 -13.59 58.12 57.57
CA ASN GB 110 -14.11 57.01 58.35
C ASN GB 110 -14.56 55.87 57.44
N SER GB 111 -15.27 56.19 56.36
CA SER GB 111 -15.72 55.16 55.44
C SER GB 111 -14.54 54.41 54.83
N ILE GB 112 -13.49 55.14 54.43
CA ILE GB 112 -12.32 54.53 53.83
C ILE GB 112 -11.62 53.62 54.83
N LEU GB 113 -11.51 54.07 56.08
CA LEU GB 113 -10.78 53.30 57.08
C LEU GB 113 -11.58 52.10 57.59
N ALA GB 114 -12.91 52.15 57.50
CA ALA GB 114 -13.75 51.07 57.99
C ALA GB 114 -14.22 50.11 56.90
N GLY GB 115 -14.07 50.47 55.63
CA GLY GB 115 -14.58 49.60 54.57
C GLY GB 115 -16.09 49.53 54.55
N ASN GB 116 -16.76 50.66 54.77
CA ASN GB 116 -18.22 50.72 54.84
C ASN GB 116 -18.67 52.00 54.14
N LEU GB 117 -19.35 51.85 53.00
CA LEU GB 117 -19.82 53.00 52.24
C LEU GB 117 -20.90 53.79 52.97
N LEU GB 118 -21.59 53.16 53.93
CA LEU GB 118 -22.75 53.78 54.53
C LEU GB 118 -22.42 54.80 55.62
N LEU GB 119 -21.18 54.84 56.08
CA LEU GB 119 -20.82 55.78 57.13
C LEU GB 119 -20.97 57.22 56.61
N PRO GB 120 -21.51 58.12 57.42
CA PRO GB 120 -21.65 59.51 56.97
C PRO GB 120 -20.28 60.16 56.79
N ASP GB 121 -20.31 61.31 56.10
CA ASP GB 121 -19.09 62.08 55.92
C ASP GB 121 -18.46 62.40 57.27
N ASN GB 122 -17.14 62.48 57.29
CA ASN GB 122 -16.45 62.93 58.48
C ASN GB 122 -16.86 64.36 58.81
N PRO GB 123 -17.02 64.70 60.10
CA PRO GB 123 -17.34 66.08 60.48
C PRO GB 123 -16.21 67.04 60.16
N ALA HB 1 -0.14 -83.35 20.11
CA ALA HB 1 1.00 -83.78 20.89
C ALA HB 1 1.71 -82.60 21.53
N SER HB 2 1.81 -82.61 22.86
CA SER HB 2 2.58 -81.59 23.56
C SER HB 2 4.01 -81.58 23.03
N LEU HB 3 4.51 -80.39 22.71
CA LEU HB 3 5.85 -80.29 22.16
C LEU HB 3 6.89 -80.41 23.27
N PRO HB 4 8.04 -81.04 22.99
CA PRO HB 4 9.11 -81.11 24.00
C PRO HB 4 9.84 -79.78 24.11
N VAL HB 5 10.11 -79.36 25.34
CA VAL HB 5 10.71 -78.06 25.60
C VAL HB 5 11.83 -78.18 26.62
N THR HB 6 12.79 -77.27 26.51
CA THR HB 6 13.79 -77.05 27.55
C THR HB 6 13.86 -75.56 27.85
N GLN HB 7 14.04 -75.24 29.13
CA GLN HB 7 14.04 -73.84 29.53
C GLN HB 7 15.29 -73.14 29.01
N TYR HB 8 15.08 -72.14 28.15
CA TYR HB 8 16.14 -71.35 27.54
C TYR HB 8 16.52 -70.14 28.40
N SER HB 9 15.56 -69.26 28.67
CA SER HB 9 15.79 -68.15 29.60
C SER HB 9 15.02 -68.39 30.88
N PRO HB 10 15.68 -68.66 32.00
CA PRO HB 10 14.98 -69.07 33.22
C PRO HB 10 14.36 -67.88 33.92
N PRO HB 11 13.43 -68.11 34.84
CA PRO HB 11 12.83 -66.99 35.57
C PRO HB 11 13.84 -66.32 36.49
N VAL HB 12 13.78 -65.01 36.53
CA VAL HB 12 14.73 -64.18 37.25
C VAL HB 12 14.09 -63.55 38.47
N THR HB 13 12.96 -62.89 38.27
CA THR HB 13 12.18 -62.23 39.30
C THR HB 13 10.73 -62.68 39.17
N PRO HB 14 9.90 -62.49 40.20
CA PRO HB 14 8.49 -62.87 40.09
C PRO HB 14 7.78 -62.25 38.89
N LEU HB 15 8.12 -61.02 38.53
CA LEU HB 15 7.60 -60.39 37.33
C LEU HB 15 8.63 -60.44 36.22
N GLY HB 16 8.15 -60.40 34.98
CA GLY HB 16 9.03 -60.46 33.84
C GLY HB 16 8.64 -61.56 32.85
N LYS HB 17 9.65 -62.17 32.21
CA LYS HB 17 9.44 -63.17 31.19
C LYS HB 17 10.33 -64.38 31.44
N SER HB 18 9.80 -65.56 31.12
CA SER HB 18 10.57 -66.80 31.10
C SER HB 18 10.27 -67.50 29.77
N THR HB 19 11.29 -68.10 29.17
CA THR HB 19 11.12 -68.71 27.85
C THR HB 19 11.66 -70.13 27.81
N TRP HB 20 10.91 -71.00 27.16
CA TRP HB 20 11.30 -72.36 26.82
C TRP HB 20 11.44 -72.47 25.31
N ASN HB 21 12.43 -73.23 24.86
CA ASN HB 21 12.61 -73.54 23.46
C ASN HB 21 12.11 -74.95 23.17
N VAL HB 22 11.47 -75.13 22.02
CA VAL HB 22 11.05 -76.45 21.55
C VAL HB 22 12.26 -77.18 21.00
N THR HB 23 12.52 -78.36 21.54
CA THR HB 23 13.71 -79.12 21.15
C THR HB 23 13.45 -79.92 19.88
N GLY HB 24 14.52 -80.19 19.14
CA GLY HB 24 14.45 -81.00 17.94
C GLY HB 24 13.92 -80.29 16.72
N SER HB 25 13.92 -78.96 16.72
CA SER HB 25 13.41 -78.23 15.57
C SER HB 25 14.44 -78.22 14.45
N THR HB 26 13.94 -78.17 13.21
CA THR HB 26 14.81 -78.20 12.05
C THR HB 26 15.10 -76.82 11.46
N ASN HB 27 14.28 -75.82 11.79
CA ASN HB 27 14.45 -74.49 11.24
C ASN HB 27 15.62 -73.79 11.92
N PRO HB 28 16.12 -72.70 11.33
CA PRO HB 28 17.28 -72.00 11.92
C PRO HB 28 16.99 -71.55 13.34
N PRO HB 29 18.04 -71.30 14.14
CA PRO HB 29 17.83 -71.06 15.58
C PRO HB 29 16.94 -69.87 15.88
N GLY HB 30 17.10 -68.76 15.15
CA GLY HB 30 16.25 -67.60 15.36
C GLY HB 30 14.78 -67.89 15.16
N LEU HB 31 14.45 -69.00 14.50
CA LEU HB 31 13.07 -69.42 14.27
C LEU HB 31 12.70 -70.66 15.06
N VAL HB 32 13.43 -70.96 16.13
CA VAL HB 32 13.06 -72.09 16.99
C VAL HB 32 11.73 -71.78 17.68
N PRO HB 33 10.75 -72.70 17.64
CA PRO HB 33 9.49 -72.44 18.33
C PRO HB 33 9.71 -72.19 19.81
N GLN HB 34 8.95 -71.25 20.35
CA GLN HB 34 9.14 -70.80 21.73
C GLN HB 34 7.84 -70.81 22.52
N VAL HB 35 7.97 -70.98 23.82
CA VAL HB 35 6.89 -70.78 24.78
C VAL HB 35 7.35 -69.74 25.79
N VAL HB 36 6.56 -68.69 25.96
CA VAL HB 36 6.93 -67.56 26.81
C VAL HB 36 5.86 -67.39 27.88
N GLN HB 37 6.27 -67.40 29.13
CA GLN HB 37 5.39 -67.03 30.24
C GLN HB 37 5.75 -65.63 30.72
N THR HB 38 4.74 -64.79 30.88
CA THR HB 38 4.90 -63.39 31.26
C THR HB 38 4.08 -63.11 32.50
N GLU HB 39 4.67 -62.39 33.47
CA GLU HB 39 3.95 -61.93 34.65
C GLU HB 39 4.19 -60.43 34.77
N SER HB 40 3.18 -59.63 34.45
CA SER HB 40 3.38 -58.19 34.36
C SER HB 40 2.34 -57.43 35.18
N ILE HB 41 2.75 -56.29 35.73
CA ILE HB 41 1.84 -55.47 36.52
C ILE HB 41 1.20 -54.41 35.65
N ASN HB 42 -0.04 -54.07 35.98
CA ASN HB 42 -0.74 -53.00 35.29
C ASN HB 42 -0.14 -51.65 35.68
N ALA HB 43 -0.46 -50.64 34.89
CA ALA HB 43 0.01 -49.28 35.18
C ALA HB 43 -0.49 -48.82 36.54
N ARG HB 44 -1.80 -48.89 36.77
CA ARG HB 44 -2.36 -48.52 38.06
C ARG HB 44 -2.12 -49.57 39.14
N LYS HB 45 -1.41 -50.66 38.82
CA LYS HB 45 -1.11 -51.72 39.77
C LYS HB 45 -2.36 -52.36 40.34
N SER HB 46 -3.43 -52.40 39.54
CA SER HB 46 -4.65 -53.07 39.95
C SER HB 46 -4.65 -54.54 39.59
N ASN HB 47 -4.06 -54.91 38.44
CA ASN HB 47 -4.04 -56.29 37.99
C ASN HB 47 -2.61 -56.76 37.77
N ILE HB 48 -2.38 -58.05 37.99
CA ILE HB 48 -1.22 -58.73 37.45
C ILE HB 48 -1.71 -59.62 36.32
N MET HB 49 -1.13 -59.47 35.15
CA MET HB 49 -1.45 -60.29 33.99
C MET HB 49 -0.50 -61.48 33.96
N SER HB 50 -1.07 -62.69 33.99
CA SER HB 50 -0.33 -63.93 33.77
C SER HB 50 -0.60 -64.38 32.34
N LYS HB 51 0.45 -64.49 31.54
CA LYS HB 51 0.30 -64.82 30.12
C LYS HB 51 1.17 -66.02 29.76
N ILE HB 52 0.66 -66.85 28.86
CA ILE HB 52 1.43 -67.90 28.20
C ILE HB 52 1.26 -67.72 26.70
N SER HB 53 2.37 -67.82 25.96
CA SER HB 53 2.36 -67.59 24.52
C SER HB 53 3.18 -68.68 23.84
N VAL HB 54 2.59 -69.33 22.86
CA VAL HB 54 3.29 -70.35 22.06
C VAL HB 54 3.41 -69.80 20.65
N TYR HB 55 4.65 -69.57 20.22
CA TYR HB 55 4.96 -69.13 18.87
C TYR HB 55 5.63 -70.29 18.14
N TYR HB 56 4.95 -70.86 17.15
CA TYR HB 56 5.51 -71.93 16.34
C TYR HB 56 5.72 -71.40 14.92
N TYR HB 57 6.99 -71.27 14.53
CA TYR HB 57 7.33 -70.72 13.21
C TYR HB 57 7.39 -71.87 12.21
N ILE HB 58 6.58 -71.78 11.16
CA ILE HB 58 6.43 -72.85 10.19
C ILE HB 58 6.59 -72.28 8.79
N PRO HB 59 7.33 -72.94 7.91
CA PRO HB 59 7.49 -72.42 6.54
C PRO HB 59 6.20 -72.52 5.75
N SER HB 60 6.02 -71.55 4.85
CA SER HB 60 4.79 -71.48 4.07
C SER HB 60 4.66 -72.62 3.08
N THR HB 61 5.75 -73.31 2.75
CA THR HB 61 5.74 -74.42 1.83
C THR HB 61 6.34 -75.66 2.47
N ASN HB 62 6.07 -76.82 1.87
CA ASN HB 62 6.57 -78.06 2.42
C ASN HB 62 8.08 -78.21 2.24
N SER HB 63 8.62 -77.65 1.16
CA SER HB 63 10.05 -77.74 0.86
C SER HB 63 10.64 -76.34 0.77
N VAL HB 64 11.97 -76.30 0.69
CA VAL HB 64 12.67 -75.02 0.60
C VAL HB 64 12.52 -74.45 -0.80
N SER HB 65 12.14 -73.18 -0.88
CA SER HB 65 12.00 -72.50 -2.17
C SER HB 65 12.33 -71.03 -1.97
N CYS HB 66 12.39 -70.30 -3.08
CA CYS HB 66 12.79 -68.89 -3.02
C CYS HB 66 11.66 -68.02 -2.49
N CYS HB 67 10.40 -68.41 -2.72
CA CYS HB 67 9.24 -67.71 -2.20
C CYS HB 67 8.81 -68.21 -0.83
N THR HB 68 9.63 -69.05 -0.19
CA THR HB 68 9.29 -69.60 1.12
C THR HB 68 9.26 -68.50 2.16
N GLU HB 69 8.08 -68.24 2.71
CA GLU HB 69 7.91 -67.32 3.83
C GLU HB 69 7.76 -68.10 5.12
N TRP HB 70 7.73 -67.38 6.22
CA TRP HB 70 7.63 -67.98 7.54
C TRP HB 70 6.34 -67.50 8.21
N ASP HB 71 5.35 -68.38 8.27
CA ASP HB 71 4.14 -68.09 9.00
C ASP HB 71 4.34 -68.44 10.47
N THR HB 72 3.50 -67.87 11.32
CA THR HB 72 3.57 -68.10 12.76
C THR HB 72 2.22 -68.62 13.25
N ILE HB 73 2.23 -69.81 13.83
CA ILE HB 73 1.08 -70.31 14.58
C ILE HB 73 1.20 -69.76 16.00
N ARG HB 74 0.28 -68.88 16.37
CA ARG HB 74 0.29 -68.20 17.65
C ARG HB 74 -0.86 -68.72 18.51
N CYS HB 75 -0.53 -69.06 19.76
CA CYS HB 75 -1.54 -69.44 20.75
C CYS HB 75 -1.27 -68.64 22.02
N GLU HB 76 -2.25 -67.81 22.40
CA GLU HB 76 -2.10 -66.88 23.52
C GLU HB 76 -3.09 -67.22 24.62
N PHE HB 77 -2.67 -66.98 25.86
CA PHE HB 77 -3.49 -67.14 27.06
C PHE HB 77 -3.13 -66.03 28.04
N SER HB 78 -4.15 -65.44 28.65
CA SER HB 78 -3.96 -64.41 29.66
C SER HB 78 -4.98 -64.59 30.77
N LEU HB 79 -4.58 -64.21 31.98
CA LEU HB 79 -5.44 -64.28 33.16
C LEU HB 79 -5.16 -63.07 34.05
N THR HB 80 -6.23 -62.44 34.54
CA THR HB 80 -6.10 -61.27 35.41
C THR HB 80 -6.17 -61.67 36.87
N LEU HB 81 -5.11 -61.33 37.63
CA LEU HB 81 -5.06 -61.52 39.07
C LEU HB 81 -5.29 -60.17 39.73
N LEU HB 82 -6.46 -59.99 40.33
CA LEU HB 82 -6.77 -58.73 40.99
C LEU HB 82 -5.87 -58.54 42.21
N GLN HB 83 -5.28 -57.35 42.34
CA GLN HB 83 -4.30 -57.09 43.39
C GLN HB 83 -4.81 -56.16 44.48
N LEU HB 84 -5.92 -55.46 44.27
CA LEU HB 84 -6.38 -54.46 45.21
C LEU HB 84 -7.83 -54.67 45.61
N SER HB 85 -8.32 -55.90 45.52
CA SER HB 85 -9.70 -56.21 45.87
C SER HB 85 -9.77 -56.69 47.31
N SER HB 86 -10.77 -56.18 48.04
CA SER HB 86 -11.03 -56.61 49.41
C SER HB 86 -11.91 -57.86 49.47
N ASN HB 87 -12.45 -58.31 48.34
CA ASN HB 87 -13.28 -59.50 48.31
C ASN HB 87 -12.41 -60.74 48.46
N THR HB 88 -12.70 -61.55 49.47
CA THR HB 88 -11.92 -62.76 49.72
C THR HB 88 -12.25 -63.88 48.74
N ASP HB 89 -13.29 -63.73 47.92
CA ASP HB 89 -13.62 -64.74 46.92
C ASP HB 89 -12.68 -64.71 45.72
N VAL HB 90 -11.80 -63.71 45.63
CA VAL HB 90 -11.04 -63.50 44.39
C VAL HB 90 -10.18 -64.71 44.05
N ALA HB 91 -9.53 -65.30 45.05
CA ALA HB 91 -8.63 -66.42 44.78
C ALA HB 91 -9.41 -67.63 44.25
N ALA HB 92 -10.44 -68.06 44.99
CA ALA HB 92 -11.23 -69.21 44.56
C ALA HB 92 -11.88 -68.96 43.21
N ARG HB 93 -12.35 -67.73 42.96
CA ARG HB 93 -13.00 -67.45 41.69
C ARG HB 93 -12.02 -67.39 40.54
N THR HB 94 -10.79 -66.90 40.76
CA THR HB 94 -9.77 -66.99 39.72
C THR HB 94 -9.44 -68.44 39.40
N VAL HB 95 -9.38 -69.29 40.44
CA VAL HB 95 -9.19 -70.71 40.22
C VAL HB 95 -10.34 -71.28 39.38
N ASP HB 96 -11.57 -70.91 39.73
CA ASP HB 96 -12.73 -71.39 38.99
C ASP HB 96 -12.69 -70.92 37.54
N VAL HB 97 -12.25 -69.69 37.31
CA VAL HB 97 -12.17 -69.16 35.96
C VAL HB 97 -11.13 -69.92 35.14
N LEU HB 98 -9.96 -70.18 35.73
CA LEU HB 98 -8.95 -70.96 35.02
C LEU HB 98 -9.45 -72.36 34.69
N ASP HB 99 -10.16 -72.98 35.64
CA ASP HB 99 -10.70 -74.32 35.41
C ASP HB 99 -11.77 -74.29 34.31
N THR HB 100 -12.58 -73.23 34.27
CA THR HB 100 -13.56 -73.10 33.21
C THR HB 100 -12.88 -72.95 31.86
N MET HB 101 -11.76 -72.21 31.82
CA MET HB 101 -10.99 -72.07 30.60
C MET HB 101 -10.50 -73.43 30.11
N ILE HB 102 -9.90 -74.23 31.01
CA ILE HB 102 -9.40 -75.54 30.61
C ILE HB 102 -10.54 -76.45 30.17
N SER HB 103 -11.67 -76.41 30.90
CA SER HB 103 -12.83 -77.21 30.54
C SER HB 103 -13.33 -76.85 29.15
N PHE HB 104 -13.33 -75.56 28.83
CA PHE HB 104 -13.82 -75.14 27.52
C PHE HB 104 -12.83 -75.51 26.41
N LEU HB 105 -11.53 -75.45 26.70
CA LEU HB 105 -10.55 -75.93 25.73
C LEU HB 105 -10.76 -77.40 25.43
N ALA HB 106 -11.19 -78.18 26.42
CA ALA HB 106 -11.54 -79.57 26.16
C ALA HB 106 -12.86 -79.68 25.41
N LYS HB 107 -13.86 -78.93 25.86
CA LYS HB 107 -15.23 -79.05 25.36
C LYS HB 107 -15.32 -78.65 23.89
N ARG HB 108 -14.59 -77.62 23.47
CA ARG HB 108 -14.71 -77.05 22.15
C ARG HB 108 -13.44 -77.27 21.30
N ARG HB 109 -12.73 -78.37 21.54
CA ARG HB 109 -11.46 -78.59 20.86
C ARG HB 109 -11.63 -78.65 19.34
N ASN HB 110 -12.61 -79.41 18.86
CA ASN HB 110 -12.80 -79.53 17.43
C ASN HB 110 -13.20 -78.19 16.82
N SER HB 111 -14.12 -77.48 17.48
CA SER HB 111 -14.54 -76.18 16.97
C SER HB 111 -13.36 -75.21 16.91
N ILE HB 112 -12.53 -75.19 17.96
CA ILE HB 112 -11.37 -74.30 18.00
C ILE HB 112 -10.40 -74.65 16.89
N LEU HB 113 -10.15 -75.94 16.67
CA LEU HB 113 -9.17 -76.35 15.68
C LEU HB 113 -9.67 -76.21 14.26
N ALA HB 114 -10.99 -76.22 14.05
CA ALA HB 114 -11.55 -76.12 12.71
C ALA HB 114 -12.01 -74.72 12.34
N GLY HB 115 -12.14 -73.81 13.30
CA GLY HB 115 -12.66 -72.48 13.00
C GLY HB 115 -14.13 -72.51 12.61
N ASN HB 116 -14.92 -73.32 13.31
CA ASN HB 116 -16.34 -73.49 13.00
C ASN HB 116 -17.10 -73.58 14.32
N LEU HB 117 -17.92 -72.57 14.61
CA LEU HB 117 -18.68 -72.55 15.86
C LEU HB 117 -19.75 -73.62 15.90
N LEU HB 118 -20.17 -74.16 14.76
CA LEU HB 118 -21.31 -75.06 14.72
C LEU HB 118 -20.97 -76.49 15.09
N LEU HB 119 -19.69 -76.84 15.18
CA LEU HB 119 -19.34 -78.21 15.53
C LEU HB 119 -19.81 -78.52 16.96
N PRO HB 120 -20.34 -79.71 17.19
CA PRO HB 120 -20.77 -80.06 18.55
C PRO HB 120 -19.58 -80.17 19.49
N ASP HB 121 -19.90 -80.18 20.79
CA ASP HB 121 -18.87 -80.37 21.79
C ASP HB 121 -18.09 -81.65 21.53
N ASN HB 122 -16.81 -81.63 21.88
CA ASN HB 122 -16.03 -82.85 21.80
C ASN HB 122 -16.60 -83.90 22.76
N PRO HB 123 -16.62 -85.18 22.37
CA PRO HB 123 -17.09 -86.24 23.25
C PRO HB 123 -16.19 -86.40 24.47
#